data_6J51
#
_entry.id   6J51
#
_cell.length_a   1
_cell.length_b   1
_cell.length_c   1
_cell.angle_alpha   90
_cell.angle_beta   90
_cell.angle_gamma   90
#
_symmetry.space_group_name_H-M   'P 1'
#
loop_
_entity.id
_entity.type
_entity.pdbx_description
1 polymer 'DNA-directed RNA polymerase subunit'
2 polymer 'DNA-directed RNA polymerase subunit beta'
3 polymer 'RNA polymerase II third largest subunit B44, part of central core'
4 polymer 'RNA polymerase II subunit B32'
5 polymer 'RNA polymerase subunit ABC27, common to RNA polymerases I, II, and III'
6 polymer 'RNA polymerase subunit ABC23, common to RNA polymerases I, II, and III'
7 polymer 'RNA polymerase II subunit'
8 polymer 'DNA-directed RNA polymerases I, II, and III subunit RPABC3'
9 polymer 'DNA-directed RNA polymerase subunit'
10 polymer 'RNA polymerase subunit ABC10-beta, common to RNA polymerases I, II, and III'
11 polymer 'RNA polymerase II subunit B12.5'
12 polymer 'RNA polymerase subunit ABC10-alpha'
13 polymer "RNA (5'-R(P*CP*CP*UP*GP*GP*UP*GP*UP*CP*UP*UP*GP*GP*GP*UP*G)-3')"
14 polymer 'DNA (198-MER)'
15 polymer 'DNA (198-MER)'
16 polymer 'Transcription elongation factor 1 homolog'
17 polymer 'Transcription elongation factor SPT4'
18 polymer 'Protein that forms a complex with Spt4p'
19 polymer 'Histone H3.3'
20 polymer 'Histone H4'
21 polymer 'Histone H2A type 1-B/E'
22 polymer 'Histone H2B type 1-J'
23 polymer 'DNA (36-MER)'
24 polymer 'DNA (36-MER)'
25 non-polymer 'ZINC ION'
26 non-polymer 'MAGNESIUM ION'
#
loop_
_entity_poly.entity_id
_entity_poly.type
_entity_poly.pdbx_seq_one_letter_code
_entity_poly.pdbx_strand_id
1 'polypeptide(L)'
;MSQFPYSSAPLRSVKEVQFGLLSPEEIRAISVVKIEYPEIMDESRQRPREGGLNDPKLGSIDRNFKCQTCGEGMAECPGH
FGHMELAKPVFHIGFIPKIKKVCECICMNCGKLLLDETNPTMAQAIRIRDPKKRFNAVWQLCKTKMVCEADAPVDEYSEQ
KVVSRGGCGNTQPVVRKDGMKLWGTWKKSGFSDRDAQPERKLLTPGEILNVFKHISPEDCFRLGFNEDYARPEWMIITVL
PVPPPQVRPSIAMDETTQGQDDLTHKLSDILKANINVQKLEMDGSPQHIINEVEQLLQFHVATYMDNDIAGQPQALQKSG
RPVKAIRARLKGKEGRLRGNLMGKRVDFSARTVISGDPNLELDQVGVPISIAKTLSYPETVTQYNIHRLTEYVRNGPNEH
PGAKYVIRDNGDRIDLRYHKRAGDIVLQYGWKVERHLMDDDPVLFNRQPSLHKMSMMAHRVKVMPYSTFRLNLSVTSPYN
ADFDGDEMNLHVPQSEETRAELSQLCAVPLQIVSPQSNKPVMGIVQDTLCGVRKMTLRDTFIEYEQVMNMLFWVPSWDGV
VPQPAILKPKPLWTGKQLLSIAIPSGIHLQRTDGGNSLLSPKDNGMLIVDGKVMFGVVDKKTVGSGGGGLIHTVMREKGP
KICAELFGNIQKVVNYWLLHNGFSIGIGDAIADASTMKEITHAISSAKEQVQEIIYKAQHNELELKPGMTLRESFEGEVS
RTLNDARDSAGRSAEMNLKDLNNVKQMVSAGSKGSFINIAQMSACVGQQMVEGKRIAFGFADRSLPHFTKDDFSPESKGF
VENSYLRGLTPQEFFFHAMAGREGLIDTAVKTAETGYIQRRLVKALEDIMVHYDGTTRNSLGDIIQFLYGEDGLDGTQVE
RQTIDTIPGSDKAFHKRYYVDLMDEKNSIKPDVIEYAADILGDVELQKELNSEYEQLVSDRKFLREIVFVNGDHNWPLPV
NLRRIIQNAQQIFHLDRAKASDLTIPEIIHGVRDLCKKLFVLRGENELIKEAQQNATSLFQCLVRARLATRRILEEFRLN
RDAFEWVLGTIEAQFQRSLVHPGEMVGVIAAQSIGEPATQMTLNTFHYAGVSSKNVTLGVPRLKEILNVAKNIKTPALTV
YLDREIALDIEKAKVIQSSIEYTTLKNVTSATEIYYDPDPTSTVIEEDFDTVEAYFSIPDEKVEETIDKQSPWLLRLELD
RARMLDKQLTMNQVADKISEVFSDDLFVMWSEDNADKLIIRCRVIRDPKAMDEELEAEEDQMLKRIEAHMLDLIALRGIP
GISKVYMVKHKVSVPDESGEYKNEELWALETDGINLAEVMAVPGVDSSRTYSNSFVEILSVLGIEATRSSLYKEILNVIA
FDGSYVNYRHMALLVDVMTSRGYLMAITRHGINRADTGALMRCSFEETVEILFEAGAAAELDDCRGVSENVMLGQLAPMG
TGAFDVMIDEKLLTSLPADYAPTMPLFKGKATQGSATPYDNNAQYDDEFNHDDVADVMFSPMAETGSGDDRSGGLTEYAG
IQSPYQPTSPGLSATSPGFAPTSPGFAPTSPRYSPTSPGYSPTSPSYSPTSPSYSPTSPSYSPTSPSYSPTSPSYSPTSP
SYSPTSPSYSPTSPSYSPTSPSYSPTSPQYSPTSPQYSPTSPQYSPTSPQYSPTSPQYSPTSPQYSPTSPQYSPTSPQYS
PTSPQYSPTSPQYSPTSPQYSPTSPQYSPTSPQYSPTSPQYSPASPQYSPSRHSPNGESKEGE
;
A
2 'polypeptide(L)'
;MSYDPYSIDDTITTEDCWTVISAFFEEKGLVSQQLDSFDEFMETSIQDLVWEEPRLILDQPAQHTNEKDNINKRYEIRFG
KIYLSRPTMTEADGTTHAMFPQEARLRNLTYSSPVYLDMEKSMFTSIDDEGNPNATLDWQQVHEPIKDGVEEGNKVHIGK
VPIMLRSKFCSLRTLDEVDLYKMKECPYDMGGYFVINGSEKVLIAQERSAANIVQVFKKAAPSPISHVAEIRSALEKGSR
LISTMQIKLYGREDKGTGRTIKATLPYVKQDIPIVIVFRALGVVPDGEILQHICYDENDWQMLEMLKPCIEEGFVIQDKE
VALDFIGRRGSAALGIRREKRIQYAKDILQKELLPHITQEEGFETRKTFFLGYMVNRLLLCALERKDQDDRDHFGKKRLD
LAGPLLANLFRILFRKLTREIYRYMQRCIETDRDFNLNLAVKSTTITSGLKYSLATGNWGEQKKAMSSRAGVSQVLNRYT
YSSTLSHLRRTNTPIGRDGKLAKPRQLHNTHWGLVCPAETPEGQACGLVKNLSLLSGISIGSPSEPIINFLEEWGMEPLE
DYDPAQHTKSTRIFVNGVWTGIHRDPSMLVSTMRDLRRSGAISPEVSIIRDIREREFKIFTDVGRVYRPLFIVEDDESKD
NKGELRITKEHIRKIQQGYDDDAMNDDSEEQEQDVYGWSSLVTSGVIEYVDGEEEETIMIAMTPEDLQTRSLEQKEIDLN
DTAKRIKPEMSTSSHHTFTHCEIHPSMILGVAASIIPFPDHNQSPRNTYQSAMGKQAMGVFLTNYNVRMDTMANILYYPQ
KPLAKTQAMEYLKFRELPAGQNAIVAIACYSGYNQEDSMIMNQSSIDRGLFRSLFFRSYMDQEKRFGISIVEEFEKPTRA
TTLRLKHGTYEKLDEDGLIAPGVRVSGDDIIIGKTTPIPPDTEELGQRTKYHTKRDASTPLRSTENGIVDQVLLTTNQEG
LKFVKVRMRTTKVPQIGDKFASRHGQKGTIGVTYRHEDMPFSAEGIVPDLIINPHAIPSRMTVAHLIECLLSKVGSIRGY
EGDATPFTDLTVDAVSNLLRDNGYQSRGFEVMYNGHTGKKLMAQVFFGPTYYQRLRHMVDDKIHARARGPVQVLTRQPVE
GRSRDGGLRFGEMERDCMIAHGAAGFLKERLMEASDAFRVHVCGICGLMSVIANLKKNQFECRSCKNKTNIYQLHIPYAA
KLLFQELMAMNIAPRLYTERSGVSMRS
;
B
3 'polypeptide(L)'
;MSKEPKVNIINAQDDEVELMLSDVNLSLANSLRRTMLAEVPTLAIDLVEIKMNTSVLADEFISHRLGLIPLVSEDVEEMK
YSRDCTCEDYCDECSVVLELSARHEGEEGTTDVYSSSLIKVSGPGNLNVGEPVRRDDYDQGILLCKLRNHQELNIRCIAK
KGIAKEHAKWSPCSAIAFEYDPHNKLKHTDFWFEVDAKKEWPDSKYATWEEPPKPGEVFDYKAKPNRFYMTVETTGSLKA
NQVFSRGIKTLQEKLANVLFELENSRPANTTAYGGATAYGGQTVYGRETSYGGNTNYGDYNAPY
;
C
4 'polypeptide(L)'
;MNVSTSTVGARRRRAKQQVDDEENATLLRLGPEFALKQYDHDGNEHDLIALSLSESRLLIREALKARSRARNGGVDIESS
NGEIDDDELAKVTSGAVANGVVKKTLDYLNTFARFKDEETCTAVDQLLHNSSDCSVLHPFEIAQLSSLGCEDVDEAITLI
PSLAAKKEVNLQRILDELNRLEDPYK
;
D
5 'polypeptide(L)'
;MEDNNRIISRLWRSFRTVKEMAADRGYFISQEEMDQSLEEFRSKICDSMGNPQRKLMSFLANPTPEALEKYSDLGTLWVE
FCDEPSVGIKTMRNFCLRIQEKNFSTGIFIYQNNITPSANKMIPTVSPAIIETFQESDLVVNITHHELVPKHIRLSDGEK
SQLLQRYKLKESQLPRIQREDPVARYLGLKRGQVVKIIRRSETSGRYASYRICL
;
E
6 'polypeptide(L)'
;MSEDEAFNEQTENFENFEDEHFSDDNFEDRSTQPEDYAVGVTADGRQIINGDGIQEVNGTIKAHRKRSNKELAILKEERT
TTPYLTKYERARILGTRALQISMNAPVLVDIEGETDPLQIAMKELSQRKIPLVIRRYLPDGSYEDWGCDELIVDN
;
F
7 'polypeptide(L)'
;MFFLKDLSLILTLHPSYFGPQMNQYLREKLLTDVEGTCTGQFGYIVTVLDGMNIDVGKGRIIPGSGSAEFEVKYRAVVWK
PFKGEVVDAIVSNVSPIGFFADVGPLNVFVSTRLIPDNLVYNPSNSPPAYMSNDELITKGSKVRLKVVGTRTDVNEIYAI
GSIKEDFLGAI
;
G
8 'polypeptide(L)'
;MSSALFDDIFTVQTVDNGRYNKVSRIIGISTTNSAIKLTLDINNEMFPVSQDDSLTVTLANSLSLDGEDESANFSKSWRP
PKPTDKSLADDYDYVMFGTVYKFEEGDEDKIKVYVSFGGLLMCLEGGYKSLASLKQDNLYILIRR
;
H
9 'polypeptide(L)'
;MASFRFCLECNNMLYPKEDKENQRLLYSCRNCDYTELAEDPKVYRHELITNIGETAGIVDDIGQDPTLPRSDKECPECHS
RDCVFFQSQQRRKDTNMTLFYVCLNCKKTFRDESE
;
I
10 'polypeptide(L)' MIIPVRCFSCGKVVGDKWDAYLRLLEEGKQEGDALDELKLKRYCCRRMVLTHVDLIEKFLRYNPLEKKDFDS J
11 'polypeptide(L)'
;MNAPDRFELFILPDDVPKLKITPDSRVPNCIIIKFEREDHTLANLLREELALYPDVTFVAYKVEHPLFANFVMRLQTEEG
TRPKQALERACASIINKLKTLDHKFNEEWNIKNFSLND
;
K
12 'polypeptide(L)' MSREGFVAPSGTDLAAAASGVAPNKHYGVKYTCGACAHNFSLNKSDPVRCKECGHRVIYKARTKRMIQFDAR L
13 'polyribonucleotide' CCUGGUGUCUUGGGUG P
14 'polydeoxyribonucleotide'
;(DA)(DT)(DC)(DA)(DG)(DA)(DA)(DT)(DC)(DC)(DC)(DG)(DG)(DT)(DG)(DC)(DC)(DG)(DA)(DG)
(DG)(DC)(DC)(DG)(DC)(DT)(DC)(DA)(DA)(DT)(DT)(DG)(DG)(DT)(DC)(DG)(DT)(DA)(DG)(DA)
(DC)(DA)(DG)(DC)(DT)(DC)(DT)(DA)(DG)(DC)(DA)(DC)(DC)(DG)(DC)(DT)(DT)(DA)(DA)(DA)
(DC)(DG)(DC)(DA)(DC)(DG)(DT)(DA)(DC)(DG)(DC)(DG)(DC)(DT)(DG)(DT)(DC)(DC)(DC)(DC)
(DC)(DG)(DC)(DG)(DT)(DT)(DT)(DT)(DA)(DA)(DC)(DC)(DG)(DC)(DC)(DA)(DA)(DG)(DG)(DG)
(DG)(DA)(DT)(DT)(DA)(DC)(DA)(DC)(DC)(DC)(DA)(DA)(DG)(DA)(DC)(DA)(DC)(DC)(DA)(DG)
(DG)(DC)(DA)(DC)(DG)(DA)(DG)(DA)(DC)(DA)(DG)(DA)(DA)(DA)(DA)(DA)(DA)(DA)(DC)(DA)
(DA)(DC)(DG)(DA)(DA)(DA)(DA)(DC)(DG)(DG)(DC)(DC)(DA)(DC)(DC)(DA)(DC)(DC)(DC)(DA)
(DA)(DA)(DC)(DA)(DC)(DA)(DC)(DC)(DA)(DA)(DA)(DC)(DA)(DC)(DA)(DA)(DG)(DA)(DG)(DC)
(DT)(DA)(DA)(DT)(DT)(DG)(DA)(DC)(DT)(DG)(DA)(DC)(DG)(DT)(DA)(DA)(DG)(DC)
;
T
15 'polydeoxyribonucleotide'
;(DG)(DC)(DT)(DT)(DA)(DC)(DG)(DT)(DC)(DA)(DG)(DT)(DC)(DT)(DG)(DG)(DC)(DC)(DA)(DT)
(DC)(DT)(DT)(DT)(DG)(DT)(DG)(DT)(DT)(DT)(DG)(DG)(DT)(DG)(DT)(DG)(DT)(DT)(DT)(DG)
(DG)(DG)(DT)(DG)(DG)(DT)(DG)(DG)(DC)(DC)(DG)(DT)(DT)(DT)(DT)(DC)(DG)(DT)(DT)(DG)
(DT)(DT)(DT)(DT)(DT)(DT)(DT)(DC)(DT)(DG)(DT)(DC)(DT)(DC)(DG)(DT)(DG)(DC)(DC)(DT)
(DG)(DG)(DT)(DG)(DT)(DC)(DT)(DT)(DG)(DG)(DG)(DT)(DG)(DT)(DA)(DA)(DT)(DC)(DC)(DC)
(DC)(DT)(DT)(DG)(DG)(DC)(DG)(DG)(DT)(DT)(DA)(DA)(DA)(DA)(DC)(DG)(DC)(DG)(DG)(DG)
(DG)(DG)(DA)(DC)(DA)(DG)(DC)(DG)(DC)(DG)(DT)(DA)(DC)(DG)(DT)(DG)(DC)(DG)(DT)(DT)
(DT)(DA)(DA)(DG)(DC)(DG)(DG)(DT)(DG)(DC)(DT)(DA)(DG)(DA)(DG)(DC)(DT)(DG)(DT)(DC)
(DT)(DA)(DC)(DG)(DA)(DC)(DC)(DA)(DA)(DT)(DT)(DG)(DA)(DG)(DC)(DG)(DG)(DC)(DC)(DT)
(DC)(DG)(DG)(DC)(DA)(DC)(DC)(DG)(DG)(DG)(DA)(DT)(DT)(DC)(DT)(DG)(DA)(DT)
;
N
16 'polypeptide(L)'
;GPGMGKRKSSARKPAPKIKQKLETQFTCLFCNHDNSVVCTLDKKNSIGLLECKKCNLSFQAPINSLSQPIDIYSDWIDAC
EAVAEENADVNGDNFIENDGADREQDDDYDDEF
;
M
17 'polypeptide(L)'
;MRERACMLCGIVLPGRVFMQNGCPNCDSVLNLRDSDQATVNECTSSSFEGLVAVGDNEHSWVAKWLRVDRFQPGLYAVRV
DGRLPSDIVAALEQYGVYYRPRDGSVID
;
V
18 'polypeptide(L)'
;GPGMSETHKNQLDKVSTVSPDGPSEAVKEHSLQSKDLSKNDGQFIVPLDRNVIEQEEHKQVKSSAQAHNTTGDAADNEIE
DGVPSEDVEFDKFKEDDYDEDDEVEEEGDIRSRKRRRHNQFLDVEAEVDDEEDDDDDDDDVELKHDFIQDDHIQHETQNE
GFIAGHVDDDRLHRKLDQSREKIADQDAQELADEFKQRYGRSASSKYMGSASTTAPQRLLIPTVDDPGIWGVKVRLGKEK
DVVRQILKKKLAREGTKNPLEIYSAFQRDSFKGHVYIEARKAEAINDALKGNVNVFSNNSKFLVGIVEYKDLLRPVKSSD
VKLTRGSYVRVKNGKFKGDLAQVDEVLENGLEARLKLVPRLDYGKDLSHLSTSSSVDSTKNRRKFYTSKFRPAQRLFSEA
EARVHEPTIRRDRDGFVTYGGEEYYEGFLYKTFRLQNLIVNSINPTLNELSLFQSNEESTTIDLSTIADSLKETAKNLVS
FQPGDNVEIINGELNHLTGTVSSVNQSTIVSVRLHSDDDTINSETVEIPTSDLRKIFNVGDHVRVIHGKHTDDTGLIVEV
NGDKVEFISNQTKRTVIVFSNYLIKSTDSTVSINESGRFELHDLVQVNSDLVGIVIRAQKDSFDVLCSDGKLLSLPPVSI
YSKLNLNPNQQIAIDSNGVEVKVGDTVREFTGERRQGTILHVYRNFLFLRSREIVENQGVFVTSSNRVKTITSKSNGTGG
QISGPDLSRMNPSRVIPPPSIPVANQRMTGRDPTLNKTVKIRQGGYKGKIGIVKEANGDRFRVELHNPNKTIPIPCSFLL
IESTHGWVPYEDFVASDRRGGNIPRHEISGHVQQPQHGRAPAWGSGGKTPAWGSGGKTPAWGSGGSGGKTPAWGSGGKTP
TWGSGAKTPAWGSGSKTPAWSGLDEEDRRDF
;
W
19 'polypeptide(L)'
;GSHMARTKQTARKSTGGKAPRKQLATKAARKSAPSTGGVKKPHRYRPGTVALREIRRYQKSTELLIRKLPFQRLVREIAQ
DFKTDLRFQSAAIGALQEASEAYLVGLFEDTNLCAIHAKRVTIMPKDIQLARRIRGERA
;
a,e
20 'polypeptide(L)'
;GSHMSGRGKGGKGLGKGGAKRHRKVLRDNIQGITKPAIRRLARRGGVKRISGLIYEETRGVLKVFLENVIRDAVTYTEHA
KRKTVTAMDVVYALKRQGRTLYGFGG
;
b,f
21 'polypeptide(L)'
;GSHMSGRGKQGGKARAKAKTRSSRAGLQFPVGRVHRLLRKGNYSERVGAGAPVYLAAVLEYLTAEILELAGNAARDNKKT
RIIPRHLQLAIRNDEELNKLLGRVTIAQGGVLPNIQAVLLPKKTESHHKAKGK
;
c,g
22 'polypeptide(L)'
;GSHMPEPAKSAPAPKKGSKKAVTKAQKKDGKKRKRSRKESYSIYVYKVLKQVHPDTGISSKAMGIMNSFVNDIFERIAGE
ASRLAHYNKRSTITSREIQTAVRLLLPGELAKHAVSEGTKAVTKYTSAK
;
d,h
23 'polydeoxyribonucleotide'
;(DT)(DA)(DC)(DA)(DC)(DC)(DC)(DA)(DA)(DG)(DA)(DC)(DA)(DC)(DC)(DA)(DG)(DG)(DC)(DA)
(DC)(DG)(DA)(DG)(DA)(DC)(DA)(DG)(DA)(DA)(DA)(DA)(DA)(DA)(DA)(DC)
;
0
24 'polydeoxyribonucleotide'
;(DG)(DT)(DT)(DT)(DT)(DT)(DT)(DT)(DC)(DT)(DG)(DT)(DC)(DT)(DC)(DG)(DT)(DG)(DC)(DC)
(DT)(DG)(DG)(DT)(DG)(DT)(DC)(DT)(DT)(DG)(DG)(DG)(DT)(DG)(DT)(DA)
;
1
#
# COMPACT_ATOMS: atom_id res chain seq x y z
N SER A 2 26.18 -17.21 -23.89
CA SER A 2 26.84 -18.49 -24.10
C SER A 2 25.80 -19.60 -24.15
N GLN A 3 24.77 -19.47 -23.32
CA GLN A 3 23.61 -20.35 -23.44
C GLN A 3 22.68 -19.93 -24.56
N PHE A 4 22.91 -18.81 -25.14
CA PHE A 4 22.23 -18.25 -26.29
C PHE A 4 22.95 -18.62 -27.58
N PRO A 5 22.25 -19.18 -28.58
CA PRO A 5 22.90 -19.46 -29.87
C PRO A 5 23.34 -18.17 -30.52
N TYR A 6 24.36 -18.26 -31.37
CA TYR A 6 24.99 -17.07 -31.94
C TYR A 6 24.00 -16.32 -32.81
N SER A 7 24.02 -14.99 -32.71
CA SER A 7 23.24 -14.13 -33.58
C SER A 7 24.08 -12.95 -34.05
N SER A 8 24.00 -12.64 -35.34
CA SER A 8 24.82 -11.59 -35.92
C SER A 8 24.44 -10.18 -35.50
N ALA A 9 23.25 -9.99 -34.93
CA ALA A 9 22.82 -8.66 -34.51
C ALA A 9 23.73 -8.16 -33.40
N PRO A 10 24.14 -6.89 -33.43
CA PRO A 10 25.03 -6.34 -32.40
C PRO A 10 24.42 -6.35 -31.00
N LEU A 11 25.23 -6.75 -30.03
CA LEU A 11 24.83 -6.75 -28.63
C LEU A 11 25.04 -5.37 -28.03
N ARG A 12 24.00 -4.81 -27.43
CA ARG A 12 24.11 -3.53 -26.74
C ARG A 12 23.32 -3.58 -25.43
N SER A 13 23.55 -2.58 -24.60
CA SER A 13 22.79 -2.43 -23.37
C SER A 13 21.74 -1.34 -23.48
N VAL A 14 20.82 -1.33 -22.52
CA VAL A 14 19.75 -0.35 -22.50
C VAL A 14 20.23 0.91 -21.80
N LYS A 15 20.11 2.04 -22.48
CA LYS A 15 20.46 3.34 -21.90
C LYS A 15 19.27 4.19 -21.53
N GLU A 16 18.10 3.96 -22.13
CA GLU A 16 16.95 4.83 -21.90
C GLU A 16 15.68 4.02 -22.05
N VAL A 17 14.68 4.28 -21.21
CA VAL A 17 13.36 3.71 -21.39
C VAL A 17 12.39 4.85 -21.66
N GLN A 18 11.81 4.86 -22.85
CA GLN A 18 10.82 5.83 -23.26
C GLN A 18 9.41 5.27 -23.05
N PHE A 19 8.67 5.81 -22.12
CA PHE A 19 7.31 5.34 -21.92
C PHE A 19 6.38 6.08 -22.88
N GLY A 20 5.22 5.50 -23.12
CA GLY A 20 4.22 6.17 -23.92
C GLY A 20 3.02 5.29 -24.16
N LEU A 21 2.13 5.74 -25.02
CA LEU A 21 0.97 4.96 -25.39
C LEU A 21 1.13 4.34 -26.77
N LEU A 22 0.50 3.20 -26.96
CA LEU A 22 0.45 2.50 -28.24
C LEU A 22 -0.72 3.03 -29.04
N SER A 23 -0.44 3.63 -30.20
CA SER A 23 -1.51 4.08 -31.07
C SER A 23 -2.29 2.88 -31.61
N PRO A 24 -3.56 3.08 -31.99
CA PRO A 24 -4.31 2.04 -32.70
C PRO A 24 -3.64 1.53 -33.96
N GLU A 25 -3.05 2.42 -34.74
CA GLU A 25 -2.35 2.01 -35.95
C GLU A 25 -1.17 1.11 -35.63
N GLU A 26 -0.37 1.47 -34.63
CA GLU A 26 0.81 0.70 -34.26
C GLU A 26 0.45 -0.70 -33.75
N ILE A 27 -0.63 -0.80 -32.95
CA ILE A 27 -1.10 -2.10 -32.44
C ILE A 27 -1.36 -3.05 -33.60
N ARG A 28 -1.92 -2.54 -34.69
CA ARG A 28 -2.17 -3.39 -35.85
C ARG A 28 -0.87 -3.70 -36.57
N ALA A 29 0.07 -2.76 -36.55
CA ALA A 29 1.31 -2.99 -37.28
C ALA A 29 2.15 -4.09 -36.62
N ILE A 30 2.11 -4.22 -35.29
CA ILE A 30 2.90 -5.27 -34.65
C ILE A 30 2.12 -6.56 -34.50
N SER A 31 0.81 -6.53 -34.68
CA SER A 31 -0.01 -7.72 -34.51
C SER A 31 0.25 -8.71 -35.64
N VAL A 32 0.16 -9.99 -35.33
CA VAL A 32 0.32 -11.02 -36.35
C VAL A 32 -0.97 -11.75 -36.69
N VAL A 33 -2.11 -11.40 -36.06
CA VAL A 33 -3.38 -12.09 -36.33
C VAL A 33 -4.55 -11.32 -35.70
N LYS A 34 -5.70 -11.33 -36.37
CA LYS A 34 -6.91 -10.73 -35.83
C LYS A 34 -7.72 -11.79 -35.09
N ILE A 35 -8.19 -11.44 -33.90
CA ILE A 35 -8.85 -12.36 -32.97
C ILE A 35 -10.36 -12.16 -32.92
N GLU A 36 -11.15 -13.17 -33.32
CA GLU A 36 -12.59 -12.93 -33.43
C GLU A 36 -13.46 -13.93 -32.65
N TYR A 37 -13.03 -15.18 -32.53
CA TYR A 37 -13.91 -16.25 -32.03
C TYR A 37 -13.52 -16.70 -30.64
N PRO A 38 -14.46 -16.67 -29.68
CA PRO A 38 -14.14 -17.05 -28.29
C PRO A 38 -14.00 -18.55 -28.07
N GLU A 39 -14.41 -19.38 -29.01
CA GLU A 39 -14.21 -20.83 -28.88
C GLU A 39 -12.74 -21.17 -29.07
N ILE A 40 -12.11 -21.59 -27.96
CA ILE A 40 -10.68 -21.89 -27.93
C ILE A 40 -10.33 -23.05 -28.87
N MET A 41 -11.12 -24.11 -28.86
CA MET A 41 -10.78 -25.31 -29.60
C MET A 41 -11.46 -25.32 -30.97
N ASP A 42 -10.88 -26.12 -31.88
CA ASP A 42 -11.41 -26.26 -33.23
C ASP A 42 -12.82 -26.83 -33.18
N GLU A 43 -12.97 -27.99 -32.53
CA GLU A 43 -14.23 -28.65 -32.17
C GLU A 43 -13.95 -29.77 -31.17
N SER A 44 -13.04 -29.50 -30.22
CA SER A 44 -12.55 -30.43 -29.20
C SER A 44 -11.88 -31.68 -29.78
N ARG A 45 -11.47 -31.62 -31.04
CA ARG A 45 -10.76 -32.69 -31.75
C ARG A 45 -9.30 -32.36 -32.02
N GLN A 46 -8.57 -31.76 -31.04
CA GLN A 46 -7.14 -31.45 -31.10
C GLN A 46 -6.82 -30.37 -32.15
N ARG A 47 -5.68 -29.63 -31.98
CA ARG A 47 -5.28 -28.47 -32.80
C ARG A 47 -6.27 -27.34 -32.55
N PRO A 48 -5.78 -26.24 -31.98
CA PRO A 48 -6.62 -25.08 -31.66
C PRO A 48 -6.88 -24.19 -32.87
N ARG A 49 -8.06 -23.61 -32.82
CA ARG A 49 -8.70 -22.87 -33.89
C ARG A 49 -8.03 -21.56 -34.22
N GLU A 50 -7.66 -21.46 -35.50
CA GLU A 50 -7.14 -20.25 -36.10
C GLU A 50 -8.14 -19.12 -35.97
N GLY A 51 -7.63 -17.92 -35.66
CA GLY A 51 -8.46 -16.81 -35.27
C GLY A 51 -8.98 -16.88 -33.84
N GLY A 52 -8.76 -17.99 -33.15
CA GLY A 52 -9.12 -18.14 -31.77
C GLY A 52 -8.01 -17.70 -30.85
N LEU A 53 -8.29 -17.73 -29.55
CA LEU A 53 -7.39 -17.18 -28.55
C LEU A 53 -6.10 -17.96 -28.38
N ASN A 54 -6.04 -19.20 -28.85
CA ASN A 54 -4.80 -19.97 -28.87
C ASN A 54 -4.32 -20.27 -30.28
N ASP A 55 -4.59 -19.36 -31.22
CA ASP A 55 -4.08 -19.44 -32.58
C ASP A 55 -2.57 -19.66 -32.56
N PRO A 56 -2.07 -20.69 -33.23
CA PRO A 56 -0.63 -20.98 -33.16
C PRO A 56 0.29 -19.88 -33.66
N LYS A 57 -0.21 -18.88 -34.41
CA LYS A 57 0.66 -17.77 -34.76
C LYS A 57 1.05 -16.92 -33.56
N LEU A 58 0.30 -16.98 -32.45
CA LEU A 58 0.67 -16.19 -31.28
C LEU A 58 1.85 -16.78 -30.55
N GLY A 59 2.09 -18.08 -30.71
CA GLY A 59 3.25 -18.69 -30.14
C GLY A 59 3.01 -20.08 -29.59
N SER A 60 4.10 -20.72 -29.23
CA SER A 60 4.13 -22.09 -28.72
C SER A 60 4.41 -22.13 -27.22
N ILE A 61 3.59 -22.85 -26.48
CA ILE A 61 3.97 -23.11 -25.09
C ILE A 61 4.09 -24.62 -24.93
N ASP A 62 4.34 -25.29 -26.05
CA ASP A 62 4.39 -26.74 -26.11
C ASP A 62 5.70 -27.14 -26.76
N ARG A 63 6.36 -28.15 -26.19
CA ARG A 63 7.72 -28.54 -26.57
C ARG A 63 7.84 -29.10 -27.98
N ASN A 64 6.73 -29.47 -28.63
CA ASN A 64 6.77 -30.19 -29.90
C ASN A 64 6.18 -29.42 -31.09
N PHE A 65 5.73 -28.19 -30.92
CA PHE A 65 5.19 -27.41 -32.02
C PHE A 65 6.05 -26.17 -32.13
N LYS A 66 6.68 -25.98 -33.28
CA LYS A 66 7.44 -24.76 -33.51
C LYS A 66 6.55 -23.60 -33.91
N CYS A 67 7.00 -22.39 -33.55
CA CYS A 67 6.26 -21.17 -33.80
C CYS A 67 6.11 -20.97 -35.31
N GLN A 68 4.90 -20.70 -35.77
CA GLN A 68 4.73 -20.52 -37.21
C GLN A 68 5.11 -19.13 -37.68
N THR A 69 5.63 -18.29 -36.79
CA THR A 69 6.12 -16.98 -37.16
C THR A 69 7.64 -16.87 -37.15
N CYS A 70 8.31 -17.37 -36.11
CA CYS A 70 9.76 -17.19 -36.03
C CYS A 70 10.55 -18.47 -36.21
N GLY A 71 9.92 -19.64 -36.24
CA GLY A 71 10.64 -20.87 -36.43
C GLY A 71 11.45 -21.37 -35.24
N GLU A 72 11.49 -20.64 -34.13
CA GLU A 72 12.30 -20.99 -32.99
C GLU A 72 11.54 -21.90 -32.04
N GLY A 73 12.29 -22.62 -31.20
CA GLY A 73 11.65 -23.44 -30.20
C GLY A 73 10.99 -22.59 -29.12
N MET A 74 10.21 -23.26 -28.26
CA MET A 74 9.49 -22.55 -27.20
C MET A 74 10.40 -21.83 -26.22
N ALA A 75 11.64 -22.29 -26.06
CA ALA A 75 12.56 -21.64 -25.13
C ALA A 75 12.97 -20.27 -25.62
N GLU A 76 13.32 -20.15 -26.89
CA GLU A 76 13.75 -18.87 -27.44
C GLU A 76 12.59 -17.97 -27.85
N CYS A 77 11.47 -18.54 -28.30
CA CYS A 77 10.37 -17.77 -28.88
C CYS A 77 9.74 -16.84 -27.84
N PRO A 78 9.77 -15.53 -28.05
CA PRO A 78 9.16 -14.63 -27.08
C PRO A 78 7.65 -14.59 -27.13
N GLY A 79 7.03 -15.10 -28.17
CA GLY A 79 5.61 -14.78 -28.28
C GLY A 79 5.36 -13.50 -29.05
N HIS A 80 4.24 -13.49 -29.78
CA HIS A 80 3.91 -12.39 -30.66
C HIS A 80 2.48 -11.97 -30.36
N PHE A 81 2.22 -10.68 -30.40
CA PHE A 81 0.91 -10.16 -30.04
C PHE A 81 -0.10 -10.32 -31.15
N GLY A 82 -1.37 -10.43 -30.75
CA GLY A 82 -2.47 -10.23 -31.66
C GLY A 82 -3.16 -8.90 -31.42
N HIS A 83 -4.33 -8.76 -32.03
CA HIS A 83 -5.16 -7.58 -31.77
C HIS A 83 -6.62 -7.98 -31.84
N MET A 84 -7.45 -7.26 -31.10
CA MET A 84 -8.88 -7.51 -31.08
C MET A 84 -9.59 -6.19 -31.36
N GLU A 85 -10.29 -6.14 -32.48
CA GLU A 85 -11.06 -4.95 -32.83
C GLU A 85 -12.31 -4.84 -31.99
N LEU A 86 -12.54 -3.67 -31.42
CA LEU A 86 -13.73 -3.40 -30.63
C LEU A 86 -14.76 -2.75 -31.54
N ALA A 87 -16.01 -3.19 -31.42
CA ALA A 87 -17.06 -2.62 -32.27
C ALA A 87 -17.32 -1.16 -31.92
N LYS A 88 -17.07 -0.77 -30.67
CA LYS A 88 -17.32 0.58 -30.26
C LYS A 88 -16.17 0.97 -29.33
N PRO A 89 -15.64 2.19 -29.46
CA PRO A 89 -14.57 2.64 -28.55
C PRO A 89 -15.03 2.78 -27.10
N VAL A 90 -14.20 2.31 -26.18
CA VAL A 90 -14.44 2.37 -24.74
C VAL A 90 -13.29 3.07 -24.04
N PHE A 91 -13.58 3.56 -22.83
CA PHE A 91 -12.55 4.17 -21.98
C PHE A 91 -11.54 3.17 -21.45
N HIS A 92 -10.29 3.63 -21.33
CA HIS A 92 -9.28 2.99 -20.52
C HIS A 92 -9.48 3.37 -19.06
N ILE A 93 -9.73 2.36 -18.21
CA ILE A 93 -10.07 2.57 -16.79
C ILE A 93 -9.00 3.34 -16.02
N GLY A 94 -7.73 3.20 -16.41
CA GLY A 94 -6.64 3.88 -15.74
C GLY A 94 -6.57 5.37 -15.97
N PHE A 95 -7.15 5.86 -17.06
CA PHE A 95 -6.93 7.23 -17.47
C PHE A 95 -8.13 8.13 -17.30
N ILE A 96 -9.26 7.58 -16.83
CA ILE A 96 -10.50 8.37 -16.63
C ILE A 96 -10.29 9.69 -15.87
N PRO A 97 -9.66 9.71 -14.66
CA PRO A 97 -9.52 11.01 -13.98
C PRO A 97 -8.69 12.04 -14.74
N LYS A 98 -7.80 11.60 -15.63
CA LYS A 98 -7.06 12.55 -16.43
C LYS A 98 -7.90 13.05 -17.60
N ILE A 99 -8.63 12.14 -18.27
CA ILE A 99 -9.64 12.51 -19.27
C ILE A 99 -10.58 13.60 -18.74
N LYS A 100 -11.10 13.38 -17.53
CA LYS A 100 -11.98 14.35 -16.86
C LYS A 100 -11.33 15.72 -16.75
N LYS A 101 -10.03 15.74 -16.45
CA LYS A 101 -9.27 16.98 -16.30
C LYS A 101 -9.14 17.70 -17.64
N VAL A 102 -8.95 16.94 -18.71
CA VAL A 102 -8.80 17.49 -20.05
C VAL A 102 -10.08 18.18 -20.53
N CYS A 103 -11.25 17.60 -20.22
CA CYS A 103 -12.53 18.22 -20.58
C CYS A 103 -12.69 19.64 -20.05
N GLU A 104 -12.32 19.89 -18.79
CA GLU A 104 -12.46 21.26 -18.27
C GLU A 104 -11.46 22.24 -18.87
N CYS A 105 -10.42 21.75 -19.56
CA CYS A 105 -9.40 22.60 -20.13
C CYS A 105 -9.74 23.05 -21.54
N ILE A 106 -10.36 22.19 -22.33
CA ILE A 106 -10.59 22.45 -23.74
C ILE A 106 -12.06 22.76 -23.97
N CYS A 107 -12.34 23.28 -25.16
CA CYS A 107 -13.68 23.52 -25.65
C CYS A 107 -14.34 22.21 -26.07
N MET A 108 -15.56 21.96 -25.58
CA MET A 108 -16.17 20.68 -25.93
C MET A 108 -16.76 20.64 -27.36
N ASN A 109 -16.41 21.60 -28.22
CA ASN A 109 -16.84 21.60 -29.61
C ASN A 109 -15.63 21.55 -30.52
N CYS A 110 -14.69 22.50 -30.38
CA CYS A 110 -13.52 22.49 -31.25
C CYS A 110 -12.22 22.09 -30.56
N GLY A 111 -12.17 22.11 -29.24
CA GLY A 111 -11.00 21.62 -28.53
C GLY A 111 -9.82 22.56 -28.40
N LYS A 112 -10.04 23.85 -28.19
CA LYS A 112 -8.92 24.76 -28.01
C LYS A 112 -8.75 25.19 -26.56
N LEU A 113 -7.48 25.31 -26.14
CA LEU A 113 -7.12 25.84 -24.83
C LEU A 113 -7.70 27.22 -24.55
N LEU A 114 -8.49 27.29 -23.47
CA LEU A 114 -9.28 28.45 -23.07
C LEU A 114 -8.46 29.71 -22.76
N LEU A 115 -7.14 29.63 -22.61
CA LEU A 115 -6.36 30.84 -22.39
C LEU A 115 -5.14 30.94 -23.29
N ASP A 116 -4.71 32.19 -23.45
CA ASP A 116 -3.69 32.66 -24.39
C ASP A 116 -2.58 33.34 -23.61
N GLU A 117 -1.45 33.56 -24.31
CA GLU A 117 -0.31 34.30 -23.79
C GLU A 117 -0.61 35.77 -23.45
N THR A 118 -1.74 36.31 -23.92
CA THR A 118 -2.17 37.65 -23.52
C THR A 118 -2.47 37.75 -22.02
N ASN A 119 -2.91 36.67 -21.40
CA ASN A 119 -3.17 36.68 -19.95
C ASN A 119 -1.82 36.62 -19.23
N PRO A 120 -1.44 37.66 -18.46
CA PRO A 120 -0.07 37.71 -17.88
C PRO A 120 0.30 36.55 -16.96
N THR A 121 -0.59 36.17 -16.03
CA THR A 121 -0.31 35.03 -15.15
C THR A 121 -0.22 33.74 -15.95
N MET A 122 -1.13 33.56 -16.92
CA MET A 122 -1.09 32.40 -17.80
C MET A 122 0.16 32.35 -18.66
N ALA A 123 0.69 33.52 -19.07
CA ALA A 123 1.95 33.51 -19.82
C ALA A 123 3.12 33.05 -18.97
N GLN A 124 3.05 33.29 -17.66
CA GLN A 124 4.07 32.78 -16.75
C GLN A 124 3.98 31.27 -16.61
N ALA A 125 2.76 30.73 -16.63
CA ALA A 125 2.56 29.31 -16.40
C ALA A 125 3.05 28.43 -17.55
N ILE A 126 3.03 28.92 -18.79
CA ILE A 126 3.54 28.09 -19.89
C ILE A 126 5.06 27.94 -19.83
N ARG A 127 5.75 28.83 -19.12
CA ARG A 127 7.19 28.75 -19.02
C ARG A 127 7.67 27.60 -18.13
N ILE A 128 6.79 27.05 -17.29
CA ILE A 128 7.18 26.03 -16.31
C ILE A 128 7.66 24.82 -17.11
N ARG A 129 8.88 24.40 -16.82
CA ARG A 129 9.57 23.38 -17.58
C ARG A 129 9.01 21.98 -17.38
N ASP A 130 8.51 21.64 -16.21
CA ASP A 130 8.04 20.28 -15.99
C ASP A 130 6.65 20.13 -16.61
N PRO A 131 6.45 19.17 -17.52
CA PRO A 131 5.12 19.00 -18.18
C PRO A 131 3.96 18.83 -17.22
N LYS A 132 4.12 18.02 -16.17
CA LYS A 132 3.03 17.77 -15.23
C LYS A 132 2.63 19.04 -14.51
N LYS A 133 3.62 19.80 -14.00
CA LYS A 133 3.31 21.01 -13.25
C LYS A 133 2.71 22.08 -14.14
N ARG A 134 3.24 22.21 -15.36
CA ARG A 134 2.69 23.14 -16.35
C ARG A 134 1.21 22.84 -16.63
N PHE A 135 0.91 21.56 -16.92
CA PHE A 135 -0.48 21.15 -17.19
C PHE A 135 -1.40 21.48 -16.03
N ASN A 136 -0.91 21.29 -14.80
CA ASN A 136 -1.71 21.55 -13.61
C ASN A 136 -1.90 23.06 -13.43
N ALA A 137 -0.83 23.83 -13.62
CA ALA A 137 -0.88 25.29 -13.52
C ALA A 137 -1.87 25.88 -14.53
N VAL A 138 -1.85 25.36 -15.77
CA VAL A 138 -2.81 25.78 -16.78
C VAL A 138 -4.24 25.48 -16.33
N TRP A 139 -4.48 24.23 -15.91
CA TRP A 139 -5.81 23.80 -15.50
C TRP A 139 -6.29 24.56 -14.27
N GLN A 140 -5.35 24.99 -13.41
CA GLN A 140 -5.69 25.77 -12.22
C GLN A 140 -6.25 27.14 -12.61
N LEU A 141 -5.81 27.66 -13.76
CA LEU A 141 -6.29 28.93 -14.27
C LEU A 141 -7.62 28.71 -15.00
N CYS A 142 -7.63 27.80 -15.97
CA CYS A 142 -8.76 27.62 -16.88
C CYS A 142 -9.97 27.00 -16.20
N LYS A 143 -9.81 26.43 -14.99
CA LYS A 143 -10.92 25.80 -14.27
C LYS A 143 -12.07 26.78 -14.06
N THR A 144 -11.75 28.03 -13.72
CA THR A 144 -12.75 29.03 -13.37
C THR A 144 -13.34 29.67 -14.61
N LYS A 145 -12.64 29.53 -15.75
CA LYS A 145 -13.13 30.01 -17.04
C LYS A 145 -14.31 29.10 -17.38
N MET A 146 -15.54 29.59 -17.25
CA MET A 146 -16.69 28.70 -17.37
C MET A 146 -17.40 28.77 -18.71
N VAL A 147 -16.83 29.45 -19.70
CA VAL A 147 -17.40 29.49 -21.04
C VAL A 147 -16.25 29.52 -22.04
N CYS A 148 -16.37 28.74 -23.12
CA CYS A 148 -15.42 28.85 -24.20
C CYS A 148 -15.79 30.04 -25.08
N GLU A 149 -14.94 31.04 -25.06
CA GLU A 149 -15.19 32.28 -25.77
C GLU A 149 -14.91 32.12 -27.25
N ALA A 150 -15.86 32.58 -28.06
CA ALA A 150 -15.73 32.62 -29.51
C ALA A 150 -14.78 33.73 -29.91
N ASP A 151 -14.68 34.74 -29.06
CA ASP A 151 -13.97 35.98 -29.29
C ASP A 151 -12.84 36.00 -28.25
N ALA A 152 -11.71 36.62 -28.60
CA ALA A 152 -10.68 36.90 -27.59
C ALA A 152 -11.23 37.70 -26.39
N PRO A 153 -10.58 37.60 -25.19
CA PRO A 153 -11.09 38.34 -24.02
C PRO A 153 -11.12 39.87 -24.15
N SER A 164 -11.13 36.70 -33.05
CA SER A 164 -11.60 35.36 -32.75
C SER A 164 -10.40 34.49 -32.43
N ARG A 165 -10.57 33.64 -31.42
CA ARG A 165 -9.56 32.71 -30.97
C ARG A 165 -9.78 31.31 -31.52
N GLY A 166 -10.81 31.13 -32.35
CA GLY A 166 -11.17 29.84 -32.89
C GLY A 166 -12.26 29.20 -32.08
N GLY A 167 -12.75 29.89 -31.06
CA GLY A 167 -13.79 29.40 -30.19
C GLY A 167 -15.12 29.27 -30.92
N CYS A 168 -16.03 28.55 -30.27
CA CYS A 168 -17.36 28.30 -30.82
C CYS A 168 -18.46 28.99 -30.02
N GLY A 169 -18.11 29.63 -28.90
CA GLY A 169 -19.01 30.41 -28.09
C GLY A 169 -19.76 29.63 -27.04
N ASN A 170 -19.73 28.30 -27.08
CA ASN A 170 -20.53 27.50 -26.17
C ASN A 170 -20.05 27.61 -24.72
N THR A 171 -21.00 27.57 -23.80
CA THR A 171 -20.66 27.49 -22.39
C THR A 171 -20.16 26.09 -22.08
N GLN A 172 -19.26 25.99 -21.11
CA GLN A 172 -18.74 24.65 -20.89
C GLN A 172 -19.41 23.96 -19.70
N PRO A 173 -19.54 22.64 -19.77
CA PRO A 173 -20.20 21.90 -18.70
C PRO A 173 -19.24 21.60 -17.57
N VAL A 174 -19.83 21.31 -16.42
CA VAL A 174 -19.10 20.78 -15.27
C VAL A 174 -19.20 19.26 -15.32
N VAL A 175 -18.08 18.62 -15.66
CA VAL A 175 -18.04 17.18 -15.91
C VAL A 175 -17.83 16.50 -14.57
N ARG A 176 -18.64 15.48 -14.30
CA ARG A 176 -18.53 14.67 -13.09
C ARG A 176 -18.47 13.20 -13.43
N LYS A 177 -17.69 12.47 -12.62
CA LYS A 177 -17.50 11.04 -12.78
C LYS A 177 -18.49 10.28 -11.90
N ASP A 178 -19.15 9.29 -12.49
CA ASP A 178 -20.12 8.44 -11.80
C ASP A 178 -19.76 7.00 -12.20
N GLY A 179 -18.80 6.42 -11.51
CA GLY A 179 -18.36 5.07 -11.86
C GLY A 179 -17.58 5.10 -13.17
N MET A 180 -17.97 4.25 -14.11
CA MET A 180 -17.33 4.22 -15.42
C MET A 180 -17.97 5.17 -16.41
N LYS A 181 -18.82 6.08 -15.95
CA LYS A 181 -19.54 6.99 -16.83
C LYS A 181 -19.23 8.41 -16.41
N LEU A 182 -19.15 9.30 -17.40
CA LEU A 182 -18.91 10.71 -17.16
C LEU A 182 -20.14 11.51 -17.54
N TRP A 183 -20.60 12.35 -16.61
CA TRP A 183 -21.76 13.19 -16.84
C TRP A 183 -21.30 14.63 -16.89
N GLY A 184 -21.80 15.36 -17.89
CA GLY A 184 -21.53 16.77 -18.10
C GLY A 184 -22.81 17.57 -17.99
N THR A 185 -22.82 18.64 -17.19
CA THR A 185 -24.04 19.43 -16.97
C THR A 185 -23.78 20.79 -17.59
N TRP A 186 -24.49 21.05 -18.69
CA TRP A 186 -24.40 22.33 -19.39
C TRP A 186 -25.42 23.33 -18.90
N LYS A 187 -25.01 24.58 -18.79
CA LYS A 187 -25.88 25.63 -18.27
C LYS A 187 -26.40 26.40 -19.49
N LYS A 188 -27.58 26.03 -19.95
CA LYS A 188 -28.19 26.70 -21.09
C LYS A 188 -28.68 28.10 -20.71
N SER A 189 -28.31 29.09 -21.51
CA SER A 189 -28.72 30.46 -21.28
C SER A 189 -30.13 30.72 -21.79
N ARG A 194 -32.99 34.30 -14.98
CA ARG A 194 -31.65 33.81 -14.69
C ARG A 194 -31.53 32.29 -14.81
N ASP A 195 -31.82 31.60 -13.71
CA ASP A 195 -31.75 30.15 -13.65
C ASP A 195 -32.83 29.53 -14.52
N ALA A 196 -32.50 28.44 -15.21
CA ALA A 196 -33.48 27.89 -16.12
C ALA A 196 -33.56 26.40 -15.87
N GLN A 197 -33.44 25.56 -16.88
CA GLN A 197 -33.30 24.13 -16.61
C GLN A 197 -32.09 23.55 -17.34
N PRO A 198 -31.16 22.91 -16.63
CA PRO A 198 -29.98 22.38 -17.30
C PRO A 198 -30.18 20.90 -17.64
N GLU A 199 -29.66 20.44 -18.76
CA GLU A 199 -29.86 19.04 -19.14
C GLU A 199 -28.50 18.35 -19.27
N ARG A 200 -28.20 17.50 -18.30
CA ARG A 200 -26.98 16.73 -18.31
C ARG A 200 -27.22 15.44 -19.10
N LYS A 201 -26.50 15.30 -20.21
CA LYS A 201 -26.51 14.09 -21.02
C LYS A 201 -25.19 13.35 -20.83
N LEU A 202 -25.22 12.06 -21.15
CA LEU A 202 -24.04 11.22 -20.96
C LEU A 202 -23.02 11.52 -22.05
N LEU A 203 -21.77 11.62 -21.63
CA LEU A 203 -20.63 11.88 -22.51
C LEU A 203 -20.00 10.55 -22.87
N THR A 204 -20.50 9.94 -23.95
CA THR A 204 -20.03 8.64 -24.37
C THR A 204 -18.56 8.70 -24.78
N PRO A 205 -17.84 7.56 -24.75
CA PRO A 205 -16.48 7.52 -25.30
C PRO A 205 -16.35 7.91 -26.76
N GLY A 206 -17.29 7.46 -27.60
CA GLY A 206 -17.25 7.81 -29.01
C GLY A 206 -17.37 9.30 -29.27
N GLU A 207 -18.27 9.97 -28.54
CA GLU A 207 -18.42 11.42 -28.65
C GLU A 207 -17.13 12.13 -28.31
N ILE A 208 -16.49 11.76 -27.19
CA ILE A 208 -15.25 12.38 -26.74
C ILE A 208 -14.10 12.06 -27.70
N LEU A 209 -14.13 10.87 -28.31
CA LEU A 209 -13.06 10.43 -29.23
C LEU A 209 -12.90 11.37 -30.42
N ASN A 210 -14.01 11.74 -31.06
CA ASN A 210 -13.96 12.61 -32.22
C ASN A 210 -13.46 14.00 -31.83
N VAL A 211 -13.90 14.51 -30.70
CA VAL A 211 -13.45 15.81 -30.19
C VAL A 211 -11.94 15.83 -29.99
N PHE A 212 -11.38 14.73 -29.45
CA PHE A 212 -9.93 14.70 -29.21
C PHE A 212 -9.09 14.70 -30.48
N LYS A 213 -9.54 14.07 -31.57
CA LYS A 213 -8.73 14.08 -32.79
C LYS A 213 -8.63 15.46 -33.43
N HIS A 214 -9.50 16.39 -33.08
CA HIS A 214 -9.43 17.72 -33.68
C HIS A 214 -8.57 18.70 -32.88
N ILE A 215 -7.99 18.26 -31.77
CA ILE A 215 -7.05 19.10 -31.01
C ILE A 215 -5.81 19.35 -31.85
N SER A 216 -5.42 20.62 -31.94
CA SER A 216 -4.29 21.00 -32.78
C SER A 216 -2.97 20.52 -32.15
N PRO A 217 -1.94 20.30 -32.98
CA PRO A 217 -0.58 20.05 -32.45
C PRO A 217 -0.04 21.07 -31.47
N GLU A 218 -0.30 22.36 -31.69
CA GLU A 218 0.18 23.38 -30.77
C GLU A 218 -0.52 23.31 -29.41
N ASP A 219 -1.80 22.94 -29.39
CA ASP A 219 -2.49 22.81 -28.12
C ASP A 219 -2.21 21.48 -27.45
N CYS A 220 -1.93 20.44 -28.24
CA CYS A 220 -1.44 19.17 -27.71
C CYS A 220 -0.17 19.32 -26.88
N PHE A 221 0.78 20.13 -27.35
CA PHE A 221 2.00 20.34 -26.56
C PHE A 221 1.71 21.08 -25.26
N ARG A 222 0.96 22.18 -25.34
CA ARG A 222 0.64 23.02 -24.18
C ARG A 222 -0.12 22.28 -23.08
N LEU A 223 -0.75 21.17 -23.41
CA LEU A 223 -1.46 20.36 -22.44
C LEU A 223 -0.55 19.33 -21.79
N GLY A 224 0.76 19.41 -22.03
CA GLY A 224 1.68 18.46 -21.48
C GLY A 224 1.70 17.10 -22.14
N PHE A 225 0.97 16.92 -23.22
CA PHE A 225 1.02 15.67 -23.94
C PHE A 225 2.15 15.76 -24.97
N ASN A 226 2.30 14.74 -25.80
CA ASN A 226 3.45 14.66 -26.67
C ASN A 226 2.99 14.07 -27.99
N GLU A 227 3.29 14.77 -29.08
CA GLU A 227 2.75 14.45 -30.39
C GLU A 227 3.22 13.09 -30.90
N ASP A 228 4.41 12.64 -30.49
CA ASP A 228 4.96 11.39 -31.00
C ASP A 228 4.72 10.19 -30.12
N TYR A 229 4.56 10.40 -28.81
CA TYR A 229 4.59 9.30 -27.86
C TYR A 229 3.33 9.16 -27.02
N ALA A 230 2.66 10.27 -26.69
CA ALA A 230 1.47 10.22 -25.85
C ALA A 230 0.47 11.22 -26.44
N ARG A 231 -0.15 10.83 -27.53
CA ARG A 231 -1.19 11.64 -28.17
C ARG A 231 -2.52 11.41 -27.47
N PRO A 232 -3.24 12.47 -27.08
CA PRO A 232 -4.36 12.33 -26.13
C PRO A 232 -5.54 11.48 -26.58
N GLU A 233 -5.76 11.26 -27.87
CA GLU A 233 -6.87 10.38 -28.21
C GLU A 233 -6.53 8.91 -28.02
N TRP A 234 -5.26 8.57 -27.80
CA TRP A 234 -4.85 7.21 -27.53
C TRP A 234 -5.20 6.74 -26.12
N MET A 235 -5.71 7.61 -25.26
CA MET A 235 -6.25 7.19 -23.97
C MET A 235 -7.62 6.54 -24.08
N ILE A 236 -8.24 6.57 -25.24
CA ILE A 236 -9.48 5.85 -25.50
C ILE A 236 -9.10 4.60 -26.29
N ILE A 237 -9.69 3.46 -25.92
CA ILE A 237 -9.32 2.16 -26.45
C ILE A 237 -10.24 1.82 -27.60
N THR A 238 -9.67 1.61 -28.78
CA THR A 238 -10.44 1.11 -29.92
C THR A 238 -10.05 -0.28 -30.36
N VAL A 239 -8.79 -0.67 -30.19
CA VAL A 239 -8.36 -2.03 -30.52
C VAL A 239 -7.49 -2.53 -29.38
N LEU A 240 -7.77 -3.73 -28.92
CA LEU A 240 -7.12 -4.29 -27.74
C LEU A 240 -6.02 -5.23 -28.16
N PRO A 241 -4.81 -5.03 -27.63
CA PRO A 241 -3.71 -5.95 -27.90
C PRO A 241 -3.90 -7.26 -27.15
N VAL A 242 -3.76 -8.37 -27.87
CA VAL A 242 -3.99 -9.70 -27.35
C VAL A 242 -2.63 -10.28 -26.95
N PRO A 243 -2.35 -10.48 -25.67
CA PRO A 243 -1.03 -10.94 -25.26
C PRO A 243 -0.82 -12.38 -25.67
N PRO A 244 0.43 -12.80 -25.90
CA PRO A 244 0.70 -14.17 -26.35
C PRO A 244 0.46 -15.15 -25.22
N PRO A 245 0.46 -16.47 -25.46
CA PRO A 245 0.21 -17.42 -24.35
C PRO A 245 1.24 -17.42 -23.23
N GLN A 246 2.45 -16.93 -23.45
CA GLN A 246 3.44 -16.84 -22.37
C GLN A 246 2.96 -15.99 -21.20
N VAL A 247 2.08 -15.02 -21.46
CA VAL A 247 1.56 -14.19 -20.39
C VAL A 247 0.46 -14.91 -19.61
N ARG A 248 -0.16 -15.95 -20.17
CA ARG A 248 -1.34 -16.58 -19.56
C ARG A 248 -1.26 -18.08 -19.83
N PRO A 249 -0.31 -18.76 -19.19
CA PRO A 249 -0.12 -20.18 -19.50
C PRO A 249 -1.21 -21.02 -18.87
N SER A 250 -1.46 -22.17 -19.48
CA SER A 250 -2.37 -23.13 -18.89
C SER A 250 -1.63 -24.02 -17.91
N ILE A 251 -2.37 -24.50 -16.93
CA ILE A 251 -1.88 -25.35 -15.86
C ILE A 251 -2.76 -26.59 -15.81
N ALA A 252 -2.19 -27.70 -15.38
CA ALA A 252 -2.92 -28.96 -15.33
C ALA A 252 -3.12 -29.25 -13.85
N MET A 253 -4.38 -29.14 -13.42
CA MET A 253 -4.75 -29.40 -12.04
C MET A 253 -4.48 -30.84 -11.62
N ASP A 254 -5.13 -31.81 -12.28
CA ASP A 254 -4.81 -33.21 -12.02
C ASP A 254 -4.47 -33.95 -13.33
N GLU A 255 -3.25 -33.73 -13.80
CA GLU A 255 -2.63 -34.22 -15.03
C GLU A 255 -3.36 -34.07 -16.38
N THR A 256 -4.48 -34.77 -16.58
CA THR A 256 -5.21 -34.70 -17.84
C THR A 256 -6.37 -33.72 -17.82
N THR A 257 -6.38 -32.80 -16.86
CA THR A 257 -7.42 -31.79 -16.73
C THR A 257 -6.70 -30.46 -16.60
N GLN A 258 -7.00 -29.54 -17.50
CA GLN A 258 -6.32 -28.27 -17.51
C GLN A 258 -7.35 -27.14 -17.45
N GLY A 259 -7.08 -26.19 -16.57
CA GLY A 259 -7.88 -25.00 -16.48
C GLY A 259 -7.12 -23.86 -17.09
N GLN A 260 -7.83 -22.79 -17.42
CA GLN A 260 -7.24 -21.64 -18.07
C GLN A 260 -6.94 -20.53 -17.08
N ASP A 261 -6.01 -19.67 -17.48
CA ASP A 261 -5.63 -18.52 -16.70
C ASP A 261 -6.82 -17.56 -16.62
N ASP A 262 -6.85 -16.75 -15.55
CA ASP A 262 -7.92 -15.76 -15.36
C ASP A 262 -8.04 -14.81 -16.53
N LEU A 263 -6.93 -14.46 -17.15
CA LEU A 263 -6.96 -13.58 -18.30
C LEU A 263 -7.61 -14.26 -19.50
N THR A 264 -7.33 -15.55 -19.70
CA THR A 264 -7.92 -16.30 -20.80
C THR A 264 -9.44 -16.34 -20.69
N HIS A 265 -9.96 -16.64 -19.50
CA HIS A 265 -11.42 -16.60 -19.29
C HIS A 265 -11.97 -15.20 -19.49
N LYS A 266 -11.25 -14.19 -19.00
CA LYS A 266 -11.73 -12.81 -19.09
C LYS A 266 -11.69 -12.29 -20.52
N LEU A 267 -10.73 -12.74 -21.32
CA LEU A 267 -10.69 -12.33 -22.72
C LEU A 267 -11.80 -12.98 -23.52
N SER A 268 -12.14 -14.22 -23.18
CA SER A 268 -13.33 -14.84 -23.75
C SER A 268 -14.59 -14.02 -23.48
N ASP A 269 -14.74 -13.50 -22.26
CA ASP A 269 -15.91 -12.68 -21.94
C ASP A 269 -15.94 -11.39 -22.73
N ILE A 270 -14.79 -10.72 -22.90
CA ILE A 270 -14.74 -9.53 -23.72
C ILE A 270 -15.05 -9.85 -25.17
N LEU A 271 -14.55 -10.99 -25.66
CA LEU A 271 -14.77 -11.37 -27.04
C LEU A 271 -16.23 -11.73 -27.31
N LYS A 272 -16.85 -12.52 -26.43
CA LYS A 272 -18.30 -12.77 -26.55
C LYS A 272 -19.09 -11.45 -26.53
N ALA A 273 -18.80 -10.59 -25.56
CA ALA A 273 -19.49 -9.31 -25.44
C ALA A 273 -19.27 -8.42 -26.66
N ASN A 274 -18.13 -8.57 -27.33
CA ASN A 274 -17.86 -7.79 -28.53
C ASN A 274 -18.76 -8.22 -29.67
N ILE A 275 -19.03 -9.52 -29.80
CA ILE A 275 -19.85 -10.02 -30.88
C ILE A 275 -21.29 -9.54 -30.74
N ASN A 276 -21.80 -9.46 -29.50
CA ASN A 276 -23.16 -9.02 -29.27
C ASN A 276 -23.37 -7.54 -29.54
N VAL A 277 -22.32 -6.72 -29.51
CA VAL A 277 -22.46 -5.34 -29.95
C VAL A 277 -22.61 -5.28 -31.47
N GLN A 278 -22.03 -6.24 -32.18
CA GLN A 278 -22.19 -6.31 -33.63
C GLN A 278 -23.58 -6.84 -33.98
N LYS A 279 -24.15 -7.66 -33.10
CA LYS A 279 -25.44 -8.31 -33.25
C LYS A 279 -26.60 -7.35 -33.01
N LEU A 280 -26.35 -6.15 -32.50
CA LEU A 280 -27.40 -5.19 -32.16
C LEU A 280 -27.68 -4.21 -33.30
N GLU A 281 -26.66 -3.52 -33.80
CA GLU A 281 -26.78 -2.40 -34.74
C GLU A 281 -27.37 -2.78 -36.10
N MET A 282 -27.66 -4.05 -36.36
CA MET A 282 -28.18 -4.51 -37.64
C MET A 282 -29.63 -4.96 -37.59
N ASP A 283 -30.24 -5.01 -36.41
CA ASP A 283 -31.62 -5.45 -36.24
C ASP A 283 -32.16 -4.99 -34.90
N GLY A 284 -32.96 -5.83 -34.23
CA GLY A 284 -33.67 -5.50 -33.00
C GLY A 284 -32.85 -4.87 -31.89
N SER A 285 -32.78 -3.55 -31.92
CA SER A 285 -32.23 -2.74 -30.83
C SER A 285 -33.30 -1.86 -30.18
N PRO A 286 -33.90 -2.28 -29.08
CA PRO A 286 -34.73 -1.35 -28.29
C PRO A 286 -34.01 -0.25 -27.50
N GLN A 287 -32.99 0.38 -28.06
CA GLN A 287 -32.18 1.47 -27.48
C GLN A 287 -31.73 1.29 -26.03
N HIS A 288 -32.68 1.26 -25.06
CA HIS A 288 -32.40 0.88 -23.67
C HIS A 288 -31.66 -0.45 -23.51
N ILE A 289 -31.63 -1.29 -24.53
CA ILE A 289 -30.84 -2.51 -24.58
C ILE A 289 -29.42 -2.23 -25.05
N ILE A 290 -29.26 -1.31 -26.01
CA ILE A 290 -27.94 -0.90 -26.49
C ILE A 290 -27.10 -0.35 -25.35
N ASN A 291 -27.73 0.41 -24.44
CA ASN A 291 -26.99 0.97 -23.32
C ASN A 291 -26.61 -0.10 -22.30
N GLU A 292 -27.39 -1.16 -22.16
CA GLU A 292 -26.99 -2.21 -21.22
C GLU A 292 -25.87 -3.07 -21.79
N VAL A 293 -25.83 -3.26 -23.10
CA VAL A 293 -24.80 -4.12 -23.69
C VAL A 293 -23.49 -3.37 -23.88
N GLU A 294 -23.54 -2.10 -24.30
CA GLU A 294 -22.32 -1.31 -24.40
C GLU A 294 -21.67 -1.05 -23.06
N GLN A 295 -22.45 -0.74 -22.03
CA GLN A 295 -21.88 -0.56 -20.69
C GLN A 295 -21.21 -1.83 -20.18
N LEU A 296 -21.72 -2.99 -20.61
CA LEU A 296 -21.15 -4.25 -20.16
C LEU A 296 -19.83 -4.54 -20.85
N LEU A 297 -19.67 -4.11 -22.10
CA LEU A 297 -18.37 -4.20 -22.75
C LEU A 297 -17.35 -3.31 -22.07
N GLN A 298 -17.76 -2.08 -21.73
CA GLN A 298 -16.93 -1.18 -20.92
C GLN A 298 -16.55 -1.81 -19.59
N PHE A 299 -17.48 -2.53 -18.97
CA PHE A 299 -17.21 -3.15 -17.68
C PHE A 299 -16.13 -4.23 -17.79
N HIS A 300 -16.28 -5.15 -18.75
CA HIS A 300 -15.32 -6.25 -18.89
C HIS A 300 -13.94 -5.76 -19.26
N VAL A 301 -13.84 -4.73 -20.10
CA VAL A 301 -12.55 -4.19 -20.47
C VAL A 301 -11.93 -3.46 -19.28
N ALA A 302 -12.77 -2.92 -18.39
CA ALA A 302 -12.22 -2.24 -17.22
C ALA A 302 -11.68 -3.25 -16.22
N THR A 303 -12.49 -4.22 -15.81
CA THR A 303 -12.01 -5.17 -14.81
C THR A 303 -10.96 -6.12 -15.35
N TYR A 304 -10.77 -6.19 -16.68
CA TYR A 304 -9.66 -6.93 -17.26
C TYR A 304 -8.34 -6.28 -16.93
N MET A 305 -8.32 -4.96 -16.82
CA MET A 305 -7.10 -4.26 -16.49
C MET A 305 -6.98 -3.94 -15.01
N ASP A 306 -8.09 -3.61 -14.35
CA ASP A 306 -8.05 -3.20 -12.96
C ASP A 306 -9.36 -3.69 -12.33
N ASN A 307 -9.28 -4.63 -11.41
CA ASN A 307 -10.46 -5.16 -10.75
C ASN A 307 -10.52 -4.71 -9.29
N ASP A 308 -9.96 -3.55 -9.00
CA ASP A 308 -10.09 -2.92 -7.69
C ASP A 308 -10.71 -1.54 -7.78
N ILE A 309 -11.60 -1.35 -8.75
CA ILE A 309 -12.28 -0.07 -8.94
C ILE A 309 -13.14 0.24 -7.74
N ALA A 310 -12.91 1.39 -7.13
CA ALA A 310 -13.62 1.79 -5.92
C ALA A 310 -15.07 2.15 -6.24
N GLY A 311 -15.96 1.74 -5.35
CA GLY A 311 -17.37 2.10 -5.44
C GLY A 311 -18.25 1.16 -6.23
N GLN A 312 -17.74 0.01 -6.67
CA GLN A 312 -18.57 -0.91 -7.44
C GLN A 312 -18.10 -2.33 -7.15
N PRO A 313 -18.97 -3.33 -7.29
CA PRO A 313 -18.57 -4.71 -6.97
C PRO A 313 -17.52 -5.25 -7.93
N GLN A 314 -16.64 -6.08 -7.39
CA GLN A 314 -15.60 -6.74 -8.16
C GLN A 314 -16.18 -7.82 -9.08
N ALA A 315 -15.53 -7.98 -10.23
CA ALA A 315 -15.78 -9.14 -11.08
C ALA A 315 -15.37 -10.40 -10.33
N LEU A 316 -16.19 -11.45 -10.43
CA LEU A 316 -15.95 -12.67 -9.71
C LEU A 316 -15.82 -13.86 -10.66
N GLN A 317 -14.94 -14.78 -10.30
CA GLN A 317 -14.92 -16.10 -10.91
C GLN A 317 -16.10 -16.92 -10.40
N LYS A 318 -16.42 -18.00 -11.15
CA LYS A 318 -17.49 -18.90 -10.72
C LYS A 318 -17.20 -19.58 -9.38
N SER A 319 -15.92 -19.74 -9.03
CA SER A 319 -15.55 -20.20 -7.70
C SER A 319 -15.89 -19.20 -6.60
N GLY A 320 -16.21 -17.96 -6.94
CA GLY A 320 -16.58 -16.94 -5.99
C GLY A 320 -15.49 -15.95 -5.66
N ARG A 321 -14.23 -16.32 -5.89
CA ARG A 321 -13.11 -15.45 -5.57
C ARG A 321 -12.91 -14.42 -6.70
N PRO A 322 -12.38 -13.24 -6.38
CA PRO A 322 -12.18 -12.21 -7.42
C PRO A 322 -11.18 -12.55 -8.50
N VAL A 323 -11.44 -11.99 -9.68
CA VAL A 323 -10.60 -12.20 -10.85
C VAL A 323 -9.28 -11.49 -10.64
N LYS A 324 -8.18 -12.13 -11.07
CA LYS A 324 -6.85 -11.57 -10.92
C LYS A 324 -6.56 -10.69 -12.13
N ALA A 325 -6.81 -9.39 -11.98
CA ALA A 325 -6.59 -8.45 -13.08
C ALA A 325 -5.11 -8.14 -13.24
N ILE A 326 -4.77 -7.47 -14.34
CA ILE A 326 -3.37 -7.16 -14.62
C ILE A 326 -2.78 -6.23 -13.58
N ARG A 327 -3.57 -5.25 -13.09
CA ARG A 327 -3.08 -4.32 -12.08
C ARG A 327 -2.68 -5.06 -10.82
N ALA A 328 -3.47 -6.05 -10.42
CA ALA A 328 -3.18 -6.83 -9.23
C ALA A 328 -2.00 -7.75 -9.43
N ARG A 329 -1.65 -8.05 -10.68
CA ARG A 329 -0.46 -8.85 -10.95
C ARG A 329 0.82 -8.10 -10.60
N LEU A 330 0.81 -6.78 -10.61
CA LEU A 330 2.06 -6.05 -10.47
C LEU A 330 2.27 -5.51 -9.07
N LYS A 331 1.22 -5.33 -8.28
CA LYS A 331 1.38 -4.66 -7.01
C LYS A 331 1.55 -5.72 -5.92
N GLY A 332 2.05 -5.27 -4.79
CA GLY A 332 2.09 -6.08 -3.59
C GLY A 332 3.34 -6.96 -3.56
N LYS A 333 3.56 -7.56 -2.37
CA LYS A 333 4.74 -8.37 -2.09
C LYS A 333 4.99 -9.51 -3.08
N GLU A 334 3.94 -10.13 -3.61
CA GLU A 334 4.16 -11.27 -4.50
C GLU A 334 4.04 -10.94 -5.98
N GLY A 335 3.82 -9.67 -6.34
CA GLY A 335 3.60 -9.32 -7.73
C GLY A 335 4.91 -9.27 -8.50
N ARG A 336 4.82 -8.82 -9.76
CA ARG A 336 5.97 -8.86 -10.66
C ARG A 336 7.12 -8.01 -10.17
N LEU A 337 6.83 -6.85 -9.58
CA LEU A 337 7.92 -5.95 -9.24
C LEU A 337 8.56 -6.31 -7.91
N ARG A 338 7.80 -6.41 -6.84
CA ARG A 338 8.44 -6.70 -5.57
C ARG A 338 8.80 -8.17 -5.43
N GLY A 339 8.09 -9.06 -6.11
CA GLY A 339 8.30 -10.49 -5.99
C GLY A 339 9.19 -11.18 -7.00
N ASN A 340 9.40 -10.59 -8.18
CA ASN A 340 10.23 -11.21 -9.22
C ASN A 340 11.34 -10.34 -9.77
N LEU A 341 11.37 -9.05 -9.48
CA LEU A 341 12.35 -8.17 -10.07
C LEU A 341 13.22 -7.50 -9.02
N MET A 342 12.64 -6.96 -7.97
CA MET A 342 13.49 -6.44 -6.90
C MET A 342 14.10 -7.57 -6.08
N GLY A 343 13.51 -8.77 -6.15
CA GLY A 343 14.09 -9.95 -5.55
C GLY A 343 13.49 -11.15 -6.22
N LYS A 344 14.19 -12.28 -6.14
CA LYS A 344 13.77 -13.46 -6.88
C LYS A 344 14.51 -14.66 -6.32
N ARG A 345 14.02 -15.83 -6.66
CA ARG A 345 14.70 -17.05 -6.28
C ARG A 345 15.89 -17.30 -7.19
N VAL A 346 16.94 -17.93 -6.66
CA VAL A 346 18.21 -18.04 -7.39
C VAL A 346 18.76 -19.45 -7.28
N ASP A 347 19.53 -19.83 -8.30
CA ASP A 347 20.29 -21.06 -8.36
C ASP A 347 21.54 -20.97 -7.51
N PHE A 348 22.21 -22.12 -7.36
CA PHE A 348 23.47 -22.29 -6.63
C PHE A 348 23.40 -21.72 -5.22
N SER A 349 22.42 -22.17 -4.46
CA SER A 349 22.21 -21.75 -3.09
C SER A 349 21.98 -22.97 -2.25
N ALA A 350 22.15 -22.81 -0.94
CA ALA A 350 21.95 -23.94 -0.05
C ALA A 350 21.61 -23.41 1.33
N ARG A 351 21.06 -24.29 2.16
CA ARG A 351 20.61 -23.85 3.46
C ARG A 351 20.57 -25.03 4.41
N THR A 352 21.06 -24.83 5.64
CA THR A 352 20.92 -25.82 6.70
C THR A 352 21.18 -25.19 8.06
N VAL A 353 20.97 -25.99 9.10
CA VAL A 353 21.22 -25.59 10.48
C VAL A 353 22.71 -25.36 10.67
N ILE A 354 23.07 -24.41 11.53
CA ILE A 354 24.47 -24.05 11.75
C ILE A 354 24.94 -24.56 13.11
N SER A 355 26.23 -24.83 13.22
CA SER A 355 26.83 -25.21 14.49
C SER A 355 28.15 -24.45 14.61
N GLY A 356 28.61 -24.23 15.83
CA GLY A 356 29.89 -23.59 16.02
C GLY A 356 31.11 -24.50 16.07
N ASP A 357 32.25 -23.95 15.65
CA ASP A 357 33.49 -24.69 15.77
C ASP A 357 34.66 -23.76 16.10
N PRO A 358 35.18 -23.81 17.33
CA PRO A 358 36.38 -23.06 17.68
C PRO A 358 37.65 -23.43 16.93
N ASN A 359 37.70 -24.57 16.25
CA ASN A 359 38.95 -25.00 15.62
C ASN A 359 38.89 -24.80 14.11
N LEU A 360 38.22 -23.73 13.73
CA LEU A 360 38.18 -23.22 12.37
C LEU A 360 38.69 -21.79 12.41
N GLU A 361 39.37 -21.37 11.34
CA GLU A 361 39.80 -19.99 11.24
C GLU A 361 38.58 -19.08 11.12
N LEU A 362 38.80 -17.80 11.50
CA LEU A 362 37.74 -16.79 11.46
C LEU A 362 37.03 -16.73 10.12
N ASP A 363 37.76 -16.79 9.02
CA ASP A 363 37.15 -16.63 7.71
C ASP A 363 36.79 -17.95 7.05
N GLN A 364 36.74 -19.05 7.80
CA GLN A 364 36.30 -20.31 7.21
C GLN A 364 34.83 -20.59 7.46
N VAL A 365 34.25 -21.44 6.62
CA VAL A 365 32.94 -22.04 6.83
C VAL A 365 32.99 -23.53 6.52
N GLY A 366 32.59 -24.36 7.49
CA GLY A 366 32.53 -25.79 7.24
C GLY A 366 31.30 -26.16 6.44
N VAL A 367 31.50 -26.85 5.33
CA VAL A 367 30.44 -27.17 4.38
C VAL A 367 30.25 -28.68 4.32
N PRO A 368 29.06 -29.19 4.63
CA PRO A 368 28.77 -30.63 4.50
C PRO A 368 29.11 -31.21 3.14
N ILE A 369 29.59 -32.45 3.14
CA ILE A 369 30.00 -33.13 1.91
C ILE A 369 28.85 -33.20 0.89
N SER A 370 27.63 -33.53 1.34
CA SER A 370 26.50 -33.68 0.42
C SER A 370 26.18 -32.38 -0.29
N ILE A 371 26.29 -31.26 0.42
CA ILE A 371 26.10 -29.96 -0.20
C ILE A 371 27.23 -29.69 -1.18
N ALA A 372 28.46 -30.03 -0.79
CA ALA A 372 29.62 -29.80 -1.64
C ALA A 372 29.58 -30.63 -2.93
N LYS A 373 28.84 -31.72 -2.97
CA LYS A 373 28.73 -32.45 -4.22
C LYS A 373 27.60 -31.95 -5.12
N THR A 374 26.62 -31.25 -4.55
CA THR A 374 25.55 -30.68 -5.35
C THR A 374 25.93 -29.33 -5.97
N LEU A 375 26.60 -28.47 -5.22
CA LEU A 375 27.00 -27.18 -5.79
C LEU A 375 28.20 -27.36 -6.69
N SER A 376 28.42 -26.39 -7.57
CA SER A 376 29.52 -26.50 -8.51
C SER A 376 30.02 -25.13 -8.93
N TYR A 377 31.22 -25.12 -9.51
CA TYR A 377 31.83 -23.92 -10.04
C TYR A 377 32.38 -24.23 -11.42
N PRO A 378 32.08 -23.45 -12.44
CA PRO A 378 32.61 -23.77 -13.77
C PRO A 378 34.00 -23.22 -14.01
N GLU A 379 35.01 -24.07 -13.85
CA GLU A 379 36.39 -23.65 -14.00
C GLU A 379 36.85 -23.84 -15.44
N THR A 380 37.36 -22.77 -16.04
CA THR A 380 37.87 -22.83 -17.41
C THR A 380 39.18 -23.61 -17.48
N VAL A 381 39.30 -24.45 -18.50
CA VAL A 381 40.45 -25.33 -18.71
C VAL A 381 41.57 -24.51 -19.36
N THR A 382 42.76 -24.53 -18.74
CA THR A 382 43.94 -23.89 -19.31
C THR A 382 45.11 -24.85 -19.28
N GLN A 383 46.23 -24.41 -19.88
CA GLN A 383 47.46 -25.19 -19.88
C GLN A 383 47.97 -25.52 -18.48
N TYR A 384 47.66 -24.71 -17.46
CA TYR A 384 48.23 -24.91 -16.15
C TYR A 384 47.42 -25.86 -15.28
N ASN A 385 46.20 -26.17 -15.64
CA ASN A 385 45.36 -27.04 -14.83
C ASN A 385 44.73 -28.22 -15.57
N ILE A 386 45.07 -28.43 -16.84
CA ILE A 386 44.42 -29.46 -17.65
C ILE A 386 44.67 -30.87 -17.09
N HIS A 387 45.88 -31.12 -16.60
CA HIS A 387 46.18 -32.43 -16.02
C HIS A 387 45.36 -32.64 -14.75
N ARG A 388 45.34 -31.63 -13.88
CA ARG A 388 44.57 -31.64 -12.65
C ARG A 388 43.08 -31.89 -12.91
N LEU A 389 42.51 -31.23 -13.92
CA LEU A 389 41.08 -31.32 -14.18
C LEU A 389 40.67 -32.66 -14.77
N THR A 390 41.54 -33.32 -15.52
CA THR A 390 41.22 -34.66 -16.03
C THR A 390 41.01 -35.66 -14.90
N GLU A 391 41.77 -35.53 -13.82
CA GLU A 391 41.60 -36.41 -12.66
C GLU A 391 40.19 -36.31 -12.10
N TYR A 392 39.67 -35.08 -11.98
CA TYR A 392 38.29 -34.88 -11.54
C TYR A 392 37.28 -35.56 -12.46
N VAL A 393 37.51 -35.50 -13.77
CA VAL A 393 36.59 -36.10 -14.73
C VAL A 393 36.50 -37.62 -14.55
N ARG A 394 37.64 -38.31 -14.33
CA ARG A 394 37.60 -39.75 -14.12
C ARG A 394 36.85 -40.13 -12.85
N ASN A 395 36.97 -39.31 -11.80
CA ASN A 395 36.27 -39.64 -10.56
C ASN A 395 34.76 -39.54 -10.71
N GLY A 396 34.27 -38.64 -11.53
CA GLY A 396 32.87 -38.61 -11.83
C GLY A 396 32.05 -37.90 -10.78
N PRO A 397 30.73 -37.90 -10.94
CA PRO A 397 29.86 -37.13 -10.04
C PRO A 397 29.71 -37.71 -8.65
N ASN A 398 30.11 -38.95 -8.40
CA ASN A 398 29.80 -39.58 -7.11
C ASN A 398 30.99 -39.76 -6.19
N GLU A 399 32.20 -39.48 -6.64
CA GLU A 399 33.38 -39.59 -5.80
C GLU A 399 34.02 -38.21 -5.70
N HIS A 400 34.33 -37.80 -4.51
CA HIS A 400 34.90 -36.50 -4.24
C HIS A 400 36.39 -36.63 -4.00
N PRO A 401 37.21 -35.80 -4.65
CA PRO A 401 36.87 -34.65 -5.49
C PRO A 401 36.56 -34.95 -6.96
N GLY A 402 35.38 -34.54 -7.42
CA GLY A 402 34.94 -34.90 -8.75
C GLY A 402 34.33 -33.78 -9.55
N ALA A 403 33.46 -34.11 -10.51
CA ALA A 403 32.97 -33.13 -11.46
C ALA A 403 31.68 -33.63 -12.07
N LYS A 404 30.85 -32.69 -12.54
CA LYS A 404 29.52 -33.02 -13.01
C LYS A 404 29.30 -32.82 -14.50
N TYR A 405 29.89 -31.80 -15.12
CA TYR A 405 29.63 -31.56 -16.52
C TYR A 405 30.90 -31.12 -17.23
N VAL A 406 30.96 -31.33 -18.54
CA VAL A 406 31.98 -30.72 -19.38
C VAL A 406 31.26 -29.91 -20.43
N ILE A 407 31.55 -28.62 -20.49
CA ILE A 407 30.86 -27.70 -21.39
C ILE A 407 31.77 -27.26 -22.53
N ARG A 408 31.36 -27.55 -23.76
CA ARG A 408 32.11 -27.09 -24.92
C ARG A 408 31.80 -25.63 -25.21
N ASP A 409 32.66 -25.01 -26.01
CA ASP A 409 32.44 -23.66 -26.52
C ASP A 409 31.14 -23.48 -27.28
N ASN A 410 30.48 -24.54 -27.73
CA ASN A 410 29.22 -24.37 -28.43
C ASN A 410 28.05 -24.33 -27.46
N GLY A 411 28.24 -24.90 -26.27
CA GLY A 411 27.27 -24.89 -25.20
C GLY A 411 26.69 -26.24 -24.84
N ASP A 412 26.92 -27.27 -25.64
CA ASP A 412 26.44 -28.61 -25.33
C ASP A 412 27.05 -29.15 -24.05
N ARG A 413 26.21 -29.50 -23.08
CA ARG A 413 26.71 -30.10 -21.85
C ARG A 413 26.73 -31.61 -21.94
N ILE A 414 27.79 -32.21 -21.43
CA ILE A 414 27.88 -33.66 -21.31
C ILE A 414 27.61 -34.02 -19.86
N ASP A 415 26.52 -34.73 -19.64
CA ASP A 415 26.08 -35.09 -18.30
C ASP A 415 26.86 -36.33 -17.85
N LEU A 416 27.70 -36.18 -16.85
CA LEU A 416 28.58 -37.27 -16.44
C LEU A 416 27.87 -38.33 -15.62
N ARG A 417 26.58 -38.20 -15.32
CA ARG A 417 25.89 -39.32 -14.70
C ARG A 417 25.65 -40.42 -15.71
N TYR A 418 25.40 -40.08 -16.97
CA TYR A 418 24.96 -41.05 -17.97
C TYR A 418 26.02 -41.33 -19.02
N HIS A 419 27.20 -40.77 -18.91
CA HIS A 419 28.23 -41.02 -19.91
C HIS A 419 29.05 -42.23 -19.48
N LYS A 420 28.82 -43.34 -20.16
CA LYS A 420 29.45 -44.63 -19.89
C LYS A 420 30.85 -44.71 -20.47
N ARG A 421 31.19 -43.81 -21.40
CA ARG A 421 32.53 -43.80 -21.95
C ARG A 421 33.24 -42.55 -21.45
N ALA A 422 33.20 -42.34 -20.13
CA ALA A 422 33.84 -41.18 -19.51
C ALA A 422 35.35 -41.19 -19.66
N GLY A 423 35.95 -42.38 -19.72
CA GLY A 423 37.38 -42.52 -19.94
C GLY A 423 37.87 -42.06 -21.29
N ASP A 424 36.99 -41.90 -22.27
CA ASP A 424 37.38 -41.45 -23.60
C ASP A 424 37.15 -39.96 -23.84
N ILE A 425 37.10 -39.13 -22.81
CA ILE A 425 37.02 -37.70 -23.01
C ILE A 425 38.41 -37.08 -22.92
N VAL A 426 38.78 -36.26 -23.89
CA VAL A 426 40.02 -35.49 -23.90
C VAL A 426 39.61 -34.02 -23.86
N LEU A 427 40.15 -33.28 -22.89
CA LEU A 427 39.76 -31.88 -22.75
C LEU A 427 40.56 -30.96 -23.66
N GLN A 428 39.86 -30.03 -24.29
CA GLN A 428 40.43 -28.98 -25.11
C GLN A 428 40.47 -27.70 -24.29
N TYR A 429 41.54 -26.91 -24.44
CA TYR A 429 41.57 -25.56 -23.90
C TYR A 429 40.34 -24.76 -24.26
N GLY A 430 39.87 -23.94 -23.32
CA GLY A 430 38.71 -23.12 -23.53
C GLY A 430 37.38 -23.76 -23.15
N TRP A 431 37.32 -25.09 -23.09
CA TRP A 431 36.18 -25.78 -22.50
C TRP A 431 36.02 -25.44 -21.02
N LYS A 432 34.87 -25.81 -20.47
CA LYS A 432 34.62 -25.63 -19.05
C LYS A 432 34.29 -26.95 -18.39
N VAL A 433 34.82 -27.16 -17.19
CA VAL A 433 34.48 -28.30 -16.34
C VAL A 433 33.77 -27.78 -15.10
N GLU A 434 32.54 -28.23 -14.87
CA GLU A 434 31.83 -27.85 -13.64
C GLU A 434 32.25 -28.80 -12.53
N ARG A 435 33.30 -28.45 -11.79
CA ARG A 435 33.81 -29.32 -10.75
C ARG A 435 33.09 -29.06 -9.43
N HIS A 436 33.25 -30.01 -8.51
CA HIS A 436 32.71 -29.90 -7.18
C HIS A 436 33.33 -28.72 -6.44
N LEU A 437 32.60 -28.24 -5.44
CA LEU A 437 33.12 -27.24 -4.53
C LEU A 437 34.28 -27.84 -3.73
N MET A 438 35.34 -27.06 -3.55
CA MET A 438 36.59 -27.56 -3.00
C MET A 438 37.19 -26.53 -2.08
N ASP A 439 38.17 -26.97 -1.29
CA ASP A 439 38.82 -26.18 -0.26
C ASP A 439 39.33 -24.85 -0.81
N ASP A 440 39.11 -23.80 -0.02
CA ASP A 440 39.48 -22.40 -0.21
C ASP A 440 38.72 -21.68 -1.31
N ASP A 441 37.73 -22.30 -1.96
CA ASP A 441 36.81 -21.54 -2.77
C ASP A 441 36.06 -20.52 -1.92
N PRO A 442 35.96 -19.26 -2.35
CA PRO A 442 35.15 -18.28 -1.63
C PRO A 442 33.67 -18.45 -1.92
N VAL A 443 32.85 -18.30 -0.89
CA VAL A 443 31.40 -18.34 -1.00
C VAL A 443 30.82 -17.23 -0.15
N LEU A 444 29.66 -16.73 -0.56
CA LEU A 444 28.95 -15.70 0.17
C LEU A 444 27.98 -16.33 1.16
N PHE A 445 28.08 -15.92 2.42
CA PHE A 445 27.33 -16.54 3.49
C PHE A 445 26.40 -15.49 4.06
N ASN A 446 25.22 -15.89 4.49
CA ASN A 446 24.16 -14.92 4.71
C ASN A 446 23.12 -15.47 5.68
N ARG A 447 22.71 -14.68 6.68
CA ARG A 447 21.56 -15.01 7.52
C ARG A 447 20.50 -13.93 7.43
N GLN A 448 19.26 -14.33 7.21
CA GLN A 448 18.14 -13.40 7.28
C GLN A 448 17.69 -13.14 8.70
N PRO A 449 17.20 -11.93 9.01
CA PRO A 449 17.03 -10.73 8.19
C PRO A 449 18.34 -9.96 8.02
N SER A 450 18.63 -9.50 6.80
CA SER A 450 19.89 -8.83 6.47
C SER A 450 19.83 -7.35 6.86
N LEU A 451 20.04 -7.07 8.14
CA LEU A 451 19.79 -5.73 8.64
C LEU A 451 20.91 -4.75 8.29
N HIS A 452 22.11 -5.22 8.04
CA HIS A 452 23.24 -4.33 7.75
C HIS A 452 24.25 -5.16 6.97
N LYS A 453 25.32 -4.50 6.49
CA LYS A 453 26.16 -5.10 5.46
C LYS A 453 26.93 -6.30 5.96
N MET A 454 27.19 -6.41 7.26
CA MET A 454 27.88 -7.60 7.72
C MET A 454 26.95 -8.78 7.93
N SER A 455 25.72 -8.73 7.45
CA SER A 455 24.93 -9.93 7.26
C SER A 455 25.35 -10.74 6.04
N MET A 456 26.26 -10.23 5.21
CA MET A 456 26.70 -11.00 4.04
C MET A 456 28.21 -10.84 3.92
N MET A 457 28.96 -11.87 4.33
CA MET A 457 30.41 -11.84 4.25
C MET A 457 30.88 -13.07 3.51
N ALA A 458 32.04 -12.95 2.86
CA ALA A 458 32.63 -14.07 2.14
C ALA A 458 33.49 -14.93 3.04
N HIS A 459 33.21 -16.22 3.08
CA HIS A 459 34.04 -17.17 3.83
C HIS A 459 34.74 -18.13 2.87
N ARG A 460 35.85 -18.71 3.32
CA ARG A 460 36.53 -19.81 2.64
C ARG A 460 35.96 -21.17 3.04
N VAL A 461 35.53 -21.95 2.05
CA VAL A 461 34.99 -23.29 2.29
C VAL A 461 36.03 -24.22 2.91
N LYS A 462 35.63 -25.01 3.90
CA LYS A 462 36.33 -26.23 4.28
C LYS A 462 35.34 -27.39 4.32
N VAL A 463 35.51 -28.37 3.43
CA VAL A 463 34.59 -29.50 3.35
C VAL A 463 34.80 -30.44 4.52
N MET A 464 33.71 -30.88 5.15
CA MET A 464 33.68 -31.60 6.42
C MET A 464 32.54 -32.61 6.42
N PRO A 465 32.63 -33.69 7.18
CA PRO A 465 31.47 -34.58 7.36
C PRO A 465 30.40 -33.93 8.21
N TYR A 466 29.22 -34.59 8.28
CA TYR A 466 28.03 -34.13 9.02
C TYR A 466 27.38 -32.92 8.38
N SER A 467 26.11 -32.68 8.66
CA SER A 467 25.23 -31.91 7.79
C SER A 467 24.97 -30.48 8.22
N THR A 468 25.71 -29.95 9.19
CA THR A 468 25.51 -28.58 9.60
C THR A 468 26.57 -27.70 8.95
N PHE A 469 26.28 -26.41 8.81
CA PHE A 469 27.33 -25.43 8.52
C PHE A 469 28.13 -25.05 9.75
N ARG A 470 29.44 -25.04 9.64
CA ARG A 470 30.27 -24.68 10.77
C ARG A 470 30.80 -23.28 10.65
N LEU A 471 30.73 -22.53 11.74
CA LEU A 471 31.22 -21.17 11.81
C LEU A 471 32.20 -21.11 12.96
N ASN A 472 33.29 -20.37 12.79
CA ASN A 472 34.08 -20.03 13.95
C ASN A 472 33.21 -19.14 14.83
N LEU A 473 33.34 -19.32 16.14
CA LEU A 473 32.41 -18.70 17.09
C LEU A 473 32.45 -17.18 17.12
N SER A 474 33.55 -16.56 16.71
CA SER A 474 33.63 -15.13 16.83
C SER A 474 32.85 -14.39 15.76
N VAL A 475 32.30 -15.07 14.76
CA VAL A 475 31.44 -14.40 13.79
C VAL A 475 29.96 -14.47 14.11
N THR A 476 29.56 -15.11 15.22
CA THR A 476 28.14 -15.17 15.56
C THR A 476 27.57 -13.77 15.81
N SER A 477 28.39 -12.85 16.34
CA SER A 477 27.87 -11.54 16.74
C SER A 477 27.41 -10.71 15.54
N PRO A 478 28.22 -10.45 14.49
CA PRO A 478 27.70 -9.67 13.35
C PRO A 478 26.51 -10.28 12.65
N TYR A 479 26.39 -11.61 12.61
CA TYR A 479 25.21 -12.19 12.01
C TYR A 479 24.00 -12.15 12.94
N ASN A 480 24.23 -11.82 14.21
CA ASN A 480 23.27 -12.01 15.31
C ASN A 480 22.72 -13.44 15.30
N ALA A 481 23.61 -14.37 15.01
CA ALA A 481 23.36 -15.79 14.92
C ALA A 481 23.60 -16.44 16.26
N ASP A 482 22.86 -17.51 16.53
CA ASP A 482 23.24 -18.46 17.55
C ASP A 482 22.84 -19.84 17.04
N PHE A 483 22.93 -20.84 17.89
CA PHE A 483 22.84 -22.22 17.43
C PHE A 483 21.67 -22.90 18.10
N ASP A 484 20.56 -22.18 18.23
CA ASP A 484 19.37 -22.75 18.80
C ASP A 484 18.36 -23.18 17.76
N GLY A 485 18.80 -23.44 16.53
CA GLY A 485 17.90 -23.75 15.44
C GLY A 485 17.99 -22.86 14.23
N ASP A 486 18.64 -21.70 14.31
CA ASP A 486 18.94 -20.82 13.18
C ASP A 486 19.40 -21.56 11.94
N GLU A 487 19.03 -21.04 10.78
CA GLU A 487 19.55 -21.52 9.53
C GLU A 487 20.22 -20.38 8.79
N MET A 488 21.15 -20.71 7.90
CA MET A 488 21.84 -19.70 7.14
C MET A 488 21.98 -20.15 5.70
N ASN A 489 22.25 -19.21 4.82
CA ASN A 489 22.22 -19.42 3.38
C ASN A 489 23.61 -19.28 2.82
N LEU A 490 23.91 -20.04 1.79
CA LEU A 490 25.22 -20.00 1.16
C LEU A 490 25.01 -19.80 -0.32
N HIS A 491 25.79 -18.90 -0.91
CA HIS A 491 25.71 -18.63 -2.33
C HIS A 491 27.08 -18.77 -2.97
N VAL A 492 27.13 -19.45 -4.11
CA VAL A 492 28.39 -19.79 -4.76
C VAL A 492 28.53 -18.89 -5.99
N PRO A 493 29.56 -18.05 -6.06
CA PRO A 493 29.77 -17.27 -7.28
C PRO A 493 30.12 -18.19 -8.43
N GLN A 494 29.74 -17.78 -9.64
CA GLN A 494 29.80 -18.66 -10.79
C GLN A 494 30.80 -18.23 -11.86
N SER A 495 31.73 -17.33 -11.55
CA SER A 495 32.68 -16.92 -12.56
C SER A 495 33.94 -16.39 -11.89
N GLU A 496 34.99 -16.30 -12.70
CA GLU A 496 36.27 -15.73 -12.28
C GLU A 496 36.17 -14.29 -11.78
N GLU A 497 35.31 -13.47 -12.37
CA GLU A 497 35.24 -12.07 -11.95
C GLU A 497 34.67 -11.90 -10.55
N THR A 498 33.65 -12.67 -10.22
CA THR A 498 33.00 -12.51 -8.93
C THR A 498 33.72 -13.19 -7.79
N ARG A 499 34.46 -14.28 -8.04
CA ARG A 499 35.38 -14.78 -7.03
C ARG A 499 36.32 -13.69 -6.55
N ALA A 500 36.91 -12.94 -7.47
CA ALA A 500 37.85 -11.90 -7.06
C ALA A 500 37.16 -10.78 -6.31
N GLU A 501 35.92 -10.44 -6.71
CA GLU A 501 35.16 -9.41 -5.99
C GLU A 501 34.87 -9.82 -4.57
N LEU A 502 34.53 -11.10 -4.35
CA LEU A 502 34.27 -11.61 -3.02
C LEU A 502 35.51 -11.53 -2.14
N SER A 503 36.64 -12.06 -2.60
CA SER A 503 37.82 -12.12 -1.76
C SER A 503 38.44 -10.75 -1.51
N GLN A 504 38.26 -9.78 -2.41
CA GLN A 504 38.94 -8.50 -2.25
C GLN A 504 38.04 -7.39 -1.74
N LEU A 505 36.75 -7.64 -1.56
CA LEU A 505 35.86 -6.61 -1.02
C LEU A 505 35.03 -7.10 0.14
N CYS A 506 34.53 -8.32 0.09
CA CYS A 506 33.54 -8.78 1.05
C CYS A 506 34.10 -9.71 2.10
N ALA A 507 35.36 -10.13 1.97
CA ALA A 507 35.97 -11.12 2.86
C ALA A 507 35.93 -10.68 4.31
N VAL A 508 35.70 -11.65 5.20
CA VAL A 508 35.60 -11.48 6.66
C VAL A 508 36.65 -10.56 7.29
N PRO A 509 37.96 -10.69 7.07
CA PRO A 509 38.91 -9.81 7.78
C PRO A 509 38.75 -8.33 7.44
N LEU A 510 38.33 -8.00 6.22
CA LEU A 510 38.05 -6.60 5.85
C LEU A 510 36.86 -6.02 6.61
N GLN A 511 36.04 -6.85 7.25
CA GLN A 511 34.80 -6.42 7.86
C GLN A 511 34.90 -6.29 9.37
N ILE A 512 36.09 -6.48 9.93
CA ILE A 512 36.29 -6.51 11.38
C ILE A 512 35.86 -5.20 12.02
N VAL A 513 36.20 -4.08 11.40
CA VAL A 513 35.78 -2.76 11.83
C VAL A 513 34.60 -2.32 10.98
N SER A 514 33.53 -1.85 11.63
CA SER A 514 32.38 -1.41 10.90
C SER A 514 32.28 0.09 10.85
N PRO A 515 31.82 0.67 9.74
CA PRO A 515 31.63 2.12 9.69
C PRO A 515 30.48 2.63 10.54
N GLN A 516 29.64 1.76 11.10
CA GLN A 516 28.51 2.20 11.88
C GLN A 516 28.94 3.02 13.09
N SER A 517 29.93 2.55 13.82
CA SER A 517 30.33 3.25 15.03
C SER A 517 31.84 3.33 15.22
N ASN A 518 32.60 3.22 14.13
CA ASN A 518 34.08 3.23 14.00
C ASN A 518 34.74 2.41 15.10
N LYS A 519 34.33 1.14 15.16
CA LYS A 519 34.77 0.22 16.18
C LYS A 519 34.52 -1.20 15.68
N PRO A 520 35.14 -2.21 16.28
CA PRO A 520 34.90 -3.57 15.81
C PRO A 520 33.50 -4.08 16.12
N VAL A 521 33.06 -5.03 15.30
CA VAL A 521 31.81 -5.75 15.58
C VAL A 521 32.06 -7.20 15.90
N MET A 522 33.30 -7.63 15.98
CA MET A 522 33.59 -9.00 16.39
C MET A 522 34.60 -8.93 17.51
N GLY A 523 34.42 -9.79 18.49
CA GLY A 523 35.41 -9.94 19.52
C GLY A 523 35.46 -11.35 20.05
N ILE A 524 36.19 -11.52 21.09
CA ILE A 524 36.25 -12.80 21.78
C ILE A 524 34.97 -12.87 22.61
N VAL A 525 34.31 -14.02 22.62
CA VAL A 525 32.97 -14.15 23.19
C VAL A 525 32.89 -15.43 24.02
N GLN A 526 31.81 -15.49 24.81
CA GLN A 526 31.24 -16.61 25.57
C GLN A 526 32.35 -17.39 26.28
N ASP A 527 32.50 -18.69 26.05
CA ASP A 527 33.49 -19.52 26.75
C ASP A 527 34.89 -18.94 26.71
N THR A 528 35.33 -18.51 25.53
CA THR A 528 36.70 -18.06 25.37
C THR A 528 36.92 -16.76 26.12
N LEU A 529 35.87 -15.96 26.29
CA LEU A 529 36.00 -14.69 26.97
C LEU A 529 35.94 -14.90 28.48
N CYS A 530 34.99 -15.71 28.94
CA CYS A 530 34.97 -16.16 30.32
C CYS A 530 36.29 -16.80 30.72
N GLY A 531 36.81 -17.69 29.88
CA GLY A 531 38.02 -18.40 30.21
C GLY A 531 39.26 -17.52 30.21
N VAL A 532 39.30 -16.51 29.35
CA VAL A 532 40.51 -15.71 29.23
C VAL A 532 40.66 -14.79 30.44
N ARG A 533 39.55 -14.40 31.07
CA ARG A 533 39.66 -13.68 32.33
C ARG A 533 40.28 -14.56 33.40
N LYS A 534 39.75 -15.77 33.58
CA LYS A 534 40.29 -16.73 34.55
C LYS A 534 41.76 -17.02 34.30
N MET A 535 42.15 -17.18 33.03
CA MET A 535 43.53 -17.52 32.71
C MET A 535 44.49 -16.38 32.99
N THR A 536 44.07 -15.13 32.82
CA THR A 536 45.02 -14.04 32.98
C THR A 536 44.99 -13.41 34.37
N LEU A 537 44.28 -14.02 35.32
CA LEU A 537 44.40 -13.65 36.72
C LEU A 537 45.85 -13.74 37.18
N ARG A 538 46.21 -12.88 38.13
CA ARG A 538 47.57 -12.73 38.60
C ARG A 538 48.14 -14.03 39.16
N ASP A 539 47.30 -14.85 39.80
CA ASP A 539 47.76 -16.11 40.39
C ASP A 539 47.41 -17.36 39.59
N THR A 540 47.41 -17.31 38.28
CA THR A 540 47.32 -18.51 37.46
C THR A 540 48.70 -18.96 37.01
N PHE A 541 49.12 -20.13 37.46
CA PHE A 541 50.44 -20.62 37.08
C PHE A 541 50.30 -21.97 36.41
N ILE A 542 51.21 -22.25 35.48
CA ILE A 542 51.11 -23.42 34.61
C ILE A 542 52.48 -24.09 34.59
N GLU A 543 52.50 -25.37 34.89
CA GLU A 543 53.76 -26.10 34.89
C GLU A 543 54.22 -26.39 33.46
N TYR A 544 55.47 -26.81 33.37
CA TYR A 544 56.20 -26.91 32.11
C TYR A 544 55.54 -27.86 31.10
N GLU A 545 55.12 -29.04 31.55
CA GLU A 545 54.58 -30.05 30.64
C GLU A 545 53.35 -29.55 29.89
N GLN A 546 52.48 -28.79 30.57
CA GLN A 546 51.31 -28.24 29.93
C GLN A 546 51.64 -27.07 29.01
N VAL A 547 52.58 -26.21 29.42
CA VAL A 547 53.08 -25.09 28.61
C VAL A 547 53.52 -25.47 27.22
N MET A 548 54.21 -26.61 27.08
CA MET A 548 54.70 -27.03 25.77
C MET A 548 53.56 -27.31 24.82
N ASN A 549 52.50 -27.97 25.29
CA ASN A 549 51.33 -28.20 24.47
C ASN A 549 50.69 -26.90 24.01
N MET A 550 50.51 -25.96 24.94
CA MET A 550 49.86 -24.68 24.64
C MET A 550 50.61 -23.87 23.60
N LEU A 551 51.95 -23.87 23.66
CA LEU A 551 52.72 -23.15 22.65
C LEU A 551 52.48 -23.77 21.29
N PHE A 552 52.51 -25.10 21.20
CA PHE A 552 52.33 -25.80 19.93
C PHE A 552 50.93 -25.60 19.37
N TRP A 553 49.98 -25.19 20.19
CA TRP A 553 48.61 -24.99 19.76
C TRP A 553 48.44 -23.69 18.99
N VAL A 554 49.41 -22.78 19.12
CA VAL A 554 49.43 -21.54 18.36
C VAL A 554 50.03 -21.70 16.97
N PRO A 555 49.24 -21.59 15.90
CA PRO A 555 49.78 -21.79 14.54
C PRO A 555 50.90 -20.84 14.16
N SER A 556 50.85 -19.60 14.63
CA SER A 556 51.83 -18.58 14.27
C SER A 556 53.08 -18.56 15.14
N TRP A 557 53.21 -19.47 16.11
CA TRP A 557 54.35 -19.50 17.01
C TRP A 557 55.68 -19.68 16.27
N ASP A 558 56.69 -18.92 16.71
CA ASP A 558 58.00 -18.89 16.08
C ASP A 558 58.95 -19.97 16.56
N GLY A 559 58.49 -20.88 17.41
CA GLY A 559 59.28 -21.99 17.91
C GLY A 559 60.17 -21.70 19.11
N VAL A 560 60.17 -20.47 19.63
CA VAL A 560 60.99 -20.12 20.79
C VAL A 560 60.14 -20.13 22.06
N VAL A 561 60.35 -21.10 22.93
CA VAL A 561 59.66 -21.14 24.22
C VAL A 561 60.17 -20.00 25.10
N PRO A 562 59.30 -19.16 25.65
CA PRO A 562 59.78 -18.07 26.49
C PRO A 562 60.14 -18.52 27.89
N GLN A 563 61.05 -17.77 28.51
CA GLN A 563 61.56 -18.10 29.83
C GLN A 563 60.46 -18.02 30.87
N PRO A 564 60.42 -18.95 31.81
CA PRO A 564 59.39 -18.93 32.84
C PRO A 564 59.54 -17.73 33.76
N ALA A 565 58.40 -17.30 34.30
CA ALA A 565 58.39 -16.21 35.25
C ALA A 565 59.09 -16.59 36.55
N ILE A 566 58.94 -17.83 36.99
CA ILE A 566 59.63 -18.36 38.15
C ILE A 566 60.63 -19.42 37.72
N LEU A 567 61.91 -19.22 38.00
CA LEU A 567 62.90 -20.23 37.70
C LEU A 567 63.13 -21.24 38.81
N LYS A 568 63.14 -20.82 40.07
CA LYS A 568 63.50 -21.73 41.14
C LYS A 568 62.54 -21.49 42.30
N PRO A 569 62.08 -22.54 43.00
CA PRO A 569 62.39 -23.98 42.98
C PRO A 569 61.71 -24.83 41.93
N LYS A 570 60.91 -24.24 41.06
CA LYS A 570 60.20 -25.04 40.07
C LYS A 570 59.87 -24.09 38.94
N PRO A 571 60.07 -24.47 37.68
CA PRO A 571 59.72 -23.56 36.57
C PRO A 571 58.22 -23.43 36.44
N LEU A 572 57.74 -22.18 36.46
CA LEU A 572 56.33 -21.85 36.36
C LEU A 572 56.16 -20.62 35.49
N TRP A 573 55.22 -20.69 34.57
CA TRP A 573 54.81 -19.57 33.75
C TRP A 573 53.50 -19.00 34.26
N THR A 574 53.34 -17.69 34.07
CA THR A 574 52.06 -17.08 34.39
C THR A 574 51.19 -17.14 33.15
N GLY A 575 49.88 -17.04 33.36
CA GLY A 575 48.93 -16.99 32.26
C GLY A 575 49.16 -15.86 31.27
N LYS A 576 49.51 -14.67 31.78
CA LYS A 576 49.77 -13.52 30.91
C LYS A 576 50.90 -13.77 29.92
N GLN A 577 51.89 -14.60 30.25
CA GLN A 577 52.98 -14.83 29.31
C GLN A 577 52.53 -15.62 28.09
N LEU A 578 51.71 -16.65 28.31
CA LEU A 578 51.31 -17.51 27.20
C LEU A 578 50.29 -16.83 26.31
N LEU A 579 49.35 -16.08 26.89
CA LEU A 579 48.45 -15.24 26.09
C LEU A 579 49.24 -14.29 25.20
N SER A 580 50.35 -13.75 25.72
CA SER A 580 51.17 -12.80 24.98
C SER A 580 51.83 -13.41 23.75
N ILE A 581 52.02 -14.73 23.73
CA ILE A 581 52.50 -15.40 22.53
C ILE A 581 51.54 -15.17 21.36
N ALA A 582 50.24 -15.13 21.63
CA ALA A 582 49.27 -14.96 20.56
C ALA A 582 49.20 -13.53 20.03
N ILE A 583 49.72 -12.55 20.76
CA ILE A 583 49.71 -11.16 20.28
C ILE A 583 50.97 -10.87 19.49
N PRO A 584 50.85 -10.32 18.28
CA PRO A 584 52.05 -10.02 17.49
C PRO A 584 52.86 -8.90 18.13
N SER A 585 54.15 -8.87 17.80
CA SER A 585 55.06 -7.88 18.36
C SER A 585 54.80 -6.49 17.80
N GLY A 586 55.33 -5.49 18.51
CA GLY A 586 55.13 -4.10 18.14
C GLY A 586 53.81 -3.48 18.52
N ILE A 587 53.04 -4.09 19.40
CA ILE A 587 51.73 -3.58 19.78
C ILE A 587 51.78 -2.90 21.15
N HIS A 588 51.43 -1.62 21.19
CA HIS A 588 51.40 -0.85 22.43
C HIS A 588 50.01 -0.31 22.70
N LEU A 589 49.57 -0.49 23.94
CA LEU A 589 48.26 -0.08 24.37
C LEU A 589 48.32 0.23 25.85
N GLN A 590 47.72 1.32 26.26
CA GLN A 590 47.68 1.73 27.65
C GLN A 590 46.25 2.15 27.94
N ARG A 591 45.70 1.66 29.03
CA ARG A 591 44.39 2.13 29.47
C ARG A 591 44.39 2.17 30.99
N THR A 592 43.78 3.22 31.53
CA THR A 592 43.67 3.42 32.97
C THR A 592 42.22 3.27 33.41
N ASP A 593 41.98 2.35 34.33
CA ASP A 593 40.67 2.17 34.95
C ASP A 593 40.73 2.72 36.37
N GLY A 594 39.84 3.65 36.66
CA GLY A 594 39.70 4.28 37.96
C GLY A 594 40.96 4.85 38.59
N GLY A 595 41.73 5.59 37.79
CA GLY A 595 42.94 6.25 38.25
C GLY A 595 43.99 5.37 38.89
N ASN A 596 44.14 4.13 38.40
CA ASN A 596 45.10 3.21 38.99
C ASN A 596 46.55 3.67 38.76
N SER A 597 47.40 3.27 39.68
CA SER A 597 48.83 3.54 39.56
C SER A 597 49.49 2.42 38.79
N LEU A 598 50.75 2.65 38.41
CA LEU A 598 51.54 1.61 37.77
C LEU A 598 51.79 0.38 38.64
N LEU A 599 51.55 0.47 39.95
CA LEU A 599 51.66 -0.68 40.82
C LEU A 599 50.40 -1.51 40.90
N SER A 600 49.28 -1.03 40.31
CA SER A 600 47.95 -1.64 40.13
C SER A 600 47.52 -2.59 41.24
N PRO A 601 47.21 -2.09 42.45
CA PRO A 601 46.77 -2.97 43.54
C PRO A 601 45.55 -3.82 43.24
N LYS A 602 44.59 -3.31 42.50
CA LYS A 602 43.38 -4.07 42.23
C LYS A 602 43.53 -4.98 41.03
N ASP A 603 44.70 -4.98 40.39
CA ASP A 603 45.00 -5.72 39.16
C ASP A 603 44.09 -5.30 38.00
N ASN A 604 43.74 -4.02 37.94
CA ASN A 604 42.95 -3.48 36.86
C ASN A 604 43.83 -2.66 35.91
N GLY A 605 43.19 -1.97 34.98
CA GLY A 605 43.86 -1.35 33.85
C GLY A 605 44.47 -2.37 32.90
N MET A 606 45.29 -1.85 31.98
CA MET A 606 45.93 -2.67 30.97
C MET A 606 47.16 -1.94 30.44
N LEU A 607 48.25 -2.68 30.31
CA LEU A 607 49.49 -2.15 29.74
C LEU A 607 50.13 -3.20 28.86
N ILE A 608 50.30 -2.90 27.58
CA ILE A 608 50.93 -3.84 26.68
C ILE A 608 52.10 -3.15 26.00
N VAL A 609 53.27 -3.78 26.05
CA VAL A 609 54.52 -3.25 25.53
C VAL A 609 55.16 -4.34 24.68
N ASP A 610 55.43 -4.02 23.42
CA ASP A 610 56.03 -4.92 22.44
C ASP A 610 55.33 -6.27 22.39
N GLY A 611 54.00 -6.24 22.38
CA GLY A 611 53.25 -7.48 22.31
C GLY A 611 53.35 -8.36 23.52
N LYS A 612 53.66 -7.80 24.70
CA LYS A 612 53.76 -8.59 25.91
C LYS A 612 52.94 -7.92 26.98
N VAL A 613 52.13 -8.68 27.70
CA VAL A 613 51.27 -8.13 28.72
C VAL A 613 52.09 -7.86 29.97
N MET A 614 52.22 -6.59 30.34
CA MET A 614 52.89 -6.27 31.59
C MET A 614 52.00 -6.52 32.79
N PHE A 615 50.84 -5.86 32.87
CA PHE A 615 49.91 -6.18 33.94
C PHE A 615 48.48 -6.02 33.43
N GLY A 616 47.53 -6.50 34.23
CA GLY A 616 46.13 -6.35 33.89
C GLY A 616 45.40 -7.61 33.51
N VAL A 617 44.32 -7.91 34.26
CA VAL A 617 43.35 -8.89 33.81
C VAL A 617 42.77 -8.51 32.46
N VAL A 618 42.72 -9.49 31.57
CA VAL A 618 42.15 -9.34 30.24
C VAL A 618 40.68 -9.70 30.28
N ASP A 619 39.80 -8.74 30.02
CA ASP A 619 38.37 -8.97 30.12
C ASP A 619 37.70 -8.23 28.96
N LYS A 620 36.37 -8.02 29.06
CA LYS A 620 35.61 -7.40 27.99
C LYS A 620 36.12 -6.02 27.59
N LYS A 621 36.69 -5.26 28.53
CA LYS A 621 37.21 -3.94 28.17
C LYS A 621 38.41 -3.99 27.23
N THR A 622 39.13 -5.10 27.16
CA THR A 622 40.31 -5.17 26.31
C THR A 622 40.10 -5.99 25.04
N VAL A 623 39.49 -7.17 25.14
CA VAL A 623 39.35 -8.08 24.01
C VAL A 623 37.91 -8.21 23.56
N GLY A 624 37.02 -7.41 24.12
CA GLY A 624 35.66 -7.35 23.65
C GLY A 624 35.54 -6.60 22.35
N SER A 625 34.35 -6.10 22.03
CA SER A 625 34.17 -5.43 20.77
C SER A 625 34.23 -3.92 20.91
N GLY A 626 34.60 -3.43 22.09
CA GLY A 626 34.66 -2.00 22.31
C GLY A 626 35.70 -1.30 21.46
N GLY A 627 35.44 -0.02 21.20
CA GLY A 627 36.38 0.80 20.46
C GLY A 627 37.69 0.98 21.23
N GLY A 628 38.79 1.03 20.50
CA GLY A 628 40.06 1.25 21.16
C GLY A 628 40.64 0.05 21.88
N GLY A 629 40.00 -1.10 21.81
CA GLY A 629 40.51 -2.29 22.44
C GLY A 629 41.62 -2.93 21.61
N LEU A 630 41.96 -4.15 22.02
CA LEU A 630 43.06 -4.89 21.43
C LEU A 630 42.85 -5.15 19.95
N ILE A 631 41.68 -5.67 19.58
CA ILE A 631 41.37 -6.02 18.20
C ILE A 631 41.47 -4.82 17.26
N HIS A 632 40.85 -3.70 17.64
CA HIS A 632 40.98 -2.45 16.89
C HIS A 632 42.43 -2.04 16.68
N THR A 633 43.29 -2.24 17.69
CA THR A 633 44.65 -1.76 17.63
C THR A 633 45.50 -2.59 16.66
N VAL A 634 45.36 -3.91 16.72
CA VAL A 634 46.10 -4.81 15.83
C VAL A 634 45.73 -4.54 14.37
N MET A 635 44.46 -4.22 14.13
CA MET A 635 43.96 -3.89 12.79
C MET A 635 44.69 -2.69 12.20
N ARG A 636 44.79 -1.59 12.96
CA ARG A 636 45.50 -0.41 12.49
C ARG A 636 46.99 -0.66 12.27
N GLU A 637 47.61 -1.42 13.17
CA GLU A 637 49.06 -1.58 13.09
C GLU A 637 49.48 -2.66 12.12
N LYS A 638 48.73 -3.72 12.00
CA LYS A 638 49.16 -4.85 11.21
C LYS A 638 48.30 -5.19 10.00
N GLY A 639 47.10 -4.63 9.89
CA GLY A 639 46.26 -4.93 8.76
C GLY A 639 45.34 -6.11 9.01
N PRO A 640 44.40 -6.34 8.09
CA PRO A 640 43.34 -7.33 8.33
C PRO A 640 43.81 -8.77 8.39
N LYS A 641 44.85 -9.15 7.64
CA LYS A 641 45.32 -10.53 7.64
C LYS A 641 45.83 -10.96 9.01
N ILE A 642 46.75 -10.19 9.59
CA ILE A 642 47.28 -10.50 10.91
C ILE A 642 46.17 -10.50 11.96
N CYS A 643 45.32 -9.49 11.91
CA CYS A 643 44.20 -9.34 12.86
C CYS A 643 43.25 -10.53 12.81
N ALA A 644 43.06 -11.15 11.65
CA ALA A 644 42.22 -12.33 11.58
C ALA A 644 42.87 -13.51 12.28
N GLU A 645 44.20 -13.65 12.17
CA GLU A 645 44.88 -14.69 12.94
C GLU A 645 44.78 -14.47 14.43
N LEU A 646 44.64 -13.21 14.88
CA LEU A 646 44.57 -12.94 16.33
C LEU A 646 43.40 -13.68 16.97
N PHE A 647 42.23 -13.66 16.32
CA PHE A 647 41.06 -14.38 16.82
C PHE A 647 41.33 -15.87 16.94
N GLY A 648 41.92 -16.46 15.91
CA GLY A 648 42.19 -17.89 15.93
C GLY A 648 43.20 -18.30 16.98
N ASN A 649 44.28 -17.52 17.12
CA ASN A 649 45.31 -17.81 18.11
C ASN A 649 44.78 -17.79 19.54
N ILE A 650 44.16 -16.66 19.93
CA ILE A 650 43.57 -16.52 21.26
C ILE A 650 42.59 -17.65 21.59
N GLN A 651 41.70 -17.98 20.64
CA GLN A 651 40.71 -19.01 20.88
C GLN A 651 41.33 -20.37 21.15
N LYS A 652 42.35 -20.74 20.38
CA LYS A 652 42.91 -22.07 20.48
C LYS A 652 43.67 -22.25 21.79
N VAL A 653 44.34 -21.20 22.24
CA VAL A 653 45.03 -21.26 23.53
C VAL A 653 44.05 -21.35 24.69
N VAL A 654 43.08 -20.43 24.74
CA VAL A 654 42.18 -20.35 25.89
C VAL A 654 41.31 -21.58 26.02
N ASN A 655 40.75 -22.07 24.90
CA ASN A 655 39.86 -23.24 24.99
C ASN A 655 40.62 -24.48 25.43
N TYR A 656 41.88 -24.61 25.05
CA TYR A 656 42.68 -25.69 25.59
C TYR A 656 42.86 -25.54 27.09
N TRP A 657 43.38 -24.40 27.52
CA TRP A 657 43.61 -24.15 28.94
C TRP A 657 42.33 -24.31 29.76
N LEU A 658 41.21 -23.80 29.24
CA LEU A 658 39.94 -23.88 29.96
C LEU A 658 39.44 -25.32 30.03
N LEU A 659 39.75 -26.12 29.01
CA LEU A 659 39.42 -27.55 29.03
C LEU A 659 40.06 -28.26 30.21
N HIS A 660 41.26 -27.86 30.60
CA HIS A 660 41.96 -28.55 31.68
C HIS A 660 41.78 -27.87 33.02
N ASN A 661 41.27 -26.66 33.06
CA ASN A 661 40.90 -26.07 34.33
C ASN A 661 39.46 -26.41 34.65
N GLY A 662 38.57 -26.38 33.68
CA GLY A 662 37.17 -26.62 33.96
C GLY A 662 36.46 -25.37 34.44
N PHE A 663 35.14 -25.38 34.31
CA PHE A 663 34.28 -24.31 34.81
C PHE A 663 32.85 -24.82 34.84
N SER A 664 32.10 -24.44 35.85
CA SER A 664 30.74 -24.91 36.00
C SER A 664 29.89 -23.84 36.65
N ILE A 665 28.63 -24.17 36.88
CA ILE A 665 27.73 -23.37 37.71
C ILE A 665 26.70 -24.30 38.32
N GLY A 666 26.30 -24.05 39.55
CA GLY A 666 25.29 -24.87 40.20
C GLY A 666 24.37 -24.03 41.06
N ILE A 667 23.40 -24.72 41.68
CA ILE A 667 22.42 -24.08 42.55
C ILE A 667 23.08 -23.36 43.72
N GLY A 668 24.24 -23.86 44.17
CA GLY A 668 24.94 -23.23 45.28
C GLY A 668 25.30 -21.78 45.01
N ASP A 669 25.60 -21.46 43.75
CA ASP A 669 26.06 -20.14 43.38
C ASP A 669 24.97 -19.08 43.39
N ALA A 670 23.71 -19.43 43.61
CA ALA A 670 22.66 -18.43 43.75
C ALA A 670 22.36 -18.13 45.20
N ILE A 671 23.00 -18.81 46.14
CA ILE A 671 22.59 -18.84 47.53
C ILE A 671 23.48 -17.91 48.34
N ALA A 672 22.90 -16.85 48.87
CA ALA A 672 23.63 -16.02 49.84
C ALA A 672 23.39 -16.55 51.24
N ASP A 673 24.40 -16.36 52.10
CA ASP A 673 24.39 -16.92 53.44
C ASP A 673 23.38 -16.21 54.34
N ALA A 674 23.11 -16.85 55.48
CA ALA A 674 22.04 -16.44 56.39
C ALA A 674 22.21 -15.02 56.94
N SER A 675 23.45 -14.59 57.16
CA SER A 675 23.70 -13.23 57.65
C SER A 675 23.27 -12.17 56.63
N THR A 676 23.65 -12.38 55.37
CA THR A 676 23.34 -11.42 54.31
C THR A 676 21.84 -11.32 54.04
N MET A 677 21.12 -12.44 54.15
CA MET A 677 19.66 -12.42 53.94
C MET A 677 18.96 -11.48 54.92
N LYS A 678 19.42 -11.42 56.17
CA LYS A 678 18.78 -10.54 57.14
C LYS A 678 19.01 -9.08 56.78
N GLU A 679 20.19 -8.75 56.27
CA GLU A 679 20.42 -7.43 55.67
C GLU A 679 19.46 -7.20 54.51
N ILE A 680 19.39 -8.18 53.60
CA ILE A 680 18.50 -8.10 52.43
C ILE A 680 17.05 -7.90 52.86
N THR A 681 16.60 -8.69 53.83
CA THR A 681 15.21 -8.63 54.30
C THR A 681 14.92 -7.31 55.01
N HIS A 682 15.91 -6.76 55.71
CA HIS A 682 15.72 -5.47 56.37
C HIS A 682 15.52 -4.35 55.37
N ALA A 683 16.37 -4.28 54.34
CA ALA A 683 16.24 -3.20 53.37
C ALA A 683 14.90 -3.23 52.63
N ILE A 684 14.35 -4.42 52.39
CA ILE A 684 13.03 -4.50 51.78
C ILE A 684 11.93 -4.14 52.78
N SER A 685 12.09 -4.56 54.05
CA SER A 685 11.13 -4.21 55.09
C SER A 685 11.06 -2.71 55.34
N SER A 686 12.21 -2.04 55.35
CA SER A 686 12.21 -0.60 55.56
C SER A 686 11.64 0.16 54.37
N ALA A 687 11.84 -0.36 53.16
CA ALA A 687 11.24 0.25 51.98
C ALA A 687 9.72 0.16 51.97
N LYS A 688 9.15 -0.96 52.44
CA LYS A 688 7.70 -1.03 52.59
C LYS A 688 7.18 -0.03 53.60
N GLU A 689 7.95 0.26 54.65
CA GLU A 689 7.50 1.27 55.61
C GLU A 689 7.46 2.66 55.00
N GLN A 690 8.50 3.05 54.25
CA GLN A 690 8.53 4.35 53.60
C GLN A 690 7.35 4.51 52.63
N VAL A 691 6.96 3.43 51.94
CA VAL A 691 5.80 3.49 51.04
C VAL A 691 4.52 3.72 51.83
N GLN A 692 4.42 3.13 53.03
CA GLN A 692 3.31 3.40 53.94
C GLN A 692 3.26 4.88 54.32
N GLU A 693 4.40 5.45 54.70
CA GLU A 693 4.49 6.88 55.01
C GLU A 693 4.04 7.74 53.84
N ILE A 694 4.42 7.37 52.62
CA ILE A 694 4.02 8.16 51.45
C ILE A 694 2.50 8.12 51.27
N ILE A 695 1.90 6.94 51.44
CA ILE A 695 0.44 6.81 51.38
C ILE A 695 -0.24 7.66 52.45
N TYR A 696 0.29 7.63 53.67
CA TYR A 696 -0.22 8.44 54.77
C TYR A 696 -0.17 9.92 54.43
N LYS A 697 0.98 10.40 53.96
CA LYS A 697 1.15 11.81 53.61
C LYS A 697 0.18 12.22 52.51
N ALA A 698 0.13 11.45 51.43
CA ALA A 698 -0.75 11.78 50.32
C ALA A 698 -2.24 11.77 50.72
N GLN A 699 -2.61 10.91 51.66
CA GLN A 699 -4.00 10.87 52.07
C GLN A 699 -4.33 11.88 53.15
N HIS A 700 -3.32 12.45 53.80
CA HIS A 700 -3.53 13.53 54.77
C HIS A 700 -3.09 14.89 54.26
N ASN A 701 -2.95 15.03 52.93
CA ASN A 701 -2.59 16.29 52.24
C ASN A 701 -1.27 16.88 52.75
N GLU A 702 -0.30 16.01 53.00
CA GLU A 702 0.99 16.48 53.49
C GLU A 702 2.11 16.14 52.52
N LEU A 703 1.75 15.87 51.26
CA LEU A 703 2.73 15.47 50.26
C LEU A 703 3.08 16.61 49.31
N GLU A 704 4.37 16.77 49.05
CA GLU A 704 4.86 17.76 48.10
C GLU A 704 4.46 17.39 46.69
N LEU A 705 3.93 18.35 45.96
CA LEU A 705 3.56 18.16 44.56
C LEU A 705 4.77 18.45 43.69
N LYS A 706 5.07 17.52 42.78
CA LYS A 706 6.16 17.64 41.82
C LYS A 706 5.72 18.52 40.66
N PRO A 707 6.60 19.36 40.13
CA PRO A 707 6.21 20.28 39.05
C PRO A 707 5.72 19.56 37.80
N GLY A 708 4.62 20.05 37.24
CA GLY A 708 4.04 19.42 36.08
C GLY A 708 3.20 18.20 36.36
N MET A 709 3.01 17.83 37.62
CA MET A 709 2.34 16.59 37.95
C MET A 709 1.19 16.83 38.91
N THR A 710 0.09 16.11 38.67
CA THR A 710 -1.03 16.04 39.60
C THR A 710 -0.60 15.28 40.86
N LEU A 711 -1.50 15.27 41.84
CA LEU A 711 -1.21 14.52 43.07
C LEU A 711 -1.00 13.04 42.80
N ARG A 712 -1.88 12.41 42.00
CA ARG A 712 -1.78 10.97 41.81
C ARG A 712 -0.56 10.59 40.99
N GLU A 713 -0.20 11.41 40.00
CA GLU A 713 1.05 11.22 39.28
C GLU A 713 2.26 11.34 40.20
N SER A 714 2.31 12.41 41.00
CA SER A 714 3.39 12.61 41.96
C SER A 714 3.49 11.46 42.95
N PHE A 715 2.33 11.01 43.45
CA PHE A 715 2.28 9.88 44.37
C PHE A 715 2.86 8.63 43.73
N GLU A 716 2.37 8.28 42.52
CA GLU A 716 2.84 7.10 41.80
C GLU A 716 4.32 7.21 41.46
N GLY A 717 4.77 8.43 41.13
CA GLY A 717 6.17 8.63 40.81
C GLY A 717 7.13 8.39 41.96
N GLU A 718 6.78 8.91 43.14
CA GLU A 718 7.63 8.76 44.31
C GLU A 718 7.73 7.30 44.77
N VAL A 719 6.61 6.57 44.75
CA VAL A 719 6.59 5.15 45.13
C VAL A 719 7.48 4.32 44.20
N SER A 720 7.45 4.60 42.90
CA SER A 720 8.24 3.84 41.94
C SER A 720 9.73 4.05 42.17
N ARG A 721 10.17 5.30 42.33
CA ARG A 721 11.56 5.62 42.62
C ARG A 721 12.03 4.92 43.91
N THR A 722 11.20 4.89 44.95
CA THR A 722 11.58 4.22 46.19
C THR A 722 11.82 2.73 46.00
N LEU A 723 10.91 2.05 45.28
CA LEU A 723 10.97 0.60 45.13
C LEU A 723 12.11 0.15 44.21
N ASN A 724 12.42 0.92 43.16
CA ASN A 724 13.55 0.53 42.32
C ASN A 724 14.87 0.76 43.04
N ASP A 725 14.95 1.81 43.88
CA ASP A 725 16.17 2.01 44.65
C ASP A 725 16.31 0.98 45.75
N ALA A 726 15.20 0.50 46.30
CA ALA A 726 15.23 -0.60 47.27
C ALA A 726 15.82 -1.88 46.70
N ARG A 727 15.45 -2.24 45.47
CA ARG A 727 15.95 -3.47 44.90
C ARG A 727 17.44 -3.36 44.58
N ASP A 728 17.85 -2.24 43.98
CA ASP A 728 19.25 -1.98 43.70
C ASP A 728 20.08 -2.00 44.97
N SER A 729 19.55 -1.43 46.06
CA SER A 729 20.28 -1.48 47.32
C SER A 729 20.40 -2.90 47.82
N ALA A 730 19.32 -3.68 47.70
CA ALA A 730 19.36 -5.08 48.09
C ALA A 730 20.25 -5.89 47.16
N GLY A 731 20.22 -5.56 45.87
CA GLY A 731 21.11 -6.23 44.92
C GLY A 731 22.57 -5.98 45.20
N ARG A 732 22.90 -4.74 45.56
CA ARG A 732 24.28 -4.37 45.88
C ARG A 732 24.80 -5.14 47.08
N SER A 733 23.97 -5.31 48.10
CA SER A 733 24.34 -6.11 49.26
C SER A 733 24.63 -7.57 48.89
N ALA A 734 23.77 -8.18 48.09
CA ALA A 734 23.96 -9.56 47.66
C ALA A 734 25.23 -9.74 46.84
N GLU A 735 25.50 -8.79 45.93
CA GLU A 735 26.67 -8.84 45.06
C GLU A 735 27.97 -8.84 45.86
N MET A 736 28.11 -7.90 46.80
CA MET A 736 29.35 -7.73 47.54
C MET A 736 29.68 -8.92 48.43
N ASN A 737 28.67 -9.63 48.92
CA ASN A 737 28.91 -10.81 49.74
C ASN A 737 29.48 -11.98 48.94
N LEU A 738 29.34 -11.98 47.62
CA LEU A 738 29.78 -13.14 46.85
C LEU A 738 31.30 -13.17 46.76
N LYS A 739 31.88 -14.35 47.03
CA LYS A 739 33.32 -14.49 46.99
C LYS A 739 33.79 -14.45 45.55
N ASP A 740 35.09 -14.17 45.39
CA ASP A 740 35.73 -14.23 44.09
C ASP A 740 35.60 -15.57 43.39
N LEU A 741 35.59 -16.68 44.14
CA LEU A 741 35.49 -17.98 43.46
C LEU A 741 34.10 -18.33 42.97
N ASN A 742 33.06 -17.63 43.45
CA ASN A 742 31.68 -17.87 43.05
C ASN A 742 31.54 -17.72 41.53
N ASN A 743 30.96 -18.76 40.92
CA ASN A 743 30.92 -18.90 39.47
C ASN A 743 30.02 -17.88 38.79
N VAL A 744 28.90 -17.51 39.40
CA VAL A 744 28.07 -16.43 38.86
C VAL A 744 28.87 -15.13 38.78
N LYS A 745 29.63 -14.82 39.83
CA LYS A 745 30.44 -13.59 39.86
C LYS A 745 31.49 -13.58 38.76
N GLN A 746 32.05 -14.73 38.42
CA GLN A 746 33.08 -14.76 37.39
C GLN A 746 32.53 -14.42 36.01
N MET A 747 31.33 -14.90 35.68
CA MET A 747 30.74 -14.52 34.40
C MET A 747 30.34 -13.06 34.35
N VAL A 748 29.75 -12.53 35.43
CA VAL A 748 29.40 -11.11 35.47
C VAL A 748 30.64 -10.25 35.34
N SER A 749 31.71 -10.63 36.04
CA SER A 749 32.93 -9.83 36.01
C SER A 749 33.64 -9.90 34.67
N ALA A 750 33.59 -11.04 34.00
CA ALA A 750 34.17 -11.12 32.67
C ALA A 750 33.36 -10.37 31.63
N GLY A 751 32.09 -10.09 31.87
CA GLY A 751 31.32 -9.52 30.78
C GLY A 751 30.84 -10.49 29.73
N SER A 752 30.90 -11.79 29.98
CA SER A 752 30.58 -12.73 28.91
C SER A 752 29.10 -13.07 28.81
N LYS A 753 28.36 -12.89 29.89
CA LYS A 753 26.91 -13.07 29.94
C LYS A 753 26.46 -12.58 31.30
N GLY A 754 25.32 -11.92 31.36
CA GLY A 754 24.81 -11.51 32.64
C GLY A 754 25.32 -10.14 33.05
N SER A 755 24.66 -9.56 34.04
CA SER A 755 24.99 -8.24 34.55
C SER A 755 24.52 -8.19 35.98
N PHE A 756 24.77 -7.04 36.63
CA PHE A 756 24.46 -6.81 38.04
C PHE A 756 23.02 -7.21 38.39
N ILE A 757 22.06 -6.76 37.58
CA ILE A 757 20.64 -6.99 37.82
C ILE A 757 20.31 -8.49 37.88
N ASN A 758 21.09 -9.33 37.21
CA ASN A 758 20.83 -10.77 37.20
C ASN A 758 21.21 -11.42 38.52
N ILE A 759 22.33 -10.97 39.12
CA ILE A 759 22.68 -11.42 40.46
C ILE A 759 21.59 -11.00 41.44
N ALA A 760 21.13 -9.75 41.32
CA ALA A 760 20.08 -9.19 42.16
C ALA A 760 18.81 -10.02 42.11
N GLN A 761 18.36 -10.36 40.90
CA GLN A 761 17.06 -11.03 40.77
C GLN A 761 17.13 -12.50 41.13
N MET A 762 18.26 -13.16 40.92
CA MET A 762 18.32 -14.58 41.32
C MET A 762 18.43 -14.72 42.82
N SER A 763 19.11 -13.81 43.49
CA SER A 763 19.50 -14.03 44.88
C SER A 763 18.78 -13.15 45.88
N ALA A 764 18.37 -11.94 45.51
CA ALA A 764 17.88 -10.99 46.50
C ALA A 764 16.40 -10.64 46.32
N CYS A 765 16.01 -10.13 45.16
CA CYS A 765 14.68 -9.54 45.00
C CYS A 765 14.40 -9.28 43.52
N VAL A 766 13.32 -9.86 42.99
CA VAL A 766 12.96 -9.66 41.59
C VAL A 766 12.57 -8.22 41.32
N GLY A 767 11.80 -7.63 42.22
CA GLY A 767 11.53 -6.21 42.16
C GLY A 767 10.24 -5.87 41.45
N GLN A 768 10.13 -4.58 41.10
CA GLN A 768 8.87 -4.03 40.63
C GLN A 768 8.54 -4.50 39.21
N GLN A 769 7.30 -4.95 39.02
CA GLN A 769 6.78 -5.34 37.72
C GLN A 769 6.06 -4.15 37.09
N MET A 770 6.36 -3.87 35.83
CA MET A 770 5.81 -2.73 35.14
C MET A 770 5.00 -3.19 33.95
N VAL A 771 3.89 -2.49 33.68
CA VAL A 771 3.10 -2.66 32.46
C VAL A 771 2.75 -1.29 31.92
N GLU A 772 3.07 -1.06 30.63
CA GLU A 772 2.83 0.19 29.92
C GLU A 772 3.46 1.38 30.65
N GLY A 773 4.63 1.16 31.22
CA GLY A 773 5.34 2.19 31.95
C GLY A 773 4.79 2.51 33.31
N LYS A 774 3.73 1.84 33.77
CA LYS A 774 3.09 2.16 35.03
C LYS A 774 3.01 0.89 35.85
N ARG A 775 2.73 1.04 37.15
CA ARG A 775 2.45 -0.12 37.98
C ARG A 775 1.16 -0.82 37.53
N ILE A 776 0.97 -2.03 38.04
CA ILE A 776 -0.15 -2.89 37.65
C ILE A 776 -1.48 -2.19 37.87
N ALA A 777 -2.33 -2.22 36.86
CA ALA A 777 -3.56 -1.45 36.89
C ALA A 777 -4.67 -2.21 37.60
N PHE A 778 -5.68 -1.47 38.04
CA PHE A 778 -6.85 -2.03 38.69
C PHE A 778 -7.78 -2.58 37.61
N GLY A 779 -7.48 -3.78 37.12
CA GLY A 779 -8.33 -4.39 36.11
C GLY A 779 -9.61 -4.97 36.64
N PHE A 780 -9.63 -5.35 37.91
CA PHE A 780 -10.88 -5.50 38.61
C PHE A 780 -11.28 -4.14 39.18
N ALA A 781 -12.53 -4.03 39.61
CA ALA A 781 -13.01 -2.77 40.18
C ALA A 781 -12.27 -2.41 41.45
N ASP A 782 -11.41 -1.39 41.38
CA ASP A 782 -10.62 -0.86 42.49
C ASP A 782 -9.67 -1.86 43.15
N ARG A 783 -9.27 -2.93 42.47
CA ARG A 783 -8.27 -3.83 43.02
C ARG A 783 -7.61 -4.59 41.89
N SER A 784 -6.43 -5.12 42.16
CA SER A 784 -5.66 -5.81 41.14
C SER A 784 -6.00 -7.28 41.01
N LEU A 785 -6.43 -7.91 42.09
CA LEU A 785 -6.78 -9.32 42.09
C LEU A 785 -7.89 -9.47 43.12
N PRO A 786 -8.76 -10.47 42.98
CA PRO A 786 -9.81 -10.67 43.99
C PRO A 786 -9.31 -11.16 45.34
N HIS A 787 -8.02 -11.34 45.56
CA HIS A 787 -7.53 -11.74 46.86
C HIS A 787 -7.16 -10.55 47.72
N PHE A 788 -7.36 -9.34 47.24
CA PHE A 788 -7.07 -8.14 48.01
C PHE A 788 -8.35 -7.35 48.20
N THR A 789 -8.39 -6.55 49.26
CA THR A 789 -9.45 -5.57 49.45
C THR A 789 -9.28 -4.39 48.51
N LYS A 790 -10.39 -3.67 48.28
CA LYS A 790 -10.35 -2.50 47.42
C LYS A 790 -9.51 -1.38 48.01
N ASP A 791 -9.09 -0.47 47.11
CA ASP A 791 -8.33 0.75 47.42
C ASP A 791 -7.07 0.46 48.24
N ASP A 792 -6.36 -0.58 47.85
CA ASP A 792 -5.11 -0.99 48.48
C ASP A 792 -3.95 -0.63 47.55
N PHE A 793 -3.15 0.37 47.94
CA PHE A 793 -2.03 0.83 47.13
C PHE A 793 -0.68 0.39 47.68
N SER A 794 -0.65 -0.60 48.57
CA SER A 794 0.58 -1.11 49.16
C SER A 794 1.48 -1.77 48.09
N PRO A 795 2.77 -2.00 48.39
CA PRO A 795 3.62 -2.74 47.44
C PRO A 795 3.11 -4.08 46.94
N GLU A 796 2.61 -4.96 47.82
CA GLU A 796 2.22 -6.29 47.38
C GLU A 796 0.99 -6.25 46.49
N SER A 797 0.17 -5.21 46.63
CA SER A 797 -1.08 -5.11 45.90
C SER A 797 -0.87 -4.73 44.44
N LYS A 798 0.16 -3.96 44.14
CA LYS A 798 0.31 -3.41 42.80
C LYS A 798 1.59 -3.90 42.13
N GLY A 799 2.02 -5.11 42.48
CA GLY A 799 2.96 -5.84 41.67
C GLY A 799 4.39 -5.89 42.13
N PHE A 800 4.68 -5.60 43.39
CA PHE A 800 6.04 -5.73 43.88
C PHE A 800 6.28 -7.20 44.23
N VAL A 801 7.24 -7.82 43.58
CA VAL A 801 7.59 -9.22 43.79
C VAL A 801 8.74 -9.21 44.79
N GLU A 802 8.43 -9.54 46.04
CA GLU A 802 9.43 -9.45 47.09
C GLU A 802 10.44 -10.59 47.04
N ASN A 803 9.99 -11.79 46.71
CA ASN A 803 10.86 -12.94 46.72
C ASN A 803 11.81 -12.96 45.52
N SER A 804 12.91 -13.69 45.68
CA SER A 804 13.82 -13.98 44.59
C SER A 804 13.35 -15.23 43.86
N TYR A 805 13.88 -15.44 42.65
CA TYR A 805 13.58 -16.67 41.91
C TYR A 805 14.04 -17.92 42.64
N LEU A 806 15.13 -17.81 43.40
CA LEU A 806 15.62 -18.90 44.24
C LEU A 806 14.60 -19.28 45.30
N ARG A 807 14.10 -18.29 46.03
CA ARG A 807 13.12 -18.50 47.10
C ARG A 807 11.82 -19.05 46.56
N GLY A 808 11.42 -18.60 45.39
CA GLY A 808 10.17 -18.96 44.76
C GLY A 808 9.14 -17.89 44.95
N LEU A 809 8.31 -17.71 43.94
CA LEU A 809 7.32 -16.64 43.96
C LEU A 809 6.02 -17.15 44.55
N THR A 810 5.31 -16.27 45.24
CA THR A 810 3.99 -16.61 45.72
C THR A 810 3.00 -16.58 44.56
N PRO A 811 1.82 -17.19 44.71
CA PRO A 811 0.81 -17.15 43.65
C PRO A 811 0.38 -15.77 43.16
N GLN A 812 0.24 -14.79 44.06
CA GLN A 812 -0.15 -13.45 43.61
C GLN A 812 0.95 -12.83 42.77
N GLU A 813 2.17 -12.84 43.29
CA GLU A 813 3.36 -12.35 42.61
C GLU A 813 3.55 -13.01 41.25
N PHE A 814 3.34 -14.34 41.18
CA PHE A 814 3.48 -15.10 39.94
C PHE A 814 2.66 -14.53 38.80
N PHE A 815 1.38 -14.25 39.03
CA PHE A 815 0.54 -13.74 37.97
C PHE A 815 1.03 -12.38 37.50
N PHE A 816 1.36 -11.50 38.44
CA PHE A 816 1.85 -10.16 38.09
C PHE A 816 3.12 -10.26 37.26
N HIS A 817 3.99 -11.20 37.61
CA HIS A 817 5.20 -11.40 36.84
C HIS A 817 4.86 -11.88 35.43
N ALA A 818 3.82 -12.70 35.31
CA ALA A 818 3.42 -13.16 33.98
C ALA A 818 2.79 -12.05 33.16
N MET A 819 2.16 -11.06 33.81
CA MET A 819 1.65 -9.90 33.07
C MET A 819 2.77 -9.06 32.48
N ALA A 820 3.76 -8.71 33.29
CA ALA A 820 4.91 -7.98 32.79
C ALA A 820 5.64 -8.75 31.71
N GLY A 821 5.79 -10.06 31.90
CA GLY A 821 6.50 -10.87 30.92
C GLY A 821 5.80 -10.93 29.58
N ARG A 822 4.47 -11.10 29.60
CA ARG A 822 3.66 -11.09 28.39
C ARG A 822 3.86 -9.83 27.58
N GLU A 823 3.85 -8.66 28.23
CA GLU A 823 4.02 -7.38 27.55
C GLU A 823 5.34 -7.33 26.78
N GLY A 824 6.38 -7.95 27.31
CA GLY A 824 7.65 -8.00 26.59
C GLY A 824 7.59 -8.83 25.33
N LEU A 825 6.90 -9.98 25.38
CA LEU A 825 6.76 -10.79 24.18
C LEU A 825 5.91 -10.10 23.13
N ILE A 826 4.86 -9.41 23.56
CA ILE A 826 4.01 -8.66 22.63
C ILE A 826 4.79 -7.52 21.99
N ASP A 827 5.51 -6.75 22.82
CA ASP A 827 6.30 -5.61 22.34
C ASP A 827 7.32 -6.03 21.28
N THR A 828 8.12 -7.05 21.59
CA THR A 828 9.13 -7.54 20.65
C THR A 828 8.47 -8.00 19.35
N ALA A 829 7.31 -8.66 19.45
CA ALA A 829 6.64 -9.18 18.27
C ALA A 829 5.98 -8.08 17.47
N VAL A 830 5.54 -7.00 18.12
CA VAL A 830 4.81 -5.94 17.46
C VAL A 830 5.85 -5.02 16.87
N LYS A 831 6.65 -4.37 17.73
CA LYS A 831 7.56 -3.31 17.29
C LYS A 831 8.68 -3.78 16.35
N THR A 832 8.83 -5.08 16.10
CA THR A 832 9.81 -5.51 15.12
C THR A 832 9.36 -5.11 13.72
N ALA A 833 8.05 -5.13 13.45
CA ALA A 833 7.54 -4.72 12.16
C ALA A 833 7.50 -3.22 12.01
N GLU A 834 7.39 -2.48 13.11
CA GLU A 834 7.47 -1.03 13.06
C GLU A 834 8.83 -0.58 12.56
N THR A 835 9.90 -1.14 13.13
CA THR A 835 11.25 -0.76 12.74
C THR A 835 11.62 -1.37 11.41
N GLY A 836 10.99 -2.47 11.02
CA GLY A 836 11.28 -3.07 9.74
C GLY A 836 10.81 -2.18 8.61
N TYR A 837 9.62 -1.60 8.79
CA TYR A 837 9.12 -0.61 7.84
C TYR A 837 9.99 0.64 7.79
N ILE A 838 10.47 1.11 8.93
CA ILE A 838 11.40 2.25 8.98
C ILE A 838 12.63 2.01 8.13
N GLN A 839 13.23 0.83 8.23
CA GLN A 839 14.45 0.58 7.50
C GLN A 839 14.20 0.52 6.00
N ARG A 840 13.07 -0.07 5.59
CA ARG A 840 12.73 -0.11 4.18
C ARG A 840 12.59 1.28 3.55
N ARG A 841 11.88 2.21 4.20
CA ARG A 841 11.77 3.55 3.63
C ARG A 841 13.10 4.29 3.59
N LEU A 842 13.93 4.15 4.63
CA LEU A 842 15.25 4.75 4.63
C LEU A 842 16.13 4.27 3.48
N VAL A 843 16.12 2.97 3.18
CA VAL A 843 16.98 2.44 2.12
C VAL A 843 16.57 3.00 0.76
N LYS A 844 15.26 2.99 0.47
CA LYS A 844 14.79 3.53 -0.81
C LYS A 844 15.04 5.02 -0.95
N ALA A 845 14.97 5.76 0.15
CA ALA A 845 15.31 7.17 0.09
C ALA A 845 16.77 7.42 -0.27
N LEU A 846 17.67 6.51 0.11
CA LEU A 846 19.09 6.82 0.05
C LEU A 846 19.90 5.95 -0.90
N GLU A 847 19.29 4.95 -1.54
CA GLU A 847 20.04 3.89 -2.21
C GLU A 847 20.93 4.37 -3.35
N ASP A 848 20.54 5.42 -4.05
CA ASP A 848 21.23 5.91 -5.23
C ASP A 848 22.32 6.95 -4.94
N ILE A 849 22.71 7.15 -3.69
CA ILE A 849 23.63 8.21 -3.33
C ILE A 849 25.06 7.70 -3.32
N MET A 850 25.93 8.33 -4.10
CA MET A 850 27.25 7.79 -4.34
C MET A 850 28.26 8.92 -4.24
N VAL A 851 29.47 8.60 -3.78
CA VAL A 851 30.59 9.50 -3.84
C VAL A 851 31.22 9.47 -5.22
N HIS A 852 31.40 10.64 -5.82
CA HIS A 852 31.97 10.71 -7.15
C HIS A 852 33.43 11.11 -7.04
N TYR A 853 34.13 11.03 -8.16
CA TYR A 853 35.58 11.26 -8.16
C TYR A 853 36.01 12.69 -7.87
N ASP A 854 35.12 13.67 -7.89
CA ASP A 854 35.50 15.02 -7.48
C ASP A 854 35.27 15.26 -5.99
N GLY A 855 34.95 14.22 -5.23
CA GLY A 855 34.66 14.36 -3.83
C GLY A 855 33.25 14.73 -3.48
N THR A 856 32.44 15.14 -4.45
CA THR A 856 31.07 15.51 -4.13
C THR A 856 30.25 14.26 -3.85
N THR A 857 29.17 14.44 -3.11
CA THR A 857 28.19 13.40 -2.85
C THR A 857 26.91 13.66 -3.62
N ARG A 858 26.55 12.77 -4.53
CA ARG A 858 25.44 13.06 -5.43
C ARG A 858 24.51 11.88 -5.56
N ASN A 859 23.28 12.18 -5.98
CA ASN A 859 22.33 11.12 -6.29
C ASN A 859 22.40 10.81 -7.78
N SER A 860 21.43 10.05 -8.29
CA SER A 860 21.45 9.65 -9.69
C SER A 860 21.12 10.78 -10.65
N LEU A 861 20.51 11.84 -10.18
CA LEU A 861 20.28 13.01 -11.01
C LEU A 861 21.48 13.92 -11.08
N GLY A 862 22.54 13.63 -10.35
CA GLY A 862 23.63 14.57 -10.26
C GLY A 862 23.37 15.77 -9.38
N ASP A 863 22.30 15.75 -8.59
CA ASP A 863 22.12 16.79 -7.59
C ASP A 863 23.21 16.66 -6.54
N ILE A 864 23.78 17.78 -6.11
CA ILE A 864 24.75 17.77 -5.02
C ILE A 864 24.02 17.66 -3.69
N ILE A 865 24.32 16.63 -2.91
CA ILE A 865 23.79 16.58 -1.56
C ILE A 865 24.77 17.15 -0.54
N GLN A 866 26.05 16.83 -0.67
CA GLN A 866 27.12 17.46 0.10
C GLN A 866 28.28 17.74 -0.84
N PHE A 867 28.89 18.90 -0.71
CA PHE A 867 30.05 19.21 -1.55
C PHE A 867 31.27 18.38 -1.21
N LEU A 868 31.33 17.81 -0.01
CA LEU A 868 32.43 16.93 0.35
C LEU A 868 31.88 15.97 1.38
N TYR A 869 32.07 14.66 1.15
CA TYR A 869 31.44 13.63 1.98
C TYR A 869 31.85 13.72 3.43
N GLY A 870 30.84 13.77 4.30
CA GLY A 870 31.05 13.86 5.74
C GLY A 870 31.73 15.13 6.21
N GLU A 871 31.84 16.12 5.33
CA GLU A 871 32.57 17.37 5.49
C GLU A 871 34.07 17.18 5.74
N ASP A 872 34.59 15.96 5.67
CA ASP A 872 36.02 15.72 5.84
C ASP A 872 36.68 14.81 4.82
N GLY A 873 35.92 14.24 3.89
CA GLY A 873 36.49 13.34 2.93
C GLY A 873 36.97 12.00 3.46
N LEU A 874 36.53 11.60 4.66
CA LEU A 874 37.11 10.44 5.31
C LEU A 874 36.17 9.24 5.26
N ASP A 875 36.75 8.06 5.38
CA ASP A 875 36.00 6.82 5.48
C ASP A 875 35.73 6.53 6.95
N GLY A 876 34.48 6.18 7.25
CA GLY A 876 34.07 5.92 8.63
C GLY A 876 34.85 4.87 9.39
N THR A 877 35.43 3.89 8.70
CA THR A 877 36.22 2.88 9.40
C THR A 877 37.57 3.35 9.87
N GLN A 878 37.99 4.57 9.57
CA GLN A 878 39.38 4.97 9.72
C GLN A 878 39.59 6.05 10.76
N VAL A 879 38.61 6.33 11.60
CA VAL A 879 38.74 7.40 12.58
C VAL A 879 38.63 6.81 13.98
N GLU A 880 39.25 7.49 14.95
CA GLU A 880 39.23 7.07 16.35
C GLU A 880 39.17 8.29 17.24
N ARG A 881 38.60 8.15 18.43
CA ARG A 881 38.55 9.26 19.37
C ARG A 881 39.95 9.63 19.79
N GLN A 882 40.30 10.90 19.62
CA GLN A 882 41.59 11.42 20.03
C GLN A 882 41.38 12.72 20.74
N THR A 883 42.26 13.03 21.70
CA THR A 883 42.16 14.30 22.40
C THR A 883 42.99 15.38 21.74
N ILE A 884 42.40 16.56 21.61
CA ILE A 884 43.03 17.72 20.98
C ILE A 884 43.56 18.62 22.10
N ASP A 885 44.86 18.61 22.33
CA ASP A 885 45.39 19.02 23.62
C ASP A 885 45.42 20.53 23.82
N THR A 886 45.09 21.32 22.80
CA THR A 886 45.04 22.76 23.02
C THR A 886 43.72 23.25 23.56
N ILE A 887 42.76 22.36 23.79
CA ILE A 887 41.45 22.83 24.25
C ILE A 887 41.35 22.90 25.77
N PRO A 888 41.67 21.87 26.58
CA PRO A 888 41.44 22.01 28.01
C PRO A 888 42.56 22.77 28.69
N GLY A 889 42.41 22.98 29.99
CA GLY A 889 43.42 23.58 30.83
C GLY A 889 43.34 25.09 30.86
N SER A 890 43.99 25.66 31.87
CA SER A 890 44.14 27.10 32.00
C SER A 890 45.24 27.61 31.09
N ASP A 891 45.17 28.92 30.81
CA ASP A 891 46.21 29.64 30.06
C ASP A 891 47.59 29.46 30.68
N LYS A 892 47.67 29.38 32.01
CA LYS A 892 48.96 29.20 32.67
C LYS A 892 49.53 27.82 32.39
N ALA A 893 48.72 26.77 32.56
CA ALA A 893 49.16 25.41 32.28
C ALA A 893 49.52 25.25 30.81
N PHE A 894 48.72 25.86 29.94
CA PHE A 894 49.01 25.95 28.51
C PHE A 894 50.38 26.55 28.25
N HIS A 895 50.62 27.73 28.82
CA HIS A 895 51.87 28.45 28.62
C HIS A 895 53.06 27.66 29.12
N LYS A 896 52.90 26.97 30.26
CA LYS A 896 53.95 26.15 30.83
C LYS A 896 54.37 25.03 29.87
N ARG A 897 53.40 24.48 29.13
CA ARG A 897 53.61 23.33 28.26
C ARG A 897 54.21 23.71 26.91
N TYR A 898 53.85 24.87 26.36
CA TYR A 898 54.15 25.20 24.96
C TYR A 898 55.21 26.28 24.74
N TYR A 899 55.42 27.19 25.69
CA TYR A 899 56.28 28.35 25.49
C TYR A 899 57.75 28.06 25.65
N VAL A 900 58.55 28.61 24.74
CA VAL A 900 60.00 28.54 24.80
C VAL A 900 60.53 29.96 24.85
N ASP A 901 61.33 30.25 25.87
CA ASP A 901 61.91 31.57 26.07
C ASP A 901 63.41 31.46 25.89
N LEU A 902 63.94 31.97 24.78
CA LEU A 902 65.38 31.90 24.61
C LEU A 902 66.13 32.98 25.38
N MET A 903 65.43 33.83 26.13
CA MET A 903 66.09 34.85 26.95
C MET A 903 66.17 34.41 28.41
N ASP A 904 65.01 34.26 29.05
CA ASP A 904 64.93 33.76 30.41
C ASP A 904 65.38 32.30 30.41
N GLU A 905 66.54 32.04 31.01
CA GLU A 905 67.18 30.72 30.94
C GLU A 905 66.37 29.62 31.62
N LYS A 906 65.72 29.93 32.74
CA LYS A 906 64.96 28.93 33.50
C LYS A 906 63.59 28.63 32.91
N ASN A 907 63.19 29.32 31.84
CA ASN A 907 61.97 29.00 31.11
C ASN A 907 62.27 28.56 29.69
N SER A 908 63.51 28.14 29.45
CA SER A 908 63.94 27.62 28.16
C SER A 908 63.93 26.09 28.19
N ILE A 909 64.44 25.50 27.12
CA ILE A 909 64.52 24.06 27.01
C ILE A 909 65.68 23.58 27.88
N LYS A 910 65.47 22.46 28.57
CA LYS A 910 66.49 21.88 29.45
C LYS A 910 67.75 21.54 28.65
N PRO A 911 68.94 21.76 29.22
CA PRO A 911 70.17 21.59 28.43
C PRO A 911 70.56 20.14 28.16
N ASP A 912 70.12 19.19 28.96
CA ASP A 912 70.54 17.80 28.78
C ASP A 912 69.83 17.08 27.65
N VAL A 913 68.78 17.66 27.06
CA VAL A 913 68.09 16.99 25.96
C VAL A 913 68.56 17.42 24.58
N ILE A 914 69.41 18.45 24.48
CA ILE A 914 69.94 18.87 23.19
C ILE A 914 71.44 19.04 23.27
N GLU A 915 72.12 18.83 22.13
CA GLU A 915 73.57 19.03 22.07
C GLU A 915 73.93 20.49 21.85
N TYR A 916 73.20 21.17 20.97
CA TYR A 916 73.45 22.54 20.55
C TYR A 916 72.98 23.59 21.55
N ALA A 917 72.86 23.23 22.84
CA ALA A 917 72.24 24.05 23.87
C ALA A 917 72.92 25.41 24.01
N ALA A 918 74.23 25.48 23.75
CA ALA A 918 74.98 26.73 23.88
C ALA A 918 74.50 27.75 22.86
N ASP A 919 74.39 27.37 21.59
CA ASP A 919 74.02 28.32 20.53
C ASP A 919 72.54 28.71 20.53
N ILE A 920 71.82 28.45 21.62
CA ILE A 920 70.39 28.66 21.69
C ILE A 920 70.02 29.97 22.38
N LEU A 921 70.50 30.16 23.61
CA LEU A 921 70.06 31.28 24.42
C LEU A 921 70.47 32.61 23.82
N GLY A 922 69.52 33.54 23.76
CA GLY A 922 69.77 34.88 23.32
C GLY A 922 69.44 35.14 21.86
N ASP A 923 69.43 34.08 21.04
CA ASP A 923 69.18 34.14 19.60
C ASP A 923 67.79 34.69 19.30
N VAL A 924 67.75 35.96 18.92
CA VAL A 924 66.49 36.64 18.61
C VAL A 924 65.89 36.12 17.30
N GLU A 925 66.73 35.70 16.36
CA GLU A 925 66.25 35.20 15.08
C GLU A 925 65.55 33.85 15.21
N LEU A 926 66.03 32.99 16.10
CA LEU A 926 65.33 31.74 16.39
C LEU A 926 64.07 31.98 17.22
N GLN A 927 64.07 33.04 18.02
CA GLN A 927 62.89 33.42 18.80
C GLN A 927 61.75 33.93 17.93
N LYS A 928 62.03 34.44 16.73
CA LYS A 928 60.95 34.89 15.85
C LYS A 928 60.11 33.73 15.35
N GLU A 929 60.75 32.59 15.06
CA GLU A 929 59.98 31.39 14.69
C GLU A 929 59.12 30.89 15.84
N LEU A 930 59.74 30.67 17.01
CA LEU A 930 59.02 30.17 18.19
C LEU A 930 57.91 31.11 18.63
N ASN A 931 58.05 32.41 18.38
CA ASN A 931 56.93 33.30 18.67
C ASN A 931 55.80 33.07 17.69
N SER A 932 56.14 32.89 16.41
CA SER A 932 55.14 32.61 15.38
C SER A 932 54.48 31.26 15.60
N GLU A 933 55.23 30.29 16.13
CA GLU A 933 54.65 29.01 16.51
C GLU A 933 53.60 29.21 17.59
N TYR A 934 53.97 29.88 18.68
CA TYR A 934 53.04 30.06 19.81
C TYR A 934 51.86 30.91 19.41
N GLU A 935 52.06 31.89 18.52
CA GLU A 935 50.95 32.72 18.05
C GLU A 935 49.97 31.88 17.25
N GLN A 936 50.49 30.97 16.43
CA GLN A 936 49.65 30.03 15.69
C GLN A 936 48.80 29.19 16.64
N LEU A 937 49.44 28.64 17.68
CA LEU A 937 48.72 27.86 18.69
C LEU A 937 47.69 28.67 19.44
N VAL A 938 47.91 29.97 19.60
CA VAL A 938 46.93 30.80 20.29
C VAL A 938 45.70 31.02 19.43
N SER A 939 45.89 31.28 18.13
CA SER A 939 44.80 31.34 17.17
C SER A 939 43.91 30.09 17.20
N ASP A 940 44.53 28.90 17.08
CA ASP A 940 43.80 27.63 17.13
C ASP A 940 42.95 27.49 18.38
N ARG A 941 43.56 27.64 19.56
CA ARG A 941 42.84 27.51 20.82
C ARG A 941 41.68 28.49 20.91
N LYS A 942 41.86 29.70 20.40
CA LYS A 942 40.79 30.69 20.45
C LYS A 942 39.68 30.33 19.48
N PHE A 943 40.04 29.97 18.25
CA PHE A 943 39.08 29.49 17.25
C PHE A 943 38.29 28.28 17.74
N LEU A 944 38.98 27.24 18.26
CA LEU A 944 38.28 26.01 18.66
C LEU A 944 37.42 26.19 19.88
N ARG A 945 37.81 27.03 20.82
CA ARG A 945 37.07 27.13 22.06
C ARG A 945 35.86 28.05 21.92
N GLU A 946 35.89 28.98 20.98
CA GLU A 946 34.81 29.96 20.90
C GLU A 946 33.85 29.71 19.75
N ILE A 947 34.23 28.91 18.76
CA ILE A 947 33.43 28.68 17.56
C ILE A 947 33.09 27.20 17.38
N VAL A 948 34.10 26.33 17.45
CA VAL A 948 33.90 24.92 17.12
C VAL A 948 33.31 24.16 18.29
N PHE A 949 33.99 24.17 19.45
CA PHE A 949 33.61 23.28 20.56
C PHE A 949 33.35 24.14 21.78
N VAL A 950 32.17 24.76 21.79
CA VAL A 950 31.80 25.74 22.82
C VAL A 950 31.72 25.10 24.21
N ASN A 951 31.21 23.86 24.28
CA ASN A 951 31.07 23.21 25.57
C ASN A 951 32.36 22.64 26.15
N GLY A 952 33.48 22.74 25.47
CA GLY A 952 34.75 22.31 26.03
C GLY A 952 35.13 20.87 25.81
N ASP A 953 34.31 20.08 25.12
CA ASP A 953 34.66 18.71 24.81
C ASP A 953 35.89 18.67 23.93
N HIS A 954 36.88 17.88 24.32
CA HIS A 954 38.16 17.92 23.62
C HIS A 954 38.54 16.56 23.11
N ASN A 955 37.70 15.56 23.32
CA ASN A 955 37.88 14.21 22.80
C ASN A 955 36.89 14.02 21.67
N TRP A 956 37.40 13.75 20.47
CA TRP A 956 36.56 13.74 19.27
C TRP A 956 37.08 12.73 18.26
N PRO A 957 36.19 12.11 17.48
CA PRO A 957 36.63 11.26 16.38
C PRO A 957 37.40 12.07 15.36
N LEU A 958 38.59 11.60 15.05
CA LEU A 958 39.54 12.21 14.14
C LEU A 958 40.36 11.14 13.44
N PRO A 959 40.90 11.42 12.26
CA PRO A 959 41.69 10.44 11.54
C PRO A 959 43.05 10.25 12.21
N VAL A 960 43.76 9.22 11.72
CA VAL A 960 45.12 8.77 12.06
C VAL A 960 45.71 9.27 13.38
N ASN A 961 45.67 8.34 14.35
CA ASN A 961 46.01 8.51 15.75
C ASN A 961 47.50 8.67 15.95
N LEU A 962 47.86 9.90 16.31
CA LEU A 962 49.25 10.32 16.42
C LEU A 962 49.93 9.72 17.63
N ARG A 963 49.18 9.54 18.74
CA ARG A 963 49.74 8.94 19.94
C ARG A 963 50.32 7.55 19.68
N ARG A 964 49.64 6.74 18.88
CA ARG A 964 50.15 5.41 18.60
C ARG A 964 51.36 5.46 17.68
N ILE A 965 51.34 6.38 16.70
CA ILE A 965 52.45 6.50 15.74
C ILE A 965 53.74 6.90 16.44
N ILE A 966 53.63 7.77 17.44
CA ILE A 966 54.82 8.26 18.14
C ILE A 966 55.43 7.15 18.98
N GLN A 967 54.61 6.45 19.76
CA GLN A 967 55.14 5.41 20.62
C GLN A 967 55.65 4.20 19.84
N ASN A 968 55.24 4.03 18.58
CA ASN A 968 55.89 3.03 17.73
C ASN A 968 57.27 3.51 17.29
N ALA A 969 57.39 4.81 17.04
CA ALA A 969 58.68 5.38 16.65
C ALA A 969 59.65 5.27 17.80
N GLN A 970 59.15 5.40 19.03
CA GLN A 970 59.97 5.22 20.21
C GLN A 970 60.48 3.78 20.32
N GLN A 971 59.74 2.80 19.81
CA GLN A 971 60.22 1.43 19.90
C GLN A 971 61.21 1.06 18.81
N ILE A 972 60.95 1.46 17.56
CA ILE A 972 61.82 1.09 16.44
C ILE A 972 63.22 1.64 16.63
N PHE A 973 63.32 2.90 17.05
CA PHE A 973 64.62 3.53 17.16
C PHE A 973 65.14 3.56 18.58
N HIS A 974 64.51 2.80 19.50
CA HIS A 974 64.95 2.68 20.90
C HIS A 974 65.06 4.07 21.51
N LEU A 975 64.00 4.86 21.36
CA LEU A 975 64.04 6.20 21.91
C LEU A 975 63.96 6.42 23.42
N ASP A 976 64.47 5.46 24.19
CA ASP A 976 64.93 5.71 25.56
C ASP A 976 66.23 6.52 25.42
N ARG A 977 66.90 6.80 26.53
CA ARG A 977 68.15 7.55 26.50
C ARG A 977 67.99 8.98 27.01
N ALA A 978 68.99 9.43 27.77
CA ALA A 978 69.18 10.85 28.02
C ALA A 978 70.15 11.46 27.01
N LYS A 979 70.63 10.63 26.08
CA LYS A 979 71.56 11.06 25.06
C LYS A 979 71.00 12.26 24.29
N ALA A 980 71.46 13.46 24.67
CA ALA A 980 71.01 14.69 24.04
C ALA A 980 70.79 14.48 22.54
N SER A 981 69.70 15.08 22.05
CA SER A 981 69.26 14.96 20.67
C SER A 981 70.00 15.92 19.75
N ASP A 982 70.29 15.43 18.55
CA ASP A 982 70.87 16.22 17.47
C ASP A 982 69.83 16.84 16.54
N LEU A 983 68.58 16.95 16.98
CA LEU A 983 67.50 17.42 16.11
C LEU A 983 67.35 18.92 16.35
N THR A 984 67.66 19.72 15.34
CA THR A 984 67.68 21.16 15.52
C THR A 984 66.28 21.76 15.46
N ILE A 985 66.15 22.93 16.09
CA ILE A 985 64.85 23.61 16.20
C ILE A 985 64.26 24.03 14.85
N PRO A 986 65.00 24.68 13.92
CA PRO A 986 64.37 25.01 12.63
C PRO A 986 63.90 23.81 11.82
N GLU A 987 64.50 22.64 12.00
CA GLU A 987 64.00 21.44 11.34
C GLU A 987 62.61 21.09 11.84
N ILE A 988 62.35 21.28 13.12
CA ILE A 988 61.04 20.95 13.69
C ILE A 988 59.95 21.89 13.17
N ILE A 989 60.17 23.20 13.29
CA ILE A 989 59.14 24.19 12.96
C ILE A 989 58.83 24.18 11.48
N HIS A 990 59.87 24.10 10.64
CA HIS A 990 59.65 24.07 9.20
C HIS A 990 59.14 22.70 8.75
N GLY A 991 59.58 21.63 9.40
CA GLY A 991 59.08 20.30 9.09
C GLY A 991 57.57 20.17 9.26
N VAL A 992 57.06 20.58 10.43
CA VAL A 992 55.63 20.47 10.73
C VAL A 992 54.80 21.38 9.83
N ARG A 993 55.26 22.61 9.59
CA ARG A 993 54.52 23.56 8.77
C ARG A 993 54.44 23.11 7.31
N ASP A 994 55.50 22.49 6.80
CA ASP A 994 55.48 21.97 5.44
C ASP A 994 54.59 20.74 5.31
N LEU A 995 54.48 19.93 6.36
CA LEU A 995 53.59 18.78 6.38
C LEU A 995 52.14 19.16 6.09
N CYS A 996 51.65 20.23 6.71
CA CYS A 996 50.24 20.61 6.59
C CYS A 996 49.85 21.08 5.20
N LYS A 997 50.79 21.22 4.27
CA LYS A 997 50.49 21.53 2.89
C LYS A 997 50.46 20.30 1.99
N LYS A 998 50.82 19.12 2.52
CA LYS A 998 50.85 17.90 1.73
C LYS A 998 49.72 16.93 2.10
N LEU A 999 48.75 17.36 2.90
CA LEU A 999 47.64 16.49 3.30
C LEU A 999 46.51 16.63 2.29
N PHE A 1000 46.75 16.11 1.10
CA PHE A 1000 45.91 16.38 -0.06
C PHE A 1000 44.63 15.59 0.04
N VAL A 1001 43.50 16.30 0.18
CA VAL A 1001 42.20 15.70 -0.06
C VAL A 1001 41.76 15.90 -1.51
N LEU A 1002 41.94 17.11 -2.03
CA LEU A 1002 41.57 17.46 -3.39
C LEU A 1002 42.78 18.04 -4.10
N ARG A 1003 43.04 17.57 -5.32
CA ARG A 1003 44.19 18.05 -6.07
C ARG A 1003 43.72 18.95 -7.21
N GLY A 1004 44.60 19.85 -7.61
CA GLY A 1004 44.25 20.86 -8.60
C GLY A 1004 44.71 22.20 -8.03
N GLU A 1005 45.02 23.12 -8.93
CA GLU A 1005 45.54 24.44 -8.55
C GLU A 1005 44.51 25.54 -8.49
N ASN A 1006 43.26 25.29 -8.91
CA ASN A 1006 42.19 26.29 -8.84
C ASN A 1006 42.07 26.86 -7.42
N GLU A 1007 41.85 28.19 -7.39
CA GLU A 1007 41.78 28.97 -6.15
C GLU A 1007 40.71 28.44 -5.19
N LEU A 1008 39.56 28.02 -5.73
CA LEU A 1008 38.48 27.50 -4.89
C LEU A 1008 38.85 26.16 -4.28
N ILE A 1009 39.59 25.33 -5.02
CA ILE A 1009 40.01 24.02 -4.53
C ILE A 1009 40.93 24.18 -3.32
N LYS A 1010 41.92 25.07 -3.42
CA LYS A 1010 42.86 25.29 -2.32
C LYS A 1010 42.15 25.77 -1.07
N GLU A 1011 41.14 26.61 -1.21
CA GLU A 1011 40.37 27.01 -0.04
C GLU A 1011 39.61 25.82 0.53
N ALA A 1012 38.96 25.03 -0.34
CA ALA A 1012 38.26 23.83 0.09
C ALA A 1012 39.21 22.81 0.71
N GLN A 1013 40.40 22.65 0.13
CA GLN A 1013 41.38 21.70 0.67
C GLN A 1013 41.84 22.13 2.06
N GLN A 1014 42.00 23.43 2.26
CA GLN A 1014 42.43 23.96 3.55
C GLN A 1014 41.32 23.83 4.58
N ASN A 1015 40.08 24.06 4.17
CA ASN A 1015 38.93 23.93 5.06
C ASN A 1015 38.72 22.49 5.53
N ALA A 1016 38.84 21.52 4.61
CA ALA A 1016 38.61 20.11 4.93
C ALA A 1016 39.53 19.59 6.04
N THR A 1017 40.76 20.09 6.13
CA THR A 1017 41.75 19.59 7.07
C THR A 1017 42.03 20.55 8.20
N SER A 1018 41.19 21.57 8.40
CA SER A 1018 41.42 22.57 9.44
C SER A 1018 41.50 21.94 10.81
N LEU A 1019 40.53 21.10 11.16
CA LEU A 1019 40.54 20.50 12.49
C LEU A 1019 41.73 19.56 12.69
N PHE A 1020 42.05 18.77 11.66
CA PHE A 1020 43.17 17.83 11.78
C PHE A 1020 44.51 18.53 11.89
N GLN A 1021 44.73 19.62 11.15
CA GLN A 1021 45.97 20.39 11.29
C GLN A 1021 46.19 20.89 12.71
N CYS A 1022 45.13 21.41 13.34
CA CYS A 1022 45.20 21.82 14.73
C CYS A 1022 45.61 20.67 15.63
N LEU A 1023 45.07 19.48 15.39
CA LEU A 1023 45.44 18.30 16.15
C LEU A 1023 46.92 17.97 16.03
N VAL A 1024 47.46 18.03 14.81
CA VAL A 1024 48.88 17.73 14.58
C VAL A 1024 49.75 18.73 15.30
N ARG A 1025 49.51 20.03 15.06
CA ARG A 1025 50.28 21.10 15.67
C ARG A 1025 50.23 21.04 17.20
N ALA A 1026 49.11 20.59 17.77
CA ALA A 1026 49.00 20.47 19.21
C ALA A 1026 49.88 19.37 19.77
N ARG A 1027 50.27 18.39 18.97
CA ARG A 1027 51.14 17.30 19.40
C ARG A 1027 52.59 17.57 19.04
N LEU A 1028 52.86 17.95 17.80
CA LEU A 1028 54.22 18.18 17.33
C LEU A 1028 54.65 19.62 17.60
N ALA A 1029 54.48 20.02 18.86
CA ALA A 1029 54.97 21.28 19.39
C ALA A 1029 56.39 21.06 19.91
N THR A 1030 57.22 22.11 19.74
CA THR A 1030 58.65 22.09 20.02
C THR A 1030 59.02 21.44 21.36
N ARG A 1031 58.39 21.87 22.45
CA ARG A 1031 58.74 21.32 23.76
C ARG A 1031 58.41 19.83 23.85
N ARG A 1032 57.27 19.43 23.31
CA ARG A 1032 56.86 18.04 23.40
C ARG A 1032 57.73 17.13 22.56
N ILE A 1033 58.13 17.57 21.36
CA ILE A 1033 58.98 16.74 20.51
C ILE A 1033 60.32 16.49 21.20
N LEU A 1034 60.82 17.49 21.92
CA LEU A 1034 62.15 17.41 22.48
C LEU A 1034 62.17 16.88 23.91
N GLU A 1035 61.27 17.37 24.77
CA GLU A 1035 61.28 16.91 26.16
C GLU A 1035 60.53 15.59 26.34
N GLU A 1036 59.34 15.48 25.76
CA GLU A 1036 58.45 14.37 26.08
C GLU A 1036 58.69 13.15 25.19
N PHE A 1037 58.59 13.34 23.88
CA PHE A 1037 58.77 12.19 22.98
C PHE A 1037 60.22 11.89 22.69
N ARG A 1038 61.09 12.91 22.72
CA ARG A 1038 62.55 12.75 22.57
C ARG A 1038 62.94 12.14 21.23
N LEU A 1039 62.42 12.69 20.15
CA LEU A 1039 62.76 12.17 18.83
C LEU A 1039 64.12 12.67 18.38
N ASN A 1040 64.81 11.84 17.61
CA ASN A 1040 66.04 12.22 16.94
C ASN A 1040 65.77 12.58 15.49
N ARG A 1041 66.83 12.73 14.71
CA ARG A 1041 66.68 13.11 13.31
C ARG A 1041 66.05 12.00 12.47
N ASP A 1042 66.51 10.76 12.65
CA ASP A 1042 65.99 9.62 11.91
C ASP A 1042 64.51 9.36 12.20
N ALA A 1043 64.14 9.36 13.48
CA ALA A 1043 62.77 9.08 13.87
C ALA A 1043 61.79 10.17 13.46
N PHE A 1044 62.17 11.44 13.59
CA PHE A 1044 61.23 12.52 13.29
C PHE A 1044 60.85 12.57 11.82
N GLU A 1045 61.83 12.39 10.92
CA GLU A 1045 61.53 12.36 9.49
C GLU A 1045 60.64 11.19 9.15
N TRP A 1046 60.80 10.08 9.87
CA TRP A 1046 59.95 8.91 9.69
C TRP A 1046 58.52 9.19 10.13
N VAL A 1047 58.35 9.85 11.30
CA VAL A 1047 57.03 10.24 11.78
C VAL A 1047 56.26 11.09 10.78
N LEU A 1048 56.92 12.08 10.18
CA LEU A 1048 56.27 12.92 9.16
C LEU A 1048 55.82 12.09 7.96
N GLY A 1049 56.68 11.21 7.48
CA GLY A 1049 56.33 10.36 6.34
C GLY A 1049 55.16 9.44 6.63
N THR A 1050 55.09 8.90 7.84
CA THR A 1050 54.01 7.98 8.19
C THR A 1050 52.66 8.70 8.26
N ILE A 1051 52.62 9.86 8.93
CA ILE A 1051 51.40 10.68 9.00
C ILE A 1051 50.89 11.00 7.61
N GLU A 1052 51.80 11.42 6.73
CA GLU A 1052 51.47 11.77 5.36
C GLU A 1052 50.90 10.56 4.61
N ALA A 1053 51.52 9.39 4.79
CA ALA A 1053 51.04 8.21 4.08
C ALA A 1053 49.71 7.72 4.62
N GLN A 1054 49.55 7.70 5.95
CA GLN A 1054 48.32 7.17 6.54
C GLN A 1054 47.14 8.10 6.36
N PHE A 1055 47.35 9.41 6.25
CA PHE A 1055 46.20 10.28 6.01
C PHE A 1055 45.60 10.04 4.64
N GLN A 1056 46.44 9.87 3.62
CA GLN A 1056 45.95 9.54 2.29
C GLN A 1056 45.12 8.26 2.31
N ARG A 1057 45.63 7.23 2.99
CA ARG A 1057 44.95 5.95 3.11
C ARG A 1057 43.61 6.02 3.83
N SER A 1058 43.32 7.12 4.52
CA SER A 1058 42.11 7.26 5.32
C SER A 1058 41.02 8.00 4.58
N LEU A 1059 41.29 8.48 3.38
CA LEU A 1059 40.28 9.13 2.55
C LEU A 1059 39.28 8.10 2.09
N VAL A 1060 38.00 8.50 2.03
CA VAL A 1060 36.97 7.64 1.49
C VAL A 1060 37.25 7.37 0.01
N HIS A 1061 36.88 6.21 -0.43
CA HIS A 1061 37.17 5.85 -1.80
C HIS A 1061 36.01 6.20 -2.70
N PRO A 1062 36.25 6.89 -3.80
CA PRO A 1062 35.20 7.13 -4.80
C PRO A 1062 34.53 5.86 -5.27
N GLY A 1063 33.22 5.94 -5.44
CA GLY A 1063 32.39 4.80 -5.72
C GLY A 1063 31.67 4.22 -4.53
N GLU A 1064 32.03 4.65 -3.32
CA GLU A 1064 31.45 4.09 -2.11
C GLU A 1064 29.99 4.48 -2.00
N MET A 1065 29.11 3.50 -1.81
CA MET A 1065 27.68 3.76 -1.73
C MET A 1065 27.32 4.18 -0.31
N VAL A 1066 27.66 5.42 0.01
CA VAL A 1066 27.52 5.94 1.36
C VAL A 1066 26.07 6.12 1.76
N GLY A 1067 25.17 6.19 0.79
CA GLY A 1067 23.75 6.28 1.02
C GLY A 1067 23.19 5.09 1.76
N VAL A 1068 23.41 3.90 1.20
CA VAL A 1068 22.92 2.66 1.79
C VAL A 1068 23.55 2.43 3.15
N ILE A 1069 24.84 2.74 3.30
CA ILE A 1069 25.55 2.59 4.57
C ILE A 1069 24.91 3.45 5.65
N ALA A 1070 24.55 4.68 5.29
CA ALA A 1070 23.83 5.57 6.19
C ALA A 1070 22.48 4.99 6.61
N ALA A 1071 21.76 4.41 5.66
CA ALA A 1071 20.43 3.86 5.96
C ALA A 1071 20.50 2.72 6.95
N GLN A 1072 21.46 1.82 6.75
CA GLN A 1072 21.62 0.69 7.66
C GLN A 1072 22.16 1.12 9.02
N SER A 1073 23.09 2.07 9.04
CA SER A 1073 23.67 2.56 10.29
C SER A 1073 22.66 3.20 11.21
N ILE A 1074 21.64 3.85 10.67
CA ILE A 1074 20.59 4.44 11.51
C ILE A 1074 19.52 3.42 11.86
N GLY A 1075 19.17 2.54 10.95
CA GLY A 1075 18.05 1.64 11.17
C GLY A 1075 18.34 0.51 12.13
N GLU A 1076 19.54 -0.07 12.03
CA GLU A 1076 19.94 -1.19 12.89
C GLU A 1076 19.84 -0.89 14.39
N PRO A 1077 20.32 0.24 14.95
CA PRO A 1077 20.12 0.46 16.40
C PRO A 1077 18.66 0.58 16.79
N ALA A 1078 17.85 1.20 15.94
CA ALA A 1078 16.40 1.30 16.17
C ALA A 1078 15.74 -0.06 16.35
N THR A 1079 16.26 -1.09 15.67
CA THR A 1079 15.70 -2.45 15.75
C THR A 1079 15.96 -3.12 17.11
N GLN A 1080 16.63 -2.44 18.05
CA GLN A 1080 16.98 -3.03 19.34
C GLN A 1080 16.80 -1.99 20.43
N MET A 1081 15.78 -1.15 20.28
CA MET A 1081 15.61 -0.03 21.18
C MET A 1081 14.14 0.27 21.45
N ASN A 1095 9.27 14.64 30.57
CA ASN A 1095 8.50 13.56 29.97
C ASN A 1095 8.37 13.82 28.47
N VAL A 1096 9.42 13.49 27.73
CA VAL A 1096 9.41 13.65 26.27
C VAL A 1096 9.33 12.29 25.62
N THR A 1097 8.74 12.26 24.43
CA THR A 1097 8.64 11.04 23.64
C THR A 1097 10.02 10.62 23.16
N LEU A 1098 10.33 9.33 23.27
CA LEU A 1098 11.62 8.82 22.82
C LEU A 1098 11.37 7.54 22.04
N GLY A 1099 12.46 6.84 21.73
CA GLY A 1099 12.50 5.58 21.01
C GLY A 1099 11.80 5.66 19.67
N VAL A 1100 11.29 4.49 19.23
CA VAL A 1100 10.67 4.39 17.91
C VAL A 1100 9.52 5.37 17.64
N PRO A 1101 8.57 5.64 18.56
CA PRO A 1101 7.51 6.63 18.23
C PRO A 1101 8.02 8.02 17.93
N ARG A 1102 9.09 8.45 18.59
CA ARG A 1102 9.65 9.76 18.32
C ARG A 1102 10.37 9.78 16.97
N LEU A 1103 11.19 8.76 16.71
CA LEU A 1103 11.85 8.54 15.42
C LEU A 1103 10.86 8.60 14.25
N LYS A 1104 9.68 8.00 14.44
CA LYS A 1104 8.66 7.97 13.42
C LYS A 1104 8.15 9.36 13.08
N GLU A 1105 7.92 10.20 14.09
CA GLU A 1105 7.54 11.60 13.90
C GLU A 1105 8.51 12.38 13.02
N ILE A 1106 9.81 12.13 13.16
CA ILE A 1106 10.80 12.86 12.40
C ILE A 1106 10.74 12.50 10.92
N LEU A 1107 10.84 11.22 10.59
CA LEU A 1107 10.92 10.79 9.19
C LEU A 1107 9.65 11.15 8.41
N ASN A 1108 8.51 11.06 9.08
CA ASN A 1108 7.14 11.34 8.66
C ASN A 1108 6.79 12.81 8.68
N VAL A 1109 7.76 13.68 9.01
CA VAL A 1109 7.73 15.11 9.35
C VAL A 1109 6.30 15.61 9.55
N ALA A 1110 5.76 15.09 10.64
CA ALA A 1110 4.42 15.36 11.12
C ALA A 1110 4.29 16.81 11.56
N LYS A 1111 3.14 17.40 11.25
CA LYS A 1111 2.94 18.81 11.50
C LYS A 1111 2.56 19.03 12.96
N ASN A 1112 1.97 18.02 13.59
CA ASN A 1112 1.51 18.06 14.98
C ASN A 1112 2.15 16.90 15.73
N ILE A 1113 3.26 17.17 16.39
CA ILE A 1113 4.01 16.15 17.11
C ILE A 1113 3.32 15.94 18.44
N LYS A 1114 3.69 14.86 19.13
CA LYS A 1114 2.94 14.48 20.33
C LYS A 1114 3.34 15.33 21.53
N THR A 1115 4.60 15.71 21.65
CA THR A 1115 5.09 16.47 22.80
C THR A 1115 5.85 17.73 22.33
N PRO A 1116 5.14 18.75 21.84
CA PRO A 1116 5.82 19.99 21.46
C PRO A 1116 6.36 20.71 22.69
N ALA A 1117 7.58 21.23 22.57
CA ALA A 1117 8.25 21.82 23.71
C ALA A 1117 9.28 22.84 23.26
N LEU A 1118 9.40 23.94 24.01
CA LEU A 1118 10.38 24.97 23.74
C LEU A 1118 11.43 24.94 24.84
N THR A 1119 12.69 25.19 24.47
CA THR A 1119 13.75 25.39 25.45
C THR A 1119 14.11 26.86 25.45
N VAL A 1120 13.79 27.56 26.52
CA VAL A 1120 13.90 29.02 26.54
C VAL A 1120 15.04 29.47 27.46
N TYR A 1121 16.22 29.66 26.89
CA TYR A 1121 17.32 30.23 27.66
C TYR A 1121 17.09 31.71 27.91
N LEU A 1122 17.60 32.17 29.06
CA LEU A 1122 17.40 33.52 29.55
C LEU A 1122 18.72 34.27 29.51
N ASP A 1123 18.65 35.59 29.40
CA ASP A 1123 19.83 36.45 29.52
C ASP A 1123 20.56 36.22 30.83
N ARG A 1124 21.90 36.36 30.77
CA ARG A 1124 22.80 35.94 31.84
C ARG A 1124 22.48 36.60 33.18
N GLU A 1125 22.26 37.92 33.16
CA GLU A 1125 21.96 38.68 34.37
C GLU A 1125 20.69 38.20 35.06
N ILE A 1126 19.71 37.74 34.28
CA ILE A 1126 18.47 37.21 34.80
C ILE A 1126 18.61 35.74 35.21
N ALA A 1127 19.45 34.98 34.50
CA ALA A 1127 19.57 33.54 34.70
C ALA A 1127 20.19 33.15 36.02
N LEU A 1128 20.91 34.05 36.67
CA LEU A 1128 21.51 33.75 37.97
C LEU A 1128 20.77 34.44 39.12
N ASP A 1129 19.52 34.85 38.88
CA ASP A 1129 18.68 35.48 39.90
C ASP A 1129 17.28 34.92 39.78
N ILE A 1130 16.96 33.97 40.67
CA ILE A 1130 15.72 33.20 40.61
C ILE A 1130 14.48 34.10 40.72
N GLU A 1131 14.57 35.23 41.42
CA GLU A 1131 13.43 36.12 41.58
C GLU A 1131 13.05 36.79 40.26
N LYS A 1132 14.04 37.21 39.48
CA LYS A 1132 13.77 37.82 38.19
C LYS A 1132 13.25 36.80 37.20
N ALA A 1133 13.74 35.56 37.28
CA ALA A 1133 13.28 34.49 36.40
C ALA A 1133 11.82 34.16 36.61
N LYS A 1134 11.35 34.19 37.87
CA LYS A 1134 9.93 33.98 38.15
C LYS A 1134 9.06 35.04 37.50
N VAL A 1135 9.57 36.28 37.40
CA VAL A 1135 8.84 37.36 36.75
C VAL A 1135 8.62 37.03 35.28
N ILE A 1136 9.69 36.56 34.62
CA ILE A 1136 9.63 36.12 33.23
C ILE A 1136 8.63 34.98 33.07
N GLN A 1137 8.62 34.05 34.03
CA GLN A 1137 7.71 32.89 34.01
C GLN A 1137 6.26 33.33 33.90
N SER A 1138 5.82 34.23 34.78
CA SER A 1138 4.42 34.61 34.81
C SER A 1138 4.00 35.42 33.58
N SER A 1139 4.93 36.07 32.89
CA SER A 1139 4.57 36.84 31.71
C SER A 1139 4.40 35.97 30.47
N ILE A 1140 5.05 34.81 30.43
CA ILE A 1140 5.02 33.94 29.27
C ILE A 1140 3.80 33.02 29.33
N GLU A 1141 3.44 32.60 30.53
CA GLU A 1141 2.40 31.59 30.73
C GLU A 1141 1.03 32.12 30.36
N TYR A 1142 0.31 31.33 29.57
CA TYR A 1142 -1.01 31.72 29.10
C TYR A 1142 -2.01 31.53 30.23
N THR A 1143 -2.77 32.57 30.53
CA THR A 1143 -3.83 32.49 31.51
C THR A 1143 -5.09 33.06 30.90
N THR A 1144 -6.12 32.24 30.80
CA THR A 1144 -7.39 32.76 30.33
C THR A 1144 -8.26 33.13 31.52
N LEU A 1145 -9.40 33.74 31.20
CA LEU A 1145 -10.38 34.07 32.22
C LEU A 1145 -10.98 32.78 32.77
N LYS A 1146 -11.20 31.81 31.88
CA LYS A 1146 -11.69 30.49 32.27
C LYS A 1146 -10.77 29.80 33.29
N ASN A 1147 -9.47 30.07 33.24
CA ASN A 1147 -8.52 29.41 34.13
C ASN A 1147 -8.71 29.84 35.58
N VAL A 1148 -9.15 31.08 35.79
CA VAL A 1148 -9.24 31.64 37.14
C VAL A 1148 -10.67 31.71 37.64
N THR A 1149 -11.65 31.36 36.81
CA THR A 1149 -13.05 31.48 37.19
C THR A 1149 -13.49 30.20 37.88
N SER A 1150 -14.10 30.34 39.05
CA SER A 1150 -14.68 29.21 39.78
C SER A 1150 -16.16 28.98 39.48
N ALA A 1151 -16.95 30.03 39.31
CA ALA A 1151 -18.37 29.88 39.06
C ALA A 1151 -18.92 31.12 38.36
N THR A 1152 -19.96 30.90 37.55
CA THR A 1152 -20.72 31.94 36.89
C THR A 1152 -22.18 31.79 37.28
N GLU A 1153 -22.89 32.93 37.35
CA GLU A 1153 -24.29 32.93 37.74
C GLU A 1153 -25.08 33.91 36.87
N ILE A 1154 -26.38 33.66 36.75
CA ILE A 1154 -27.29 34.54 36.00
C ILE A 1154 -28.46 34.90 36.88
N TYR A 1155 -28.54 36.15 37.30
CA TYR A 1155 -29.65 36.61 38.12
C TYR A 1155 -30.64 37.48 37.35
N TYR A 1156 -31.84 37.57 37.90
CA TYR A 1156 -32.84 38.58 37.53
C TYR A 1156 -32.77 39.70 38.57
N ASP A 1157 -32.02 40.76 38.27
CA ASP A 1157 -31.86 41.89 39.18
C ASP A 1157 -32.49 43.16 38.60
N PRO A 1158 -33.80 43.36 38.79
CA PRO A 1158 -34.52 44.36 37.99
C PRO A 1158 -34.19 45.80 38.31
N ASP A 1159 -33.82 46.10 39.54
CA ASP A 1159 -33.51 47.45 39.98
C ASP A 1159 -32.02 47.68 39.77
N PRO A 1160 -31.62 48.54 38.82
CA PRO A 1160 -30.18 48.73 38.56
C PRO A 1160 -29.37 49.28 39.73
N THR A 1161 -29.99 50.02 40.65
CA THR A 1161 -29.25 50.60 41.76
C THR A 1161 -29.22 49.70 42.99
N SER A 1162 -29.99 48.63 43.02
CA SER A 1162 -29.95 47.66 44.12
C SER A 1162 -29.79 46.22 43.68
N THR A 1163 -29.94 45.29 44.61
CA THR A 1163 -29.76 43.87 44.36
C THR A 1163 -30.54 43.07 45.40
N VAL A 1164 -31.21 42.03 44.92
CA VAL A 1164 -31.87 41.08 45.81
C VAL A 1164 -30.85 40.28 46.61
N ILE A 1165 -29.62 40.15 46.12
CA ILE A 1165 -28.60 39.36 46.79
C ILE A 1165 -28.11 40.06 48.06
N GLU A 1166 -28.42 39.44 49.21
CA GLU A 1166 -27.97 39.94 50.51
C GLU A 1166 -26.46 39.87 50.64
N GLU A 1167 -25.82 38.93 49.92
CA GLU A 1167 -24.38 38.76 50.03
C GLU A 1167 -23.65 39.95 49.41
N ASP A 1168 -24.12 40.43 48.27
CA ASP A 1168 -23.48 41.57 47.62
C ASP A 1168 -24.14 42.89 48.03
N PHE A 1169 -24.87 42.91 49.16
CA PHE A 1169 -25.55 44.13 49.59
C PHE A 1169 -24.57 45.24 49.96
N ASP A 1170 -23.74 44.99 50.99
CA ASP A 1170 -22.78 45.99 51.41
C ASP A 1170 -21.75 46.30 50.33
N THR A 1171 -21.48 45.34 49.44
CA THR A 1171 -20.51 45.56 48.37
C THR A 1171 -21.02 46.58 47.36
N VAL A 1172 -22.20 46.35 46.79
CA VAL A 1172 -22.68 47.23 45.72
C VAL A 1172 -23.24 48.55 46.26
N GLU A 1173 -23.87 48.56 47.45
CA GLU A 1173 -24.43 49.78 48.01
C GLU A 1173 -23.37 50.84 48.26
N ALA A 1174 -22.27 50.46 48.92
CA ALA A 1174 -21.25 51.45 49.17
C ALA A 1174 -20.50 51.81 47.89
N TYR A 1175 -20.35 50.86 46.96
CA TYR A 1175 -19.56 51.09 45.75
C TYR A 1175 -20.19 52.20 44.90
N PHE A 1176 -21.52 52.16 44.71
CA PHE A 1176 -22.20 53.12 43.84
C PHE A 1176 -22.24 54.52 44.45
N SER A 1177 -21.94 54.65 45.73
CA SER A 1177 -21.94 55.96 46.37
C SER A 1177 -20.52 56.49 46.51
N GLN A 1190 -30.74 49.76 31.09
CA GLN A 1190 -29.97 48.53 30.93
C GLN A 1190 -30.78 47.30 31.34
N SER A 1191 -30.27 46.14 30.96
CA SER A 1191 -31.04 44.91 31.03
C SER A 1191 -31.24 44.49 32.49
N PRO A 1192 -32.38 43.87 32.80
CA PRO A 1192 -32.58 43.36 34.16
C PRO A 1192 -31.79 42.10 34.45
N TRP A 1193 -31.30 41.41 33.43
CA TRP A 1193 -30.52 40.19 33.63
C TRP A 1193 -29.10 40.53 34.06
N LEU A 1194 -28.62 39.85 35.09
CA LEU A 1194 -27.30 40.06 35.67
C LEU A 1194 -26.41 38.87 35.39
N LEU A 1195 -25.19 39.12 34.93
CA LEU A 1195 -24.15 38.09 34.85
C LEU A 1195 -23.18 38.27 36.01
N ARG A 1196 -23.14 37.30 36.91
CA ARG A 1196 -22.31 37.35 38.12
C ARG A 1196 -21.33 36.19 38.09
N LEU A 1197 -20.03 36.49 37.99
CA LEU A 1197 -19.00 35.48 37.96
C LEU A 1197 -18.07 35.61 39.15
N GLU A 1198 -17.68 34.48 39.72
CA GLU A 1198 -16.82 34.40 40.92
C GLU A 1198 -15.42 33.92 40.59
N LEU A 1199 -14.42 34.65 41.07
CA LEU A 1199 -13.02 34.28 40.89
C LEU A 1199 -12.52 33.50 42.10
N ASP A 1200 -11.70 32.48 41.85
CA ASP A 1200 -11.11 31.68 42.90
C ASP A 1200 -9.92 32.41 43.51
N ARG A 1201 -9.92 32.58 44.84
CA ARG A 1201 -8.90 33.38 45.51
C ARG A 1201 -7.52 32.74 45.40
N ALA A 1202 -7.46 31.42 45.54
CA ALA A 1202 -6.17 30.71 45.50
C ALA A 1202 -5.47 30.84 44.17
N ARG A 1203 -6.17 30.56 43.06
CA ARG A 1203 -5.52 30.67 41.77
C ARG A 1203 -5.21 32.11 41.39
N MET A 1204 -6.06 33.06 41.78
CA MET A 1204 -5.76 34.48 41.59
C MET A 1204 -4.56 34.94 42.39
N LEU A 1205 -4.37 34.39 43.59
CA LEU A 1205 -3.23 34.80 44.41
C LEU A 1205 -1.92 34.23 43.88
N ASP A 1206 -1.91 32.94 43.51
CA ASP A 1206 -0.71 32.29 42.99
C ASP A 1206 -0.23 32.94 41.70
N LYS A 1207 -1.15 33.17 40.76
CA LYS A 1207 -0.81 33.76 39.47
C LYS A 1207 -0.49 35.25 39.56
N GLN A 1208 -0.68 35.87 40.73
CA GLN A 1208 -0.38 37.29 40.99
C GLN A 1208 -1.20 38.23 40.11
N LEU A 1209 -2.52 38.09 40.17
CA LEU A 1209 -3.40 38.90 39.36
C LEU A 1209 -4.29 39.71 40.30
N THR A 1210 -4.49 40.97 39.97
CA THR A 1210 -5.37 41.86 40.70
C THR A 1210 -6.72 42.01 39.98
N MET A 1211 -7.76 42.32 40.77
CA MET A 1211 -9.10 42.55 40.23
C MET A 1211 -9.10 43.62 39.15
N ASN A 1212 -8.27 44.65 39.35
CA ASN A 1212 -8.17 45.77 38.41
C ASN A 1212 -7.71 45.31 37.04
N GLN A 1213 -6.58 44.60 36.99
CA GLN A 1213 -5.96 44.25 35.73
C GLN A 1213 -6.79 43.20 34.98
N VAL A 1214 -7.52 42.37 35.71
CA VAL A 1214 -8.45 41.43 35.11
C VAL A 1214 -9.58 42.20 34.43
N ALA A 1215 -10.08 43.23 35.10
CA ALA A 1215 -11.15 44.07 34.56
C ALA A 1215 -10.65 44.92 33.39
N ASP A 1216 -9.39 45.37 33.43
CA ASP A 1216 -8.82 46.16 32.33
C ASP A 1216 -8.91 45.41 31.00
N LYS A 1217 -8.44 44.15 30.97
CA LYS A 1217 -8.46 43.35 29.74
C LYS A 1217 -9.89 43.15 29.24
N ILE A 1218 -10.84 43.04 30.17
CA ILE A 1218 -12.25 42.93 29.82
C ILE A 1218 -12.75 44.20 29.16
N SER A 1219 -12.34 45.37 29.69
CA SER A 1219 -12.73 46.66 29.13
C SER A 1219 -12.40 46.81 27.64
N GLU A 1220 -11.16 46.50 27.23
CA GLU A 1220 -10.75 46.70 25.83
C GLU A 1220 -11.60 45.91 24.85
N VAL A 1221 -11.93 44.67 25.19
CA VAL A 1221 -12.71 43.80 24.31
C VAL A 1221 -14.22 43.97 24.42
N PHE A 1222 -14.72 44.50 25.54
CA PHE A 1222 -16.16 44.63 25.76
C PHE A 1222 -16.67 46.06 25.86
N SER A 1223 -15.79 47.06 25.68
CA SER A 1223 -16.02 48.50 25.56
C SER A 1223 -17.22 49.09 26.32
N ASP A 1224 -18.36 49.28 25.65
CA ASP A 1224 -19.53 49.87 26.29
C ASP A 1224 -20.73 48.94 26.36
N ASP A 1225 -20.58 47.66 26.04
CA ASP A 1225 -21.69 46.73 26.17
C ASP A 1225 -21.74 46.04 27.52
N LEU A 1226 -20.92 46.45 28.49
CA LEU A 1226 -20.91 45.72 29.74
C LEU A 1226 -20.34 46.60 30.85
N PHE A 1227 -21.11 46.70 31.94
CA PHE A 1227 -20.74 47.40 33.15
C PHE A 1227 -20.04 46.43 34.09
N VAL A 1228 -18.80 46.72 34.46
CA VAL A 1228 -17.99 45.80 35.25
C VAL A 1228 -17.87 46.36 36.66
N MET A 1229 -18.12 45.50 37.66
CA MET A 1229 -18.09 45.83 39.08
C MET A 1229 -17.45 44.70 39.84
N TRP A 1230 -16.41 44.99 40.60
CA TRP A 1230 -15.64 43.96 41.26
C TRP A 1230 -15.66 44.18 42.77
N SER A 1231 -15.62 43.08 43.52
CA SER A 1231 -15.57 43.21 44.96
C SER A 1231 -14.12 43.36 45.40
N GLU A 1232 -13.93 43.68 46.67
CA GLU A 1232 -12.57 43.86 47.14
C GLU A 1232 -11.92 42.55 47.52
N ASP A 1233 -10.59 42.54 47.49
CA ASP A 1233 -9.84 41.33 47.85
C ASP A 1233 -9.99 40.95 49.32
N ASN A 1234 -10.42 41.88 50.17
CA ASN A 1234 -10.63 41.56 51.57
C ASN A 1234 -11.94 40.81 51.80
N ALA A 1235 -12.84 40.83 50.80
CA ALA A 1235 -14.17 40.24 50.92
C ALA A 1235 -14.07 38.73 51.11
N ASP A 1236 -15.13 38.13 51.63
CA ASP A 1236 -15.13 36.69 51.83
C ASP A 1236 -15.10 35.95 50.49
N LYS A 1237 -15.89 36.40 49.53
CA LYS A 1237 -15.84 35.88 48.17
C LYS A 1237 -15.45 36.97 47.18
N LEU A 1238 -14.61 36.61 46.20
CA LEU A 1238 -14.18 37.52 45.14
C LEU A 1238 -15.20 37.45 43.99
N ILE A 1239 -15.90 38.55 43.75
CA ILE A 1239 -17.07 38.56 42.87
C ILE A 1239 -16.90 39.68 41.84
N ILE A 1240 -17.32 39.40 40.61
CA ILE A 1240 -17.39 40.38 39.52
C ILE A 1240 -18.78 40.34 38.91
N ARG A 1241 -19.45 41.48 38.90
CA ARG A 1241 -20.78 41.65 38.34
C ARG A 1241 -20.75 42.30 36.97
N CYS A 1242 -21.63 41.84 36.09
CA CYS A 1242 -21.69 42.31 34.71
C CYS A 1242 -23.15 42.42 34.28
N ARG A 1243 -23.46 43.46 33.53
CA ARG A 1243 -24.79 43.64 32.96
C ARG A 1243 -24.68 44.15 31.54
N VAL A 1244 -25.63 43.77 30.71
CA VAL A 1244 -25.70 44.34 29.38
C VAL A 1244 -26.25 45.75 29.54
N ILE A 1245 -25.86 46.67 28.68
CA ILE A 1245 -26.46 47.99 28.71
C ILE A 1245 -27.24 48.28 27.44
N GLU A 1258 -35.55 38.90 22.68
CA GLU A 1258 -35.26 37.71 23.48
C GLU A 1258 -33.78 37.62 23.82
N GLU A 1259 -33.45 37.56 25.12
CA GLU A 1259 -32.06 37.62 25.51
C GLU A 1259 -31.72 36.64 26.61
N ASP A 1260 -32.60 35.66 26.88
CA ASP A 1260 -32.27 34.66 27.90
C ASP A 1260 -31.13 33.79 27.45
N GLN A 1261 -31.14 33.44 26.15
CA GLN A 1261 -30.12 32.59 25.56
C GLN A 1261 -28.90 33.39 25.17
N MET A 1262 -29.09 34.67 24.85
CA MET A 1262 -27.97 35.52 24.46
C MET A 1262 -26.95 35.65 25.56
N LEU A 1263 -27.40 35.54 26.82
CA LEU A 1263 -26.47 35.60 27.94
C LEU A 1263 -25.72 34.30 28.07
N LYS A 1264 -26.36 33.17 27.74
CA LYS A 1264 -25.63 31.91 27.72
C LYS A 1264 -24.60 31.88 26.60
N ARG A 1265 -24.97 32.41 25.42
CA ARG A 1265 -24.04 32.51 24.31
C ARG A 1265 -22.89 33.46 24.62
N ILE A 1266 -23.19 34.59 25.27
CA ILE A 1266 -22.14 35.53 25.67
C ILE A 1266 -21.22 34.89 26.70
N GLU A 1267 -21.80 34.16 27.66
CA GLU A 1267 -21.00 33.51 28.71
C GLU A 1267 -20.06 32.48 28.08
N ALA A 1268 -20.55 31.77 27.08
CA ALA A 1268 -19.71 30.85 26.32
C ALA A 1268 -18.62 31.62 25.61
N HIS A 1269 -18.99 32.76 25.01
CA HIS A 1269 -18.05 33.62 24.29
C HIS A 1269 -17.01 34.20 25.23
N MET A 1270 -17.38 34.46 26.49
CA MET A 1270 -16.44 35.04 27.46
C MET A 1270 -15.36 34.04 27.85
N LEU A 1271 -15.76 32.85 28.32
CA LEU A 1271 -14.83 31.82 28.76
C LEU A 1271 -13.91 31.31 27.66
N ASP A 1272 -14.30 31.45 26.40
CA ASP A 1272 -13.57 30.88 25.27
C ASP A 1272 -12.62 31.88 24.61
N LEU A 1273 -12.59 33.14 25.04
CA LEU A 1273 -11.82 34.10 24.26
C LEU A 1273 -11.07 35.15 25.07
N ILE A 1274 -11.45 35.37 26.33
CA ILE A 1274 -10.81 36.46 27.06
C ILE A 1274 -9.43 35.99 27.52
N ALA A 1275 -8.39 36.70 27.09
CA ALA A 1275 -7.02 36.38 27.44
C ALA A 1275 -6.53 37.44 28.43
N LEU A 1276 -6.15 37.02 29.63
CA LEU A 1276 -5.75 38.02 30.62
C LEU A 1276 -4.32 38.48 30.42
N ARG A 1277 -3.40 37.57 30.13
CA ARG A 1277 -2.00 37.88 29.82
C ARG A 1277 -1.36 36.64 29.21
N GLY A 1278 -0.10 36.80 28.84
CA GLY A 1278 0.73 35.68 28.39
C GLY A 1278 0.73 35.47 26.90
N ILE A 1279 1.53 34.49 26.50
CA ILE A 1279 1.76 34.14 25.10
C ILE A 1279 0.88 32.95 24.74
N PRO A 1280 0.01 33.08 23.73
CA PRO A 1280 -0.86 31.96 23.33
C PRO A 1280 -0.09 30.70 22.95
N GLY A 1281 -0.66 29.55 23.32
CA GLY A 1281 -0.04 28.27 23.08
C GLY A 1281 0.92 27.78 24.15
N ILE A 1282 1.24 28.60 25.15
CA ILE A 1282 2.16 28.19 26.21
C ILE A 1282 1.33 27.88 27.45
N SER A 1283 0.96 26.60 27.60
CA SER A 1283 0.05 26.22 28.67
C SER A 1283 0.75 26.11 30.01
N LYS A 1284 2.02 25.73 30.03
CA LYS A 1284 2.77 25.58 31.26
C LYS A 1284 4.22 26.02 31.03
N VAL A 1285 4.83 26.57 32.06
CA VAL A 1285 6.22 26.98 32.04
C VAL A 1285 6.92 26.35 33.23
N TYR A 1286 8.00 25.63 32.97
CA TYR A 1286 8.74 24.95 34.01
C TYR A 1286 10.04 25.68 34.26
N MET A 1287 10.48 25.68 35.50
CA MET A 1287 11.72 26.32 35.89
C MET A 1287 12.77 25.21 35.96
N VAL A 1288 13.71 25.21 35.01
CA VAL A 1288 14.67 24.14 34.83
C VAL A 1288 16.07 24.68 35.08
N LYS A 1289 16.88 23.94 35.84
CA LYS A 1289 18.25 24.32 36.07
C LYS A 1289 19.18 23.62 35.06
N HIS A 1290 20.02 24.41 34.39
CA HIS A 1290 21.00 23.90 33.43
C HIS A 1290 22.39 23.97 34.02
N LYS A 1291 23.15 22.88 33.88
CA LYS A 1291 24.57 22.86 34.18
C LYS A 1291 25.35 23.07 32.89
N VAL A 1292 25.87 24.28 32.70
CA VAL A 1292 26.58 24.66 31.47
C VAL A 1292 28.06 24.88 31.78
N SER A 1293 28.94 24.31 30.95
CA SER A 1293 30.37 24.42 31.14
C SER A 1293 30.87 25.69 30.45
N VAL A 1294 31.50 26.58 31.21
CA VAL A 1294 31.93 27.89 30.73
C VAL A 1294 33.33 28.14 31.29
N PRO A 1295 34.26 28.72 30.53
CA PRO A 1295 35.63 28.89 31.04
C PRO A 1295 35.69 29.93 32.14
N ASP A 1296 36.60 29.70 33.09
CA ASP A 1296 36.83 30.60 34.21
C ASP A 1296 37.45 31.93 33.72
N GLU A 1297 37.72 32.84 34.63
CA GLU A 1297 38.66 33.91 34.31
C GLU A 1297 40.08 33.38 34.24
N SER A 1298 40.42 32.36 35.04
CA SER A 1298 41.70 31.69 34.92
C SER A 1298 41.84 30.88 33.63
N GLY A 1299 40.75 30.63 32.91
CA GLY A 1299 40.76 29.80 31.72
C GLY A 1299 40.42 28.34 31.92
N GLU A 1300 40.23 27.89 33.16
CA GLU A 1300 39.92 26.50 33.40
C GLU A 1300 38.44 26.27 33.25
N TYR A 1301 38.06 25.14 32.67
CA TYR A 1301 36.65 24.86 32.48
C TYR A 1301 36.00 24.52 33.82
N LYS A 1302 34.97 25.26 34.20
CA LYS A 1302 34.23 24.94 35.41
C LYS A 1302 32.74 24.89 35.12
N ASN A 1303 32.04 24.14 35.96
CA ASN A 1303 30.61 24.08 35.81
C ASN A 1303 29.98 25.36 36.35
N GLU A 1304 28.76 25.63 35.91
CA GLU A 1304 28.08 26.85 36.31
C GLU A 1304 26.59 26.60 36.17
N GLU A 1305 25.85 26.74 37.26
CA GLU A 1305 24.42 26.48 37.25
C GLU A 1305 23.67 27.74 36.82
N LEU A 1306 22.76 27.58 35.86
CA LEU A 1306 21.96 28.67 35.34
C LEU A 1306 20.52 28.20 35.19
N TRP A 1307 19.60 29.12 35.42
CA TRP A 1307 18.18 28.87 35.31
C TRP A 1307 17.70 29.09 33.88
N ALA A 1308 16.87 28.18 33.40
CA ALA A 1308 16.20 28.34 32.10
C ALA A 1308 14.76 27.90 32.24
N LEU A 1309 14.00 28.07 31.18
CA LEU A 1309 12.59 27.68 31.18
C LEU A 1309 12.32 26.68 30.07
N GLU A 1310 11.34 25.82 30.28
CA GLU A 1310 10.84 24.92 29.25
C GLU A 1310 9.32 24.92 29.29
N THR A 1311 8.69 24.82 28.11
CA THR A 1311 7.26 25.00 27.97
C THR A 1311 6.63 23.75 27.39
N ASP A 1312 5.35 23.53 27.70
CA ASP A 1312 4.47 22.71 26.88
C ASP A 1312 3.73 23.55 25.83
N GLY A 1313 3.75 23.08 24.59
CA GLY A 1313 3.25 23.84 23.47
C GLY A 1313 4.29 24.78 22.89
N ILE A 1314 4.08 25.21 21.64
CA ILE A 1314 5.06 26.04 20.96
C ILE A 1314 4.41 27.30 20.40
N ASN A 1315 5.20 28.38 20.39
CA ASN A 1315 4.98 29.59 19.63
C ASN A 1315 6.31 30.31 19.57
N LEU A 1316 7.25 29.80 18.76
CA LEU A 1316 8.65 30.23 18.81
C LEU A 1316 8.82 31.71 18.52
N ALA A 1317 8.08 32.24 17.54
CA ALA A 1317 8.24 33.63 17.13
C ALA A 1317 7.86 34.59 18.24
N GLU A 1318 6.70 34.37 18.86
CA GLU A 1318 6.22 35.27 19.89
C GLU A 1318 7.05 35.21 21.16
N VAL A 1319 7.55 34.02 21.53
CA VAL A 1319 8.32 33.89 22.77
C VAL A 1319 9.69 34.54 22.63
N MET A 1320 10.28 34.46 21.44
CA MET A 1320 11.57 35.10 21.14
C MET A 1320 11.55 36.60 21.41
N ALA A 1321 10.44 37.25 21.14
CA ALA A 1321 10.38 38.70 21.25
C ALA A 1321 10.24 39.21 22.68
N VAL A 1322 9.88 38.34 23.61
CA VAL A 1322 9.60 38.70 25.00
C VAL A 1322 10.84 39.22 25.70
N PRO A 1323 10.81 40.42 26.28
CA PRO A 1323 11.96 40.97 27.02
C PRO A 1323 12.36 40.07 28.17
N GLY A 1324 13.66 39.81 28.28
CA GLY A 1324 14.17 38.91 29.29
C GLY A 1324 14.70 37.64 28.65
N VAL A 1325 13.98 37.17 27.63
CA VAL A 1325 14.38 35.96 26.91
C VAL A 1325 15.60 36.26 26.05
N ASP A 1326 16.59 35.38 26.11
CA ASP A 1326 17.75 35.46 25.23
C ASP A 1326 17.27 35.09 23.83
N SER A 1327 16.95 36.10 23.03
CA SER A 1327 16.41 35.89 21.69
C SER A 1327 17.40 35.27 20.70
N SER A 1328 18.68 35.16 21.02
CA SER A 1328 19.61 34.53 20.10
C SER A 1328 19.81 33.04 20.32
N ARG A 1329 19.14 32.41 21.28
CA ARG A 1329 19.42 31.02 21.58
C ARG A 1329 18.21 30.12 21.76
N THR A 1330 16.98 30.65 21.72
CA THR A 1330 15.77 29.88 21.99
C THR A 1330 15.58 28.75 21.00
N TYR A 1331 15.21 27.57 21.51
CA TYR A 1331 15.17 26.35 20.72
C TYR A 1331 13.82 25.65 20.89
N SER A 1332 13.35 25.00 19.83
CA SER A 1332 12.12 24.23 19.81
C SER A 1332 12.32 22.83 19.26
N ASN A 1333 11.66 21.85 19.84
CA ASN A 1333 11.75 20.51 19.27
C ASN A 1333 10.79 20.26 18.11
N SER A 1334 10.04 21.24 17.61
CA SER A 1334 9.32 21.10 16.35
C SER A 1334 10.09 21.81 15.25
N PHE A 1335 10.84 21.06 14.46
CA PHE A 1335 11.59 21.61 13.35
C PHE A 1335 10.72 22.12 12.21
N VAL A 1336 9.45 21.71 12.12
CA VAL A 1336 8.53 22.35 11.17
C VAL A 1336 8.37 23.83 11.48
N GLU A 1337 8.26 24.17 12.76
CA GLU A 1337 8.11 25.57 13.14
C GLU A 1337 9.41 26.34 12.95
N ILE A 1338 10.55 25.71 13.26
CA ILE A 1338 11.88 26.28 13.03
C ILE A 1338 12.06 26.72 11.59
N LEU A 1339 11.58 25.90 10.64
CA LEU A 1339 11.72 26.24 9.23
C LEU A 1339 10.99 27.54 8.90
N SER A 1340 9.83 27.76 9.51
CA SER A 1340 9.07 28.96 9.21
C SER A 1340 9.69 30.19 9.87
N VAL A 1341 10.34 30.01 11.02
CA VAL A 1341 10.89 31.14 11.74
C VAL A 1341 12.36 31.40 11.37
N LEU A 1342 13.19 30.37 11.31
CA LEU A 1342 14.63 30.58 11.23
C LEU A 1342 15.25 30.20 9.90
N GLY A 1343 14.56 29.46 9.06
CA GLY A 1343 15.08 29.14 7.74
C GLY A 1343 15.72 27.78 7.70
N ILE A 1344 16.20 27.43 6.50
CA ILE A 1344 16.52 26.02 6.22
C ILE A 1344 17.82 25.60 6.89
N GLU A 1345 18.80 26.49 7.01
CA GLU A 1345 20.07 26.10 7.62
C GLU A 1345 19.93 25.85 9.12
N ALA A 1346 19.07 26.59 9.79
CA ALA A 1346 18.81 26.32 11.19
C ALA A 1346 18.06 25.00 11.37
N THR A 1347 17.21 24.66 10.41
CA THR A 1347 16.50 23.38 10.45
C THR A 1347 17.47 22.21 10.40
N ARG A 1348 18.52 22.31 9.57
CA ARG A 1348 19.56 21.29 9.50
C ARG A 1348 20.15 20.98 10.88
N SER A 1349 20.56 22.01 11.61
CA SER A 1349 21.11 21.77 12.94
C SER A 1349 20.07 21.21 13.90
N SER A 1350 18.83 21.71 13.81
CA SER A 1350 17.80 21.25 14.72
C SER A 1350 17.39 19.81 14.43
N LEU A 1351 17.25 19.48 13.15
CA LEU A 1351 17.01 18.10 12.74
C LEU A 1351 18.07 17.15 13.26
N TYR A 1352 19.33 17.52 13.10
CA TYR A 1352 20.42 16.70 13.62
C TYR A 1352 20.36 16.53 15.12
N LYS A 1353 20.11 17.61 15.84
CA LYS A 1353 20.04 17.55 17.30
C LYS A 1353 18.95 16.58 17.76
N GLU A 1354 17.79 16.61 17.11
CA GLU A 1354 16.69 15.76 17.54
C GLU A 1354 16.89 14.30 17.20
N ILE A 1355 17.52 14.00 16.05
CA ILE A 1355 17.81 12.60 15.72
C ILE A 1355 18.88 12.05 16.67
N LEU A 1356 20.00 12.77 16.81
CA LEU A 1356 21.09 12.37 17.69
C LEU A 1356 20.63 12.06 19.11
N ASN A 1357 19.77 12.93 19.65
CA ASN A 1357 19.21 12.73 21.00
C ASN A 1357 18.49 11.39 21.11
N VAL A 1358 17.76 11.00 20.06
CA VAL A 1358 17.06 9.71 20.06
C VAL A 1358 18.05 8.55 20.09
N ILE A 1359 19.05 8.57 19.21
CA ILE A 1359 19.99 7.46 19.11
C ILE A 1359 20.87 7.38 20.35
N ALA A 1360 21.43 8.51 20.79
CA ALA A 1360 22.34 8.54 21.92
C ALA A 1360 21.69 8.19 23.26
N PHE A 1361 20.36 8.19 23.33
CA PHE A 1361 19.67 8.07 24.61
C PHE A 1361 19.88 6.71 25.25
N ASP A 1362 19.72 5.63 24.50
CA ASP A 1362 20.03 4.28 24.99
C ASP A 1362 21.51 3.91 24.87
N GLY A 1363 22.38 4.88 25.11
CA GLY A 1363 23.82 4.76 25.10
C GLY A 1363 24.52 4.46 23.78
N SER A 1364 23.76 4.27 22.71
CA SER A 1364 24.37 3.93 21.43
C SER A 1364 25.13 5.15 20.91
N TYR A 1365 25.99 4.93 19.93
CA TYR A 1365 26.69 6.05 19.33
C TYR A 1365 26.80 5.74 17.85
N VAL A 1366 26.31 6.62 17.00
CA VAL A 1366 26.49 6.50 15.57
C VAL A 1366 27.36 7.66 15.11
N ASN A 1367 28.36 7.35 14.29
CA ASN A 1367 29.32 8.32 13.76
C ASN A 1367 28.55 9.43 13.06
N TYR A 1368 29.08 10.66 13.18
CA TYR A 1368 28.42 11.87 12.71
C TYR A 1368 27.99 11.82 11.25
N ARG A 1369 28.82 11.25 10.37
CA ARG A 1369 28.59 11.40 8.93
C ARG A 1369 27.31 10.72 8.47
N HIS A 1370 26.83 9.70 9.18
CA HIS A 1370 25.62 9.01 8.75
C HIS A 1370 24.37 9.83 9.05
N MET A 1371 24.27 10.40 10.24
CA MET A 1371 23.11 11.24 10.52
C MET A 1371 23.17 12.53 9.73
N ALA A 1372 24.37 13.06 9.54
CA ALA A 1372 24.58 14.24 8.69
C ALA A 1372 24.10 13.99 7.27
N LEU A 1373 24.39 12.80 6.73
CA LEU A 1373 23.97 12.47 5.38
C LEU A 1373 22.46 12.43 5.24
N LEU A 1374 21.77 11.86 6.23
CA LEU A 1374 20.31 11.79 6.18
C LEU A 1374 19.66 13.17 6.21
N VAL A 1375 20.15 14.07 7.06
CA VAL A 1375 19.51 15.38 7.13
C VAL A 1375 19.82 16.26 5.93
N ASP A 1376 20.92 16.03 5.22
CA ASP A 1376 21.15 16.80 4.00
C ASP A 1376 20.20 16.38 2.90
N VAL A 1377 19.86 15.09 2.83
CA VAL A 1377 18.85 14.64 1.88
C VAL A 1377 17.49 15.25 2.21
N MET A 1378 17.17 15.34 3.50
CA MET A 1378 15.87 15.87 3.92
C MET A 1378 15.74 17.37 3.74
N THR A 1379 16.82 18.07 3.46
CA THR A 1379 16.76 19.53 3.36
C THR A 1379 17.28 20.06 2.04
N SER A 1380 17.70 19.19 1.12
CA SER A 1380 18.30 19.67 -0.12
C SER A 1380 17.32 20.44 -0.99
N ARG A 1381 16.04 20.09 -0.95
CA ARG A 1381 15.11 20.81 -1.80
C ARG A 1381 14.72 22.18 -1.25
N GLY A 1382 15.22 22.56 -0.07
CA GLY A 1382 14.82 23.79 0.55
C GLY A 1382 13.62 23.69 1.44
N TYR A 1383 12.81 22.66 1.29
CA TYR A 1383 11.74 22.38 2.23
C TYR A 1383 11.97 20.99 2.78
N LEU A 1384 11.19 20.61 3.79
CA LEU A 1384 11.38 19.30 4.40
C LEU A 1384 10.71 18.25 3.54
N MET A 1385 11.49 17.36 2.96
CA MET A 1385 10.96 16.22 2.22
C MET A 1385 10.84 15.05 3.19
N ALA A 1386 9.61 14.68 3.53
CA ALA A 1386 9.39 13.50 4.36
C ALA A 1386 9.81 12.22 3.66
N ILE A 1387 10.25 11.25 4.46
CA ILE A 1387 10.55 9.90 3.99
C ILE A 1387 9.26 9.08 3.94
N THR A 1388 8.33 9.48 3.08
CA THR A 1388 7.07 8.79 2.79
C THR A 1388 6.90 8.89 1.29
N ARG A 1389 5.88 8.21 0.74
CA ARG A 1389 5.61 8.31 -0.71
C ARG A 1389 5.36 9.74 -1.19
N HIS A 1390 4.77 10.59 -0.33
CA HIS A 1390 4.45 11.95 -0.72
C HIS A 1390 5.70 12.82 -0.88
N GLY A 1391 6.77 12.48 -0.18
CA GLY A 1391 8.04 13.14 -0.43
C GLY A 1391 8.93 12.50 -1.45
N ILE A 1392 9.21 11.21 -1.26
CA ILE A 1392 10.21 10.49 -2.05
C ILE A 1392 9.84 10.48 -3.52
N ASN A 1393 8.59 10.18 -3.83
CA ASN A 1393 8.20 10.02 -5.23
C ASN A 1393 7.83 11.33 -5.92
N ARG A 1394 7.96 12.48 -5.25
CA ARG A 1394 7.90 13.78 -5.91
C ARG A 1394 9.23 14.24 -6.49
N ALA A 1395 10.17 13.33 -6.76
CA ALA A 1395 11.48 13.67 -7.30
C ALA A 1395 11.46 13.46 -8.80
N ASP A 1396 12.43 14.07 -9.49
CA ASP A 1396 12.53 13.88 -10.93
C ASP A 1396 13.27 12.61 -11.34
N THR A 1397 13.34 11.62 -10.45
CA THR A 1397 13.97 10.34 -10.76
C THR A 1397 13.10 9.53 -11.70
N GLY A 1398 13.74 8.54 -12.34
CA GLY A 1398 13.05 7.72 -13.32
C GLY A 1398 11.83 7.00 -12.77
N ALA A 1399 10.90 6.67 -13.68
CA ALA A 1399 9.65 6.03 -13.27
C ALA A 1399 9.85 4.60 -12.76
N LEU A 1400 10.80 3.85 -13.31
CA LEU A 1400 11.04 2.50 -12.83
C LEU A 1400 11.54 2.49 -11.40
N MET A 1401 12.45 3.41 -11.08
CA MET A 1401 12.95 3.55 -9.72
C MET A 1401 11.84 3.94 -8.75
N ARG A 1402 11.02 4.94 -9.12
CA ARG A 1402 9.99 5.46 -8.23
C ARG A 1402 8.86 4.46 -7.99
N CYS A 1403 8.50 3.69 -9.01
CA CYS A 1403 7.40 2.73 -8.90
C CYS A 1403 7.76 1.51 -8.07
N SER A 1404 9.04 1.26 -7.84
CA SER A 1404 9.46 0.14 -6.98
C SER A 1404 9.29 0.40 -5.49
N PHE A 1405 8.90 1.61 -5.08
CA PHE A 1405 8.68 1.88 -3.67
C PHE A 1405 7.22 1.68 -3.29
N GLU A 1406 6.37 2.62 -3.69
CA GLU A 1406 4.93 2.58 -3.40
C GLU A 1406 4.22 3.20 -4.57
N GLU A 1407 2.89 2.98 -4.61
CA GLU A 1407 1.99 3.53 -5.65
C GLU A 1407 2.42 3.05 -7.02
N THR A 1408 2.71 1.75 -7.11
CA THR A 1408 3.43 1.17 -8.24
C THR A 1408 2.73 1.38 -9.57
N VAL A 1409 1.44 1.02 -9.65
CA VAL A 1409 0.75 1.03 -10.92
C VAL A 1409 0.40 2.46 -11.32
N GLU A 1410 0.01 3.28 -10.34
CA GLU A 1410 -0.32 4.69 -10.55
C GLU A 1410 0.84 5.46 -11.15
N ILE A 1411 2.06 5.28 -10.60
CA ILE A 1411 3.26 5.87 -11.19
C ILE A 1411 3.39 5.55 -12.67
N LEU A 1412 3.16 4.28 -13.03
CA LEU A 1412 3.42 3.85 -14.39
C LEU A 1412 2.35 4.33 -15.36
N PHE A 1413 1.08 4.33 -14.96
CA PHE A 1413 0.05 4.96 -15.77
C PHE A 1413 0.34 6.44 -15.99
N GLU A 1414 0.61 7.18 -14.91
CA GLU A 1414 0.97 8.59 -15.01
C GLU A 1414 2.22 8.81 -15.86
N ALA A 1415 3.17 7.88 -15.80
CA ALA A 1415 4.40 8.02 -16.57
C ALA A 1415 4.13 7.89 -18.06
N GLY A 1416 3.21 6.98 -18.41
CA GLY A 1416 2.82 6.82 -19.79
C GLY A 1416 2.13 8.05 -20.34
N ALA A 1417 1.12 8.54 -19.64
CA ALA A 1417 0.32 9.67 -20.11
C ALA A 1417 1.11 10.95 -20.28
N ALA A 1418 2.25 11.10 -19.60
CA ALA A 1418 3.07 12.29 -19.73
C ALA A 1418 4.40 12.02 -20.43
N ALA A 1419 4.53 10.88 -21.11
CA ALA A 1419 5.71 10.45 -21.88
C ALA A 1419 7.05 10.69 -21.16
N GLU A 1420 7.17 10.20 -19.93
CA GLU A 1420 8.40 10.34 -19.17
C GLU A 1420 9.58 9.60 -19.78
N LEU A 1421 10.74 10.26 -19.74
CA LEU A 1421 12.02 9.69 -20.13
C LEU A 1421 12.86 9.32 -18.92
N ASP A 1422 13.32 8.07 -18.88
CA ASP A 1422 14.09 7.54 -17.75
C ASP A 1422 15.51 7.36 -18.28
N ASP A 1423 16.44 8.14 -17.74
CA ASP A 1423 17.82 8.19 -18.21
C ASP A 1423 18.73 7.10 -17.66
N CYS A 1424 18.20 6.16 -16.86
CA CYS A 1424 18.87 4.91 -16.46
C CYS A 1424 20.19 5.15 -15.72
N ARG A 1425 20.23 6.19 -14.90
CA ARG A 1425 21.42 6.45 -14.11
C ARG A 1425 21.34 5.90 -12.71
N GLY A 1426 20.14 5.54 -12.24
CA GLY A 1426 20.02 5.01 -10.91
C GLY A 1426 20.45 3.57 -10.78
N VAL A 1427 20.73 3.19 -9.54
CA VAL A 1427 21.11 1.81 -9.26
C VAL A 1427 19.94 0.88 -9.56
N SER A 1428 18.75 1.25 -9.08
CA SER A 1428 17.56 0.42 -9.19
C SER A 1428 17.16 0.16 -10.65
N GLU A 1429 17.24 1.19 -11.50
CA GLU A 1429 16.97 1.01 -12.94
C GLU A 1429 17.81 -0.13 -13.54
N ASN A 1430 19.12 -0.09 -13.32
CA ASN A 1430 20.01 -1.06 -13.94
C ASN A 1430 19.93 -2.44 -13.33
N VAL A 1431 19.70 -2.52 -12.01
CA VAL A 1431 19.51 -3.81 -11.34
C VAL A 1431 18.34 -4.57 -11.93
N MET A 1432 17.19 -3.91 -12.09
CA MET A 1432 16.04 -4.67 -12.58
C MET A 1432 16.13 -4.97 -14.07
N LEU A 1433 16.93 -4.24 -14.81
CA LEU A 1433 17.18 -4.58 -16.21
C LEU A 1433 18.37 -5.49 -16.36
N GLY A 1434 18.98 -5.93 -15.25
CA GLY A 1434 20.13 -6.81 -15.27
C GLY A 1434 21.40 -6.30 -15.93
N GLN A 1435 21.70 -5.03 -15.77
CA GLN A 1435 22.90 -4.46 -16.38
C GLN A 1435 23.81 -3.99 -15.26
N LEU A 1436 25.12 -3.99 -15.52
CA LEU A 1436 26.11 -3.51 -14.56
C LEU A 1436 25.83 -2.07 -14.14
N ALA A 1437 25.58 -1.89 -12.86
CA ALA A 1437 25.14 -0.62 -12.29
C ALA A 1437 26.31 0.32 -12.05
N PRO A 1438 26.12 1.62 -12.26
CA PRO A 1438 27.23 2.57 -12.04
C PRO A 1438 27.56 2.79 -10.57
N MET A 1439 28.15 1.80 -9.91
CA MET A 1439 28.45 1.83 -8.49
C MET A 1439 29.60 0.86 -8.29
N GLY A 1440 30.46 1.17 -7.31
CA GLY A 1440 31.58 0.32 -6.90
C GLY A 1440 32.42 -0.15 -8.06
N THR A 1441 32.51 -1.47 -8.24
CA THR A 1441 33.29 -2.05 -9.32
C THR A 1441 32.75 -1.73 -10.70
N GLY A 1442 31.53 -1.22 -10.80
CA GLY A 1442 30.92 -0.79 -12.04
C GLY A 1442 30.96 0.69 -12.31
N ALA A 1443 31.64 1.47 -11.49
CA ALA A 1443 31.64 2.92 -11.63
C ALA A 1443 32.64 3.44 -12.65
N PHE A 1444 33.23 2.59 -13.48
CA PHE A 1444 34.25 2.99 -14.42
C PHE A 1444 34.35 1.92 -15.48
N ASP A 1445 35.01 2.25 -16.58
CA ASP A 1445 35.28 1.27 -17.63
C ASP A 1445 36.74 0.88 -17.62
N VAL A 1446 37.03 -0.30 -18.15
CA VAL A 1446 38.39 -0.81 -18.26
C VAL A 1446 38.78 -0.93 -19.72
N MET A 1447 39.87 -0.28 -20.10
CA MET A 1447 40.35 -0.28 -21.47
C MET A 1447 41.65 -1.06 -21.58
N ILE A 1448 41.97 -1.50 -22.79
CA ILE A 1448 43.20 -2.23 -23.06
C ILE A 1448 44.29 -1.27 -23.48
N ASP A 1449 45.44 -1.36 -22.80
CA ASP A 1449 46.58 -0.45 -22.99
C ASP A 1449 47.42 -0.95 -24.16
N GLU A 1450 47.03 -0.55 -25.37
CA GLU A 1450 47.76 -0.90 -26.58
C GLU A 1450 49.22 -0.42 -26.54
N LYS A 1451 49.49 0.72 -25.90
CA LYS A 1451 50.86 1.23 -25.83
C LYS A 1451 51.76 0.32 -25.00
N LEU A 1452 51.26 -0.21 -23.88
CA LEU A 1452 52.10 -1.04 -23.03
C LEU A 1452 52.31 -2.43 -23.60
N LEU A 1453 51.39 -2.92 -24.45
CA LEU A 1453 51.62 -4.21 -25.09
C LEU A 1453 52.78 -4.22 -26.06
N THR A 1454 53.16 -3.07 -26.61
CA THR A 1454 54.21 -3.04 -27.62
C THR A 1454 55.59 -3.28 -27.04
N SER A 1455 55.76 -3.24 -25.71
CA SER A 1455 57.03 -3.59 -25.09
C SER A 1455 57.27 -5.10 -24.98
N LEU A 1456 56.31 -5.92 -25.37
CA LEU A 1456 56.49 -7.36 -25.37
C LEU A 1456 57.33 -7.80 -26.58
N PRO A 1457 57.99 -8.96 -26.50
CA PRO A 1457 58.74 -9.47 -27.67
C PRO A 1457 57.82 -9.76 -28.87
N ALA A 1458 58.45 -9.94 -30.02
CA ALA A 1458 57.73 -10.11 -31.28
C ALA A 1458 57.11 -11.50 -31.49
N ASP A 1459 57.62 -12.55 -30.85
CA ASP A 1459 57.01 -13.86 -31.04
C ASP A 1459 55.66 -14.04 -30.34
N TYR A 1460 55.21 -13.07 -29.55
CA TYR A 1460 53.90 -13.06 -28.92
C TYR A 1460 52.80 -12.47 -29.81
N ALA A 1461 53.13 -12.09 -31.04
CA ALA A 1461 52.28 -11.26 -31.88
C ALA A 1461 51.09 -11.99 -32.51
N PRO A 1462 49.95 -11.31 -32.61
CA PRO A 1462 48.79 -11.84 -33.35
C PRO A 1462 49.11 -11.94 -34.83
N THR A 1463 48.68 -13.02 -35.47
CA THR A 1463 48.93 -13.13 -36.90
C THR A 1463 47.70 -12.69 -37.69
N ASP B 9 -13.97 -31.32 64.27
CA ASP B 9 -13.40 -31.75 62.99
C ASP B 9 -11.92 -31.37 62.95
N ASP B 10 -11.35 -31.30 61.74
CA ASP B 10 -9.95 -30.92 61.63
C ASP B 10 -9.75 -30.14 60.34
N THR B 11 -8.49 -29.77 60.08
CA THR B 11 -8.14 -28.88 58.99
C THR B 11 -7.87 -29.65 57.71
N ILE B 12 -8.25 -29.03 56.59
CA ILE B 12 -8.00 -29.58 55.27
C ILE B 12 -6.52 -29.43 54.93
N THR B 13 -5.86 -30.54 54.63
CA THR B 13 -4.43 -30.58 54.36
C THR B 13 -4.23 -30.48 52.86
N THR B 14 -2.96 -30.39 52.45
CA THR B 14 -2.66 -30.37 51.03
C THR B 14 -3.09 -31.65 50.33
N GLU B 15 -2.81 -32.80 50.93
CA GLU B 15 -3.22 -34.09 50.37
C GLU B 15 -4.74 -34.20 50.20
N ASP B 16 -5.49 -33.64 51.17
CA ASP B 16 -6.95 -33.62 51.09
C ASP B 16 -7.47 -32.78 49.92
N CYS B 17 -6.81 -31.66 49.63
CA CYS B 17 -7.18 -30.85 48.46
C CYS B 17 -7.08 -31.66 47.17
N TRP B 18 -6.03 -32.47 47.02
CA TRP B 18 -5.90 -33.30 45.84
C TRP B 18 -6.94 -34.41 45.78
N THR B 19 -7.48 -34.84 46.93
CA THR B 19 -8.58 -35.79 46.90
C THR B 19 -9.82 -35.18 46.26
N VAL B 20 -10.12 -33.92 46.59
CA VAL B 20 -11.24 -33.20 45.96
C VAL B 20 -11.02 -33.06 44.46
N ILE B 21 -9.83 -32.63 44.07
CA ILE B 21 -9.50 -32.42 42.66
C ILE B 21 -9.60 -33.72 41.88
N SER B 22 -9.14 -34.82 42.48
CA SER B 22 -9.28 -36.15 41.86
C SER B 22 -10.72 -36.49 41.57
N ALA B 23 -11.65 -36.06 42.42
CA ALA B 23 -13.06 -36.38 42.20
C ALA B 23 -13.61 -35.63 41.01
N PHE B 24 -13.22 -34.36 40.84
CA PHE B 24 -13.53 -33.57 39.66
C PHE B 24 -13.16 -34.27 38.36
N PHE B 25 -11.89 -34.64 38.19
CA PHE B 25 -11.49 -35.22 36.92
C PHE B 25 -12.03 -36.62 36.72
N GLU B 26 -12.32 -37.32 37.81
CA GLU B 26 -12.96 -38.62 37.69
C GLU B 26 -14.34 -38.49 37.06
N GLU B 27 -15.09 -37.46 37.45
CA GLU B 27 -16.41 -37.28 36.86
C GLU B 27 -16.37 -36.56 35.53
N LYS B 28 -15.61 -35.47 35.42
CA LYS B 28 -15.75 -34.59 34.27
C LYS B 28 -14.67 -34.75 33.21
N GLY B 29 -13.51 -35.27 33.57
CA GLY B 29 -12.42 -35.32 32.60
C GLY B 29 -11.94 -33.95 32.14
N LEU B 30 -11.32 -33.93 30.97
CA LEU B 30 -10.70 -32.74 30.45
C LEU B 30 -11.42 -32.09 29.29
N VAL B 31 -12.32 -32.81 28.63
CA VAL B 31 -12.96 -32.29 27.43
C VAL B 31 -14.48 -32.24 27.56
N SER B 32 -15.00 -32.19 28.80
CA SER B 32 -16.44 -32.24 28.98
C SER B 32 -17.14 -31.00 28.45
N GLN B 33 -16.45 -29.86 28.40
CA GLN B 33 -17.09 -28.69 27.79
C GLN B 33 -17.26 -28.85 26.29
N GLN B 34 -16.46 -29.69 25.66
CA GLN B 34 -16.74 -30.01 24.27
C GLN B 34 -17.90 -30.98 24.15
N LEU B 35 -17.90 -32.04 24.96
CA LEU B 35 -18.88 -33.11 24.78
C LEU B 35 -20.27 -32.69 25.24
N ASP B 36 -20.38 -32.04 26.40
CA ASP B 36 -21.69 -31.63 26.90
C ASP B 36 -22.33 -30.61 25.98
N SER B 37 -21.52 -29.68 25.44
CA SER B 37 -22.04 -28.70 24.50
C SER B 37 -22.62 -29.36 23.27
N PHE B 38 -21.91 -30.31 22.69
CA PHE B 38 -22.44 -30.97 21.49
C PHE B 38 -23.65 -31.83 21.81
N ASP B 39 -23.66 -32.47 23.00
CA ASP B 39 -24.79 -33.31 23.38
C ASP B 39 -26.06 -32.49 23.49
N GLU B 40 -25.95 -31.27 24.05
CA GLU B 40 -27.10 -30.39 24.16
C GLU B 40 -27.59 -29.96 22.79
N PHE B 41 -26.70 -29.90 21.81
CA PHE B 41 -27.08 -29.53 20.46
C PHE B 41 -27.93 -30.61 19.79
N MET B 42 -27.55 -31.88 19.96
CA MET B 42 -28.33 -32.95 19.34
C MET B 42 -29.66 -33.17 20.04
N GLU B 43 -29.67 -33.13 21.38
CA GLU B 43 -30.91 -33.39 22.12
C GLU B 43 -31.94 -32.30 21.88
N THR B 44 -31.54 -31.06 21.91
CA THR B 44 -32.55 -30.01 22.03
C THR B 44 -32.44 -28.94 20.95
N SER B 45 -31.22 -28.49 20.62
CA SER B 45 -31.06 -27.29 19.82
C SER B 45 -31.55 -27.47 18.39
N ILE B 46 -31.31 -28.65 17.81
CA ILE B 46 -31.77 -28.96 16.47
C ILE B 46 -33.29 -28.86 16.41
N GLN B 47 -33.95 -29.47 17.39
CA GLN B 47 -35.40 -29.46 17.49
C GLN B 47 -35.95 -28.04 17.56
N ASP B 48 -35.36 -27.20 18.42
CA ASP B 48 -35.80 -25.80 18.54
C ASP B 48 -35.60 -25.02 17.25
N LEU B 49 -34.52 -25.29 16.53
CA LEU B 49 -34.25 -24.59 15.28
C LEU B 49 -35.30 -24.91 14.24
N VAL B 50 -35.77 -26.15 14.19
CA VAL B 50 -36.82 -26.54 13.27
C VAL B 50 -38.10 -25.76 13.56
N TRP B 51 -38.43 -25.58 14.83
CA TRP B 51 -39.64 -24.86 15.18
C TRP B 51 -39.48 -23.34 15.12
N GLU B 52 -38.34 -22.83 14.62
CA GLU B 52 -38.16 -21.39 14.50
C GLU B 52 -39.04 -20.81 13.41
N GLU B 53 -39.23 -21.53 12.31
CA GLU B 53 -40.20 -21.19 11.27
C GLU B 53 -41.02 -22.43 10.99
N PRO B 54 -42.01 -22.73 11.83
CA PRO B 54 -42.57 -24.08 11.85
C PRO B 54 -43.47 -24.44 10.68
N ARG B 55 -43.90 -23.49 9.84
CA ARG B 55 -44.80 -23.82 8.74
C ARG B 55 -44.51 -23.06 7.46
N LEU B 56 -44.69 -23.75 6.33
CA LEU B 56 -44.62 -23.14 5.01
C LEU B 56 -46.06 -22.99 4.51
N ILE B 57 -46.37 -21.84 3.90
CA ILE B 57 -47.72 -21.53 3.48
C ILE B 57 -47.72 -20.99 2.06
N LEU B 58 -48.58 -21.56 1.21
CA LEU B 58 -48.88 -21.03 -0.12
C LEU B 58 -50.34 -20.61 -0.17
N ASP B 59 -50.73 -20.03 -1.31
CA ASP B 59 -52.07 -19.50 -1.56
C ASP B 59 -52.24 -19.20 -3.05
N GLN B 60 -53.45 -19.45 -3.56
CA GLN B 60 -53.88 -19.09 -4.90
C GLN B 60 -55.38 -18.88 -4.70
N PRO B 61 -55.92 -17.79 -5.26
CA PRO B 61 -57.32 -17.38 -5.22
C PRO B 61 -58.00 -17.88 -6.51
N ALA B 62 -58.14 -19.19 -6.59
CA ALA B 62 -58.71 -19.89 -7.74
C ALA B 62 -59.82 -19.22 -8.56
N GLN B 63 -59.43 -18.60 -9.67
CA GLN B 63 -60.37 -18.02 -10.62
C GLN B 63 -59.61 -18.57 -11.82
N HIS B 64 -60.27 -19.44 -12.58
CA HIS B 64 -59.65 -20.04 -13.76
C HIS B 64 -60.69 -20.56 -14.75
N ASP B 69 -65.79 -18.97 -9.51
CA ASP B 69 -65.56 -20.20 -8.75
C ASP B 69 -64.27 -20.14 -7.95
N ASN B 70 -64.04 -19.00 -7.30
CA ASN B 70 -62.85 -18.82 -6.48
C ASN B 70 -62.71 -19.94 -5.45
N ILE B 71 -61.51 -20.49 -5.32
CA ILE B 71 -61.28 -21.57 -4.38
C ILE B 71 -59.91 -21.49 -3.72
N ASN B 72 -59.75 -20.58 -2.76
CA ASN B 72 -58.51 -20.42 -2.04
C ASN B 72 -58.01 -21.80 -1.61
N LYS B 73 -56.83 -22.18 -2.09
CA LYS B 73 -56.25 -23.48 -1.80
C LYS B 73 -54.90 -23.19 -1.17
N ARG B 74 -54.87 -23.13 0.15
CA ARG B 74 -53.60 -22.99 0.84
C ARG B 74 -52.91 -24.33 0.98
N TYR B 75 -51.68 -24.39 0.51
CA TYR B 75 -50.84 -25.56 0.63
C TYR B 75 -49.94 -25.31 1.83
N GLU B 76 -49.96 -26.24 2.77
CA GLU B 76 -49.26 -26.05 4.02
C GLU B 76 -48.45 -27.29 4.38
N ILE B 77 -47.24 -27.06 4.88
CA ILE B 77 -46.33 -28.12 5.29
C ILE B 77 -45.77 -27.77 6.67
N ARG B 78 -45.93 -28.69 7.62
CA ARG B 78 -45.57 -28.50 9.02
C ARG B 78 -44.46 -29.47 9.42
N PHE B 79 -43.41 -28.96 10.05
CA PHE B 79 -42.28 -29.79 10.45
C PHE B 79 -42.45 -30.22 11.90
N GLY B 80 -42.40 -31.53 12.15
CA GLY B 80 -42.59 -31.97 13.52
C GLY B 80 -41.40 -32.49 14.29
N LYS B 81 -41.53 -33.68 14.85
CA LYS B 81 -40.53 -34.28 15.72
C LYS B 81 -39.26 -34.62 14.93
N ILE B 82 -38.12 -34.54 15.61
CA ILE B 82 -36.83 -34.99 15.06
C ILE B 82 -36.46 -36.33 15.66
N TYR B 83 -35.95 -37.24 14.82
CA TYR B 83 -35.46 -38.53 15.27
C TYR B 83 -34.05 -38.69 14.70
N LEU B 84 -33.23 -39.36 15.50
CA LEU B 84 -31.83 -39.60 15.19
C LEU B 84 -31.57 -41.09 15.16
N SER B 85 -30.72 -41.49 14.22
CA SER B 85 -30.23 -42.85 14.11
C SER B 85 -28.72 -42.86 14.30
N ARG B 86 -28.23 -44.02 14.74
CA ARG B 86 -26.80 -44.22 14.91
C ARG B 86 -26.11 -44.16 13.55
N PRO B 87 -24.83 -43.80 13.52
CA PRO B 87 -24.12 -43.65 12.25
C PRO B 87 -24.03 -44.93 11.44
N THR B 88 -24.30 -44.81 10.14
CA THR B 88 -24.47 -45.96 9.29
C THR B 88 -23.69 -45.75 7.99
N MET B 89 -22.97 -46.79 7.59
CA MET B 89 -22.26 -46.80 6.31
C MET B 89 -23.15 -47.47 5.28
N THR B 90 -23.53 -46.72 4.24
CA THR B 90 -24.27 -47.30 3.13
C THR B 90 -23.38 -47.43 1.91
N GLU B 91 -22.97 -48.66 1.64
CA GLU B 91 -22.17 -49.03 0.48
C GLU B 91 -22.93 -48.73 -0.82
N ALA B 92 -22.18 -48.71 -1.92
CA ALA B 92 -22.79 -48.62 -3.24
C ALA B 92 -23.73 -49.79 -3.51
N ASP B 93 -23.39 -50.98 -3.01
CA ASP B 93 -24.31 -52.13 -2.94
C ASP B 93 -25.73 -51.76 -2.53
N GLY B 94 -25.87 -51.00 -1.44
CA GLY B 94 -27.15 -50.79 -0.77
C GLY B 94 -27.18 -51.33 0.64
N THR B 95 -26.34 -52.30 0.96
CA THR B 95 -26.21 -52.84 2.30
C THR B 95 -25.75 -51.78 3.29
N THR B 96 -26.20 -51.93 4.53
CA THR B 96 -25.93 -50.96 5.58
C THR B 96 -25.40 -51.74 6.78
N HIS B 97 -24.65 -51.05 7.62
CA HIS B 97 -24.20 -51.58 8.90
C HIS B 97 -23.78 -50.42 9.77
N ALA B 98 -23.64 -50.69 11.07
CA ALA B 98 -23.16 -49.67 11.99
C ALA B 98 -21.72 -49.35 11.65
N MET B 99 -21.41 -48.07 11.60
CA MET B 99 -20.07 -47.60 11.29
C MET B 99 -19.31 -47.33 12.58
N PHE B 100 -18.14 -47.88 12.69
CA PHE B 100 -17.33 -47.44 13.80
C PHE B 100 -16.16 -46.60 13.29
N PRO B 101 -15.64 -45.68 14.12
CA PRO B 101 -14.61 -44.71 13.66
C PRO B 101 -13.39 -45.27 12.95
N GLN B 102 -12.87 -46.42 13.35
CA GLN B 102 -11.64 -46.93 12.74
C GLN B 102 -11.81 -47.19 11.26
N GLU B 103 -12.96 -47.76 10.86
CA GLU B 103 -13.25 -47.90 9.44
C GLU B 103 -13.36 -46.53 8.76
N ALA B 104 -13.99 -45.57 9.45
CA ALA B 104 -14.18 -44.24 8.90
C ALA B 104 -12.87 -43.52 8.62
N ARG B 105 -11.90 -43.59 9.53
CA ARG B 105 -10.57 -43.03 9.26
C ARG B 105 -9.90 -43.67 8.06
N LEU B 106 -9.88 -44.99 8.01
CA LEU B 106 -9.14 -45.73 7.00
C LEU B 106 -9.65 -45.45 5.59
N ARG B 107 -10.96 -45.49 5.40
CA ARG B 107 -11.55 -45.38 4.07
C ARG B 107 -11.94 -43.96 3.70
N ASN B 108 -11.48 -42.95 4.45
CA ASN B 108 -11.75 -41.53 4.22
C ASN B 108 -13.24 -41.24 4.14
N LEU B 109 -13.98 -41.78 5.09
CA LEU B 109 -15.40 -41.53 5.18
C LEU B 109 -15.67 -40.45 6.22
N THR B 110 -16.92 -40.03 6.26
CA THR B 110 -17.38 -39.08 7.25
C THR B 110 -18.22 -39.82 8.26
N TYR B 111 -17.88 -39.64 9.52
CA TYR B 111 -18.59 -40.28 10.61
C TYR B 111 -19.79 -39.43 10.94
N SER B 112 -20.97 -39.80 10.44
CA SER B 112 -22.13 -38.96 10.55
C SER B 112 -23.39 -39.80 10.69
N SER B 113 -24.39 -39.21 11.31
CA SER B 113 -25.69 -39.80 11.58
C SER B 113 -26.75 -39.29 10.62
N PRO B 114 -27.57 -40.15 10.03
CA PRO B 114 -28.71 -39.66 9.25
C PRO B 114 -29.77 -39.05 10.15
N VAL B 115 -30.32 -37.93 9.72
CA VAL B 115 -31.36 -37.22 10.44
C VAL B 115 -32.68 -37.29 9.68
N TYR B 116 -33.73 -37.70 10.37
CA TYR B 116 -35.07 -37.78 9.80
C TYR B 116 -35.97 -36.80 10.52
N LEU B 117 -36.88 -36.20 9.76
CA LEU B 117 -37.80 -35.16 10.22
C LEU B 117 -39.20 -35.47 9.78
N ASP B 118 -40.12 -35.48 10.76
CA ASP B 118 -41.54 -35.57 10.47
C ASP B 118 -41.99 -34.32 9.75
N MET B 119 -42.78 -34.51 8.71
CA MET B 119 -43.37 -33.43 7.94
C MET B 119 -44.84 -33.76 7.75
N GLU B 120 -45.70 -32.75 7.84
CA GLU B 120 -47.12 -32.98 7.78
C GLU B 120 -47.72 -32.10 6.72
N LYS B 121 -48.55 -32.68 5.87
CA LYS B 121 -49.22 -31.97 4.80
C LYS B 121 -50.64 -31.66 5.25
N SER B 122 -51.17 -30.52 4.80
CA SER B 122 -52.55 -30.17 5.05
C SER B 122 -53.05 -29.31 3.90
N MET B 123 -54.38 -29.38 3.63
CA MET B 123 -54.91 -28.84 2.39
C MET B 123 -56.23 -28.07 2.58
N PHE B 124 -56.11 -26.85 3.06
CA PHE B 124 -57.24 -25.92 3.09
C PHE B 124 -57.75 -25.62 1.68
N THR B 125 -59.08 -25.61 1.53
CA THR B 125 -59.75 -25.39 0.25
C THR B 125 -61.02 -24.62 0.58
N SER B 126 -61.16 -23.41 0.05
CA SER B 126 -62.31 -22.57 0.38
C SER B 126 -62.82 -21.78 -0.82
N ILE B 127 -64.04 -22.08 -1.25
CA ILE B 127 -64.63 -21.41 -2.41
C ILE B 127 -65.19 -20.06 -1.98
N ASP B 128 -64.35 -19.02 -1.99
CA ASP B 128 -64.80 -17.66 -1.68
C ASP B 128 -63.87 -16.59 -2.26
N GLY B 153 -46.92 -35.84 5.97
CA GLY B 153 -46.29 -36.98 5.33
C GLY B 153 -45.82 -38.02 6.33
N ASN B 154 -44.52 -38.35 6.28
CA ASN B 154 -43.90 -39.20 7.29
C ASN B 154 -42.40 -38.90 7.22
N LYS B 155 -41.58 -39.60 8.01
CA LYS B 155 -40.13 -39.56 8.14
C LYS B 155 -39.22 -39.20 6.96
N VAL B 156 -39.32 -38.00 6.40
CA VAL B 156 -38.47 -37.64 5.26
C VAL B 156 -37.05 -37.31 5.74
N HIS B 157 -36.07 -37.87 5.03
CA HIS B 157 -34.64 -37.75 5.30
C HIS B 157 -34.09 -36.42 4.84
N ILE B 158 -33.49 -35.65 5.75
CA ILE B 158 -33.02 -34.30 5.43
C ILE B 158 -31.51 -34.14 5.40
N GLY B 159 -30.72 -35.12 5.78
CA GLY B 159 -29.29 -34.96 5.69
C GLY B 159 -28.57 -35.72 6.79
N LYS B 160 -27.24 -35.66 6.73
CA LYS B 160 -26.39 -36.30 7.73
C LYS B 160 -25.63 -35.26 8.54
N VAL B 161 -25.58 -35.45 9.84
CA VAL B 161 -24.90 -34.56 10.79
C VAL B 161 -23.68 -35.28 11.36
N PRO B 162 -22.47 -34.75 11.22
CA PRO B 162 -21.27 -35.38 11.82
C PRO B 162 -21.37 -35.47 13.34
N ILE B 163 -21.00 -36.65 13.87
CA ILE B 163 -21.11 -36.96 15.28
C ILE B 163 -19.76 -36.76 15.95
N MET B 164 -19.76 -36.06 17.08
CA MET B 164 -18.56 -35.92 17.89
C MET B 164 -18.26 -37.23 18.59
N LEU B 165 -17.02 -37.71 18.44
CA LEU B 165 -16.64 -39.00 19.01
C LEU B 165 -16.74 -38.93 20.53
N ARG B 166 -17.19 -40.04 21.12
CA ARG B 166 -17.42 -40.27 22.55
C ARG B 166 -18.60 -39.49 23.10
N SER B 167 -19.33 -38.74 22.27
CA SER B 167 -20.58 -38.13 22.72
C SER B 167 -21.66 -39.20 22.89
N LYS B 168 -22.85 -38.77 23.28
CA LYS B 168 -23.92 -39.73 23.54
C LYS B 168 -24.44 -40.41 22.28
N PHE B 169 -24.18 -39.86 21.10
CA PHE B 169 -24.70 -40.43 19.87
C PHE B 169 -23.64 -41.17 19.06
N CYS B 170 -22.48 -41.42 19.66
CA CYS B 170 -21.40 -42.15 19.01
C CYS B 170 -21.47 -43.60 19.43
N SER B 171 -21.21 -44.50 18.49
CA SER B 171 -21.30 -45.93 18.78
C SER B 171 -20.21 -46.44 19.73
N LEU B 172 -19.26 -45.60 20.13
CA LEU B 172 -18.26 -46.01 21.09
C LEU B 172 -18.65 -45.73 22.54
N ARG B 173 -19.67 -44.91 22.76
CA ARG B 173 -20.07 -44.51 24.11
C ARG B 173 -20.45 -45.70 24.99
N THR B 174 -20.89 -46.78 24.37
CA THR B 174 -21.24 -48.00 25.08
C THR B 174 -20.05 -48.93 25.02
N LEU B 175 -20.22 -50.11 24.43
CA LEU B 175 -19.18 -51.09 24.16
C LEU B 175 -18.50 -51.67 25.40
N ASP B 176 -17.90 -50.81 26.25
CA ASP B 176 -17.21 -51.14 27.50
C ASP B 176 -15.85 -51.77 27.20
N GLU B 177 -14.83 -51.32 27.96
CA GLU B 177 -13.38 -51.49 27.81
C GLU B 177 -12.87 -52.71 27.07
N VAL B 178 -13.54 -53.85 27.26
CA VAL B 178 -13.16 -55.11 26.62
C VAL B 178 -13.27 -55.00 25.10
N ASP B 179 -14.42 -54.56 24.62
CA ASP B 179 -14.78 -54.46 23.22
C ASP B 179 -14.23 -53.22 22.52
N LEU B 180 -13.84 -52.19 23.28
CA LEU B 180 -13.09 -51.06 22.71
C LEU B 180 -11.82 -51.52 22.00
N TYR B 181 -11.05 -52.41 22.63
CA TYR B 181 -9.86 -52.96 22.00
C TYR B 181 -10.19 -53.68 20.70
N LYS B 182 -11.34 -54.34 20.60
CA LYS B 182 -11.66 -55.01 19.34
C LYS B 182 -11.98 -54.02 18.24
N MET B 183 -12.59 -52.89 18.56
CA MET B 183 -12.83 -51.85 17.57
C MET B 183 -11.61 -51.00 17.23
N LYS B 184 -10.42 -51.41 17.67
CA LYS B 184 -9.15 -50.73 17.41
C LYS B 184 -9.09 -49.31 17.94
N GLU B 185 -9.82 -49.03 19.01
CA GLU B 185 -9.91 -47.70 19.57
C GLU B 185 -9.08 -47.61 20.84
N CYS B 186 -8.42 -46.50 21.03
CA CYS B 186 -7.56 -46.48 22.20
C CYS B 186 -8.30 -45.90 23.38
N PRO B 187 -8.23 -46.53 24.54
CA PRO B 187 -8.98 -46.02 25.71
C PRO B 187 -8.49 -44.69 26.22
N TYR B 188 -7.28 -44.27 25.87
CA TYR B 188 -6.79 -42.93 26.21
C TYR B 188 -7.33 -41.84 25.30
N ASP B 189 -7.93 -42.19 24.18
CA ASP B 189 -8.53 -41.23 23.26
C ASP B 189 -9.85 -40.75 23.84
N MET B 190 -9.91 -39.48 24.21
CA MET B 190 -11.06 -38.92 24.91
C MET B 190 -12.07 -38.24 23.98
N GLY B 191 -11.89 -38.32 22.67
CA GLY B 191 -12.89 -37.75 21.80
C GLY B 191 -12.86 -36.23 21.76
N GLY B 192 -14.04 -35.65 21.54
CA GLY B 192 -14.16 -34.22 21.36
C GLY B 192 -13.86 -33.71 19.98
N TYR B 193 -13.81 -34.55 18.96
CA TYR B 193 -13.49 -34.11 17.62
C TYR B 193 -14.34 -34.85 16.61
N PHE B 194 -14.31 -34.39 15.37
CA PHE B 194 -15.12 -34.97 14.30
C PHE B 194 -14.20 -35.64 13.31
N VAL B 195 -14.77 -36.50 12.47
CA VAL B 195 -14.02 -37.11 11.39
C VAL B 195 -14.67 -36.73 10.07
N ILE B 196 -13.96 -35.96 9.24
CA ILE B 196 -14.47 -35.47 7.96
C ILE B 196 -13.49 -35.86 6.87
N ASN B 197 -13.95 -36.70 5.94
CA ASN B 197 -13.15 -37.33 4.88
C ASN B 197 -11.87 -37.94 5.43
N GLY B 198 -11.99 -38.65 6.54
CA GLY B 198 -10.87 -39.33 7.15
C GLY B 198 -9.99 -38.46 8.01
N SER B 199 -10.19 -37.15 8.00
CA SER B 199 -9.33 -36.22 8.68
C SER B 199 -10.01 -35.77 9.96
N GLU B 200 -9.25 -35.75 11.06
CA GLU B 200 -9.83 -35.38 12.33
C GLU B 200 -9.89 -33.86 12.51
N LYS B 201 -11.08 -33.32 12.65
CA LYS B 201 -11.30 -31.88 12.75
C LYS B 201 -11.87 -31.54 14.11
N VAL B 202 -11.28 -30.57 14.78
CA VAL B 202 -11.71 -30.07 16.09
C VAL B 202 -12.23 -28.64 15.94
N LEU B 203 -13.29 -28.31 16.65
CA LEU B 203 -13.81 -26.95 16.63
C LEU B 203 -13.12 -26.10 17.69
N ILE B 204 -12.67 -24.92 17.29
CA ILE B 204 -11.96 -24.00 18.16
C ILE B 204 -12.96 -23.02 18.73
N ALA B 205 -13.00 -22.91 20.06
CA ALA B 205 -13.88 -21.96 20.73
C ALA B 205 -13.66 -20.54 20.23
N GLN B 206 -14.74 -19.86 19.90
CA GLN B 206 -14.72 -18.52 19.34
C GLN B 206 -15.13 -17.51 20.39
N GLU B 207 -14.27 -16.54 20.67
CA GLU B 207 -14.54 -15.54 21.69
C GLU B 207 -15.33 -14.40 21.07
N ARG B 208 -16.39 -13.98 21.74
CA ARG B 208 -17.15 -12.84 21.26
C ARG B 208 -17.57 -11.99 22.44
N SER B 209 -18.03 -10.77 22.16
CA SER B 209 -18.57 -9.91 23.19
C SER B 209 -19.96 -10.38 23.59
N ALA B 210 -20.28 -10.19 24.86
CA ALA B 210 -21.60 -10.53 25.36
C ALA B 210 -22.68 -9.71 24.68
N ALA B 211 -23.85 -10.33 24.54
CA ALA B 211 -25.02 -9.64 24.05
C ALA B 211 -25.84 -9.10 25.23
N ASN B 212 -26.70 -8.13 24.92
CA ASN B 212 -27.69 -7.59 25.85
C ASN B 212 -27.05 -6.90 27.05
N ILE B 213 -25.89 -6.27 26.85
CA ILE B 213 -25.23 -5.47 27.87
C ILE B 213 -24.85 -4.12 27.28
N VAL B 214 -24.94 -3.09 28.11
CA VAL B 214 -24.62 -1.72 27.74
C VAL B 214 -23.15 -1.48 28.01
N GLN B 215 -22.43 -1.00 27.00
CA GLN B 215 -21.04 -0.61 27.17
C GLN B 215 -20.86 0.84 26.75
N VAL B 216 -20.11 1.59 27.55
CA VAL B 216 -19.85 3.00 27.25
C VAL B 216 -18.37 3.20 26.95
N PHE B 217 -18.08 3.81 25.81
CA PHE B 217 -16.71 4.12 25.45
C PHE B 217 -16.57 5.60 25.12
N LYS B 218 -15.35 6.10 25.27
CA LYS B 218 -15.02 7.46 24.90
C LYS B 218 -14.50 7.51 23.47
N LYS B 219 -14.69 8.64 22.81
CA LYS B 219 -14.30 8.85 21.43
C LYS B 219 -13.11 9.79 21.31
N ALA B 220 -12.38 9.66 20.20
CA ALA B 220 -11.15 10.37 19.94
C ALA B 220 -11.43 11.86 19.70
N ALA B 221 -10.38 12.67 19.80
CA ALA B 221 -10.51 14.13 19.74
C ALA B 221 -11.14 14.67 18.44
N PRO B 222 -10.70 14.28 17.18
CA PRO B 222 -11.29 14.96 16.01
C PRO B 222 -12.72 14.53 15.64
N SER B 223 -13.56 14.23 16.63
CA SER B 223 -14.92 13.77 16.42
C SER B 223 -15.90 14.63 17.22
N PRO B 224 -17.06 14.96 16.63
CA PRO B 224 -18.07 15.70 17.40
C PRO B 224 -18.68 14.89 18.55
N ILE B 225 -18.54 13.57 18.52
CA ILE B 225 -18.99 12.68 19.58
C ILE B 225 -17.89 12.49 20.61
N SER B 226 -18.28 12.46 21.88
CA SER B 226 -17.34 12.27 22.98
C SER B 226 -17.57 10.98 23.74
N HIS B 227 -18.81 10.52 23.84
CA HIS B 227 -19.16 9.29 24.52
C HIS B 227 -20.21 8.57 23.69
N VAL B 228 -20.14 7.25 23.66
CA VAL B 228 -21.06 6.42 22.91
C VAL B 228 -21.50 5.27 23.81
N ALA B 229 -22.79 4.95 23.80
CA ALA B 229 -23.29 3.74 24.43
C ALA B 229 -23.68 2.79 23.32
N GLU B 230 -23.37 1.51 23.49
CA GLU B 230 -23.57 0.55 22.42
C GLU B 230 -24.18 -0.71 23.00
N ILE B 231 -25.01 -1.38 22.21
CA ILE B 231 -25.51 -2.69 22.60
C ILE B 231 -25.87 -3.52 21.37
N ARG B 232 -25.49 -4.78 21.38
CA ARG B 232 -25.93 -5.70 20.34
C ARG B 232 -26.99 -6.60 20.96
N SER B 233 -28.18 -6.57 20.41
CA SER B 233 -29.33 -7.28 20.98
C SER B 233 -29.46 -8.64 20.32
N ALA B 234 -29.65 -9.66 21.14
CA ALA B 234 -29.73 -11.03 20.66
C ALA B 234 -30.74 -11.75 21.52
N LEU B 235 -31.54 -12.62 20.91
CA LEU B 235 -32.64 -13.26 21.60
C LEU B 235 -32.12 -14.32 22.55
N GLU B 236 -33.00 -14.78 23.44
CA GLU B 236 -32.58 -15.84 24.33
C GLU B 236 -32.75 -17.21 23.67
N LYS B 237 -33.90 -17.45 23.06
CA LYS B 237 -34.09 -18.67 22.29
C LYS B 237 -33.24 -18.64 21.03
N GLY B 238 -32.69 -19.80 20.65
CA GLY B 238 -31.59 -19.87 19.70
C GLY B 238 -30.25 -19.26 20.05
N SER B 239 -30.27 -17.97 20.45
CA SER B 239 -29.26 -17.09 21.05
C SER B 239 -28.66 -16.17 20.01
N ARG B 240 -29.37 -15.99 18.88
CA ARG B 240 -28.73 -15.62 17.62
C ARG B 240 -28.74 -14.10 17.56
N LEU B 241 -27.78 -13.53 16.82
CA LEU B 241 -27.79 -12.08 16.64
C LEU B 241 -29.02 -11.58 15.86
N ILE B 242 -29.43 -10.37 16.20
CA ILE B 242 -30.56 -9.71 15.55
C ILE B 242 -30.15 -8.36 14.97
N SER B 243 -29.71 -7.47 15.85
CA SER B 243 -29.44 -6.09 15.45
C SER B 243 -28.52 -5.45 16.46
N THR B 244 -28.12 -4.23 16.14
CA THR B 244 -27.16 -3.48 16.93
C THR B 244 -27.63 -2.04 16.99
N MET B 245 -27.40 -1.38 18.13
CA MET B 245 -28.01 -0.10 18.38
C MET B 245 -26.99 0.75 19.11
N GLN B 246 -27.02 2.06 18.88
CA GLN B 246 -26.05 2.96 19.47
C GLN B 246 -26.76 4.22 19.94
N ILE B 247 -26.20 4.84 20.96
CA ILE B 247 -26.64 6.16 21.43
C ILE B 247 -25.41 7.05 21.57
N LYS B 248 -25.32 8.05 20.71
CA LYS B 248 -24.14 8.90 20.64
C LYS B 248 -24.44 10.24 21.29
N LEU B 249 -23.50 10.73 22.09
CA LEU B 249 -23.55 12.07 22.68
C LEU B 249 -22.67 12.98 21.85
N TYR B 250 -23.28 13.94 21.17
CA TYR B 250 -22.51 14.84 20.34
C TYR B 250 -21.88 15.93 21.20
N GLY B 251 -21.23 16.89 20.53
CA GLY B 251 -20.62 18.00 21.23
C GLY B 251 -19.31 17.69 21.91
N ARG B 252 -18.26 18.35 21.45
CA ARG B 252 -16.91 18.26 21.99
C ARG B 252 -16.85 19.14 23.26
N GLU B 253 -15.65 19.40 23.78
CA GLU B 253 -15.42 20.27 24.92
C GLU B 253 -15.42 21.72 24.46
N ASP B 254 -16.50 22.45 24.80
CA ASP B 254 -16.75 23.84 24.39
C ASP B 254 -16.86 24.01 22.88
N LYS B 255 -17.25 22.93 22.19
CA LYS B 255 -17.43 22.93 20.76
C LYS B 255 -18.54 21.93 20.48
N GLY B 256 -19.42 22.26 19.54
CA GLY B 256 -20.57 21.41 19.32
C GLY B 256 -21.86 22.06 19.76
N THR B 257 -21.78 23.30 20.26
CA THR B 257 -22.86 24.24 20.64
C THR B 257 -23.91 23.48 21.46
N GLY B 258 -25.15 23.39 21.02
CA GLY B 258 -26.14 22.50 21.59
C GLY B 258 -25.67 21.06 21.73
N ARG B 259 -25.65 20.54 22.96
CA ARG B 259 -24.97 19.29 23.27
C ARG B 259 -25.96 18.13 23.34
N THR B 260 -26.67 17.89 22.26
CA THR B 260 -27.89 17.11 22.41
C THR B 260 -27.49 15.65 22.22
N ILE B 261 -28.47 14.76 22.23
CA ILE B 261 -28.19 13.34 22.11
C ILE B 261 -29.09 12.74 21.07
N LYS B 262 -28.52 12.06 20.09
CA LYS B 262 -29.33 11.36 19.10
C LYS B 262 -28.98 9.88 19.17
N ALA B 263 -29.92 9.05 18.76
CA ALA B 263 -29.74 7.60 18.72
C ALA B 263 -29.65 7.09 17.29
N THR B 264 -29.26 5.83 17.17
CA THR B 264 -29.18 5.14 15.88
C THR B 264 -30.10 3.94 15.97
N LEU B 265 -30.97 3.78 14.98
CA LEU B 265 -31.90 2.67 14.98
C LEU B 265 -31.63 1.77 13.80
N PRO B 266 -31.81 0.46 13.94
CA PRO B 266 -31.62 -0.44 12.78
C PRO B 266 -32.57 -0.08 11.65
N TYR B 267 -32.00 -0.09 10.43
CA TYR B 267 -32.71 0.17 9.18
C TYR B 267 -33.26 1.58 9.10
N VAL B 268 -32.59 2.57 9.70
CA VAL B 268 -32.95 3.98 9.54
C VAL B 268 -31.67 4.72 9.19
N LYS B 269 -31.74 5.56 8.16
CA LYS B 269 -30.53 6.11 7.57
C LYS B 269 -29.87 7.19 8.41
N GLN B 270 -30.58 7.82 9.34
CA GLN B 270 -30.08 9.01 10.00
C GLN B 270 -30.30 8.91 11.51
N ASP B 271 -29.48 9.63 12.26
CA ASP B 271 -29.59 9.69 13.71
C ASP B 271 -30.78 10.53 14.17
N ILE B 272 -31.55 9.98 15.10
CA ILE B 272 -32.81 10.57 15.57
C ILE B 272 -32.64 10.99 17.03
N PRO B 273 -32.97 12.23 17.39
CA PRO B 273 -32.86 12.69 18.79
C PRO B 273 -33.69 11.85 19.75
N ILE B 274 -33.19 11.74 20.99
CA ILE B 274 -33.72 10.82 21.99
C ILE B 274 -35.17 11.13 22.33
N VAL B 275 -35.47 12.41 22.56
CA VAL B 275 -36.81 12.84 22.98
C VAL B 275 -37.86 12.37 21.97
N ILE B 276 -37.53 12.41 20.69
CA ILE B 276 -38.44 12.00 19.62
C ILE B 276 -38.81 10.54 19.75
N VAL B 277 -37.84 9.67 20.08
CA VAL B 277 -38.16 8.25 20.17
C VAL B 277 -38.95 7.96 21.45
N PHE B 278 -38.70 8.73 22.52
CA PHE B 278 -39.52 8.62 23.73
C PHE B 278 -40.99 8.95 23.43
N ARG B 279 -41.21 10.03 22.68
CA ARG B 279 -42.58 10.42 22.31
C ARG B 279 -43.20 9.39 21.39
N ALA B 280 -42.42 8.90 20.43
CA ALA B 280 -42.84 7.86 19.50
C ALA B 280 -43.22 6.53 20.14
N LEU B 281 -42.93 6.32 21.42
CA LEU B 281 -43.33 5.08 22.07
C LEU B 281 -44.59 5.23 22.90
N GLY B 282 -45.08 6.44 23.08
CA GLY B 282 -46.32 6.66 23.79
C GLY B 282 -46.23 7.46 25.07
N VAL B 283 -45.06 8.03 25.36
CA VAL B 283 -44.87 8.89 26.51
C VAL B 283 -44.37 10.25 26.03
N VAL B 284 -45.24 11.23 26.03
CA VAL B 284 -44.98 12.49 25.32
C VAL B 284 -44.66 13.70 26.22
N PRO B 285 -45.36 14.04 27.33
CA PRO B 285 -44.96 15.25 28.07
C PRO B 285 -43.58 15.09 28.72
N ASP B 286 -42.74 16.13 28.53
CA ASP B 286 -41.42 16.34 29.14
C ASP B 286 -41.27 15.77 30.54
N GLY B 287 -42.22 16.12 31.42
CA GLY B 287 -42.09 15.81 32.84
C GLY B 287 -42.07 14.32 33.11
N GLU B 288 -42.76 13.54 32.27
CA GLU B 288 -42.73 12.10 32.40
C GLU B 288 -41.43 11.55 31.84
N ILE B 289 -40.98 12.10 30.70
CA ILE B 289 -39.71 11.71 30.08
C ILE B 289 -38.56 11.84 31.05
N LEU B 290 -38.41 13.01 31.68
CA LEU B 290 -37.32 13.17 32.63
C LEU B 290 -37.52 12.30 33.87
N GLN B 291 -38.77 11.94 34.18
CA GLN B 291 -39.02 11.04 35.29
C GLN B 291 -38.60 9.61 34.98
N HIS B 292 -38.50 9.27 33.70
CA HIS B 292 -38.00 7.96 33.30
C HIS B 292 -36.49 7.88 33.24
N ILE B 293 -35.79 9.00 33.07
CA ILE B 293 -34.33 8.90 32.94
C ILE B 293 -33.61 9.16 34.25
N CYS B 294 -33.60 10.42 34.68
CA CYS B 294 -32.87 10.81 35.87
C CYS B 294 -33.68 10.54 37.14
N TYR B 295 -33.09 9.80 38.08
CA TYR B 295 -33.75 9.52 39.35
C TYR B 295 -33.22 10.39 40.49
N ASP B 296 -32.82 11.62 40.17
CA ASP B 296 -32.29 12.52 41.19
C ASP B 296 -32.59 13.93 40.67
N GLU B 297 -33.70 14.49 41.16
CA GLU B 297 -34.16 15.84 40.83
C GLU B 297 -33.19 16.96 41.24
N ASN B 298 -32.25 16.69 42.15
CA ASN B 298 -31.28 17.69 42.57
C ASN B 298 -30.12 17.83 41.59
N ASP B 299 -29.75 16.73 40.92
CA ASP B 299 -28.62 16.67 39.99
C ASP B 299 -28.83 17.66 38.83
N TRP B 300 -28.44 18.91 39.05
CA TRP B 300 -28.66 19.94 38.04
C TRP B 300 -27.65 19.87 36.90
N GLN B 301 -26.46 19.29 37.15
CA GLN B 301 -25.48 19.10 36.08
C GLN B 301 -26.02 18.15 35.03
N MET B 302 -26.59 17.03 35.46
CA MET B 302 -27.19 16.09 34.52
C MET B 302 -28.40 16.70 33.84
N LEU B 303 -29.22 17.43 34.59
CA LEU B 303 -30.41 18.08 34.02
C LEU B 303 -30.04 19.16 33.02
N GLU B 304 -28.95 19.90 33.27
CA GLU B 304 -28.48 20.88 32.31
C GLU B 304 -27.99 20.23 31.02
N MET B 305 -27.49 19.00 31.09
CA MET B 305 -27.04 18.41 29.84
C MET B 305 -28.21 17.86 29.04
N LEU B 306 -29.34 17.59 29.67
CA LEU B 306 -30.50 17.15 28.90
C LEU B 306 -31.31 18.30 28.36
N LYS B 307 -31.04 19.54 28.81
CA LYS B 307 -31.74 20.76 28.42
C LYS B 307 -31.77 20.92 26.89
N PRO B 308 -30.63 20.92 26.15
CA PRO B 308 -30.72 21.12 24.69
C PRO B 308 -31.50 20.03 23.96
N CYS B 309 -31.58 18.82 24.53
CA CYS B 309 -32.31 17.73 23.89
C CYS B 309 -33.80 17.99 23.89
N ILE B 310 -34.30 18.64 24.94
CA ILE B 310 -35.73 18.96 25.00
C ILE B 310 -36.06 19.99 23.93
N GLU B 311 -35.28 21.08 23.87
CA GLU B 311 -35.57 22.16 22.94
C GLU B 311 -35.36 21.77 21.49
N GLU B 312 -34.42 20.88 21.19
CA GLU B 312 -34.30 20.45 19.80
C GLU B 312 -35.37 19.44 19.39
N GLY B 313 -36.19 18.98 20.32
CA GLY B 313 -37.26 18.09 19.93
C GLY B 313 -38.56 18.58 20.51
N PHE B 314 -38.69 19.90 20.61
CA PHE B 314 -39.88 20.47 21.25
C PHE B 314 -41.04 20.48 20.28
N VAL B 315 -40.79 20.85 19.02
CA VAL B 315 -41.83 21.06 18.02
C VAL B 315 -42.55 19.76 17.65
N ILE B 316 -42.01 18.61 18.01
CA ILE B 316 -42.64 17.33 17.78
C ILE B 316 -43.41 17.11 19.07
N GLN B 317 -44.71 17.45 19.05
CA GLN B 317 -45.49 17.53 20.28
C GLN B 317 -46.51 16.42 20.46
N ASP B 318 -46.52 15.40 19.61
CA ASP B 318 -47.45 14.29 19.79
C ASP B 318 -46.93 13.04 19.08
N LYS B 319 -47.61 11.93 19.36
CA LYS B 319 -47.17 10.61 18.94
C LYS B 319 -47.14 10.47 17.42
N GLU B 320 -48.20 10.94 16.77
CA GLU B 320 -48.38 10.69 15.34
C GLU B 320 -47.29 11.34 14.49
N VAL B 321 -47.03 12.64 14.70
CA VAL B 321 -45.96 13.31 13.95
C VAL B 321 -44.57 12.79 14.34
N ALA B 322 -44.44 12.19 15.54
CA ALA B 322 -43.18 11.57 15.90
C ALA B 322 -42.92 10.31 15.09
N LEU B 323 -43.88 9.38 15.12
CA LEU B 323 -43.78 8.14 14.35
C LEU B 323 -43.58 8.41 12.87
N ASP B 324 -44.17 9.48 12.34
CA ASP B 324 -44.00 9.78 10.92
C ASP B 324 -42.60 10.33 10.64
N PHE B 325 -42.07 11.13 11.57
CA PHE B 325 -40.69 11.63 11.43
C PHE B 325 -39.71 10.48 11.31
N ILE B 326 -39.96 9.38 12.02
CA ILE B 326 -39.10 8.21 11.95
C ILE B 326 -39.22 7.55 10.57
N GLY B 327 -40.46 7.17 10.19
CA GLY B 327 -40.70 6.44 8.94
C GLY B 327 -40.14 7.10 7.70
N ARG B 328 -39.99 8.42 7.71
CA ARG B 328 -39.47 9.20 6.58
C ARG B 328 -37.96 9.03 6.39
N ARG B 329 -37.30 8.31 7.29
CA ARG B 329 -35.89 7.96 7.18
C ARG B 329 -35.58 6.48 7.06
N GLY B 330 -36.51 5.60 7.40
CA GLY B 330 -36.11 4.21 7.48
C GLY B 330 -35.89 3.27 6.33
N SER B 331 -35.02 3.67 5.39
CA SER B 331 -34.59 2.88 4.22
C SER B 331 -35.67 2.31 3.33
N ALA B 332 -36.91 2.76 3.47
CA ALA B 332 -37.96 2.21 2.65
C ALA B 332 -38.03 2.81 1.26
N ALA B 333 -39.19 2.68 0.66
CA ALA B 333 -39.50 3.19 -0.66
C ALA B 333 -40.03 4.61 -0.50
N LEU B 334 -40.16 5.29 -1.62
CA LEU B 334 -40.62 6.67 -1.62
C LEU B 334 -42.10 6.68 -1.95
N GLY B 335 -42.91 7.15 -0.99
CA GLY B 335 -44.33 7.21 -1.22
C GLY B 335 -45.14 6.10 -0.62
N ILE B 336 -45.12 6.05 0.73
CA ILE B 336 -45.92 5.03 1.41
C ILE B 336 -47.02 5.73 2.23
N ARG B 337 -47.17 7.05 2.03
CA ARG B 337 -48.01 7.97 2.79
C ARG B 337 -48.16 7.81 4.32
N ARG B 338 -48.45 8.94 4.99
CA ARG B 338 -48.61 9.01 6.45
C ARG B 338 -49.58 7.98 7.02
N GLU B 339 -50.63 7.64 6.27
CA GLU B 339 -51.64 6.68 6.71
C GLU B 339 -51.04 5.29 6.96
N LYS B 340 -49.89 4.99 6.34
CA LYS B 340 -49.17 3.72 6.46
C LYS B 340 -47.72 3.81 6.90
N ARG B 341 -47.02 4.89 6.52
CA ARG B 341 -45.64 5.12 6.96
C ARG B 341 -45.48 5.13 8.48
N ILE B 342 -46.50 5.53 9.22
CA ILE B 342 -46.57 5.23 10.66
C ILE B 342 -46.56 3.72 10.92
N GLN B 343 -47.49 2.98 10.31
CA GLN B 343 -47.60 1.54 10.53
C GLN B 343 -46.38 0.74 10.07
N TYR B 344 -45.51 1.30 9.23
CA TYR B 344 -44.25 0.64 8.94
C TYR B 344 -43.22 0.90 10.02
N ALA B 345 -43.14 2.14 10.50
CA ALA B 345 -42.25 2.50 11.61
C ALA B 345 -42.63 1.83 12.93
N LYS B 346 -43.92 1.63 13.20
CA LYS B 346 -44.33 0.87 14.39
C LYS B 346 -43.77 -0.55 14.42
N ASP B 347 -43.43 -1.12 13.27
CA ASP B 347 -42.80 -2.43 13.28
C ASP B 347 -41.32 -2.28 13.63
N ILE B 348 -40.67 -1.25 13.09
CA ILE B 348 -39.26 -0.97 13.39
C ILE B 348 -39.09 -0.60 14.87
N LEU B 349 -40.15 -0.15 15.54
CA LEU B 349 -40.04 0.10 16.97
C LEU B 349 -40.40 -1.12 17.82
N GLN B 350 -41.45 -1.85 17.42
CA GLN B 350 -41.87 -3.03 18.18
C GLN B 350 -40.85 -4.15 18.08
N LYS B 351 -40.45 -4.48 16.87
CA LYS B 351 -39.37 -5.40 16.65
C LYS B 351 -38.17 -4.63 16.11
N GLU B 352 -37.00 -5.29 16.19
CA GLU B 352 -35.66 -4.88 15.78
C GLU B 352 -35.05 -3.92 16.82
N LEU B 353 -35.84 -3.04 17.41
CA LEU B 353 -35.35 -2.15 18.45
C LEU B 353 -35.50 -2.87 19.79
N LEU B 354 -34.36 -3.16 20.42
CA LEU B 354 -34.30 -3.93 21.67
C LEU B 354 -35.10 -5.23 21.72
N PRO B 355 -35.00 -6.12 20.72
CA PRO B 355 -35.86 -7.32 20.69
C PRO B 355 -35.68 -8.29 21.84
N HIS B 356 -34.60 -8.20 22.60
CA HIS B 356 -34.41 -9.09 23.74
C HIS B 356 -35.36 -8.81 24.90
N ILE B 357 -35.96 -7.64 24.99
CA ILE B 357 -36.89 -7.38 26.08
C ILE B 357 -38.21 -8.09 25.86
N THR B 358 -38.89 -7.80 24.75
CA THR B 358 -40.11 -8.49 24.33
C THR B 358 -40.42 -8.10 22.89
N GLN B 359 -41.23 -8.93 22.24
CA GLN B 359 -41.74 -8.63 20.92
C GLN B 359 -43.26 -8.71 20.79
N GLU B 360 -43.99 -9.02 21.85
CA GLU B 360 -45.44 -8.97 21.78
C GLU B 360 -45.94 -7.54 21.94
N GLU B 361 -47.17 -7.31 21.51
CA GLU B 361 -47.74 -5.98 21.53
C GLU B 361 -48.18 -5.58 22.94
N GLY B 362 -48.42 -4.28 23.10
CA GLY B 362 -48.95 -3.73 24.33
C GLY B 362 -48.01 -3.86 25.51
N PHE B 363 -46.70 -3.96 25.25
CA PHE B 363 -45.69 -4.00 26.31
C PHE B 363 -44.64 -2.90 26.18
N GLU B 364 -44.98 -1.77 25.55
CA GLU B 364 -44.07 -0.65 25.33
C GLU B 364 -43.57 0.03 26.60
N THR B 365 -44.18 -0.26 27.76
CA THR B 365 -43.67 0.28 29.02
C THR B 365 -42.27 -0.22 29.35
N ARG B 366 -41.94 -1.45 28.99
CA ARG B 366 -40.60 -1.96 29.27
C ARG B 366 -39.53 -1.29 28.42
N LYS B 367 -39.81 -1.02 27.15
CA LYS B 367 -38.79 -0.38 26.32
C LYS B 367 -38.58 1.07 26.73
N THR B 368 -39.65 1.77 27.10
CA THR B 368 -39.49 3.16 27.50
C THR B 368 -38.67 3.27 28.78
N PHE B 369 -38.93 2.40 29.75
CA PHE B 369 -38.15 2.39 30.98
C PHE B 369 -36.70 2.02 30.74
N PHE B 370 -36.45 1.07 29.84
CA PHE B 370 -35.09 0.67 29.54
C PHE B 370 -34.32 1.78 28.84
N LEU B 371 -34.95 2.44 27.87
CA LEU B 371 -34.34 3.57 27.18
C LEU B 371 -33.87 4.65 28.14
N GLY B 372 -34.67 4.94 29.17
CA GLY B 372 -34.26 5.91 30.16
C GLY B 372 -33.01 5.47 30.93
N TYR B 373 -32.91 4.18 31.23
CA TYR B 373 -31.71 3.64 31.89
C TYR B 373 -30.46 3.89 31.06
N MET B 374 -30.53 3.65 29.75
CA MET B 374 -29.39 3.86 28.86
C MET B 374 -28.90 5.30 28.90
N VAL B 375 -29.80 6.26 28.75
CA VAL B 375 -29.45 7.67 28.79
C VAL B 375 -28.83 8.04 30.13
N ASN B 376 -29.35 7.47 31.22
CA ASN B 376 -28.79 7.68 32.54
C ASN B 376 -27.35 7.20 32.60
N ARG B 377 -27.09 5.99 32.10
CA ARG B 377 -25.73 5.45 32.09
C ARG B 377 -24.80 6.28 31.21
N LEU B 378 -25.31 6.73 30.05
CA LEU B 378 -24.53 7.59 29.16
C LEU B 378 -24.05 8.86 29.86
N LEU B 379 -24.92 9.49 30.63
CA LEU B 379 -24.54 10.77 31.24
C LEU B 379 -23.61 10.59 32.43
N LEU B 380 -23.75 9.51 33.20
CA LEU B 380 -22.82 9.21 34.29
C LEU B 380 -21.38 9.14 33.80
N CYS B 381 -21.16 8.60 32.61
CA CYS B 381 -19.79 8.56 32.12
C CYS B 381 -19.37 9.93 31.64
N ALA B 382 -20.27 10.64 30.95
CA ALA B 382 -19.96 11.99 30.51
C ALA B 382 -19.77 12.96 31.67
N LEU B 383 -20.42 12.71 32.81
CA LEU B 383 -20.21 13.54 34.00
C LEU B 383 -19.00 13.13 34.82
N GLU B 384 -18.20 12.17 34.34
CA GLU B 384 -17.00 11.67 35.03
C GLU B 384 -17.31 11.14 36.43
N ARG B 385 -18.49 10.56 36.63
CA ARG B 385 -18.85 9.89 37.87
C ARG B 385 -18.60 8.40 37.81
N LYS B 386 -18.29 7.88 36.63
CA LYS B 386 -18.06 6.47 36.41
C LYS B 386 -17.10 6.35 35.25
N ASP B 387 -16.12 5.46 35.40
CA ASP B 387 -15.17 5.19 34.35
C ASP B 387 -15.87 4.60 33.14
N GLN B 388 -15.26 4.76 31.97
CA GLN B 388 -15.75 4.03 30.81
C GLN B 388 -15.48 2.55 31.03
N ASP B 389 -16.29 1.72 30.39
CA ASP B 389 -16.18 0.29 30.56
C ASP B 389 -14.88 -0.25 29.98
N ASP B 390 -14.40 -1.32 30.56
CA ASP B 390 -13.16 -1.96 30.15
C ASP B 390 -13.59 -3.11 29.24
N ARG B 391 -13.29 -2.96 27.95
CA ARG B 391 -13.68 -3.92 26.93
C ARG B 391 -13.08 -5.30 27.15
N ASP B 392 -12.01 -5.41 27.95
CA ASP B 392 -11.31 -6.67 28.16
C ASP B 392 -11.72 -7.40 29.42
N HIS B 393 -12.54 -6.77 30.27
CA HIS B 393 -13.13 -7.43 31.43
C HIS B 393 -13.78 -8.73 30.98
N PHE B 394 -13.31 -9.84 31.53
CA PHE B 394 -13.73 -11.17 31.08
C PHE B 394 -15.18 -11.48 31.39
N GLY B 395 -15.78 -10.82 32.37
CA GLY B 395 -17.20 -11.02 32.63
C GLY B 395 -18.10 -10.50 31.53
N LYS B 396 -17.59 -9.62 30.67
CA LYS B 396 -18.29 -9.15 29.51
C LYS B 396 -18.00 -9.97 28.27
N LYS B 397 -17.54 -11.22 28.42
CA LYS B 397 -17.13 -12.04 27.30
C LYS B 397 -17.81 -13.39 27.35
N ARG B 398 -17.90 -14.04 26.19
CA ARG B 398 -18.53 -15.34 26.03
C ARG B 398 -17.69 -16.20 25.10
N LEU B 399 -17.75 -17.50 25.31
CA LEU B 399 -17.07 -18.47 24.46
C LEU B 399 -18.09 -19.31 23.72
N ASP B 400 -18.06 -19.25 22.40
CA ASP B 400 -18.92 -20.09 21.58
C ASP B 400 -18.22 -21.43 21.34
N LEU B 401 -18.79 -22.51 21.84
CA LEU B 401 -18.22 -23.83 21.64
C LEU B 401 -19.02 -24.58 20.58
N ALA B 402 -18.85 -25.91 20.52
CA ALA B 402 -19.36 -26.76 19.45
C ALA B 402 -20.86 -26.59 19.26
N GLY B 403 -21.60 -26.60 20.36
CA GLY B 403 -23.04 -26.45 20.36
C GLY B 403 -23.56 -25.19 19.69
N PRO B 404 -23.33 -24.01 20.30
CA PRO B 404 -23.75 -22.75 19.68
C PRO B 404 -23.25 -22.51 18.26
N LEU B 405 -22.00 -22.90 17.96
CA LEU B 405 -21.47 -22.72 16.61
C LEU B 405 -22.22 -23.56 15.57
N LEU B 406 -22.56 -24.80 15.91
CA LEU B 406 -23.31 -25.61 14.95
C LEU B 406 -24.71 -25.08 14.75
N ALA B 407 -25.36 -24.58 15.82
CA ALA B 407 -26.72 -24.10 15.68
C ALA B 407 -26.79 -22.93 14.72
N ASN B 408 -25.82 -22.01 14.79
CA ASN B 408 -25.81 -20.87 13.87
C ASN B 408 -25.62 -21.32 12.44
N LEU B 409 -24.76 -22.30 12.22
CA LEU B 409 -24.56 -22.82 10.86
C LEU B 409 -25.75 -23.62 10.38
N PHE B 410 -26.34 -24.43 11.26
CA PHE B 410 -27.50 -25.23 10.88
C PHE B 410 -28.69 -24.35 10.54
N ARG B 411 -28.85 -23.24 11.27
CA ARG B 411 -29.91 -22.29 11.00
C ARG B 411 -29.83 -21.75 9.58
N ILE B 412 -28.64 -21.32 9.15
CA ILE B 412 -28.45 -20.76 7.81
C ILE B 412 -28.78 -21.79 6.75
N LEU B 413 -28.35 -23.03 6.95
CA LEU B 413 -28.53 -24.06 5.94
C LEU B 413 -29.97 -24.56 5.89
N PHE B 414 -30.65 -24.59 7.02
CA PHE B 414 -32.03 -25.03 7.01
C PHE B 414 -32.95 -24.06 6.28
N ARG B 415 -32.68 -22.75 6.36
CA ARG B 415 -33.43 -21.82 5.52
C ARG B 415 -33.15 -22.05 4.04
N LYS B 416 -31.90 -22.32 3.68
CA LYS B 416 -31.57 -22.63 2.28
C LYS B 416 -32.33 -23.85 1.79
N LEU B 417 -32.42 -24.89 2.61
CA LEU B 417 -33.24 -26.04 2.26
C LEU B 417 -34.71 -25.66 2.14
N THR B 418 -35.19 -24.79 3.04
CA THR B 418 -36.58 -24.34 3.01
C THR B 418 -36.94 -23.64 1.70
N ARG B 419 -36.15 -22.66 1.27
CA ARG B 419 -36.42 -21.96 0.01
C ARG B 419 -36.38 -22.89 -1.18
N GLU B 420 -35.56 -23.94 -1.16
CA GLU B 420 -35.56 -24.87 -2.28
C GLU B 420 -36.82 -25.72 -2.29
N ILE B 421 -37.43 -25.94 -1.12
CA ILE B 421 -38.70 -26.63 -1.09
C ILE B 421 -39.80 -25.72 -1.64
N TYR B 422 -39.81 -24.47 -1.18
CA TYR B 422 -40.79 -23.47 -1.63
C TYR B 422 -40.72 -23.22 -3.13
N ARG B 423 -39.52 -23.01 -3.68
CA ARG B 423 -39.37 -22.84 -5.13
C ARG B 423 -39.77 -24.09 -5.90
N TYR B 424 -39.71 -25.26 -5.28
CA TYR B 424 -40.06 -26.48 -5.99
C TYR B 424 -41.56 -26.73 -5.98
N MET B 425 -42.26 -26.32 -4.92
CA MET B 425 -43.72 -26.46 -4.88
C MET B 425 -44.44 -25.61 -5.94
N GLN B 426 -43.96 -24.38 -6.19
CA GLN B 426 -44.63 -23.56 -7.20
C GLN B 426 -44.55 -24.14 -8.62
N ARG B 427 -43.53 -24.94 -8.93
CA ARG B 427 -43.59 -25.65 -10.21
C ARG B 427 -44.35 -26.97 -10.12
N CYS B 428 -44.17 -27.74 -9.04
CA CYS B 428 -44.79 -29.07 -9.01
C CYS B 428 -46.28 -29.05 -8.71
N ILE B 429 -46.88 -27.91 -8.38
CA ILE B 429 -48.31 -27.85 -8.12
C ILE B 429 -49.05 -27.29 -9.35
N GLU B 430 -48.33 -26.60 -10.25
CA GLU B 430 -48.93 -26.21 -11.53
C GLU B 430 -49.25 -27.42 -12.41
N THR B 431 -48.57 -28.55 -12.19
CA THR B 431 -48.93 -29.80 -12.84
C THR B 431 -50.12 -30.46 -12.16
N ASP B 432 -50.50 -29.99 -10.97
CA ASP B 432 -51.57 -30.54 -10.12
C ASP B 432 -51.34 -32.02 -9.85
N ARG B 433 -50.10 -32.38 -9.53
CA ARG B 433 -49.73 -33.74 -9.23
C ARG B 433 -49.17 -33.83 -7.82
N ASP B 434 -49.73 -34.75 -7.02
CA ASP B 434 -49.30 -35.02 -5.65
C ASP B 434 -47.80 -35.31 -5.58
N PHE B 435 -47.05 -34.44 -4.95
CA PHE B 435 -45.61 -34.63 -4.88
C PHE B 435 -45.31 -35.64 -3.77
N ASN B 436 -44.36 -36.51 -4.06
CA ASN B 436 -43.98 -37.68 -3.28
C ASN B 436 -43.07 -37.31 -2.10
N LEU B 437 -42.98 -36.03 -1.76
CA LEU B 437 -42.23 -35.44 -0.66
C LEU B 437 -40.74 -35.75 -0.73
N ASN B 438 -40.36 -37.04 -0.76
CA ASN B 438 -38.96 -37.46 -0.85
C ASN B 438 -38.25 -36.92 -2.08
N LEU B 439 -39.00 -36.46 -3.09
CA LEU B 439 -38.46 -35.79 -4.27
C LEU B 439 -38.37 -34.28 -4.07
N ALA B 440 -38.80 -33.76 -2.93
CA ALA B 440 -38.73 -32.34 -2.66
C ALA B 440 -37.83 -32.00 -1.48
N VAL B 441 -36.98 -32.93 -1.07
CA VAL B 441 -36.00 -32.71 -0.02
C VAL B 441 -34.67 -33.24 -0.55
N LYS B 442 -33.78 -32.33 -0.92
CA LYS B 442 -32.48 -32.73 -1.43
C LYS B 442 -31.55 -32.69 -0.23
N SER B 443 -31.16 -33.88 0.24
CA SER B 443 -30.26 -33.97 1.38
C SER B 443 -28.86 -33.47 1.10
N THR B 444 -28.52 -33.12 -0.14
CA THR B 444 -27.19 -32.62 -0.40
C THR B 444 -26.97 -31.23 0.18
N THR B 445 -28.05 -30.46 0.39
CA THR B 445 -27.90 -29.11 0.91
C THR B 445 -27.31 -29.07 2.31
N ILE B 446 -27.86 -29.85 3.24
CA ILE B 446 -27.30 -29.87 4.59
C ILE B 446 -26.02 -30.68 4.67
N THR B 447 -25.97 -31.85 4.02
CA THR B 447 -24.81 -32.73 4.09
C THR B 447 -23.56 -32.08 3.52
N SER B 448 -23.66 -31.48 2.33
CA SER B 448 -22.49 -30.84 1.75
C SER B 448 -22.15 -29.56 2.48
N GLY B 449 -23.18 -28.85 2.97
CA GLY B 449 -22.94 -27.63 3.72
C GLY B 449 -22.13 -27.86 4.98
N LEU B 450 -22.56 -28.82 5.82
CA LEU B 450 -21.82 -29.11 7.04
C LEU B 450 -20.43 -29.67 6.76
N LYS B 451 -20.32 -30.63 5.82
CA LYS B 451 -19.02 -31.16 5.45
C LYS B 451 -18.05 -30.09 4.96
N TYR B 452 -18.51 -29.15 4.13
CA TYR B 452 -17.58 -28.19 3.56
C TYR B 452 -17.05 -27.24 4.62
N SER B 453 -17.94 -26.75 5.48
CA SER B 453 -17.53 -25.80 6.51
C SER B 453 -16.63 -26.45 7.55
N LEU B 454 -16.92 -27.69 7.93
CA LEU B 454 -16.04 -28.37 8.88
C LEU B 454 -14.70 -28.72 8.25
N ALA B 455 -14.66 -28.95 6.95
CA ALA B 455 -13.40 -29.34 6.33
C ALA B 455 -12.50 -28.16 6.05
N THR B 456 -13.06 -27.01 5.70
CA THR B 456 -12.22 -25.86 5.40
C THR B 456 -12.16 -24.82 6.50
N GLY B 457 -13.09 -24.81 7.44
CA GLY B 457 -13.10 -23.70 8.36
C GLY B 457 -13.80 -22.44 7.87
N ASN B 458 -14.27 -22.43 6.63
CA ASN B 458 -14.98 -21.26 6.10
C ASN B 458 -16.42 -21.26 6.61
N TRP B 459 -16.73 -20.30 7.48
CA TRP B 459 -17.98 -20.26 8.22
C TRP B 459 -19.04 -19.47 7.45
N GLY B 460 -19.69 -20.17 6.53
CA GLY B 460 -20.75 -19.54 5.76
C GLY B 460 -21.08 -20.38 4.55
N GLU B 461 -21.88 -19.79 3.67
CA GLU B 461 -22.23 -20.44 2.43
C GLU B 461 -20.98 -20.44 1.57
N GLN B 462 -20.78 -21.53 0.83
CA GLN B 462 -19.59 -21.70 -0.01
C GLN B 462 -19.36 -20.54 -0.98
N LYS B 463 -20.43 -20.04 -1.62
CA LYS B 463 -20.27 -18.91 -2.55
C LYS B 463 -19.84 -17.61 -1.88
N LYS B 464 -19.96 -17.51 -0.56
CA LYS B 464 -19.56 -16.32 0.19
C LYS B 464 -18.36 -16.60 1.10
N ALA B 465 -17.31 -17.24 0.56
CA ALA B 465 -16.18 -17.67 1.39
C ALA B 465 -15.40 -16.50 1.97
N MET B 466 -15.22 -15.42 1.22
CA MET B 466 -14.75 -14.19 1.85
C MET B 466 -15.88 -13.55 2.66
N SER B 467 -15.48 -12.63 3.56
CA SER B 467 -16.28 -11.95 4.60
C SER B 467 -16.70 -12.90 5.74
N SER B 468 -16.80 -14.19 5.46
CA SER B 468 -17.00 -15.24 6.43
C SER B 468 -15.74 -15.44 7.28
N ARG B 469 -15.93 -15.93 8.51
CA ARG B 469 -14.80 -16.15 9.39
C ARG B 469 -14.09 -17.46 9.05
N ALA B 470 -12.76 -17.39 9.02
CA ALA B 470 -11.88 -18.51 8.71
C ALA B 470 -11.25 -19.11 9.96
N GLY B 471 -10.81 -20.36 9.83
CA GLY B 471 -10.08 -21.00 10.90
C GLY B 471 -10.86 -21.51 12.08
N VAL B 472 -12.19 -21.62 11.98
CA VAL B 472 -12.96 -22.15 13.10
C VAL B 472 -12.70 -23.64 13.29
N SER B 473 -12.55 -24.38 12.20
CA SER B 473 -12.15 -25.78 12.26
C SER B 473 -10.71 -25.98 11.81
N GLN B 474 -9.97 -26.83 12.53
CA GLN B 474 -8.57 -27.08 12.26
C GLN B 474 -8.28 -28.57 12.37
N VAL B 475 -7.28 -29.04 11.63
CA VAL B 475 -6.84 -30.42 11.73
C VAL B 475 -6.25 -30.68 13.10
N LEU B 476 -6.74 -31.72 13.77
CA LEU B 476 -6.33 -31.97 15.15
C LEU B 476 -4.87 -32.39 15.20
N ASN B 477 -4.07 -31.64 15.93
CA ASN B 477 -2.65 -31.93 16.08
C ASN B 477 -2.51 -33.21 16.91
N ARG B 478 -1.83 -34.21 16.37
CA ARG B 478 -1.58 -35.47 17.07
C ARG B 478 -0.12 -35.76 17.24
N TYR B 479 0.73 -34.75 17.25
CA TYR B 479 2.17 -34.97 17.33
C TYR B 479 2.53 -35.66 18.64
N THR B 480 1.90 -35.27 19.74
CA THR B 480 2.12 -35.87 21.04
C THR B 480 0.86 -35.73 21.89
N TYR B 481 0.81 -36.46 23.00
CA TYR B 481 -0.41 -36.55 23.78
C TYR B 481 -0.77 -35.22 24.42
N SER B 482 0.22 -34.53 24.98
CA SER B 482 0.01 -33.20 25.57
C SER B 482 -0.58 -32.25 24.55
N SER B 483 -0.11 -32.33 23.30
CA SER B 483 -0.59 -31.41 22.26
C SER B 483 -2.03 -31.67 21.92
N THR B 484 -2.50 -32.92 22.04
CA THR B 484 -3.90 -33.19 21.80
C THR B 484 -4.79 -32.53 22.86
N LEU B 485 -4.41 -32.67 24.14
CA LEU B 485 -5.17 -32.02 25.21
C LEU B 485 -5.23 -30.52 25.04
N SER B 486 -4.10 -29.87 24.71
CA SER B 486 -4.11 -28.42 24.54
C SER B 486 -4.98 -28.01 23.38
N HIS B 487 -4.91 -28.76 22.27
CA HIS B 487 -5.63 -28.36 21.07
C HIS B 487 -7.14 -28.42 21.27
N LEU B 488 -7.62 -29.37 22.07
CA LEU B 488 -9.06 -29.49 22.29
C LEU B 488 -9.59 -28.43 23.24
N ARG B 489 -8.73 -27.68 23.91
CA ARG B 489 -9.09 -26.68 24.91
C ARG B 489 -8.65 -25.29 24.50
N ARG B 490 -8.53 -25.04 23.22
CA ARG B 490 -8.01 -23.78 22.73
C ARG B 490 -9.17 -22.84 22.49
N THR B 491 -8.90 -21.53 22.58
CA THR B 491 -9.91 -20.53 22.31
C THR B 491 -9.27 -19.53 21.37
N ASN B 492 -10.11 -18.84 20.61
CA ASN B 492 -9.62 -17.93 19.59
C ASN B 492 -10.41 -16.63 19.69
N THR B 493 -9.71 -15.51 19.64
CA THR B 493 -10.36 -14.21 19.52
C THR B 493 -10.22 -13.75 18.08
N PRO B 494 -11.30 -13.50 17.36
CA PRO B 494 -11.16 -13.19 15.93
C PRO B 494 -11.06 -11.70 15.63
N ILE B 495 -9.97 -11.09 16.10
CA ILE B 495 -9.79 -9.65 15.94
C ILE B 495 -8.96 -9.38 14.69
N GLY B 496 -7.92 -10.19 14.44
CA GLY B 496 -7.12 -10.02 13.25
C GLY B 496 -5.61 -10.11 13.36
N ARG B 497 -4.94 -9.22 12.64
CA ARG B 497 -3.50 -9.03 12.55
C ARG B 497 -3.39 -7.58 12.11
N ASP B 498 -4.55 -7.06 11.71
CA ASP B 498 -4.77 -5.66 11.35
C ASP B 498 -5.25 -5.03 12.66
N GLY B 499 -4.57 -3.98 13.09
CA GLY B 499 -4.88 -3.38 14.36
C GLY B 499 -3.71 -3.88 15.21
N LYS B 500 -2.83 -2.93 15.52
CA LYS B 500 -1.68 -3.20 16.37
C LYS B 500 -2.05 -3.06 17.84
N LEU B 501 -1.60 -1.96 18.46
CA LEU B 501 -1.88 -1.66 19.87
C LEU B 501 -1.54 -2.79 20.85
N ALA B 502 -2.32 -2.92 21.92
CA ALA B 502 -2.07 -3.98 22.88
C ALA B 502 -3.27 -4.56 23.61
N LYS B 503 -4.40 -3.85 23.64
CA LYS B 503 -5.48 -4.19 24.57
C LYS B 503 -6.06 -5.60 24.38
N PRO B 504 -6.42 -6.09 23.19
CA PRO B 504 -6.86 -7.49 23.16
C PRO B 504 -5.72 -8.48 23.35
N ARG B 505 -4.47 -8.06 23.13
CA ARG B 505 -3.35 -8.98 23.33
C ARG B 505 -2.86 -9.12 24.77
N GLN B 506 -3.11 -8.14 25.63
CA GLN B 506 -2.55 -8.20 26.98
C GLN B 506 -3.20 -9.26 27.84
N LEU B 507 -2.43 -9.77 28.79
CA LEU B 507 -2.98 -10.63 29.83
C LEU B 507 -3.68 -9.76 30.86
N HIS B 508 -5.00 -9.70 30.81
CA HIS B 508 -5.78 -8.88 31.71
C HIS B 508 -5.92 -9.56 33.07
N ASN B 509 -6.05 -8.75 34.13
CA ASN B 509 -6.19 -9.26 35.50
C ASN B 509 -7.34 -10.25 35.66
N THR B 510 -8.44 -10.03 34.95
CA THR B 510 -9.60 -10.88 35.12
C THR B 510 -9.45 -12.24 34.46
N HIS B 511 -8.32 -12.52 33.81
CA HIS B 511 -8.06 -13.84 33.29
C HIS B 511 -7.69 -14.86 34.34
N TRP B 512 -7.31 -14.42 35.55
CA TRP B 512 -6.93 -15.27 36.68
C TRP B 512 -7.86 -16.44 36.87
N GLY B 513 -7.29 -17.65 36.80
CA GLY B 513 -8.02 -18.87 37.01
C GLY B 513 -8.92 -19.30 35.88
N LEU B 514 -9.10 -18.49 34.85
CA LEU B 514 -9.97 -18.84 33.74
C LEU B 514 -9.23 -19.16 32.45
N VAL B 515 -8.21 -18.42 32.07
CA VAL B 515 -7.33 -18.84 30.99
C VAL B 515 -5.91 -18.84 31.50
N CYS B 516 -5.09 -19.70 30.90
CA CYS B 516 -3.70 -19.86 31.31
C CYS B 516 -2.90 -18.56 31.16
N PRO B 517 -2.12 -18.17 32.16
CA PRO B 517 -1.25 -17.01 32.03
C PRO B 517 0.04 -17.26 31.27
N ALA B 518 0.39 -18.51 31.01
CA ALA B 518 1.64 -18.87 30.37
C ALA B 518 1.51 -19.31 28.92
N GLU B 519 0.54 -20.15 28.61
CA GLU B 519 0.39 -20.81 27.32
C GLU B 519 -0.15 -19.87 26.25
N THR B 520 0.74 -19.33 25.41
CA THR B 520 0.29 -18.55 24.24
C THR B 520 1.31 -18.62 23.11
N PRO B 521 0.84 -18.65 21.85
CA PRO B 521 1.76 -18.81 20.72
C PRO B 521 2.67 -17.61 20.53
N GLU B 522 3.85 -17.87 19.97
CA GLU B 522 4.73 -16.81 19.50
C GLU B 522 4.27 -16.32 18.14
N GLY B 523 4.57 -15.06 17.87
CA GLY B 523 4.26 -14.52 16.55
C GLY B 523 2.98 -13.73 16.43
N GLN B 524 2.28 -13.88 15.31
CA GLN B 524 1.18 -12.99 14.98
C GLN B 524 -0.05 -13.20 15.84
N ALA B 525 -0.27 -14.42 16.30
CA ALA B 525 -1.41 -14.75 17.14
C ALA B 525 -1.15 -14.51 18.62
N CYS B 526 0.01 -13.97 18.99
CA CYS B 526 0.43 -13.88 20.38
C CYS B 526 -0.50 -13.01 21.21
N GLY B 527 -1.09 -13.62 22.23
CA GLY B 527 -2.04 -12.96 23.09
C GLY B 527 -3.48 -13.01 22.64
N LEU B 528 -3.74 -13.40 21.40
CA LEU B 528 -5.11 -13.51 20.90
C LEU B 528 -5.67 -14.90 21.01
N VAL B 529 -4.83 -15.91 20.88
CA VAL B 529 -5.22 -17.29 21.09
C VAL B 529 -4.85 -17.67 22.50
N LYS B 530 -5.82 -18.17 23.26
CA LYS B 530 -5.63 -18.43 24.67
C LYS B 530 -6.02 -19.87 24.97
N ASN B 531 -5.78 -20.30 26.21
CA ASN B 531 -6.06 -21.69 26.55
C ASN B 531 -6.65 -21.78 27.94
N LEU B 532 -7.71 -22.56 28.07
CA LEU B 532 -8.47 -22.68 29.31
C LEU B 532 -7.64 -23.28 30.42
N SER B 533 -7.67 -22.65 31.58
CA SER B 533 -7.05 -23.18 32.78
C SER B 533 -7.66 -24.52 33.14
N LEU B 534 -6.94 -25.26 33.98
CA LEU B 534 -7.19 -26.69 34.19
C LEU B 534 -8.57 -26.94 34.80
N LEU B 535 -9.04 -26.07 35.68
CA LEU B 535 -10.33 -26.28 36.33
C LEU B 535 -11.45 -25.47 35.72
N SER B 536 -11.24 -24.89 34.54
CA SER B 536 -12.29 -24.09 33.92
C SER B 536 -13.43 -24.96 33.46
N GLY B 537 -14.60 -24.35 33.36
CA GLY B 537 -15.74 -24.97 32.74
C GLY B 537 -16.49 -23.92 31.93
N ILE B 538 -17.38 -24.38 31.08
CA ILE B 538 -18.20 -23.51 30.26
C ILE B 538 -19.66 -23.81 30.53
N SER B 539 -20.43 -22.75 30.78
CA SER B 539 -21.84 -22.87 31.06
C SER B 539 -22.59 -23.45 29.86
N ILE B 540 -23.41 -24.47 30.12
CA ILE B 540 -24.15 -25.09 29.04
C ILE B 540 -25.37 -24.26 28.67
N GLY B 541 -25.91 -23.52 29.61
CA GLY B 541 -27.12 -22.76 29.33
C GLY B 541 -28.27 -23.28 30.15
N SER B 542 -29.14 -22.38 30.57
CA SER B 542 -30.21 -22.70 31.49
C SER B 542 -31.40 -21.82 31.19
N PRO B 543 -32.63 -22.32 31.34
CA PRO B 543 -33.80 -21.48 31.07
C PRO B 543 -33.95 -20.40 32.14
N SER B 544 -34.29 -19.19 31.70
CA SER B 544 -34.46 -18.08 32.63
C SER B 544 -35.83 -18.08 33.30
N GLU B 545 -36.80 -18.79 32.74
CA GLU B 545 -38.16 -18.80 33.28
C GLU B 545 -38.29 -19.25 34.74
N PRO B 546 -37.64 -20.32 35.24
CA PRO B 546 -37.71 -20.62 36.68
C PRO B 546 -37.17 -19.54 37.60
N ILE B 547 -36.22 -18.74 37.12
CA ILE B 547 -35.62 -17.68 37.94
C ILE B 547 -36.61 -16.56 38.17
N ILE B 548 -37.37 -16.17 37.13
CA ILE B 548 -38.43 -15.16 37.27
C ILE B 548 -39.43 -15.57 38.33
N ASN B 549 -39.90 -16.82 38.27
CA ASN B 549 -40.86 -17.33 39.23
C ASN B 549 -40.32 -17.25 40.66
N PHE B 550 -39.03 -17.51 40.84
CA PHE B 550 -38.44 -17.40 42.17
C PHE B 550 -38.36 -15.96 42.66
N LEU B 551 -38.12 -15.01 41.75
CA LEU B 551 -37.97 -13.61 42.18
C LEU B 551 -39.30 -13.00 42.61
N GLU B 552 -40.37 -13.29 41.88
CA GLU B 552 -41.68 -12.76 42.24
C GLU B 552 -42.26 -13.40 43.48
N GLU B 553 -41.93 -14.66 43.74
CA GLU B 553 -42.40 -15.31 44.95
C GLU B 553 -41.76 -14.70 46.20
N TRP B 554 -40.59 -14.09 46.08
CA TRP B 554 -39.90 -13.53 47.24
C TRP B 554 -39.81 -12.01 47.19
N GLY B 555 -40.80 -11.35 46.61
CA GLY B 555 -41.02 -9.95 46.90
C GLY B 555 -40.68 -8.96 45.82
N MET B 556 -40.41 -9.39 44.60
CA MET B 556 -40.05 -8.44 43.55
C MET B 556 -41.31 -7.78 43.05
N GLU B 557 -41.22 -6.49 42.85
CA GLU B 557 -42.34 -5.65 42.46
C GLU B 557 -42.24 -5.26 40.99
N PRO B 558 -43.37 -5.24 40.32
CA PRO B 558 -43.40 -4.96 38.87
C PRO B 558 -42.97 -3.56 38.52
N LEU B 559 -42.69 -3.38 37.24
CA LEU B 559 -42.25 -2.09 36.69
C LEU B 559 -43.35 -1.05 36.57
N GLU B 560 -44.62 -1.45 36.52
CA GLU B 560 -45.69 -0.47 36.55
C GLU B 560 -45.89 0.21 37.89
N ASP B 561 -45.37 -0.37 38.98
CA ASP B 561 -45.49 0.23 40.30
C ASP B 561 -44.31 1.07 40.74
N TYR B 562 -43.56 1.71 39.86
CA TYR B 562 -42.25 2.18 40.29
C TYR B 562 -42.25 3.66 39.93
N ASP B 563 -41.79 4.46 40.88
CA ASP B 563 -41.70 5.92 40.80
C ASP B 563 -40.43 6.39 41.48
N PRO B 564 -39.58 7.19 40.83
CA PRO B 564 -38.36 7.65 41.50
C PRO B 564 -38.61 8.50 42.74
N ALA B 565 -39.75 9.18 42.83
CA ALA B 565 -40.02 9.92 44.07
C ALA B 565 -40.30 8.96 45.23
N GLN B 566 -41.07 7.89 44.97
CA GLN B 566 -41.30 6.90 46.01
C GLN B 566 -40.13 5.94 46.16
N HIS B 567 -39.56 5.52 45.04
CA HIS B 567 -38.41 4.63 45.02
C HIS B 567 -37.14 5.42 44.71
N THR B 568 -36.69 6.16 45.71
CA THR B 568 -35.47 6.91 45.54
C THR B 568 -34.26 6.13 46.04
N LYS B 569 -34.47 4.91 46.53
CA LYS B 569 -33.38 4.14 47.10
C LYS B 569 -33.37 2.65 46.74
N SER B 570 -34.38 2.12 46.06
CA SER B 570 -34.41 0.67 45.84
C SER B 570 -33.45 0.23 44.73
N THR B 571 -33.15 -1.06 44.73
CA THR B 571 -32.20 -1.68 43.81
C THR B 571 -32.92 -2.25 42.60
N ARG B 572 -32.37 -1.98 41.41
CA ARG B 572 -32.81 -2.57 40.16
C ARG B 572 -32.30 -3.99 39.97
N ILE B 573 -33.15 -4.83 39.36
CA ILE B 573 -32.88 -6.25 39.20
C ILE B 573 -32.86 -6.59 37.72
N PHE B 574 -31.77 -7.17 37.24
CA PHE B 574 -31.63 -7.58 35.86
C PHE B 574 -31.50 -9.09 35.76
N VAL B 575 -32.19 -9.68 34.78
CA VAL B 575 -32.11 -11.10 34.47
C VAL B 575 -31.78 -11.19 32.99
N ASN B 576 -30.55 -11.57 32.66
CA ASN B 576 -30.03 -11.65 31.28
C ASN B 576 -30.10 -10.31 30.58
N GLY B 577 -29.83 -9.23 31.30
CA GLY B 577 -29.72 -7.92 30.71
C GLY B 577 -31.01 -7.15 30.52
N VAL B 578 -32.17 -7.74 30.75
CA VAL B 578 -33.42 -6.98 30.67
C VAL B 578 -33.83 -6.60 32.07
N TRP B 579 -34.08 -5.31 32.28
CA TRP B 579 -34.64 -4.80 33.52
C TRP B 579 -36.04 -5.36 33.76
N THR B 580 -36.21 -6.23 34.77
CA THR B 580 -37.48 -6.90 34.96
C THR B 580 -38.21 -6.49 36.23
N GLY B 581 -37.59 -5.78 37.14
CA GLY B 581 -38.28 -5.46 38.38
C GLY B 581 -37.40 -4.65 39.30
N ILE B 582 -37.95 -4.38 40.49
CA ILE B 582 -37.26 -3.64 41.54
C ILE B 582 -37.58 -4.27 42.89
N HIS B 583 -36.62 -4.26 43.79
CA HIS B 583 -36.81 -4.79 45.14
C HIS B 583 -36.23 -3.79 46.13
N ARG B 584 -36.94 -3.61 47.22
CA ARG B 584 -36.63 -2.58 48.20
C ARG B 584 -35.67 -3.03 49.29
N ASP B 585 -35.62 -4.34 49.57
CA ASP B 585 -34.73 -4.96 50.56
C ASP B 585 -33.89 -6.03 49.87
N PRO B 586 -32.83 -5.64 49.16
CA PRO B 586 -32.02 -6.64 48.46
C PRO B 586 -31.23 -7.57 49.36
N SER B 587 -30.82 -7.11 50.55
CA SER B 587 -29.97 -7.90 51.45
C SER B 587 -30.55 -9.26 51.83
N MET B 588 -31.85 -9.35 52.11
CA MET B 588 -32.41 -10.65 52.43
C MET B 588 -32.56 -11.51 51.17
N LEU B 589 -32.94 -10.85 50.07
CA LEU B 589 -33.20 -11.53 48.79
C LEU B 589 -31.99 -12.28 48.27
N VAL B 590 -30.81 -11.66 48.31
CA VAL B 590 -29.63 -12.30 47.75
C VAL B 590 -29.23 -13.50 48.58
N SER B 591 -29.31 -13.41 49.90
CA SER B 591 -29.02 -14.54 50.78
C SER B 591 -29.92 -15.74 50.49
N THR B 592 -31.21 -15.50 50.26
CA THR B 592 -32.14 -16.58 49.93
C THR B 592 -31.78 -17.19 48.59
N MET B 593 -31.59 -16.35 47.57
CA MET B 593 -31.20 -16.78 46.24
C MET B 593 -29.90 -17.56 46.29
N ARG B 594 -28.93 -17.07 47.06
CA ARG B 594 -27.65 -17.74 47.17
C ARG B 594 -27.84 -19.14 47.75
N ASP B 595 -28.72 -19.26 48.76
CA ASP B 595 -28.94 -20.57 49.37
C ASP B 595 -29.66 -21.53 48.44
N LEU B 596 -30.48 -21.03 47.53
CA LEU B 596 -31.10 -21.91 46.55
C LEU B 596 -30.07 -22.49 45.59
N ARG B 597 -29.03 -21.72 45.24
CA ARG B 597 -28.01 -22.29 44.38
C ARG B 597 -27.17 -23.31 45.13
N ARG B 598 -26.88 -23.03 46.39
CA ARG B 598 -26.04 -23.92 47.18
C ARG B 598 -26.75 -25.21 47.56
N SER B 599 -28.06 -25.32 47.35
CA SER B 599 -28.75 -26.58 47.60
C SER B 599 -29.07 -27.35 46.33
N GLY B 600 -29.17 -26.69 45.19
CA GLY B 600 -29.53 -27.34 43.94
C GLY B 600 -30.86 -26.98 43.35
N ALA B 601 -31.69 -26.22 44.06
CA ALA B 601 -32.99 -25.78 43.53
C ALA B 601 -32.84 -24.96 42.26
N ILE B 602 -31.82 -24.13 42.20
CA ILE B 602 -31.41 -23.43 40.99
C ILE B 602 -30.16 -24.12 40.46
N SER B 603 -30.05 -24.21 39.13
CA SER B 603 -28.92 -24.85 38.48
C SER B 603 -27.61 -24.21 38.93
N PRO B 604 -26.61 -25.01 39.34
CA PRO B 604 -25.38 -24.46 39.92
C PRO B 604 -24.58 -23.55 39.03
N GLU B 605 -24.81 -23.55 37.73
CA GLU B 605 -24.08 -22.69 36.83
C GLU B 605 -24.66 -21.29 36.74
N VAL B 606 -25.77 -21.00 37.43
CA VAL B 606 -26.33 -19.66 37.42
C VAL B 606 -25.46 -18.71 38.23
N SER B 607 -25.31 -17.49 37.73
CA SER B 607 -24.58 -16.42 38.38
C SER B 607 -25.53 -15.50 39.16
N ILE B 608 -25.15 -15.16 40.39
CA ILE B 608 -25.95 -14.29 41.25
C ILE B 608 -24.99 -13.20 41.69
N ILE B 609 -25.17 -12.00 41.14
CA ILE B 609 -24.20 -10.92 41.26
C ILE B 609 -24.88 -9.73 41.87
N ARG B 610 -24.46 -9.35 43.07
CA ARG B 610 -24.93 -8.12 43.69
C ARG B 610 -23.83 -7.07 43.57
N ASP B 611 -24.11 -6.00 42.84
CA ASP B 611 -23.24 -4.83 42.77
C ASP B 611 -23.83 -3.80 43.72
N ILE B 612 -23.28 -3.70 44.94
CA ILE B 612 -23.87 -2.86 45.96
C ILE B 612 -23.72 -1.38 45.64
N ARG B 613 -22.53 -0.96 45.20
CA ARG B 613 -22.27 0.47 44.92
C ARG B 613 -23.18 1.03 43.85
N GLU B 614 -23.32 0.33 42.73
CA GLU B 614 -24.15 0.87 41.66
C GLU B 614 -25.64 0.60 41.87
N ARG B 615 -26.00 -0.04 42.99
CA ARG B 615 -27.37 -0.41 43.34
C ARG B 615 -28.03 -1.21 42.21
N GLU B 616 -27.34 -2.25 41.79
CA GLU B 616 -27.80 -3.13 40.72
C GLU B 616 -27.63 -4.57 41.16
N PHE B 617 -28.57 -5.40 40.77
CA PHE B 617 -28.55 -6.82 41.06
C PHE B 617 -28.76 -7.57 39.77
N LYS B 618 -27.75 -8.28 39.31
CA LYS B 618 -27.76 -8.91 38.00
C LYS B 618 -27.67 -10.41 38.17
N ILE B 619 -28.49 -11.12 37.41
CA ILE B 619 -28.53 -12.57 37.41
C ILE B 619 -28.32 -12.99 35.97
N PHE B 620 -27.47 -14.00 35.76
CA PHE B 620 -27.18 -14.47 34.42
C PHE B 620 -27.42 -15.97 34.32
N THR B 621 -28.27 -16.36 33.37
CA THR B 621 -28.40 -17.75 32.98
C THR B 621 -27.88 -17.99 31.56
N ASP B 622 -27.20 -17.00 30.99
CA ASP B 622 -26.58 -17.06 29.67
C ASP B 622 -25.74 -18.31 29.43
N VAL B 623 -25.72 -18.75 28.18
CA VAL B 623 -24.82 -19.80 27.73
C VAL B 623 -23.47 -19.20 27.36
N GLY B 624 -22.38 -19.91 27.67
CA GLY B 624 -21.06 -19.48 27.27
C GLY B 624 -20.24 -18.73 28.30
N ARG B 625 -20.71 -18.63 29.54
CA ARG B 625 -19.95 -17.97 30.59
C ARG B 625 -18.88 -18.90 31.12
N VAL B 626 -17.67 -18.39 31.27
CA VAL B 626 -16.56 -19.19 31.77
C VAL B 626 -16.53 -19.10 33.29
N TYR B 627 -16.49 -20.25 33.96
CA TYR B 627 -16.56 -20.26 35.41
C TYR B 627 -15.56 -21.26 35.98
N ARG B 628 -15.33 -21.17 37.28
CA ARG B 628 -14.40 -22.04 37.97
C ARG B 628 -14.94 -22.31 39.35
N PRO B 629 -14.57 -23.43 39.98
CA PRO B 629 -15.06 -23.71 41.33
C PRO B 629 -14.18 -23.21 42.45
N LEU B 630 -14.82 -22.89 43.58
CA LEU B 630 -14.10 -22.50 44.79
C LEU B 630 -14.74 -23.15 46.01
N PHE B 631 -13.93 -23.35 47.04
CA PHE B 631 -14.43 -23.71 48.37
C PHE B 631 -15.24 -22.56 48.96
N ILE B 632 -16.36 -22.90 49.60
CA ILE B 632 -17.16 -21.91 50.31
C ILE B 632 -16.66 -21.77 51.74
N VAL B 633 -16.45 -20.53 52.18
CA VAL B 633 -16.09 -20.21 53.55
C VAL B 633 -17.33 -19.69 54.25
N GLU B 634 -17.58 -20.18 55.46
CA GLU B 634 -18.72 -19.73 56.24
C GLU B 634 -18.54 -18.28 56.70
N ASP B 635 -19.48 -17.41 56.31
CA ASP B 635 -19.35 -15.98 56.56
C ASP B 635 -20.42 -15.43 57.50
N ASP B 636 -21.39 -16.25 57.88
CA ASP B 636 -22.49 -15.82 58.73
C ASP B 636 -22.08 -15.91 60.20
N GLU B 637 -22.18 -14.77 60.90
CA GLU B 637 -21.85 -14.68 62.32
C GLU B 637 -23.02 -15.19 63.17
N SER B 638 -23.53 -16.38 62.84
CA SER B 638 -24.57 -17.02 63.63
C SER B 638 -24.19 -18.44 64.03
N LYS B 639 -22.90 -18.79 63.98
CA LYS B 639 -22.45 -20.15 64.27
C LYS B 639 -20.97 -20.16 64.60
N ASP B 640 -20.58 -21.18 65.36
CA ASP B 640 -19.18 -21.46 65.71
C ASP B 640 -18.36 -21.86 64.50
N ASN B 641 -19.03 -22.26 63.42
CA ASN B 641 -18.41 -22.63 62.16
C ASN B 641 -17.62 -21.50 61.52
N LYS B 642 -17.97 -20.24 61.84
CA LYS B 642 -17.48 -19.04 61.16
C LYS B 642 -15.96 -18.98 61.07
N GLY B 643 -15.48 -18.47 59.94
CA GLY B 643 -14.08 -18.30 59.66
C GLY B 643 -13.38 -19.52 59.11
N GLU B 644 -14.04 -20.67 59.08
CA GLU B 644 -13.45 -21.92 58.65
C GLU B 644 -14.10 -22.41 57.36
N LEU B 645 -13.43 -23.38 56.71
CA LEU B 645 -13.97 -24.01 55.51
C LEU B 645 -15.23 -24.82 55.84
N ARG B 646 -16.23 -24.74 54.97
CA ARG B 646 -17.40 -25.59 55.15
C ARG B 646 -17.09 -27.06 54.93
N ILE B 647 -16.11 -27.37 54.09
CA ILE B 647 -15.83 -28.76 53.80
C ILE B 647 -15.01 -29.35 54.93
N THR B 648 -15.30 -30.60 55.28
CA THR B 648 -14.66 -31.26 56.41
C THR B 648 -14.21 -32.63 55.95
N LYS B 649 -13.41 -33.30 56.79
CA LYS B 649 -12.95 -34.65 56.47
C LYS B 649 -14.09 -35.66 56.33
N GLU B 650 -15.28 -35.36 56.83
CA GLU B 650 -16.39 -36.29 56.66
C GLU B 650 -16.82 -36.37 55.21
N HIS B 651 -16.93 -35.22 54.53
CA HIS B 651 -17.12 -35.21 53.09
C HIS B 651 -15.98 -35.94 52.37
N ILE B 652 -14.74 -35.66 52.78
CA ILE B 652 -13.56 -36.29 52.20
C ILE B 652 -13.62 -37.80 52.40
N ARG B 653 -14.15 -38.24 53.53
CA ARG B 653 -14.29 -39.67 53.81
C ARG B 653 -15.25 -40.31 52.83
N LYS B 654 -16.43 -39.71 52.66
CA LYS B 654 -17.44 -40.23 51.75
C LYS B 654 -16.99 -40.19 50.29
N ILE B 655 -16.18 -39.20 49.91
CA ILE B 655 -15.63 -39.12 48.55
C ILE B 655 -14.79 -40.36 48.22
N GLN B 656 -13.90 -40.75 49.13
CA GLN B 656 -13.08 -41.93 48.87
C GLN B 656 -13.88 -43.23 48.90
N GLN B 657 -14.93 -43.29 49.71
CA GLN B 657 -15.77 -44.49 49.71
C GLN B 657 -16.65 -44.60 48.47
N GLY B 658 -17.21 -43.48 48.02
CA GLY B 658 -18.14 -43.52 46.90
C GLY B 658 -19.60 -43.55 47.28
N TYR B 659 -19.93 -43.57 48.57
CA TYR B 659 -21.30 -43.71 49.02
C TYR B 659 -21.47 -42.94 50.33
N ASP B 660 -22.72 -42.60 50.64
CA ASP B 660 -23.02 -41.97 51.90
C ASP B 660 -23.35 -43.03 52.95
N ASP B 661 -23.20 -42.63 54.22
CA ASP B 661 -23.57 -43.48 55.35
C ASP B 661 -25.02 -43.27 55.77
N ASP B 662 -25.93 -43.63 54.85
CA ASP B 662 -27.38 -43.61 55.02
C ASP B 662 -27.91 -42.25 55.53
N VAL B 675 -24.36 -42.79 43.22
CA VAL B 675 -22.93 -42.51 43.27
C VAL B 675 -22.69 -41.18 43.99
N TYR B 676 -21.62 -41.10 44.76
CA TYR B 676 -21.30 -39.91 45.52
C TYR B 676 -19.95 -39.39 45.01
N GLY B 677 -19.98 -38.40 44.12
CA GLY B 677 -18.77 -37.89 43.52
C GLY B 677 -18.78 -36.38 43.59
N TRP B 678 -18.20 -35.76 42.56
CA TRP B 678 -17.95 -34.31 42.54
C TRP B 678 -19.25 -33.52 42.71
N SER B 679 -20.24 -33.81 41.87
CA SER B 679 -21.50 -33.08 41.88
C SER B 679 -22.28 -33.26 43.17
N SER B 680 -21.99 -34.31 43.92
CA SER B 680 -22.60 -34.47 45.24
C SER B 680 -22.16 -33.34 46.17
N LEU B 681 -20.89 -32.91 46.06
CA LEU B 681 -20.40 -31.79 46.84
C LEU B 681 -21.04 -30.47 46.44
N VAL B 682 -21.38 -30.29 45.17
CA VAL B 682 -21.88 -29.00 44.72
C VAL B 682 -23.31 -28.76 45.20
N THR B 683 -24.11 -29.82 45.28
CA THR B 683 -25.49 -29.68 45.72
C THR B 683 -25.62 -29.91 47.21
N SER B 684 -24.51 -29.93 47.95
CA SER B 684 -24.53 -29.98 49.39
C SER B 684 -23.84 -28.76 50.01
N GLY B 685 -23.71 -27.69 49.22
CA GLY B 685 -23.27 -26.42 49.74
C GLY B 685 -21.83 -26.28 50.16
N VAL B 686 -20.94 -27.18 49.78
CA VAL B 686 -19.53 -26.99 50.12
C VAL B 686 -18.66 -26.42 49.01
N ILE B 687 -19.09 -26.51 47.75
CA ILE B 687 -18.37 -25.91 46.63
C ILE B 687 -19.38 -25.20 45.75
N GLU B 688 -19.03 -24.02 45.25
CA GLU B 688 -19.87 -23.39 44.25
C GLU B 688 -19.00 -22.87 43.12
N TYR B 689 -19.67 -22.65 42.00
CA TYR B 689 -19.07 -22.08 40.80
C TYR B 689 -19.20 -20.57 40.78
N VAL B 690 -18.13 -19.89 40.42
CA VAL B 690 -18.19 -18.45 40.19
C VAL B 690 -17.61 -18.15 38.82
N ASP B 691 -18.22 -17.21 38.11
CA ASP B 691 -17.73 -16.73 36.85
C ASP B 691 -17.01 -15.40 37.07
N GLY B 692 -16.57 -14.79 35.96
CA GLY B 692 -15.80 -13.55 36.06
C GLY B 692 -16.55 -12.38 36.67
N GLU B 693 -17.85 -12.31 36.41
CA GLU B 693 -18.64 -11.18 36.91
C GLU B 693 -18.87 -11.30 38.41
N GLU B 694 -19.23 -12.49 38.89
CA GLU B 694 -19.44 -12.69 40.32
C GLU B 694 -18.14 -12.62 41.10
N GLU B 695 -17.02 -12.96 40.45
CA GLU B 695 -15.69 -12.92 41.08
C GLU B 695 -15.33 -11.51 41.54
N GLU B 696 -15.90 -10.49 40.92
CA GLU B 696 -15.68 -9.10 41.29
C GLU B 696 -16.15 -8.76 42.70
N THR B 697 -17.07 -9.52 43.26
CA THR B 697 -17.72 -9.15 44.51
C THR B 697 -17.34 -10.02 45.69
N ILE B 698 -16.35 -10.88 45.56
CA ILE B 698 -16.00 -11.82 46.62
C ILE B 698 -14.58 -11.56 47.06
N MET B 699 -14.21 -12.16 48.20
CA MET B 699 -12.90 -12.00 48.80
C MET B 699 -12.31 -13.38 49.00
N ILE B 700 -11.19 -13.66 48.32
CA ILE B 700 -10.66 -15.02 48.19
C ILE B 700 -9.36 -15.13 48.95
N ALA B 701 -9.27 -16.10 49.84
CA ALA B 701 -8.00 -16.43 50.48
C ALA B 701 -7.19 -17.36 49.58
N MET B 702 -5.87 -17.19 49.59
CA MET B 702 -5.07 -17.91 48.60
C MET B 702 -4.88 -19.36 48.98
N THR B 703 -4.73 -19.65 50.26
CA THR B 703 -4.62 -21.03 50.74
C THR B 703 -5.42 -21.14 52.02
N PRO B 704 -5.79 -22.37 52.44
CA PRO B 704 -6.52 -22.53 53.71
C PRO B 704 -5.79 -21.97 54.90
N GLU B 705 -4.45 -22.00 54.90
CA GLU B 705 -3.68 -21.47 56.02
C GLU B 705 -3.86 -19.97 56.22
N ASP B 706 -4.22 -19.23 55.17
CA ASP B 706 -4.42 -17.79 55.33
C ASP B 706 -5.74 -17.43 55.98
N LEU B 707 -6.60 -18.41 56.25
CA LEU B 707 -7.87 -18.13 56.91
C LEU B 707 -7.70 -17.78 58.38
N GLN B 708 -6.57 -18.17 58.98
CA GLN B 708 -6.31 -17.95 60.39
C GLN B 708 -4.96 -17.29 60.58
N THR B 709 -4.88 -16.38 61.53
CA THR B 709 -3.64 -15.69 61.84
C THR B 709 -2.69 -16.66 62.56
N ARG B 710 -1.39 -16.36 62.50
CA ARG B 710 -0.38 -17.28 63.00
C ARG B 710 0.25 -16.71 64.26
N SER B 711 1.21 -17.46 64.81
CA SER B 711 1.92 -17.12 66.04
C SER B 711 2.66 -15.79 65.97
N LEU B 719 9.80 -17.79 62.38
CA LEU B 719 10.25 -18.22 61.06
C LEU B 719 11.75 -17.97 60.94
N ASN B 720 12.12 -16.88 60.26
CA ASN B 720 13.50 -16.41 60.06
C ASN B 720 14.40 -17.46 59.41
N ASP B 721 13.84 -18.32 58.56
CA ASP B 721 14.62 -19.24 57.73
C ASP B 721 15.04 -18.49 56.46
N THR B 722 16.32 -18.15 56.37
CA THR B 722 16.84 -17.28 55.32
C THR B 722 16.80 -17.88 53.91
N ALA B 723 16.43 -19.15 53.75
CA ALA B 723 16.35 -19.79 52.44
C ALA B 723 14.97 -19.69 51.82
N LYS B 724 13.94 -19.82 52.65
CA LYS B 724 12.55 -19.91 52.19
C LYS B 724 11.95 -18.53 51.94
N ARG B 725 10.83 -18.55 51.23
CA ARG B 725 10.23 -17.32 50.71
C ARG B 725 9.40 -16.58 51.75
N ILE B 726 9.38 -15.26 51.58
CA ILE B 726 8.68 -14.36 52.49
C ILE B 726 7.20 -14.33 52.12
N LYS B 727 6.34 -14.50 53.12
CA LYS B 727 4.91 -14.36 52.88
C LYS B 727 4.52 -12.89 53.09
N PRO B 728 3.62 -12.34 52.26
CA PRO B 728 3.23 -10.92 52.39
C PRO B 728 2.65 -10.58 53.75
N GLU B 729 2.87 -9.32 54.15
CA GLU B 729 2.45 -8.87 55.48
C GLU B 729 0.94 -8.66 55.56
N MET B 730 0.34 -8.03 54.53
CA MET B 730 -1.10 -7.77 54.42
C MET B 730 -1.60 -6.84 55.55
N SER B 731 -0.93 -5.71 55.72
CA SER B 731 -1.25 -4.81 56.83
C SER B 731 -2.00 -3.54 56.42
N THR B 732 -2.68 -3.53 55.27
CA THR B 732 -3.47 -2.34 54.97
C THR B 732 -4.87 -2.39 55.57
N SER B 733 -5.50 -3.56 55.64
CA SER B 733 -6.79 -3.72 56.28
C SER B 733 -6.58 -4.48 57.60
N SER B 734 -7.21 -3.98 58.67
CA SER B 734 -7.00 -4.58 59.98
C SER B 734 -7.58 -5.98 60.09
N HIS B 735 -8.82 -6.18 59.65
CA HIS B 735 -9.40 -7.52 59.69
C HIS B 735 -10.08 -7.86 58.36
N HIS B 736 -9.68 -8.98 57.76
CA HIS B 736 -10.27 -9.49 56.52
C HIS B 736 -11.40 -10.48 56.77
N THR B 737 -12.42 -10.44 55.92
CA THR B 737 -13.60 -11.30 55.99
C THR B 737 -13.68 -12.14 54.71
N PHE B 738 -12.96 -13.26 54.68
CA PHE B 738 -12.90 -14.10 53.50
C PHE B 738 -14.23 -14.80 53.25
N THR B 739 -14.68 -14.79 51.99
CA THR B 739 -15.85 -15.54 51.57
C THR B 739 -15.53 -16.86 50.87
N HIS B 740 -14.37 -17.01 50.25
CA HIS B 740 -14.05 -18.22 49.49
C HIS B 740 -12.59 -18.57 49.65
N CYS B 741 -12.24 -19.78 49.20
CA CYS B 741 -10.85 -20.20 49.22
C CYS B 741 -10.54 -21.02 47.98
N GLU B 742 -9.37 -20.77 47.40
CA GLU B 742 -8.88 -21.52 46.25
C GLU B 742 -8.68 -22.98 46.62
N ILE B 743 -8.98 -23.87 45.67
CA ILE B 743 -8.80 -25.29 45.92
C ILE B 743 -7.33 -25.67 45.91
N HIS B 744 -6.61 -25.25 44.88
CA HIS B 744 -5.17 -25.21 44.92
C HIS B 744 -4.73 -24.19 43.90
N PRO B 745 -3.77 -23.32 44.23
CA PRO B 745 -3.43 -22.23 43.32
C PRO B 745 -2.72 -22.66 42.06
N SER B 746 -2.09 -23.84 42.04
CA SER B 746 -1.46 -24.34 40.82
C SER B 746 -2.43 -24.64 39.68
N MET B 747 -3.73 -24.71 39.95
CA MET B 747 -4.70 -24.91 38.89
C MET B 747 -4.94 -23.68 38.02
N ILE B 748 -4.28 -22.55 38.25
CA ILE B 748 -4.38 -21.45 37.31
C ILE B 748 -3.67 -21.76 36.00
N LEU B 749 -2.77 -22.74 35.98
CA LEU B 749 -2.03 -23.07 34.78
C LEU B 749 -2.90 -23.94 33.88
N GLY B 750 -2.57 -23.97 32.59
CA GLY B 750 -3.25 -24.83 31.66
C GLY B 750 -2.52 -26.15 31.45
N VAL B 751 -2.99 -26.89 30.44
CA VAL B 751 -2.45 -28.21 30.13
C VAL B 751 -0.96 -28.16 29.90
N ALA B 752 -0.50 -27.25 29.03
CA ALA B 752 0.89 -27.27 28.61
C ALA B 752 1.82 -26.85 29.73
N ALA B 753 1.51 -25.74 30.42
CA ALA B 753 2.36 -25.23 31.48
C ALA B 753 2.40 -26.12 32.71
N SER B 754 1.45 -27.04 32.86
CA SER B 754 1.44 -27.96 34.00
C SER B 754 2.52 -29.02 33.94
N ILE B 755 3.22 -29.14 32.83
CA ILE B 755 4.29 -30.11 32.69
C ILE B 755 5.60 -29.56 33.24
N ILE B 756 5.68 -28.25 33.43
CA ILE B 756 6.91 -27.62 33.91
C ILE B 756 7.09 -27.91 35.39
N PRO B 757 8.23 -28.45 35.80
CA PRO B 757 8.54 -28.56 37.22
C PRO B 757 8.98 -27.20 37.72
N PHE B 758 8.41 -26.78 38.85
CA PHE B 758 8.75 -25.52 39.51
C PHE B 758 8.56 -24.24 38.69
N PRO B 759 7.43 -24.00 38.01
CA PRO B 759 7.29 -22.76 37.23
C PRO B 759 7.38 -21.48 38.07
N ASP B 760 7.17 -21.55 39.38
CA ASP B 760 7.35 -20.41 40.26
C ASP B 760 8.79 -20.02 40.46
N HIS B 761 9.76 -20.68 39.84
CA HIS B 761 11.16 -20.26 39.92
C HIS B 761 11.71 -19.81 38.59
N ASN B 762 10.87 -19.54 37.60
CA ASN B 762 11.36 -19.16 36.28
C ASN B 762 10.95 -17.75 35.91
N GLN B 763 11.85 -17.08 35.21
CA GLN B 763 11.51 -15.90 34.42
C GLN B 763 10.38 -16.21 33.47
N SER B 764 9.37 -15.35 33.47
CA SER B 764 8.09 -15.65 32.82
C SER B 764 8.14 -16.00 31.33
N PRO B 765 8.99 -15.42 30.46
CA PRO B 765 8.97 -15.89 29.06
C PRO B 765 9.37 -17.34 28.87
N ARG B 766 10.28 -17.87 29.69
CA ARG B 766 10.62 -19.29 29.61
C ARG B 766 9.43 -20.21 29.81
N ASN B 767 8.46 -19.84 30.63
CA ASN B 767 7.28 -20.70 30.74
C ASN B 767 6.46 -20.64 29.46
N THR B 768 6.37 -19.48 28.83
CA THR B 768 5.71 -19.38 27.54
C THR B 768 6.43 -20.20 26.48
N TYR B 769 7.76 -20.10 26.42
CA TYR B 769 8.52 -20.85 25.41
C TYR B 769 8.38 -22.34 25.59
N GLN B 770 8.40 -22.83 26.83
CA GLN B 770 8.22 -24.27 27.02
C GLN B 770 6.79 -24.70 26.65
N SER B 771 5.79 -23.86 26.97
CA SER B 771 4.41 -24.18 26.62
C SER B 771 4.21 -24.35 25.11
N ALA B 772 5.04 -23.68 24.32
CA ALA B 772 5.03 -23.88 22.87
C ALA B 772 5.78 -25.16 22.50
N MET B 773 7.00 -25.32 23.02
CA MET B 773 7.85 -26.42 22.60
C MET B 773 7.32 -27.77 23.06
N GLY B 774 6.61 -27.80 24.19
CA GLY B 774 6.04 -29.03 24.71
C GLY B 774 5.10 -29.72 23.75
N LYS B 775 4.43 -28.95 22.91
CA LYS B 775 3.56 -29.52 21.88
C LYS B 775 4.32 -30.06 20.68
N GLN B 776 5.64 -29.89 20.62
CA GLN B 776 6.46 -30.39 19.52
C GLN B 776 7.37 -31.54 19.91
N ALA B 777 7.16 -32.17 21.04
CA ALA B 777 8.10 -33.15 21.55
C ALA B 777 7.58 -34.55 21.31
N MET B 778 8.37 -35.37 20.63
CA MET B 778 7.99 -36.75 20.34
C MET B 778 7.73 -37.52 21.62
N GLY B 779 6.68 -38.30 21.61
CA GLY B 779 6.50 -39.26 22.68
C GLY B 779 5.79 -40.48 22.16
N VAL B 780 4.60 -40.76 22.66
CA VAL B 780 3.77 -41.84 22.17
C VAL B 780 2.37 -41.28 22.17
N PHE B 781 1.87 -40.85 21.01
CA PHE B 781 0.65 -40.05 21.00
C PHE B 781 -0.59 -40.87 21.27
N LEU B 782 -0.59 -42.14 20.87
CA LEU B 782 -1.63 -43.09 21.26
C LEU B 782 -1.05 -44.49 21.23
N THR B 783 -1.73 -45.40 21.90
CA THR B 783 -1.26 -46.77 21.98
C THR B 783 -1.63 -47.59 20.75
N ASN B 784 -2.46 -47.07 19.85
CA ASN B 784 -2.91 -47.82 18.69
C ASN B 784 -2.23 -47.37 17.40
N TYR B 785 -1.01 -46.84 17.47
CA TYR B 785 -0.32 -46.28 16.30
C TYR B 785 -0.15 -47.27 15.16
N ASN B 786 -0.09 -48.58 15.44
CA ASN B 786 0.12 -49.54 14.37
C ASN B 786 -1.08 -49.71 13.45
N VAL B 787 -2.29 -49.41 13.92
CA VAL B 787 -3.47 -49.54 13.07
C VAL B 787 -3.97 -48.22 12.50
N ARG B 788 -3.49 -47.09 12.97
CA ARG B 788 -3.80 -45.80 12.36
C ARG B 788 -2.84 -45.53 11.22
N MET B 789 -3.35 -44.92 10.16
CA MET B 789 -2.50 -44.53 9.04
C MET B 789 -2.49 -43.00 8.91
N ASP B 790 -1.68 -42.35 9.74
CA ASP B 790 -1.60 -40.90 9.77
C ASP B 790 -0.52 -40.45 8.80
N THR B 791 -0.64 -39.21 8.32
CA THR B 791 0.32 -38.62 7.40
C THR B 791 1.74 -38.63 7.96
N MET B 792 1.90 -38.30 9.25
CA MET B 792 3.20 -38.34 9.88
C MET B 792 2.98 -38.75 11.31
N ALA B 793 3.85 -39.62 11.81
CA ALA B 793 3.78 -40.01 13.20
C ALA B 793 5.18 -40.26 13.70
N ASN B 794 5.41 -39.92 14.96
CA ASN B 794 6.69 -40.15 15.61
C ASN B 794 6.50 -40.84 16.94
N ILE B 795 7.25 -41.89 17.19
CA ILE B 795 7.20 -42.60 18.46
C ILE B 795 8.62 -42.75 18.97
N LEU B 796 8.88 -42.16 20.12
CA LEU B 796 10.14 -42.34 20.83
C LEU B 796 10.31 -43.79 21.22
N TYR B 797 11.52 -44.33 20.99
CA TYR B 797 11.81 -45.74 21.30
C TYR B 797 11.54 -46.08 22.76
N TYR B 798 12.18 -45.37 23.68
CA TYR B 798 12.16 -45.73 25.10
C TYR B 798 11.73 -44.55 25.94
N PRO B 799 10.43 -44.25 25.98
CA PRO B 799 9.97 -43.17 26.86
C PRO B 799 10.23 -43.49 28.32
N GLN B 800 10.58 -42.48 29.09
CA GLN B 800 10.72 -42.61 30.54
C GLN B 800 9.82 -41.60 31.23
N LYS B 801 9.28 -41.96 32.37
CA LYS B 801 8.58 -40.93 33.11
C LYS B 801 9.56 -40.05 33.87
N PRO B 802 9.26 -38.76 34.03
CA PRO B 802 10.24 -37.84 34.62
C PRO B 802 10.39 -38.05 36.12
N LEU B 803 11.64 -37.89 36.59
CA LEU B 803 11.95 -37.94 38.02
C LEU B 803 11.39 -36.77 38.81
N ALA B 804 11.06 -35.66 38.18
CA ALA B 804 10.47 -34.53 38.88
C ALA B 804 9.15 -34.26 38.23
N LYS B 805 8.06 -34.56 38.94
CA LYS B 805 6.73 -34.47 38.39
C LYS B 805 5.91 -33.52 39.23
N THR B 806 4.72 -33.20 38.72
CA THR B 806 3.77 -32.39 39.45
C THR B 806 2.52 -33.22 39.69
N GLN B 807 1.71 -32.80 40.65
CA GLN B 807 0.48 -33.51 40.96
C GLN B 807 -0.50 -33.50 39.80
N ALA B 808 -0.52 -32.42 39.01
CA ALA B 808 -1.49 -32.34 37.93
C ALA B 808 -1.19 -33.32 36.80
N MET B 809 0.05 -33.82 36.72
CA MET B 809 0.39 -34.81 35.70
C MET B 809 -0.33 -36.14 35.85
N GLU B 810 -0.84 -36.46 37.05
CA GLU B 810 -1.56 -37.72 37.23
C GLU B 810 -2.77 -37.82 36.30
N TYR B 811 -3.49 -36.70 36.12
CA TYR B 811 -4.70 -36.61 35.30
C TYR B 811 -4.44 -36.33 33.83
N LEU B 812 -3.26 -35.88 33.46
CA LEU B 812 -2.92 -35.67 32.07
C LEU B 812 -2.37 -36.92 31.44
N LYS B 813 -2.12 -37.95 32.26
CA LYS B 813 -1.63 -39.26 31.91
C LYS B 813 -0.19 -39.22 31.46
N PHE B 814 0.52 -38.18 31.88
CA PHE B 814 1.88 -37.96 31.41
C PHE B 814 2.80 -39.06 31.89
N ARG B 815 2.59 -39.58 33.10
CA ARG B 815 3.44 -40.66 33.53
C ARG B 815 3.11 -41.95 32.78
N GLU B 816 1.91 -42.07 32.21
CA GLU B 816 1.55 -43.25 31.43
C GLU B 816 1.93 -43.13 29.96
N LEU B 817 1.90 -41.92 29.38
CA LEU B 817 2.39 -41.70 28.03
C LEU B 817 3.44 -40.59 28.00
N PRO B 818 4.63 -40.86 28.53
CA PRO B 818 5.64 -39.81 28.66
C PRO B 818 6.28 -39.48 27.33
N ALA B 819 6.89 -38.30 27.28
CA ALA B 819 7.39 -37.74 26.04
C ALA B 819 8.81 -37.18 26.24
N GLY B 820 9.75 -38.06 26.54
CA GLY B 820 11.11 -37.62 26.77
C GLY B 820 11.90 -38.65 27.56
N GLN B 821 13.15 -38.30 27.84
CA GLN B 821 14.07 -39.18 28.55
C GLN B 821 14.89 -38.40 29.55
N ASN B 822 15.24 -39.07 30.65
CA ASN B 822 16.13 -38.52 31.66
C ASN B 822 17.58 -38.65 31.26
N ALA B 823 18.19 -37.57 30.80
CA ALA B 823 19.60 -37.62 30.45
C ALA B 823 20.43 -37.25 31.66
N ILE B 824 21.60 -37.86 31.78
CA ILE B 824 22.57 -37.44 32.80
C ILE B 824 23.35 -36.28 32.25
N VAL B 825 23.24 -35.13 32.90
CA VAL B 825 23.68 -33.86 32.37
C VAL B 825 24.73 -33.28 33.30
N ALA B 826 25.87 -32.91 32.73
CA ALA B 826 26.86 -32.09 33.38
C ALA B 826 26.74 -30.70 32.79
N ILE B 827 26.65 -29.69 33.65
CA ILE B 827 26.78 -28.30 33.22
C ILE B 827 28.23 -27.89 33.32
N ALA B 828 28.91 -27.84 32.20
CA ALA B 828 30.33 -27.55 32.20
C ALA B 828 30.73 -26.96 30.87
N CYS B 829 31.79 -26.16 30.89
CA CYS B 829 32.55 -25.78 29.71
C CYS B 829 33.55 -26.90 29.48
N TYR B 830 33.43 -27.60 28.36
CA TYR B 830 34.36 -28.67 28.09
C TYR B 830 35.30 -28.29 26.94
N SER B 831 35.00 -28.65 25.71
CA SER B 831 35.95 -28.36 24.65
C SER B 831 35.62 -27.09 23.89
N GLY B 832 34.62 -26.35 24.32
CA GLY B 832 34.21 -25.21 23.54
C GLY B 832 33.30 -25.55 22.39
N TYR B 833 32.94 -26.82 22.21
CA TYR B 833 31.94 -27.21 21.23
C TYR B 833 30.53 -27.12 21.77
N ASN B 834 30.31 -26.37 22.83
CA ASN B 834 28.97 -26.17 23.33
C ASN B 834 28.69 -24.72 23.67
N GLN B 835 29.40 -23.80 23.05
CA GLN B 835 29.17 -22.39 23.25
C GLN B 835 27.90 -22.01 22.51
N GLU B 836 27.26 -20.92 22.97
CA GLU B 836 26.10 -20.31 22.34
C GLU B 836 24.96 -21.31 22.13
N ASP B 837 24.63 -22.04 23.21
CA ASP B 837 23.45 -22.89 23.33
C ASP B 837 23.52 -24.15 22.50
N SER B 838 24.69 -24.63 22.14
CA SER B 838 24.77 -26.00 21.68
C SER B 838 25.16 -26.92 22.83
N MET B 839 25.33 -28.19 22.52
CA MET B 839 25.54 -29.19 23.56
C MET B 839 26.28 -30.37 22.97
N ILE B 840 27.13 -30.96 23.78
CA ILE B 840 27.87 -32.16 23.45
C ILE B 840 27.10 -33.38 23.93
N MET B 841 26.86 -34.33 23.05
CA MET B 841 26.19 -35.55 23.47
C MET B 841 27.16 -36.72 23.42
N ASN B 842 26.97 -37.64 24.36
CA ASN B 842 27.80 -38.82 24.51
C ASN B 842 27.42 -39.80 23.40
N GLN B 843 28.35 -40.06 22.48
CA GLN B 843 28.09 -40.96 21.35
C GLN B 843 27.77 -42.38 21.76
N SER B 844 28.32 -42.86 22.87
CA SER B 844 28.00 -44.21 23.29
C SER B 844 26.56 -44.31 23.79
N SER B 845 26.06 -43.27 24.46
CA SER B 845 24.64 -43.23 24.82
C SER B 845 23.72 -43.32 23.60
N ILE B 846 24.05 -42.62 22.52
CA ILE B 846 23.27 -42.72 21.29
C ILE B 846 23.28 -44.15 20.77
N ASP B 847 24.45 -44.79 20.77
CA ASP B 847 24.59 -46.19 20.34
C ASP B 847 23.69 -47.13 21.14
N ARG B 848 23.51 -46.87 22.43
CA ARG B 848 22.67 -47.78 23.20
C ARG B 848 21.20 -47.43 23.11
N GLY B 849 20.84 -46.37 22.39
CA GLY B 849 19.44 -46.11 22.15
C GLY B 849 18.88 -44.81 22.65
N LEU B 850 19.68 -43.94 23.28
CA LEU B 850 19.19 -42.68 23.83
C LEU B 850 18.58 -41.83 22.73
N PHE B 851 17.38 -41.31 22.99
CA PHE B 851 16.63 -40.36 22.14
C PHE B 851 16.43 -40.84 20.71
N ARG B 852 16.59 -42.13 20.44
CA ARG B 852 16.25 -42.68 19.14
C ARG B 852 14.73 -42.71 18.95
N SER B 853 14.28 -42.49 17.72
CA SER B 853 12.84 -42.51 17.47
C SER B 853 12.50 -43.09 16.11
N LEU B 854 11.33 -43.72 16.06
CA LEU B 854 10.64 -44.11 14.83
C LEU B 854 9.99 -42.93 14.14
N PHE B 855 9.95 -43.00 12.82
CA PHE B 855 9.26 -42.01 12.00
C PHE B 855 8.42 -42.74 10.97
N PHE B 856 7.15 -42.32 10.79
CA PHE B 856 6.19 -42.96 9.90
C PHE B 856 5.63 -41.94 8.93
N ARG B 857 5.55 -42.30 7.65
CA ARG B 857 4.85 -41.47 6.65
C ARG B 857 3.89 -42.32 5.84
N SER B 858 2.64 -41.86 5.68
CA SER B 858 1.66 -42.54 4.85
C SER B 858 1.36 -41.80 3.55
N TYR B 859 1.32 -42.54 2.45
CA TYR B 859 0.89 -42.04 1.15
C TYR B 859 -0.45 -42.63 0.78
N MET B 860 -1.35 -41.80 0.29
CA MET B 860 -2.69 -42.21 -0.11
C MET B 860 -2.86 -41.97 -1.60
N ASP B 861 -3.54 -42.89 -2.28
CA ASP B 861 -3.94 -42.65 -3.66
C ASP B 861 -5.22 -43.42 -3.97
N GLN B 862 -5.95 -42.94 -4.97
CA GLN B 862 -7.16 -43.62 -5.43
C GLN B 862 -7.39 -43.39 -6.92
N GLU B 863 -8.17 -44.30 -7.51
CA GLU B 863 -8.55 -44.18 -8.92
C GLU B 863 -9.64 -43.14 -9.09
N LYS B 864 -9.50 -42.33 -10.13
CA LYS B 864 -10.44 -41.28 -10.45
C LYS B 864 -11.28 -41.68 -11.66
N ARG B 865 -12.50 -41.16 -11.73
CA ARG B 865 -13.41 -41.43 -12.85
C ARG B 865 -13.45 -40.24 -13.81
N PHE B 866 -13.27 -40.51 -15.09
CA PHE B 866 -13.43 -39.48 -16.11
C PHE B 866 -14.57 -39.73 -17.08
N GLY B 867 -15.17 -40.91 -17.07
CA GLY B 867 -16.31 -41.16 -17.91
C GLY B 867 -17.00 -42.44 -17.52
N ILE B 868 -17.95 -42.85 -18.38
CA ILE B 868 -18.84 -43.98 -18.11
C ILE B 868 -18.03 -45.24 -17.84
N SER B 869 -17.02 -45.49 -18.66
CA SER B 869 -16.10 -46.62 -18.49
C SER B 869 -14.66 -46.16 -18.61
N ILE B 870 -14.40 -44.89 -18.32
CA ILE B 870 -13.06 -44.35 -18.39
C ILE B 870 -12.61 -44.12 -16.95
N VAL B 871 -11.78 -45.03 -16.46
CA VAL B 871 -11.26 -44.99 -15.10
C VAL B 871 -9.77 -45.21 -15.15
N GLU B 872 -9.06 -44.62 -14.21
CA GLU B 872 -7.66 -44.95 -14.01
C GLU B 872 -7.53 -46.40 -13.51
N GLU B 873 -6.32 -46.94 -13.62
CA GLU B 873 -6.12 -48.35 -13.32
C GLU B 873 -4.76 -48.56 -12.67
N PHE B 874 -4.77 -49.22 -11.52
CA PHE B 874 -3.55 -49.64 -10.84
C PHE B 874 -2.92 -50.81 -11.56
N GLU B 875 -1.65 -50.66 -11.92
CA GLU B 875 -0.90 -51.67 -12.64
C GLU B 875 0.56 -51.26 -12.61
N LYS B 876 1.42 -52.18 -13.03
CA LYS B 876 2.82 -51.88 -13.27
C LYS B 876 2.94 -51.43 -14.70
N PRO B 877 3.19 -50.14 -14.97
CA PRO B 877 3.06 -49.68 -16.36
C PRO B 877 4.22 -50.13 -17.22
N THR B 878 3.88 -50.72 -18.36
CA THR B 878 4.85 -51.14 -19.35
C THR B 878 5.35 -49.95 -20.13
N ARG B 879 6.66 -49.93 -20.39
CA ARG B 879 7.28 -48.78 -21.05
C ARG B 879 6.79 -48.63 -22.47
N ALA B 880 6.34 -49.72 -23.10
CA ALA B 880 5.92 -49.69 -24.48
C ALA B 880 4.57 -49.01 -24.66
N THR B 881 3.70 -49.06 -23.66
CA THR B 881 2.32 -48.61 -23.82
C THR B 881 1.99 -47.32 -23.11
N THR B 882 2.87 -46.79 -22.27
CA THR B 882 2.58 -45.63 -21.45
C THR B 882 3.64 -44.58 -21.73
N LEU B 883 3.20 -43.36 -21.98
CA LEU B 883 4.11 -42.25 -22.26
C LEU B 883 4.37 -41.37 -21.05
N ARG B 884 5.50 -40.66 -21.12
CA ARG B 884 5.99 -39.70 -20.11
C ARG B 884 6.14 -40.35 -18.73
N LEU B 885 6.81 -41.50 -18.73
CA LEU B 885 7.23 -42.20 -17.52
C LEU B 885 8.21 -41.40 -16.68
N LYS B 886 8.13 -41.63 -15.37
CA LYS B 886 9.07 -41.05 -14.40
C LYS B 886 10.46 -41.65 -14.57
N HIS B 887 11.45 -40.93 -14.06
CA HIS B 887 12.84 -41.34 -14.22
C HIS B 887 13.27 -42.44 -13.25
N GLY B 888 12.55 -42.64 -12.14
CA GLY B 888 12.93 -43.65 -11.17
C GLY B 888 12.65 -45.09 -11.59
N THR B 889 13.10 -46.01 -10.74
CA THR B 889 12.92 -47.44 -10.99
C THR B 889 11.50 -47.88 -10.69
N TYR B 890 10.98 -48.76 -11.55
CA TYR B 890 9.70 -49.40 -11.32
C TYR B 890 9.81 -50.83 -10.84
N GLU B 891 11.02 -51.31 -10.57
CA GLU B 891 11.26 -52.73 -10.34
C GLU B 891 10.87 -53.22 -8.96
N LYS B 892 10.36 -52.37 -8.09
CA LYS B 892 9.89 -52.88 -6.80
C LYS B 892 8.39 -53.11 -6.76
N LEU B 893 7.65 -52.73 -7.80
CA LEU B 893 6.22 -53.00 -7.85
C LEU B 893 5.94 -54.45 -8.17
N ASP B 894 4.95 -55.02 -7.50
CA ASP B 894 4.43 -56.31 -7.89
C ASP B 894 3.43 -56.14 -9.03
N GLU B 895 2.88 -57.26 -9.49
CA GLU B 895 1.93 -57.26 -10.60
C GLU B 895 0.61 -56.56 -10.30
N ASP B 896 0.21 -56.45 -9.04
CA ASP B 896 -1.02 -55.75 -8.70
C ASP B 896 -0.89 -54.24 -8.71
N GLY B 897 0.27 -53.71 -9.08
CA GLY B 897 0.55 -52.28 -9.05
C GLY B 897 0.97 -51.73 -7.70
N LEU B 898 1.14 -52.57 -6.70
CA LEU B 898 1.41 -52.11 -5.35
C LEU B 898 2.71 -52.73 -4.89
N ILE B 899 3.48 -51.99 -4.11
CA ILE B 899 4.70 -52.53 -3.56
C ILE B 899 4.37 -53.36 -2.32
N ALA B 900 5.24 -54.28 -1.98
CA ALA B 900 4.93 -55.14 -0.86
C ALA B 900 5.70 -54.73 0.39
N PRO B 901 5.13 -54.96 1.57
CA PRO B 901 5.84 -54.68 2.82
C PRO B 901 7.12 -55.46 2.96
N GLY B 902 8.10 -54.82 3.60
CA GLY B 902 9.41 -55.36 3.80
C GLY B 902 10.46 -54.90 2.81
N VAL B 903 10.10 -54.18 1.77
CA VAL B 903 11.07 -53.79 0.76
C VAL B 903 11.60 -52.41 1.15
N ARG B 904 12.91 -52.24 1.16
CA ARG B 904 13.46 -50.91 1.38
C ARG B 904 13.26 -50.05 0.13
N VAL B 905 12.97 -48.77 0.35
CA VAL B 905 12.77 -47.82 -0.74
C VAL B 905 13.64 -46.61 -0.48
N SER B 906 14.12 -46.01 -1.56
CA SER B 906 14.85 -44.76 -1.56
C SER B 906 14.07 -43.76 -2.40
N GLY B 907 14.48 -42.49 -2.31
CA GLY B 907 13.86 -41.41 -3.06
C GLY B 907 13.68 -41.61 -4.54
N ASP B 908 12.51 -41.16 -5.03
CA ASP B 908 12.05 -41.17 -6.42
C ASP B 908 11.65 -42.56 -6.92
N ASP B 909 11.88 -43.61 -6.14
CA ASP B 909 11.30 -44.91 -6.46
C ASP B 909 9.78 -44.82 -6.52
N ILE B 910 9.19 -45.49 -7.51
CA ILE B 910 7.75 -45.59 -7.61
C ILE B 910 7.24 -46.64 -6.65
N ILE B 911 6.23 -46.31 -5.86
CA ILE B 911 5.65 -47.30 -4.96
C ILE B 911 4.20 -47.60 -5.28
N ILE B 912 3.51 -46.75 -6.03
CA ILE B 912 2.14 -47.00 -6.47
C ILE B 912 2.10 -46.64 -7.94
N GLY B 913 1.92 -47.65 -8.79
CA GLY B 913 1.78 -47.43 -10.22
C GLY B 913 0.34 -47.22 -10.64
N LYS B 914 0.11 -46.12 -11.35
CA LYS B 914 -1.23 -45.84 -11.83
C LYS B 914 -1.12 -45.12 -13.17
N THR B 915 -2.02 -45.45 -14.08
CA THR B 915 -2.05 -44.82 -15.39
C THR B 915 -3.40 -44.15 -15.64
N THR B 916 -3.39 -43.17 -16.53
CA THR B 916 -4.60 -42.53 -17.03
C THR B 916 -4.58 -42.59 -18.55
N PRO B 917 -5.68 -42.98 -19.20
CA PRO B 917 -5.70 -43.03 -20.67
C PRO B 917 -5.69 -41.64 -21.29
N ILE B 918 -5.09 -41.56 -22.48
CA ILE B 918 -5.06 -40.31 -23.23
C ILE B 918 -6.27 -40.31 -24.16
N PRO B 919 -7.07 -39.24 -24.19
CA PRO B 919 -8.23 -39.19 -25.10
C PRO B 919 -7.78 -39.12 -26.55
N PRO B 920 -8.64 -39.52 -27.50
CA PRO B 920 -8.29 -39.34 -28.91
C PRO B 920 -8.65 -37.95 -29.43
N TYR B 931 -2.47 -48.16 -31.02
CA TYR B 931 -2.72 -47.80 -29.64
C TYR B 931 -1.84 -46.73 -28.98
N HIS B 932 -1.26 -47.10 -27.83
CA HIS B 932 -0.22 -46.40 -27.07
C HIS B 932 -1.05 -45.22 -26.58
N THR B 933 -1.80 -45.51 -25.52
CA THR B 933 -2.91 -44.69 -25.07
C THR B 933 -2.85 -44.16 -23.66
N LYS B 934 -1.94 -44.62 -22.81
CA LYS B 934 -2.01 -44.13 -21.45
C LYS B 934 -0.87 -43.20 -21.08
N ARG B 935 -1.10 -42.51 -19.96
CA ARG B 935 -0.19 -41.58 -19.33
C ARG B 935 0.04 -41.95 -17.88
N ASP B 936 1.28 -41.84 -17.44
CA ASP B 936 1.62 -42.25 -16.09
C ASP B 936 1.09 -41.24 -15.08
N ALA B 937 0.55 -41.75 -13.97
CA ALA B 937 0.08 -40.91 -12.90
C ALA B 937 0.52 -41.50 -11.57
N SER B 938 1.74 -42.00 -11.53
CA SER B 938 2.23 -42.76 -10.41
C SER B 938 2.78 -41.84 -9.32
N THR B 939 2.98 -42.40 -8.13
CA THR B 939 3.40 -41.63 -6.99
C THR B 939 4.80 -42.07 -6.58
N PRO B 940 5.81 -41.20 -6.66
CA PRO B 940 7.12 -41.55 -6.13
C PRO B 940 7.30 -41.14 -4.69
N LEU B 941 8.12 -41.93 -3.99
CA LEU B 941 8.59 -41.55 -2.66
C LEU B 941 9.29 -40.20 -2.70
N ARG B 942 9.07 -39.41 -1.64
CA ARG B 942 9.69 -38.10 -1.49
C ARG B 942 11.21 -38.19 -1.59
N SER B 943 11.80 -37.25 -2.31
CA SER B 943 13.19 -37.37 -2.76
C SER B 943 14.18 -37.41 -1.60
N THR B 944 13.85 -36.78 -0.48
CA THR B 944 14.75 -36.69 0.66
C THR B 944 14.61 -37.83 1.66
N GLU B 945 13.86 -38.89 1.36
CA GLU B 945 13.54 -39.89 2.37
C GLU B 945 13.97 -41.27 1.94
N ASN B 946 13.99 -42.18 2.91
CA ASN B 946 14.24 -43.61 2.73
C ASN B 946 13.63 -44.33 3.91
N GLY B 947 13.56 -45.66 3.78
CA GLY B 947 13.05 -46.49 4.86
C GLY B 947 12.51 -47.79 4.31
N ILE B 948 11.61 -48.40 5.07
CA ILE B 948 11.06 -49.70 4.72
C ILE B 948 9.55 -49.55 4.61
N VAL B 949 8.97 -50.16 3.58
CA VAL B 949 7.51 -50.23 3.49
C VAL B 949 6.99 -51.11 4.62
N ASP B 950 6.08 -50.60 5.40
CA ASP B 950 5.65 -51.35 6.58
C ASP B 950 4.34 -52.08 6.43
N GLN B 951 3.39 -51.50 5.70
CA GLN B 951 2.03 -52.02 5.65
C GLN B 951 1.33 -51.34 4.50
N VAL B 952 0.50 -52.09 3.79
CA VAL B 952 -0.21 -51.56 2.62
C VAL B 952 -1.67 -51.90 2.77
N LEU B 953 -2.49 -50.87 2.86
CA LEU B 953 -3.93 -51.01 2.98
C LEU B 953 -4.53 -50.97 1.59
N LEU B 954 -5.41 -51.91 1.29
CA LEU B 954 -6.15 -51.89 0.04
C LEU B 954 -7.64 -52.01 0.33
N THR B 955 -8.42 -51.09 -0.23
CA THR B 955 -9.85 -51.03 0.03
C THR B 955 -10.52 -50.23 -1.07
N THR B 956 -11.81 -49.97 -0.92
CA THR B 956 -12.51 -49.08 -1.82
C THR B 956 -13.12 -47.92 -1.05
N ASN B 957 -13.33 -46.82 -1.76
CA ASN B 957 -13.87 -45.62 -1.16
C ASN B 957 -15.38 -45.59 -1.35
N GLN B 958 -15.99 -44.48 -0.92
CA GLN B 958 -17.44 -44.30 -0.97
C GLN B 958 -17.99 -44.40 -2.39
N GLU B 959 -17.20 -44.05 -3.39
CA GLU B 959 -17.64 -44.11 -4.78
C GLU B 959 -17.37 -45.47 -5.43
N GLY B 960 -16.80 -46.41 -4.71
CA GLY B 960 -16.60 -47.75 -5.25
C GLY B 960 -15.32 -48.03 -6.02
N LEU B 961 -14.48 -47.03 -6.27
CA LEU B 961 -13.22 -47.29 -6.96
C LEU B 961 -12.14 -47.72 -5.96
N LYS B 962 -11.04 -48.27 -6.50
CA LYS B 962 -10.00 -48.81 -5.65
C LYS B 962 -9.22 -47.71 -4.95
N PHE B 963 -8.70 -48.05 -3.79
CA PHE B 963 -8.15 -47.07 -2.86
C PHE B 963 -7.03 -47.71 -2.06
N VAL B 964 -5.85 -47.09 -2.04
CA VAL B 964 -4.70 -47.71 -1.38
C VAL B 964 -4.08 -46.68 -0.43
N LYS B 965 -3.42 -47.20 0.61
CA LYS B 965 -2.53 -46.43 1.45
C LYS B 965 -1.26 -47.23 1.72
N VAL B 966 -0.12 -46.56 1.61
CA VAL B 966 1.18 -47.19 1.85
C VAL B 966 1.85 -46.45 2.99
N ARG B 967 2.10 -47.15 4.11
CA ARG B 967 2.81 -46.52 5.21
C ARG B 967 4.27 -46.93 5.16
N MET B 968 5.16 -45.95 5.23
CA MET B 968 6.60 -46.23 5.27
C MET B 968 7.12 -45.87 6.64
N ARG B 969 8.00 -46.71 7.19
CA ARG B 969 8.66 -46.46 8.47
C ARG B 969 10.16 -46.35 8.27
N THR B 970 10.78 -45.43 8.97
CA THR B 970 12.22 -45.43 9.12
C THR B 970 12.57 -45.06 10.54
N THR B 971 13.85 -45.16 10.86
CA THR B 971 14.34 -44.83 12.19
C THR B 971 15.29 -43.66 12.10
N LYS B 972 15.06 -42.64 12.92
CA LYS B 972 15.88 -41.45 12.99
C LYS B 972 16.75 -41.52 14.22
N VAL B 973 18.05 -41.45 14.01
CA VAL B 973 19.07 -41.56 15.05
C VAL B 973 19.64 -40.18 15.29
N PRO B 974 19.73 -39.72 16.55
CA PRO B 974 20.23 -38.37 16.83
C PRO B 974 21.60 -38.14 16.23
N GLN B 975 21.83 -36.94 15.73
CA GLN B 975 23.10 -36.62 15.11
C GLN B 975 23.28 -35.14 15.24
N ILE B 976 24.50 -34.68 14.93
CA ILE B 976 24.86 -33.26 14.87
C ILE B 976 23.77 -32.46 14.16
N GLY B 977 23.28 -31.41 14.79
CA GLY B 977 22.26 -30.58 14.22
C GLY B 977 20.87 -30.83 14.75
N ASP B 978 20.59 -32.00 15.32
CA ASP B 978 19.26 -32.26 15.85
C ASP B 978 19.04 -31.45 17.12
N LYS B 979 17.77 -31.18 17.40
CA LYS B 979 17.37 -30.20 18.40
C LYS B 979 16.80 -30.89 19.64
N PHE B 980 17.12 -30.37 20.82
CA PHE B 980 16.70 -30.93 22.11
C PHE B 980 16.44 -29.78 23.07
N ALA B 981 15.65 -30.07 24.09
CA ALA B 981 15.32 -29.03 25.05
C ALA B 981 14.93 -29.69 26.36
N SER B 982 15.30 -29.05 27.47
CA SER B 982 14.74 -29.37 28.76
C SER B 982 13.40 -28.71 28.87
N ARG B 983 12.70 -28.89 30.00
CA ARG B 983 11.36 -28.32 30.06
C ARG B 983 11.35 -26.87 30.53
N HIS B 984 12.42 -26.11 30.33
CA HIS B 984 12.50 -24.75 30.85
C HIS B 984 12.90 -23.76 29.78
N GLY B 985 12.60 -24.06 28.53
CA GLY B 985 12.98 -23.14 27.48
C GLY B 985 14.46 -23.08 27.18
N GLN B 986 15.19 -24.13 27.51
CA GLN B 986 16.64 -24.18 27.37
C GLN B 986 16.84 -25.17 26.24
N LYS B 987 16.93 -24.67 25.03
CA LYS B 987 16.92 -25.51 23.85
C LYS B 987 18.26 -25.42 23.15
N GLY B 988 18.59 -26.45 22.40
CA GLY B 988 19.88 -26.45 21.73
C GLY B 988 20.00 -27.54 20.69
N THR B 989 21.01 -27.39 19.86
CA THR B 989 21.37 -28.41 18.89
C THR B 989 22.68 -29.06 19.29
N ILE B 990 22.87 -30.30 18.83
CA ILE B 990 24.09 -31.03 19.13
C ILE B 990 25.24 -30.40 18.36
N GLY B 991 26.30 -30.05 19.06
CA GLY B 991 27.45 -29.47 18.40
C GLY B 991 28.51 -30.47 18.01
N VAL B 992 28.62 -31.57 18.75
CA VAL B 992 29.57 -32.62 18.42
C VAL B 992 29.18 -33.85 19.23
N THR B 993 29.67 -35.01 18.82
CA THR B 993 29.56 -36.19 19.65
C THR B 993 30.93 -36.68 20.08
N TYR B 994 30.99 -37.23 21.30
CA TYR B 994 32.17 -37.84 21.88
C TYR B 994 31.88 -39.26 22.33
N ARG B 995 32.82 -40.15 22.07
CA ARG B 995 32.67 -41.51 22.55
C ARG B 995 32.85 -41.54 24.06
N HIS B 996 32.43 -42.66 24.67
CA HIS B 996 32.45 -42.88 26.12
C HIS B 996 33.73 -42.47 26.82
N GLU B 997 34.87 -42.87 26.29
CA GLU B 997 36.11 -42.67 27.03
C GLU B 997 36.65 -41.25 26.98
N ASP B 998 36.16 -40.41 26.09
CA ASP B 998 36.61 -39.02 26.07
C ASP B 998 35.78 -38.10 26.95
N MET B 999 34.65 -38.55 27.44
CA MET B 999 33.84 -37.70 28.30
C MET B 999 34.52 -37.51 29.66
N PRO B 1000 34.27 -36.39 30.33
CA PRO B 1000 34.64 -36.30 31.74
C PRO B 1000 33.84 -37.27 32.57
N PHE B 1001 34.45 -37.76 33.64
CA PHE B 1001 33.78 -38.73 34.49
C PHE B 1001 33.95 -38.37 35.95
N SER B 1002 32.97 -38.76 36.74
CA SER B 1002 33.06 -38.67 38.18
C SER B 1002 33.83 -39.86 38.70
N ALA B 1003 34.25 -39.77 39.96
CA ALA B 1003 34.98 -40.84 40.62
C ALA B 1003 34.28 -42.19 40.56
N GLU B 1004 32.97 -42.21 40.69
CA GLU B 1004 32.21 -43.44 40.50
C GLU B 1004 32.19 -43.98 39.08
N GLY B 1005 32.77 -43.30 38.11
CA GLY B 1005 32.78 -43.75 36.74
C GLY B 1005 31.51 -43.46 35.97
N ILE B 1006 30.66 -42.60 36.51
CA ILE B 1006 29.47 -42.13 35.81
C ILE B 1006 29.91 -41.07 34.83
N VAL B 1007 29.46 -41.18 33.58
CA VAL B 1007 29.80 -40.12 32.63
C VAL B 1007 28.49 -39.46 32.22
N PRO B 1008 28.47 -38.18 31.89
CA PRO B 1008 27.21 -37.57 31.50
C PRO B 1008 26.84 -38.04 30.11
N ASP B 1009 25.54 -38.16 29.88
CA ASP B 1009 25.00 -38.29 28.55
C ASP B 1009 25.09 -37.03 27.71
N LEU B 1010 25.26 -35.86 28.33
CA LEU B 1010 24.93 -34.62 27.65
C LEU B 1010 25.55 -33.48 28.43
N ILE B 1011 26.22 -32.55 27.76
CA ILE B 1011 26.85 -31.39 28.40
C ILE B 1011 26.27 -30.11 27.85
N ILE B 1012 25.58 -29.36 28.68
CA ILE B 1012 25.11 -28.04 28.34
C ILE B 1012 26.08 -27.01 28.89
N ASN B 1013 25.88 -25.75 28.51
CA ASN B 1013 26.88 -24.71 28.71
C ASN B 1013 26.49 -23.89 29.93
N PRO B 1014 27.44 -23.52 30.80
CA PRO B 1014 27.10 -22.68 31.96
C PRO B 1014 26.53 -21.32 31.62
N HIS B 1015 26.86 -20.76 30.47
CA HIS B 1015 26.38 -19.42 30.13
C HIS B 1015 24.90 -19.37 29.81
N ALA B 1016 24.25 -20.51 29.67
CA ALA B 1016 22.81 -20.51 29.43
C ALA B 1016 22.01 -20.12 30.65
N ILE B 1017 22.61 -20.07 31.83
CA ILE B 1017 21.85 -19.95 33.07
C ILE B 1017 21.73 -18.49 33.52
N PRO B 1018 22.81 -17.69 33.71
CA PRO B 1018 22.64 -16.46 34.51
C PRO B 1018 21.80 -15.39 33.85
N SER B 1019 21.86 -15.24 32.54
CA SER B 1019 21.03 -14.21 31.94
C SER B 1019 19.63 -14.70 31.65
N ARG B 1020 19.45 -16.01 31.48
CA ARG B 1020 18.09 -16.46 31.28
C ARG B 1020 17.35 -16.67 32.59
N MET B 1021 18.09 -16.86 33.69
CA MET B 1021 17.57 -16.99 35.05
C MET B 1021 16.57 -18.13 35.19
N THR B 1022 16.85 -19.25 34.55
CA THR B 1022 16.06 -20.46 34.70
C THR B 1022 16.57 -21.26 35.91
N VAL B 1023 16.40 -20.67 37.09
CA VAL B 1023 16.88 -21.29 38.32
C VAL B 1023 16.14 -22.60 38.58
N ALA B 1024 14.89 -22.71 38.13
CA ALA B 1024 14.12 -23.94 38.23
C ALA B 1024 14.80 -25.13 37.57
N HIS B 1025 15.58 -24.88 36.52
CA HIS B 1025 16.29 -25.95 35.83
C HIS B 1025 17.31 -26.57 36.76
N LEU B 1026 18.06 -25.73 37.48
CA LEU B 1026 19.03 -26.22 38.45
C LEU B 1026 18.37 -26.98 39.59
N ILE B 1027 17.34 -26.40 40.21
CA ILE B 1027 16.61 -27.06 41.30
C ILE B 1027 16.03 -28.41 40.85
N GLU B 1028 15.55 -28.50 39.61
CA GLU B 1028 15.03 -29.78 39.12
C GLU B 1028 16.13 -30.83 39.07
N CYS B 1029 17.33 -30.41 38.68
CA CYS B 1029 18.47 -31.32 38.63
C CYS B 1029 18.81 -31.80 40.03
N LEU B 1030 18.90 -30.87 40.98
CA LEU B 1030 19.16 -31.20 42.38
C LEU B 1030 18.12 -32.16 42.94
N LEU B 1031 16.84 -31.83 42.76
CA LEU B 1031 15.75 -32.67 43.26
C LEU B 1031 15.76 -34.06 42.64
N SER B 1032 16.09 -34.16 41.35
CA SER B 1032 16.06 -35.45 40.69
C SER B 1032 17.21 -36.33 41.13
N LYS B 1033 18.35 -35.74 41.45
CA LYS B 1033 19.47 -36.47 42.04
C LYS B 1033 19.03 -37.16 43.31
N VAL B 1034 18.48 -36.39 44.26
CA VAL B 1034 17.93 -36.94 45.50
C VAL B 1034 16.92 -38.05 45.18
N GLY B 1035 16.05 -37.79 44.22
CA GLY B 1035 14.98 -38.71 43.90
C GLY B 1035 15.47 -40.06 43.37
N SER B 1036 16.54 -40.05 42.61
CA SER B 1036 17.01 -41.31 42.06
C SER B 1036 17.82 -42.11 43.07
N ILE B 1037 18.48 -41.44 44.01
CA ILE B 1037 19.19 -42.15 45.07
C ILE B 1037 18.22 -42.83 46.03
N ARG B 1038 17.22 -42.09 46.50
CA ARG B 1038 16.32 -42.69 47.48
C ARG B 1038 15.20 -43.48 46.82
N GLY B 1039 15.05 -43.36 45.52
CA GLY B 1039 14.05 -44.15 44.84
C GLY B 1039 12.61 -43.67 44.84
N TYR B 1040 12.37 -42.39 44.56
CA TYR B 1040 11.01 -41.95 44.32
C TYR B 1040 11.06 -40.74 43.42
N GLU B 1041 9.92 -40.36 42.91
CA GLU B 1041 9.81 -39.14 42.11
C GLU B 1041 9.41 -37.99 43.01
N GLY B 1042 10.29 -37.01 43.13
CA GLY B 1042 10.02 -35.86 43.96
C GLY B 1042 8.81 -35.08 43.47
N ASP B 1043 8.11 -34.45 44.40
CA ASP B 1043 6.95 -33.65 44.07
C ASP B 1043 7.45 -32.24 43.83
N ALA B 1044 7.34 -31.79 42.58
CA ALA B 1044 7.78 -30.48 42.14
C ALA B 1044 6.64 -29.57 41.78
N THR B 1045 5.46 -29.82 42.32
CA THR B 1045 4.32 -28.94 42.15
C THR B 1045 4.68 -27.52 42.58
N PRO B 1046 4.27 -26.50 41.85
CA PRO B 1046 4.51 -25.14 42.30
C PRO B 1046 3.65 -24.79 43.49
N PHE B 1047 4.14 -23.82 44.27
CA PHE B 1047 3.42 -23.20 45.39
C PHE B 1047 3.22 -24.20 46.52
N THR B 1048 4.28 -24.93 46.85
CA THR B 1048 4.31 -25.83 48.00
C THR B 1048 5.37 -25.41 49.00
N ASP B 1049 5.48 -26.18 50.08
CA ASP B 1049 6.40 -25.92 51.17
C ASP B 1049 7.81 -26.42 50.92
N LEU B 1050 8.05 -27.13 49.83
CA LEU B 1050 9.38 -27.64 49.49
C LEU B 1050 10.39 -26.51 49.32
N THR B 1051 11.51 -26.61 50.01
CA THR B 1051 12.58 -25.63 49.90
C THR B 1051 13.84 -26.30 49.41
N VAL B 1052 14.77 -25.47 48.89
CA VAL B 1052 16.04 -25.99 48.41
C VAL B 1052 16.85 -26.59 49.54
N ASP B 1053 16.82 -25.97 50.72
CA ASP B 1053 17.59 -26.49 51.86
C ASP B 1053 17.10 -27.86 52.32
N ALA B 1054 15.79 -28.10 52.27
CA ALA B 1054 15.28 -29.41 52.66
C ALA B 1054 15.77 -30.50 51.73
N VAL B 1055 15.82 -30.21 50.43
CA VAL B 1055 16.33 -31.17 49.46
C VAL B 1055 17.84 -31.36 49.64
N SER B 1056 18.56 -30.27 49.91
CA SER B 1056 20.00 -30.32 50.13
C SER B 1056 20.40 -31.16 51.34
N ASN B 1057 19.63 -31.06 52.42
CA ASN B 1057 19.89 -31.86 53.62
C ASN B 1057 19.82 -33.36 53.35
N LEU B 1058 18.79 -33.80 52.65
CA LEU B 1058 18.66 -35.20 52.26
C LEU B 1058 19.86 -35.67 51.44
N LEU B 1059 20.27 -34.86 50.47
CA LEU B 1059 21.34 -35.24 49.56
C LEU B 1059 22.67 -35.45 50.28
N ARG B 1060 23.02 -34.58 51.23
CA ARG B 1060 24.30 -34.72 51.93
C ARG B 1060 24.33 -35.98 52.78
N ASP B 1061 23.21 -36.32 53.41
CA ASP B 1061 23.07 -37.56 54.18
C ASP B 1061 23.22 -38.84 53.36
N ASN B 1062 23.34 -38.76 52.04
CA ASN B 1062 23.52 -39.92 51.19
C ASN B 1062 24.92 -40.00 50.64
N GLY B 1063 25.83 -39.14 51.09
CA GLY B 1063 27.22 -39.23 50.73
C GLY B 1063 27.67 -38.34 49.59
N TYR B 1064 26.80 -37.51 49.05
CA TYR B 1064 27.13 -36.59 47.97
C TYR B 1064 27.21 -35.17 48.51
N GLN B 1065 28.03 -34.34 47.87
CA GLN B 1065 28.09 -32.92 48.19
C GLN B 1065 26.72 -32.28 48.04
N SER B 1066 26.38 -31.40 48.97
CA SER B 1066 24.97 -31.07 49.18
C SER B 1066 24.39 -30.19 48.09
N ARG B 1067 25.21 -29.48 47.35
CA ARG B 1067 24.72 -28.59 46.32
C ARG B 1067 24.71 -29.23 44.94
N GLY B 1068 25.00 -30.51 44.84
CA GLY B 1068 24.94 -31.23 43.59
C GLY B 1068 26.26 -31.36 42.86
N PHE B 1069 27.30 -30.65 43.29
CA PHE B 1069 28.59 -30.74 42.64
C PHE B 1069 29.22 -32.09 42.86
N GLU B 1070 30.15 -32.45 42.00
CA GLU B 1070 30.97 -33.64 42.13
C GLU B 1070 32.31 -33.33 41.49
N VAL B 1071 33.38 -33.85 42.11
CA VAL B 1071 34.69 -33.83 41.49
C VAL B 1071 34.64 -34.66 40.22
N MET B 1072 35.25 -34.15 39.16
CA MET B 1072 35.25 -34.88 37.91
C MET B 1072 36.63 -34.80 37.31
N TYR B 1073 36.90 -35.71 36.38
CA TYR B 1073 38.23 -35.93 35.85
C TYR B 1073 38.20 -35.72 34.34
N ASN B 1074 39.21 -35.05 33.82
CA ASN B 1074 39.28 -34.87 32.38
C ASN B 1074 39.55 -36.19 31.69
N GLY B 1075 38.79 -36.47 30.63
CA GLY B 1075 38.90 -37.76 29.98
C GLY B 1075 40.16 -37.93 29.15
N HIS B 1076 40.72 -36.84 28.64
CA HIS B 1076 41.89 -36.97 27.79
C HIS B 1076 43.14 -37.35 28.58
N THR B 1077 43.29 -36.77 29.77
CA THR B 1077 44.53 -36.87 30.52
C THR B 1077 44.42 -37.62 31.82
N GLY B 1078 43.22 -37.80 32.35
CA GLY B 1078 43.07 -38.31 33.70
C GLY B 1078 43.33 -37.30 34.80
N LYS B 1079 43.75 -36.09 34.47
CA LYS B 1079 44.01 -35.08 35.49
C LYS B 1079 42.69 -34.54 36.00
N LYS B 1080 42.61 -34.23 37.30
CA LYS B 1080 41.44 -33.54 37.83
C LYS B 1080 41.18 -32.20 37.15
N LEU B 1081 39.91 -31.85 37.08
CA LEU B 1081 39.57 -30.49 36.71
C LEU B 1081 39.68 -29.64 37.96
N MET B 1082 40.29 -28.47 37.82
CA MET B 1082 40.41 -27.53 38.94
C MET B 1082 39.07 -27.08 39.50
N ALA B 1083 38.00 -27.18 38.73
CA ALA B 1083 36.68 -26.78 39.16
C ALA B 1083 35.78 -28.00 39.24
N GLN B 1084 34.85 -28.01 40.17
CA GLN B 1084 33.88 -29.09 40.26
C GLN B 1084 32.65 -28.75 39.45
N VAL B 1085 31.95 -29.80 39.02
CA VAL B 1085 30.95 -29.72 37.96
C VAL B 1085 29.61 -30.15 38.51
N PHE B 1086 28.62 -29.28 38.39
CA PHE B 1086 27.22 -29.59 38.63
C PHE B 1086 26.73 -30.72 37.73
N PHE B 1087 26.17 -31.76 38.35
CA PHE B 1087 26.03 -33.05 37.72
C PHE B 1087 24.80 -33.76 38.24
N GLY B 1088 23.96 -34.26 37.33
CA GLY B 1088 22.76 -34.97 37.71
C GLY B 1088 21.72 -35.16 36.62
N PRO B 1089 20.66 -35.92 36.91
CA PRO B 1089 19.62 -36.18 35.90
C PRO B 1089 18.74 -34.98 35.62
N THR B 1090 18.38 -34.81 34.36
CA THR B 1090 17.42 -33.80 33.93
C THR B 1090 16.56 -34.36 32.79
N TYR B 1091 15.26 -34.04 32.81
CA TYR B 1091 14.35 -34.54 31.79
C TYR B 1091 14.53 -33.77 30.50
N TYR B 1092 14.89 -34.44 29.42
CA TYR B 1092 15.08 -33.71 28.20
C TYR B 1092 14.11 -34.22 27.15
N GLN B 1093 13.62 -33.32 26.33
CA GLN B 1093 12.65 -33.67 25.29
C GLN B 1093 13.16 -33.46 23.87
N ARG B 1094 12.92 -34.46 23.03
CA ARG B 1094 13.31 -34.44 21.61
C ARG B 1094 12.30 -33.77 20.68
N LEU B 1095 12.65 -32.60 20.18
CA LEU B 1095 11.74 -31.81 19.35
C LEU B 1095 11.80 -32.24 17.89
N ARG B 1096 10.75 -31.88 17.14
CA ARG B 1096 10.56 -32.32 15.75
C ARG B 1096 11.57 -31.76 14.75
N HIS B 1097 12.41 -30.80 15.10
CA HIS B 1097 13.27 -30.15 14.11
C HIS B 1097 14.59 -30.89 14.03
N MET B 1098 14.75 -31.65 12.96
CA MET B 1098 15.94 -32.44 12.67
C MET B 1098 16.56 -31.97 11.37
N VAL B 1099 17.89 -31.95 11.33
CA VAL B 1099 18.65 -31.30 10.27
C VAL B 1099 18.35 -31.94 8.91
N ASP B 1100 18.15 -33.26 8.85
CA ASP B 1100 17.90 -33.87 7.55
C ASP B 1100 16.49 -33.59 7.05
N ASP B 1101 15.65 -32.91 7.81
CA ASP B 1101 14.40 -32.39 7.32
C ASP B 1101 14.52 -30.95 6.83
N LYS B 1102 15.70 -30.33 6.94
CA LYS B 1102 15.88 -28.94 6.58
C LYS B 1102 16.95 -28.71 5.53
N ILE B 1103 18.02 -29.51 5.51
CA ILE B 1103 19.14 -29.37 4.58
C ILE B 1103 18.62 -29.31 3.15
N HIS B 1104 19.15 -28.40 2.37
CA HIS B 1104 18.70 -28.27 0.99
C HIS B 1104 19.78 -27.62 0.15
N ALA B 1105 19.96 -28.12 -1.06
CA ALA B 1105 20.87 -27.51 -2.02
C ALA B 1105 20.29 -27.59 -3.42
N ARG B 1106 20.59 -26.59 -4.24
CA ARG B 1106 20.16 -26.61 -5.64
C ARG B 1106 21.26 -26.17 -6.58
N ALA B 1107 21.59 -27.00 -7.56
CA ALA B 1107 22.43 -26.50 -8.64
C ALA B 1107 21.58 -25.85 -9.70
N ARG B 1108 21.19 -26.61 -10.72
CA ARG B 1108 20.11 -26.27 -11.63
C ARG B 1108 18.91 -27.16 -11.31
N GLY B 1109 17.76 -26.84 -11.88
CA GLY B 1109 16.58 -27.62 -11.61
C GLY B 1109 15.32 -27.05 -12.23
N PRO B 1110 14.16 -27.51 -11.74
CA PRO B 1110 12.90 -27.17 -12.40
C PRO B 1110 12.58 -25.69 -12.24
N VAL B 1111 11.87 -25.14 -13.22
CA VAL B 1111 11.49 -23.74 -13.19
C VAL B 1111 9.99 -23.61 -13.28
N GLN B 1112 9.51 -22.42 -12.92
CA GLN B 1112 8.10 -22.12 -13.07
C GLN B 1112 7.79 -21.87 -14.54
N VAL B 1113 6.62 -22.31 -14.99
CA VAL B 1113 6.20 -22.14 -16.37
C VAL B 1113 6.08 -20.66 -16.71
N LEU B 1114 5.52 -19.87 -15.78
CA LEU B 1114 5.18 -18.48 -16.02
C LEU B 1114 6.37 -17.52 -16.01
N THR B 1115 7.28 -17.66 -15.04
CA THR B 1115 8.38 -16.72 -14.91
C THR B 1115 9.73 -17.25 -15.36
N ARG B 1116 9.85 -18.56 -15.61
CA ARG B 1116 11.10 -19.27 -15.90
C ARG B 1116 12.20 -19.04 -14.86
N GLN B 1117 11.83 -18.72 -13.64
CA GLN B 1117 12.59 -18.62 -12.41
C GLN B 1117 12.45 -19.89 -11.58
N PRO B 1118 13.49 -20.25 -10.83
CA PRO B 1118 13.46 -21.46 -9.97
C PRO B 1118 12.22 -21.58 -9.11
N VAL B 1119 11.72 -22.80 -8.95
CA VAL B 1119 10.50 -23.04 -8.17
C VAL B 1119 10.71 -22.82 -6.68
N GLU B 1120 9.61 -22.73 -5.94
CA GLU B 1120 9.65 -22.53 -4.49
C GLU B 1120 9.53 -23.86 -3.76
N GLY B 1121 10.42 -24.10 -2.79
CA GLY B 1121 10.17 -25.18 -1.86
C GLY B 1121 11.08 -26.38 -1.96
N ARG B 1122 11.59 -26.82 -0.80
CA ARG B 1122 12.31 -28.07 -0.58
C ARG B 1122 11.72 -29.27 -1.33
N SER B 1123 10.41 -29.42 -1.26
CA SER B 1123 9.72 -30.58 -1.82
C SER B 1123 9.67 -30.56 -3.33
N ARG B 1124 10.07 -29.45 -3.96
CA ARG B 1124 10.06 -29.32 -5.40
C ARG B 1124 11.45 -29.05 -5.97
N ASP B 1125 12.53 -29.35 -5.23
CA ASP B 1125 13.90 -28.96 -5.58
C ASP B 1125 14.05 -27.46 -5.81
N GLY B 1126 13.47 -26.66 -4.92
CA GLY B 1126 13.49 -25.22 -5.13
C GLY B 1126 14.79 -24.52 -4.78
N GLY B 1127 14.83 -23.25 -5.13
CA GLY B 1127 15.96 -22.37 -4.84
C GLY B 1127 15.65 -21.34 -3.77
N LEU B 1128 16.70 -20.89 -3.09
CA LEU B 1128 16.55 -19.87 -2.06
C LEU B 1128 16.22 -18.51 -2.66
N ARG B 1129 15.44 -17.73 -1.90
CA ARG B 1129 15.05 -16.38 -2.31
C ARG B 1129 16.11 -15.34 -1.97
N PHE B 1130 16.64 -14.69 -3.00
CA PHE B 1130 17.49 -13.50 -2.89
C PHE B 1130 16.61 -12.26 -2.80
N GLY B 1131 16.26 -11.86 -1.58
CA GLY B 1131 15.24 -10.86 -1.36
C GLY B 1131 15.76 -9.44 -1.46
N GLU B 1132 14.87 -8.49 -1.15
CA GLU B 1132 15.20 -7.07 -1.28
C GLU B 1132 16.31 -6.65 -0.33
N MET B 1133 16.36 -7.24 0.86
CA MET B 1133 17.36 -6.86 1.84
C MET B 1133 18.74 -7.38 1.49
N GLU B 1134 18.83 -8.51 0.80
CA GLU B 1134 20.13 -9.01 0.34
C GLU B 1134 20.68 -8.19 -0.80
N ARG B 1135 19.81 -7.72 -1.70
CA ARG B 1135 20.17 -6.74 -2.70
C ARG B 1135 20.89 -5.54 -2.09
N ASP B 1136 20.33 -4.93 -1.05
CA ASP B 1136 20.93 -3.75 -0.43
C ASP B 1136 22.33 -4.01 0.13
N CYS B 1137 22.54 -5.18 0.74
CA CYS B 1137 23.85 -5.52 1.29
C CYS B 1137 24.93 -5.55 0.22
N MET B 1138 24.63 -6.06 -0.97
CA MET B 1138 25.64 -6.09 -2.01
C MET B 1138 25.94 -4.69 -2.53
N ILE B 1139 24.95 -3.80 -2.55
CA ILE B 1139 25.21 -2.40 -2.88
C ILE B 1139 26.18 -1.78 -1.88
N ALA B 1140 25.94 -2.00 -0.59
CA ALA B 1140 26.81 -1.46 0.46
C ALA B 1140 28.23 -1.96 0.32
N HIS B 1141 28.41 -3.24 -0.01
CA HIS B 1141 29.74 -3.75 -0.28
C HIS B 1141 30.34 -3.17 -1.55
N GLY B 1142 29.54 -2.52 -2.39
CA GLY B 1142 29.95 -2.09 -3.70
C GLY B 1142 30.25 -3.20 -4.67
N ALA B 1143 29.68 -4.37 -4.47
CA ALA B 1143 29.98 -5.51 -5.34
C ALA B 1143 28.97 -5.55 -6.48
N ALA B 1144 29.09 -4.58 -7.38
CA ALA B 1144 28.14 -4.41 -8.48
C ALA B 1144 28.20 -5.56 -9.46
N GLY B 1145 29.41 -6.05 -9.75
CA GLY B 1145 29.57 -7.16 -10.66
C GLY B 1145 28.88 -8.42 -10.16
N PHE B 1146 29.08 -8.75 -8.89
CA PHE B 1146 28.44 -9.93 -8.30
C PHE B 1146 26.92 -9.84 -8.35
N LEU B 1147 26.37 -8.67 -8.09
CA LEU B 1147 24.92 -8.51 -8.04
C LEU B 1147 24.29 -8.74 -9.42
N LYS B 1148 24.91 -8.18 -10.47
CA LYS B 1148 24.47 -8.43 -11.84
C LYS B 1148 24.41 -9.92 -12.19
N GLU B 1149 25.50 -10.65 -11.92
CA GLU B 1149 25.55 -12.06 -12.25
C GLU B 1149 24.49 -12.88 -11.52
N ARG B 1150 24.33 -12.68 -10.20
CA ARG B 1150 23.30 -13.37 -9.40
C ARG B 1150 21.93 -13.27 -10.02
N LEU B 1151 21.57 -12.10 -10.53
CA LEU B 1151 20.20 -11.84 -10.92
C LEU B 1151 19.99 -12.12 -12.40
N MET B 1152 21.02 -12.57 -13.11
CA MET B 1152 20.91 -12.89 -14.52
C MET B 1152 21.40 -14.27 -14.92
N GLU B 1153 22.73 -14.43 -14.99
CA GLU B 1153 23.34 -15.70 -15.41
C GLU B 1153 22.97 -16.85 -14.49
N ALA B 1154 22.85 -16.57 -13.20
CA ALA B 1154 22.51 -17.57 -12.20
C ALA B 1154 21.01 -17.69 -12.00
N SER B 1155 20.22 -17.09 -12.87
CA SER B 1155 18.77 -17.22 -12.80
C SER B 1155 18.11 -17.26 -14.17
N ASP B 1156 17.34 -16.24 -14.50
CA ASP B 1156 16.39 -16.24 -15.61
C ASP B 1156 16.78 -15.36 -16.79
N ALA B 1157 18.08 -15.33 -17.11
CA ALA B 1157 18.61 -14.57 -18.25
C ALA B 1157 17.93 -14.94 -19.55
N PHE B 1158 17.63 -13.91 -20.35
CA PHE B 1158 16.87 -14.08 -21.58
C PHE B 1158 17.40 -13.09 -22.60
N ARG B 1159 17.43 -13.50 -23.87
CA ARG B 1159 17.81 -12.64 -24.98
C ARG B 1159 16.60 -12.18 -25.77
N VAL B 1160 16.50 -10.86 -25.99
CA VAL B 1160 15.43 -10.29 -26.81
C VAL B 1160 16.05 -9.46 -27.92
N HIS B 1161 15.28 -9.25 -28.98
CA HIS B 1161 15.63 -8.37 -30.08
C HIS B 1161 14.76 -7.11 -30.09
N VAL B 1162 15.38 -5.96 -30.30
CA VAL B 1162 14.62 -4.72 -30.39
C VAL B 1162 14.89 -4.03 -31.72
N CYS B 1163 13.95 -3.18 -32.12
CA CYS B 1163 14.06 -2.39 -33.33
C CYS B 1163 14.76 -1.09 -32.97
N GLY B 1164 15.80 -0.74 -33.72
CA GLY B 1164 16.53 0.48 -33.43
C GLY B 1164 15.75 1.76 -33.67
N ILE B 1165 14.61 1.70 -34.35
CA ILE B 1165 13.86 2.89 -34.69
C ILE B 1165 12.76 3.14 -33.68
N CYS B 1166 11.89 2.15 -33.49
CA CYS B 1166 10.74 2.29 -32.60
C CYS B 1166 10.97 1.73 -31.21
N GLY B 1167 12.08 1.02 -30.98
CA GLY B 1167 12.40 0.63 -29.62
C GLY B 1167 11.54 -0.46 -29.00
N LEU B 1168 10.67 -1.08 -29.76
CA LEU B 1168 9.79 -2.13 -29.24
C LEU B 1168 10.43 -3.49 -29.45
N MET B 1169 9.95 -4.47 -28.70
CA MET B 1169 10.38 -5.86 -28.87
C MET B 1169 9.55 -6.57 -29.93
N SER B 1170 9.32 -5.90 -31.06
CA SER B 1170 8.48 -6.40 -32.13
C SER B 1170 9.26 -7.08 -33.24
N VAL B 1171 10.45 -7.53 -32.98
CA VAL B 1171 11.24 -8.08 -34.06
C VAL B 1171 10.89 -9.54 -34.20
N ILE B 1172 10.77 -9.98 -35.44
CA ILE B 1172 10.52 -11.36 -35.81
C ILE B 1172 11.83 -11.90 -36.33
N ALA B 1173 12.41 -12.84 -35.60
CA ALA B 1173 13.79 -13.25 -35.82
C ALA B 1173 13.81 -14.74 -36.11
N ASN B 1174 14.08 -15.10 -37.36
CA ASN B 1174 14.31 -16.49 -37.72
C ASN B 1174 15.82 -16.66 -37.80
N LEU B 1175 16.40 -17.44 -36.88
CA LEU B 1175 17.84 -17.47 -36.76
C LEU B 1175 18.47 -18.44 -37.73
N LYS B 1176 17.78 -19.51 -38.11
CA LYS B 1176 18.34 -20.37 -39.13
C LYS B 1176 18.22 -19.76 -40.52
N LYS B 1177 17.19 -18.97 -40.78
CA LYS B 1177 17.15 -18.27 -42.06
C LYS B 1177 17.96 -16.98 -42.05
N ASN B 1178 18.35 -16.51 -40.85
CA ASN B 1178 19.19 -15.32 -40.64
C ASN B 1178 18.53 -14.05 -41.22
N GLN B 1179 17.22 -13.92 -41.05
CA GLN B 1179 16.50 -12.76 -41.56
C GLN B 1179 15.67 -12.16 -40.43
N PHE B 1180 15.75 -10.86 -40.28
CA PHE B 1180 15.08 -10.10 -39.24
C PHE B 1180 14.27 -8.98 -39.84
N GLU B 1181 13.10 -8.70 -39.25
CA GLU B 1181 12.28 -7.61 -39.76
C GLU B 1181 11.35 -7.12 -38.67
N CYS B 1182 11.41 -5.82 -38.40
CA CYS B 1182 10.34 -5.10 -37.72
C CYS B 1182 9.43 -4.61 -38.81
N ARG B 1183 8.27 -5.25 -38.93
CA ARG B 1183 7.30 -4.92 -39.97
C ARG B 1183 6.77 -3.49 -39.88
N SER B 1184 6.65 -2.98 -38.67
CA SER B 1184 6.13 -1.63 -38.48
C SER B 1184 7.07 -0.57 -39.06
N CYS B 1185 8.37 -0.71 -38.81
CA CYS B 1185 9.30 0.29 -39.32
C CYS B 1185 9.84 -0.04 -40.70
N LYS B 1186 9.48 -1.21 -41.27
CA LYS B 1186 10.05 -1.73 -42.51
C LYS B 1186 11.57 -1.69 -42.46
N ASN B 1187 12.11 -2.25 -41.38
CA ASN B 1187 13.52 -2.08 -41.04
C ASN B 1187 14.11 -3.46 -40.87
N LYS B 1188 15.13 -3.76 -41.67
CA LYS B 1188 15.83 -5.03 -41.62
C LYS B 1188 17.30 -4.85 -41.28
N THR B 1189 17.73 -3.65 -40.89
CA THR B 1189 19.15 -3.38 -40.72
C THR B 1189 19.49 -2.81 -39.35
N ASN B 1190 18.65 -1.93 -38.82
CA ASN B 1190 18.93 -1.26 -37.56
C ASN B 1190 18.24 -2.01 -36.42
N ILE B 1191 18.84 -3.13 -36.00
CA ILE B 1191 18.21 -4.04 -35.04
C ILE B 1191 19.29 -4.48 -34.05
N TYR B 1192 18.94 -4.47 -32.77
CA TYR B 1192 19.87 -4.80 -31.69
C TYR B 1192 19.35 -5.96 -30.87
N GLN B 1193 20.26 -6.72 -30.25
CA GLN B 1193 19.88 -7.69 -29.23
C GLN B 1193 20.28 -7.23 -27.84
N LEU B 1194 19.45 -7.62 -26.87
CA LEU B 1194 19.61 -7.27 -25.47
C LEU B 1194 19.63 -8.53 -24.64
N HIS B 1195 20.29 -8.46 -23.50
CA HIS B 1195 20.18 -9.45 -22.44
C HIS B 1195 19.43 -8.81 -21.30
N ILE B 1196 18.22 -9.28 -21.03
CA ILE B 1196 17.43 -8.77 -19.92
C ILE B 1196 16.84 -9.95 -19.16
N PRO B 1197 16.46 -9.76 -17.89
CA PRO B 1197 15.72 -10.80 -17.18
C PRO B 1197 14.43 -11.17 -17.89
N TYR B 1198 14.13 -12.48 -17.90
CA TYR B 1198 12.85 -12.96 -18.40
C TYR B 1198 11.67 -12.29 -17.70
N ALA B 1199 11.75 -12.14 -16.38
CA ALA B 1199 10.66 -11.48 -15.67
C ALA B 1199 10.51 -10.01 -16.07
N ALA B 1200 11.54 -9.40 -16.62
CA ALA B 1200 11.40 -8.05 -17.15
C ALA B 1200 10.73 -8.05 -18.52
N LYS B 1201 11.12 -8.99 -19.37
CA LYS B 1201 10.43 -9.23 -20.65
C LYS B 1201 8.95 -9.46 -20.43
N LEU B 1202 8.63 -10.28 -19.43
CA LEU B 1202 7.25 -10.56 -19.06
C LEU B 1202 6.54 -9.27 -18.67
N LEU B 1203 7.17 -8.47 -17.81
CA LEU B 1203 6.62 -7.21 -17.35
C LEU B 1203 6.25 -6.29 -18.52
N PHE B 1204 7.15 -6.16 -19.49
CA PHE B 1204 6.88 -5.28 -20.64
C PHE B 1204 5.72 -5.78 -21.48
N GLN B 1205 5.61 -7.10 -21.68
CA GLN B 1205 4.45 -7.61 -22.39
C GLN B 1205 3.17 -7.38 -21.62
N GLU B 1206 3.19 -7.45 -20.28
CA GLU B 1206 1.96 -7.11 -19.56
C GLU B 1206 1.65 -5.63 -19.70
N LEU B 1207 2.67 -4.77 -19.76
CA LEU B 1207 2.40 -3.36 -19.96
C LEU B 1207 1.85 -3.06 -21.34
N MET B 1208 2.40 -3.71 -22.38
CA MET B 1208 1.87 -3.58 -23.73
C MET B 1208 0.39 -3.98 -23.78
N ALA B 1209 0.01 -5.04 -23.06
CA ALA B 1209 -1.37 -5.48 -23.05
C ALA B 1209 -2.32 -4.46 -22.42
N MET B 1210 -1.80 -3.49 -21.65
CA MET B 1210 -2.59 -2.40 -21.12
C MET B 1210 -2.34 -1.10 -21.86
N ASN B 1211 -1.88 -1.17 -23.11
CA ASN B 1211 -1.68 -0.03 -24.01
C ASN B 1211 -0.54 0.87 -23.55
N ILE B 1212 0.36 0.41 -22.70
CA ILE B 1212 1.52 1.21 -22.32
C ILE B 1212 2.67 0.74 -23.20
N ALA B 1213 3.36 1.68 -23.85
CA ALA B 1213 4.50 1.41 -24.71
C ALA B 1213 5.83 1.63 -23.99
N PRO B 1214 6.53 0.59 -23.60
CA PRO B 1214 7.87 0.80 -23.04
C PRO B 1214 8.99 0.66 -24.07
N ARG B 1215 9.51 1.79 -24.54
CA ARG B 1215 10.45 1.80 -25.65
C ARG B 1215 11.88 1.75 -25.12
N LEU B 1216 12.61 0.71 -25.47
CA LEU B 1216 13.98 0.51 -25.04
C LEU B 1216 14.95 1.06 -26.08
N TYR B 1217 15.62 2.16 -25.78
CA TYR B 1217 16.62 2.69 -26.69
C TYR B 1217 18.01 2.43 -26.14
N THR B 1218 18.97 2.16 -27.03
CA THR B 1218 20.32 1.87 -26.59
C THR B 1218 21.28 3.05 -26.65
N GLU B 1219 20.81 4.27 -26.87
CA GLU B 1219 21.68 5.44 -26.93
C GLU B 1219 20.96 6.67 -26.38
N ARG B 1220 21.73 7.59 -25.83
CA ARG B 1220 21.14 8.81 -25.28
C ARG B 1220 21.10 9.87 -26.36
N SER B 1221 20.52 11.03 -26.02
CA SER B 1221 20.39 12.12 -26.97
C SER B 1221 20.33 13.45 -26.22
N GLY B 1222 20.01 13.39 -24.94
CA GLY B 1222 19.86 14.59 -24.13
C GLY B 1222 18.50 15.23 -24.26
N GLU C 4 59.30 -52.18 38.20
CA GLU C 4 58.93 -51.14 39.17
C GLU C 4 57.40 -50.87 39.38
N PRO C 5 56.52 -50.96 38.36
CA PRO C 5 55.07 -50.90 38.65
C PRO C 5 54.59 -52.00 39.58
N LYS C 6 53.76 -51.63 40.53
CA LYS C 6 53.21 -52.54 41.52
C LYS C 6 51.69 -52.48 41.53
N VAL C 7 51.06 -53.61 41.84
CA VAL C 7 49.61 -53.76 41.85
C VAL C 7 49.24 -54.42 43.16
N ASN C 8 48.13 -53.98 43.77
CA ASN C 8 47.64 -54.56 45.01
C ASN C 8 46.12 -54.64 44.81
N ILE C 9 45.61 -55.86 44.65
CA ILE C 9 44.19 -56.11 44.42
C ILE C 9 43.43 -56.05 45.73
N ILE C 10 42.56 -55.05 45.86
CA ILE C 10 41.76 -54.85 47.07
C ILE C 10 40.60 -55.84 47.14
N ASN C 11 39.88 -56.04 46.04
CA ASN C 11 38.82 -57.05 46.04
C ASN C 11 38.76 -57.67 44.66
N ALA C 12 38.08 -58.81 44.58
CA ALA C 12 38.02 -59.53 43.32
C ALA C 12 36.81 -60.47 43.32
N GLN C 13 36.22 -60.61 42.15
CA GLN C 13 35.18 -61.59 41.85
C GLN C 13 35.13 -61.71 40.34
N ASP C 14 34.19 -62.50 39.84
CA ASP C 14 34.15 -62.86 38.43
C ASP C 14 34.02 -61.66 37.52
N ASP C 15 33.10 -60.76 37.82
CA ASP C 15 32.78 -59.67 36.93
C ASP C 15 33.23 -58.27 37.35
N GLU C 16 33.97 -58.15 38.46
CA GLU C 16 34.61 -56.88 38.75
C GLU C 16 35.84 -57.07 39.61
N VAL C 17 36.89 -56.34 39.28
CA VAL C 17 38.14 -56.34 40.02
C VAL C 17 38.38 -54.92 40.48
N GLU C 18 38.57 -54.76 41.77
CA GLU C 18 38.95 -53.48 42.36
C GLU C 18 40.43 -53.59 42.69
N LEU C 19 41.19 -52.57 42.34
CA LEU C 19 42.63 -52.73 42.48
C LEU C 19 43.28 -51.37 42.65
N MET C 20 44.44 -51.40 43.27
CA MET C 20 45.31 -50.25 43.37
C MET C 20 46.48 -50.41 42.44
N LEU C 21 46.79 -49.35 41.72
CA LEU C 21 47.88 -49.32 40.75
C LEU C 21 48.84 -48.25 41.19
N SER C 22 50.13 -48.56 41.20
CA SER C 22 51.08 -47.62 41.78
C SER C 22 52.40 -47.69 41.05
N ASP C 23 53.23 -46.68 41.31
CA ASP C 23 54.53 -46.46 40.67
C ASP C 23 54.41 -46.40 39.15
N VAL C 24 53.37 -45.74 38.65
CA VAL C 24 53.26 -45.43 37.23
C VAL C 24 52.89 -43.97 37.05
N ASN C 25 53.00 -43.52 35.82
CA ASN C 25 52.60 -42.18 35.43
C ASN C 25 51.09 -42.11 35.28
N LEU C 26 50.53 -40.95 35.60
CA LEU C 26 49.12 -40.64 35.37
C LEU C 26 48.66 -41.01 33.97
N SER C 27 49.45 -40.66 32.95
CA SER C 27 49.08 -40.93 31.56
C SER C 27 48.92 -42.41 31.29
N LEU C 28 49.71 -43.25 31.94
CA LEU C 28 49.60 -44.69 31.72
C LEU C 28 48.34 -45.24 32.37
N ALA C 29 48.00 -44.76 33.56
CA ALA C 29 46.75 -45.16 34.20
C ALA C 29 45.56 -44.74 33.35
N ASN C 30 45.63 -43.56 32.75
CA ASN C 30 44.50 -43.10 31.95
C ASN C 30 44.40 -43.85 30.64
N SER C 31 45.53 -44.11 29.99
CA SER C 31 45.51 -44.88 28.74
C SER C 31 45.03 -46.30 28.96
N LEU C 32 45.31 -46.87 30.12
CA LEU C 32 44.75 -48.17 30.43
C LEU C 32 43.24 -48.10 30.59
N ARG C 33 42.74 -47.08 31.29
CA ARG C 33 41.30 -46.83 31.38
C ARG C 33 40.64 -46.74 30.00
N ARG C 34 41.20 -45.92 29.11
CA ARG C 34 40.61 -45.76 27.79
C ARG C 34 40.66 -47.03 26.97
N THR C 35 41.79 -47.74 26.98
CA THR C 35 41.95 -48.96 26.18
C THR C 35 40.91 -50.02 26.54
N MET C 36 40.67 -50.22 27.85
CA MET C 36 39.70 -51.23 28.27
C MET C 36 38.30 -50.90 27.80
N LEU C 37 37.95 -49.61 27.78
CA LEU C 37 36.62 -49.22 27.34
C LEU C 37 36.48 -49.35 25.83
N ALA C 38 37.51 -49.00 25.08
CA ALA C 38 37.35 -48.70 23.66
C ALA C 38 37.97 -49.71 22.72
N GLU C 39 39.03 -50.42 23.10
CA GLU C 39 39.80 -51.15 22.11
C GLU C 39 39.98 -52.62 22.42
N VAL C 40 39.45 -53.12 23.52
CA VAL C 40 39.53 -54.54 23.83
C VAL C 40 38.46 -55.23 23.00
N PRO C 41 38.83 -56.12 22.07
CA PRO C 41 37.83 -56.72 21.17
C PRO C 41 36.83 -57.57 21.94
N THR C 42 35.61 -57.64 21.42
CA THR C 42 34.62 -58.61 21.87
C THR C 42 33.84 -59.10 20.67
N LEU C 43 32.88 -59.98 20.95
CA LEU C 43 32.00 -60.53 19.94
C LEU C 43 30.60 -59.99 20.17
N ALA C 44 29.90 -59.65 19.08
CA ALA C 44 28.57 -59.09 19.19
C ALA C 44 27.85 -59.28 17.88
N ILE C 45 26.53 -59.48 17.96
CA ILE C 45 25.66 -59.61 16.79
C ILE C 45 25.77 -58.38 15.91
N ASP C 46 25.94 -58.60 14.60
CA ASP C 46 26.10 -57.47 13.71
C ASP C 46 25.29 -57.58 12.42
N LEU C 47 24.46 -58.61 12.29
CA LEU C 47 23.62 -58.80 11.11
C LEU C 47 22.47 -59.70 11.49
N VAL C 48 21.26 -59.25 11.24
CA VAL C 48 20.08 -59.98 11.67
C VAL C 48 19.23 -60.18 10.43
N GLU C 49 18.97 -61.44 10.09
CA GLU C 49 18.13 -61.79 8.96
C GLU C 49 16.76 -62.16 9.50
N ILE C 50 15.77 -61.32 9.25
CA ILE C 50 14.43 -61.55 9.73
C ILE C 50 13.64 -62.26 8.64
N LYS C 51 13.33 -63.53 8.87
CA LYS C 51 12.46 -64.26 7.95
C LYS C 51 10.99 -64.11 8.30
N MET C 52 10.66 -63.84 9.56
CA MET C 52 9.28 -63.62 9.95
C MET C 52 9.30 -62.84 11.25
N ASN C 53 8.50 -61.78 11.31
CA ASN C 53 8.30 -61.03 12.55
C ASN C 53 6.90 -60.43 12.51
N THR C 54 5.95 -61.12 13.13
CA THR C 54 4.60 -60.63 13.26
C THR C 54 4.29 -60.15 14.67
N SER C 55 5.32 -59.80 15.45
CA SER C 55 5.10 -59.17 16.74
C SER C 55 4.75 -57.70 16.59
N VAL C 56 4.40 -57.09 17.73
CA VAL C 56 4.06 -55.67 17.77
C VAL C 56 5.26 -54.75 17.74
N LEU C 57 6.46 -55.29 17.84
CA LEU C 57 7.67 -54.48 17.81
C LEU C 57 8.14 -54.38 16.37
N ALA C 58 8.72 -53.24 16.03
CA ALA C 58 9.20 -53.04 14.67
C ALA C 58 10.46 -53.87 14.46
N ASP C 59 10.66 -54.29 13.21
CA ASP C 59 11.78 -55.14 12.82
C ASP C 59 13.14 -54.65 13.31
N GLU C 60 13.48 -53.39 13.02
CA GLU C 60 14.81 -52.95 13.43
C GLU C 60 14.89 -52.66 14.92
N PHE C 61 13.75 -52.40 15.56
CA PHE C 61 13.69 -52.30 17.02
C PHE C 61 14.14 -53.61 17.66
N ILE C 62 13.61 -54.74 17.18
CA ILE C 62 14.04 -56.02 17.72
C ILE C 62 15.50 -56.26 17.39
N SER C 63 15.89 -55.96 16.14
CA SER C 63 17.28 -56.13 15.71
C SER C 63 18.22 -55.30 16.56
N HIS C 64 17.79 -54.10 16.94
CA HIS C 64 18.62 -53.22 17.76
C HIS C 64 18.88 -53.82 19.13
N ARG C 65 17.87 -54.43 19.73
CA ARG C 65 18.05 -55.10 21.02
C ARG C 65 19.01 -56.27 20.91
N LEU C 66 18.91 -57.03 19.83
CA LEU C 66 19.80 -58.17 19.60
C LEU C 66 21.28 -57.77 19.62
N GLY C 67 21.61 -56.65 18.98
CA GLY C 67 23.00 -56.19 18.96
C GLY C 67 23.59 -55.94 20.34
N LEU C 68 22.74 -55.64 21.31
CA LEU C 68 23.16 -55.29 22.66
C LEU C 68 23.33 -56.48 23.59
N ILE C 69 22.96 -57.68 23.16
CA ILE C 69 23.11 -58.89 23.98
C ILE C 69 24.56 -59.31 24.14
N PRO C 70 25.09 -59.37 25.36
CA PRO C 70 26.50 -59.72 25.55
C PRO C 70 26.77 -61.20 25.29
N LEU C 71 27.78 -61.48 24.47
CA LEU C 71 28.15 -62.85 24.14
C LEU C 71 29.52 -63.19 24.72
N VAL C 72 29.66 -64.46 25.14
CA VAL C 72 30.92 -65.02 25.62
C VAL C 72 31.99 -64.79 24.55
N SER C 73 33.06 -64.11 24.92
CA SER C 73 34.09 -63.70 23.97
C SER C 73 35.48 -64.16 24.35
N GLU C 74 35.57 -65.24 25.15
CA GLU C 74 36.81 -65.69 25.77
C GLU C 74 37.90 -66.01 24.73
N ASP C 75 37.57 -66.76 23.70
CA ASP C 75 38.55 -67.19 22.72
C ASP C 75 38.64 -66.27 21.49
N VAL C 76 38.17 -65.03 21.60
CA VAL C 76 38.08 -64.12 20.45
C VAL C 76 39.44 -63.72 19.86
N GLU C 77 40.54 -63.84 20.61
CA GLU C 77 41.84 -63.45 20.08
C GLU C 77 42.29 -64.31 18.90
N GLU C 78 41.94 -65.58 18.87
CA GLU C 78 42.31 -66.41 17.72
C GLU C 78 41.40 -66.18 16.53
N MET C 79 40.30 -65.46 16.69
CA MET C 79 39.37 -65.19 15.62
C MET C 79 39.80 -63.96 14.84
N LYS C 80 39.54 -63.99 13.53
CA LYS C 80 39.89 -62.93 12.62
C LYS C 80 38.76 -61.90 12.50
N TYR C 81 39.12 -60.70 12.08
CA TYR C 81 38.10 -59.75 11.67
C TYR C 81 37.58 -60.14 10.30
N SER C 82 36.28 -59.90 10.09
CA SER C 82 35.64 -60.18 8.81
C SER C 82 36.33 -59.44 7.67
N ARG C 83 36.74 -58.20 7.92
CA ARG C 83 37.36 -57.38 6.89
C ARG C 83 38.76 -57.88 6.50
N ASP C 84 39.37 -58.73 7.30
CA ASP C 84 40.69 -59.29 7.02
C ASP C 84 40.65 -60.74 6.54
N CYS C 85 39.49 -61.33 6.29
CA CYS C 85 39.48 -62.73 5.91
C CYS C 85 39.41 -62.90 4.40
N THR C 86 40.23 -63.84 3.91
CA THR C 86 40.48 -64.18 2.52
C THR C 86 39.36 -64.93 1.82
N CYS C 87 38.35 -65.36 2.56
CA CYS C 87 37.23 -66.13 2.07
C CYS C 87 36.19 -65.31 1.31
N GLU C 88 35.33 -66.07 0.63
CA GLU C 88 34.12 -65.62 -0.05
C GLU C 88 33.08 -65.71 1.05
N ASP C 89 32.10 -64.81 1.02
CA ASP C 89 31.08 -64.42 2.02
C ASP C 89 31.41 -64.93 3.42
N TYR C 90 30.46 -65.24 4.31
CA TYR C 90 31.03 -65.63 5.59
C TYR C 90 31.34 -67.10 5.62
N CYS C 91 31.99 -67.50 6.70
CA CYS C 91 32.41 -68.87 6.91
C CYS C 91 32.60 -69.11 8.40
N ASP C 92 33.22 -70.24 8.69
CA ASP C 92 33.38 -70.70 10.05
C ASP C 92 34.50 -70.00 10.78
N GLU C 93 35.39 -69.32 10.06
CA GLU C 93 36.53 -68.69 10.71
C GLU C 93 36.29 -67.23 11.07
N CYS C 94 35.26 -66.58 10.55
CA CYS C 94 35.10 -65.17 10.85
C CYS C 94 33.73 -64.78 11.41
N SER C 95 32.85 -65.74 11.70
CA SER C 95 31.54 -65.38 12.23
C SER C 95 30.97 -66.53 13.04
N VAL C 96 30.06 -66.20 13.95
CA VAL C 96 29.23 -67.16 14.64
C VAL C 96 27.80 -66.96 14.16
N VAL C 97 27.09 -68.04 13.87
CA VAL C 97 25.69 -67.92 13.45
C VAL C 97 24.81 -68.34 14.62
N LEU C 98 23.84 -67.48 14.97
CA LEU C 98 22.85 -67.82 15.97
C LEU C 98 21.45 -67.79 15.37
N GLU C 99 20.56 -68.59 15.95
CA GLU C 99 19.19 -68.69 15.49
C GLU C 99 18.23 -68.58 16.67
N LEU C 100 17.06 -67.99 16.39
CA LEU C 100 16.01 -67.86 17.39
C LEU C 100 14.65 -68.11 16.74
N SER C 101 13.79 -68.84 17.45
CA SER C 101 12.44 -69.09 16.95
C SER C 101 11.50 -69.20 18.13
N ALA C 102 10.52 -68.32 18.21
CA ALA C 102 9.51 -68.39 19.25
C ALA C 102 8.12 -68.24 18.67
N ARG C 103 7.12 -68.71 19.41
CA ARG C 103 5.74 -68.71 18.97
C ARG C 103 4.88 -68.92 20.21
N HIS C 104 3.67 -68.39 20.19
CA HIS C 104 2.67 -68.56 21.24
C HIS C 104 1.45 -69.31 20.70
N GLU C 105 1.26 -70.52 21.19
CA GLU C 105 0.05 -71.27 20.93
C GLU C 105 -0.86 -71.17 22.15
N GLY C 106 -2.15 -71.00 21.90
CA GLY C 106 -3.12 -70.79 22.94
C GLY C 106 -3.73 -69.41 22.74
N GLU C 107 -4.99 -69.22 23.11
CA GLU C 107 -5.64 -67.93 22.93
C GLU C 107 -5.44 -66.98 24.10
N GLU C 108 -4.66 -67.36 25.11
CA GLU C 108 -4.58 -66.55 26.31
C GLU C 108 -3.14 -66.57 26.80
N GLY C 109 -2.79 -65.56 27.60
CA GLY C 109 -1.47 -65.50 28.18
C GLY C 109 -0.49 -64.86 27.22
N THR C 110 0.72 -64.68 27.72
CA THR C 110 1.76 -64.02 26.95
C THR C 110 3.02 -64.87 27.00
N THR C 111 3.65 -65.05 25.85
CA THR C 111 4.92 -65.76 25.76
C THR C 111 6.01 -64.71 25.73
N ASP C 112 6.88 -64.75 26.72
CA ASP C 112 7.99 -63.83 26.83
C ASP C 112 9.22 -64.45 26.17
N VAL C 113 9.80 -63.75 25.22
CA VAL C 113 10.95 -64.28 24.49
C VAL C 113 12.18 -63.74 25.19
N TYR C 114 13.04 -64.63 25.63
CA TYR C 114 14.22 -64.29 26.41
C TYR C 114 15.47 -64.65 25.63
N SER C 115 16.58 -64.04 26.03
CA SER C 115 17.86 -64.26 25.40
C SER C 115 18.35 -65.70 25.52
N SER C 116 17.79 -66.48 26.46
CA SER C 116 18.18 -67.88 26.60
C SER C 116 17.71 -68.75 25.45
N SER C 117 16.75 -68.29 24.66
CA SER C 117 16.30 -69.01 23.47
C SER C 117 17.23 -68.83 22.29
N LEU C 118 18.31 -68.08 22.42
CA LEU C 118 19.26 -67.94 21.33
C LEU C 118 20.11 -69.21 21.24
N ILE C 119 20.03 -69.88 20.10
CA ILE C 119 20.68 -71.17 19.91
C ILE C 119 21.87 -70.99 18.98
N LYS C 120 23.05 -71.35 19.45
CA LYS C 120 24.22 -71.36 18.60
C LYS C 120 24.07 -72.48 17.59
N VAL C 121 24.32 -72.19 16.31
CA VAL C 121 24.11 -73.14 15.24
C VAL C 121 25.43 -73.57 14.62
N SER C 122 26.37 -72.64 14.48
CA SER C 122 27.70 -72.96 14.00
C SER C 122 28.66 -72.02 14.71
N GLY C 123 29.93 -72.10 14.35
CA GLY C 123 30.93 -71.34 15.04
C GLY C 123 32.28 -71.98 14.95
N PRO C 124 33.34 -71.21 15.16
CA PRO C 124 34.69 -71.78 15.07
C PRO C 124 35.00 -72.75 16.20
N GLY C 125 34.58 -74.00 16.01
CA GLY C 125 34.84 -75.03 17.01
C GLY C 125 36.33 -75.27 17.21
N ASN C 126 36.69 -75.70 18.42
CA ASN C 126 35.75 -75.85 19.53
C ASN C 126 35.93 -74.72 20.52
N LEU C 127 36.14 -73.52 19.98
CA LEU C 127 36.41 -72.34 20.80
C LEU C 127 35.16 -71.96 21.57
N ASN C 128 35.31 -71.63 22.85
CA ASN C 128 34.21 -71.23 23.70
C ASN C 128 33.84 -69.77 23.43
N VAL C 129 33.09 -69.55 22.36
CA VAL C 129 32.63 -68.22 21.96
C VAL C 129 31.22 -68.34 21.39
N GLY C 130 30.40 -67.36 21.69
CA GLY C 130 29.12 -67.16 21.02
C GLY C 130 27.90 -67.42 21.86
N GLU C 131 28.03 -68.08 22.98
CA GLU C 131 26.86 -68.30 23.82
C GLU C 131 26.48 -67.01 24.53
N PRO C 132 25.19 -66.64 24.53
CA PRO C 132 24.75 -65.48 25.33
C PRO C 132 25.00 -65.75 26.82
N VAL C 133 25.71 -64.82 27.45
CA VAL C 133 26.09 -64.89 28.86
C VAL C 133 24.89 -65.09 29.78
N ARG C 134 25.08 -65.95 30.79
CA ARG C 134 24.09 -66.28 31.81
C ARG C 134 24.69 -66.12 33.19
N ARG C 135 23.86 -65.68 34.16
CA ARG C 135 24.39 -65.60 35.52
C ARG C 135 24.45 -66.98 36.13
N ASP C 136 23.31 -67.66 36.22
CA ASP C 136 23.19 -69.01 36.75
C ASP C 136 22.84 -69.97 35.60
N ASP C 137 22.29 -71.13 35.94
CA ASP C 137 21.64 -71.97 34.95
C ASP C 137 20.12 -71.82 34.87
N TYR C 138 19.46 -71.33 35.91
CA TYR C 138 18.02 -71.12 35.84
C TYR C 138 17.63 -69.69 35.50
N ASP C 139 18.58 -68.90 35.03
CA ASP C 139 18.37 -67.49 34.77
C ASP C 139 17.92 -67.41 33.32
N GLN C 140 16.72 -66.88 33.08
CA GLN C 140 16.24 -66.74 31.70
C GLN C 140 16.96 -65.65 30.93
N GLY C 141 17.59 -64.71 31.60
CA GLY C 141 18.31 -63.67 30.90
C GLY C 141 17.57 -62.43 30.48
N ILE C 142 17.90 -61.90 29.31
CA ILE C 142 17.46 -60.57 28.91
C ILE C 142 16.17 -60.66 28.11
N LEU C 143 15.19 -59.83 28.49
CA LEU C 143 13.93 -59.75 27.78
C LEU C 143 14.12 -59.13 26.40
N LEU C 144 13.63 -59.81 25.37
CA LEU C 144 13.75 -59.31 24.00
C LEU C 144 12.45 -58.81 23.42
N CYS C 145 11.36 -59.51 23.69
CA CYS C 145 10.08 -59.27 23.06
C CYS C 145 9.01 -59.95 23.89
N LYS C 146 7.76 -59.71 23.52
CA LYS C 146 6.67 -60.43 24.13
C LYS C 146 5.68 -60.77 23.04
N LEU C 147 5.10 -61.95 23.14
CA LEU C 147 4.22 -62.45 22.10
C LEU C 147 2.87 -62.83 22.69
N ARG C 148 1.84 -62.67 21.88
CA ARG C 148 0.49 -63.05 22.24
C ARG C 148 0.06 -63.98 21.10
N ASN C 149 -1.12 -64.60 21.21
CA ASN C 149 -1.68 -65.61 20.32
C ASN C 149 -1.46 -65.35 18.84
N HIS C 150 -0.81 -66.31 18.18
CA HIS C 150 -0.49 -66.46 16.76
C HIS C 150 0.70 -65.60 16.33
N GLN C 151 1.29 -64.81 17.21
CA GLN C 151 2.42 -63.97 16.83
C GLN C 151 3.71 -64.76 16.91
N GLU C 152 4.55 -64.64 15.88
CA GLU C 152 5.73 -65.48 15.75
C GLU C 152 6.94 -64.60 15.47
N LEU C 153 8.10 -65.06 15.91
CA LEU C 153 9.38 -64.37 15.67
C LEU C 153 10.41 -65.42 15.29
N ASN C 154 10.93 -65.33 14.07
CA ASN C 154 11.89 -66.33 13.59
C ASN C 154 13.01 -65.59 12.86
N ILE C 155 14.17 -65.47 13.51
CA ILE C 155 15.28 -64.65 13.05
C ILE C 155 16.58 -65.44 13.02
N ARG C 156 17.49 -65.03 12.14
CA ARG C 156 18.84 -65.59 12.05
C ARG C 156 19.87 -64.48 12.21
N CYS C 157 20.73 -64.62 13.23
CA CYS C 157 21.68 -63.60 13.64
C CYS C 157 23.12 -63.98 13.33
N ILE C 158 23.88 -63.03 12.78
CA ILE C 158 25.31 -63.22 12.50
C ILE C 158 26.10 -62.37 13.49
N ALA C 159 26.92 -63.02 14.30
CA ALA C 159 27.75 -62.32 15.26
C ALA C 159 29.18 -62.16 14.74
N LYS C 160 29.77 -61.00 14.95
CA LYS C 160 31.09 -60.69 14.42
C LYS C 160 31.98 -60.05 15.47
N LYS C 161 33.28 -60.17 15.26
CA LYS C 161 34.29 -59.56 16.11
C LYS C 161 34.40 -58.08 15.82
N GLY C 162 34.45 -57.26 16.85
CA GLY C 162 34.55 -55.82 16.65
C GLY C 162 35.05 -55.15 17.89
N ILE C 163 35.28 -53.84 17.77
CA ILE C 163 35.80 -53.02 18.86
C ILE C 163 34.87 -51.85 19.12
N ALA C 164 34.99 -51.28 20.31
CA ALA C 164 34.02 -50.29 20.75
C ALA C 164 34.13 -48.96 20.03
N LYS C 165 35.28 -48.67 19.42
CA LYS C 165 35.40 -47.50 18.54
C LYS C 165 34.34 -47.45 17.45
N GLU C 166 33.97 -48.60 16.92
CA GLU C 166 32.96 -48.64 15.87
C GLU C 166 31.54 -48.50 16.39
N HIS C 167 31.19 -49.20 17.47
CA HIS C 167 29.86 -49.11 18.05
C HIS C 167 29.93 -49.61 19.48
N ALA C 168 29.26 -48.91 20.39
CA ALA C 168 29.37 -49.19 21.82
C ALA C 168 28.92 -50.59 22.23
N LYS C 169 28.22 -51.34 21.37
CA LYS C 169 27.80 -52.67 21.73
C LYS C 169 28.97 -53.64 21.89
N TRP C 170 30.11 -53.34 21.28
CA TRP C 170 31.33 -54.14 21.40
C TRP C 170 32.17 -53.78 22.62
N SER C 171 31.69 -52.97 23.53
CA SER C 171 32.53 -52.66 24.69
C SER C 171 32.44 -53.74 25.75
N PRO C 172 33.58 -54.22 26.27
CA PRO C 172 33.53 -55.21 27.35
C PRO C 172 33.31 -54.64 28.73
N CYS C 173 33.51 -53.34 28.94
CA CYS C 173 33.34 -52.77 30.26
C CYS C 173 31.94 -52.17 30.40
N SER C 174 31.58 -51.85 31.63
CA SER C 174 30.55 -50.84 31.79
C SER C 174 31.18 -49.56 32.30
N ALA C 175 30.97 -49.22 33.57
CA ALA C 175 31.69 -48.12 34.15
C ALA C 175 33.11 -48.53 34.47
N ILE C 176 34.01 -47.56 34.57
CA ILE C 176 35.31 -47.78 35.19
C ILE C 176 35.47 -46.70 36.25
N ALA C 177 35.27 -47.07 37.51
CA ALA C 177 35.58 -46.18 38.60
C ALA C 177 37.07 -45.93 38.66
N PHE C 178 37.45 -44.71 39.05
CA PHE C 178 38.83 -44.29 38.91
C PHE C 178 39.02 -43.06 39.76
N GLU C 179 40.01 -43.08 40.65
CA GLU C 179 40.31 -41.90 41.47
C GLU C 179 41.69 -42.08 42.04
N TYR C 180 42.20 -40.99 42.60
CA TYR C 180 43.51 -40.94 43.22
C TYR C 180 43.56 -39.73 44.15
N ASP C 181 44.57 -39.73 45.02
CA ASP C 181 44.82 -38.65 45.98
C ASP C 181 43.58 -38.21 46.76
N PRO C 182 42.98 -39.09 47.55
CA PRO C 182 41.71 -38.75 48.23
C PRO C 182 41.75 -37.55 49.17
N HIS C 183 42.92 -37.12 49.64
CA HIS C 183 42.99 -35.96 50.51
C HIS C 183 43.48 -34.70 49.82
N ASN C 184 43.67 -34.74 48.50
CA ASN C 184 44.01 -33.56 47.69
C ASN C 184 45.35 -32.93 48.11
N LYS C 185 46.32 -33.77 48.47
CA LYS C 185 47.65 -33.25 48.79
C LYS C 185 48.32 -32.60 47.59
N LEU C 186 48.06 -33.10 46.38
CA LEU C 186 48.68 -32.51 45.20
C LEU C 186 48.10 -31.16 44.82
N LYS C 187 46.96 -30.78 45.39
CA LYS C 187 46.26 -29.52 45.10
C LYS C 187 45.85 -29.40 43.63
N HIS C 188 45.42 -30.51 43.03
CA HIS C 188 44.98 -30.47 41.64
C HIS C 188 43.57 -29.93 41.53
N THR C 189 42.83 -29.90 42.61
CA THR C 189 41.54 -29.23 42.63
C THR C 189 41.50 -28.18 43.74
N ASP C 190 40.68 -27.17 43.49
CA ASP C 190 40.49 -26.03 44.38
C ASP C 190 39.02 -26.08 44.77
N PHE C 191 38.76 -26.41 46.02
CA PHE C 191 37.41 -26.80 46.41
C PHE C 191 36.47 -25.63 46.53
N TRP C 192 35.27 -25.84 46.03
CA TRP C 192 34.20 -24.87 46.21
C TRP C 192 33.61 -25.06 47.58
N PHE C 193 33.36 -23.95 48.27
CA PHE C 193 32.75 -24.05 49.58
C PHE C 193 31.91 -22.82 49.86
N GLU C 194 30.96 -22.99 50.76
CA GLU C 194 30.23 -21.85 51.33
C GLU C 194 30.91 -21.36 52.60
N VAL C 195 31.11 -22.25 53.56
CA VAL C 195 31.69 -21.85 54.85
C VAL C 195 33.04 -22.50 55.11
N ASP C 196 33.10 -23.83 55.12
CA ASP C 196 34.32 -24.55 55.43
C ASP C 196 34.41 -25.73 54.47
N ALA C 197 35.49 -25.78 53.70
CA ALA C 197 35.63 -26.76 52.62
C ALA C 197 35.65 -28.19 53.13
N LYS C 198 36.32 -28.44 54.26
CA LYS C 198 36.44 -29.82 54.75
C LYS C 198 35.10 -30.41 55.19
N LYS C 199 34.27 -29.63 55.91
CA LYS C 199 32.99 -30.17 56.35
C LYS C 199 32.00 -30.35 55.21
N GLU C 200 32.10 -29.56 54.15
CA GLU C 200 31.06 -29.60 53.13
C GLU C 200 31.35 -30.61 52.03
N TRP C 201 32.55 -31.17 51.97
CA TRP C 201 32.80 -32.12 50.92
C TRP C 201 32.89 -33.51 51.52
N PRO C 202 32.20 -34.49 50.96
CA PRO C 202 32.25 -35.84 51.51
C PRO C 202 33.61 -36.47 51.33
N ASP C 203 33.84 -37.51 52.11
CA ASP C 203 35.08 -38.25 52.02
C ASP C 203 35.01 -39.27 50.89
N SER C 204 36.13 -39.42 50.18
CA SER C 204 36.32 -40.54 49.28
C SER C 204 36.09 -41.86 50.00
N LYS C 205 35.66 -42.88 49.24
CA LYS C 205 35.60 -44.22 49.83
C LYS C 205 36.97 -44.87 50.06
N TYR C 206 38.07 -44.19 49.70
CA TYR C 206 39.43 -44.64 49.99
C TYR C 206 40.16 -43.66 50.89
N ALA C 207 39.42 -42.89 51.68
CA ALA C 207 40.04 -41.93 52.59
C ALA C 207 40.90 -42.60 53.64
N THR C 208 40.52 -43.78 54.11
CA THR C 208 41.28 -44.50 55.12
C THR C 208 42.45 -45.29 54.56
N TRP C 209 42.68 -45.25 53.26
CA TRP C 209 43.83 -45.94 52.68
C TRP C 209 45.06 -45.07 52.55
N GLU C 210 44.99 -43.81 52.97
CA GLU C 210 46.12 -42.88 52.89
C GLU C 210 46.03 -41.92 54.07
N GLU C 211 47.17 -41.35 54.42
CA GLU C 211 47.09 -40.58 55.65
C GLU C 211 46.87 -39.11 55.36
N PRO C 212 45.97 -38.50 56.15
CA PRO C 212 45.65 -37.06 56.03
C PRO C 212 46.88 -36.17 56.08
N PRO C 213 46.81 -34.97 55.51
CA PRO C 213 47.95 -34.04 55.59
C PRO C 213 48.04 -33.47 56.99
N LYS C 214 49.27 -33.41 57.52
CA LYS C 214 49.47 -32.89 58.86
C LYS C 214 49.18 -31.39 58.91
N PRO C 215 48.67 -30.89 60.04
CA PRO C 215 48.32 -29.46 60.15
C PRO C 215 49.46 -28.49 59.94
N GLY C 216 50.71 -28.89 60.19
CA GLY C 216 51.81 -27.99 59.95
C GLY C 216 52.40 -28.03 58.56
N GLU C 217 52.57 -29.27 58.04
CA GLU C 217 53.13 -29.71 56.76
C GLU C 217 53.16 -28.67 55.64
N VAL C 218 54.34 -28.44 55.09
CA VAL C 218 54.49 -27.58 53.91
C VAL C 218 54.20 -28.33 52.63
N PHE C 219 53.88 -27.56 51.59
CA PHE C 219 53.49 -28.10 50.30
C PHE C 219 54.70 -28.67 49.57
N ASP C 220 54.67 -29.96 49.29
CA ASP C 220 55.69 -30.68 48.51
C ASP C 220 55.43 -30.42 47.03
N TYR C 221 56.10 -29.40 46.49
CA TYR C 221 55.92 -29.06 45.08
C TYR C 221 56.57 -30.06 44.13
N LYS C 222 57.26 -31.08 44.63
CA LYS C 222 57.87 -32.13 43.83
C LYS C 222 57.05 -33.41 43.82
N ALA C 223 56.05 -33.53 44.70
CA ALA C 223 55.24 -34.73 44.74
C ALA C 223 54.46 -34.87 43.45
N LYS C 224 54.34 -36.10 43.00
CA LYS C 224 53.58 -36.47 41.82
C LYS C 224 52.48 -37.46 42.18
N PRO C 225 51.43 -37.59 41.34
CA PRO C 225 50.44 -38.65 41.57
C PRO C 225 51.12 -40.00 41.50
N ASN C 226 50.74 -40.90 42.39
CA ASN C 226 51.50 -42.13 42.41
C ASN C 226 50.67 -43.38 42.72
N ARG C 227 49.48 -43.23 43.26
CA ARG C 227 48.62 -44.38 43.55
C ARG C 227 47.25 -44.20 42.93
N PHE C 228 46.88 -45.09 42.01
CA PHE C 228 45.63 -44.95 41.27
C PHE C 228 44.72 -46.14 41.56
N TYR C 229 43.64 -45.90 42.28
CA TYR C 229 42.67 -46.93 42.59
C TYR C 229 41.59 -46.98 41.52
N MET C 230 41.34 -48.16 40.96
CA MET C 230 40.32 -48.28 39.92
C MET C 230 39.58 -49.60 40.08
N THR C 231 38.34 -49.62 39.64
CA THR C 231 37.52 -50.82 39.63
C THR C 231 36.96 -51.04 38.24
N VAL C 232 37.25 -52.19 37.66
CA VAL C 232 36.83 -52.52 36.31
C VAL C 232 35.63 -53.45 36.40
N GLU C 233 34.45 -52.95 36.09
CA GLU C 233 33.28 -53.82 35.98
C GLU C 233 33.10 -54.25 34.53
N THR C 234 32.60 -55.48 34.36
CA THR C 234 32.37 -56.01 33.03
C THR C 234 30.93 -56.48 32.94
N THR C 235 30.52 -56.76 31.72
CA THR C 235 29.16 -57.18 31.44
C THR C 235 29.01 -58.70 31.42
N GLY C 236 30.10 -59.43 31.59
CA GLY C 236 30.06 -60.87 31.53
C GLY C 236 30.48 -61.42 30.21
N SER C 237 30.57 -60.57 29.18
CA SER C 237 31.13 -60.96 27.90
C SER C 237 32.59 -61.39 28.00
N LEU C 238 33.32 -60.87 28.98
CA LEU C 238 34.67 -61.29 29.30
C LEU C 238 34.81 -61.29 30.80
N LYS C 239 35.66 -62.15 31.32
CA LYS C 239 35.89 -62.11 32.76
C LYS C 239 36.80 -60.94 33.07
N ALA C 240 36.68 -60.44 34.30
CA ALA C 240 37.35 -59.22 34.73
C ALA C 240 38.87 -59.32 34.62
N ASN C 241 39.44 -60.46 34.98
CA ASN C 241 40.87 -60.66 34.85
C ASN C 241 41.35 -60.66 33.41
N GLN C 242 40.54 -61.17 32.48
CA GLN C 242 40.88 -61.14 31.06
C GLN C 242 40.93 -59.73 30.51
N VAL C 243 39.97 -58.89 30.90
CA VAL C 243 39.90 -57.51 30.43
C VAL C 243 41.14 -56.72 30.81
N PHE C 244 41.58 -56.85 32.07
CA PHE C 244 42.77 -56.13 32.49
C PHE C 244 44.00 -56.65 31.74
N SER C 245 44.10 -57.97 31.57
CA SER C 245 45.22 -58.56 30.85
C SER C 245 45.22 -58.17 29.38
N ARG C 246 44.07 -58.33 28.70
CA ARG C 246 44.02 -57.99 27.28
C ARG C 246 44.09 -56.50 27.02
N GLY C 247 43.67 -55.66 27.97
CA GLY C 247 43.91 -54.23 27.82
C GLY C 247 45.38 -53.90 27.69
N ILE C 248 46.19 -54.47 28.59
CA ILE C 248 47.64 -54.32 28.53
C ILE C 248 48.21 -54.89 27.24
N LYS C 249 47.75 -56.09 26.85
CA LYS C 249 48.24 -56.75 25.63
C LYS C 249 47.94 -55.91 24.40
N THR C 250 46.70 -55.42 24.27
CA THR C 250 46.30 -54.64 23.11
C THR C 250 47.12 -53.36 22.99
N LEU C 251 47.32 -52.68 24.12
CA LEU C 251 48.12 -51.47 24.16
C LEU C 251 49.57 -51.74 23.77
N GLN C 252 50.06 -52.95 24.00
CA GLN C 252 51.43 -53.28 23.61
C GLN C 252 51.58 -53.34 22.10
N GLU C 253 50.69 -54.07 21.42
CA GLU C 253 50.77 -54.20 19.96
C GLU C 253 50.66 -52.85 19.25
N LYS C 254 49.83 -51.94 19.78
CA LYS C 254 49.71 -50.60 19.21
C LYS C 254 51.04 -49.85 19.28
N LEU C 255 51.72 -49.91 20.43
CA LEU C 255 53.04 -49.29 20.53
C LEU C 255 54.06 -50.04 19.69
N ALA C 256 53.93 -51.36 19.63
CA ALA C 256 54.81 -52.18 18.81
C ALA C 256 54.68 -51.79 17.34
N ASN C 257 53.44 -51.56 16.89
CA ASN C 257 53.18 -51.19 15.50
C ASN C 257 53.83 -49.85 15.17
N VAL C 258 53.80 -48.90 16.10
CA VAL C 258 54.49 -47.62 15.90
C VAL C 258 55.99 -47.85 15.78
N LEU C 259 56.54 -48.71 16.65
CA LEU C 259 57.98 -48.99 16.65
C LEU C 259 58.42 -49.64 15.35
N PHE C 260 57.60 -50.56 14.84
CA PHE C 260 57.84 -51.19 13.54
C PHE C 260 57.96 -50.16 12.42
N GLU C 261 57.02 -49.20 12.36
CA GLU C 261 56.99 -48.23 11.27
C GLU C 261 58.20 -47.32 11.22
N LEU C 262 58.78 -46.98 12.37
CA LEU C 262 59.98 -46.14 12.34
C LEU C 262 61.18 -46.88 11.77
N GLU C 263 61.37 -48.14 12.15
CA GLU C 263 62.51 -48.88 11.63
C GLU C 263 62.32 -49.39 10.22
N ASN C 264 61.15 -49.22 9.64
CA ASN C 264 60.93 -49.54 8.23
C ASN C 264 60.91 -48.33 7.31
N SER C 265 60.57 -47.14 7.81
CA SER C 265 60.58 -45.95 6.95
C SER C 265 61.95 -45.47 6.48
N ARG C 266 63.06 -45.88 7.12
CA ARG C 266 64.36 -45.41 6.61
C ARG C 266 64.70 -46.06 5.25
N VAL D 3 25.30 -3.87 -38.69
CA VAL D 3 26.67 -4.35 -38.64
C VAL D 3 27.57 -3.11 -38.59
N SER D 4 27.91 -2.59 -39.76
CA SER D 4 28.72 -1.38 -39.88
C SER D 4 27.84 -0.14 -39.87
N THR D 5 28.24 0.87 -39.10
CA THR D 5 27.45 2.08 -38.89
C THR D 5 28.32 3.30 -39.17
N SER D 6 27.70 4.47 -39.08
CA SER D 6 28.36 5.72 -39.45
C SER D 6 28.31 6.77 -38.35
N THR D 7 28.72 7.99 -38.71
CA THR D 7 28.69 9.11 -37.77
C THR D 7 27.25 9.54 -37.50
N VAL D 8 26.41 9.48 -38.53
CA VAL D 8 25.01 9.92 -38.47
C VAL D 8 24.24 8.96 -37.60
N GLY D 9 23.60 9.44 -36.55
CA GLY D 9 22.87 8.55 -35.67
C GLY D 9 21.43 8.85 -35.31
N ALA D 10 20.92 8.06 -34.37
CA ALA D 10 19.56 8.16 -33.83
C ALA D 10 18.40 8.02 -34.82
N ARG D 11 18.11 9.09 -35.56
CA ARG D 11 16.97 9.12 -36.50
C ARG D 11 15.69 8.68 -35.76
N ARG D 12 15.51 9.21 -34.56
CA ARG D 12 14.28 8.95 -33.83
C ARG D 12 13.06 9.52 -34.55
N ARG D 13 11.89 8.98 -34.21
CA ARG D 13 10.63 9.26 -34.90
C ARG D 13 10.19 10.72 -34.75
N ARG D 14 9.73 11.33 -35.83
CA ARG D 14 9.12 12.66 -35.81
C ARG D 14 7.65 12.61 -36.24
N ALA D 15 6.91 13.64 -35.81
CA ALA D 15 5.46 13.70 -36.01
C ALA D 15 5.10 13.81 -37.48
N LYS D 16 5.86 14.58 -38.24
CA LYS D 16 5.55 14.78 -39.65
C LYS D 16 6.48 13.86 -40.42
N GLN D 17 5.92 13.12 -41.36
CA GLN D 17 6.76 12.21 -42.12
C GLN D 17 7.49 13.01 -43.18
N GLN D 18 8.32 12.33 -43.95
CA GLN D 18 9.05 13.00 -45.00
C GLN D 18 9.17 12.10 -46.20
N VAL D 19 8.98 12.71 -47.38
CA VAL D 19 9.12 12.02 -48.64
C VAL D 19 10.19 12.69 -49.47
N ASP D 20 10.85 13.71 -48.93
CA ASP D 20 12.20 14.05 -49.36
C ASP D 20 13.22 13.08 -48.78
N ASP D 21 13.08 11.75 -48.95
CA ASP D 21 14.17 10.88 -48.51
C ASP D 21 14.53 9.95 -49.65
N GLU D 22 13.50 9.61 -50.46
CA GLU D 22 13.62 8.66 -51.56
C GLU D 22 14.70 9.16 -52.50
N GLU D 23 15.71 8.33 -52.76
CA GLU D 23 16.82 8.79 -53.58
C GLU D 23 16.42 9.06 -55.02
N ASN D 24 16.59 10.32 -55.39
CA ASN D 24 16.29 10.85 -56.71
C ASN D 24 17.44 11.82 -57.02
N ALA D 25 18.33 11.47 -57.94
CA ALA D 25 19.42 12.39 -58.27
C ALA D 25 18.92 13.67 -58.91
N THR D 26 17.79 13.60 -59.62
CA THR D 26 17.17 14.79 -60.22
C THR D 26 16.72 15.79 -59.17
N LEU D 27 16.12 15.32 -58.07
CA LEU D 27 15.64 16.19 -57.00
C LEU D 27 16.63 16.42 -55.85
N LEU D 28 17.91 16.04 -56.02
CA LEU D 28 18.97 16.22 -55.02
C LEU D 28 18.62 15.58 -53.68
N ARG D 29 17.97 14.43 -53.72
CA ARG D 29 17.66 13.65 -52.52
C ARG D 29 18.61 12.46 -52.41
N LEU D 30 19.59 12.56 -51.52
CA LEU D 30 20.61 11.53 -51.41
C LEU D 30 20.44 10.69 -50.15
N GLY D 31 19.35 10.89 -49.42
CA GLY D 31 19.03 10.13 -48.24
C GLY D 31 19.70 10.70 -47.01
N PRO D 32 19.48 10.05 -45.86
CA PRO D 32 19.99 10.62 -44.60
C PRO D 32 21.50 10.45 -44.42
N GLU D 33 22.11 9.49 -45.11
CA GLU D 33 23.53 9.20 -44.94
C GLU D 33 24.40 10.13 -45.78
N PHE D 34 23.87 10.64 -46.88
CA PHE D 34 24.61 11.43 -47.86
C PHE D 34 24.02 12.83 -47.88
N ALA D 35 23.80 13.40 -46.69
CA ALA D 35 23.38 14.79 -46.57
C ALA D 35 24.45 15.72 -47.13
N LEU D 36 24.05 16.97 -47.42
CA LEU D 36 25.02 17.93 -47.93
C LEU D 36 26.15 18.19 -46.94
N LYS D 37 25.83 18.41 -45.68
CA LYS D 37 26.86 18.65 -44.68
C LYS D 37 27.02 17.38 -43.85
N GLN D 38 28.15 16.71 -43.99
CA GLN D 38 28.49 15.57 -43.15
C GLN D 38 29.46 15.95 -42.04
N TYR D 39 29.69 14.99 -41.16
CA TYR D 39 30.67 15.13 -40.09
C TYR D 39 31.56 13.91 -40.09
N ASP D 40 32.85 14.15 -39.95
CA ASP D 40 33.86 13.11 -39.90
C ASP D 40 33.92 12.49 -38.51
N HIS D 41 34.87 11.58 -38.30
CA HIS D 41 35.00 10.90 -37.01
C HIS D 41 35.53 11.80 -35.86
N ASP D 42 35.70 13.11 -36.01
CA ASP D 42 36.08 13.99 -34.92
C ASP D 42 34.99 15.01 -34.62
N GLY D 43 33.88 15.00 -35.37
CA GLY D 43 32.82 15.96 -35.18
C GLY D 43 32.94 17.20 -36.05
N ASN D 44 33.99 17.32 -36.84
CA ASN D 44 34.20 18.48 -37.69
C ASN D 44 33.28 18.46 -38.89
N GLU D 45 32.84 19.65 -39.30
CA GLU D 45 31.94 19.78 -40.44
C GLU D 45 32.70 19.56 -41.74
N HIS D 46 31.99 19.06 -42.74
CA HIS D 46 32.63 18.62 -43.98
C HIS D 46 31.60 18.53 -45.09
N ASP D 47 31.96 19.04 -46.26
CA ASP D 47 31.12 18.92 -47.45
C ASP D 47 31.09 17.48 -47.95
N LEU D 48 29.96 17.09 -48.56
CA LEU D 48 29.81 15.74 -49.09
C LEU D 48 30.86 15.50 -50.17
N ILE D 49 31.47 14.32 -50.16
CA ILE D 49 32.55 14.00 -51.10
C ILE D 49 32.00 13.11 -52.20
N ALA D 50 31.57 13.73 -53.29
CA ALA D 50 31.18 13.01 -54.50
C ALA D 50 32.37 13.03 -55.46
N LEU D 51 32.63 11.90 -56.10
CA LEU D 51 33.86 11.74 -56.88
C LEU D 51 33.54 11.42 -58.33
N SER D 52 34.14 12.19 -59.24
CA SER D 52 34.08 11.88 -60.66
C SER D 52 34.87 10.61 -60.97
N LEU D 53 34.65 10.10 -62.18
CA LEU D 53 35.36 8.92 -62.65
C LEU D 53 36.87 9.12 -62.72
N SER D 54 37.33 10.36 -62.94
CA SER D 54 38.76 10.60 -63.12
C SER D 54 39.51 10.64 -61.80
N GLU D 55 38.99 11.39 -60.82
CA GLU D 55 39.50 11.33 -59.44
C GLU D 55 39.56 9.92 -58.89
N SER D 56 38.41 9.23 -58.92
CA SER D 56 38.28 7.87 -58.39
C SER D 56 39.28 6.87 -58.96
N ARG D 57 39.62 6.99 -60.25
CA ARG D 57 40.58 6.05 -60.82
C ARG D 57 41.97 6.24 -60.21
N LEU D 58 42.38 7.48 -59.97
CA LEU D 58 43.69 7.75 -59.38
C LEU D 58 43.80 7.27 -57.93
N LEU D 59 42.83 7.67 -57.08
CA LEU D 59 42.83 7.29 -55.66
C LEU D 59 42.84 5.78 -55.44
N ILE D 60 41.93 5.06 -56.11
CA ILE D 60 41.78 3.62 -55.89
C ILE D 60 43.04 2.89 -56.33
N ARG D 61 43.57 3.26 -57.50
CA ARG D 61 44.78 2.63 -58.02
C ARG D 61 45.98 2.94 -57.14
N GLU D 62 46.08 4.18 -56.65
CA GLU D 62 47.18 4.56 -55.76
C GLU D 62 47.11 3.80 -54.45
N ALA D 63 45.91 3.75 -53.86
CA ALA D 63 45.72 3.06 -52.58
C ALA D 63 46.09 1.59 -52.69
N LEU D 64 45.78 0.96 -53.84
CA LEU D 64 46.04 -0.47 -53.98
C LEU D 64 47.53 -0.73 -54.15
N LYS D 65 48.24 0.10 -54.92
CA LYS D 65 49.67 -0.14 -55.11
C LYS D 65 50.50 0.32 -53.92
N ALA D 66 50.08 1.35 -53.18
CA ALA D 66 50.78 1.70 -51.95
C ALA D 66 50.63 0.61 -50.89
N ARG D 67 49.42 0.03 -50.80
CA ARG D 67 49.20 -1.10 -49.90
C ARG D 67 49.94 -2.34 -50.37
N SER D 68 49.99 -2.57 -51.68
CA SER D 68 50.72 -3.72 -52.24
C SER D 68 52.20 -3.59 -51.96
N ARG D 69 52.72 -2.36 -52.03
CA ARG D 69 54.12 -2.12 -51.76
C ARG D 69 54.39 -2.35 -50.28
N ALA D 70 53.44 -1.92 -49.43
CA ALA D 70 53.54 -2.12 -47.99
C ALA D 70 53.51 -3.60 -47.63
N ARG D 71 52.71 -4.40 -48.35
CA ARG D 71 52.68 -5.85 -48.12
C ARG D 71 53.98 -6.52 -48.52
N ASN D 72 54.73 -5.88 -49.42
CA ASN D 72 56.03 -6.34 -49.88
C ASN D 72 57.17 -5.66 -49.13
N GLY D 73 56.90 -5.04 -48.00
CA GLY D 73 57.97 -4.40 -47.24
C GLY D 73 58.57 -3.16 -47.88
N GLY D 74 57.97 -2.66 -48.96
CA GLY D 74 58.45 -1.48 -49.65
C GLY D 74 59.19 -1.80 -50.94
N VAL D 75 58.63 -2.70 -51.73
CA VAL D 75 59.06 -2.89 -53.12
C VAL D 75 58.16 -2.13 -54.09
N ILE D 84 50.07 0.08 -62.98
CA ILE D 84 50.10 0.14 -64.44
C ILE D 84 48.93 -0.68 -64.98
N ASP D 85 49.03 -2.01 -65.02
CA ASP D 85 47.99 -2.83 -65.63
C ASP D 85 46.91 -3.13 -64.59
N ASP D 86 45.66 -3.16 -65.06
CA ASP D 86 44.52 -3.33 -64.17
C ASP D 86 44.36 -4.75 -63.66
N ASP D 87 44.65 -5.74 -64.52
CA ASP D 87 44.56 -7.15 -64.15
C ASP D 87 45.57 -7.55 -63.09
N GLU D 88 46.72 -6.87 -63.03
CA GLU D 88 47.71 -7.13 -62.00
C GLU D 88 47.36 -6.46 -60.67
N LEU D 89 46.80 -5.26 -60.73
CA LEU D 89 46.46 -4.51 -59.53
C LEU D 89 45.33 -5.15 -58.71
N ALA D 90 44.41 -5.87 -59.34
CA ALA D 90 43.30 -6.51 -58.65
C ALA D 90 43.64 -7.78 -57.86
N LYS D 91 44.81 -8.38 -58.08
CA LYS D 91 45.22 -9.56 -57.31
C LYS D 91 45.68 -9.24 -55.89
N VAL D 92 45.82 -7.97 -55.54
CA VAL D 92 46.16 -7.55 -54.18
C VAL D 92 45.09 -7.94 -53.15
N THR D 93 43.81 -8.01 -53.56
CA THR D 93 42.74 -8.34 -52.62
C THR D 93 42.83 -9.79 -52.14
N SER D 94 42.05 -10.07 -51.09
CA SER D 94 42.06 -11.35 -50.39
C SER D 94 40.71 -12.01 -50.56
N GLY D 95 40.67 -13.15 -51.26
CA GLY D 95 39.42 -13.85 -51.44
C GLY D 95 38.82 -13.64 -52.81
N ALA D 96 38.21 -14.69 -53.38
CA ALA D 96 37.66 -14.60 -54.74
C ALA D 96 36.48 -13.63 -54.84
N VAL D 97 35.72 -13.46 -53.75
CA VAL D 97 34.64 -12.48 -53.73
C VAL D 97 35.20 -11.07 -53.88
N ALA D 98 36.27 -10.79 -53.14
CA ALA D 98 36.94 -9.48 -53.20
C ALA D 98 37.65 -9.29 -54.53
N ASN D 99 38.27 -10.36 -55.05
CA ASN D 99 38.91 -10.33 -56.37
C ASN D 99 37.94 -9.91 -57.46
N GLY D 100 36.69 -10.37 -57.39
CA GLY D 100 35.73 -10.05 -58.41
C GLY D 100 35.30 -8.59 -58.51
N VAL D 101 34.81 -8.04 -57.40
CA VAL D 101 34.28 -6.66 -57.37
C VAL D 101 35.36 -5.64 -57.71
N VAL D 102 36.59 -5.87 -57.28
CA VAL D 102 37.66 -4.89 -57.51
C VAL D 102 38.13 -4.91 -58.96
N LYS D 103 38.28 -6.10 -59.54
CA LYS D 103 38.68 -6.23 -60.94
C LYS D 103 37.64 -5.65 -61.88
N LYS D 104 36.36 -5.93 -61.63
CA LYS D 104 35.28 -5.39 -62.45
C LYS D 104 35.18 -3.88 -62.34
N THR D 105 35.56 -3.30 -61.20
CA THR D 105 35.44 -1.85 -61.07
C THR D 105 36.56 -1.15 -61.83
N LEU D 106 37.78 -1.71 -61.81
CA LEU D 106 38.89 -1.07 -62.53
C LEU D 106 38.67 -1.16 -64.03
N ASP D 107 38.30 -2.36 -64.52
CA ASP D 107 38.04 -2.59 -65.94
C ASP D 107 36.89 -1.73 -66.46
N TYR D 108 35.84 -1.54 -65.65
CA TYR D 108 34.75 -0.64 -66.02
C TYR D 108 35.28 0.78 -66.15
N LEU D 109 36.04 1.23 -65.15
CA LEU D 109 36.69 2.53 -65.21
C LEU D 109 37.73 2.58 -66.32
N ASN D 110 38.35 1.44 -66.64
CA ASN D 110 39.33 1.39 -67.73
C ASN D 110 38.70 1.67 -69.09
N THR D 111 37.40 1.45 -69.24
CA THR D 111 36.74 1.64 -70.52
C THR D 111 35.79 2.84 -70.52
N PHE D 112 35.81 3.67 -69.46
CA PHE D 112 34.96 4.85 -69.49
C PHE D 112 35.58 6.10 -68.88
N ALA D 113 36.79 6.02 -68.32
CA ALA D 113 37.51 7.18 -67.80
C ALA D 113 38.25 7.91 -68.93
N ARG D 114 37.79 9.12 -69.29
CA ARG D 114 38.43 9.85 -70.39
C ARG D 114 39.87 10.23 -70.01
N PHE D 115 40.06 10.84 -68.85
CA PHE D 115 41.36 11.39 -68.44
C PHE D 115 42.07 10.38 -67.55
N LYS D 116 42.82 9.48 -68.19
CA LYS D 116 43.40 8.30 -67.57
C LYS D 116 44.79 8.56 -66.96
N ASP D 117 45.21 9.81 -66.81
CA ASP D 117 46.46 10.12 -66.13
C ASP D 117 46.30 11.35 -65.25
N GLU D 118 47.25 11.50 -64.31
CA GLU D 118 47.16 12.56 -63.31
C GLU D 118 47.49 13.95 -63.85
N GLU D 119 48.30 14.05 -64.92
CA GLU D 119 48.54 15.33 -65.57
C GLU D 119 47.25 15.98 -66.06
N THR D 120 46.54 15.29 -66.96
CA THR D 120 45.23 15.76 -67.44
C THR D 120 44.22 15.88 -66.30
N CYS D 121 44.25 14.95 -65.35
CA CYS D 121 43.26 14.92 -64.26
C CYS D 121 43.37 16.14 -63.36
N THR D 122 44.59 16.52 -62.98
CA THR D 122 44.79 17.73 -62.20
C THR D 122 44.36 18.97 -62.97
N ALA D 123 44.57 18.98 -64.30
CA ALA D 123 44.04 20.05 -65.13
C ALA D 123 42.51 20.10 -65.04
N VAL D 124 41.85 18.95 -65.12
CA VAL D 124 40.40 18.89 -64.92
C VAL D 124 40.03 19.24 -63.49
N ASP D 125 40.89 18.87 -62.51
CA ASP D 125 40.66 19.17 -61.10
C ASP D 125 40.64 20.67 -60.84
N GLN D 126 41.64 21.38 -61.36
CA GLN D 126 41.73 22.83 -61.18
C GLN D 126 40.61 23.55 -61.94
N LEU D 127 40.26 23.05 -63.13
CA LEU D 127 39.18 23.65 -63.93
C LEU D 127 37.85 23.64 -63.20
N LEU D 128 37.54 22.55 -62.49
CA LEU D 128 36.26 22.42 -61.79
C LEU D 128 36.31 22.97 -60.38
N HIS D 129 37.48 23.00 -59.76
CA HIS D 129 37.63 23.54 -58.42
C HIS D 129 38.37 24.87 -58.47
N LEU D 137 26.14 27.08 -55.88
CA LEU D 137 26.81 25.95 -56.51
C LEU D 137 26.81 24.73 -55.59
N HIS D 138 25.95 23.74 -55.88
CA HIS D 138 25.90 22.60 -54.99
C HIS D 138 27.01 21.60 -55.36
N PRO D 139 27.62 20.95 -54.38
CA PRO D 139 28.71 19.99 -54.68
C PRO D 139 28.31 18.77 -55.52
N PHE D 140 27.06 18.30 -55.44
CA PHE D 140 26.60 17.18 -56.25
C PHE D 140 26.55 17.50 -57.75
N GLU D 141 26.03 18.67 -58.13
CA GLU D 141 25.95 19.03 -59.55
C GLU D 141 27.33 19.16 -60.17
N ILE D 142 28.29 19.72 -59.42
CA ILE D 142 29.66 19.94 -59.93
C ILE D 142 30.30 18.60 -60.29
N ALA D 143 30.00 17.55 -59.52
CA ALA D 143 30.50 16.21 -59.76
C ALA D 143 29.79 15.51 -60.91
N GLN D 144 28.51 15.82 -61.13
CA GLN D 144 27.72 15.20 -62.20
C GLN D 144 28.24 15.62 -63.58
N LEU D 145 28.44 16.92 -63.77
CA LEU D 145 28.99 17.50 -65.02
C LEU D 145 30.29 16.85 -65.49
N SER D 146 31.15 16.45 -64.57
CA SER D 146 32.41 15.81 -64.94
C SER D 146 32.21 14.36 -65.38
N SER D 147 31.24 13.66 -64.79
CA SER D 147 31.08 12.24 -65.08
C SER D 147 30.42 12.02 -66.44
N LEU D 148 29.42 12.83 -66.79
CA LEU D 148 28.66 12.64 -68.01
C LEU D 148 29.25 13.56 -69.07
N GLY D 149 29.91 12.95 -70.05
CA GLY D 149 30.39 13.71 -71.20
C GLY D 149 29.25 14.29 -72.04
N CYS D 150 29.45 15.53 -72.48
CA CYS D 150 28.47 16.25 -73.28
C CYS D 150 29.19 17.03 -74.37
N GLU D 151 28.49 17.25 -75.48
CA GLU D 151 29.03 18.06 -76.58
C GLU D 151 28.68 19.54 -76.42
N ASP D 152 27.39 19.86 -76.38
CA ASP D 152 26.88 21.22 -76.41
C ASP D 152 26.05 21.51 -75.17
N VAL D 153 25.67 22.78 -75.01
CA VAL D 153 24.79 23.19 -73.91
C VAL D 153 23.43 22.51 -74.01
N ASP D 154 22.94 22.27 -75.23
CA ASP D 154 21.65 21.62 -75.45
C ASP D 154 21.62 20.20 -74.85
N GLU D 155 22.72 19.47 -74.97
CA GLU D 155 22.81 18.12 -74.45
C GLU D 155 22.95 18.05 -72.93
N ALA D 156 23.47 19.09 -72.28
CA ALA D 156 23.65 18.99 -70.84
C ALA D 156 22.37 19.21 -70.04
N ILE D 157 21.57 20.22 -70.38
CA ILE D 157 20.33 20.50 -69.65
C ILE D 157 19.19 19.54 -69.92
N THR D 158 19.29 18.67 -70.93
CA THR D 158 18.23 17.69 -71.12
C THR D 158 18.41 16.46 -70.22
N LEU D 159 19.56 15.78 -70.36
CA LEU D 159 19.86 14.59 -69.56
C LEU D 159 20.02 14.89 -68.08
N ILE D 160 20.36 16.12 -67.71
CA ILE D 160 20.53 16.57 -66.33
C ILE D 160 19.62 17.79 -66.16
N PRO D 161 18.30 17.59 -66.01
CA PRO D 161 17.35 18.73 -66.02
C PRO D 161 17.42 19.70 -64.85
N SER D 162 18.39 19.57 -63.96
CA SER D 162 18.49 20.47 -62.82
C SER D 162 19.27 21.73 -63.15
N LEU D 163 20.10 21.69 -64.19
CA LEU D 163 20.90 22.82 -64.65
C LEU D 163 20.09 23.89 -65.37
N ALA D 164 18.79 23.68 -65.59
CA ALA D 164 17.89 24.63 -66.24
C ALA D 164 17.91 26.03 -65.66
N ALA D 165 17.27 26.20 -64.50
CA ALA D 165 17.04 27.50 -63.86
C ALA D 165 18.21 27.93 -62.97
N LYS D 166 19.45 27.80 -63.41
CA LYS D 166 20.56 28.34 -62.63
C LYS D 166 21.18 29.60 -63.19
N LYS D 167 21.12 29.83 -64.50
CA LYS D 167 21.38 31.15 -65.13
C LYS D 167 22.86 31.52 -65.03
N GLU D 168 23.71 30.51 -65.08
CA GLU D 168 25.15 30.64 -64.92
C GLU D 168 25.79 29.53 -65.74
N VAL D 169 26.15 29.86 -66.98
CA VAL D 169 26.50 28.83 -67.94
C VAL D 169 28.00 28.65 -67.65
N ASN D 170 28.90 29.16 -68.51
CA ASN D 170 30.30 28.79 -68.79
C ASN D 170 30.43 27.39 -69.40
N LEU D 171 29.38 26.55 -69.26
CA LEU D 171 29.04 25.25 -69.82
C LEU D 171 29.79 24.92 -71.11
N GLN D 172 29.74 25.87 -72.05
CA GLN D 172 30.34 25.67 -73.37
C GLN D 172 31.86 25.55 -73.25
N ARG D 173 32.47 26.46 -72.49
CA ARG D 173 33.90 26.43 -72.24
C ARG D 173 34.28 25.26 -71.33
N ILE D 174 33.38 24.83 -70.46
CA ILE D 174 33.54 23.55 -69.74
C ILE D 174 33.68 22.39 -70.72
N LEU D 175 32.66 22.20 -71.58
CA LEU D 175 32.67 21.13 -72.59
C LEU D 175 33.81 21.25 -73.60
N ASP D 176 34.17 22.47 -74.00
CA ASP D 176 35.29 22.63 -74.93
C ASP D 176 36.61 22.19 -74.31
N GLU D 177 36.87 22.60 -73.06
CA GLU D 177 38.10 22.16 -72.39
C GLU D 177 38.10 20.66 -72.12
N LEU D 178 36.97 20.10 -71.67
CA LEU D 178 36.85 18.64 -71.51
C LEU D 178 37.15 17.90 -72.81
N ASN D 179 36.56 18.35 -73.91
CA ASN D 179 36.78 17.70 -75.20
C ASN D 179 38.18 17.96 -75.78
N ARG D 180 38.76 19.13 -75.52
CA ARG D 180 40.12 19.39 -76.00
C ARG D 180 41.16 18.60 -75.22
N LEU D 181 41.04 18.55 -73.88
CA LEU D 181 41.92 17.71 -73.08
C LEU D 181 41.76 16.22 -73.42
N GLU D 182 40.57 15.83 -73.89
CA GLU D 182 40.24 14.46 -74.30
C GLU D 182 41.12 13.95 -75.43
N ASP D 183 41.93 12.93 -75.14
CA ASP D 183 42.82 12.36 -76.13
C ASP D 183 42.02 11.65 -77.22
N PRO D 184 42.57 11.49 -78.42
CA PRO D 184 41.88 10.68 -79.44
C PRO D 184 41.84 9.21 -79.06
N TYR D 185 41.04 8.46 -79.81
CA TYR D 185 40.88 7.03 -79.56
C TYR D 185 40.79 6.31 -80.89
N GLU E 2 3.86 52.71 30.40
CA GLU E 2 3.19 51.44 30.62
C GLU E 2 3.09 50.60 29.31
N ASP E 3 1.87 50.27 28.86
CA ASP E 3 1.68 49.61 27.57
C ASP E 3 2.19 50.44 26.39
N ASN E 4 2.25 51.77 26.54
CA ASN E 4 2.81 52.58 25.45
C ASN E 4 4.31 52.32 25.31
N ASN E 5 4.99 51.93 26.39
CA ASN E 5 6.41 51.68 26.32
C ASN E 5 6.73 50.42 25.52
N ARG E 6 5.87 49.40 25.60
CA ARG E 6 6.12 48.19 24.82
C ARG E 6 5.91 48.41 23.32
N ILE E 7 4.99 49.29 22.93
CA ILE E 7 4.86 49.64 21.52
C ILE E 7 6.12 50.31 20.99
N ILE E 8 6.60 51.32 21.70
CA ILE E 8 7.83 52.01 21.32
C ILE E 8 9.03 51.07 21.32
N SER E 9 9.14 50.21 22.33
CA SER E 9 10.29 49.32 22.45
C SER E 9 10.39 48.35 21.29
N ARG E 10 9.29 47.66 20.98
CA ARG E 10 9.28 46.71 19.88
C ARG E 10 9.57 47.40 18.55
N LEU E 11 8.96 48.56 18.34
CA LEU E 11 9.22 49.35 17.15
C LEU E 11 10.68 49.80 17.07
N TRP E 12 11.26 50.21 18.20
CA TRP E 12 12.68 50.58 18.20
C TRP E 12 13.58 49.40 17.89
N ARG E 13 13.20 48.21 18.33
CA ARG E 13 14.02 47.03 18.09
C ARG E 13 13.92 46.63 16.63
N SER E 14 12.71 46.70 16.08
CA SER E 14 12.48 46.51 14.64
C SER E 14 13.34 47.46 13.82
N PHE E 15 13.53 48.70 14.29
CA PHE E 15 14.31 49.65 13.54
C PHE E 15 15.79 49.26 13.47
N ARG E 16 16.35 48.81 14.60
CA ARG E 16 17.74 48.36 14.62
C ARG E 16 17.94 47.16 13.68
N THR E 17 16.93 46.27 13.61
CA THR E 17 17.00 45.12 12.73
C THR E 17 17.04 45.53 11.27
N VAL E 18 16.22 46.51 10.89
CA VAL E 18 16.18 47.02 9.52
C VAL E 18 17.53 47.60 9.12
N LYS E 19 18.17 48.33 10.05
CA LYS E 19 19.48 48.90 9.77
C LYS E 19 20.52 47.81 9.57
N GLU E 20 20.52 46.81 10.45
CA GLU E 20 21.36 45.62 10.27
C GLU E 20 21.12 44.96 8.91
N MET E 21 19.85 44.84 8.52
CA MET E 21 19.50 44.28 7.21
C MET E 21 20.13 45.10 6.09
N ALA E 22 19.98 46.41 6.17
CA ALA E 22 20.55 47.31 5.15
C ALA E 22 22.08 47.19 5.10
N ALA E 23 22.72 47.14 6.28
CA ALA E 23 24.16 46.99 6.35
C ALA E 23 24.64 45.70 5.68
N ASP E 24 23.99 44.58 5.98
CA ASP E 24 24.39 43.31 5.39
C ASP E 24 24.17 43.27 3.89
N ARG E 25 23.18 43.99 3.38
CA ARG E 25 23.02 43.97 1.92
C ARG E 25 24.07 44.84 1.21
N GLY E 26 24.93 45.55 1.93
CA GLY E 26 25.95 46.34 1.28
C GLY E 26 25.68 47.82 1.27
N TYR E 27 24.60 48.27 1.86
CA TYR E 27 24.36 49.69 1.83
C TYR E 27 25.11 50.37 2.96
N PHE E 28 25.40 51.64 2.77
CA PHE E 28 26.13 52.42 3.75
C PHE E 28 25.16 53.03 4.74
N ILE E 29 25.40 52.75 6.02
CA ILE E 29 24.67 53.33 7.14
C ILE E 29 25.69 53.92 8.09
N SER E 30 25.48 55.17 8.48
CA SER E 30 26.43 55.90 9.31
C SER E 30 26.57 55.24 10.67
N GLN E 31 27.79 55.24 11.21
CA GLN E 31 28.08 54.63 12.50
C GLN E 31 27.43 55.34 13.69
N GLU E 32 26.75 56.46 13.46
CA GLU E 32 25.97 57.15 14.48
C GLU E 32 24.51 56.70 14.47
N GLU E 33 23.97 56.41 13.29
CA GLU E 33 22.60 55.93 13.18
C GLU E 33 22.45 54.46 13.57
N MET E 34 23.49 53.64 13.39
CA MET E 34 23.38 52.25 13.79
C MET E 34 23.32 52.09 15.32
N ASP E 35 24.11 52.87 16.04
CA ASP E 35 24.20 52.75 17.48
C ASP E 35 23.23 53.65 18.24
N GLN E 36 22.25 54.26 17.57
CA GLN E 36 21.29 55.19 18.19
C GLN E 36 20.54 54.51 19.34
N SER E 37 20.69 55.06 20.54
CA SER E 37 20.04 54.50 21.71
C SER E 37 18.52 54.62 21.65
N LEU E 38 17.88 53.91 22.57
CA LEU E 38 16.43 53.96 22.72
C LEU E 38 15.92 55.30 23.23
N GLU E 39 16.68 55.96 24.13
CA GLU E 39 16.23 57.24 24.70
C GLU E 39 16.16 58.34 23.66
N GLU E 40 17.21 58.49 22.85
CA GLU E 40 17.22 59.45 21.75
C GLU E 40 16.10 59.17 20.77
N PHE E 41 15.83 57.89 20.54
CA PHE E 41 14.77 57.46 19.64
C PHE E 41 13.38 57.92 20.11
N ARG E 42 13.10 57.83 21.42
CA ARG E 42 11.78 58.22 21.92
C ARG E 42 11.55 59.72 21.75
N SER E 43 12.57 60.53 22.05
CA SER E 43 12.51 61.97 21.89
C SER E 43 12.17 62.37 20.44
N LYS E 44 12.80 61.72 19.47
CA LYS E 44 12.66 62.17 18.09
C LYS E 44 11.37 61.69 17.42
N ILE E 45 10.83 60.56 17.85
CA ILE E 45 9.78 59.90 17.09
C ILE E 45 8.40 60.07 17.71
N CYS E 46 8.29 60.15 19.03
CA CYS E 46 6.98 60.20 19.63
C CYS E 46 6.47 61.63 19.69
N ASP E 47 5.14 61.76 19.78
CA ASP E 47 4.50 63.04 19.98
C ASP E 47 4.66 63.56 21.40
N SER E 48 3.85 64.56 21.76
CA SER E 48 3.77 64.93 23.16
C SER E 48 2.97 63.89 23.93
N MET E 49 2.04 63.21 23.27
CA MET E 49 1.26 62.17 23.91
C MET E 49 2.00 60.82 23.92
N GLY E 50 3.15 60.73 23.26
CA GLY E 50 3.94 59.52 23.27
C GLY E 50 3.71 58.60 22.10
N ASN E 51 2.77 58.92 21.22
CA ASN E 51 2.43 58.10 20.07
C ASN E 51 3.42 58.34 18.93
N PRO E 52 3.86 57.28 18.25
CA PRO E 52 4.92 57.42 17.26
C PRO E 52 4.43 57.72 15.86
N GLN E 53 5.24 58.48 15.14
CA GLN E 53 4.92 58.93 13.78
C GLN E 53 5.83 58.15 12.84
N ARG E 54 5.26 57.16 12.14
CA ARG E 54 6.06 56.27 11.31
C ARG E 54 6.75 57.00 10.16
N LYS E 55 6.07 57.99 9.55
CA LYS E 55 6.59 58.71 8.40
C LYS E 55 7.89 59.46 8.71
N LEU E 56 8.19 59.72 9.97
CA LEU E 56 9.47 60.32 10.31
C LEU E 56 10.59 59.29 10.36
N MET E 57 10.27 58.00 10.36
CA MET E 57 11.30 56.97 10.48
C MET E 57 11.89 56.54 9.14
N SER E 58 11.23 56.85 8.01
CA SER E 58 11.72 56.47 6.69
C SER E 58 13.11 57.05 6.44
N PHE E 59 13.89 56.34 5.64
CA PHE E 59 15.24 56.80 5.35
C PHE E 59 15.71 56.22 4.04
N LEU E 60 16.83 56.75 3.57
CA LEU E 60 17.44 56.45 2.30
C LEU E 60 18.88 56.04 2.57
N ALA E 61 19.40 55.13 1.76
CA ALA E 61 20.76 54.67 1.92
C ALA E 61 21.35 54.35 0.57
N ASN E 62 22.67 54.44 0.49
CA ASN E 62 23.42 54.15 -0.72
C ASN E 62 24.44 53.05 -0.46
N PRO E 63 24.85 52.31 -1.50
CA PRO E 63 25.88 51.28 -1.31
C PRO E 63 27.23 51.85 -0.90
N THR E 64 27.93 51.11 -0.05
CA THR E 64 29.34 51.35 0.23
C THR E 64 30.16 51.19 -1.06
N PRO E 65 31.36 51.80 -1.13
CA PRO E 65 32.22 51.57 -2.31
C PRO E 65 32.61 50.10 -2.50
N GLU E 66 32.86 49.37 -1.41
CA GLU E 66 33.19 47.95 -1.51
C GLU E 66 32.06 47.16 -2.14
N ALA E 67 30.83 47.38 -1.66
CA ALA E 67 29.67 46.65 -2.17
C ALA E 67 29.44 46.97 -3.65
N LEU E 68 29.67 48.21 -4.04
CA LEU E 68 29.49 48.62 -5.42
C LEU E 68 30.55 47.96 -6.29
N GLU E 69 31.75 47.78 -5.74
CA GLU E 69 32.78 47.05 -6.45
C GLU E 69 32.38 45.60 -6.66
N LYS E 70 31.79 44.97 -5.65
CA LYS E 70 31.41 43.57 -5.76
C LYS E 70 30.14 43.39 -6.61
N TYR E 71 29.09 44.13 -6.30
CA TYR E 71 27.79 44.01 -6.97
C TYR E 71 27.48 45.31 -7.71
N SER E 72 27.59 45.28 -9.04
CA SER E 72 27.32 46.48 -9.82
C SER E 72 25.84 46.71 -10.07
N ASP E 73 24.96 45.84 -9.60
CA ASP E 73 23.51 45.99 -9.72
C ASP E 73 22.87 46.65 -8.50
N LEU E 74 23.66 47.19 -7.59
CA LEU E 74 23.15 47.71 -6.32
C LEU E 74 22.89 49.21 -6.43
N GLY E 75 21.61 49.59 -6.35
CA GLY E 75 21.13 50.95 -6.49
C GLY E 75 20.77 51.57 -5.16
N THR E 76 19.74 52.41 -5.17
CA THR E 76 19.28 53.08 -3.96
C THR E 76 18.17 52.32 -3.28
N LEU E 77 18.17 52.31 -1.96
CA LEU E 77 17.23 51.55 -1.15
C LEU E 77 16.38 52.54 -0.39
N TRP E 78 15.06 52.36 -0.45
CA TRP E 78 14.11 53.18 0.28
C TRP E 78 13.37 52.30 1.30
N VAL E 79 13.46 52.68 2.57
CA VAL E 79 12.80 51.97 3.65
C VAL E 79 11.65 52.84 4.14
N GLU E 80 10.46 52.24 4.26
CA GLU E 80 9.26 52.93 4.66
C GLU E 80 8.43 52.12 5.64
N PHE E 81 8.02 52.77 6.73
CA PHE E 81 7.05 52.19 7.68
C PHE E 81 5.68 52.76 7.36
N CYS E 82 4.71 51.88 7.18
CA CYS E 82 3.38 52.30 6.76
C CYS E 82 2.52 52.60 7.97
N ASP E 83 1.94 53.80 7.99
CA ASP E 83 1.08 54.23 9.07
C ASP E 83 -0.29 53.53 9.12
N GLU E 84 -0.71 52.85 8.06
CA GLU E 84 -2.03 52.23 8.07
C GLU E 84 -1.97 50.76 8.42
N PRO E 85 -2.53 50.36 9.58
CA PRO E 85 -2.47 48.94 10.03
C PRO E 85 -2.89 47.92 8.98
N SER E 86 -4.00 48.16 8.32
CA SER E 86 -4.50 47.31 7.26
C SER E 86 -4.11 48.00 5.97
N VAL E 87 -3.30 47.35 5.13
CA VAL E 87 -2.85 47.98 3.90
C VAL E 87 -3.83 47.62 2.78
N GLY E 88 -4.57 48.64 2.33
CA GLY E 88 -5.56 48.49 1.29
C GLY E 88 -5.05 48.98 -0.05
N ILE E 89 -5.97 48.98 -1.03
CA ILE E 89 -5.68 49.39 -2.38
C ILE E 89 -5.28 50.88 -2.43
N LYS E 90 -5.79 51.68 -1.48
CA LYS E 90 -5.49 53.10 -1.43
C LYS E 90 -4.02 53.36 -1.05
N THR E 91 -3.51 52.59 -0.08
CA THR E 91 -2.15 52.82 0.41
C THR E 91 -1.12 52.42 -0.63
N MET E 92 -1.36 51.32 -1.33
CA MET E 92 -0.37 50.78 -2.24
C MET E 92 -0.16 51.68 -3.44
N ARG E 93 -1.20 52.39 -3.92
CA ARG E 93 -1.05 53.22 -5.11
C ARG E 93 -0.09 54.37 -4.86
N ASN E 94 -0.23 55.06 -3.73
CA ASN E 94 0.65 56.16 -3.38
C ASN E 94 2.06 55.69 -3.11
N PHE E 95 2.20 54.48 -2.58
CA PHE E 95 3.54 53.92 -2.35
C PHE E 95 4.24 53.59 -3.66
N CYS E 96 3.55 52.91 -4.59
CA CYS E 96 4.16 52.59 -5.87
C CYS E 96 4.48 53.85 -6.67
N LEU E 97 3.61 54.86 -6.59
CA LEU E 97 3.86 56.15 -7.24
C LEU E 97 5.10 56.84 -6.67
N ARG E 98 5.22 56.87 -5.34
CA ARG E 98 6.34 57.51 -4.65
C ARG E 98 7.67 56.90 -5.08
N ILE E 99 7.71 55.57 -5.24
CA ILE E 99 8.93 54.86 -5.59
C ILE E 99 9.37 55.23 -7.00
N GLN E 100 8.40 55.24 -7.93
CA GLN E 100 8.69 55.55 -9.32
C GLN E 100 9.10 57.01 -9.49
N GLU E 101 8.36 57.93 -8.85
CA GLU E 101 8.63 59.36 -8.97
C GLU E 101 10.05 59.71 -8.54
N LYS E 102 10.44 59.24 -7.36
CA LYS E 102 11.78 59.46 -6.84
C LYS E 102 12.82 58.46 -7.37
N ASN E 103 12.42 57.58 -8.29
CA ASN E 103 13.19 56.47 -8.93
C ASN E 103 14.14 55.75 -7.96
N PHE E 104 13.57 55.18 -6.91
CA PHE E 104 14.32 54.22 -6.11
C PHE E 104 14.47 52.88 -6.80
N SER E 105 15.58 52.21 -6.49
CA SER E 105 15.85 50.87 -7.00
C SER E 105 15.15 49.77 -6.22
N THR E 106 14.96 49.94 -4.91
CA THR E 106 14.33 48.91 -4.10
C THR E 106 13.57 49.56 -2.95
N GLY E 107 12.35 49.07 -2.69
CA GLY E 107 11.61 49.53 -1.53
C GLY E 107 11.14 48.48 -0.55
N ILE E 108 11.47 48.70 0.72
CA ILE E 108 11.14 47.79 1.80
C ILE E 108 9.90 48.36 2.51
N PHE E 109 8.81 47.59 2.52
CA PHE E 109 7.53 48.04 3.07
C PHE E 109 7.16 47.28 4.32
N ILE E 110 7.29 47.93 5.47
CA ILE E 110 6.91 47.35 6.75
C ILE E 110 5.47 47.71 7.05
N TYR E 111 4.63 46.71 7.27
CA TYR E 111 3.24 46.92 7.62
C TYR E 111 3.02 46.54 9.09
N GLN E 112 1.84 46.84 9.60
CA GLN E 112 1.57 46.63 11.01
C GLN E 112 0.84 45.32 11.30
N ASN E 113 -0.32 45.10 10.70
CA ASN E 113 -1.13 43.95 11.06
C ASN E 113 -1.28 42.90 9.96
N ASN E 114 -1.62 43.30 8.74
CA ASN E 114 -1.85 42.31 7.68
C ASN E 114 -1.77 43.02 6.34
N ILE E 115 -1.76 42.22 5.28
CA ILE E 115 -1.88 42.69 3.90
C ILE E 115 -2.93 41.84 3.19
N THR E 116 -3.96 42.49 2.65
CA THR E 116 -5.06 41.78 2.00
C THR E 116 -4.55 41.07 0.75
N PRO E 117 -5.06 39.86 0.46
CA PRO E 117 -4.61 39.13 -0.75
C PRO E 117 -4.83 39.87 -2.06
N SER E 118 -5.83 40.74 -2.12
CA SER E 118 -6.06 41.57 -3.30
C SER E 118 -4.93 42.57 -3.48
N ALA E 119 -4.52 43.21 -2.39
CA ALA E 119 -3.40 44.14 -2.40
C ALA E 119 -2.07 43.42 -2.61
N ASN E 120 -1.99 42.12 -2.30
CA ASN E 120 -0.76 41.38 -2.49
C ASN E 120 -0.44 41.17 -3.97
N LYS E 121 -1.41 41.33 -4.87
CA LYS E 121 -1.10 41.19 -6.29
C LYS E 121 -0.54 42.47 -6.89
N MET E 122 -0.68 43.61 -6.22
CA MET E 122 -0.08 44.87 -6.65
C MET E 122 1.44 44.94 -6.47
N ILE E 123 2.07 43.89 -5.96
CA ILE E 123 3.50 43.89 -5.64
C ILE E 123 4.36 43.56 -6.86
N PRO E 124 4.11 42.52 -7.68
CA PRO E 124 4.99 42.30 -8.83
C PRO E 124 4.64 43.11 -10.07
N THR E 125 3.65 44.00 -10.02
CA THR E 125 3.26 44.81 -11.18
C THR E 125 4.02 46.14 -11.29
N VAL E 126 5.17 46.27 -10.63
CA VAL E 126 5.78 47.58 -10.42
C VAL E 126 7.27 47.41 -10.74
N SER E 127 7.56 46.38 -11.55
CA SER E 127 8.90 46.07 -12.00
C SER E 127 9.41 47.15 -12.98
N PRO E 128 10.75 47.24 -13.20
CA PRO E 128 11.93 46.53 -12.70
C PRO E 128 12.33 46.92 -11.28
N ALA E 129 11.55 47.79 -10.66
CA ALA E 129 11.72 48.09 -9.26
C ALA E 129 11.22 46.90 -8.45
N ILE E 130 11.81 46.66 -7.28
CA ILE E 130 11.52 45.47 -6.51
C ILE E 130 10.89 45.94 -5.23
N ILE E 131 9.72 45.39 -4.91
CA ILE E 131 9.05 45.69 -3.65
C ILE E 131 9.07 44.47 -2.76
N GLU E 132 9.54 44.64 -1.52
CA GLU E 132 9.54 43.58 -0.51
C GLU E 132 8.75 44.05 0.70
N THR E 133 7.97 43.16 1.27
CA THR E 133 7.12 43.47 2.41
C THR E 133 7.52 42.66 3.65
N PHE E 134 7.37 43.27 4.82
CA PHE E 134 7.66 42.60 6.08
C PHE E 134 6.61 42.94 7.11
N GLN E 135 6.17 41.93 7.85
CA GLN E 135 5.34 42.16 9.02
C GLN E 135 6.19 42.62 10.20
N GLU E 136 5.74 43.66 10.90
CA GLU E 136 6.50 44.29 11.97
C GLU E 136 6.87 43.32 13.09
N SER E 137 6.00 42.34 13.36
CA SER E 137 6.31 41.29 14.33
C SER E 137 7.59 40.55 13.97
N ASP E 138 7.71 40.13 12.71
CA ASP E 138 8.82 39.30 12.25
C ASP E 138 10.19 39.96 12.36
N LEU E 139 10.26 41.25 12.64
CA LEU E 139 11.53 41.95 12.67
C LEU E 139 11.96 42.34 14.08
N VAL E 140 11.14 42.05 15.09
CA VAL E 140 11.46 42.37 16.47
C VAL E 140 12.77 41.73 16.91
N VAL E 141 13.02 40.50 16.45
CA VAL E 141 14.30 39.84 16.66
C VAL E 141 14.98 39.67 15.31
N ASN E 142 16.27 39.99 15.27
CA ASN E 142 17.07 39.78 14.07
C ASN E 142 17.51 38.33 14.12
N ILE E 143 16.89 37.49 13.28
CA ILE E 143 17.08 36.05 13.34
C ILE E 143 18.50 35.63 12.98
N THR E 144 19.24 36.42 12.21
CA THR E 144 20.61 36.03 11.87
C THR E 144 21.58 36.07 13.05
N HIS E 145 21.20 36.61 14.19
CA HIS E 145 22.06 36.55 15.36
C HIS E 145 21.89 35.26 16.14
N HIS E 146 21.02 34.38 15.68
CA HIS E 146 20.76 33.14 16.39
C HIS E 146 21.92 32.17 16.19
N GLU E 147 22.23 31.41 17.24
CA GLU E 147 23.23 30.33 17.17
C GLU E 147 23.06 29.43 15.97
N LEU E 148 21.83 29.02 15.67
CA LEU E 148 21.62 28.02 14.64
C LEU E 148 21.69 28.57 13.23
N VAL E 149 21.74 29.88 13.04
CA VAL E 149 21.80 30.47 11.71
C VAL E 149 23.22 30.91 11.36
N PRO E 150 23.94 30.15 10.54
CA PRO E 150 25.28 30.58 10.11
C PRO E 150 25.22 31.76 9.14
N LYS E 151 26.38 32.41 8.98
CA LYS E 151 26.49 33.63 8.17
C LYS E 151 26.31 33.35 6.69
N HIS E 152 25.27 33.93 6.10
CA HIS E 152 25.02 33.87 4.67
C HIS E 152 25.64 35.05 3.93
N ILE E 153 26.38 34.76 2.86
CA ILE E 153 27.02 35.78 2.03
C ILE E 153 26.64 35.52 0.59
N ARG E 154 26.05 36.50 -0.08
CA ARG E 154 25.65 36.29 -1.48
C ARG E 154 26.89 36.29 -2.37
N LEU E 155 27.00 35.32 -3.27
CA LEU E 155 28.09 35.33 -4.25
C LEU E 155 27.81 36.29 -5.39
N SER E 156 28.86 36.98 -5.83
CA SER E 156 28.81 37.80 -7.04
C SER E 156 28.70 36.92 -8.28
N ASP E 157 28.29 37.57 -9.38
CA ASP E 157 28.14 36.89 -10.67
C ASP E 157 29.43 36.28 -11.18
N GLY E 158 30.56 36.95 -10.97
CA GLY E 158 31.82 36.37 -11.39
C GLY E 158 32.21 35.16 -10.54
N GLU E 159 32.02 35.26 -9.23
CA GLU E 159 32.32 34.14 -8.34
C GLU E 159 31.42 32.94 -8.63
N LYS E 160 30.14 33.19 -8.90
CA LYS E 160 29.19 32.13 -9.25
C LYS E 160 29.62 31.37 -10.51
N SER E 161 29.93 32.09 -11.59
CA SER E 161 30.39 31.45 -12.82
C SER E 161 31.63 30.60 -12.59
N GLN E 162 32.58 31.11 -11.79
CA GLN E 162 33.79 30.37 -11.48
C GLN E 162 33.47 29.09 -10.71
N LEU E 163 32.48 29.16 -9.82
CA LEU E 163 32.06 28.00 -9.03
C LEU E 163 31.48 26.90 -9.91
N LEU E 164 30.57 27.26 -10.84
CA LEU E 164 29.90 26.26 -11.67
C LEU E 164 30.88 25.51 -12.53
N GLN E 165 31.93 26.17 -13.00
CA GLN E 165 32.90 25.49 -13.86
C GLN E 165 33.76 24.53 -13.06
N ARG E 166 34.11 24.90 -11.81
CA ARG E 166 34.94 24.04 -10.98
C ARG E 166 34.27 22.71 -10.71
N TYR E 167 32.95 22.71 -10.49
CA TYR E 167 32.23 21.46 -10.29
C TYR E 167 31.56 20.92 -11.55
N LYS E 168 31.70 21.60 -12.68
CA LYS E 168 31.06 21.24 -13.95
C LYS E 168 29.55 21.00 -13.82
N LEU E 169 28.88 21.98 -13.23
CA LEU E 169 27.50 21.90 -12.79
C LEU E 169 26.58 22.68 -13.70
N LYS E 170 25.41 22.13 -13.97
CA LYS E 170 24.29 22.99 -14.33
C LYS E 170 23.74 23.68 -13.08
N GLU E 171 23.06 24.80 -13.30
CA GLU E 171 22.50 25.59 -12.20
C GLU E 171 21.47 24.82 -11.40
N SER E 172 20.70 23.99 -12.09
CA SER E 172 19.63 23.21 -11.45
C SER E 172 20.08 22.04 -10.58
N GLN E 173 21.39 21.88 -10.43
CA GLN E 173 21.92 20.80 -9.61
C GLN E 173 22.36 21.20 -8.20
N LEU E 174 22.35 22.50 -7.91
CA LEU E 174 22.76 22.91 -6.58
C LEU E 174 21.62 22.73 -5.60
N PRO E 175 21.87 22.54 -4.30
CA PRO E 175 20.79 22.64 -3.31
C PRO E 175 20.08 23.97 -3.36
N ARG E 176 18.84 23.96 -2.89
CA ARG E 176 17.97 25.10 -3.11
C ARG E 176 17.53 25.73 -1.80
N ILE E 177 17.12 27.01 -1.90
CA ILE E 177 16.43 27.71 -0.83
C ILE E 177 15.22 28.43 -1.42
N GLN E 178 14.06 28.26 -0.80
CA GLN E 178 12.84 28.87 -1.30
C GLN E 178 12.89 30.39 -1.10
N ARG E 179 12.27 31.12 -2.02
CA ARG E 179 12.22 32.58 -1.91
C ARG E 179 11.57 33.07 -0.61
N GLU E 180 10.53 32.40 -0.13
CA GLU E 180 9.94 32.91 1.11
C GLU E 180 10.67 32.48 2.38
N ASP E 181 11.79 31.77 2.27
CA ASP E 181 12.59 31.43 3.44
C ASP E 181 13.04 32.71 4.15
N PRO E 182 12.96 32.75 5.49
CA PRO E 182 13.37 33.95 6.25
C PRO E 182 14.75 34.51 5.96
N VAL E 183 15.76 33.70 5.71
CA VAL E 183 17.06 34.31 5.48
C VAL E 183 17.19 34.81 4.04
N ALA E 184 16.55 34.14 3.09
CA ALA E 184 16.52 34.64 1.70
C ALA E 184 15.80 35.97 1.59
N ARG E 185 14.68 36.13 2.31
CA ARG E 185 13.94 37.38 2.28
C ARG E 185 14.73 38.50 2.91
N TYR E 186 15.40 38.20 4.03
CA TYR E 186 16.27 39.15 4.72
C TYR E 186 17.33 39.72 3.79
N LEU E 187 17.88 38.91 2.90
CA LEU E 187 18.90 39.41 2.00
C LEU E 187 18.32 39.97 0.72
N GLY E 188 17.01 39.86 0.52
CA GLY E 188 16.38 40.22 -0.74
C GLY E 188 16.90 39.45 -1.93
N LEU E 189 17.12 38.16 -1.76
CA LEU E 189 17.58 37.31 -2.84
C LEU E 189 16.55 37.20 -3.97
N LYS E 190 17.06 37.27 -5.20
CA LYS E 190 16.24 37.05 -6.38
C LYS E 190 16.66 35.74 -7.01
N ARG E 191 15.76 35.18 -7.82
CA ARG E 191 15.97 33.93 -8.54
C ARG E 191 17.29 33.90 -9.32
N GLY E 192 18.06 32.83 -9.13
CA GLY E 192 19.32 32.64 -9.79
C GLY E 192 20.54 33.00 -8.97
N GLN E 193 20.35 33.73 -7.87
CA GLN E 193 21.47 34.13 -7.03
C GLN E 193 21.83 33.04 -6.04
N VAL E 194 23.11 32.98 -5.72
CA VAL E 194 23.66 31.93 -4.86
C VAL E 194 24.16 32.56 -3.57
N VAL E 195 23.83 31.93 -2.44
CA VAL E 195 24.43 32.28 -1.16
C VAL E 195 25.51 31.27 -0.84
N LYS E 196 26.57 31.74 -0.22
CA LYS E 196 27.59 30.88 0.37
C LYS E 196 27.40 30.84 1.86
N ILE E 197 27.50 29.66 2.44
CA ILE E 197 27.17 29.45 3.85
C ILE E 197 28.35 28.75 4.47
N ILE E 198 29.08 29.47 5.31
CA ILE E 198 30.21 28.92 6.05
C ILE E 198 29.72 28.54 7.43
N ARG E 199 30.03 27.32 7.84
CA ARG E 199 29.24 26.67 8.89
C ARG E 199 30.20 25.92 9.80
N ARG E 200 29.94 25.95 11.10
CA ARG E 200 30.62 25.07 12.04
C ARG E 200 30.45 23.61 11.65
N SER E 201 31.50 22.83 11.89
CA SER E 201 31.44 21.39 11.70
C SER E 201 32.25 20.70 12.79
N GLU E 202 31.66 19.70 13.43
CA GLU E 202 32.38 19.00 14.48
C GLU E 202 33.42 18.00 13.97
N THR E 203 33.43 17.67 12.67
CA THR E 203 34.46 16.80 12.14
C THR E 203 35.59 17.54 11.42
N SER E 204 35.32 18.64 10.74
CA SER E 204 36.40 19.36 10.07
C SER E 204 36.63 20.77 10.58
N GLY E 205 35.85 21.25 11.53
CA GLY E 205 36.01 22.62 11.97
C GLY E 205 35.28 23.65 11.14
N ARG E 206 35.54 23.70 9.85
CA ARG E 206 34.95 24.72 9.01
C ARG E 206 34.48 24.07 7.73
N TYR E 207 33.32 24.47 7.21
CA TYR E 207 32.83 23.84 5.99
C TYR E 207 31.99 24.84 5.22
N ALA E 208 32.28 25.01 3.93
CA ALA E 208 31.52 25.94 3.09
C ALA E 208 30.44 25.23 2.30
N SER E 209 29.20 25.61 2.53
CA SER E 209 28.04 25.07 1.83
C SER E 209 27.49 26.13 0.89
N TYR E 210 27.07 25.74 -0.30
CA TYR E 210 26.48 26.68 -1.26
C TYR E 210 25.03 26.30 -1.53
N ARG E 211 24.14 27.29 -1.54
CA ARG E 211 22.76 27.13 -1.97
C ARG E 211 22.35 28.19 -2.97
N ILE E 212 21.51 27.81 -3.94
CA ILE E 212 21.02 28.72 -4.95
C ILE E 212 19.53 28.99 -4.70
N CYS E 213 19.12 30.23 -4.92
CA CYS E 213 17.77 30.67 -4.59
C CYS E 213 16.82 30.37 -5.74
N LEU E 214 15.67 29.79 -5.44
CA LEU E 214 14.68 29.67 -6.49
C LEU E 214 13.99 31.00 -6.66
N GLU F 71 37.39 15.24 -27.22
CA GLU F 71 36.39 16.16 -26.69
C GLU F 71 36.19 16.00 -25.19
N LEU F 72 35.54 14.90 -24.79
CA LEU F 72 35.36 14.60 -23.38
C LEU F 72 36.67 14.29 -22.68
N ALA F 73 37.67 13.80 -23.40
CA ALA F 73 38.90 13.34 -22.78
C ALA F 73 39.71 14.50 -22.22
N ILE F 74 40.24 14.29 -21.01
CA ILE F 74 41.02 15.28 -20.28
C ILE F 74 42.50 14.96 -20.49
N LEU F 75 43.27 15.98 -20.84
CA LEU F 75 44.69 15.82 -21.16
C LEU F 75 45.47 15.39 -19.93
N LYS F 76 46.55 14.64 -20.19
CA LYS F 76 47.40 14.03 -19.15
C LYS F 76 47.91 15.03 -18.12
N GLU F 77 48.29 16.23 -18.56
CA GLU F 77 48.85 17.19 -17.63
C GLU F 77 47.81 17.78 -16.68
N GLU F 78 46.54 17.73 -17.07
CA GLU F 78 45.43 18.32 -16.32
C GLU F 78 44.57 17.29 -15.58
N ARG F 79 45.08 16.10 -15.32
CA ARG F 79 44.30 15.07 -14.61
C ARG F 79 44.24 15.44 -13.14
N THR F 80 43.02 15.39 -12.56
CA THR F 80 42.80 15.79 -11.19
C THR F 80 42.35 14.71 -10.21
N THR F 81 41.99 13.52 -10.66
CA THR F 81 41.49 12.56 -9.70
C THR F 81 42.64 11.94 -8.93
N THR F 82 42.30 11.19 -7.87
CA THR F 82 43.28 10.71 -6.92
C THR F 82 44.29 9.77 -7.56
N PRO F 83 45.58 9.90 -7.25
CA PRO F 83 46.58 8.99 -7.80
C PRO F 83 46.69 7.64 -7.11
N TYR F 84 45.86 7.31 -6.13
CA TYR F 84 45.91 5.99 -5.54
C TYR F 84 44.81 5.12 -6.10
N LEU F 85 45.14 3.86 -6.32
CA LEU F 85 44.14 2.87 -6.71
C LEU F 85 43.15 2.63 -5.58
N THR F 86 41.87 2.77 -5.87
CA THR F 86 40.82 2.57 -4.89
C THR F 86 40.56 1.08 -4.71
N LYS F 87 39.92 0.70 -3.61
CA LYS F 87 39.61 -0.71 -3.41
C LYS F 87 38.71 -1.25 -4.52
N TYR F 88 37.81 -0.43 -5.04
CA TYR F 88 36.92 -0.88 -6.10
C TYR F 88 37.66 -1.05 -7.41
N GLU F 89 38.54 -0.12 -7.76
CA GLU F 89 39.35 -0.28 -8.96
C GLU F 89 40.26 -1.50 -8.88
N ARG F 90 40.81 -1.77 -7.71
CA ARG F 90 41.71 -2.90 -7.51
C ARG F 90 40.99 -4.21 -7.74
N ALA F 91 39.81 -4.37 -7.14
CA ALA F 91 39.01 -5.59 -7.28
C ALA F 91 38.61 -5.86 -8.72
N ARG F 92 38.21 -4.82 -9.45
CA ARG F 92 37.83 -5.00 -10.84
C ARG F 92 39.02 -5.37 -11.71
N ILE F 93 40.17 -4.72 -11.47
CA ILE F 93 41.37 -5.01 -12.25
C ILE F 93 41.83 -6.45 -12.04
N LEU F 94 41.87 -6.90 -10.79
CA LEU F 94 42.29 -8.27 -10.49
C LEU F 94 41.37 -9.29 -11.12
N GLY F 95 40.06 -9.08 -10.99
CA GLY F 95 39.11 -10.01 -11.58
C GLY F 95 39.15 -10.05 -13.10
N THR F 96 39.17 -8.89 -13.74
CA THR F 96 39.23 -8.83 -15.20
C THR F 96 40.50 -9.49 -15.74
N ARG F 97 41.63 -9.18 -15.12
CA ARG F 97 42.88 -9.76 -15.59
C ARG F 97 42.94 -11.26 -15.35
N ALA F 98 42.47 -11.70 -14.16
CA ALA F 98 42.31 -13.13 -13.88
C ALA F 98 41.48 -13.83 -14.95
N LEU F 99 40.33 -13.25 -15.28
CA LEU F 99 39.45 -13.81 -16.31
C LEU F 99 40.17 -13.98 -17.64
N GLN F 100 40.89 -12.94 -18.08
CA GLN F 100 41.62 -13.01 -19.34
C GLN F 100 42.69 -14.10 -19.32
N ILE F 101 43.35 -14.31 -18.19
CA ILE F 101 44.38 -15.35 -18.10
C ILE F 101 43.76 -16.73 -18.23
N SER F 102 42.61 -16.95 -17.60
CA SER F 102 41.95 -18.24 -17.72
C SER F 102 41.44 -18.51 -19.13
N MET F 103 41.30 -17.49 -19.97
CA MET F 103 40.99 -17.68 -21.37
C MET F 103 42.23 -17.69 -22.24
N ASN F 104 43.41 -17.83 -21.61
CA ASN F 104 44.71 -18.05 -22.25
C ASN F 104 45.27 -16.79 -22.92
N ALA F 105 45.07 -15.65 -22.28
CA ALA F 105 45.79 -14.45 -22.67
C ALA F 105 47.27 -14.60 -22.31
N PRO F 106 48.16 -14.02 -23.10
CA PRO F 106 49.59 -14.04 -22.76
C PRO F 106 49.87 -13.40 -21.41
N VAL F 107 50.58 -14.10 -20.55
CA VAL F 107 50.92 -13.63 -19.21
C VAL F 107 52.26 -12.93 -19.29
N LEU F 108 52.37 -11.78 -18.60
CA LEU F 108 53.55 -10.93 -18.68
C LEU F 108 54.58 -11.14 -17.57
N VAL F 109 54.37 -12.07 -16.64
CA VAL F 109 55.35 -12.35 -15.61
C VAL F 109 55.70 -13.82 -15.66
N ASP F 110 56.82 -14.17 -15.02
CA ASP F 110 57.14 -15.56 -14.82
C ASP F 110 56.18 -16.21 -13.85
N ILE F 111 55.70 -17.39 -14.21
CA ILE F 111 54.83 -18.21 -13.38
C ILE F 111 55.68 -19.32 -12.77
N GLU F 112 55.84 -19.31 -11.45
CA GLU F 112 56.56 -20.40 -10.81
C GLU F 112 55.62 -21.48 -10.33
N GLY F 113 55.43 -21.57 -9.02
CA GLY F 113 54.64 -22.60 -8.38
C GLY F 113 53.17 -22.25 -8.25
N GLU F 114 52.86 -20.96 -8.32
CA GLU F 114 51.51 -20.45 -8.07
C GLU F 114 50.74 -20.36 -9.39
N THR F 115 49.85 -21.33 -9.61
CA THR F 115 49.20 -21.49 -10.90
C THR F 115 47.71 -21.15 -10.91
N ASP F 116 47.10 -20.78 -9.78
CA ASP F 116 45.72 -20.32 -9.79
C ASP F 116 45.61 -19.05 -10.64
N PRO F 117 44.50 -18.88 -11.37
CA PRO F 117 44.31 -17.63 -12.14
C PRO F 117 44.37 -16.35 -11.31
N LEU F 118 43.74 -16.34 -10.14
CA LEU F 118 43.77 -15.16 -9.27
C LEU F 118 45.17 -14.87 -8.76
N GLN F 119 45.95 -15.92 -8.48
CA GLN F 119 47.30 -15.74 -7.95
C GLN F 119 48.23 -15.11 -8.97
N ILE F 120 48.16 -15.56 -10.23
CA ILE F 120 48.98 -15.00 -11.29
C ILE F 120 48.64 -13.52 -11.48
N ALA F 121 47.35 -13.19 -11.48
CA ALA F 121 46.93 -11.79 -11.63
C ALA F 121 47.42 -10.93 -10.47
N MET F 122 47.36 -11.44 -9.25
CA MET F 122 47.90 -10.72 -8.09
C MET F 122 49.41 -10.56 -8.15
N LYS F 123 50.10 -11.52 -8.74
CA LYS F 123 51.54 -11.39 -8.92
C LYS F 123 51.87 -10.28 -9.92
N GLU F 124 51.15 -10.24 -11.05
CA GLU F 124 51.33 -9.16 -12.02
C GLU F 124 51.06 -7.78 -11.43
N LEU F 125 50.04 -7.67 -10.57
CA LEU F 125 49.74 -6.38 -9.94
C LEU F 125 50.90 -5.89 -9.09
N SER F 126 51.50 -6.79 -8.29
CA SER F 126 52.57 -6.42 -7.38
C SER F 126 53.83 -5.95 -8.11
N GLN F 127 54.02 -6.35 -9.36
CA GLN F 127 55.17 -5.92 -10.13
C GLN F 127 54.85 -4.80 -11.11
N ARG F 128 53.67 -4.18 -10.97
CA ARG F 128 53.20 -3.09 -11.85
C ARG F 128 53.18 -3.45 -13.33
N LYS F 129 52.70 -4.65 -13.67
CA LYS F 129 52.78 -5.16 -15.03
C LYS F 129 51.44 -5.48 -15.67
N ILE F 130 50.32 -5.07 -15.07
CA ILE F 130 49.01 -5.26 -15.69
C ILE F 130 48.73 -4.25 -16.79
N PRO F 131 48.51 -4.71 -18.03
CA PRO F 131 48.36 -3.83 -19.20
C PRO F 131 46.95 -3.25 -19.42
N LEU F 132 46.39 -2.62 -18.40
CA LEU F 132 45.04 -2.08 -18.51
C LEU F 132 45.00 -0.61 -18.12
N VAL F 133 43.96 0.07 -18.59
CA VAL F 133 43.75 1.49 -18.36
C VAL F 133 42.39 1.65 -17.72
N ILE F 134 42.34 2.39 -16.63
CA ILE F 134 41.09 2.78 -16.00
C ILE F 134 40.52 4.02 -16.65
N ARG F 135 39.28 3.95 -17.07
CA ARG F 135 38.56 5.12 -17.56
C ARG F 135 37.63 5.56 -16.43
N ARG F 136 38.04 6.57 -15.68
CA ARG F 136 37.25 7.04 -14.54
C ARG F 136 36.27 8.09 -15.02
N TYR F 137 34.97 7.78 -14.94
CA TYR F 137 33.99 8.76 -15.34
C TYR F 137 33.74 9.73 -14.19
N LEU F 138 33.74 11.00 -14.51
CA LEU F 138 33.38 12.13 -13.67
C LEU F 138 31.89 12.38 -13.84
N PRO F 139 31.24 13.07 -12.88
CA PRO F 139 29.77 13.28 -12.96
C PRO F 139 29.21 13.88 -14.24
N ASP F 140 29.94 14.77 -14.91
CA ASP F 140 29.41 15.39 -16.12
C ASP F 140 29.55 14.51 -17.36
N GLY F 141 30.19 13.35 -17.25
CA GLY F 141 30.38 12.48 -18.36
C GLY F 141 31.79 12.49 -18.93
N SER F 142 32.55 13.55 -18.68
CA SER F 142 33.96 13.56 -19.06
C SER F 142 34.73 12.52 -18.26
N TYR F 143 35.98 12.27 -18.66
CA TYR F 143 36.69 11.17 -18.05
C TYR F 143 38.19 11.38 -18.15
N GLU F 144 38.91 10.80 -17.18
CA GLU F 144 40.35 10.74 -17.20
C GLU F 144 40.76 9.29 -17.35
N ASP F 145 41.56 8.99 -18.36
CA ASP F 145 42.15 7.67 -18.48
C ASP F 145 43.43 7.59 -17.65
N TRP F 146 43.50 6.61 -16.76
CA TRP F 146 44.70 6.31 -15.99
C TRP F 146 45.15 4.87 -16.23
N GLY F 147 46.40 4.69 -16.63
CA GLY F 147 46.93 3.34 -16.74
C GLY F 147 47.21 2.76 -15.37
N CYS F 148 46.99 1.44 -15.23
CA CYS F 148 47.37 0.76 -14.00
C CYS F 148 48.86 0.68 -13.78
N ASP F 149 49.66 0.91 -14.82
CA ASP F 149 51.09 1.05 -14.64
C ASP F 149 51.47 2.32 -13.88
N GLU F 150 50.67 3.38 -13.95
CA GLU F 150 51.11 4.60 -13.29
C GLU F 150 50.42 4.87 -11.95
N LEU F 151 49.26 4.25 -11.68
CA LEU F 151 48.63 4.46 -10.39
C LEU F 151 49.34 3.76 -9.26
N ILE F 152 49.48 4.47 -8.14
CA ILE F 152 50.20 3.94 -6.99
C ILE F 152 49.28 2.99 -6.24
N VAL F 153 49.76 1.78 -5.99
CA VAL F 153 49.03 0.79 -5.21
C VAL F 153 49.65 0.71 -3.84
N ASP F 154 48.83 0.81 -2.81
CA ASP F 154 49.33 0.66 -1.45
C ASP F 154 49.92 -0.73 -1.17
N MET G 1 27.47 5.45 -58.38
CA MET G 1 27.86 6.82 -58.11
C MET G 1 28.82 6.74 -56.93
N PHE G 2 30.06 7.19 -57.12
CA PHE G 2 31.12 7.04 -56.13
C PHE G 2 31.13 8.16 -55.10
N PHE G 3 31.37 7.77 -53.84
CA PHE G 3 31.54 8.72 -52.74
C PHE G 3 32.69 8.25 -51.86
N LEU G 4 33.21 9.19 -51.07
CA LEU G 4 34.05 8.90 -49.92
C LEU G 4 33.25 9.01 -48.62
N LYS G 5 33.23 7.93 -47.86
CA LYS G 5 32.48 7.84 -46.61
C LYS G 5 33.36 7.47 -45.44
N ASP G 6 33.15 8.19 -44.34
CA ASP G 6 33.79 7.93 -43.07
C ASP G 6 32.90 6.96 -42.30
N LEU G 7 33.34 5.72 -42.16
CA LEU G 7 32.55 4.66 -41.57
C LEU G 7 33.22 4.13 -40.30
N SER G 8 32.50 3.24 -39.63
CA SER G 8 33.08 2.58 -38.48
C SER G 8 32.44 1.22 -38.28
N LEU G 9 33.21 0.35 -37.66
CA LEU G 9 32.85 -1.04 -37.45
C LEU G 9 33.17 -1.45 -36.02
N ILE G 10 32.22 -2.09 -35.36
CA ILE G 10 32.44 -2.64 -34.03
C ILE G 10 33.09 -4.01 -34.21
N LEU G 11 34.28 -4.15 -33.65
CA LEU G 11 35.05 -5.39 -33.68
C LEU G 11 35.21 -5.95 -32.28
N THR G 12 34.89 -7.23 -32.12
CA THR G 12 35.07 -7.92 -30.86
C THR G 12 36.27 -8.83 -30.96
N LEU G 13 37.18 -8.72 -30.00
CA LEU G 13 38.46 -9.40 -30.02
C LEU G 13 38.54 -10.39 -28.87
N HIS G 14 38.87 -11.64 -29.16
CA HIS G 14 39.01 -12.62 -28.11
C HIS G 14 40.32 -12.34 -27.36
N PRO G 15 40.35 -12.56 -26.03
CA PRO G 15 41.54 -12.20 -25.24
C PRO G 15 42.84 -12.86 -25.65
N SER G 16 42.80 -14.05 -26.25
CA SER G 16 43.99 -14.74 -26.74
C SER G 16 44.72 -14.01 -27.88
N TYR G 17 44.14 -12.95 -28.43
CA TYR G 17 44.74 -12.13 -29.47
C TYR G 17 45.42 -10.89 -28.91
N PHE G 18 45.57 -10.79 -27.59
CA PHE G 18 46.14 -9.61 -26.93
C PHE G 18 47.67 -9.59 -26.95
N GLY G 19 48.23 -9.34 -28.12
CA GLY G 19 49.67 -9.37 -28.26
C GLY G 19 50.20 -8.06 -28.81
N PRO G 20 51.50 -7.99 -29.06
CA PRO G 20 52.13 -6.71 -29.45
C PRO G 20 51.77 -6.23 -30.85
N GLN G 21 51.21 -7.09 -31.70
CA GLN G 21 50.81 -6.74 -33.06
C GLN G 21 49.30 -6.73 -33.21
N MET G 22 48.62 -6.35 -32.13
CA MET G 22 47.17 -6.40 -32.02
C MET G 22 46.53 -5.54 -33.10
N ASN G 23 47.03 -4.31 -33.22
CA ASN G 23 46.51 -3.33 -34.17
C ASN G 23 46.68 -3.82 -35.60
N GLN G 24 47.81 -4.43 -35.91
CA GLN G 24 48.04 -4.92 -37.26
C GLN G 24 47.09 -6.06 -37.60
N TYR G 25 46.82 -6.95 -36.64
CA TYR G 25 45.80 -7.98 -36.82
C TYR G 25 44.45 -7.36 -37.11
N LEU G 26 44.10 -6.28 -36.40
CA LEU G 26 42.79 -5.63 -36.56
C LEU G 26 42.68 -4.97 -37.92
N ARG G 27 43.78 -4.43 -38.41
CA ARG G 27 43.78 -3.78 -39.72
C ARG G 27 43.51 -4.80 -40.81
N GLU G 28 44.17 -5.96 -40.73
CA GLU G 28 43.87 -7.07 -41.64
C GLU G 28 42.44 -7.55 -41.45
N LYS G 29 41.97 -7.60 -40.21
CA LYS G 29 40.62 -8.10 -39.91
C LYS G 29 39.54 -7.19 -40.48
N LEU G 30 39.70 -5.87 -40.33
CA LEU G 30 38.78 -4.90 -40.91
C LEU G 30 38.64 -5.05 -42.42
N LEU G 31 39.77 -5.17 -43.13
CA LEU G 31 39.77 -5.25 -44.59
C LEU G 31 39.11 -6.52 -45.09
N THR G 32 39.42 -7.67 -44.48
CA THR G 32 38.82 -8.95 -44.87
C THR G 32 37.30 -8.94 -44.74
N ASP G 33 36.78 -8.21 -43.76
CA ASP G 33 35.35 -8.26 -43.45
C ASP G 33 34.54 -7.23 -44.22
N VAL G 34 35.16 -6.15 -44.69
CA VAL G 34 34.44 -5.00 -45.20
C VAL G 34 34.61 -4.84 -46.71
N GLU G 35 35.78 -5.17 -47.25
CA GLU G 35 36.05 -4.94 -48.67
C GLU G 35 35.30 -5.91 -49.57
N GLY G 36 34.56 -5.35 -50.53
CA GLY G 36 33.78 -6.14 -51.47
C GLY G 36 32.35 -6.40 -51.05
N THR G 37 32.00 -6.13 -49.80
CA THR G 37 30.66 -6.34 -49.29
C THR G 37 29.74 -5.17 -49.65
N CYS G 38 28.45 -5.45 -49.69
CA CYS G 38 27.42 -4.48 -50.07
C CYS G 38 26.40 -4.34 -48.97
N THR G 39 25.91 -3.11 -48.78
CA THR G 39 24.78 -2.81 -47.91
C THR G 39 23.87 -1.83 -48.63
N GLY G 40 22.57 -1.95 -48.38
CA GLY G 40 21.60 -1.00 -48.93
C GLY G 40 21.73 0.43 -48.44
N GLN G 41 22.38 0.64 -47.30
CA GLN G 41 22.49 1.97 -46.71
C GLN G 41 23.56 2.82 -47.38
N PHE G 42 24.69 2.21 -47.74
CA PHE G 42 25.80 2.89 -48.39
C PHE G 42 26.16 2.41 -49.78
N GLY G 43 25.80 1.18 -50.15
CA GLY G 43 26.20 0.61 -51.43
C GLY G 43 27.34 -0.38 -51.29
N TYR G 44 28.05 -0.56 -52.39
CA TYR G 44 29.24 -1.40 -52.38
C TYR G 44 30.40 -0.61 -51.79
N ILE G 45 31.11 -1.23 -50.85
CA ILE G 45 32.35 -0.66 -50.30
C ILE G 45 33.51 -1.17 -51.15
N VAL G 46 34.08 -0.30 -51.97
CA VAL G 46 35.04 -0.75 -52.97
C VAL G 46 36.41 -0.97 -52.36
N THR G 47 37.04 0.11 -51.86
CA THR G 47 38.31 0.02 -51.15
C THR G 47 38.32 1.01 -49.99
N VAL G 48 39.02 0.64 -48.92
CA VAL G 48 39.17 1.47 -47.75
C VAL G 48 40.45 2.30 -47.90
N LEU G 49 40.35 3.60 -47.60
CA LEU G 49 41.51 4.49 -47.69
C LEU G 49 42.41 4.36 -46.46
N ASP G 50 43.71 4.34 -46.73
CA ASP G 50 44.77 4.46 -45.71
C ASP G 50 44.69 3.34 -44.68
N GLY G 51 44.54 2.11 -45.18
CA GLY G 51 44.23 0.97 -44.32
C GLY G 51 45.30 0.68 -43.29
N MET G 52 46.57 0.79 -43.69
CA MET G 52 47.65 0.44 -42.78
C MET G 52 47.90 1.50 -41.71
N ASN G 53 47.25 2.66 -41.79
CA ASN G 53 47.42 3.70 -40.78
C ASN G 53 46.17 4.04 -39.98
N ILE G 54 45.14 3.19 -40.03
CA ILE G 54 43.90 3.49 -39.32
C ILE G 54 44.11 3.49 -37.81
N ASP G 55 43.61 4.55 -37.15
CA ASP G 55 43.65 4.70 -35.70
C ASP G 55 42.42 3.99 -35.11
N VAL G 56 42.64 2.87 -34.42
CA VAL G 56 41.55 2.06 -33.87
C VAL G 56 41.02 2.52 -32.53
N GLY G 57 41.67 3.46 -31.86
CA GLY G 57 41.19 3.89 -30.56
C GLY G 57 41.52 2.86 -29.49
N LYS G 58 40.85 2.98 -28.35
CA LYS G 58 41.03 2.02 -27.27
C LYS G 58 39.87 1.04 -27.20
N GLY G 59 40.20 -0.21 -26.85
CA GLY G 59 39.20 -1.25 -26.72
C GLY G 59 38.50 -1.32 -25.38
N ARG G 60 37.18 -1.31 -25.41
CA ARG G 60 36.36 -1.51 -24.24
C ARG G 60 36.21 -2.99 -23.90
N ILE G 61 36.58 -3.35 -22.67
CA ILE G 61 36.43 -4.71 -22.16
C ILE G 61 34.97 -4.95 -21.78
N ILE G 62 34.38 -6.02 -22.32
CA ILE G 62 32.99 -6.37 -22.00
C ILE G 62 32.88 -7.00 -20.62
N PRO G 63 32.11 -6.39 -19.70
CA PRO G 63 31.93 -6.98 -18.37
C PRO G 63 31.33 -8.38 -18.43
N GLY G 64 31.96 -9.32 -17.76
CA GLY G 64 31.45 -10.67 -17.65
C GLY G 64 31.91 -11.65 -18.70
N SER G 65 32.56 -11.18 -19.78
CA SER G 65 33.00 -12.05 -20.85
C SER G 65 34.47 -11.92 -21.20
N GLY G 66 35.14 -10.86 -20.78
CA GLY G 66 36.57 -10.77 -21.01
C GLY G 66 36.99 -10.28 -22.39
N SER G 67 36.18 -10.51 -23.42
CA SER G 67 36.50 -10.06 -24.76
C SER G 67 36.53 -8.54 -24.85
N ALA G 68 37.24 -8.03 -25.85
CA ALA G 68 37.46 -6.60 -26.01
C ALA G 68 36.75 -6.08 -27.26
N GLU G 69 36.18 -4.89 -27.13
CA GLU G 69 35.41 -4.23 -28.19
C GLU G 69 36.12 -2.99 -28.69
N PHE G 70 36.47 -2.99 -29.97
CA PHE G 70 37.08 -1.85 -30.64
C PHE G 70 36.07 -1.21 -31.57
N GLU G 71 36.07 0.11 -31.60
CA GLU G 71 35.36 0.86 -32.61
C GLU G 71 36.39 1.39 -33.58
N VAL G 72 36.50 0.73 -34.73
CA VAL G 72 37.48 1.08 -35.75
C VAL G 72 36.84 2.12 -36.66
N LYS G 73 37.24 3.37 -36.49
CA LYS G 73 36.77 4.42 -37.39
C LYS G 73 37.65 4.39 -38.63
N TYR G 74 37.05 4.55 -39.80
CA TYR G 74 37.83 4.45 -41.04
C TYR G 74 37.18 5.25 -42.15
N ARG G 75 37.89 5.34 -43.27
CA ARG G 75 37.43 6.04 -44.46
C ARG G 75 37.55 5.15 -45.67
N ALA G 76 36.47 5.04 -46.46
CA ALA G 76 36.45 4.15 -47.60
C ALA G 76 35.92 4.82 -48.86
N VAL G 77 36.25 4.21 -50.00
CA VAL G 77 35.60 4.47 -51.28
C VAL G 77 34.34 3.63 -51.36
N VAL G 78 33.18 4.27 -51.53
CA VAL G 78 31.95 3.50 -51.61
C VAL G 78 31.28 3.77 -52.95
N TRP G 79 30.54 2.77 -53.41
CA TRP G 79 29.76 2.85 -54.65
C TRP G 79 28.31 2.48 -54.45
N LYS G 80 27.43 3.47 -54.57
CA LYS G 80 26.01 3.21 -54.55
C LYS G 80 25.38 3.86 -55.79
N PRO G 81 24.55 3.14 -56.53
CA PRO G 81 23.83 3.77 -57.65
C PRO G 81 22.57 4.46 -57.13
N PHE G 82 21.99 5.31 -57.97
CA PHE G 82 20.82 6.07 -57.55
C PHE G 82 19.80 6.12 -58.67
N LYS G 83 18.53 6.10 -58.25
CA LYS G 83 17.41 6.34 -59.15
C LYS G 83 17.43 7.75 -59.70
N GLY G 84 17.34 7.87 -61.02
CA GLY G 84 17.41 9.12 -61.72
C GLY G 84 18.74 9.38 -62.38
N GLU G 85 19.77 8.68 -61.94
CA GLU G 85 21.13 8.91 -62.39
C GLU G 85 21.29 8.28 -63.77
N VAL G 86 21.77 9.06 -64.73
CA VAL G 86 22.06 8.52 -66.05
C VAL G 86 23.50 8.02 -66.03
N VAL G 87 23.71 6.81 -66.55
CA VAL G 87 25.00 6.14 -66.53
C VAL G 87 25.21 5.37 -67.81
N ASP G 88 26.48 5.13 -68.11
CA ASP G 88 26.95 4.27 -69.18
C ASP G 88 27.11 2.85 -68.64
N ALA G 89 27.23 1.88 -69.54
CA ALA G 89 27.28 0.48 -69.13
C ALA G 89 27.89 -0.38 -70.21
N ILE G 90 28.15 -1.64 -69.85
CA ILE G 90 28.64 -2.67 -70.74
C ILE G 90 27.69 -3.86 -70.65
N VAL G 91 27.08 -4.23 -71.78
CA VAL G 91 26.07 -5.28 -71.78
C VAL G 91 26.69 -6.65 -71.52
N SER G 92 26.09 -7.40 -70.61
CA SER G 92 26.58 -8.73 -70.24
C SER G 92 25.81 -9.86 -70.94
N ASN G 93 24.51 -9.69 -71.16
CA ASN G 93 23.65 -10.68 -71.79
C ASN G 93 22.59 -9.97 -72.60
N VAL G 94 22.10 -10.65 -73.63
CA VAL G 94 20.94 -10.19 -74.40
C VAL G 94 19.93 -11.33 -74.47
N SER G 95 18.66 -11.02 -74.18
CA SER G 95 17.65 -12.07 -74.14
C SER G 95 16.33 -11.55 -74.68
N PRO G 96 15.33 -12.40 -74.95
CA PRO G 96 14.02 -11.90 -75.43
C PRO G 96 13.31 -10.93 -74.48
N ILE G 97 13.68 -10.89 -73.21
CA ILE G 97 13.03 -10.02 -72.23
C ILE G 97 13.81 -8.74 -71.98
N GLY G 98 14.87 -8.49 -72.76
CA GLY G 98 15.68 -7.30 -72.59
C GLY G 98 17.15 -7.60 -72.55
N PHE G 99 17.93 -6.80 -71.82
CA PHE G 99 19.34 -7.10 -71.68
C PHE G 99 19.81 -6.86 -70.25
N PHE G 100 20.97 -7.42 -69.94
CA PHE G 100 21.63 -7.26 -68.65
C PHE G 100 22.95 -6.52 -68.88
N ALA G 101 23.23 -5.52 -68.06
CA ALA G 101 24.39 -4.67 -68.27
C ALA G 101 25.19 -4.58 -66.98
N ASP G 102 26.50 -4.84 -67.07
CA ASP G 102 27.39 -4.78 -65.92
C ASP G 102 27.87 -3.35 -65.74
N VAL G 103 27.44 -2.71 -64.66
CA VAL G 103 27.95 -1.39 -64.32
C VAL G 103 28.84 -1.56 -63.10
N GLY G 104 30.07 -2.00 -63.34
CA GLY G 104 31.03 -2.18 -62.27
C GLY G 104 30.69 -3.44 -61.52
N PRO G 105 30.37 -3.29 -60.23
CA PRO G 105 30.08 -4.48 -59.40
C PRO G 105 28.83 -5.25 -59.83
N LEU G 106 27.73 -4.57 -60.11
CA LEU G 106 26.43 -5.23 -60.24
C LEU G 106 25.92 -5.20 -61.68
N ASN G 107 24.72 -5.75 -61.85
CA ASN G 107 24.07 -5.92 -63.13
C ASN G 107 22.68 -5.28 -63.13
N VAL G 108 22.33 -4.56 -64.20
CA VAL G 108 21.04 -3.86 -64.31
C VAL G 108 20.21 -4.52 -65.41
N PHE G 109 18.93 -4.77 -65.12
CA PHE G 109 17.99 -5.36 -66.09
C PHE G 109 17.08 -4.28 -66.66
N VAL G 110 17.05 -4.15 -67.98
CA VAL G 110 16.11 -3.28 -68.71
C VAL G 110 15.09 -4.15 -69.44
N SER G 111 13.79 -3.97 -69.15
CA SER G 111 12.76 -4.81 -69.76
C SER G 111 12.32 -4.30 -71.13
N THR G 112 11.62 -5.20 -71.86
CA THR G 112 11.21 -4.96 -73.25
C THR G 112 10.19 -3.85 -73.47
N ARG G 113 9.25 -3.62 -72.55
CA ARG G 113 8.29 -2.54 -72.80
C ARG G 113 8.91 -1.14 -72.64
N LEU G 114 10.09 -1.04 -72.05
CA LEU G 114 10.86 0.20 -71.99
C LEU G 114 12.02 0.22 -72.97
N ILE G 115 11.94 -0.53 -74.06
CA ILE G 115 12.94 -0.48 -75.13
C ILE G 115 12.23 -0.02 -76.40
N PRO G 116 12.76 0.98 -77.13
CA PRO G 116 12.16 1.42 -78.39
C PRO G 116 11.98 0.32 -79.43
N ASP G 117 10.93 0.48 -80.25
CA ASP G 117 10.51 -0.58 -81.16
C ASP G 117 11.54 -0.86 -82.25
N ASN G 118 12.25 0.19 -82.73
CA ASN G 118 13.19 -0.02 -83.82
C ASN G 118 14.45 -0.80 -83.44
N LEU G 119 14.69 -1.05 -82.17
CA LEU G 119 15.83 -1.88 -81.79
C LEU G 119 15.32 -3.31 -81.74
N VAL G 120 15.75 -4.13 -82.69
CA VAL G 120 15.19 -5.46 -82.87
C VAL G 120 16.29 -6.48 -82.55
N TYR G 121 15.95 -7.45 -81.71
CA TYR G 121 16.87 -8.52 -81.35
C TYR G 121 17.11 -9.40 -82.57
N ASN G 122 18.37 -9.56 -82.97
CA ASN G 122 18.70 -10.31 -84.18
C ASN G 122 19.59 -11.49 -83.82
N PRO G 123 19.03 -12.69 -83.62
CA PRO G 123 19.86 -13.86 -83.32
C PRO G 123 20.65 -14.40 -84.51
N SER G 124 20.13 -14.28 -85.73
CA SER G 124 20.80 -14.82 -86.92
C SER G 124 22.13 -14.13 -87.25
N ASN G 125 22.30 -12.86 -86.86
CA ASN G 125 23.55 -12.15 -87.12
C ASN G 125 24.69 -12.84 -86.37
N SER G 126 25.90 -12.74 -86.91
CA SER G 126 27.09 -13.25 -86.25
C SER G 126 28.13 -12.15 -86.08
N PRO G 127 28.41 -11.69 -84.85
CA PRO G 127 27.84 -12.14 -83.58
C PRO G 127 26.49 -11.49 -83.25
N PRO G 128 25.68 -12.11 -82.36
CA PRO G 128 24.35 -11.55 -82.05
C PRO G 128 24.42 -10.15 -81.45
N ALA G 129 23.44 -9.33 -81.81
CA ALA G 129 23.46 -7.93 -81.42
C ALA G 129 22.08 -7.33 -81.56
N TYR G 130 21.91 -6.17 -80.94
CA TYR G 130 20.79 -5.29 -81.23
C TYR G 130 21.30 -4.35 -82.32
N MET G 131 20.64 -4.31 -83.47
CA MET G 131 21.27 -3.64 -84.60
C MET G 131 20.40 -2.55 -85.21
N SER G 132 21.08 -1.58 -85.81
CA SER G 132 20.44 -0.61 -86.69
C SER G 132 21.39 -0.35 -87.85
N ASN G 133 21.18 0.76 -88.56
CA ASN G 133 22.08 1.32 -89.57
C ASN G 133 22.73 2.59 -88.98
N ASP G 134 23.93 2.41 -88.38
CA ASP G 134 24.91 3.33 -87.75
C ASP G 134 24.93 3.12 -86.25
N GLU G 135 24.17 2.15 -85.78
CA GLU G 135 24.11 1.77 -84.37
C GLU G 135 24.57 0.32 -84.30
N LEU G 136 25.19 -0.03 -83.19
CA LEU G 136 25.78 -1.37 -83.06
C LEU G 136 25.94 -1.63 -81.57
N ILE G 137 25.09 -2.51 -81.04
CA ILE G 137 25.13 -2.85 -79.63
C ILE G 137 25.57 -4.31 -79.52
N THR G 138 26.88 -4.51 -79.45
CA THR G 138 27.48 -5.80 -79.18
C THR G 138 28.05 -5.71 -77.77
N LYS G 139 28.58 -6.82 -77.26
CA LYS G 139 29.14 -6.81 -75.91
C LYS G 139 30.30 -5.82 -75.85
N GLY G 140 30.27 -4.93 -74.86
CA GLY G 140 31.27 -3.89 -74.76
C GLY G 140 30.91 -2.59 -75.45
N SER G 141 29.69 -2.48 -75.98
CA SER G 141 29.24 -1.27 -76.66
C SER G 141 28.79 -0.25 -75.63
N LYS G 142 29.31 0.97 -75.74
CA LYS G 142 28.83 2.04 -74.88
C LYS G 142 27.37 2.34 -75.18
N VAL G 143 26.56 2.32 -74.12
CA VAL G 143 25.12 2.54 -74.19
C VAL G 143 24.88 3.50 -73.04
N ARG G 144 23.86 4.33 -73.15
CA ARG G 144 23.52 5.28 -72.10
C ARG G 144 22.12 5.03 -71.57
N LEU G 145 21.99 4.64 -70.29
CA LEU G 145 20.66 4.32 -69.77
C LEU G 145 20.40 5.17 -68.54
N LYS G 146 19.17 5.13 -68.01
CA LYS G 146 18.81 5.90 -66.82
C LYS G 146 18.17 4.97 -65.79
N VAL G 147 18.68 5.01 -64.55
CA VAL G 147 18.17 4.18 -63.46
C VAL G 147 16.85 4.76 -62.95
N VAL G 148 15.76 3.99 -63.12
CA VAL G 148 14.40 4.42 -62.80
C VAL G 148 13.85 3.74 -61.54
N GLY G 149 14.59 2.84 -60.90
CA GLY G 149 14.09 2.18 -59.70
C GLY G 149 15.16 1.35 -59.02
N THR G 150 15.31 1.52 -57.70
CA THR G 150 16.25 0.75 -56.89
C THR G 150 15.53 -0.10 -55.83
N ARG G 151 15.80 -1.40 -55.86
CA ARG G 151 15.25 -2.39 -54.94
C ARG G 151 16.40 -2.91 -54.08
N THR G 152 16.13 -3.12 -52.79
CA THR G 152 17.17 -3.47 -51.82
C THR G 152 16.92 -4.84 -51.19
N ASP G 153 17.89 -5.72 -51.34
CA ASP G 153 17.97 -7.05 -50.75
C ASP G 153 18.93 -7.08 -49.55
N VAL G 154 19.46 -5.90 -49.12
CA VAL G 154 20.48 -5.66 -48.09
C VAL G 154 21.80 -6.47 -48.24
N ASN G 155 21.89 -7.31 -49.26
CA ASN G 155 23.04 -8.16 -49.54
C ASN G 155 23.61 -7.75 -50.89
N GLU G 156 22.75 -7.58 -51.87
CA GLU G 156 23.08 -7.04 -53.17
C GLU G 156 21.88 -6.19 -53.53
N ILE G 157 22.09 -5.04 -54.14
CA ILE G 157 20.94 -4.22 -54.48
C ILE G 157 20.67 -4.40 -55.96
N TYR G 158 19.41 -4.24 -56.34
CA TYR G 158 18.98 -4.43 -57.73
C TYR G 158 18.26 -3.20 -58.26
N ALA G 159 18.74 -2.73 -59.40
CA ALA G 159 18.30 -1.52 -60.06
C ALA G 159 17.80 -1.89 -61.44
N ILE G 160 16.69 -1.26 -61.83
CA ILE G 160 16.07 -1.45 -63.14
C ILE G 160 16.21 -0.17 -63.95
N GLY G 161 16.66 -0.33 -65.19
CA GLY G 161 16.88 0.77 -66.10
C GLY G 161 15.83 0.89 -67.19
N SER G 162 16.09 1.82 -68.09
CA SER G 162 15.19 2.14 -69.20
C SER G 162 16.01 2.84 -70.27
N ILE G 163 15.73 2.50 -71.54
CA ILE G 163 16.21 3.26 -72.68
C ILE G 163 15.07 3.85 -73.49
N LYS G 164 13.89 3.96 -72.88
CA LYS G 164 12.66 4.48 -73.49
C LYS G 164 12.59 6.02 -73.39
N GLU G 165 13.71 6.73 -73.54
CA GLU G 165 13.70 8.18 -73.40
C GLU G 165 14.70 8.79 -74.37
N ASP G 166 14.71 10.13 -74.41
CA ASP G 166 15.53 10.87 -75.35
C ASP G 166 17.02 10.75 -75.04
N PHE G 167 17.83 10.67 -76.10
CA PHE G 167 19.30 10.63 -76.05
C PHE G 167 19.87 9.40 -75.37
N LEU G 168 19.03 8.45 -74.94
CA LEU G 168 19.58 7.24 -74.35
C LEU G 168 19.63 6.14 -75.39
N GLY G 169 20.70 5.37 -75.35
CA GLY G 169 20.96 4.27 -76.24
C GLY G 169 22.44 4.23 -76.55
N ALA G 170 22.77 3.55 -77.65
CA ALA G 170 24.13 3.46 -78.15
C ALA G 170 24.62 4.81 -78.66
N ILE G 171 25.94 5.01 -78.61
CA ILE G 171 26.53 6.27 -79.06
C ILE G 171 27.77 5.91 -79.89
N SER H 3 79.44 -8.87 39.92
CA SER H 3 78.80 -9.64 38.88
C SER H 3 77.29 -9.42 38.87
N ALA H 4 76.83 -8.63 39.82
CA ALA H 4 75.43 -8.27 39.94
C ALA H 4 75.28 -6.75 39.92
N LEU H 5 74.06 -6.31 39.72
CA LEU H 5 73.74 -4.89 39.60
C LEU H 5 73.30 -4.25 40.91
N PHE H 6 72.68 -5.01 41.80
CA PHE H 6 72.15 -4.44 43.02
C PHE H 6 72.13 -5.54 44.08
N ASP H 7 72.33 -5.14 45.32
CA ASP H 7 72.36 -6.09 46.44
C ASP H 7 72.01 -5.33 47.70
N ASP H 8 71.19 -5.96 48.56
CA ASP H 8 70.77 -5.36 49.82
C ASP H 8 69.99 -6.41 50.62
N ILE H 9 69.68 -6.04 51.87
CA ILE H 9 68.89 -6.85 52.78
C ILE H 9 67.66 -6.06 53.21
N PHE H 10 66.49 -6.71 53.24
CA PHE H 10 65.23 -6.02 53.46
C PHE H 10 64.47 -6.63 54.64
N THR H 11 63.81 -5.77 55.41
CA THR H 11 62.88 -6.20 56.44
C THR H 11 61.45 -6.10 55.93
N VAL H 12 60.69 -7.18 56.06
CA VAL H 12 59.31 -7.23 55.58
C VAL H 12 58.41 -6.51 56.56
N GLN H 13 57.76 -5.44 56.11
CA GLN H 13 56.83 -4.74 56.99
C GLN H 13 55.40 -5.24 56.89
N THR H 14 54.89 -5.53 55.69
CA THR H 14 53.52 -6.00 55.53
C THR H 14 53.46 -7.14 54.53
N VAL H 15 52.53 -8.07 54.76
CA VAL H 15 52.26 -9.18 53.86
C VAL H 15 50.75 -9.17 53.67
N ASP H 16 50.31 -8.64 52.53
CA ASP H 16 48.90 -8.57 52.18
C ASP H 16 48.50 -9.84 51.44
N ASN H 17 47.59 -10.61 52.04
CA ASN H 17 46.99 -11.71 51.31
C ASN H 17 45.77 -11.24 50.54
N GLY H 18 44.66 -11.04 51.25
CA GLY H 18 43.36 -10.59 50.74
C GLY H 18 42.90 -11.18 49.43
N ARG H 19 43.36 -10.60 48.32
CA ARG H 19 42.76 -10.81 47.01
C ARG H 19 42.91 -12.25 46.55
N TYR H 20 44.11 -12.81 46.69
CA TYR H 20 44.46 -14.08 46.09
C TYR H 20 44.89 -15.08 47.14
N ASN H 21 44.75 -16.36 46.79
CA ASN H 21 45.21 -17.47 47.62
C ASN H 21 46.66 -17.86 47.41
N LYS H 22 47.27 -17.46 46.30
CA LYS H 22 48.63 -17.89 46.02
C LYS H 22 49.61 -16.75 45.81
N VAL H 23 49.20 -15.50 45.97
CA VAL H 23 50.09 -14.38 45.80
C VAL H 23 49.92 -13.45 47.00
N SER H 24 51.03 -12.91 47.49
CA SER H 24 51.05 -11.88 48.52
C SER H 24 51.95 -10.75 48.08
N ARG H 25 51.55 -9.55 48.43
CA ARG H 25 52.35 -8.35 48.23
C ARG H 25 53.15 -8.05 49.48
N ILE H 26 54.44 -7.78 49.32
CA ILE H 26 55.28 -7.48 50.46
C ILE H 26 55.86 -6.10 50.22
N ILE H 27 56.02 -5.36 51.30
CA ILE H 27 56.72 -4.09 51.30
C ILE H 27 57.93 -4.21 52.20
N GLY H 28 59.06 -3.67 51.76
CA GLY H 28 60.26 -3.70 52.58
C GLY H 28 61.07 -2.44 52.44
N ILE H 29 61.86 -2.17 53.47
CA ILE H 29 62.79 -1.05 53.51
C ILE H 29 64.16 -1.61 53.83
N SER H 30 65.18 -1.09 53.17
CA SER H 30 66.56 -1.48 53.41
C SER H 30 66.96 -1.24 54.86
N THR H 31 67.52 -2.26 55.50
CA THR H 31 68.08 -2.13 56.85
C THR H 31 69.18 -1.09 56.92
N THR H 32 69.98 -0.95 55.86
CA THR H 32 71.16 -0.11 55.92
C THR H 32 70.93 1.29 55.37
N ASN H 33 69.82 1.53 54.66
CA ASN H 33 69.64 2.79 53.96
C ASN H 33 68.13 3.00 53.85
N SER H 34 67.56 3.86 54.70
CA SER H 34 66.16 4.22 54.54
C SER H 34 65.93 4.99 53.24
N ALA H 35 64.64 5.17 52.90
CA ALA H 35 64.14 5.74 51.64
C ALA H 35 64.49 4.88 50.42
N ILE H 36 64.97 3.66 50.64
CA ILE H 36 65.08 2.66 49.59
C ILE H 36 64.02 1.62 49.90
N LYS H 37 62.93 1.62 49.14
CA LYS H 37 61.79 0.77 49.42
C LYS H 37 61.56 -0.20 48.27
N LEU H 38 61.08 -1.39 48.62
CA LEU H 38 60.84 -2.47 47.69
C LEU H 38 59.42 -2.98 47.87
N THR H 39 58.61 -2.92 46.84
CA THR H 39 57.30 -3.56 46.82
C THR H 39 57.32 -4.72 45.85
N LEU H 40 56.94 -5.91 46.32
CA LEU H 40 57.11 -7.11 45.51
C LEU H 40 55.99 -8.09 45.75
N ASP H 41 55.37 -8.55 44.66
CA ASP H 41 54.48 -9.70 44.68
C ASP H 41 55.28 -11.00 44.62
N ILE H 42 54.89 -11.99 45.41
CA ILE H 42 55.56 -13.29 45.43
C ILE H 42 54.53 -14.40 45.60
N ASN H 43 54.92 -15.59 45.16
CA ASN H 43 54.06 -16.77 45.24
C ASN H 43 54.16 -17.31 46.68
N ASN H 44 53.03 -17.32 47.38
CA ASN H 44 52.95 -17.81 48.76
C ASN H 44 53.42 -19.24 48.93
N GLU H 45 52.95 -20.15 48.07
CA GLU H 45 53.15 -21.58 48.33
C GLU H 45 54.57 -22.03 48.07
N MET H 46 55.31 -21.31 47.26
CA MET H 46 56.66 -21.68 46.89
C MET H 46 57.66 -21.05 47.82
N PHE H 47 57.35 -19.87 48.32
CA PHE H 47 58.27 -19.10 49.14
C PHE H 47 57.46 -18.35 50.19
N PRO H 48 57.02 -19.06 51.24
CA PRO H 48 56.22 -18.41 52.29
C PRO H 48 57.07 -17.43 53.07
N VAL H 49 56.56 -16.22 53.22
CA VAL H 49 57.25 -15.19 53.97
C VAL H 49 56.35 -14.73 55.10
N SER H 50 56.99 -14.31 56.17
CA SER H 50 56.29 -13.74 57.31
C SER H 50 56.75 -12.31 57.48
N GLN H 51 56.05 -11.58 58.33
CA GLN H 51 56.44 -10.22 58.61
C GLN H 51 57.70 -10.21 59.45
N ASP H 52 58.53 -9.19 59.23
CA ASP H 52 59.83 -8.92 59.88
C ASP H 52 60.93 -9.87 59.40
N ASP H 53 60.70 -10.63 58.36
CA ASP H 53 61.73 -11.52 57.83
C ASP H 53 62.82 -10.74 57.12
N SER H 54 64.05 -11.21 57.24
CA SER H 54 65.19 -10.62 56.57
C SER H 54 65.45 -11.37 55.27
N LEU H 55 65.53 -10.62 54.17
CA LEU H 55 65.63 -11.19 52.84
C LEU H 55 66.73 -10.49 52.08
N THR H 56 67.67 -11.26 51.54
CA THR H 56 68.70 -10.72 50.68
C THR H 56 68.18 -10.71 49.26
N VAL H 57 68.19 -9.54 48.63
CA VAL H 57 67.60 -9.36 47.30
C VAL H 57 68.70 -8.90 46.37
N THR H 58 68.97 -9.70 45.36
CA THR H 58 69.95 -9.36 44.34
C THR H 58 69.27 -9.18 43.00
N LEU H 59 69.72 -8.20 42.23
CA LEU H 59 69.23 -7.96 40.89
C LEU H 59 70.36 -8.07 39.88
N ALA H 60 70.22 -8.99 38.94
CA ALA H 60 71.22 -9.22 37.91
C ALA H 60 70.55 -9.10 36.56
N ASN H 61 71.36 -8.87 35.53
CA ASN H 61 70.86 -8.94 34.16
C ASN H 61 71.28 -10.22 33.45
N SER H 62 71.92 -11.15 34.16
CA SER H 62 72.34 -12.42 33.60
C SER H 62 72.63 -13.35 34.76
N LEU H 63 72.31 -14.63 34.60
CA LEU H 63 72.65 -15.62 35.61
C LEU H 63 73.93 -16.38 35.28
N SER H 64 74.65 -16.00 34.24
CA SER H 64 75.83 -16.76 33.82
C SER H 64 77.05 -16.28 34.60
N LEU H 65 77.73 -17.20 35.26
CA LEU H 65 78.91 -16.85 36.05
C LEU H 65 80.11 -16.56 35.16
N LYS H 76 68.33 -18.19 23.42
CA LYS H 76 67.11 -17.45 23.73
C LYS H 76 65.93 -18.34 24.05
N SER H 77 65.98 -19.59 23.59
CA SER H 77 64.85 -20.51 23.76
C SER H 77 65.16 -21.32 24.99
N TRP H 78 64.34 -21.14 26.03
CA TRP H 78 64.54 -21.77 27.33
C TRP H 78 64.56 -23.28 27.21
N ARG H 79 65.51 -23.89 27.91
CA ARG H 79 65.59 -25.33 27.96
C ARG H 79 65.66 -25.76 29.42
N PRO H 80 65.18 -26.95 29.73
CA PRO H 80 65.33 -27.48 31.09
C PRO H 80 66.77 -27.52 31.51
N PRO H 81 67.10 -27.01 32.69
CA PRO H 81 68.51 -26.87 33.08
C PRO H 81 69.17 -28.23 33.26
N LYS H 82 70.38 -28.36 32.71
CA LYS H 82 71.16 -29.56 32.94
C LYS H 82 71.68 -29.56 34.38
N PRO H 83 71.69 -30.70 35.05
CA PRO H 83 72.29 -30.75 36.40
C PRO H 83 73.78 -30.49 36.44
N THR H 84 74.50 -30.58 35.31
CA THR H 84 75.94 -30.37 35.33
C THR H 84 76.36 -28.90 35.30
N ASP H 85 75.62 -28.03 34.63
CA ASP H 85 76.06 -26.64 34.53
C ASP H 85 75.70 -25.88 35.81
N LYS H 86 76.20 -24.66 35.91
CA LYS H 86 76.08 -23.92 37.16
C LYS H 86 75.91 -22.44 36.85
N SER H 87 75.04 -21.79 37.63
CA SER H 87 74.62 -20.43 37.41
C SER H 87 74.43 -19.79 38.77
N LEU H 88 74.29 -18.45 38.76
CA LEU H 88 74.04 -17.66 39.97
C LEU H 88 72.86 -18.16 40.80
N ALA H 89 71.90 -18.86 40.19
CA ALA H 89 70.69 -19.23 40.89
C ALA H 89 70.88 -20.43 41.81
N ASP H 90 72.03 -21.10 41.75
CA ASP H 90 72.26 -22.27 42.59
C ASP H 90 72.33 -21.93 44.08
N ASP H 91 72.59 -20.68 44.44
CA ASP H 91 72.72 -20.26 45.81
C ASP H 91 71.52 -19.51 46.35
N TYR H 92 70.46 -19.37 45.57
CA TYR H 92 69.26 -18.71 46.06
C TYR H 92 68.04 -19.64 46.05
N ASP H 93 67.01 -19.20 46.75
CA ASP H 93 65.79 -19.98 46.95
C ASP H 93 64.68 -19.63 45.97
N TYR H 94 64.62 -18.39 45.51
CA TYR H 94 63.47 -17.92 44.75
C TYR H 94 64.00 -16.96 43.71
N VAL H 95 63.82 -17.30 42.44
CA VAL H 95 64.33 -16.48 41.35
C VAL H 95 63.18 -16.15 40.42
N MET H 96 63.12 -14.92 39.94
CA MET H 96 62.11 -14.52 38.97
C MET H 96 62.77 -13.75 37.85
N PHE H 97 62.16 -13.79 36.67
CA PHE H 97 62.66 -13.08 35.51
C PHE H 97 61.62 -12.12 34.96
N GLY H 98 62.04 -10.92 34.58
CA GLY H 98 61.05 -9.91 34.26
C GLY H 98 61.48 -8.85 33.28
N THR H 99 60.54 -7.94 33.01
CA THR H 99 60.67 -6.86 32.04
C THR H 99 60.59 -5.53 32.75
N VAL H 100 61.53 -4.63 32.49
CA VAL H 100 61.46 -3.28 33.02
C VAL H 100 60.52 -2.46 32.15
N TYR H 101 59.42 -1.97 32.74
CA TYR H 101 58.44 -1.26 31.94
C TYR H 101 58.29 0.21 32.31
N LYS H 102 59.07 0.72 33.25
CA LYS H 102 59.06 2.15 33.56
C LYS H 102 60.33 2.48 34.34
N PHE H 103 61.06 3.48 33.84
CA PHE H 103 62.24 4.04 34.48
C PHE H 103 62.02 5.52 34.82
N GLU H 104 61.76 5.81 36.09
CA GLU H 104 61.31 7.12 36.55
C GLU H 104 62.49 8.00 36.94
N GLU H 105 62.76 9.03 36.14
CA GLU H 105 63.81 10.00 36.45
C GLU H 105 63.09 11.12 37.20
N GLY H 106 62.96 10.90 38.51
CA GLY H 106 62.16 11.71 39.40
C GLY H 106 62.89 12.89 40.04
N ASP H 107 62.24 13.44 41.07
CA ASP H 107 62.67 14.59 41.84
C ASP H 107 63.81 14.13 42.72
N GLU H 108 64.51 15.11 43.34
CA GLU H 108 65.84 15.06 43.99
C GLU H 108 66.47 13.67 44.11
N ASP H 109 65.91 12.76 44.91
CA ASP H 109 66.49 11.43 44.72
C ASP H 109 65.39 10.38 44.77
N LYS H 110 64.18 10.73 44.33
CA LYS H 110 63.07 9.78 44.31
C LYS H 110 63.08 9.01 43.00
N ILE H 111 63.67 7.82 42.96
CA ILE H 111 63.71 7.04 41.75
C ILE H 111 62.88 5.79 41.96
N LYS H 112 61.97 5.51 41.03
CA LYS H 112 61.17 4.29 41.10
C LYS H 112 61.46 3.48 39.85
N VAL H 113 61.58 2.17 40.02
CA VAL H 113 61.80 1.25 38.92
C VAL H 113 60.70 0.22 38.96
N TYR H 114 59.86 0.22 37.95
CA TYR H 114 58.75 -0.72 37.87
C TYR H 114 59.13 -1.85 36.93
N VAL H 115 58.98 -3.08 37.41
CA VAL H 115 59.30 -4.28 36.64
C VAL H 115 58.10 -5.20 36.75
N SER H 116 57.80 -5.91 35.65
CA SER H 116 56.71 -6.87 35.59
C SER H 116 57.27 -8.27 35.38
N PHE H 117 57.05 -9.16 36.36
CA PHE H 117 57.42 -10.56 36.24
C PHE H 117 56.19 -11.37 35.81
N GLY H 118 55.84 -11.28 34.54
CA GLY H 118 54.64 -11.92 34.02
C GLY H 118 53.36 -11.50 34.70
N GLY H 119 53.26 -10.26 35.12
CA GLY H 119 52.11 -9.77 35.83
C GLY H 119 52.28 -9.74 37.33
N LEU H 120 53.24 -10.48 37.86
CA LEU H 120 53.72 -10.23 39.22
C LEU H 120 54.58 -8.98 39.24
N LEU H 121 54.14 -7.96 39.96
CA LEU H 121 54.69 -6.62 39.80
C LEU H 121 55.70 -6.31 40.89
N MET H 122 56.64 -5.44 40.56
CA MET H 122 57.63 -4.95 41.50
C MET H 122 57.76 -3.44 41.33
N CYS H 123 57.78 -2.72 42.44
CA CYS H 123 58.29 -1.36 42.47
C CYS H 123 59.49 -1.30 43.40
N LEU H 124 60.60 -0.79 42.88
CA LEU H 124 61.80 -0.56 43.66
C LEU H 124 62.06 0.94 43.75
N GLU H 125 62.01 1.47 44.96
CA GLU H 125 62.28 2.88 45.21
C GLU H 125 63.68 3.03 45.80
N GLY H 126 64.34 4.15 45.49
CA GLY H 126 65.68 4.33 45.99
C GLY H 126 66.37 5.50 45.31
N GLY H 127 67.68 5.58 45.54
CA GLY H 127 68.47 6.68 45.03
C GLY H 127 69.21 6.42 43.74
N TYR H 128 69.62 7.52 43.09
CA TYR H 128 70.30 7.46 41.80
C TYR H 128 71.60 6.66 41.86
N LYS H 129 72.38 6.88 42.91
CA LYS H 129 73.68 6.22 43.03
C LYS H 129 73.55 4.72 43.25
N SER H 130 72.45 4.28 43.85
CA SER H 130 72.19 2.86 44.05
C SER H 130 71.54 2.17 42.85
N LEU H 131 70.88 2.92 41.97
CA LEU H 131 70.04 2.32 40.94
C LEU H 131 70.36 2.71 39.51
N ALA H 132 71.43 3.47 39.26
CA ALA H 132 71.74 3.96 37.92
C ALA H 132 72.01 2.81 36.94
N SER H 133 72.59 1.72 37.42
CA SER H 133 72.92 0.59 36.57
C SER H 133 71.69 -0.21 36.16
N LEU H 134 70.57 -0.06 36.87
CA LEU H 134 69.35 -0.82 36.60
C LEU H 134 68.58 -0.39 35.34
N LYS H 135 69.02 0.61 34.58
CA LYS H 135 68.33 0.94 33.33
C LYS H 135 68.60 -0.15 32.29
N GLN H 136 67.88 -1.25 32.42
CA GLN H 136 68.10 -2.42 31.61
C GLN H 136 66.82 -2.81 30.88
N ASP H 137 66.97 -3.73 29.93
CA ASP H 137 65.81 -4.33 29.27
C ASP H 137 65.17 -5.43 30.09
N ASN H 138 65.97 -6.32 30.67
CA ASN H 138 65.42 -7.39 31.48
C ASN H 138 66.17 -7.49 32.79
N LEU H 139 65.51 -8.04 33.80
CA LEU H 139 66.13 -8.20 35.10
C LEU H 139 65.73 -9.53 35.69
N TYR H 140 66.70 -10.20 36.30
CA TYR H 140 66.43 -11.24 37.28
C TYR H 140 66.35 -10.63 38.66
N ILE H 141 65.53 -11.24 39.51
CA ILE H 141 65.53 -10.95 40.93
C ILE H 141 65.79 -12.26 41.66
N LEU H 142 66.72 -12.22 42.60
CA LEU H 142 67.09 -13.40 43.36
C LEU H 142 66.89 -13.08 44.83
N ILE H 143 66.26 -14.00 45.56
CA ILE H 143 65.88 -13.78 46.95
C ILE H 143 66.51 -14.91 47.74
N ARG H 144 67.19 -14.55 48.82
CA ARG H 144 67.89 -15.51 49.65
C ARG H 144 67.30 -15.60 51.05
N ARG H 145 67.10 -16.84 51.49
CA ARG H 145 66.65 -17.26 52.83
C ARG H 145 65.16 -16.99 53.03
N SER I 3 -32.93 21.62 40.80
CA SER I 3 -34.35 21.31 40.71
C SER I 3 -35.04 22.23 39.71
N PHE I 4 -35.45 21.70 38.55
CA PHE I 4 -36.15 22.47 37.54
C PHE I 4 -37.55 21.89 37.42
N ARG I 5 -38.57 22.72 37.23
CA ARG I 5 -39.89 22.15 37.42
C ARG I 5 -40.73 22.11 36.15
N PHE I 6 -41.86 21.43 36.30
CA PHE I 6 -42.85 21.16 35.26
C PHE I 6 -44.21 21.72 35.63
N CYS I 7 -44.95 22.11 34.59
CA CYS I 7 -46.28 22.65 34.76
C CYS I 7 -47.18 21.59 35.38
N LEU I 8 -47.97 22.00 36.37
CA LEU I 8 -48.79 21.03 37.08
C LEU I 8 -50.02 20.58 36.30
N GLU I 9 -50.33 21.17 35.16
CA GLU I 9 -51.48 20.78 34.36
C GLU I 9 -51.14 20.22 32.99
N CYS I 10 -49.95 20.50 32.47
CA CYS I 10 -49.57 20.07 31.13
C CYS I 10 -48.37 19.15 31.17
N ASN I 11 -47.61 19.16 32.26
CA ASN I 11 -46.39 18.41 32.59
C ASN I 11 -45.19 18.80 31.72
N ASN I 12 -45.35 19.73 30.79
CA ASN I 12 -44.23 20.26 30.04
C ASN I 12 -43.46 21.28 30.86
N MET I 13 -42.23 21.56 30.41
CA MET I 13 -41.30 22.34 31.21
C MET I 13 -41.57 23.83 31.13
N LEU I 14 -41.39 24.52 32.25
CA LEU I 14 -41.59 25.96 32.32
C LEU I 14 -40.31 26.71 31.97
N TYR I 15 -40.45 27.79 31.20
CA TYR I 15 -39.26 28.59 30.91
C TYR I 15 -39.34 29.94 31.61
N PRO I 16 -38.22 30.49 32.08
CA PRO I 16 -38.28 31.79 32.76
C PRO I 16 -38.48 32.92 31.76
N LYS I 17 -39.41 33.83 32.06
CA LYS I 17 -39.68 34.97 31.20
C LYS I 17 -40.06 36.16 32.07
N GLU I 18 -39.59 37.35 31.69
CA GLU I 18 -39.87 38.55 32.48
C GLU I 18 -41.24 39.12 32.15
N ASP I 19 -41.95 39.55 33.18
CA ASP I 19 -43.16 40.38 33.06
C ASP I 19 -42.81 41.86 33.07
N LYS I 20 -42.70 42.46 31.87
CA LYS I 20 -42.17 43.82 31.73
C LYS I 20 -43.06 44.85 32.42
N GLU I 21 -44.38 44.62 32.39
CA GLU I 21 -45.32 45.63 32.89
C GLU I 21 -45.30 45.73 34.41
N ASN I 22 -45.30 44.61 35.13
CA ASN I 22 -45.27 44.64 36.58
C ASN I 22 -43.85 44.64 37.12
N GLN I 23 -42.87 44.42 36.24
CA GLN I 23 -41.44 44.37 36.52
C GLN I 23 -41.12 43.28 37.55
N ARG I 24 -41.46 42.04 37.17
CA ARG I 24 -41.21 40.85 37.97
C ARG I 24 -40.89 39.66 37.09
N LEU I 25 -40.14 38.71 37.66
CA LEU I 25 -39.72 37.49 36.97
C LEU I 25 -40.80 36.43 37.11
N LEU I 26 -41.18 35.83 35.98
CA LEU I 26 -42.13 34.73 35.90
C LEU I 26 -41.47 33.45 35.38
N TYR I 27 -42.18 32.33 35.58
CA TYR I 27 -41.87 31.05 34.96
C TYR I 27 -43.03 30.66 34.04
N SER I 28 -42.81 30.77 32.74
CA SER I 28 -43.87 30.50 31.76
C SER I 28 -43.70 29.17 31.05
N CYS I 29 -44.83 28.56 30.71
CA CYS I 29 -44.95 27.37 29.89
C CYS I 29 -44.81 27.74 28.41
N ARG I 30 -44.81 26.72 27.54
CA ARG I 30 -44.67 26.94 26.11
C ARG I 30 -45.76 26.23 25.32
N ASN I 31 -46.55 25.36 25.95
CA ASN I 31 -47.70 24.76 25.28
C ASN I 31 -49.04 25.29 25.75
N CYS I 32 -49.08 26.10 26.80
CA CYS I 32 -50.34 26.66 27.25
C CYS I 32 -50.05 27.98 27.98
N ASP I 33 -51.10 28.55 28.57
CA ASP I 33 -51.06 29.89 29.12
C ASP I 33 -50.71 29.94 30.60
N TYR I 34 -50.32 28.81 31.20
CA TYR I 34 -50.07 28.81 32.64
C TYR I 34 -48.79 29.58 32.94
N THR I 35 -48.80 30.34 34.04
CA THR I 35 -47.63 31.11 34.45
C THR I 35 -47.68 31.23 35.97
N GLU I 36 -46.50 31.33 36.60
CA GLU I 36 -46.42 31.45 38.05
C GLU I 36 -45.20 32.29 38.44
N LEU I 37 -45.20 32.73 39.69
CA LEU I 37 -44.19 33.63 40.21
C LEU I 37 -42.90 32.91 40.60
N ALA I 38 -41.77 33.56 40.35
CA ALA I 38 -40.45 32.98 40.60
C ALA I 38 -40.05 33.26 42.05
N GLU I 39 -39.71 32.20 42.78
CA GLU I 39 -39.17 32.33 44.13
C GLU I 39 -37.69 32.67 44.19
N ASP I 40 -36.95 32.47 43.11
CA ASP I 40 -35.49 32.58 43.13
C ASP I 40 -35.02 33.46 41.98
N PRO I 41 -34.31 34.57 42.25
CA PRO I 41 -33.79 35.38 41.14
C PRO I 41 -32.73 34.64 40.33
N LYS I 42 -32.07 33.63 40.90
CA LYS I 42 -31.05 32.90 40.18
C LYS I 42 -31.70 32.01 39.13
N VAL I 43 -31.14 32.00 37.93
CA VAL I 43 -31.75 31.29 36.81
C VAL I 43 -30.86 30.16 36.30
N TYR I 44 -29.55 30.25 36.50
CA TYR I 44 -28.59 29.35 35.89
C TYR I 44 -27.30 29.47 36.69
N ARG I 45 -26.64 28.34 36.91
CA ARG I 45 -25.33 28.35 37.54
C ARG I 45 -24.44 27.37 36.80
N HIS I 46 -23.17 27.75 36.65
CA HIS I 46 -22.16 26.97 35.98
C HIS I 46 -20.92 26.93 36.86
N GLU I 47 -20.62 25.75 37.39
CA GLU I 47 -19.47 25.55 38.27
C GLU I 47 -18.32 25.05 37.41
N LEU I 48 -17.27 25.86 37.33
CA LEU I 48 -16.03 25.44 36.67
C LEU I 48 -15.14 24.64 37.61
N ILE I 49 -14.88 25.17 38.80
CA ILE I 49 -14.17 24.42 39.83
C ILE I 49 -15.24 23.73 40.67
N THR I 50 -15.56 22.49 40.34
CA THR I 50 -16.68 21.79 40.95
C THR I 50 -16.19 20.73 41.93
N ASN I 51 -17.04 20.42 42.91
CA ASN I 51 -16.80 19.33 43.84
C ASN I 51 -18.00 18.40 43.95
N ILE I 52 -18.99 18.54 43.07
CA ILE I 52 -20.21 17.75 43.14
C ILE I 52 -20.01 16.31 42.66
N GLY I 53 -20.62 15.39 43.38
CA GLY I 53 -20.50 13.95 43.33
C GLY I 53 -19.30 13.35 44.03
N GLU I 54 -18.57 14.12 44.83
CA GLU I 54 -17.42 13.57 45.54
C GLU I 54 -17.84 12.54 46.58
N THR I 55 -18.72 12.97 47.48
CA THR I 55 -19.33 12.33 48.63
C THR I 55 -20.61 11.52 48.37
N ALA I 56 -21.46 12.00 47.44
CA ALA I 56 -22.74 11.44 46.91
C ALA I 56 -22.96 9.95 47.14
N GLY I 57 -22.14 9.02 46.63
CA GLY I 57 -22.64 7.64 46.67
C GLY I 57 -22.50 7.05 48.07
N ILE I 58 -23.45 7.40 48.94
CA ILE I 58 -23.59 6.86 50.28
C ILE I 58 -24.73 5.85 50.34
N VAL I 59 -24.50 4.54 50.33
CA VAL I 59 -25.69 3.70 50.30
C VAL I 59 -25.80 2.96 51.63
N ASP I 60 -27.03 2.54 51.95
CA ASP I 60 -27.29 1.82 53.21
C ASP I 60 -26.65 0.44 53.34
N ASP I 61 -26.31 -0.22 52.23
CA ASP I 61 -25.76 -1.57 52.32
C ASP I 61 -24.27 -1.65 52.03
N ILE I 62 -23.56 -0.53 52.09
CA ILE I 62 -22.13 -0.54 51.80
C ILE I 62 -21.35 -1.38 52.80
N GLY I 63 -21.83 -1.49 54.03
CA GLY I 63 -21.22 -2.34 55.05
C GLY I 63 -21.44 -3.83 54.88
N GLN I 64 -22.29 -4.24 53.94
CA GLN I 64 -22.50 -5.65 53.68
C GLN I 64 -21.55 -6.20 52.64
N ASP I 65 -20.79 -5.33 52.00
CA ASP I 65 -19.78 -5.61 51.00
C ASP I 65 -18.49 -6.08 51.67
N PRO I 66 -18.18 -7.38 51.64
CA PRO I 66 -17.01 -7.88 52.37
C PRO I 66 -15.68 -7.53 51.72
N THR I 67 -15.70 -6.92 50.54
CA THR I 67 -14.49 -6.54 49.83
C THR I 67 -13.91 -5.22 50.29
N LEU I 68 -14.66 -4.45 51.05
CA LEU I 68 -14.21 -3.17 51.59
C LEU I 68 -13.32 -3.34 52.82
N PRO I 69 -12.26 -2.56 52.91
CA PRO I 69 -11.40 -2.60 54.09
C PRO I 69 -12.07 -1.96 55.29
N ARG I 70 -11.65 -2.41 56.48
CA ARG I 70 -12.26 -2.01 57.72
C ARG I 70 -11.24 -1.26 58.57
N SER I 71 -11.76 -0.32 59.37
CA SER I 71 -10.92 0.59 60.14
C SER I 71 -11.39 0.64 61.59
N ASP I 72 -10.58 1.31 62.39
CA ASP I 72 -10.84 1.51 63.81
C ASP I 72 -11.41 2.88 64.18
N LYS I 73 -11.60 3.77 63.18
CA LYS I 73 -11.96 5.16 63.47
C LYS I 73 -13.24 5.26 64.28
N GLU I 74 -13.24 6.18 65.24
CA GLU I 74 -14.38 6.37 66.13
C GLU I 74 -15.47 7.20 65.47
N CYS I 75 -16.67 6.65 65.42
CA CYS I 75 -17.82 7.39 64.89
C CYS I 75 -18.13 8.58 65.80
N PRO I 76 -18.41 9.76 65.24
CA PRO I 76 -18.83 10.86 66.11
C PRO I 76 -20.18 10.62 66.76
N GLU I 77 -21.12 9.98 66.05
CA GLU I 77 -22.45 9.76 66.60
C GLU I 77 -22.50 8.67 67.66
N CYS I 78 -22.37 7.42 67.22
CA CYS I 78 -22.54 6.26 68.10
C CYS I 78 -21.26 5.70 68.68
N HIS I 79 -20.08 6.14 68.21
CA HIS I 79 -18.77 5.69 68.72
C HIS I 79 -18.53 4.18 68.51
N SER I 80 -19.03 3.62 67.40
CA SER I 80 -18.72 2.23 67.05
C SER I 80 -17.29 2.05 66.50
N ARG I 81 -16.77 0.85 66.71
CA ARG I 81 -15.42 0.45 66.34
C ARG I 81 -15.45 -0.49 65.14
N ASP I 82 -16.25 -0.13 64.13
CA ASP I 82 -16.48 -1.03 62.98
C ASP I 82 -17.04 -0.20 61.86
N CYS I 83 -16.27 -0.04 60.78
CA CYS I 83 -16.69 0.78 59.66
C CYS I 83 -16.04 0.24 58.40
N VAL I 84 -16.52 0.72 57.25
CA VAL I 84 -15.84 0.50 55.98
C VAL I 84 -15.33 1.85 55.50
N PHE I 85 -14.26 1.83 54.70
CA PHE I 85 -13.75 3.09 54.17
C PHE I 85 -13.41 2.93 52.70
N PHE I 86 -13.23 4.06 52.03
CA PHE I 86 -12.96 4.06 50.59
C PHE I 86 -12.51 5.45 50.19
N GLN I 87 -11.61 5.52 49.20
CA GLN I 87 -11.26 6.83 48.67
C GLN I 87 -12.40 7.34 47.79
N SER I 88 -12.28 8.58 47.33
CA SER I 88 -13.32 9.24 46.54
C SER I 88 -13.69 8.45 45.29
N GLN I 89 -15.00 8.33 45.05
CA GLN I 89 -15.56 7.73 43.84
C GLN I 89 -15.64 8.69 42.67
N GLN I 90 -15.12 9.90 42.82
CA GLN I 90 -15.00 10.83 41.72
C GLN I 90 -13.88 10.41 40.79
N ARG I 91 -14.20 10.21 39.52
CA ARG I 91 -13.29 9.68 38.50
C ARG I 91 -12.57 10.77 37.72
N ARG I 92 -12.25 11.88 38.36
CA ARG I 92 -11.46 12.90 37.70
C ARG I 92 -9.99 12.52 37.84
N LYS I 93 -9.15 13.13 37.00
CA LYS I 93 -7.73 12.79 37.05
C LYS I 93 -7.02 13.50 38.19
N ASP I 94 -7.51 14.66 38.59
CA ASP I 94 -6.94 15.46 39.66
C ASP I 94 -7.55 15.17 41.03
N THR I 95 -8.41 14.15 41.13
CA THR I 95 -9.09 13.81 42.38
C THR I 95 -8.07 13.49 43.46
N ASN I 96 -8.34 13.96 44.68
CA ASN I 96 -7.51 13.65 45.82
C ASN I 96 -7.60 12.15 46.15
N MET I 97 -6.74 11.70 47.06
CA MET I 97 -6.72 10.33 47.49
C MET I 97 -7.21 10.17 48.92
N THR I 98 -7.75 11.24 49.50
CA THR I 98 -8.20 11.23 50.88
C THR I 98 -9.37 10.26 51.05
N LEU I 99 -9.41 9.62 52.20
CA LEU I 99 -10.34 8.53 52.38
C LEU I 99 -11.62 9.05 53.01
N PHE I 100 -12.72 8.41 52.65
CA PHE I 100 -14.01 8.57 53.32
C PHE I 100 -14.28 7.33 54.16
N TYR I 101 -14.68 7.54 55.39
CA TYR I 101 -15.06 6.45 56.28
C TYR I 101 -16.57 6.52 56.45
N VAL I 102 -17.22 5.37 56.50
CA VAL I 102 -18.66 5.29 56.72
C VAL I 102 -18.96 4.41 57.92
N CYS I 103 -19.52 5.02 58.97
CA CYS I 103 -19.93 4.27 60.15
C CYS I 103 -21.08 3.37 59.74
N LEU I 104 -21.01 2.10 60.07
CA LEU I 104 -22.11 1.23 59.66
C LEU I 104 -23.40 1.46 60.43
N ASN I 105 -23.41 2.31 61.45
CA ASN I 105 -24.62 2.54 62.25
C ASN I 105 -25.36 3.77 61.71
N CYS I 106 -24.76 4.97 61.86
CA CYS I 106 -25.44 6.18 61.40
C CYS I 106 -25.15 6.56 59.95
N LYS I 107 -24.24 5.87 59.27
CA LYS I 107 -23.84 6.14 57.87
C LYS I 107 -23.30 7.55 57.62
N LYS I 108 -22.66 8.17 58.63
CA LYS I 108 -22.00 9.44 58.38
C LYS I 108 -20.65 9.23 57.68
N THR I 109 -20.28 10.19 56.82
CA THR I 109 -19.01 10.25 56.09
C THR I 109 -18.02 11.31 56.57
N PHE I 110 -16.86 10.87 57.09
CA PHE I 110 -15.83 11.79 57.56
C PHE I 110 -14.50 11.48 56.89
N ARG I 111 -13.48 12.27 57.20
CA ARG I 111 -12.13 12.16 56.65
C ARG I 111 -11.07 12.15 57.75
N ASP I 112 -9.81 12.03 57.34
CA ASP I 112 -8.65 12.10 58.22
C ASP I 112 -7.92 13.44 58.20
N GLU I 113 -8.60 14.57 58.04
CA GLU I 113 -7.88 15.84 58.02
C GLU I 113 -7.86 16.52 59.38
N MET J 1 9.12 -48.36 26.08
CA MET J 1 8.29 -49.29 25.35
C MET J 1 8.43 -50.64 25.98
N ILE J 2 9.68 -51.08 26.08
CA ILE J 2 10.07 -52.29 26.80
C ILE J 2 11.41 -51.93 27.42
N ILE J 3 11.76 -52.58 28.53
CA ILE J 3 12.96 -52.27 29.32
C ILE J 3 14.19 -52.26 28.44
N PRO J 4 14.99 -51.20 28.48
CA PRO J 4 16.23 -51.16 27.70
C PRO J 4 17.22 -52.22 28.13
N VAL J 5 17.98 -52.70 27.15
CA VAL J 5 18.99 -53.72 27.42
C VAL J 5 20.09 -53.14 28.29
N ARG J 6 20.60 -51.95 27.96
CA ARG J 6 21.69 -51.35 28.70
C ARG J 6 21.26 -50.04 29.32
N CYS J 7 21.88 -49.69 30.44
CA CYS J 7 21.88 -48.32 30.94
C CYS J 7 22.50 -47.42 29.90
N PHE J 8 21.79 -46.35 29.53
CA PHE J 8 22.30 -45.40 28.54
C PHE J 8 23.65 -44.80 28.92
N SER J 9 23.80 -44.41 30.19
CA SER J 9 24.96 -43.61 30.58
C SER J 9 26.22 -44.42 30.80
N CYS J 10 26.13 -45.57 31.47
CA CYS J 10 27.32 -46.33 31.78
C CYS J 10 27.44 -47.68 31.09
N GLY J 11 26.37 -48.24 30.59
CA GLY J 11 26.44 -49.49 29.87
C GLY J 11 26.16 -50.77 30.63
N LYS J 12 26.00 -50.73 31.96
CA LYS J 12 25.71 -51.95 32.71
C LYS J 12 24.41 -52.56 32.21
N VAL J 13 24.37 -53.88 32.06
CA VAL J 13 23.17 -54.55 31.61
C VAL J 13 22.09 -54.44 32.67
N VAL J 14 20.93 -53.92 32.28
CA VAL J 14 19.76 -53.87 33.14
C VAL J 14 18.55 -54.54 32.52
N GLY J 15 18.67 -55.09 31.32
CA GLY J 15 17.50 -55.69 30.75
C GLY J 15 17.12 -57.05 31.28
N ASP J 16 17.88 -57.62 32.20
CA ASP J 16 17.55 -58.89 32.82
C ASP J 16 17.01 -58.75 34.23
N LYS J 17 16.74 -57.53 34.66
CA LYS J 17 16.37 -57.29 36.05
C LYS J 17 14.95 -56.74 36.18
N TRP J 18 14.21 -56.67 35.08
CA TRP J 18 12.89 -56.05 35.10
C TRP J 18 11.87 -56.96 35.80
N ASP J 19 11.90 -58.25 35.48
CA ASP J 19 11.00 -59.20 36.12
C ASP J 19 11.27 -59.29 37.61
N ALA J 20 12.53 -59.33 38.00
CA ALA J 20 12.89 -59.38 39.41
C ALA J 20 12.40 -58.14 40.16
N TYR J 21 12.39 -56.98 39.50
CA TYR J 21 11.94 -55.75 40.15
C TYR J 21 10.44 -55.74 40.42
N LEU J 22 9.62 -56.19 39.47
CA LEU J 22 8.17 -56.22 39.70
C LEU J 22 7.78 -57.18 40.81
N ARG J 23 8.48 -58.31 40.92
CA ARG J 23 8.16 -59.29 41.97
C ARG J 23 8.43 -58.72 43.36
N LEU J 24 9.57 -58.04 43.52
CA LEU J 24 9.94 -57.40 44.79
C LEU J 24 8.92 -56.36 45.24
N LEU J 25 8.24 -55.70 44.30
CA LEU J 25 7.23 -54.71 44.68
C LEU J 25 5.96 -55.35 45.21
N GLU J 26 5.61 -56.54 44.73
CA GLU J 26 4.49 -57.28 45.32
C GLU J 26 4.77 -57.62 46.77
N GLU J 27 5.99 -58.05 47.09
CA GLU J 27 6.33 -58.33 48.49
C GLU J 27 6.40 -57.06 49.39
N GLY J 28 6.01 -55.87 48.95
CA GLY J 28 5.95 -54.69 49.78
C GLY J 28 7.22 -53.90 49.96
N LYS J 29 8.32 -54.27 49.31
CA LYS J 29 9.53 -53.48 49.41
C LYS J 29 9.34 -52.12 48.75
N GLN J 30 10.04 -51.13 49.28
CA GLN J 30 10.06 -49.80 48.70
C GLN J 30 11.07 -49.75 47.57
N GLU J 31 10.82 -48.81 46.64
CA GLU J 31 11.53 -48.76 45.36
C GLU J 31 13.02 -48.65 45.56
N GLY J 32 13.45 -47.77 46.49
CA GLY J 32 14.86 -47.62 46.79
C GLY J 32 15.49 -48.92 47.27
N ASP J 33 14.79 -49.64 48.14
CA ASP J 33 15.30 -50.91 48.67
C ASP J 33 15.36 -52.00 47.61
N ALA J 34 14.33 -52.07 46.75
CA ALA J 34 14.31 -53.04 45.66
C ALA J 34 15.51 -52.86 44.72
N LEU J 35 15.80 -51.62 44.36
CA LEU J 35 16.97 -51.33 43.54
C LEU J 35 18.26 -51.72 44.25
N ASP J 36 18.31 -51.47 45.57
CA ASP J 36 19.47 -51.84 46.39
C ASP J 36 19.73 -53.34 46.34
N GLU J 37 18.67 -54.15 46.49
CA GLU J 37 18.83 -55.60 46.46
C GLU J 37 19.36 -56.09 45.13
N LEU J 38 18.98 -55.43 44.03
CA LEU J 38 19.45 -55.84 42.72
C LEU J 38 20.87 -55.38 42.42
N LYS J 39 21.52 -54.69 43.37
CA LYS J 39 22.90 -54.19 43.27
C LYS J 39 23.07 -53.10 42.22
N LEU J 40 22.04 -52.30 41.98
CA LEU J 40 22.15 -51.18 41.06
C LEU J 40 22.57 -49.97 41.88
N LYS J 41 23.87 -49.76 42.02
CA LYS J 41 24.33 -48.79 43.01
C LYS J 41 24.46 -47.38 42.43
N ARG J 42 25.04 -47.24 41.24
CA ARG J 42 25.16 -45.92 40.64
C ARG J 42 23.80 -45.43 40.20
N TYR J 43 23.55 -44.14 40.40
CA TYR J 43 22.24 -43.58 40.08
C TYR J 43 21.94 -43.51 38.59
N CYS J 44 22.93 -43.59 37.71
CA CYS J 44 22.64 -43.74 36.30
C CYS J 44 21.87 -45.04 36.03
N CYS J 45 22.26 -46.14 36.66
CA CYS J 45 21.54 -47.40 36.45
C CYS J 45 20.17 -47.36 37.09
N ARG J 46 20.05 -46.70 38.24
CA ARG J 46 18.77 -46.62 38.96
C ARG J 46 17.67 -45.92 38.18
N ARG J 47 17.98 -44.80 37.51
CA ARG J 47 16.97 -44.12 36.70
C ARG J 47 16.33 -45.06 35.67
N MET J 48 17.12 -45.95 35.06
CA MET J 48 16.66 -46.84 34.00
C MET J 48 15.50 -47.70 34.49
N VAL J 49 15.64 -48.30 35.66
CA VAL J 49 14.59 -49.19 36.12
C VAL J 49 13.47 -48.42 36.80
N LEU J 50 13.83 -47.43 37.62
CA LEU J 50 12.84 -46.67 38.39
C LEU J 50 11.88 -45.87 37.52
N THR J 51 12.35 -45.37 36.38
CA THR J 51 11.53 -44.46 35.57
C THR J 51 11.07 -45.05 34.25
N HIS J 52 11.32 -46.32 33.98
CA HIS J 52 10.82 -46.90 32.74
C HIS J 52 9.31 -47.05 32.82
N VAL J 53 8.64 -46.90 31.67
CA VAL J 53 7.19 -47.05 31.59
C VAL J 53 6.91 -48.15 30.59
N ASP J 54 6.22 -49.19 31.04
CA ASP J 54 6.02 -50.42 30.28
C ASP J 54 4.79 -50.33 29.39
N LEU J 55 4.97 -49.79 28.19
CA LEU J 55 3.83 -49.62 27.31
C LEU J 55 3.49 -50.87 26.51
N ILE J 56 4.43 -51.80 26.36
CA ILE J 56 4.21 -53.00 25.57
C ILE J 56 3.04 -53.84 26.08
N GLU J 57 2.73 -53.78 27.37
CA GLU J 57 1.55 -54.46 27.89
C GLU J 57 0.28 -53.89 27.28
N LYS J 58 0.26 -52.58 27.04
CA LYS J 58 -0.87 -51.98 26.36
C LYS J 58 -0.94 -52.34 24.88
N PHE J 59 0.19 -52.31 24.16
CA PHE J 59 0.13 -52.60 22.72
C PHE J 59 -0.28 -54.04 22.42
N LEU J 60 0.03 -54.99 23.29
CA LEU J 60 -0.35 -56.37 23.03
C LEU J 60 -1.85 -56.60 23.08
N ARG J 61 -2.61 -55.76 23.79
CA ARG J 61 -4.05 -55.92 23.88
C ARG J 61 -4.76 -55.78 22.54
N TYR J 62 -4.12 -55.19 21.53
CA TYR J 62 -4.78 -54.92 20.26
C TYR J 62 -4.66 -56.18 19.44
N ASN J 63 -5.75 -56.95 19.36
CA ASN J 63 -5.89 -58.28 18.76
C ASN J 63 -5.19 -58.43 17.41
N PRO J 64 -4.12 -59.29 17.37
CA PRO J 64 -3.18 -59.43 16.24
C PRO J 64 -3.73 -59.29 14.84
N LEU J 65 -2.94 -58.70 13.93
CA LEU J 65 -3.44 -58.32 12.62
C LEU J 65 -3.13 -59.38 11.57
N GLU J 66 -2.97 -60.62 12.02
CA GLU J 66 -2.95 -61.85 11.19
C GLU J 66 -3.35 -63.01 12.09
N MET K 1 23.36 -39.43 6.54
CA MET K 1 23.49 -39.05 5.15
C MET K 1 24.87 -38.47 4.89
N ASN K 2 25.40 -37.75 5.88
CA ASN K 2 26.77 -37.26 5.85
C ASN K 2 27.59 -37.78 7.01
N ALA K 3 27.10 -38.75 7.74
CA ALA K 3 27.87 -39.35 8.81
C ALA K 3 28.96 -40.19 8.17
N PRO K 4 30.20 -40.11 8.61
CA PRO K 4 31.22 -40.97 8.02
C PRO K 4 31.14 -42.35 8.64
N ASP K 5 31.74 -43.32 7.94
CA ASP K 5 31.81 -44.66 8.48
C ASP K 5 32.62 -44.67 9.76
N ARG K 6 32.06 -45.31 10.79
CA ARG K 6 32.74 -45.32 12.08
C ARG K 6 34.03 -46.12 12.05
N PHE K 7 34.12 -47.17 11.21
CA PHE K 7 35.34 -47.96 11.06
C PHE K 7 36.53 -47.19 10.49
N GLU K 8 36.31 -46.00 9.93
CA GLU K 8 37.40 -45.16 9.42
C GLU K 8 38.30 -44.59 10.51
N LEU K 9 37.92 -44.72 11.78
CA LEU K 9 38.77 -44.27 12.89
C LEU K 9 40.04 -45.10 13.01
N PHE K 10 40.01 -46.37 12.66
CA PHE K 10 41.15 -47.25 12.91
C PHE K 10 41.63 -48.01 11.69
N ILE K 11 40.84 -48.10 10.62
CA ILE K 11 41.26 -48.77 9.40
C ILE K 11 41.98 -47.78 8.49
N LEU K 12 43.20 -48.14 8.14
CA LEU K 12 44.06 -47.28 7.33
C LEU K 12 43.78 -47.48 5.84
N PRO K 13 43.45 -46.42 5.09
CA PRO K 13 43.43 -46.52 3.62
C PRO K 13 44.78 -46.97 3.07
N ASP K 14 44.75 -47.62 1.90
CA ASP K 14 45.97 -48.21 1.35
C ASP K 14 46.98 -47.17 0.87
N ASP K 15 46.52 -46.01 0.41
CA ASP K 15 47.41 -44.96 -0.06
C ASP K 15 47.82 -43.98 1.04
N VAL K 16 47.56 -44.30 2.29
CA VAL K 16 47.77 -43.38 3.41
C VAL K 16 48.72 -44.03 4.41
N PRO K 17 49.87 -43.43 4.70
CA PRO K 17 50.81 -44.07 5.63
C PRO K 17 50.32 -43.87 7.05
N LYS K 18 50.52 -44.90 7.87
CA LYS K 18 50.20 -44.85 9.29
C LYS K 18 50.96 -43.72 10.01
N LEU K 19 52.11 -43.33 9.50
CA LEU K 19 53.06 -42.47 10.20
C LEU K 19 53.80 -41.68 9.13
N LYS K 20 53.98 -40.39 9.38
CA LYS K 20 54.71 -39.52 8.46
C LYS K 20 55.61 -38.54 9.20
N ILE K 21 56.90 -38.57 8.88
CA ILE K 21 57.90 -37.73 9.51
C ILE K 21 58.34 -36.68 8.50
N THR K 22 58.32 -35.42 8.90
CA THR K 22 58.86 -34.35 8.09
C THR K 22 59.76 -33.50 8.95
N PRO K 23 60.69 -32.75 8.36
CA PRO K 23 61.53 -31.87 9.18
C PRO K 23 60.86 -30.52 9.42
N ASP K 24 61.29 -29.88 10.50
CA ASP K 24 61.01 -28.47 10.74
C ASP K 24 62.38 -27.81 10.64
N SER K 25 62.71 -27.35 9.43
CA SER K 25 64.04 -26.79 9.20
C SER K 25 64.22 -25.39 9.79
N ARG K 26 63.16 -24.78 10.33
CA ARG K 26 63.27 -23.44 10.91
C ARG K 26 64.15 -23.42 12.15
N VAL K 27 64.18 -24.52 12.90
CA VAL K 27 65.08 -24.68 14.05
C VAL K 27 65.88 -25.95 13.82
N PRO K 28 67.07 -26.07 14.43
CA PRO K 28 67.85 -27.30 14.25
C PRO K 28 67.23 -28.47 15.00
N ASN K 29 67.23 -29.64 14.34
CA ASN K 29 67.01 -30.95 14.95
C ASN K 29 65.59 -31.13 15.47
N CYS K 30 64.61 -30.78 14.63
CA CYS K 30 63.22 -30.82 15.03
C CYS K 30 62.42 -31.52 13.95
N ILE K 31 61.56 -32.45 14.36
CA ILE K 31 60.70 -33.15 13.43
C ILE K 31 59.24 -32.97 13.78
N ILE K 32 58.40 -33.09 12.77
CA ILE K 32 56.96 -33.14 12.90
C ILE K 32 56.52 -34.55 12.56
N ILE K 33 55.86 -35.23 13.50
CA ILE K 33 55.35 -36.57 13.23
C ILE K 33 53.84 -36.52 13.19
N LYS K 34 53.29 -36.91 12.05
CA LYS K 34 51.86 -37.02 11.83
C LYS K 34 51.42 -38.47 12.01
N PHE K 35 50.56 -38.73 12.97
CA PHE K 35 50.05 -40.07 13.22
C PHE K 35 48.65 -40.19 12.64
N GLU K 36 48.44 -41.19 11.79
CA GLU K 36 47.15 -41.41 11.18
C GLU K 36 46.40 -42.52 11.90
N ARG K 37 45.09 -42.33 12.03
CA ARG K 37 44.16 -43.28 12.66
C ARG K 37 44.56 -43.62 14.09
N GLU K 38 44.81 -42.57 14.88
CA GLU K 38 45.14 -42.71 16.30
C GLU K 38 44.55 -41.57 17.11
N ASP K 39 44.63 -41.71 18.43
CA ASP K 39 43.84 -40.96 19.40
C ASP K 39 44.75 -40.37 20.48
N HIS K 40 44.12 -39.65 21.40
CA HIS K 40 44.73 -39.32 22.69
C HIS K 40 45.29 -40.53 23.44
N THR K 41 44.65 -41.69 23.31
CA THR K 41 45.07 -42.93 23.96
C THR K 41 46.54 -43.22 23.74
N LEU K 42 46.95 -43.26 22.47
CA LEU K 42 48.36 -43.47 22.15
C LEU K 42 49.19 -42.24 22.48
N ALA K 43 48.68 -41.06 22.12
CA ALA K 43 49.48 -39.83 22.09
C ALA K 43 49.92 -39.39 23.47
N ASN K 44 49.00 -39.40 24.44
CA ASN K 44 49.33 -38.94 25.78
C ASN K 44 50.31 -39.89 26.45
N LEU K 45 50.20 -41.18 26.17
CA LEU K 45 51.13 -42.16 26.69
C LEU K 45 52.56 -41.88 26.26
N LEU K 46 52.80 -41.72 24.95
CA LEU K 46 54.13 -41.37 24.45
C LEU K 46 54.63 -40.05 24.99
N ARG K 47 53.74 -39.06 25.12
CA ARG K 47 54.17 -37.69 25.41
C ARG K 47 54.82 -37.57 26.78
N GLU K 48 54.17 -38.09 27.83
CA GLU K 48 54.71 -37.96 29.18
C GLU K 48 56.04 -38.69 29.33
N GLU K 49 56.08 -39.95 28.91
CA GLU K 49 57.30 -40.75 28.83
C GLU K 49 58.47 -39.98 28.22
N LEU K 50 58.24 -39.35 27.06
CA LEU K 50 59.30 -38.62 26.38
C LEU K 50 59.76 -37.43 27.21
N ALA K 51 58.85 -36.79 27.94
CA ALA K 51 59.20 -35.55 28.62
C ALA K 51 60.14 -35.78 29.79
N LEU K 52 60.18 -36.98 30.35
CA LEU K 52 61.09 -37.27 31.44
C LEU K 52 62.50 -37.64 30.97
N TYR K 53 62.71 -37.79 29.68
CA TYR K 53 64.07 -38.04 29.21
C TYR K 53 64.90 -36.76 29.21
N PRO K 54 66.14 -36.82 29.69
CA PRO K 54 66.98 -35.62 29.75
C PRO K 54 67.34 -35.00 28.42
N ASP K 55 67.40 -35.76 27.35
CA ASP K 55 67.80 -35.21 26.06
C ASP K 55 66.65 -34.75 25.19
N VAL K 56 65.41 -34.82 25.65
CA VAL K 56 64.29 -34.24 24.93
C VAL K 56 64.05 -32.83 25.48
N THR K 57 64.19 -31.83 24.61
CA THR K 57 64.00 -30.44 25.01
C THR K 57 62.61 -29.91 24.72
N PHE K 58 61.90 -30.51 23.78
CA PHE K 58 60.53 -30.08 23.50
C PHE K 58 59.74 -31.28 23.01
N VAL K 59 58.58 -31.51 23.61
CA VAL K 59 57.61 -32.45 23.09
C VAL K 59 56.19 -31.93 23.30
N ALA K 60 55.36 -32.02 22.27
CA ALA K 60 53.97 -31.58 22.34
C ALA K 60 53.18 -32.32 21.28
N TYR K 61 51.86 -32.37 21.50
CA TYR K 61 50.93 -32.88 20.51
C TYR K 61 49.62 -32.11 20.52
N LYS K 62 48.88 -32.19 19.40
CA LYS K 62 47.53 -31.67 19.36
C LYS K 62 46.68 -32.61 18.50
N VAL K 63 45.44 -32.84 18.91
CA VAL K 63 44.43 -33.43 18.05
C VAL K 63 43.70 -32.28 17.40
N GLU K 64 43.99 -32.04 16.11
CA GLU K 64 43.51 -30.82 15.47
C GLU K 64 42.00 -30.77 15.33
N HIS K 65 41.35 -31.89 15.10
CA HIS K 65 39.89 -31.84 15.03
C HIS K 65 39.33 -33.19 15.45
N PRO K 66 38.47 -33.27 16.47
CA PRO K 66 37.97 -34.57 16.93
C PRO K 66 37.19 -35.37 15.89
N LEU K 67 36.73 -34.75 14.81
CA LEU K 67 35.98 -35.50 13.81
C LEU K 67 36.91 -36.28 12.89
N PHE K 68 38.22 -36.10 13.02
CA PHE K 68 39.21 -36.80 12.22
C PHE K 68 40.16 -37.44 13.21
N ALA K 69 40.31 -38.75 13.12
CA ALA K 69 41.14 -39.50 14.06
C ALA K 69 42.60 -39.38 13.61
N ASN K 70 43.18 -38.21 13.83
CA ASN K 70 44.62 -38.09 13.71
C ASN K 70 45.15 -37.13 14.75
N PHE K 71 46.46 -37.11 14.88
CA PHE K 71 47.11 -36.10 15.68
C PHE K 71 48.50 -35.91 15.13
N VAL K 72 49.11 -34.81 15.53
CA VAL K 72 50.43 -34.44 15.07
C VAL K 72 51.27 -34.12 16.29
N MET K 73 52.49 -34.63 16.31
CA MET K 73 53.37 -34.43 17.45
C MET K 73 54.59 -33.68 16.95
N ARG K 74 55.13 -32.80 17.79
CA ARG K 74 56.35 -32.08 17.51
C ARG K 74 57.40 -32.46 18.53
N LEU K 75 58.59 -32.80 18.05
CA LEU K 75 59.63 -33.33 18.90
C LEU K 75 60.94 -32.70 18.53
N GLN K 76 61.57 -32.00 19.48
CA GLN K 76 62.89 -31.44 19.27
C GLN K 76 63.82 -31.98 20.35
N THR K 77 65.01 -32.41 19.95
CA THR K 77 66.06 -32.87 20.84
C THR K 77 67.32 -32.05 20.64
N GLU K 78 68.17 -32.08 21.66
CA GLU K 78 69.47 -31.41 21.57
C GLU K 78 70.35 -32.08 20.52
N GLU K 79 71.42 -31.35 20.16
CA GLU K 79 72.30 -31.67 19.03
C GLU K 79 72.81 -33.11 19.00
N GLY K 80 73.17 -33.66 20.17
CA GLY K 80 73.72 -35.01 20.22
C GLY K 80 72.79 -36.10 19.70
N THR K 81 71.54 -36.08 20.13
CA THR K 81 70.63 -37.19 19.90
C THR K 81 69.79 -36.94 18.65
N ARG K 82 69.41 -38.02 17.96
CA ARG K 82 68.54 -37.84 16.81
C ARG K 82 67.11 -38.12 17.25
N PRO K 83 66.17 -37.18 16.98
CA PRO K 83 64.81 -37.29 17.53
C PRO K 83 64.11 -38.61 17.29
N LYS K 84 64.14 -39.07 16.04
CA LYS K 84 63.55 -40.34 15.65
C LYS K 84 64.10 -41.52 16.45
N GLN K 85 65.38 -41.50 16.79
CA GLN K 85 65.95 -42.57 17.60
C GLN K 85 65.37 -42.52 19.01
N ALA K 86 65.33 -41.30 19.57
CA ALA K 86 64.77 -41.06 20.90
C ALA K 86 63.33 -41.54 21.01
N LEU K 87 62.56 -41.41 19.94
CA LEU K 87 61.19 -41.89 19.93
C LEU K 87 61.14 -43.41 20.09
N GLU K 88 62.03 -44.12 19.36
CA GLU K 88 62.15 -45.57 19.52
C GLU K 88 62.47 -45.95 20.96
N ARG K 89 63.34 -45.19 21.63
CA ARG K 89 63.70 -45.49 23.01
C ARG K 89 62.48 -45.35 23.92
N ALA K 90 61.71 -44.28 23.76
CA ALA K 90 60.47 -44.08 24.53
C ALA K 90 59.49 -45.21 24.34
N CYS K 91 59.36 -45.71 23.11
CA CYS K 91 58.47 -46.84 22.81
C CYS K 91 58.88 -48.10 23.56
N ALA K 92 60.17 -48.45 23.51
CA ALA K 92 60.63 -49.70 24.10
C ALA K 92 60.52 -49.68 25.62
N SER K 93 60.82 -48.55 26.25
CA SER K 93 60.59 -48.37 27.68
C SER K 93 59.17 -48.71 28.11
N ILE K 94 58.17 -48.19 27.39
CA ILE K 94 56.79 -48.37 27.80
C ILE K 94 56.34 -49.82 27.58
N ILE K 95 56.74 -50.43 26.46
CA ILE K 95 56.48 -51.85 26.21
C ILE K 95 57.05 -52.69 27.36
N ASN K 96 58.25 -52.33 27.83
CA ASN K 96 58.83 -53.07 28.94
C ASN K 96 58.04 -52.86 30.23
N LYS K 97 57.73 -51.61 30.58
CA LYS K 97 56.92 -51.35 31.77
C LYS K 97 55.57 -52.05 31.75
N LEU K 98 54.94 -52.15 30.58
CA LEU K 98 53.65 -52.84 30.54
C LEU K 98 53.80 -54.35 30.62
N LYS K 99 54.89 -54.90 30.07
CA LYS K 99 55.18 -56.32 30.20
C LYS K 99 55.38 -56.68 31.67
N THR K 100 56.23 -55.94 32.37
CA THR K 100 56.38 -56.08 33.82
C THR K 100 55.05 -55.97 34.54
N LEU K 101 54.27 -54.94 34.19
CA LEU K 101 53.00 -54.68 34.86
C LEU K 101 52.01 -55.81 34.65
N ASP K 102 52.01 -56.40 33.46
CA ASP K 102 51.14 -57.55 33.17
C ASP K 102 51.55 -58.76 33.99
N HIS K 103 52.85 -58.95 34.16
CA HIS K 103 53.37 -60.07 34.94
C HIS K 103 52.97 -59.98 36.40
N LYS K 104 53.19 -58.82 37.01
CA LYS K 104 52.87 -58.63 38.43
C LYS K 104 51.37 -58.74 38.70
N PHE K 105 50.52 -58.39 37.74
CA PHE K 105 49.09 -58.58 37.95
C PHE K 105 48.70 -60.06 37.96
N ASN K 106 49.25 -60.84 37.02
CA ASN K 106 49.00 -62.28 36.95
C ASN K 106 49.36 -63.00 38.23
N GLU K 107 50.55 -62.71 38.78
CA GLU K 107 50.98 -63.31 40.04
C GLU K 107 50.00 -63.00 41.16
N GLU K 108 49.71 -61.70 41.38
CA GLU K 108 48.77 -61.28 42.42
C GLU K 108 47.38 -61.87 42.23
N TRP K 109 46.99 -62.15 40.99
CA TRP K 109 45.66 -62.64 40.67
C TRP K 109 45.43 -64.08 41.13
N ASN K 110 46.42 -64.96 40.92
CA ASN K 110 46.30 -66.34 41.35
C ASN K 110 46.17 -66.46 42.86
N ILE K 111 46.88 -65.62 43.62
CA ILE K 111 46.77 -65.65 45.07
C ILE K 111 45.35 -65.35 45.52
N LYS K 112 44.63 -64.47 44.82
CA LYS K 112 43.26 -64.17 45.21
C LYS K 112 42.23 -65.14 44.64
N ASN K 113 42.61 -65.91 43.60
CA ASN K 113 41.76 -66.94 42.93
C ASN K 113 41.16 -67.90 43.96
N GLY L 28 -1.63 -65.50 -7.07
CA GLY L 28 -0.72 -64.52 -7.61
C GLY L 28 -0.07 -63.65 -6.56
N VAL L 29 -0.88 -62.85 -5.86
CA VAL L 29 -0.40 -61.97 -4.81
C VAL L 29 -1.13 -62.32 -3.52
N LYS L 30 -0.38 -62.54 -2.45
CA LYS L 30 -0.94 -62.93 -1.18
C LYS L 30 -1.54 -61.73 -0.46
N TYR L 31 -2.73 -61.90 0.09
CA TYR L 31 -3.40 -60.87 0.89
C TYR L 31 -3.80 -61.43 2.24
N THR L 32 -4.41 -60.60 3.06
CA THR L 32 -4.82 -60.99 4.40
C THR L 32 -6.08 -60.25 4.80
N CYS L 33 -7.05 -60.96 5.36
CA CYS L 33 -8.32 -60.36 5.73
C CYS L 33 -8.18 -59.59 7.04
N GLY L 34 -8.64 -58.34 7.05
CA GLY L 34 -8.49 -57.54 8.25
C GLY L 34 -9.34 -57.98 9.42
N ALA L 35 -10.31 -58.86 9.22
CA ALA L 35 -11.19 -59.32 10.28
C ALA L 35 -10.91 -60.76 10.72
N CYS L 36 -10.85 -61.69 9.79
CA CYS L 36 -10.75 -63.11 10.11
C CYS L 36 -9.40 -63.72 9.78
N ALA L 37 -8.50 -62.93 9.20
CA ALA L 37 -7.10 -63.28 8.89
C ALA L 37 -6.93 -64.41 7.89
N HIS L 38 -7.97 -64.81 7.16
CA HIS L 38 -7.83 -65.79 6.09
C HIS L 38 -6.89 -65.24 5.03
N ASN L 39 -6.03 -66.08 4.50
CA ASN L 39 -5.18 -65.72 3.37
C ASN L 39 -5.70 -66.25 2.04
N PHE L 40 -5.56 -65.43 0.98
CA PHE L 40 -6.04 -65.77 -0.35
C PHE L 40 -5.35 -64.84 -1.34
N SER L 41 -5.50 -65.14 -2.63
CA SER L 41 -4.99 -64.28 -3.67
C SER L 41 -6.09 -63.64 -4.51
N LEU L 42 -5.71 -62.55 -5.20
CA LEU L 42 -6.61 -61.87 -6.13
C LEU L 42 -5.80 -61.41 -7.35
N ASN L 43 -6.31 -61.64 -8.58
CA ASN L 43 -5.68 -61.11 -9.81
C ASN L 43 -6.31 -59.79 -10.32
N LYS L 44 -6.11 -58.75 -9.53
CA LYS L 44 -6.71 -57.40 -9.56
C LYS L 44 -8.14 -57.15 -10.03
N SER L 45 -8.72 -57.98 -10.91
CA SER L 45 -10.03 -57.65 -11.44
C SER L 45 -11.16 -58.12 -10.54
N ASP L 46 -10.83 -58.97 -9.57
CA ASP L 46 -11.78 -59.46 -8.60
C ASP L 46 -12.21 -58.28 -7.73
N PRO L 47 -13.42 -58.30 -7.15
CA PRO L 47 -13.77 -57.22 -6.22
C PRO L 47 -12.93 -57.32 -4.95
N VAL L 48 -12.80 -56.17 -4.29
CA VAL L 48 -11.91 -56.01 -3.14
C VAL L 48 -12.75 -56.34 -1.91
N ARG L 49 -12.70 -57.61 -1.51
CA ARG L 49 -13.34 -58.08 -0.29
C ARG L 49 -12.73 -59.40 0.15
N CYS L 50 -13.04 -59.78 1.39
CA CYS L 50 -12.64 -61.08 1.92
C CYS L 50 -13.65 -62.13 1.53
N LYS L 51 -13.14 -63.27 1.03
CA LYS L 51 -14.04 -64.37 0.67
C LYS L 51 -14.78 -64.92 1.89
N GLU L 52 -14.14 -64.90 3.06
CA GLU L 52 -14.73 -65.56 4.22
C GLU L 52 -15.83 -64.75 4.87
N CYS L 53 -15.54 -63.49 5.25
CA CYS L 53 -16.49 -62.67 5.98
C CYS L 53 -17.00 -61.46 5.22
N GLY L 54 -16.50 -61.19 4.02
CA GLY L 54 -16.94 -60.01 3.32
C GLY L 54 -16.36 -58.69 3.80
N HIS L 55 -15.31 -58.73 4.63
CA HIS L 55 -14.71 -57.50 5.13
C HIS L 55 -14.06 -56.76 3.96
N ARG L 56 -14.17 -55.43 3.96
CA ARG L 56 -13.71 -54.63 2.84
C ARG L 56 -12.40 -53.91 3.09
N VAL L 57 -11.69 -54.26 4.15
CA VAL L 57 -10.36 -53.73 4.46
C VAL L 57 -9.36 -54.88 4.42
N ILE L 58 -8.41 -54.86 3.47
CA ILE L 58 -7.46 -55.97 3.35
C ILE L 58 -6.04 -55.42 3.24
N TYR L 59 -5.06 -56.31 3.45
CA TYR L 59 -3.66 -55.92 3.55
C TYR L 59 -2.75 -56.85 2.76
N LYS L 60 -1.74 -56.28 2.11
CA LYS L 60 -0.77 -57.10 1.38
C LYS L 60 0.11 -57.90 2.31
N ALA L 61 0.39 -59.13 1.94
CA ALA L 61 1.34 -59.90 2.74
C ALA L 61 2.76 -59.47 2.40
N ARG L 62 3.68 -59.81 3.29
CA ARG L 62 5.07 -59.35 3.20
C ARG L 62 5.77 -59.99 2.00
N THR L 63 6.81 -59.33 1.52
CA THR L 63 7.63 -59.79 0.41
C THR L 63 8.28 -61.15 0.64
N LYS L 64 8.49 -61.86 -0.46
CA LYS L 64 9.29 -63.08 -0.45
C LYS L 64 10.74 -62.82 -0.07
N ARG L 65 11.28 -61.65 -0.39
CA ARG L 65 12.70 -61.40 -0.21
C ARG L 65 13.10 -61.36 1.26
N MET L 66 14.34 -61.75 1.52
CA MET L 66 14.92 -61.63 2.85
C MET L 66 15.31 -60.17 3.15
N ILE L 67 15.09 -59.78 4.40
CA ILE L 67 15.40 -58.45 4.91
C ILE L 67 16.52 -58.56 5.93
N GLN L 68 17.54 -57.71 5.79
CA GLN L 68 18.67 -57.66 6.71
C GLN L 68 18.78 -56.33 7.42
N PHE L 69 19.12 -56.37 8.71
CA PHE L 69 19.37 -55.15 9.47
C PHE L 69 20.67 -55.28 10.23
N ASP L 70 21.36 -54.15 10.42
CA ASP L 70 22.71 -54.14 10.97
C ASP L 70 22.76 -54.16 12.48
N ALA L 71 21.61 -54.13 13.14
CA ALA L 71 21.51 -54.22 14.60
C ALA L 71 22.32 -53.11 15.29
N ARG L 72 22.31 -51.92 14.69
CA ARG L 72 22.99 -50.77 15.27
C ARG L 72 21.98 -49.68 15.57
N ILE P 18 -30.35 30.78 5.98
CA ILE P 18 -30.40 30.90 4.53
C ILE P 18 -31.26 29.79 3.94
N LYS P 19 -32.06 30.13 2.94
CA LYS P 19 -32.90 29.14 2.27
C LYS P 19 -32.04 28.02 1.69
N GLN P 20 -32.67 26.86 1.49
CA GLN P 20 -32.04 25.70 0.89
C GLN P 20 -32.81 25.33 -0.37
N LYS P 21 -32.14 25.40 -1.51
CA LYS P 21 -32.71 24.96 -2.79
C LYS P 21 -32.07 23.63 -3.17
N LEU P 22 -32.87 22.56 -3.13
CA LEU P 22 -32.36 21.21 -3.30
C LEU P 22 -33.14 20.50 -4.41
N GLU P 23 -32.43 19.81 -5.29
CA GLU P 23 -33.05 18.91 -6.24
C GLU P 23 -33.21 17.54 -5.60
N THR P 24 -34.26 16.83 -5.99
CA THR P 24 -34.57 15.51 -5.45
C THR P 24 -34.76 14.51 -6.59
N GLN P 25 -34.90 13.25 -6.22
CA GLN P 25 -35.17 12.16 -7.15
C GLN P 25 -36.59 11.64 -6.99
N PHE P 26 -37.51 12.51 -6.59
CA PHE P 26 -38.92 12.17 -6.43
C PHE P 26 -39.65 12.34 -7.74
N THR P 27 -40.75 11.60 -7.89
CA THR P 27 -41.61 11.69 -9.06
C THR P 27 -42.77 12.63 -8.77
N CYS P 28 -43.02 13.57 -9.67
CA CYS P 28 -44.18 14.45 -9.53
C CYS P 28 -45.47 13.63 -9.58
N LEU P 29 -46.36 13.89 -8.63
CA LEU P 29 -47.61 13.13 -8.52
C LEU P 29 -48.57 13.39 -9.67
N PHE P 30 -48.34 14.42 -10.48
CA PHE P 30 -49.25 14.79 -11.56
C PHE P 30 -48.66 14.50 -12.93
N CYS P 31 -47.52 15.10 -13.28
CA CYS P 31 -46.94 14.94 -14.62
C CYS P 31 -46.14 13.66 -14.77
N ASN P 32 -45.75 13.02 -13.67
CA ASN P 32 -45.05 11.75 -13.61
C ASN P 32 -43.59 11.80 -14.05
N HIS P 33 -43.06 12.98 -14.34
CA HIS P 33 -41.64 13.10 -14.64
C HIS P 33 -40.84 12.87 -13.36
N ASP P 34 -39.89 11.93 -13.42
CA ASP P 34 -39.05 11.66 -12.26
C ASP P 34 -37.80 12.55 -12.30
N ASN P 35 -37.23 12.76 -11.11
CA ASN P 35 -36.03 13.58 -10.93
C ASN P 35 -36.27 15.02 -11.42
N SER P 36 -37.49 15.53 -11.20
CA SER P 36 -37.84 16.88 -11.63
C SER P 36 -38.61 17.65 -10.56
N VAL P 37 -38.51 17.25 -9.29
CA VAL P 37 -39.14 17.95 -8.18
C VAL P 37 -38.04 18.67 -7.39
N VAL P 38 -38.18 19.98 -7.24
CA VAL P 38 -37.24 20.81 -6.49
C VAL P 38 -37.91 21.25 -5.19
N CYS P 39 -37.15 21.19 -4.09
CA CYS P 39 -37.65 21.51 -2.76
C CYS P 39 -36.94 22.74 -2.23
N THR P 40 -37.71 23.76 -1.87
CA THR P 40 -37.19 24.99 -1.27
C THR P 40 -37.70 25.06 0.16
N LEU P 41 -36.78 24.92 1.12
CA LEU P 41 -37.12 24.89 2.55
C LEU P 41 -36.69 26.20 3.19
N ASP P 42 -37.66 27.01 3.59
CA ASP P 42 -37.43 28.28 4.28
C ASP P 42 -37.66 28.05 5.76
N LYS P 43 -36.56 27.85 6.51
CA LYS P 43 -36.67 27.58 7.94
C LYS P 43 -36.89 28.84 8.76
N LYS P 44 -36.51 30.02 8.24
CA LYS P 44 -36.73 31.26 8.98
C LYS P 44 -38.21 31.53 9.19
N ASN P 45 -39.07 31.06 8.28
CA ASN P 45 -40.52 31.23 8.38
C ASN P 45 -41.26 29.91 8.44
N SER P 46 -40.55 28.78 8.50
CA SER P 46 -41.15 27.45 8.65
C SER P 46 -42.13 27.15 7.51
N ILE P 47 -41.67 27.37 6.29
CA ILE P 47 -42.48 27.19 5.08
C ILE P 47 -41.65 26.42 4.05
N GLY P 48 -42.10 25.21 3.70
CA GLY P 48 -41.45 24.42 2.68
C GLY P 48 -42.24 24.45 1.38
N LEU P 49 -41.51 24.41 0.26
CA LEU P 49 -42.09 24.59 -1.07
C LEU P 49 -41.57 23.52 -2.01
N LEU P 50 -42.49 22.74 -2.57
CA LEU P 50 -42.17 21.80 -3.64
C LEU P 50 -42.50 22.42 -5.00
N GLU P 51 -41.62 22.20 -5.96
CA GLU P 51 -41.78 22.73 -7.32
C GLU P 51 -41.44 21.65 -8.33
N CYS P 52 -42.17 21.66 -9.44
CA CYS P 52 -41.92 20.74 -10.54
C CYS P 52 -41.21 21.47 -11.67
N LYS P 53 -40.01 21.00 -12.03
CA LYS P 53 -39.25 21.59 -13.12
C LYS P 53 -39.87 21.31 -14.48
N LYS P 54 -40.89 20.46 -14.55
CA LYS P 54 -41.51 20.09 -15.82
C LYS P 54 -42.85 20.78 -16.02
N CYS P 55 -43.91 20.26 -15.40
CA CYS P 55 -45.25 20.81 -15.60
C CYS P 55 -45.50 22.10 -14.83
N ASN P 56 -44.65 22.45 -13.87
CA ASN P 56 -44.68 23.76 -13.25
C ASN P 56 -45.59 23.93 -12.05
N LEU P 57 -46.09 22.84 -11.47
CA LEU P 57 -46.95 22.94 -10.30
C LEU P 57 -46.14 23.29 -9.06
N SER P 58 -46.84 23.69 -8.00
CA SER P 58 -46.22 24.08 -6.75
C SER P 58 -47.10 23.60 -5.59
N PHE P 59 -46.45 23.08 -4.54
CA PHE P 59 -47.14 22.66 -3.32
C PHE P 59 -46.40 23.23 -2.12
N GLN P 60 -47.15 23.79 -1.18
CA GLN P 60 -46.59 24.41 0.01
C GLN P 60 -47.09 23.65 1.25
N ALA P 61 -46.22 23.57 2.26
CA ALA P 61 -46.53 22.84 3.48
C ALA P 61 -45.65 23.37 4.60
N PRO P 62 -46.09 23.25 5.86
CA PRO P 62 -45.25 23.69 6.98
C PRO P 62 -44.12 22.70 7.25
N ILE P 63 -42.96 23.23 7.64
CA ILE P 63 -41.79 22.43 8.00
C ILE P 63 -41.30 22.90 9.36
N ASN P 64 -40.60 21.99 10.05
CA ASN P 64 -39.96 22.31 11.33
C ASN P 64 -38.49 22.64 11.10
N SER P 65 -37.64 22.35 12.08
CA SER P 65 -36.20 22.48 11.87
C SER P 65 -35.55 21.16 11.44
N LEU P 66 -36.20 20.04 11.72
CA LEU P 66 -35.67 18.71 11.44
C LEU P 66 -36.04 18.20 10.05
N SER P 67 -36.88 18.92 9.32
CA SER P 67 -37.44 18.38 8.09
C SER P 67 -36.40 18.35 6.97
N GLN P 68 -36.69 17.51 5.97
CA GLN P 68 -35.85 17.25 4.82
C GLN P 68 -36.76 17.03 3.63
N PRO P 69 -36.23 17.09 2.39
CA PRO P 69 -37.09 16.96 1.19
C PRO P 69 -38.04 15.77 1.21
N ILE P 70 -37.71 14.73 1.98
CA ILE P 70 -38.61 13.58 2.09
C ILE P 70 -39.77 13.85 3.02
N ASP P 71 -39.67 14.87 3.89
CA ASP P 71 -40.75 15.17 4.83
C ASP P 71 -41.89 15.92 4.17
N ILE P 72 -41.59 16.91 3.32
CA ILE P 72 -42.66 17.63 2.65
C ILE P 72 -43.19 16.83 1.46
N TYR P 73 -42.33 16.06 0.79
CA TYR P 73 -42.82 15.19 -0.28
C TYR P 73 -43.77 14.12 0.25
N SER P 74 -43.57 13.70 1.50
CA SER P 74 -44.53 12.81 2.14
C SER P 74 -45.85 13.52 2.40
N ASP P 75 -45.79 14.77 2.88
CA ASP P 75 -47.01 15.56 3.11
C ASP P 75 -47.74 15.83 1.81
N TRP P 76 -47.03 15.87 0.68
CA TRP P 76 -47.69 16.09 -0.61
C TRP P 76 -48.45 14.85 -1.06
N ILE P 77 -47.95 13.66 -0.72
CA ILE P 77 -48.65 12.43 -1.08
C ILE P 77 -49.97 12.32 -0.33
N ASP P 78 -50.00 12.76 0.93
CA ASP P 78 -51.21 12.69 1.74
C ASP P 78 -52.18 13.81 1.42
N ALA P 79 -51.67 14.95 0.94
CA ALA P 79 -52.54 16.05 0.55
C ALA P 79 -53.34 15.74 -0.71
N CYS P 80 -52.85 14.82 -1.55
CA CYS P 80 -53.59 14.42 -2.75
C CYS P 80 -54.63 13.36 -2.43
N GLU P 81 -54.24 12.32 -1.69
CA GLU P 81 -55.13 11.21 -1.37
C GLU P 81 -56.10 11.59 -0.25
N GLU Q 3 -46.39 -27.51 -23.33
CA GLU Q 3 -47.12 -26.39 -23.94
C GLU Q 3 -46.92 -26.31 -25.45
N ARG Q 4 -48.01 -26.11 -26.19
CA ARG Q 4 -47.91 -25.88 -27.63
C ARG Q 4 -48.62 -24.60 -28.01
N ALA Q 5 -48.29 -24.06 -29.18
CA ALA Q 5 -48.88 -22.82 -29.66
C ALA Q 5 -49.70 -23.12 -30.90
N CYS Q 6 -50.94 -22.62 -30.93
CA CYS Q 6 -51.80 -22.80 -32.10
C CYS Q 6 -51.24 -22.04 -33.29
N MET Q 7 -51.12 -22.71 -34.40
CA MET Q 7 -50.59 -22.00 -35.55
C MET Q 7 -51.59 -20.99 -36.09
N LEU Q 8 -52.84 -21.15 -35.88
CA LEU Q 8 -53.81 -20.24 -36.48
C LEU Q 8 -53.96 -18.95 -35.65
N CYS Q 9 -54.08 -19.09 -34.33
CA CYS Q 9 -54.35 -17.95 -33.47
C CYS Q 9 -53.21 -17.58 -32.54
N GLY Q 10 -52.25 -18.48 -32.38
CA GLY Q 10 -51.06 -18.15 -31.62
C GLY Q 10 -51.19 -18.42 -30.13
N ILE Q 11 -52.34 -18.91 -29.70
CA ILE Q 11 -52.53 -19.14 -28.27
C ILE Q 11 -51.65 -20.27 -27.76
N VAL Q 12 -51.16 -20.10 -26.54
CA VAL Q 12 -50.29 -21.07 -25.88
C VAL Q 12 -51.03 -21.81 -24.78
N LEU Q 13 -51.10 -23.14 -24.91
CA LEU Q 13 -51.81 -23.99 -23.97
C LEU Q 13 -51.05 -25.29 -23.80
N PRO Q 14 -51.25 -25.97 -22.65
CA PRO Q 14 -50.74 -27.34 -22.55
C PRO Q 14 -51.30 -28.17 -23.70
N GLY Q 15 -50.45 -28.98 -24.32
CA GLY Q 15 -50.83 -29.77 -25.49
C GLY Q 15 -52.07 -30.60 -25.32
N ARG Q 16 -52.23 -31.18 -24.14
CA ARG Q 16 -53.39 -32.05 -23.89
C ARG Q 16 -54.68 -31.26 -23.99
N VAL Q 17 -54.60 -29.94 -23.77
CA VAL Q 17 -55.77 -29.08 -23.85
C VAL Q 17 -56.26 -29.06 -25.29
N PHE Q 18 -55.31 -29.04 -26.23
CA PHE Q 18 -55.64 -29.03 -27.64
C PHE Q 18 -56.35 -30.34 -27.99
N MET Q 19 -56.03 -31.38 -27.23
CA MET Q 19 -56.65 -32.70 -27.45
C MET Q 19 -58.00 -32.79 -26.74
N GLN Q 20 -58.05 -32.27 -25.50
CA GLN Q 20 -59.26 -32.30 -24.67
C GLN Q 20 -60.38 -31.39 -25.16
N ASN Q 21 -60.04 -30.11 -25.35
CA ASN Q 21 -61.05 -29.08 -25.62
C ASN Q 21 -60.91 -28.42 -26.99
N GLY Q 22 -59.82 -28.69 -27.71
CA GLY Q 22 -59.55 -28.04 -28.98
C GLY Q 22 -58.95 -26.67 -28.74
N CYS Q 23 -58.71 -25.91 -29.80
CA CYS Q 23 -58.25 -24.54 -29.58
C CYS Q 23 -59.42 -23.65 -29.18
N PRO Q 24 -59.49 -22.85 -28.00
CA PRO Q 24 -60.65 -22.03 -27.60
C PRO Q 24 -60.98 -20.92 -28.58
N ASN Q 25 -60.03 -20.55 -29.44
CA ASN Q 25 -60.29 -19.55 -30.47
C ASN Q 25 -60.70 -20.13 -31.82
N CYS Q 26 -60.18 -21.32 -32.14
CA CYS Q 26 -60.17 -21.82 -33.51
C CYS Q 26 -60.97 -23.09 -33.75
N ASP Q 27 -61.48 -23.73 -32.70
CA ASP Q 27 -61.85 -25.14 -32.90
C ASP Q 27 -63.11 -25.28 -33.73
N SER Q 28 -63.84 -24.19 -33.95
CA SER Q 28 -65.00 -24.23 -34.84
C SER Q 28 -64.60 -24.60 -36.26
N VAL Q 29 -63.36 -24.31 -36.64
CA VAL Q 29 -62.89 -24.63 -37.97
C VAL Q 29 -61.78 -25.70 -37.94
N LEU Q 30 -61.01 -25.73 -36.86
CA LEU Q 30 -59.86 -26.63 -36.79
C LEU Q 30 -60.23 -28.02 -36.27
N ASN Q 31 -61.27 -28.08 -35.45
CA ASN Q 31 -61.79 -29.35 -34.92
C ASN Q 31 -60.70 -30.18 -34.25
N LEU Q 32 -59.82 -29.58 -33.45
CA LEU Q 32 -58.77 -30.40 -32.86
C LEU Q 32 -59.30 -31.27 -31.76
N ARG Q 33 -60.43 -30.89 -31.19
CA ARG Q 33 -60.99 -31.61 -30.08
C ARG Q 33 -61.25 -33.03 -30.54
N ASP Q 34 -61.78 -33.15 -31.76
CA ASP Q 34 -62.16 -34.46 -32.29
C ASP Q 34 -61.10 -35.03 -33.26
N SER Q 35 -59.83 -34.79 -32.97
CA SER Q 35 -58.77 -35.23 -33.87
C SER Q 35 -57.94 -36.32 -33.24
N ASP Q 36 -56.89 -36.74 -33.95
CA ASP Q 36 -55.86 -37.59 -33.38
C ASP Q 36 -54.65 -36.73 -33.04
N GLN Q 37 -53.65 -37.31 -32.36
CA GLN Q 37 -52.46 -36.54 -32.00
C GLN Q 37 -51.70 -36.04 -33.22
N ALA Q 38 -51.72 -36.81 -34.31
CA ALA Q 38 -51.04 -36.38 -35.52
C ALA Q 38 -51.66 -35.07 -36.03
N THR Q 39 -52.98 -34.95 -36.00
CA THR Q 39 -53.64 -33.71 -36.42
C THR Q 39 -53.31 -32.52 -35.50
N VAL Q 40 -53.39 -32.74 -34.19
CA VAL Q 40 -53.08 -31.68 -33.22
C VAL Q 40 -51.67 -31.17 -33.44
N ASN Q 41 -50.74 -32.06 -33.71
CA ASN Q 41 -49.33 -31.72 -33.87
C ASN Q 41 -49.04 -31.07 -35.21
N GLU Q 42 -50.01 -31.15 -36.13
CA GLU Q 42 -49.83 -30.49 -37.41
C GLU Q 42 -50.39 -29.08 -37.37
N CYS Q 43 -51.25 -28.81 -36.38
CA CYS Q 43 -51.87 -27.48 -36.25
C CYS Q 43 -51.36 -26.66 -35.07
N THR Q 44 -50.58 -27.30 -34.20
CA THR Q 44 -50.01 -26.63 -33.04
C THR Q 44 -48.53 -26.96 -33.00
N SER Q 45 -47.72 -26.05 -32.46
CA SER Q 45 -46.28 -26.24 -32.46
C SER Q 45 -45.69 -26.25 -31.06
N SER Q 46 -44.75 -27.17 -30.83
CA SER Q 46 -44.02 -27.22 -29.57
C SER Q 46 -42.95 -26.13 -29.53
N SER Q 47 -42.71 -25.50 -30.68
CA SER Q 47 -41.67 -24.50 -30.84
C SER Q 47 -42.20 -23.09 -31.10
N PHE Q 48 -42.00 -22.22 -30.14
CA PHE Q 48 -42.52 -20.86 -30.26
C PHE Q 48 -41.70 -19.93 -29.37
N GLU Q 49 -41.78 -18.65 -29.67
CA GLU Q 49 -40.99 -17.65 -28.96
C GLU Q 49 -41.75 -16.36 -28.75
N GLY Q 50 -41.48 -15.70 -27.63
CA GLY Q 50 -42.07 -14.41 -27.32
C GLY Q 50 -43.40 -14.63 -26.64
N LEU Q 51 -43.34 -14.90 -25.36
CA LEU Q 51 -44.54 -15.15 -24.58
C LEU Q 51 -45.26 -13.84 -24.24
N VAL Q 52 -46.55 -13.78 -24.55
CA VAL Q 52 -47.36 -12.57 -24.38
C VAL Q 52 -48.57 -12.86 -23.52
N ALA Q 53 -48.66 -12.17 -22.38
CA ALA Q 53 -49.88 -12.23 -21.60
C ALA Q 53 -50.82 -11.20 -22.20
N VAL Q 54 -51.94 -11.65 -22.76
CA VAL Q 54 -52.93 -10.70 -23.24
C VAL Q 54 -54.11 -10.71 -22.28
N GLY Q 55 -54.30 -9.61 -21.58
CA GLY Q 55 -55.33 -9.53 -20.57
C GLY Q 55 -56.59 -8.86 -21.09
N ASP Q 56 -56.40 -7.97 -22.07
CA ASP Q 56 -57.48 -7.15 -22.59
C ASP Q 56 -57.40 -7.08 -24.11
N ASN Q 57 -57.80 -8.15 -24.78
CA ASN Q 57 -57.61 -8.28 -26.23
C ASN Q 57 -58.15 -7.11 -27.04
N GLU Q 58 -59.20 -6.65 -26.60
CA GLU Q 58 -59.89 -5.77 -27.53
C GLU Q 58 -59.38 -4.33 -27.46
N HIS Q 59 -58.66 -3.98 -26.40
CA HIS Q 59 -58.09 -2.63 -26.25
C HIS Q 59 -56.56 -2.56 -26.19
N SER Q 60 -55.92 -3.71 -26.23
CA SER Q 60 -54.47 -3.79 -26.28
C SER Q 60 -53.93 -3.49 -27.67
N TRP Q 61 -52.98 -2.56 -27.76
CA TRP Q 61 -52.31 -2.35 -29.03
C TRP Q 61 -51.45 -3.55 -29.36
N VAL Q 62 -50.81 -4.12 -28.34
CA VAL Q 62 -49.97 -5.30 -28.55
C VAL Q 62 -50.82 -6.39 -29.21
N ALA Q 63 -52.01 -6.60 -28.68
CA ALA Q 63 -52.92 -7.60 -29.25
C ALA Q 63 -53.31 -7.27 -30.68
N LYS Q 64 -53.56 -5.99 -30.97
CA LYS Q 64 -53.94 -5.63 -32.34
C LYS Q 64 -52.80 -5.91 -33.32
N TRP Q 65 -51.57 -5.58 -32.92
CA TRP Q 65 -50.42 -5.82 -33.77
C TRP Q 65 -50.24 -7.30 -34.08
N LEU Q 66 -50.46 -8.13 -33.07
CA LEU Q 66 -50.28 -9.58 -33.21
C LEU Q 66 -51.52 -10.25 -33.83
N ARG Q 67 -52.55 -9.43 -34.10
CA ARG Q 67 -53.82 -9.88 -34.68
C ARG Q 67 -54.46 -10.94 -33.78
N VAL Q 68 -54.47 -10.66 -32.47
CA VAL Q 68 -55.19 -11.48 -31.52
C VAL Q 68 -56.22 -10.65 -30.75
N ASP Q 69 -56.57 -9.49 -31.31
CA ASP Q 69 -57.49 -8.59 -30.65
C ASP Q 69 -58.94 -9.09 -30.60
N ARG Q 70 -59.29 -10.07 -31.42
CA ARG Q 70 -60.64 -10.61 -31.40
C ARG Q 70 -60.70 -11.93 -30.65
N PHE Q 71 -59.59 -12.32 -30.04
CA PHE Q 71 -59.52 -13.60 -29.36
C PHE Q 71 -59.70 -13.45 -27.85
N GLN Q 72 -59.52 -14.55 -27.12
CA GLN Q 72 -59.78 -14.57 -25.70
C GLN Q 72 -58.51 -14.23 -24.90
N PRO Q 73 -58.68 -13.65 -23.71
CA PRO Q 73 -57.50 -13.39 -22.86
C PRO Q 73 -56.75 -14.67 -22.57
N GLY Q 74 -55.42 -14.56 -22.50
CA GLY Q 74 -54.60 -15.74 -22.38
C GLY Q 74 -53.15 -15.51 -22.74
N LEU Q 75 -52.41 -16.59 -22.84
CA LEU Q 75 -51.00 -16.54 -23.24
C LEU Q 75 -50.90 -16.77 -24.73
N TYR Q 76 -50.15 -15.91 -25.42
CA TYR Q 76 -49.96 -16.04 -26.85
C TYR Q 76 -48.48 -15.99 -27.17
N ALA Q 77 -48.13 -16.36 -28.38
CA ALA Q 77 -46.75 -16.37 -28.81
C ALA Q 77 -46.55 -15.38 -29.92
N VAL Q 78 -45.45 -14.63 -29.87
CA VAL Q 78 -45.14 -13.70 -30.95
C VAL Q 78 -44.79 -14.45 -32.23
N ARG Q 79 -43.97 -15.48 -32.10
CA ARG Q 79 -43.56 -16.30 -33.23
C ARG Q 79 -43.88 -17.76 -32.99
N VAL Q 80 -44.58 -18.36 -33.94
CA VAL Q 80 -44.88 -19.78 -33.91
C VAL Q 80 -44.20 -20.46 -35.09
N ASP Q 81 -43.35 -21.44 -34.83
CA ASP Q 81 -42.61 -22.09 -35.90
C ASP Q 81 -43.39 -23.20 -36.59
N GLY Q 82 -43.23 -23.29 -37.90
CA GLY Q 82 -43.93 -24.30 -38.68
C GLY Q 82 -45.04 -23.60 -39.41
N ARG Q 83 -45.66 -24.28 -40.36
CA ARG Q 83 -46.84 -23.74 -40.97
C ARG Q 83 -47.90 -24.82 -41.05
N LEU Q 84 -49.16 -24.40 -41.06
CA LEU Q 84 -50.27 -25.31 -41.25
C LEU Q 84 -50.05 -26.13 -42.53
N PRO Q 85 -50.38 -27.42 -42.49
CA PRO Q 85 -50.27 -28.29 -43.67
C PRO Q 85 -51.15 -27.78 -44.81
N SER Q 86 -50.70 -27.93 -46.05
CA SER Q 86 -51.44 -27.35 -47.16
C SER Q 86 -52.88 -27.87 -47.25
N ASP Q 87 -53.10 -29.11 -46.83
CA ASP Q 87 -54.45 -29.68 -46.88
C ASP Q 87 -55.38 -29.00 -45.88
N ILE Q 88 -54.86 -28.65 -44.72
CA ILE Q 88 -55.64 -27.94 -43.72
C ILE Q 88 -55.86 -26.48 -44.13
N VAL Q 89 -54.83 -25.84 -44.65
CA VAL Q 89 -55.01 -24.49 -45.20
C VAL Q 89 -56.12 -24.50 -46.24
N ALA Q 90 -56.12 -25.51 -47.12
CA ALA Q 90 -57.14 -25.58 -48.16
C ALA Q 90 -58.52 -25.74 -47.53
N ALA Q 91 -58.62 -26.54 -46.46
CA ALA Q 91 -59.92 -26.76 -45.85
C ALA Q 91 -60.41 -25.51 -45.13
N LEU Q 92 -59.49 -24.77 -44.52
CA LEU Q 92 -59.86 -23.54 -43.85
C LEU Q 92 -60.38 -22.53 -44.85
N GLU Q 93 -59.76 -22.52 -46.02
CA GLU Q 93 -60.14 -21.56 -47.04
C GLU Q 93 -61.53 -21.88 -47.57
N GLN Q 94 -61.88 -23.16 -47.61
CA GLN Q 94 -63.24 -23.56 -47.95
C GLN Q 94 -64.25 -22.97 -46.96
N TYR Q 95 -63.79 -22.65 -45.76
CA TYR Q 95 -64.64 -22.12 -44.70
C TYR Q 95 -64.64 -20.62 -44.60
N GLY Q 96 -64.00 -19.97 -45.57
CA GLY Q 96 -63.91 -18.52 -45.55
C GLY Q 96 -62.89 -17.98 -44.56
N VAL Q 97 -61.98 -18.83 -44.11
CA VAL Q 97 -60.94 -18.42 -43.18
C VAL Q 97 -59.60 -18.20 -43.90
N TYR Q 98 -59.00 -17.02 -43.75
CA TYR Q 98 -57.71 -16.79 -44.39
C TYR Q 98 -56.54 -16.94 -43.42
N TYR Q 99 -55.69 -17.90 -43.73
CA TYR Q 99 -54.53 -18.19 -42.90
C TYR Q 99 -53.41 -17.22 -43.16
N ARG Q 100 -52.99 -16.50 -42.11
CA ARG Q 100 -51.81 -15.66 -42.22
C ARG Q 100 -50.80 -16.29 -41.29
N PRO Q 101 -49.75 -16.88 -41.86
CA PRO Q 101 -48.76 -17.62 -41.07
C PRO Q 101 -48.13 -16.77 -39.95
N ARG Q 102 -47.86 -17.40 -38.83
CA ARG Q 102 -47.33 -16.69 -37.66
C ARG Q 102 -45.86 -17.01 -37.40
N ASP Q 103 -45.15 -17.46 -38.44
CA ASP Q 103 -43.78 -17.93 -38.30
C ASP Q 103 -42.75 -16.87 -38.67
N GLY Q 104 -43.22 -15.73 -39.13
CA GLY Q 104 -42.32 -14.65 -39.55
C GLY Q 104 -41.94 -14.74 -41.03
N PRO R 216 -53.88 -4.72 -44.18
CA PRO R 216 -52.43 -4.50 -44.21
C PRO R 216 -51.87 -4.21 -42.82
N GLN R 217 -50.70 -4.76 -42.52
CA GLN R 217 -50.05 -4.53 -41.24
C GLN R 217 -49.79 -3.03 -40.99
N ARG R 218 -49.54 -2.26 -42.05
CA ARG R 218 -49.23 -0.83 -41.88
C ARG R 218 -50.38 -0.02 -41.28
N LEU R 219 -51.60 -0.56 -41.27
CA LEU R 219 -52.72 0.18 -40.68
C LEU R 219 -52.83 -0.09 -39.18
N LEU R 220 -52.01 -0.98 -38.68
CA LEU R 220 -52.05 -1.33 -37.26
C LEU R 220 -50.98 -0.64 -36.42
N ILE R 221 -50.26 0.31 -37.01
CA ILE R 221 -49.20 0.98 -36.27
C ILE R 221 -49.77 1.73 -35.05
N PRO R 222 -48.95 1.83 -33.99
CA PRO R 222 -49.40 2.50 -32.76
C PRO R 222 -49.47 4.01 -32.90
N THR R 223 -50.34 4.61 -32.09
CA THR R 223 -50.49 6.05 -32.06
C THR R 223 -50.47 6.54 -30.62
N VAL R 224 -50.53 7.85 -30.47
CA VAL R 224 -50.52 8.49 -29.16
C VAL R 224 -51.75 8.10 -28.32
N ASP R 225 -52.79 7.59 -28.98
CA ASP R 225 -54.00 7.15 -28.27
C ASP R 225 -53.87 5.76 -27.65
N ASP R 226 -52.84 5.03 -28.05
CA ASP R 226 -52.61 3.68 -27.54
C ASP R 226 -51.94 3.71 -26.18
N PRO R 227 -52.11 2.62 -25.39
CA PRO R 227 -51.45 2.62 -24.08
C PRO R 227 -49.93 2.73 -24.19
N GLY R 228 -49.30 3.12 -23.09
CA GLY R 228 -47.86 3.17 -22.99
C GLY R 228 -47.29 1.78 -22.79
N ILE R 229 -46.01 1.62 -23.08
CA ILE R 229 -45.29 0.38 -22.79
C ILE R 229 -44.05 0.74 -21.98
N TRP R 230 -43.92 0.08 -20.83
CA TRP R 230 -42.74 0.20 -19.98
C TRP R 230 -41.94 -1.07 -20.05
N GLY R 231 -40.61 -0.97 -20.01
CA GLY R 231 -39.77 -2.13 -19.79
C GLY R 231 -39.41 -2.23 -18.32
N VAL R 232 -39.22 -3.45 -17.85
CA VAL R 232 -38.83 -3.70 -16.46
C VAL R 232 -37.72 -4.75 -16.42
N LYS R 233 -36.71 -4.53 -15.58
CA LYS R 233 -35.63 -5.47 -15.39
C LYS R 233 -36.07 -6.61 -14.48
N VAL R 234 -35.82 -7.85 -14.90
CA VAL R 234 -36.15 -9.00 -14.07
C VAL R 234 -34.98 -9.98 -14.02
N ARG R 235 -35.01 -10.89 -13.05
CA ARG R 235 -33.97 -11.92 -12.91
C ARG R 235 -33.82 -12.71 -14.19
N LEU R 236 -32.57 -12.89 -14.63
CA LEU R 236 -32.29 -13.60 -15.88
C LEU R 236 -32.90 -15.00 -15.83
N GLY R 237 -33.61 -15.37 -16.90
CA GLY R 237 -34.23 -16.68 -16.97
C GLY R 237 -35.62 -16.72 -16.36
N LYS R 238 -36.06 -15.61 -15.79
CA LYS R 238 -37.35 -15.59 -15.11
C LYS R 238 -38.36 -14.72 -15.85
N GLU R 239 -38.01 -14.32 -17.08
CA GLU R 239 -38.88 -13.44 -17.86
C GLU R 239 -40.23 -14.08 -18.20
N LYS R 240 -40.21 -15.33 -18.64
CA LYS R 240 -41.47 -16.03 -18.93
C LYS R 240 -42.30 -16.19 -17.67
N ASP R 241 -41.64 -16.51 -16.54
CA ASP R 241 -42.38 -16.64 -15.29
C ASP R 241 -43.09 -15.36 -14.89
N VAL R 242 -42.42 -14.22 -15.04
CA VAL R 242 -43.01 -12.93 -14.71
C VAL R 242 -44.21 -12.63 -15.62
N VAL R 243 -44.09 -12.94 -16.91
CA VAL R 243 -45.22 -12.74 -17.83
C VAL R 243 -46.42 -13.57 -17.40
N ARG R 244 -46.18 -14.83 -17.05
CA ARG R 244 -47.20 -15.73 -16.50
C ARG R 244 -47.89 -15.17 -15.27
N GLN R 245 -47.05 -14.70 -14.32
CA GLN R 245 -47.54 -14.20 -13.05
C GLN R 245 -48.42 -12.97 -13.25
N ILE R 246 -48.01 -12.11 -14.18
CA ILE R 246 -48.80 -10.94 -14.51
C ILE R 246 -50.17 -11.34 -15.07
N LEU R 247 -50.21 -12.35 -15.93
CA LEU R 247 -51.48 -12.80 -16.48
C LEU R 247 -52.39 -13.32 -15.37
N LYS R 248 -51.85 -14.13 -14.46
CA LYS R 248 -52.69 -14.65 -13.36
C LYS R 248 -53.30 -13.54 -12.52
N LYS R 249 -52.50 -12.52 -12.23
CA LYS R 249 -52.96 -11.40 -11.44
C LYS R 249 -54.04 -10.62 -12.19
N LYS R 250 -53.83 -10.36 -13.47
CA LYS R 250 -54.83 -9.67 -14.31
C LYS R 250 -56.18 -10.40 -14.32
N LEU R 251 -56.15 -11.69 -14.59
CA LEU R 251 -57.38 -12.47 -14.74
C LEU R 251 -58.12 -12.62 -13.41
N ALA R 252 -57.37 -12.66 -12.33
CA ALA R 252 -57.93 -12.88 -10.99
C ALA R 252 -58.64 -11.66 -10.47
N ARG R 253 -58.25 -10.49 -10.97
CA ARG R 253 -58.75 -9.22 -10.52
C ARG R 253 -59.76 -8.59 -11.48
N GLU R 254 -59.98 -9.23 -12.63
CA GLU R 254 -60.97 -8.75 -13.60
C GLU R 254 -62.37 -8.60 -12.97
N GLY R 255 -63.00 -7.45 -13.13
CA GLY R 255 -64.35 -7.24 -12.61
C GLY R 255 -64.47 -6.91 -11.14
N THR R 256 -63.35 -6.92 -10.41
CA THR R 256 -63.36 -6.55 -9.00
C THR R 256 -63.28 -5.04 -8.89
N LYS R 257 -63.27 -4.51 -7.68
CA LYS R 257 -63.19 -3.07 -7.51
C LYS R 257 -61.77 -2.55 -7.72
N ASN R 258 -60.80 -3.46 -7.71
CA ASN R 258 -59.40 -3.12 -7.92
C ASN R 258 -58.77 -3.92 -9.06
N PRO R 259 -59.25 -3.72 -10.30
CA PRO R 259 -58.69 -4.48 -11.42
C PRO R 259 -57.23 -4.12 -11.64
N LEU R 260 -56.43 -5.03 -12.18
CA LEU R 260 -55.07 -4.69 -12.59
C LEU R 260 -55.14 -3.99 -13.94
N GLU R 261 -54.78 -2.72 -13.95
CA GLU R 261 -55.00 -1.92 -15.13
C GLU R 261 -53.78 -1.99 -16.06
N ILE R 262 -53.43 -3.22 -16.42
CA ILE R 262 -52.52 -3.45 -17.54
C ILE R 262 -53.29 -4.15 -18.67
N TYR R 263 -52.81 -3.97 -19.90
CA TYR R 263 -53.46 -4.58 -21.06
C TYR R 263 -52.78 -5.86 -21.50
N SER R 264 -51.46 -5.86 -21.44
CA SER R 264 -50.68 -6.99 -21.88
C SER R 264 -49.30 -6.91 -21.25
N ALA R 265 -48.57 -8.03 -21.30
CA ALA R 265 -47.17 -8.04 -20.90
C ALA R 265 -46.44 -9.06 -21.74
N PHE R 266 -45.18 -8.84 -22.05
CA PHE R 266 -44.49 -9.85 -22.85
C PHE R 266 -43.00 -9.81 -22.62
N GLN R 267 -42.31 -10.86 -23.09
CA GLN R 267 -40.87 -10.96 -22.94
C GLN R 267 -40.24 -11.55 -24.20
N ARG R 268 -39.26 -10.84 -24.75
CA ARG R 268 -38.57 -11.28 -25.95
C ARG R 268 -37.26 -11.99 -25.60
N ASP R 269 -37.06 -13.18 -26.16
CA ASP R 269 -35.86 -13.96 -25.91
C ASP R 269 -34.61 -13.13 -26.22
N SER R 270 -34.62 -12.44 -27.34
CA SER R 270 -33.48 -11.62 -27.74
C SER R 270 -33.14 -10.53 -26.71
N PHE R 271 -34.13 -10.17 -25.89
CA PHE R 271 -33.95 -9.14 -24.85
C PHE R 271 -33.91 -9.76 -23.47
N LYS R 272 -32.82 -10.44 -23.12
CA LYS R 272 -32.65 -11.06 -21.80
C LYS R 272 -32.91 -10.11 -20.63
N GLY R 273 -33.51 -10.63 -19.56
CA GLY R 273 -33.65 -9.89 -18.32
C GLY R 273 -34.66 -8.76 -18.32
N HIS R 274 -35.61 -8.67 -19.18
CA HIS R 274 -36.62 -7.62 -19.37
C HIS R 274 -37.99 -8.20 -19.62
N VAL R 275 -38.94 -7.53 -19.08
CA VAL R 275 -40.34 -7.77 -19.42
C VAL R 275 -40.92 -6.43 -19.86
N TYR R 276 -41.84 -6.45 -20.81
CA TYR R 276 -42.50 -5.22 -21.25
C TYR R 276 -43.96 -5.29 -20.86
N ILE R 277 -44.48 -4.17 -20.38
CA ILE R 277 -45.83 -4.16 -19.83
C ILE R 277 -46.61 -3.01 -20.41
N GLU R 278 -47.82 -3.29 -20.90
CA GLU R 278 -48.66 -2.31 -21.55
C GLU R 278 -49.70 -1.77 -20.58
N ALA R 279 -49.75 -0.44 -20.44
CA ALA R 279 -50.71 0.19 -19.55
C ALA R 279 -50.89 1.67 -19.87
N ARG R 280 -51.67 2.36 -19.05
CA ARG R 280 -51.92 3.79 -19.26
C ARG R 280 -51.25 4.63 -18.18
N LYS R 281 -51.10 4.05 -16.98
CA LYS R 281 -50.49 4.74 -15.87
C LYS R 281 -49.32 3.95 -15.29
N ALA R 282 -48.27 4.65 -14.89
CA ALA R 282 -47.09 4.00 -14.33
C ALA R 282 -47.44 3.20 -13.07
N GLU R 283 -48.36 3.73 -12.28
CA GLU R 283 -48.79 3.07 -11.05
C GLU R 283 -49.26 1.64 -11.31
N ALA R 284 -49.84 1.39 -12.49
CA ALA R 284 -50.29 0.05 -12.84
C ALA R 284 -49.11 -0.89 -13.02
N ILE R 285 -47.97 -0.35 -13.46
CA ILE R 285 -46.78 -1.17 -13.62
C ILE R 285 -46.32 -1.64 -12.25
N ASN R 286 -46.26 -0.70 -11.29
CA ASN R 286 -45.89 -1.05 -9.93
C ASN R 286 -46.85 -2.08 -9.33
N ASP R 287 -48.14 -1.91 -9.62
CA ASP R 287 -49.18 -2.82 -9.18
C ASP R 287 -48.98 -4.23 -9.78
N ALA R 288 -48.67 -4.31 -11.07
CA ALA R 288 -48.46 -5.61 -11.71
C ALA R 288 -47.31 -6.39 -11.07
N LEU R 289 -46.26 -5.67 -10.67
CA LEU R 289 -45.05 -6.34 -10.16
C LEU R 289 -44.98 -6.49 -8.65
N LYS R 290 -45.94 -5.94 -7.93
CA LYS R 290 -45.88 -5.92 -6.48
C LYS R 290 -45.81 -7.35 -5.93
N GLY R 291 -44.77 -7.59 -5.12
CA GLY R 291 -44.58 -8.87 -4.48
C GLY R 291 -43.93 -9.92 -5.35
N ASN R 292 -43.61 -9.57 -6.59
CA ASN R 292 -43.02 -10.56 -7.49
C ASN R 292 -41.54 -10.76 -7.16
N VAL R 293 -41.19 -11.99 -6.78
CA VAL R 293 -39.85 -12.28 -6.26
C VAL R 293 -38.79 -12.30 -7.33
N ASN R 294 -39.23 -12.24 -8.60
CA ASN R 294 -38.33 -12.30 -9.74
C ASN R 294 -37.97 -10.93 -10.32
N VAL R 295 -38.47 -9.89 -9.67
CA VAL R 295 -38.32 -8.53 -10.15
C VAL R 295 -37.38 -7.73 -9.27
N PHE R 296 -36.49 -6.94 -9.87
CA PHE R 296 -35.57 -6.16 -9.04
C PHE R 296 -36.27 -4.94 -8.42
N SER R 297 -36.18 -4.91 -7.09
CA SER R 297 -36.84 -3.93 -6.24
C SER R 297 -36.49 -2.47 -6.52
N ASN R 298 -35.30 -2.23 -7.05
CA ASN R 298 -34.94 -0.89 -7.48
C ASN R 298 -36.01 -0.33 -8.43
N ASN R 299 -36.28 0.98 -8.37
CA ASN R 299 -37.39 1.50 -9.15
C ASN R 299 -36.94 1.64 -10.61
N SER R 300 -36.47 0.51 -11.15
CA SER R 300 -36.00 0.45 -12.52
C SER R 300 -37.08 -0.06 -13.44
N LYS R 301 -37.90 0.81 -13.93
CA LYS R 301 -38.68 0.63 -15.14
C LYS R 301 -38.30 1.78 -16.02
N PHE R 302 -38.49 1.50 -17.30
CA PHE R 302 -38.16 2.53 -18.28
C PHE R 302 -39.27 2.63 -19.31
N LEU R 303 -39.49 3.82 -19.84
CA LEU R 303 -40.51 4.09 -20.85
C LEU R 303 -40.01 3.79 -22.27
N VAL R 304 -40.85 3.15 -23.08
CA VAL R 304 -40.56 2.89 -24.48
C VAL R 304 -41.26 3.95 -25.36
N GLY R 305 -40.60 4.43 -26.40
CA GLY R 305 -41.23 5.36 -27.31
C GLY R 305 -42.20 4.68 -28.26
N ILE R 306 -43.30 5.36 -28.59
CA ILE R 306 -44.26 4.81 -29.57
C ILE R 306 -43.56 4.32 -30.84
N VAL R 307 -42.52 5.02 -31.25
CA VAL R 307 -41.84 4.71 -32.51
C VAL R 307 -40.98 3.43 -32.39
N GLU R 308 -40.81 2.97 -31.15
CA GLU R 308 -40.06 1.74 -30.86
C GLU R 308 -40.94 0.51 -30.63
N TYR R 309 -42.24 0.71 -30.53
CA TYR R 309 -43.15 -0.39 -30.20
C TYR R 309 -43.09 -1.59 -31.14
N LYS R 310 -43.16 -1.30 -32.48
CA LYS R 310 -43.37 -2.50 -33.30
C LYS R 310 -42.11 -3.37 -33.39
N ASP R 311 -41.02 -2.74 -33.26
CA ASP R 311 -39.77 -3.47 -33.33
C ASP R 311 -39.65 -4.47 -32.18
N LEU R 312 -40.35 -4.18 -31.09
CA LEU R 312 -40.35 -5.05 -29.90
C LEU R 312 -41.02 -6.38 -30.22
N LEU R 313 -41.88 -6.36 -31.23
CA LEU R 313 -42.74 -7.50 -31.59
C LEU R 313 -42.37 -8.10 -32.96
N ARG R 314 -41.20 -7.77 -33.47
CA ARG R 314 -40.73 -8.43 -34.70
C ARG R 314 -40.56 -9.91 -34.47
N PRO R 315 -41.18 -10.75 -35.31
CA PRO R 315 -41.07 -12.18 -35.02
C PRO R 315 -39.69 -12.70 -35.37
N VAL R 316 -39.09 -12.28 -36.47
CA VAL R 316 -37.75 -12.76 -36.84
C VAL R 316 -36.75 -11.61 -36.91
N LYS R 322 -34.57 -19.97 -42.71
CA LYS R 322 -33.79 -20.46 -43.83
C LYS R 322 -33.62 -21.98 -43.78
N LEU R 323 -32.92 -22.53 -44.78
CA LEU R 323 -32.70 -23.96 -44.85
C LEU R 323 -33.18 -24.45 -46.20
N THR R 324 -32.25 -24.85 -47.05
CA THR R 324 -32.62 -25.31 -48.37
C THR R 324 -31.85 -26.57 -48.70
N ARG R 325 -32.53 -27.47 -49.38
CA ARG R 325 -31.92 -28.70 -49.80
C ARG R 325 -30.70 -28.43 -50.72
N GLY R 326 -29.59 -29.08 -50.42
CA GLY R 326 -28.35 -28.89 -51.14
C GLY R 326 -27.37 -27.95 -50.45
N SER R 327 -27.86 -27.20 -49.45
CA SER R 327 -27.02 -26.26 -48.71
C SER R 327 -26.35 -26.96 -47.53
N TYR R 328 -25.36 -26.29 -46.95
CA TYR R 328 -24.66 -26.80 -45.79
C TYR R 328 -25.19 -26.23 -44.48
N VAL R 329 -25.15 -27.06 -43.46
CA VAL R 329 -25.49 -26.66 -42.10
C VAL R 329 -24.43 -27.28 -41.17
N ARG R 330 -24.40 -26.83 -39.93
CA ARG R 330 -23.55 -27.46 -38.91
C ARG R 330 -24.42 -28.17 -37.87
N VAL R 331 -24.08 -29.41 -37.57
CA VAL R 331 -24.85 -30.21 -36.59
C VAL R 331 -24.54 -29.72 -35.17
N LYS R 332 -25.59 -29.66 -34.34
CA LYS R 332 -25.48 -29.11 -32.99
C LYS R 332 -25.52 -30.16 -31.86
N ASN R 333 -25.74 -31.43 -32.17
CA ASN R 333 -25.92 -32.48 -31.15
C ASN R 333 -25.26 -33.79 -31.55
N GLY R 334 -24.87 -34.59 -30.58
CA GLY R 334 -24.45 -35.96 -30.84
C GLY R 334 -23.00 -36.09 -31.25
N LYS R 335 -22.61 -37.27 -31.71
CA LYS R 335 -21.22 -37.46 -32.11
C LYS R 335 -20.84 -36.62 -33.31
N PHE R 336 -21.84 -36.15 -34.05
CA PHE R 336 -21.55 -35.32 -35.22
C PHE R 336 -21.62 -33.83 -34.90
N LYS R 337 -21.73 -33.50 -33.60
CA LYS R 337 -21.77 -32.10 -33.19
C LYS R 337 -20.58 -31.33 -33.74
N GLY R 338 -20.86 -30.19 -34.36
CA GLY R 338 -19.83 -29.37 -34.95
C GLY R 338 -19.49 -29.71 -36.39
N ASP R 339 -19.97 -30.86 -36.88
CA ASP R 339 -19.62 -31.27 -38.24
C ASP R 339 -20.50 -30.58 -39.27
N LEU R 340 -19.90 -30.32 -40.42
CA LEU R 340 -20.61 -29.75 -41.56
C LEU R 340 -21.40 -30.86 -42.25
N ALA R 341 -22.62 -30.55 -42.66
CA ALA R 341 -23.44 -31.58 -43.32
C ALA R 341 -24.25 -30.93 -44.43
N GLN R 342 -24.49 -31.69 -45.48
CA GLN R 342 -25.45 -31.18 -46.54
C GLN R 342 -26.89 -31.53 -46.23
N VAL R 343 -27.76 -30.54 -46.40
CA VAL R 343 -29.19 -30.81 -46.26
C VAL R 343 -29.69 -31.60 -47.44
N ASP R 344 -30.10 -32.86 -47.20
CA ASP R 344 -30.62 -33.68 -48.29
C ASP R 344 -32.11 -33.50 -48.51
N GLU R 345 -32.88 -33.47 -47.43
CA GLU R 345 -34.32 -33.30 -47.52
C GLU R 345 -34.94 -33.08 -46.14
N VAL R 346 -36.19 -32.63 -46.14
CA VAL R 346 -36.91 -32.38 -44.89
C VAL R 346 -38.19 -33.21 -44.81
N LEU R 347 -38.65 -33.46 -43.59
CA LEU R 347 -39.87 -34.24 -43.39
C LEU R 347 -41.11 -33.50 -43.88
N GLU R 348 -42.12 -34.24 -44.28
CA GLU R 348 -43.36 -33.66 -44.78
C GLU R 348 -43.94 -32.65 -43.78
N ASN R 349 -44.02 -33.07 -42.52
CA ASN R 349 -44.55 -32.21 -41.47
C ASN R 349 -43.74 -30.92 -41.31
N GLY R 350 -42.42 -31.04 -41.40
CA GLY R 350 -41.54 -29.90 -41.27
C GLY R 350 -40.97 -29.77 -39.86
N LEU R 351 -40.01 -30.63 -39.54
CA LEU R 351 -39.37 -30.61 -38.23
C LEU R 351 -37.93 -31.12 -38.31
N GLU R 352 -37.77 -32.34 -38.83
CA GLU R 352 -36.46 -32.94 -38.95
C GLU R 352 -35.99 -32.94 -40.41
N ALA R 353 -34.68 -32.77 -40.59
CA ALA R 353 -34.10 -32.75 -41.94
C ALA R 353 -33.09 -33.88 -42.11
N ARG R 354 -33.13 -34.53 -43.27
CA ARG R 354 -32.23 -35.62 -43.57
C ARG R 354 -30.92 -34.96 -43.98
N LEU R 355 -29.83 -35.34 -43.32
CA LEU R 355 -28.51 -34.79 -43.55
C LEU R 355 -27.54 -35.82 -44.12
N LYS R 356 -26.67 -35.35 -45.00
CA LYS R 356 -25.61 -36.15 -45.60
C LYS R 356 -24.33 -35.78 -44.86
N LEU R 357 -23.70 -36.77 -44.24
CA LEU R 357 -22.67 -36.57 -43.24
C LEU R 357 -21.49 -37.51 -43.49
N VAL R 358 -20.26 -37.02 -43.30
CA VAL R 358 -19.10 -37.91 -43.30
C VAL R 358 -19.11 -38.72 -42.00
N PRO R 359 -19.20 -40.05 -42.10
CA PRO R 359 -19.37 -40.87 -40.89
C PRO R 359 -18.17 -40.92 -39.96
N ARG R 360 -18.45 -41.30 -38.72
CA ARG R 360 -17.43 -41.52 -37.69
C ARG R 360 -17.67 -42.92 -37.11
N LEU R 361 -17.07 -43.93 -37.74
CA LEU R 361 -17.38 -45.35 -37.46
C LEU R 361 -16.17 -46.15 -37.03
N ASP R 362 -16.44 -47.28 -36.37
CA ASP R 362 -15.42 -48.24 -35.97
C ASP R 362 -15.60 -49.66 -36.54
N TYR R 363 -16.65 -49.88 -37.33
CA TYR R 363 -16.95 -51.19 -37.88
C TYR R 363 -17.08 -52.29 -36.82
N GLY R 364 -17.62 -51.90 -35.66
CA GLY R 364 -17.93 -52.83 -34.60
C GLY R 364 -16.71 -53.38 -33.87
N LYS R 365 -15.57 -52.72 -34.07
CA LYS R 365 -14.27 -53.23 -33.64
C LYS R 365 -14.16 -53.63 -32.18
N ASP R 366 -14.77 -52.86 -31.29
CA ASP R 366 -14.66 -53.16 -29.86
C ASP R 366 -16.01 -53.44 -29.20
N LEU R 367 -16.98 -53.89 -29.98
CA LEU R 367 -18.30 -54.19 -29.43
C LEU R 367 -18.33 -55.50 -28.65
N SER R 368 -19.25 -55.58 -27.69
CA SER R 368 -19.40 -56.77 -26.86
C SER R 368 -20.79 -57.38 -27.04
N TYR R 386 -22.24 -44.15 -27.83
CA TYR R 386 -21.08 -43.32 -28.16
C TYR R 386 -21.29 -41.88 -27.72
N THR R 387 -20.18 -41.17 -27.50
CA THR R 387 -20.25 -39.78 -27.07
C THR R 387 -19.48 -38.87 -28.05
N SER R 388 -19.59 -37.57 -27.85
CA SER R 388 -18.90 -36.60 -28.70
C SER R 388 -17.47 -36.38 -28.24
N LYS R 389 -17.15 -36.84 -27.03
CA LYS R 389 -15.82 -36.69 -26.49
C LYS R 389 -14.99 -37.97 -26.67
N PHE R 390 -15.68 -39.06 -26.97
CA PHE R 390 -15.02 -40.35 -27.18
C PHE R 390 -15.43 -40.96 -28.51
N ARG R 391 -15.71 -40.11 -29.48
CA ARG R 391 -16.11 -40.55 -30.81
C ARG R 391 -14.90 -41.01 -31.62
N PRO R 392 -15.10 -41.26 -32.92
CA PRO R 392 -14.13 -41.69 -33.92
C PRO R 392 -13.80 -40.57 -34.90
N ALA R 393 -12.65 -40.69 -35.58
CA ALA R 393 -12.37 -39.76 -36.68
C ALA R 393 -13.36 -39.90 -37.82
N GLN R 394 -13.52 -38.82 -38.59
CA GLN R 394 -14.42 -38.86 -39.74
C GLN R 394 -13.76 -39.56 -40.93
N ARG R 395 -14.51 -40.43 -41.60
CA ARG R 395 -13.99 -41.10 -42.79
C ARG R 395 -15.20 -41.67 -43.53
N LEU R 396 -15.19 -41.58 -44.86
CA LEU R 396 -16.30 -42.11 -45.63
C LEU R 396 -16.51 -43.59 -45.33
N PHE R 397 -17.77 -44.00 -45.32
CA PHE R 397 -18.12 -45.39 -45.08
C PHE R 397 -17.50 -46.24 -46.20
N SER R 398 -16.92 -47.38 -45.80
CA SER R 398 -16.32 -48.30 -46.75
C SER R 398 -17.07 -49.60 -46.60
N GLU R 399 -17.90 -49.96 -47.58
CA GLU R 399 -18.69 -51.18 -47.47
C GLU R 399 -17.87 -52.46 -47.51
N ALA R 400 -16.74 -52.47 -48.21
CA ALA R 400 -15.91 -53.69 -48.19
C ALA R 400 -15.22 -53.90 -46.86
N GLU R 401 -14.89 -52.80 -46.18
CA GLU R 401 -14.35 -52.89 -44.84
C GLU R 401 -15.41 -53.45 -43.88
N ALA R 402 -16.66 -52.98 -44.01
CA ALA R 402 -17.76 -53.52 -43.23
C ALA R 402 -17.99 -55.01 -43.54
N ARG R 403 -17.92 -55.36 -44.82
CA ARG R 403 -18.07 -56.75 -45.23
C ARG R 403 -17.02 -57.63 -44.56
N VAL R 404 -15.78 -57.16 -44.60
CA VAL R 404 -14.68 -57.91 -44.03
C VAL R 404 -14.80 -58.07 -42.51
N HIS R 405 -15.14 -56.98 -41.83
CA HIS R 405 -15.01 -56.93 -40.39
C HIS R 405 -16.29 -57.16 -39.59
N GLU R 406 -17.44 -56.90 -40.18
CA GLU R 406 -18.70 -56.97 -39.43
C GLU R 406 -19.88 -57.25 -40.35
N ILE R 409 -24.33 -55.76 -41.88
CA ILE R 409 -24.29 -55.08 -43.18
C ILE R 409 -25.38 -55.61 -44.11
N ARG R 410 -26.20 -54.69 -44.63
CA ARG R 410 -27.31 -55.03 -45.53
C ARG R 410 -27.26 -54.15 -46.76
N ARG R 411 -27.19 -54.76 -47.95
CA ARG R 411 -27.28 -53.97 -49.16
C ARG R 411 -28.73 -53.61 -49.45
N ASP R 412 -28.96 -52.35 -49.79
CA ASP R 412 -30.31 -51.84 -50.01
C ASP R 412 -30.57 -51.35 -51.43
N ARG R 413 -29.52 -50.99 -52.14
CA ARG R 413 -29.65 -50.43 -53.48
C ARG R 413 -28.25 -50.27 -54.02
N ASP R 414 -28.14 -49.71 -55.22
CA ASP R 414 -26.85 -49.32 -55.73
C ASP R 414 -26.26 -48.27 -54.78
N GLY R 415 -25.10 -48.63 -54.27
CA GLY R 415 -24.27 -47.81 -53.40
C GLY R 415 -24.88 -47.50 -52.04
N PHE R 416 -25.94 -48.22 -51.69
CA PHE R 416 -26.68 -47.95 -50.46
C PHE R 416 -26.64 -49.19 -49.57
N VAL R 417 -26.09 -49.00 -48.38
CA VAL R 417 -26.02 -50.04 -47.37
C VAL R 417 -26.59 -49.56 -46.06
N THR R 418 -27.25 -50.46 -45.35
CA THR R 418 -27.63 -50.21 -43.97
C THR R 418 -26.63 -50.95 -43.10
N TYR R 419 -25.90 -50.21 -42.29
CA TYR R 419 -24.86 -50.80 -41.46
C TYR R 419 -25.12 -50.37 -40.02
N GLY R 420 -25.30 -51.33 -39.14
CA GLY R 420 -25.71 -51.06 -37.76
C GLY R 420 -26.91 -50.10 -37.70
N GLY R 421 -27.89 -50.39 -38.56
CA GLY R 421 -29.17 -49.67 -38.52
C GLY R 421 -29.07 -48.20 -38.90
N GLU R 422 -28.01 -47.81 -39.59
CA GLU R 422 -27.89 -46.49 -40.19
C GLU R 422 -27.65 -46.67 -41.68
N GLU R 423 -28.08 -45.69 -42.46
CA GLU R 423 -27.97 -45.74 -43.91
C GLU R 423 -26.78 -44.96 -44.47
N TYR R 424 -26.01 -45.61 -45.35
CA TYR R 424 -24.82 -45.03 -45.98
C TYR R 424 -24.96 -45.17 -47.46
N TYR R 425 -24.93 -44.04 -48.17
CA TYR R 425 -25.07 -44.03 -49.62
C TYR R 425 -23.84 -43.37 -50.21
N GLU R 426 -23.11 -44.12 -51.04
CA GLU R 426 -21.87 -43.66 -51.65
C GLU R 426 -20.89 -43.11 -50.61
N GLY R 427 -20.87 -43.76 -49.44
CA GLY R 427 -19.93 -43.44 -48.38
C GLY R 427 -20.40 -42.45 -47.33
N PHE R 428 -21.53 -41.80 -47.57
CA PHE R 428 -22.04 -40.80 -46.62
C PHE R 428 -23.19 -41.36 -45.79
N LEU R 429 -23.22 -41.00 -44.51
CA LEU R 429 -24.37 -41.23 -43.65
C LEU R 429 -25.52 -40.31 -44.08
N TYR R 430 -26.73 -40.86 -44.16
CA TYR R 430 -27.93 -40.07 -44.32
C TYR R 430 -28.74 -40.30 -43.07
N LYS R 431 -28.89 -39.26 -42.26
CA LYS R 431 -29.53 -39.37 -40.95
C LYS R 431 -30.41 -38.17 -40.67
N THR R 432 -31.57 -38.41 -40.08
CA THR R 432 -32.50 -37.34 -39.78
C THR R 432 -32.15 -36.64 -38.47
N PHE R 433 -32.17 -35.31 -38.50
CA PHE R 433 -31.95 -34.46 -37.34
C PHE R 433 -33.09 -33.47 -37.23
N ARG R 434 -33.47 -33.15 -36.00
CA ARG R 434 -34.37 -32.03 -35.82
C ARG R 434 -33.76 -30.77 -36.40
N LEU R 435 -34.60 -29.98 -37.06
CA LEU R 435 -34.15 -28.70 -37.57
C LEU R 435 -33.58 -27.83 -36.44
N GLN R 436 -34.16 -27.94 -35.25
CA GLN R 436 -33.65 -27.17 -34.13
C GLN R 436 -32.26 -27.62 -33.68
N ASN R 437 -31.84 -28.79 -34.19
CA ASN R 437 -30.53 -29.40 -33.90
C ASN R 437 -29.45 -29.10 -34.94
N LEU R 438 -29.76 -28.20 -35.87
CA LEU R 438 -28.76 -27.77 -36.83
C LEU R 438 -28.66 -26.26 -36.84
N ILE R 439 -27.48 -25.77 -37.20
CA ILE R 439 -27.24 -24.35 -37.34
C ILE R 439 -27.21 -24.03 -38.82
N VAL R 440 -28.01 -23.04 -39.23
CA VAL R 440 -28.10 -22.66 -40.65
C VAL R 440 -27.47 -21.31 -40.97
N ASN R 441 -27.16 -20.54 -39.93
CA ASN R 441 -26.70 -19.16 -40.07
C ASN R 441 -25.25 -18.94 -39.64
N SER R 442 -24.58 -18.03 -40.35
CA SER R 442 -23.22 -17.63 -40.02
C SER R 442 -22.16 -18.72 -39.91
N ILE R 443 -22.38 -19.81 -40.64
CA ILE R 443 -21.43 -20.92 -40.66
C ILE R 443 -20.18 -20.53 -41.23
N ASN R 444 -19.06 -20.87 -40.60
CA ASN R 444 -17.74 -20.59 -41.15
C ASN R 444 -17.04 -21.90 -41.52
N PRO R 445 -16.88 -22.19 -42.81
CA PRO R 445 -16.16 -23.41 -43.15
C PRO R 445 -14.74 -23.34 -42.59
N THR R 446 -14.24 -24.47 -42.14
CA THR R 446 -12.90 -24.56 -41.60
C THR R 446 -11.88 -24.82 -42.71
N LEU R 447 -10.61 -24.75 -42.34
CA LEU R 447 -9.53 -25.13 -43.25
C LEU R 447 -9.75 -26.55 -43.76
N ASN R 448 -10.04 -27.44 -42.83
CA ASN R 448 -10.22 -28.85 -43.15
C ASN R 448 -11.40 -29.04 -44.11
N GLU R 449 -12.47 -28.28 -43.93
CA GLU R 449 -13.67 -28.40 -44.77
C GLU R 449 -13.45 -27.87 -46.18
N LEU R 450 -12.65 -26.82 -46.28
CA LEU R 450 -12.27 -26.32 -47.59
C LEU R 450 -11.42 -27.37 -48.32
N SER R 451 -10.53 -28.04 -47.60
CA SER R 451 -9.76 -29.12 -48.22
C SER R 451 -10.66 -30.25 -48.70
N LEU R 452 -11.70 -30.59 -47.94
CA LEU R 452 -12.54 -31.74 -48.28
C LEU R 452 -13.63 -31.43 -49.30
N PHE R 453 -14.49 -30.47 -48.98
CA PHE R 453 -15.62 -30.14 -49.87
C PHE R 453 -15.25 -29.07 -50.90
N ASP R 752 23.23 -53.57 -19.67
CA ASP R 752 23.96 -54.45 -18.77
C ASP R 752 22.89 -55.34 -18.12
N PRO R 753 23.18 -56.63 -17.88
CA PRO R 753 22.14 -57.55 -17.39
C PRO R 753 22.01 -57.68 -15.88
N THR R 754 22.73 -56.90 -15.08
CA THR R 754 22.68 -57.07 -13.63
C THR R 754 22.12 -55.89 -12.87
N LEU R 755 21.64 -54.84 -13.54
CA LEU R 755 20.96 -53.75 -12.84
C LEU R 755 19.71 -54.28 -12.13
N ASN R 756 19.41 -53.66 -10.98
CA ASN R 756 18.18 -53.87 -10.20
C ASN R 756 18.02 -55.27 -9.61
N LYS R 757 18.99 -56.15 -9.82
CA LYS R 757 19.00 -57.50 -9.25
C LYS R 757 19.70 -57.47 -7.90
N THR R 758 19.23 -58.33 -6.99
CA THR R 758 19.72 -58.34 -5.63
C THR R 758 21.13 -58.93 -5.59
N VAL R 759 21.98 -58.42 -4.69
CA VAL R 759 23.41 -58.69 -4.69
C VAL R 759 23.85 -58.87 -3.25
N LYS R 760 24.86 -59.74 -3.04
CA LYS R 760 25.57 -59.87 -1.78
C LYS R 760 27.05 -59.56 -2.00
N ILE R 761 27.65 -58.89 -1.02
CA ILE R 761 29.03 -58.43 -1.10
C ILE R 761 29.90 -59.46 -0.39
N ARG R 762 30.98 -59.90 -1.04
CA ARG R 762 31.79 -60.98 -0.49
C ARG R 762 33.18 -60.57 -0.03
N GLN R 763 33.63 -59.35 -0.27
CA GLN R 763 34.90 -58.85 0.26
C GLN R 763 34.68 -57.44 0.79
N GLY R 764 35.57 -57.00 1.65
CA GLY R 764 35.60 -55.61 2.09
C GLY R 764 34.87 -55.42 3.41
N GLY R 765 34.76 -54.15 3.81
CA GLY R 765 34.05 -53.84 5.05
C GLY R 765 32.56 -54.08 5.05
N TYR R 766 31.94 -54.20 3.87
CA TYR R 766 30.51 -54.43 3.75
C TYR R 766 30.20 -55.87 3.36
N LYS R 767 31.07 -56.79 3.74
CA LYS R 767 30.98 -58.18 3.33
C LYS R 767 29.83 -58.86 4.04
N GLY R 768 28.98 -59.54 3.28
CA GLY R 768 27.79 -60.18 3.81
C GLY R 768 26.48 -59.39 3.77
N LYS R 769 26.47 -58.18 3.22
CA LYS R 769 25.30 -57.31 3.22
C LYS R 769 24.52 -57.41 1.91
N ILE R 770 23.18 -57.28 2.02
CA ILE R 770 22.29 -57.33 0.86
C ILE R 770 22.25 -55.93 0.24
N GLY R 771 21.97 -55.86 -1.06
CA GLY R 771 21.86 -54.59 -1.75
C GLY R 771 21.19 -54.78 -3.09
N ILE R 772 20.99 -53.67 -3.79
CA ILE R 772 20.41 -53.66 -5.13
C ILE R 772 21.29 -52.77 -6.01
N VAL R 773 21.56 -53.22 -7.24
CA VAL R 773 22.36 -52.46 -8.20
C VAL R 773 21.55 -51.26 -8.70
N LYS R 774 21.90 -50.08 -8.22
CA LYS R 774 21.21 -48.85 -8.60
C LYS R 774 21.72 -48.27 -9.92
N GLU R 775 23.01 -48.37 -10.19
CA GLU R 775 23.64 -47.83 -11.40
C GLU R 775 24.90 -48.60 -11.71
N ALA R 776 25.04 -49.06 -12.96
CA ALA R 776 26.18 -49.88 -13.37
C ALA R 776 26.85 -49.29 -14.63
N ASN R 777 27.43 -48.10 -14.48
CA ASN R 777 28.08 -47.42 -15.61
C ASN R 777 29.26 -48.23 -16.15
N GLY R 778 30.23 -48.52 -15.30
CA GLY R 778 31.38 -49.31 -15.71
C GLY R 778 32.32 -49.60 -14.57
N ASP R 779 32.64 -50.89 -14.30
CA ASP R 779 33.63 -51.34 -13.30
C ASP R 779 33.28 -51.00 -11.84
N ARG R 780 32.86 -49.77 -11.62
CA ARG R 780 32.41 -49.24 -10.33
C ARG R 780 30.88 -49.26 -10.31
N PHE R 781 30.29 -50.07 -9.46
CA PHE R 781 28.85 -50.16 -9.35
C PHE R 781 28.34 -49.23 -8.25
N ARG R 782 27.05 -48.97 -8.29
CA ARG R 782 26.35 -48.25 -7.24
C ARG R 782 25.34 -49.22 -6.65
N VAL R 783 25.63 -49.71 -5.45
CA VAL R 783 24.73 -50.60 -4.74
C VAL R 783 23.97 -49.78 -3.71
N GLU R 784 22.65 -49.90 -3.70
CA GLU R 784 21.88 -49.25 -2.65
C GLU R 784 21.84 -50.30 -1.54
N LEU R 785 22.72 -50.15 -0.56
CA LEU R 785 22.78 -51.07 0.57
C LEU R 785 21.44 -51.09 1.30
N HIS R 786 21.10 -52.22 1.88
CA HIS R 786 19.84 -52.23 2.60
C HIS R 786 20.03 -51.70 4.02
N ASN R 787 21.16 -52.00 4.61
CA ASN R 787 21.33 -51.98 6.05
C ASN R 787 21.47 -50.55 6.57
N PRO R 788 22.42 -49.67 6.09
CA PRO R 788 22.23 -48.26 6.42
C PRO R 788 21.70 -47.48 5.23
N ASN R 789 21.06 -46.33 5.46
CA ASN R 789 20.44 -45.61 4.36
C ASN R 789 21.57 -44.87 3.63
N LYS R 790 22.28 -45.63 2.81
CA LYS R 790 23.38 -45.11 2.01
C LYS R 790 23.57 -45.97 0.76
N THR R 791 23.91 -45.30 -0.34
CA THR R 791 24.24 -45.93 -1.60
C THR R 791 25.75 -45.78 -1.86
N ILE R 792 26.44 -46.90 -2.06
CA ILE R 792 27.91 -46.84 -2.08
C ILE R 792 28.47 -47.05 -3.48
N PRO R 793 29.66 -46.52 -3.77
CA PRO R 793 30.41 -46.90 -4.97
C PRO R 793 31.23 -48.16 -4.69
N ILE R 794 31.15 -49.16 -5.56
CA ILE R 794 31.89 -50.39 -5.27
C ILE R 794 32.43 -51.05 -6.53
N PRO R 795 33.65 -51.60 -6.48
CA PRO R 795 34.19 -52.36 -7.61
C PRO R 795 33.53 -53.72 -7.85
N CYS R 796 33.49 -54.10 -9.14
CA CYS R 796 32.84 -55.32 -9.62
C CYS R 796 33.42 -56.63 -9.13
N SER R 797 34.70 -56.69 -8.75
CA SER R 797 35.27 -57.89 -8.15
C SER R 797 34.62 -58.32 -6.84
N PHE R 798 34.00 -57.37 -6.12
CA PHE R 798 33.46 -57.56 -4.78
C PHE R 798 32.04 -58.13 -4.70
N LEU R 799 31.36 -58.38 -5.82
CA LEU R 799 29.94 -58.70 -5.75
C LEU R 799 29.65 -60.17 -6.03
N LEU R 800 28.65 -60.71 -5.31
CA LEU R 800 27.95 -61.93 -5.66
C LEU R 800 26.54 -61.59 -6.11
N ILE R 801 26.08 -62.19 -7.20
CA ILE R 801 24.74 -61.96 -7.72
C ILE R 801 23.86 -63.17 -7.42
N GLU R 802 22.59 -62.92 -7.12
CA GLU R 802 21.65 -64.02 -6.93
C GLU R 802 21.11 -64.50 -8.26
N SER R 803 20.96 -65.81 -8.38
CA SER R 803 20.48 -66.47 -9.59
C SER R 803 19.59 -67.61 -9.14
N THR R 804 19.41 -68.59 -10.02
CA THR R 804 18.54 -69.73 -9.72
C THR R 804 19.06 -70.51 -8.52
N HIS R 805 20.36 -70.76 -8.47
CA HIS R 805 20.98 -71.47 -7.36
C HIS R 805 22.02 -70.56 -6.71
N GLY R 806 21.69 -70.03 -5.54
CA GLY R 806 22.54 -69.24 -4.68
C GLY R 806 23.18 -67.98 -5.27
N TRP R 807 24.15 -67.49 -4.52
CA TRP R 807 24.92 -66.30 -4.88
C TRP R 807 26.09 -66.75 -5.75
N VAL R 808 26.12 -66.26 -6.98
CA VAL R 808 27.08 -66.73 -7.97
C VAL R 808 28.09 -65.63 -8.29
N PRO R 809 29.42 -65.95 -8.32
CA PRO R 809 30.46 -65.01 -8.75
C PRO R 809 30.32 -64.55 -10.20
N TYR R 810 31.32 -63.83 -10.73
CA TYR R 810 31.23 -63.30 -12.09
C TYR R 810 31.34 -64.38 -13.18
N GLU R 811 30.49 -65.40 -13.11
CA GLU R 811 30.26 -66.36 -14.17
C GLU R 811 28.80 -66.39 -14.57
N ASP R 812 28.05 -65.34 -14.24
CA ASP R 812 26.62 -65.27 -14.52
C ASP R 812 26.36 -64.67 -15.90
N PRO S 42 -84.82 93.41 -11.78
CA PRO S 42 -85.57 92.17 -11.94
C PRO S 42 -84.80 90.94 -11.47
N HIS S 43 -84.75 89.91 -12.31
CA HIS S 43 -84.12 88.64 -11.98
C HIS S 43 -82.77 88.45 -12.66
N ARG S 44 -81.95 89.50 -12.71
CA ARG S 44 -80.66 89.63 -13.38
C ARG S 44 -79.73 88.41 -13.28
N TYR S 45 -79.70 87.78 -12.09
CA TYR S 45 -78.98 86.53 -11.83
C TYR S 45 -77.46 86.64 -12.06
N ARG S 46 -76.75 87.10 -11.03
CA ARG S 46 -75.33 86.80 -10.86
C ARG S 46 -75.03 85.37 -11.29
N PRO S 47 -73.99 85.18 -12.08
CA PRO S 47 -74.00 84.14 -13.13
C PRO S 47 -73.82 82.73 -12.58
N GLY S 48 -73.88 81.76 -13.48
CA GLY S 48 -73.57 80.38 -13.18
C GLY S 48 -74.52 79.39 -13.82
N THR S 49 -75.80 79.72 -13.90
CA THR S 49 -76.79 78.79 -14.43
C THR S 49 -76.87 78.89 -15.95
N VAL S 50 -76.51 80.06 -16.49
CA VAL S 50 -76.60 80.31 -17.92
C VAL S 50 -75.67 79.41 -18.71
N ALA S 51 -74.38 79.48 -18.40
CA ALA S 51 -73.35 78.75 -19.13
C ALA S 51 -73.52 77.25 -18.99
N LEU S 52 -73.70 76.79 -17.75
CA LEU S 52 -73.77 75.37 -17.49
C LEU S 52 -75.09 74.78 -17.99
N ARG S 53 -76.14 75.58 -17.95
CA ARG S 53 -77.42 75.17 -18.51
C ARG S 53 -77.34 75.01 -20.02
N GLU S 54 -76.64 75.92 -20.68
CA GLU S 54 -76.51 75.79 -22.12
C GLU S 54 -75.55 74.65 -22.49
N ILE S 55 -74.61 74.34 -21.60
CA ILE S 55 -73.80 73.13 -21.77
C ILE S 55 -74.70 71.89 -21.70
N ARG S 56 -75.64 71.89 -20.74
CA ARG S 56 -76.60 70.79 -20.63
C ARG S 56 -77.47 70.70 -21.87
N ARG S 57 -77.85 71.83 -22.42
CA ARG S 57 -78.65 71.82 -23.63
C ARG S 57 -77.86 71.31 -24.82
N TYR S 58 -76.63 71.79 -25.00
CA TYR S 58 -75.84 71.40 -26.16
C TYR S 58 -75.25 70.01 -26.03
N GLN S 59 -75.32 69.41 -24.83
CA GLN S 59 -74.97 68.02 -24.72
C GLN S 59 -76.20 67.12 -24.70
N LYS S 60 -77.39 67.69 -24.49
CA LYS S 60 -78.60 66.97 -24.88
C LYS S 60 -78.76 66.95 -26.39
N SER S 61 -78.08 67.86 -27.08
CA SER S 61 -78.30 68.13 -28.48
C SER S 61 -77.76 67.00 -29.34
N THR S 62 -78.11 67.06 -30.62
CA THR S 62 -77.62 66.12 -31.62
C THR S 62 -76.83 66.82 -32.71
N GLU S 63 -77.41 67.83 -33.32
CA GLU S 63 -76.98 68.33 -34.62
C GLU S 63 -75.84 69.33 -34.55
N LEU S 64 -75.61 70.05 -35.65
CA LEU S 64 -74.45 70.90 -35.79
C LEU S 64 -74.59 72.18 -34.99
N LEU S 65 -73.59 73.04 -35.09
CA LEU S 65 -73.67 74.38 -34.52
C LEU S 65 -73.31 75.46 -35.50
N ILE S 66 -72.29 75.25 -36.33
CA ILE S 66 -71.94 76.24 -37.33
C ILE S 66 -72.94 76.13 -38.47
N ARG S 67 -73.52 77.27 -38.84
CA ARG S 67 -74.53 77.20 -39.88
C ARG S 67 -73.91 77.30 -41.26
N LYS S 68 -74.70 76.92 -42.25
CA LYS S 68 -74.19 76.21 -43.43
C LYS S 68 -73.42 77.11 -44.38
N LEU S 69 -74.10 78.10 -44.93
CA LEU S 69 -73.61 78.99 -45.98
C LEU S 69 -72.26 79.66 -45.75
N PRO S 70 -71.96 80.27 -44.58
CA PRO S 70 -70.66 80.94 -44.48
C PRO S 70 -69.52 79.96 -44.43
N PHE S 71 -69.76 78.81 -43.80
CA PHE S 71 -68.78 77.74 -43.80
C PHE S 71 -68.54 77.23 -45.20
N GLN S 72 -69.61 77.09 -45.99
CA GLN S 72 -69.47 76.65 -47.38
C GLN S 72 -68.65 77.64 -48.20
N ARG S 73 -68.91 78.93 -48.02
CA ARG S 73 -68.19 79.94 -48.78
C ARG S 73 -66.71 80.00 -48.38
N LEU S 74 -66.42 79.77 -47.10
CA LEU S 74 -65.03 79.69 -46.67
C LEU S 74 -64.34 78.49 -47.29
N VAL S 75 -65.05 77.37 -47.34
CA VAL S 75 -64.53 76.17 -48.00
C VAL S 75 -64.19 76.45 -49.45
N ARG S 76 -65.08 77.13 -50.16
CA ARG S 76 -64.81 77.42 -51.56
C ARG S 76 -63.70 78.43 -51.73
N GLU S 77 -63.49 79.31 -50.75
CA GLU S 77 -62.38 80.25 -50.86
C GLU S 77 -61.04 79.55 -50.68
N ILE S 78 -60.97 78.63 -49.70
CA ILE S 78 -59.79 77.79 -49.59
C ILE S 78 -59.64 76.91 -50.82
N ALA S 79 -60.75 76.46 -51.38
CA ALA S 79 -60.74 75.58 -52.54
C ALA S 79 -60.28 76.33 -53.79
N GLN S 80 -60.39 77.65 -53.80
CA GLN S 80 -60.09 78.40 -55.02
C GLN S 80 -58.59 78.70 -55.12
N ASP S 81 -57.76 77.92 -54.44
CA ASP S 81 -56.35 78.26 -54.29
C ASP S 81 -55.41 77.28 -54.96
N PHE S 82 -55.81 76.02 -55.14
CA PHE S 82 -54.90 75.03 -55.68
C PHE S 82 -55.30 74.54 -57.06
N LYS S 83 -56.58 74.27 -57.27
CA LYS S 83 -57.11 74.11 -58.60
C LYS S 83 -58.37 74.95 -58.67
N THR S 84 -58.49 75.75 -59.71
CA THR S 84 -59.63 76.63 -59.84
C THR S 84 -60.85 75.83 -60.22
N ASP S 85 -62.01 76.41 -59.92
CA ASP S 85 -63.29 76.10 -60.57
C ASP S 85 -63.72 74.64 -60.34
N LEU S 86 -63.92 74.33 -59.08
CA LEU S 86 -64.23 72.95 -58.72
C LEU S 86 -65.63 72.85 -58.15
N ARG S 87 -66.32 71.78 -58.51
CA ARG S 87 -67.70 71.60 -58.09
C ARG S 87 -67.80 70.50 -57.05
N PHE S 88 -68.88 70.51 -56.30
CA PHE S 88 -68.99 69.79 -55.05
C PHE S 88 -70.39 69.23 -54.86
N GLN S 89 -70.46 68.07 -54.22
CA GLN S 89 -71.75 67.59 -53.75
C GLN S 89 -71.89 67.89 -52.26
N SER S 90 -73.13 67.95 -51.80
CA SER S 90 -73.40 68.55 -50.49
C SER S 90 -72.92 67.66 -49.35
N ALA S 91 -72.92 66.35 -49.57
CA ALA S 91 -72.57 65.40 -48.52
C ALA S 91 -71.10 65.52 -48.14
N ALA S 92 -70.25 65.85 -49.11
CA ALA S 92 -68.85 66.13 -48.82
C ALA S 92 -68.71 67.29 -47.86
N ILE S 93 -69.47 68.35 -48.12
CA ILE S 93 -69.41 69.55 -47.30
C ILE S 93 -69.93 69.27 -45.91
N GLY S 94 -70.98 68.43 -45.81
CA GLY S 94 -71.50 68.07 -44.50
C GLY S 94 -70.52 67.22 -43.70
N ALA S 95 -69.79 66.34 -44.38
CA ALA S 95 -68.75 65.58 -43.71
C ALA S 95 -67.64 66.49 -43.23
N LEU S 96 -67.27 67.47 -44.05
CA LEU S 96 -66.27 68.44 -43.68
C LEU S 96 -66.67 69.22 -42.45
N GLN S 97 -67.94 69.62 -42.39
CA GLN S 97 -68.46 70.37 -41.25
C GLN S 97 -68.48 69.50 -40.00
N GLU S 98 -68.88 68.23 -40.16
CA GLU S 98 -68.91 67.27 -39.06
C GLU S 98 -67.54 67.08 -38.45
N ALA S 99 -66.55 66.75 -39.28
CA ALA S 99 -65.22 66.47 -38.78
C ALA S 99 -64.53 67.72 -38.28
N SER S 100 -64.90 68.87 -38.84
CA SER S 100 -64.38 70.14 -38.36
C SER S 100 -64.84 70.40 -36.94
N GLU S 101 -66.15 70.26 -36.70
CA GLU S 101 -66.66 70.51 -35.37
C GLU S 101 -66.17 69.48 -34.37
N ALA S 102 -65.95 68.24 -34.81
CA ALA S 102 -65.40 67.24 -33.92
C ALA S 102 -63.95 67.57 -33.54
N TYR S 103 -63.17 68.03 -34.52
CA TYR S 103 -61.78 68.41 -34.31
C TYR S 103 -61.67 69.53 -33.28
N LEU S 104 -62.56 70.50 -33.43
CA LEU S 104 -62.52 71.62 -32.52
C LEU S 104 -63.06 71.25 -31.14
N VAL S 105 -64.01 70.32 -31.09
CA VAL S 105 -64.52 69.84 -29.82
C VAL S 105 -63.43 69.15 -29.02
N GLY S 106 -62.62 68.34 -29.69
CA GLY S 106 -61.50 67.69 -29.01
C GLY S 106 -60.46 68.67 -28.53
N LEU S 107 -60.17 69.69 -29.37
CA LEU S 107 -59.30 70.77 -28.95
C LEU S 107 -59.82 71.45 -27.70
N PHE S 108 -61.11 71.74 -27.67
CA PHE S 108 -61.71 72.38 -26.51
C PHE S 108 -61.68 71.51 -25.27
N GLU S 109 -61.85 70.20 -25.43
CA GLU S 109 -61.83 69.31 -24.27
C GLU S 109 -60.46 69.29 -23.61
N ASP S 110 -59.42 69.08 -24.40
CA ASP S 110 -58.09 69.05 -23.80
C ASP S 110 -57.67 70.44 -23.33
N THR S 111 -58.16 71.49 -24.00
CA THR S 111 -57.90 72.84 -23.54
C THR S 111 -58.55 73.11 -22.19
N ASN S 112 -59.76 72.56 -22.02
CA ASN S 112 -60.48 72.67 -20.78
C ASN S 112 -59.74 71.96 -19.66
N LEU S 113 -59.21 70.79 -19.93
CA LEU S 113 -58.46 70.10 -18.89
C LEU S 113 -57.14 70.81 -18.58
N CYS S 114 -56.54 71.46 -19.60
CA CYS S 114 -55.36 72.28 -19.34
C CYS S 114 -55.69 73.45 -18.44
N ALA S 115 -56.86 74.04 -18.62
CA ALA S 115 -57.26 75.17 -17.79
C ALA S 115 -57.56 74.71 -16.38
N ILE S 116 -58.18 73.54 -16.23
CA ILE S 116 -58.47 73.00 -14.91
C ILE S 116 -57.18 72.70 -14.17
N HIS S 117 -56.17 72.21 -14.89
CA HIS S 117 -54.87 72.03 -14.26
C HIS S 117 -54.20 73.37 -14.00
N ALA S 118 -54.57 74.40 -14.73
CA ALA S 118 -54.02 75.73 -14.47
C ALA S 118 -54.66 76.43 -13.27
N LYS S 119 -55.53 75.73 -12.53
CA LYS S 119 -56.31 76.26 -11.41
C LYS S 119 -57.12 77.48 -11.81
N ARG S 120 -57.59 77.50 -13.05
CA ARG S 120 -58.37 78.59 -13.58
C ARG S 120 -59.55 78.03 -14.32
N VAL S 121 -60.52 78.88 -14.61
CA VAL S 121 -61.58 78.54 -15.53
C VAL S 121 -61.47 79.35 -16.81
N THR S 122 -60.82 80.50 -16.78
CA THR S 122 -60.56 81.27 -17.98
C THR S 122 -59.55 80.54 -18.85
N ILE S 123 -59.90 80.38 -20.12
CA ILE S 123 -58.97 79.78 -21.07
C ILE S 123 -57.90 80.77 -21.47
N MET S 124 -56.86 80.27 -22.11
CA MET S 124 -55.77 81.08 -22.64
C MET S 124 -55.39 80.54 -24.00
N PRO S 125 -54.74 81.34 -24.85
CA PRO S 125 -54.31 80.81 -26.14
C PRO S 125 -53.20 79.79 -26.04
N LYS S 126 -52.26 79.98 -25.12
CA LYS S 126 -51.15 79.05 -25.07
C LYS S 126 -51.56 77.70 -24.51
N ASP S 127 -52.74 77.62 -23.87
CA ASP S 127 -53.41 76.36 -23.64
C ASP S 127 -53.61 75.58 -24.94
N ILE S 128 -54.22 76.22 -25.94
CA ILE S 128 -54.44 75.58 -27.22
C ILE S 128 -53.12 75.26 -27.89
N GLN S 129 -52.12 76.13 -27.71
CA GLN S 129 -50.81 75.86 -28.30
C GLN S 129 -50.13 74.67 -27.64
N LEU S 130 -50.31 74.50 -26.33
CA LEU S 130 -49.77 73.33 -25.65
C LEU S 130 -50.51 72.07 -26.06
N ALA S 131 -51.82 72.18 -26.26
CA ALA S 131 -52.61 71.02 -26.65
C ALA S 131 -52.21 70.52 -28.03
N ARG S 132 -52.08 71.44 -28.98
CA ARG S 132 -51.60 71.06 -30.29
C ARG S 132 -50.11 70.68 -30.29
N ARG S 133 -49.33 71.16 -29.31
CA ARG S 133 -47.97 70.69 -29.18
C ARG S 133 -47.93 69.22 -28.81
N ILE S 134 -48.80 68.83 -27.89
CA ILE S 134 -48.81 67.44 -27.46
C ILE S 134 -49.45 66.56 -28.52
N ARG S 135 -50.40 67.10 -29.29
CA ARG S 135 -51.02 66.27 -30.31
C ARG S 135 -50.14 66.03 -31.53
N GLY S 136 -48.98 66.66 -31.61
CA GLY S 136 -48.11 66.46 -32.76
C GLY S 136 -48.62 67.05 -34.04
N GLU S 137 -49.55 67.98 -33.98
CA GLU S 137 -50.14 68.61 -35.16
C GLU S 137 -49.72 70.06 -35.18
N ARG S 138 -48.54 70.32 -35.73
CA ARG S 138 -47.81 71.54 -35.46
C ARG S 138 -48.29 72.69 -36.33
N ARG T 27 -63.39 85.95 -50.23
CA ARG T 27 -62.73 86.92 -49.37
C ARG T 27 -63.48 87.07 -48.04
N ASP T 28 -62.70 87.10 -46.96
CA ASP T 28 -63.15 87.54 -45.62
C ASP T 28 -64.19 86.60 -45.00
N ASN T 29 -64.42 85.44 -45.62
CA ASN T 29 -65.26 84.43 -44.99
C ASN T 29 -64.57 83.75 -43.83
N ILE T 30 -63.25 83.90 -43.73
CA ILE T 30 -62.54 83.59 -42.50
C ILE T 30 -63.09 84.41 -41.35
N GLN T 31 -63.46 85.66 -41.61
CA GLN T 31 -64.17 86.48 -40.66
C GLN T 31 -65.66 86.19 -40.63
N GLY T 32 -66.13 85.27 -41.47
CA GLY T 32 -67.49 84.79 -41.35
C GLY T 32 -67.69 83.90 -40.14
N ILE T 33 -66.61 83.46 -39.52
CA ILE T 33 -66.67 82.74 -38.25
C ILE T 33 -67.19 83.71 -37.19
N THR T 34 -68.28 83.34 -36.53
CA THR T 34 -68.89 84.23 -35.55
C THR T 34 -68.47 83.82 -34.14
N LYS T 35 -68.31 84.83 -33.30
CA LYS T 35 -68.09 84.59 -31.87
C LYS T 35 -69.18 83.74 -31.19
N PRO T 36 -70.49 83.92 -31.43
CA PRO T 36 -71.45 82.98 -30.79
C PRO T 36 -71.34 81.56 -31.27
N ALA T 37 -70.84 81.33 -32.49
CA ALA T 37 -70.60 79.95 -32.90
C ALA T 37 -69.48 79.34 -32.10
N ILE T 38 -68.42 80.12 -31.87
CA ILE T 38 -67.31 79.68 -31.05
C ILE T 38 -67.78 79.42 -29.63
N ARG T 39 -68.69 80.27 -29.14
CA ARG T 39 -69.34 80.05 -27.86
C ARG T 39 -70.06 78.71 -27.81
N ARG T 40 -70.88 78.43 -28.83
CA ARG T 40 -71.65 77.20 -28.86
C ARG T 40 -70.74 75.98 -28.90
N LEU T 41 -69.65 76.08 -29.65
CA LEU T 41 -68.66 75.02 -29.70
C LEU T 41 -67.95 74.84 -28.38
N ALA T 42 -67.74 75.92 -27.64
CA ALA T 42 -67.15 75.80 -26.33
C ALA T 42 -68.10 75.14 -25.36
N ARG T 43 -69.41 75.40 -25.51
CA ARG T 43 -70.36 74.86 -24.55
C ARG T 43 -70.57 73.38 -24.76
N ARG T 44 -70.73 72.94 -26.02
CA ARG T 44 -70.76 71.50 -26.26
C ARG T 44 -69.39 70.91 -25.98
N GLY T 45 -68.33 71.68 -26.23
CA GLY T 45 -67.01 71.32 -25.76
C GLY T 45 -66.86 71.39 -24.25
N GLY T 46 -67.81 72.00 -23.56
CA GLY T 46 -67.84 71.95 -22.12
C GLY T 46 -67.07 73.08 -21.49
N VAL T 47 -66.58 73.97 -22.31
CA VAL T 47 -65.78 75.08 -21.80
C VAL T 47 -66.70 76.10 -21.15
N LYS T 48 -66.36 76.49 -19.93
CA LYS T 48 -67.15 77.48 -19.23
C LYS T 48 -66.76 78.91 -19.58
N ARG T 49 -65.53 79.30 -19.29
CA ARG T 49 -65.12 80.70 -19.32
C ARG T 49 -64.28 80.95 -20.57
N ILE T 50 -64.62 82.01 -21.29
CA ILE T 50 -64.04 82.29 -22.59
C ILE T 50 -63.21 83.56 -22.53
N SER T 51 -61.96 83.48 -22.92
CA SER T 51 -61.14 84.69 -23.01
C SER T 51 -61.36 85.34 -24.37
N GLY T 52 -60.89 86.58 -24.50
CA GLY T 52 -61.14 87.35 -25.70
C GLY T 52 -60.08 87.17 -26.77
N LEU T 53 -58.92 86.69 -26.39
CA LEU T 53 -57.83 86.53 -27.34
C LEU T 53 -57.84 85.17 -27.99
N ILE T 54 -59.01 84.58 -28.19
CA ILE T 54 -59.09 83.19 -28.57
C ILE T 54 -59.55 83.02 -30.01
N TYR T 55 -60.35 83.98 -30.49
CA TYR T 55 -61.22 83.74 -31.63
C TYR T 55 -60.42 83.67 -32.92
N GLU T 56 -59.47 84.58 -33.10
CA GLU T 56 -58.72 84.57 -34.34
C GLU T 56 -57.69 83.47 -34.36
N GLU T 57 -57.18 83.10 -33.19
CA GLU T 57 -56.33 81.92 -33.08
C GLU T 57 -57.09 80.67 -33.50
N THR T 58 -58.33 80.56 -33.04
CA THR T 58 -59.24 79.49 -33.43
C THR T 58 -59.45 79.47 -34.94
N ARG T 59 -59.66 80.66 -35.52
CA ARG T 59 -59.84 80.78 -36.96
C ARG T 59 -58.61 80.30 -37.72
N GLY T 60 -57.42 80.64 -37.22
CA GLY T 60 -56.21 80.23 -37.89
C GLY T 60 -55.98 78.73 -37.85
N VAL T 61 -56.26 78.12 -36.70
CA VAL T 61 -56.09 76.66 -36.58
C VAL T 61 -57.09 75.93 -37.47
N LEU T 62 -58.36 76.37 -37.44
CA LEU T 62 -59.39 75.81 -38.30
C LEU T 62 -59.02 75.94 -39.77
N LYS T 63 -58.41 77.06 -40.13
CA LYS T 63 -58.03 77.33 -41.50
C LYS T 63 -56.93 76.38 -41.97
N VAL T 64 -55.89 76.18 -41.13
CA VAL T 64 -54.77 75.30 -41.52
C VAL T 64 -55.22 73.85 -41.64
N PHE T 65 -56.07 73.42 -40.70
CA PHE T 65 -56.76 72.14 -40.78
C PHE T 65 -57.43 71.95 -42.13
N LEU T 66 -58.33 72.85 -42.47
CA LEU T 66 -59.08 72.72 -43.71
C LEU T 66 -58.19 72.86 -44.94
N GLU T 67 -57.08 73.59 -44.82
CA GLU T 67 -56.09 73.66 -45.90
C GLU T 67 -55.57 72.30 -46.26
N ASN T 68 -55.04 71.58 -45.26
CA ASN T 68 -54.46 70.27 -45.54
C ASN T 68 -55.52 69.30 -46.03
N VAL T 69 -56.73 69.40 -45.46
CA VAL T 69 -57.82 68.52 -45.85
C VAL T 69 -58.19 68.69 -47.32
N ILE T 70 -58.49 69.93 -47.71
CA ILE T 70 -59.00 70.13 -49.05
C ILE T 70 -57.89 69.99 -50.08
N ARG T 71 -56.64 70.28 -49.71
CA ARG T 71 -55.51 69.98 -50.60
C ARG T 71 -55.48 68.51 -50.97
N ASP T 72 -55.58 67.64 -49.96
CA ASP T 72 -55.50 66.22 -50.23
C ASP T 72 -56.74 65.72 -50.99
N ALA T 73 -57.91 66.28 -50.68
CA ALA T 73 -59.13 65.85 -51.36
C ALA T 73 -59.11 66.25 -52.82
N VAL T 74 -58.66 67.46 -53.10
CA VAL T 74 -58.55 67.91 -54.47
C VAL T 74 -57.47 67.14 -55.21
N THR T 75 -56.42 66.68 -54.53
CA THR T 75 -55.41 65.88 -55.20
C THR T 75 -55.96 64.50 -55.60
N TYR T 76 -56.71 63.88 -54.68
CA TYR T 76 -57.48 62.69 -55.01
C TYR T 76 -58.43 62.92 -56.18
N THR T 77 -58.96 64.12 -56.31
CA THR T 77 -59.86 64.34 -57.43
C THR T 77 -59.07 64.68 -58.70
N GLU T 78 -57.86 65.20 -58.54
CA GLU T 78 -56.96 65.45 -59.67
C GLU T 78 -56.68 64.15 -60.41
N HIS T 79 -56.32 63.12 -59.67
CA HIS T 79 -56.15 61.85 -60.35
C HIS T 79 -57.47 61.23 -60.79
N ALA T 80 -58.60 61.68 -60.22
CA ALA T 80 -59.88 61.14 -60.64
C ALA T 80 -60.29 61.57 -62.03
N LYS T 81 -59.68 62.63 -62.59
CA LYS T 81 -60.01 63.19 -63.91
C LYS T 81 -61.48 63.56 -64.02
N ARG T 82 -62.05 64.02 -62.93
CA ARG T 82 -63.40 64.53 -62.89
C ARG T 82 -63.34 65.84 -62.12
N LYS T 83 -63.96 66.88 -62.67
CA LYS T 83 -63.82 68.21 -62.11
C LYS T 83 -64.69 68.42 -60.87
N THR T 84 -65.35 67.38 -60.38
CA THR T 84 -66.20 67.47 -59.20
C THR T 84 -65.69 66.51 -58.14
N VAL T 85 -65.58 66.99 -56.91
CA VAL T 85 -65.10 66.20 -55.79
C VAL T 85 -66.31 65.58 -55.09
N THR T 86 -66.21 64.30 -54.73
CA THR T 86 -67.32 63.63 -54.07
C THR T 86 -67.09 63.54 -52.59
N ALA T 87 -68.13 63.11 -51.90
CA ALA T 87 -68.04 62.79 -50.48
C ALA T 87 -67.05 61.67 -50.24
N MET T 88 -67.03 60.70 -51.15
CA MET T 88 -66.14 59.55 -51.03
C MET T 88 -64.70 59.99 -51.04
N ASP T 89 -64.39 60.99 -51.87
CA ASP T 89 -63.04 61.55 -51.97
C ASP T 89 -62.57 62.10 -50.64
N VAL T 90 -63.41 62.91 -50.02
CA VAL T 90 -63.08 63.53 -48.75
C VAL T 90 -62.95 62.48 -47.67
N VAL T 91 -63.78 61.44 -47.75
CA VAL T 91 -63.68 60.30 -46.84
C VAL T 91 -62.32 59.64 -46.94
N TYR T 92 -61.88 59.37 -48.17
CA TYR T 92 -60.64 58.66 -48.38
C TYR T 92 -59.45 59.51 -47.93
N ALA T 93 -59.54 60.80 -48.21
CA ALA T 93 -58.48 61.73 -47.84
C ALA T 93 -58.37 61.87 -46.33
N LEU T 94 -59.50 61.89 -45.63
CA LEU T 94 -59.38 62.03 -44.20
C LEU T 94 -58.98 60.72 -43.56
N LYS T 95 -59.26 59.59 -44.23
CA LYS T 95 -58.68 58.35 -43.75
C LYS T 95 -57.18 58.36 -43.90
N ARG T 96 -56.68 59.01 -44.96
CA ARG T 96 -55.24 59.17 -45.14
C ARG T 96 -54.60 59.99 -44.02
N GLN T 97 -55.33 60.94 -43.45
CA GLN T 97 -54.78 61.68 -42.33
C GLN T 97 -54.91 60.93 -41.02
N GLY T 98 -55.79 59.95 -40.96
CA GLY T 98 -55.90 59.16 -39.75
C GLY T 98 -56.87 59.78 -38.77
N ARG T 99 -57.63 60.75 -39.25
CA ARG T 99 -58.67 61.43 -38.50
C ARG T 99 -60.01 60.86 -38.91
N THR T 100 -60.03 59.55 -39.07
CA THR T 100 -60.95 58.88 -39.98
C THR T 100 -62.38 58.91 -39.46
N LEU T 101 -63.28 59.30 -40.34
CA LEU T 101 -64.67 59.57 -40.00
C LEU T 101 -65.56 58.61 -40.76
N TYR T 102 -66.54 58.05 -40.08
CA TYR T 102 -67.51 57.16 -40.71
C TYR T 102 -68.68 57.96 -41.23
N GLY T 103 -69.76 57.27 -41.52
CA GLY T 103 -71.05 57.90 -41.71
C GLY T 103 -71.54 58.00 -43.11
N PHE T 104 -70.67 58.33 -44.04
CA PHE T 104 -71.08 58.58 -45.40
C PHE T 104 -70.57 57.52 -46.37
N GLY T 105 -69.99 56.44 -45.85
CA GLY T 105 -69.49 55.37 -46.70
C GLY T 105 -68.14 55.67 -47.31
N GLY T 106 -67.29 54.66 -47.41
CA GLY T 106 -66.00 54.85 -48.05
C GLY T 106 -64.90 53.89 -47.62
N THR U 20 -28.69 47.57 -68.19
CA THR U 20 -29.68 47.83 -67.15
C THR U 20 -30.46 49.08 -67.45
N ARG U 21 -31.77 48.99 -67.24
CA ARG U 21 -32.69 50.10 -67.49
C ARG U 21 -32.35 51.34 -66.67
N SER U 22 -31.74 51.16 -65.49
CA SER U 22 -31.35 52.29 -64.66
C SER U 22 -30.29 53.14 -65.34
N SER U 23 -29.26 52.48 -65.86
CA SER U 23 -28.30 53.15 -66.73
C SER U 23 -28.97 53.69 -67.98
N ARG U 24 -29.94 52.96 -68.54
CA ARG U 24 -30.67 53.47 -69.68
C ARG U 24 -31.64 54.58 -69.28
N ALA U 25 -31.98 54.68 -68.01
CA ALA U 25 -32.60 55.90 -67.48
C ALA U 25 -31.60 56.87 -66.93
N GLY U 26 -30.32 56.51 -66.87
CA GLY U 26 -29.29 57.38 -66.35
C GLY U 26 -29.41 57.65 -64.87
N LEU U 27 -29.82 56.63 -64.12
CA LEU U 27 -30.09 56.81 -62.69
C LEU U 27 -29.28 55.81 -61.88
N GLN U 28 -29.60 55.66 -60.60
CA GLN U 28 -28.81 54.77 -59.76
C GLN U 28 -29.60 53.68 -59.06
N PHE U 29 -30.92 53.62 -59.23
CA PHE U 29 -31.51 52.51 -58.50
C PHE U 29 -31.96 51.40 -59.44
N PRO U 30 -31.75 50.15 -59.05
CA PRO U 30 -32.12 49.04 -59.92
C PRO U 30 -33.61 48.91 -60.12
N VAL U 31 -34.01 49.04 -61.39
CA VAL U 31 -35.39 49.06 -61.79
C VAL U 31 -36.02 47.70 -61.56
N GLY U 32 -35.39 46.66 -62.10
CA GLY U 32 -36.03 45.36 -62.17
C GLY U 32 -36.24 44.71 -60.82
N ARG U 33 -35.36 45.03 -59.86
CA ARG U 33 -35.59 44.59 -58.49
C ARG U 33 -36.87 45.20 -57.96
N VAL U 34 -37.08 46.47 -58.26
CA VAL U 34 -38.29 47.14 -57.82
C VAL U 34 -39.49 46.58 -58.57
N HIS U 35 -39.33 46.31 -59.86
CA HIS U 35 -40.38 45.71 -60.66
C HIS U 35 -40.76 44.33 -60.13
N ARG U 36 -39.78 43.59 -59.64
CA ARG U 36 -40.03 42.31 -59.00
C ARG U 36 -40.79 42.48 -57.71
N LEU U 37 -40.37 43.44 -56.88
CA LEU U 37 -41.00 43.62 -55.58
C LEU U 37 -42.41 44.16 -55.72
N LEU U 38 -42.68 44.90 -56.79
CA LEU U 38 -44.05 45.33 -57.04
C LEU U 38 -44.94 44.16 -57.38
N ARG U 39 -44.42 43.19 -58.13
CA ARG U 39 -45.14 41.96 -58.41
C ARG U 39 -45.41 41.16 -57.16
N LYS U 40 -44.40 40.88 -56.36
CA LYS U 40 -44.59 40.00 -55.21
C LYS U 40 -45.21 40.71 -54.02
N GLY U 41 -45.61 41.97 -54.16
CA GLY U 41 -46.24 42.68 -53.07
C GLY U 41 -47.75 42.62 -53.12
N ASN U 42 -48.29 41.93 -54.13
CA ASN U 42 -49.72 41.93 -54.48
C ASN U 42 -50.22 43.35 -54.69
N TYR U 43 -49.38 44.18 -55.30
CA TYR U 43 -49.67 45.59 -55.35
C TYR U 43 -50.71 45.94 -56.39
N SER U 44 -50.79 45.15 -57.45
CA SER U 44 -51.87 45.26 -58.41
C SER U 44 -52.00 43.91 -59.10
N GLU U 45 -52.70 43.89 -60.21
CA GLU U 45 -52.68 42.69 -61.02
C GLU U 45 -51.60 42.81 -62.10
N ARG U 46 -51.55 43.92 -62.81
CA ARG U 46 -50.50 44.13 -63.80
C ARG U 46 -49.67 45.37 -63.46
N VAL U 47 -48.45 45.38 -64.02
CA VAL U 47 -47.44 46.38 -63.71
C VAL U 47 -46.98 47.01 -65.01
N GLY U 48 -47.03 48.34 -65.08
CA GLY U 48 -46.67 49.07 -66.28
C GLY U 48 -45.18 49.06 -66.59
N ALA U 49 -44.83 49.86 -67.60
CA ALA U 49 -43.44 49.88 -68.04
C ALA U 49 -42.57 50.75 -67.14
N GLY U 50 -42.85 52.04 -67.07
CA GLY U 50 -41.93 52.98 -66.46
C GLY U 50 -42.27 53.48 -65.08
N ALA U 51 -43.38 53.03 -64.51
CA ALA U 51 -43.68 53.29 -63.11
C ALA U 51 -42.54 52.99 -62.12
N PRO U 52 -41.79 51.88 -62.23
CA PRO U 52 -40.66 51.72 -61.30
C PRO U 52 -39.55 52.70 -61.53
N VAL U 53 -39.39 53.20 -62.75
CA VAL U 53 -38.38 54.22 -63.00
C VAL U 53 -38.72 55.49 -62.23
N TYR U 54 -40.00 55.88 -62.28
CA TYR U 54 -40.46 57.08 -61.60
C TYR U 54 -40.31 56.93 -60.10
N LEU U 55 -40.68 55.76 -59.59
CA LEU U 55 -40.57 55.52 -58.15
C LEU U 55 -39.12 55.51 -57.70
N ALA U 56 -38.24 54.92 -58.51
CA ALA U 56 -36.83 54.85 -58.17
C ALA U 56 -36.21 56.23 -58.15
N ALA U 57 -36.61 57.08 -59.09
CA ALA U 57 -36.11 58.45 -59.11
C ALA U 57 -36.60 59.22 -57.90
N VAL U 58 -37.84 58.96 -57.48
CA VAL U 58 -38.38 59.59 -56.28
C VAL U 58 -37.54 59.22 -55.07
N LEU U 59 -37.27 57.92 -54.92
CA LEU U 59 -36.41 57.43 -53.85
C LEU U 59 -35.03 58.08 -53.91
N GLU U 60 -34.52 58.24 -55.13
CA GLU U 60 -33.17 58.74 -55.34
C GLU U 60 -33.06 60.19 -54.91
N TYR U 61 -34.05 61.01 -55.26
CA TYR U 61 -34.00 62.40 -54.83
C TYR U 61 -34.25 62.54 -53.34
N LEU U 62 -35.11 61.67 -52.78
CA LEU U 62 -35.36 61.72 -51.34
C LEU U 62 -34.10 61.43 -50.56
N THR U 63 -33.43 60.33 -50.88
CA THR U 63 -32.22 59.99 -50.15
C THR U 63 -31.11 60.97 -50.44
N ALA U 64 -31.12 61.60 -51.62
CA ALA U 64 -30.14 62.63 -51.91
C ALA U 64 -30.31 63.82 -50.99
N GLU U 65 -31.55 64.27 -50.81
CA GLU U 65 -31.82 65.42 -49.96
C GLU U 65 -31.50 65.11 -48.50
N ILE U 66 -31.92 63.93 -48.04
CA ILE U 66 -31.70 63.53 -46.66
C ILE U 66 -30.22 63.44 -46.35
N LEU U 67 -29.50 62.70 -47.17
CA LEU U 67 -28.10 62.51 -46.87
C LEU U 67 -27.27 63.74 -47.21
N GLU U 68 -27.82 64.66 -48.00
CA GLU U 68 -27.15 65.93 -48.21
C GLU U 68 -27.17 66.75 -46.93
N LEU U 69 -28.32 66.80 -46.28
CA LEU U 69 -28.39 67.47 -44.99
C LEU U 69 -27.56 66.74 -43.94
N ALA U 70 -27.47 65.42 -44.06
CA ALA U 70 -26.61 64.64 -43.18
C ALA U 70 -25.15 64.98 -43.40
N GLY U 71 -24.77 65.21 -44.65
CA GLY U 71 -23.42 65.61 -44.94
C GLY U 71 -23.10 66.96 -44.35
N ASN U 72 -24.08 67.88 -44.39
CA ASN U 72 -23.90 69.15 -43.71
C ASN U 72 -23.79 68.97 -42.20
N ALA U 73 -24.54 68.01 -41.66
CA ALA U 73 -24.47 67.72 -40.24
C ALA U 73 -23.10 67.21 -39.85
N ALA U 74 -22.48 66.41 -40.71
CA ALA U 74 -21.12 65.96 -40.44
C ALA U 74 -20.13 67.12 -40.61
N ARG U 75 -20.42 68.04 -41.52
CA ARG U 75 -19.62 69.24 -41.67
C ARG U 75 -19.65 70.08 -40.41
N ASP U 76 -20.77 70.04 -39.69
CA ASP U 76 -20.89 70.81 -38.45
C ASP U 76 -19.94 70.30 -37.39
N ASN U 77 -20.02 69.01 -37.09
CA ASN U 77 -19.24 68.41 -36.04
C ASN U 77 -17.81 68.13 -36.46
N LYS U 78 -17.51 68.34 -37.74
CA LYS U 78 -16.25 67.96 -38.37
C LYS U 78 -15.97 66.47 -38.18
N LYS U 79 -16.96 65.67 -38.50
CA LYS U 79 -16.85 64.23 -38.49
C LYS U 79 -16.87 63.72 -39.92
N THR U 80 -16.16 62.61 -40.16
CA THR U 80 -16.08 62.07 -41.50
C THR U 80 -17.04 60.92 -41.73
N ARG U 81 -17.15 60.02 -40.78
CA ARG U 81 -18.11 58.94 -40.84
C ARG U 81 -19.42 59.41 -40.24
N ILE U 82 -20.51 59.05 -40.88
CA ILE U 82 -21.82 59.49 -40.42
C ILE U 82 -22.21 58.68 -39.20
N ILE U 83 -22.49 59.35 -38.11
CA ILE U 83 -23.13 58.69 -36.97
C ILE U 83 -24.63 58.91 -37.12
N PRO U 84 -25.46 58.04 -36.55
CA PRO U 84 -26.91 58.25 -36.63
C PRO U 84 -27.42 59.49 -35.92
N ARG U 85 -26.64 60.05 -34.98
CA ARG U 85 -27.04 61.28 -34.32
C ARG U 85 -27.14 62.42 -35.31
N HIS U 86 -26.23 62.44 -36.28
CA HIS U 86 -26.31 63.37 -37.40
C HIS U 86 -27.63 63.23 -38.13
N LEU U 87 -28.07 61.99 -38.31
CA LEU U 87 -29.28 61.73 -39.07
C LEU U 87 -30.49 62.25 -38.32
N GLN U 88 -30.55 61.98 -37.02
CA GLN U 88 -31.70 62.43 -36.24
C GLN U 88 -31.74 63.94 -36.15
N LEU U 89 -30.57 64.58 -36.01
CA LEU U 89 -30.50 66.03 -35.96
C LEU U 89 -30.96 66.65 -37.26
N ALA U 90 -30.49 66.13 -38.39
CA ALA U 90 -30.89 66.68 -39.67
C ALA U 90 -32.35 66.42 -39.96
N ILE U 91 -32.91 65.36 -39.40
CA ILE U 91 -34.35 65.19 -39.47
C ILE U 91 -35.06 66.25 -38.65
N ARG U 92 -34.58 66.49 -37.43
CA ARG U 92 -35.27 67.39 -36.54
C ARG U 92 -35.03 68.87 -36.84
N ASN U 93 -34.16 69.19 -37.78
CA ASN U 93 -33.95 70.59 -38.10
C ASN U 93 -34.92 71.07 -39.18
N ASP U 94 -34.92 70.39 -40.33
CA ASP U 94 -35.74 70.79 -41.46
C ASP U 94 -37.22 70.60 -41.15
N GLU U 95 -38.05 71.48 -41.72
CA GLU U 95 -39.46 71.50 -41.37
C GLU U 95 -40.20 70.34 -41.99
N GLU U 96 -40.25 70.30 -43.34
CA GLU U 96 -41.10 69.35 -44.06
C GLU U 96 -40.67 67.91 -43.81
N LEU U 97 -39.37 67.70 -43.67
CA LEU U 97 -38.86 66.38 -43.34
C LEU U 97 -39.29 65.92 -41.97
N ASN U 98 -39.26 66.82 -40.99
CA ASN U 98 -39.68 66.45 -39.66
C ASN U 98 -41.19 66.27 -39.57
N LYS U 99 -41.96 66.98 -40.39
CA LYS U 99 -43.39 66.73 -40.40
C LYS U 99 -43.70 65.40 -41.09
N LEU U 100 -42.87 65.03 -42.06
CA LEU U 100 -42.96 63.71 -42.64
C LEU U 100 -42.67 62.62 -41.62
N LEU U 101 -41.51 62.68 -41.00
CA LEU U 101 -41.10 61.60 -40.12
C LEU U 101 -41.45 61.90 -38.66
N GLY U 102 -42.69 62.31 -38.42
CA GLY U 102 -43.10 62.69 -37.09
C GLY U 102 -43.25 61.50 -36.19
N ARG U 103 -43.84 60.44 -36.74
CA ARG U 103 -44.00 59.20 -36.01
C ARG U 103 -42.80 58.29 -36.12
N VAL U 104 -41.63 58.82 -36.41
CA VAL U 104 -40.44 58.03 -36.70
C VAL U 104 -39.46 58.24 -35.59
N THR U 105 -38.94 57.15 -35.04
CA THR U 105 -37.76 57.30 -34.21
C THR U 105 -36.67 56.35 -34.68
N ILE U 106 -35.45 56.62 -34.22
CA ILE U 106 -34.26 55.91 -34.66
C ILE U 106 -33.47 55.52 -33.42
N ALA U 107 -33.00 54.28 -33.39
CA ALA U 107 -32.06 53.87 -32.35
C ALA U 107 -30.78 54.67 -32.47
N GLN U 108 -30.17 54.95 -31.32
CA GLN U 108 -29.11 55.95 -31.16
C GLN U 108 -29.54 57.31 -31.72
N GLY U 109 -30.79 57.69 -31.46
CA GLY U 109 -31.31 58.92 -32.00
C GLY U 109 -31.00 60.16 -31.19
N GLY U 110 -31.44 60.21 -29.94
CA GLY U 110 -31.39 61.44 -29.20
C GLY U 110 -32.44 62.41 -29.68
N VAL U 111 -32.41 63.61 -29.13
CA VAL U 111 -33.38 64.64 -29.45
C VAL U 111 -32.66 65.96 -29.66
N LEU U 112 -33.46 67.01 -29.82
CA LEU U 112 -32.97 68.37 -29.95
C LEU U 112 -32.28 68.81 -28.67
N PRO U 113 -31.08 69.37 -28.77
CA PRO U 113 -30.50 70.02 -27.58
C PRO U 113 -31.29 71.27 -27.28
N ASN U 114 -32.19 71.20 -26.32
CA ASN U 114 -33.24 72.20 -26.16
C ASN U 114 -33.48 72.48 -24.69
N ILE U 115 -33.53 73.75 -24.34
CA ILE U 115 -33.66 74.20 -22.97
C ILE U 115 -34.74 75.27 -22.93
N GLN U 116 -35.76 75.06 -22.11
CA GLN U 116 -36.72 76.10 -21.83
C GLN U 116 -36.09 77.17 -20.96
N ALA U 117 -35.91 78.37 -21.51
CA ALA U 117 -35.15 79.41 -20.83
C ALA U 117 -35.88 79.97 -19.63
N VAL U 118 -37.18 79.69 -19.50
CA VAL U 118 -37.90 79.96 -18.28
C VAL U 118 -37.43 79.11 -17.12
N LEU U 119 -36.72 78.03 -17.40
CA LEU U 119 -36.10 77.23 -16.37
C LEU U 119 -34.62 77.52 -16.23
N LEU U 120 -34.08 78.37 -17.07
CA LEU U 120 -32.76 78.89 -16.80
C LEU U 120 -32.79 79.78 -15.56
N PRO U 121 -31.75 79.78 -14.74
CA PRO U 121 -31.74 80.62 -13.55
C PRO U 121 -31.53 82.09 -13.91
N LYS U 122 -31.68 82.92 -12.89
CA LYS U 122 -31.63 84.36 -13.09
C LYS U 122 -30.35 84.97 -12.55
N ARG V 35 -26.45 28.61 -48.30
CA ARG V 35 -26.44 29.97 -47.78
C ARG V 35 -27.48 30.80 -48.51
N SER V 36 -28.53 31.21 -47.79
CA SER V 36 -29.60 32.00 -48.38
C SER V 36 -29.12 33.43 -48.63
N ARG V 37 -29.47 33.95 -49.80
CA ARG V 37 -28.99 35.26 -50.24
C ARG V 37 -29.93 36.34 -49.73
N LYS V 38 -29.41 37.23 -48.89
CA LYS V 38 -30.22 38.30 -48.33
C LYS V 38 -30.04 39.59 -49.11
N GLU V 39 -30.91 40.55 -48.85
CA GLU V 39 -31.01 41.78 -49.61
C GLU V 39 -30.45 42.96 -48.82
N SER V 40 -29.99 43.97 -49.55
CA SER V 40 -29.66 45.27 -49.00
C SER V 40 -29.78 46.29 -50.13
N TYR V 41 -29.86 47.56 -49.76
CA TYR V 41 -29.83 48.61 -50.76
C TYR V 41 -28.56 49.44 -50.59
N SER V 42 -27.57 48.85 -49.93
CA SER V 42 -26.46 49.62 -49.40
C SER V 42 -25.57 50.17 -50.50
N ILE V 43 -25.34 49.39 -51.55
CA ILE V 43 -24.39 49.79 -52.56
C ILE V 43 -24.92 50.94 -53.41
N TYR V 44 -26.23 51.01 -53.56
CA TYR V 44 -26.87 51.99 -54.43
C TYR V 44 -26.81 53.37 -53.82
N VAL V 45 -27.39 53.49 -52.63
CA VAL V 45 -27.37 54.73 -51.88
C VAL V 45 -25.95 55.08 -51.47
N TYR V 46 -25.10 54.06 -51.33
CA TYR V 46 -23.67 54.26 -51.15
C TYR V 46 -23.06 55.03 -52.31
N LYS V 47 -23.35 54.61 -53.53
CA LYS V 47 -22.91 55.33 -54.72
C LYS V 47 -23.50 56.74 -54.77
N VAL V 48 -24.75 56.89 -54.35
CA VAL V 48 -25.39 58.21 -54.38
C VAL V 48 -24.72 59.15 -53.39
N LEU V 49 -24.37 58.61 -52.22
CA LEU V 49 -23.61 59.36 -51.23
C LEU V 49 -22.25 59.75 -51.75
N LYS V 50 -21.58 58.82 -52.44
CA LYS V 50 -20.30 59.14 -53.07
C LYS V 50 -20.43 60.21 -54.13
N GLN V 51 -21.57 60.24 -54.84
CA GLN V 51 -21.83 61.32 -55.78
C GLN V 51 -21.92 62.66 -55.05
N VAL V 52 -22.86 62.75 -54.11
CA VAL V 52 -23.15 64.04 -53.50
C VAL V 52 -22.06 64.47 -52.51
N HIS V 53 -21.28 63.54 -52.00
CA HIS V 53 -20.15 63.87 -51.13
C HIS V 53 -19.07 62.84 -51.35
N PRO V 54 -18.07 63.17 -52.14
CA PRO V 54 -16.96 62.22 -52.34
C PRO V 54 -16.12 62.04 -51.09
N ASP V 55 -15.89 63.10 -50.34
CA ASP V 55 -15.08 63.01 -49.13
C ASP V 55 -15.97 62.86 -47.89
N THR V 56 -16.53 61.67 -47.70
CA THR V 56 -17.44 61.40 -46.60
C THR V 56 -17.51 59.90 -46.35
N GLY V 57 -17.32 59.50 -45.10
CA GLY V 57 -17.55 58.13 -44.69
C GLY V 57 -18.91 57.95 -44.03
N ILE V 58 -19.20 56.72 -43.64
CA ILE V 58 -20.51 56.38 -43.08
C ILE V 58 -20.35 55.15 -42.20
N SER V 59 -21.22 55.03 -41.19
CA SER V 59 -21.28 53.83 -40.36
C SER V 59 -22.23 52.82 -40.97
N SER V 60 -22.02 51.56 -40.57
CA SER V 60 -22.79 50.47 -41.15
C SER V 60 -24.24 50.48 -40.67
N LYS V 61 -24.44 50.79 -39.39
CA LYS V 61 -25.79 50.81 -38.83
C LYS V 61 -26.63 51.87 -39.51
N ALA V 62 -26.04 53.03 -39.79
CA ALA V 62 -26.74 54.08 -40.48
C ALA V 62 -27.10 53.67 -41.90
N MET V 63 -26.27 52.84 -42.52
CA MET V 63 -26.61 52.31 -43.84
C MET V 63 -27.83 51.41 -43.74
N GLY V 64 -27.89 50.62 -42.68
CA GLY V 64 -29.10 49.84 -42.45
C GLY V 64 -30.31 50.71 -42.18
N ILE V 65 -30.10 51.84 -41.50
CA ILE V 65 -31.18 52.76 -41.22
C ILE V 65 -31.74 53.32 -42.50
N MET V 66 -30.86 53.66 -43.43
CA MET V 66 -31.31 54.19 -44.70
C MET V 66 -32.01 53.13 -45.52
N ASN V 67 -31.59 51.88 -45.37
CA ASN V 67 -32.30 50.80 -46.05
C ASN V 67 -33.72 50.67 -45.50
N SER V 68 -33.86 50.78 -44.19
CA SER V 68 -35.18 50.77 -43.58
C SER V 68 -35.98 51.99 -44.01
N PHE V 69 -35.31 53.10 -44.22
CA PHE V 69 -35.96 54.34 -44.67
C PHE V 69 -36.61 54.14 -46.03
N VAL V 70 -35.82 53.58 -46.97
CA VAL V 70 -36.33 53.28 -48.30
C VAL V 70 -37.48 52.30 -48.22
N ASN V 71 -37.36 51.32 -47.32
CA ASN V 71 -38.43 50.35 -47.10
C ASN V 71 -39.72 51.04 -46.70
N ASP V 72 -39.64 51.94 -45.72
CA ASP V 72 -40.83 52.58 -45.16
C ASP V 72 -41.49 53.47 -46.19
N ILE V 73 -40.69 54.27 -46.90
CA ILE V 73 -41.26 55.20 -47.86
C ILE V 73 -41.90 54.43 -49.00
N PHE V 74 -41.22 53.38 -49.46
CA PHE V 74 -41.75 52.51 -50.50
C PHE V 74 -43.06 51.87 -50.09
N GLU V 75 -43.15 51.44 -48.83
CA GLU V 75 -44.36 50.78 -48.36
C GLU V 75 -45.54 51.73 -48.29
N ARG V 76 -45.32 52.95 -47.81
CA ARG V 76 -46.41 53.92 -47.75
C ARG V 76 -46.89 54.30 -49.14
N ILE V 77 -45.94 54.47 -50.06
CA ILE V 77 -46.27 54.75 -51.44
C ILE V 77 -47.09 53.64 -52.07
N ALA V 78 -46.66 52.40 -51.84
CA ALA V 78 -47.32 51.27 -52.47
C ALA V 78 -48.72 51.07 -51.91
N GLY V 79 -48.87 51.33 -50.61
CA GLY V 79 -50.20 51.26 -50.02
C GLY V 79 -51.11 52.33 -50.58
N GLU V 80 -50.56 53.52 -50.83
CA GLU V 80 -51.36 54.54 -51.47
C GLU V 80 -51.66 54.17 -52.91
N ALA V 81 -50.76 53.41 -53.54
CA ALA V 81 -51.02 52.95 -54.89
C ALA V 81 -52.15 51.93 -54.93
N SER V 82 -52.21 51.05 -53.93
CA SER V 82 -53.28 50.07 -53.88
C SER V 82 -54.61 50.75 -53.61
N ARG V 83 -54.60 51.77 -52.74
CA ARG V 83 -55.81 52.54 -52.56
C ARG V 83 -56.15 53.35 -53.79
N LEU V 84 -55.14 53.81 -54.55
CA LEU V 84 -55.41 54.45 -55.83
C LEU V 84 -56.14 53.51 -56.78
N ALA V 85 -55.71 52.25 -56.78
CA ALA V 85 -56.34 51.24 -57.59
C ALA V 85 -57.79 51.04 -57.18
N HIS V 86 -58.04 50.85 -55.89
CA HIS V 86 -59.37 50.47 -55.46
C HIS V 86 -60.32 51.65 -55.43
N TYR V 87 -59.80 52.86 -55.29
CA TYR V 87 -60.70 53.99 -55.46
C TYR V 87 -60.73 54.43 -56.91
N ASN V 88 -60.04 53.72 -57.80
CA ASN V 88 -60.21 53.96 -59.20
C ASN V 88 -60.70 52.75 -59.96
N LYS V 89 -60.89 51.61 -59.28
CA LYS V 89 -61.45 50.38 -59.85
C LYS V 89 -60.64 49.89 -61.04
N ARG V 90 -59.33 50.13 -60.99
CA ARG V 90 -58.42 49.75 -62.06
C ARG V 90 -57.26 48.98 -61.43
N SER V 91 -56.57 48.20 -62.25
CA SER V 91 -55.51 47.35 -61.71
C SER V 91 -54.21 47.52 -62.48
N THR V 92 -54.10 48.50 -63.35
CA THR V 92 -52.87 48.79 -64.05
C THR V 92 -52.17 49.86 -63.21
N ILE V 93 -50.85 49.79 -63.15
CA ILE V 93 -50.09 50.86 -62.50
C ILE V 93 -49.22 51.55 -63.54
N THR V 94 -49.43 52.85 -63.74
CA THR V 94 -48.51 53.67 -64.50
C THR V 94 -47.82 54.67 -63.59
N SER V 95 -46.95 55.48 -64.19
CA SER V 95 -46.18 56.49 -63.47
C SER V 95 -47.05 57.63 -62.94
N ARG V 96 -48.21 57.85 -63.57
CA ARG V 96 -49.10 58.93 -63.15
C ARG V 96 -49.61 58.69 -61.74
N GLU V 97 -49.89 57.43 -61.42
CA GLU V 97 -50.33 57.05 -60.10
C GLU V 97 -49.23 57.24 -59.08
N ILE V 98 -47.99 57.00 -59.51
CA ILE V 98 -46.86 57.19 -58.60
C ILE V 98 -46.69 58.66 -58.30
N GLN V 99 -46.87 59.52 -59.31
CA GLN V 99 -46.80 60.97 -59.12
C GLN V 99 -47.86 61.45 -58.15
N THR V 100 -49.10 61.03 -58.37
CA THR V 100 -50.16 61.51 -57.49
C THR V 100 -50.02 60.90 -56.10
N ALA V 101 -49.41 59.73 -55.98
CA ALA V 101 -49.14 59.15 -54.67
C ALA V 101 -48.11 59.96 -53.92
N VAL V 102 -47.03 60.35 -54.61
CA VAL V 102 -45.97 61.10 -53.95
C VAL V 102 -46.48 62.45 -53.49
N ARG V 103 -47.24 63.15 -54.34
CA ARG V 103 -47.74 64.44 -53.88
C ARG V 103 -48.98 64.30 -53.02
N LEU V 104 -49.47 63.09 -52.79
CA LEU V 104 -50.36 62.89 -51.67
C LEU V 104 -49.58 62.73 -50.37
N LEU V 105 -48.44 62.04 -50.42
CA LEU V 105 -47.78 61.73 -49.16
C LEU V 105 -46.83 62.83 -48.74
N LEU V 106 -46.01 63.22 -49.56
CA LEU V 106 -44.98 64.14 -49.14
C LEU V 106 -45.48 65.58 -49.11
N PRO V 107 -44.91 66.41 -48.24
CA PRO V 107 -45.28 67.83 -48.23
C PRO V 107 -44.74 68.58 -49.43
N GLY V 108 -45.43 69.67 -49.75
CA GLY V 108 -45.42 70.35 -51.04
C GLY V 108 -44.13 70.61 -51.81
N GLU V 109 -43.22 71.38 -51.21
CA GLU V 109 -42.08 71.89 -51.96
C GLU V 109 -41.08 70.79 -52.31
N LEU V 110 -40.72 70.01 -51.29
CA LEU V 110 -39.98 68.77 -51.45
C LEU V 110 -40.61 67.86 -52.49
N ALA V 111 -41.93 67.70 -52.40
CA ALA V 111 -42.67 66.83 -53.32
C ALA V 111 -42.58 67.31 -54.75
N LYS V 112 -42.69 68.62 -54.97
CA LYS V 112 -42.67 69.13 -56.33
C LYS V 112 -41.28 69.02 -56.93
N HIS V 113 -40.24 69.22 -56.11
CA HIS V 113 -38.89 68.97 -56.59
C HIS V 113 -38.67 67.51 -56.96
N ALA V 114 -39.20 66.60 -56.15
CA ALA V 114 -39.06 65.19 -56.45
C ALA V 114 -39.84 64.80 -57.70
N VAL V 115 -41.01 65.40 -57.89
CA VAL V 115 -41.81 65.15 -59.09
C VAL V 115 -41.06 65.63 -60.31
N SER V 116 -40.37 66.76 -60.18
CA SER V 116 -39.57 67.29 -61.27
C SER V 116 -38.45 66.32 -61.65
N GLU V 117 -37.75 65.81 -60.64
CA GLU V 117 -36.67 64.85 -60.87
C GLU V 117 -37.18 63.60 -61.55
N GLY V 118 -38.30 63.07 -61.07
CA GLY V 118 -38.86 61.87 -61.64
C GLY V 118 -39.37 62.08 -63.05
N THR V 119 -39.94 63.25 -63.32
CA THR V 119 -40.51 63.50 -64.63
C THR V 119 -39.40 63.68 -65.67
N LYS V 120 -38.32 64.37 -65.29
CA LYS V 120 -37.20 64.51 -66.20
C LYS V 120 -36.52 63.18 -66.43
N ALA V 121 -36.52 62.31 -65.42
CA ALA V 121 -35.98 60.98 -65.63
C ALA V 121 -36.87 60.16 -66.56
N VAL V 122 -38.20 60.34 -66.45
CA VAL V 122 -39.14 59.67 -67.35
C VAL V 122 -38.90 60.08 -68.79
N THR V 123 -38.68 61.38 -68.99
CA THR V 123 -38.39 61.89 -70.32
C THR V 123 -37.08 61.34 -70.85
N LYS V 124 -36.02 61.33 -70.03
CA LYS V 124 -34.72 60.88 -70.50
C LYS V 124 -34.70 59.39 -70.80
N TYR V 125 -35.41 58.60 -70.01
CA TYR V 125 -35.49 57.17 -70.33
C TYR V 125 -36.38 56.91 -71.54
N THR V 126 -37.66 57.26 -71.46
CA THR V 126 -38.60 56.89 -72.50
C THR V 126 -38.42 57.65 -73.81
N SER V 127 -37.60 58.70 -73.81
CA SER V 127 -37.24 59.36 -75.06
C SER V 127 -36.35 58.46 -75.91
N ALA V 128 -35.36 57.85 -75.28
CA ALA V 128 -34.66 56.72 -75.87
C ALA V 128 -35.45 55.45 -75.57
N LYS V 129 -34.82 54.29 -75.74
CA LYS V 129 -35.48 53.03 -75.42
C LYS V 129 -35.68 52.91 -73.91
N HIS W 43 -17.10 73.30 -0.41
CA HIS W 43 -18.24 74.07 0.04
C HIS W 43 -19.49 73.58 -0.68
N ARG W 44 -20.61 74.28 -0.52
CA ARG W 44 -21.87 73.83 -1.08
C ARG W 44 -22.26 74.67 -2.29
N TYR W 45 -22.72 74.01 -3.35
CA TYR W 45 -23.21 74.69 -4.54
C TYR W 45 -24.69 75.02 -4.41
N ARG W 46 -25.15 75.97 -5.20
CA ARG W 46 -26.54 76.40 -5.12
C ARG W 46 -27.38 75.61 -6.10
N PRO W 47 -28.59 75.23 -5.70
CA PRO W 47 -29.30 74.15 -6.40
C PRO W 47 -29.83 74.57 -7.76
N GLY W 48 -30.14 73.56 -8.58
CA GLY W 48 -30.62 73.74 -9.91
C GLY W 48 -29.54 73.75 -10.97
N THR W 49 -28.31 74.06 -10.58
CA THR W 49 -27.26 74.32 -11.55
C THR W 49 -26.75 73.03 -12.17
N VAL W 50 -26.37 72.07 -11.32
CA VAL W 50 -25.75 70.83 -11.75
C VAL W 50 -26.70 70.03 -12.61
N ALA W 51 -28.00 70.13 -12.32
CA ALA W 51 -29.02 69.45 -13.10
C ALA W 51 -29.05 69.95 -14.53
N LEU W 52 -29.03 71.26 -14.73
CA LEU W 52 -29.05 71.80 -16.08
C LEU W 52 -27.75 71.55 -16.79
N ARG W 53 -26.63 71.55 -16.05
CA ARG W 53 -25.35 71.24 -16.65
C ARG W 53 -25.32 69.81 -17.15
N GLU W 54 -25.90 68.89 -16.40
CA GLU W 54 -25.98 67.53 -16.90
C GLU W 54 -27.11 67.32 -17.88
N ILE W 55 -28.06 68.25 -17.97
CA ILE W 55 -28.96 68.24 -19.13
C ILE W 55 -28.17 68.52 -20.39
N ARG W 56 -27.29 69.52 -20.33
CA ARG W 56 -26.41 69.82 -21.47
C ARG W 56 -25.43 68.69 -21.74
N ARG W 57 -25.08 67.94 -20.70
CA ARG W 57 -24.25 66.78 -20.94
C ARG W 57 -25.04 65.62 -21.55
N TYR W 58 -26.28 65.38 -21.08
CA TYR W 58 -27.08 64.22 -21.45
C TYR W 58 -27.91 64.43 -22.69
N GLN W 59 -27.84 65.61 -23.30
CA GLN W 59 -28.36 65.80 -24.65
C GLN W 59 -27.32 65.45 -25.70
N LYS W 60 -26.24 64.79 -25.32
CA LYS W 60 -25.15 64.56 -26.26
C LYS W 60 -25.00 63.11 -26.66
N SER W 61 -24.77 62.20 -25.73
CA SER W 61 -24.58 60.80 -26.06
C SER W 61 -25.93 60.10 -26.09
N THR W 62 -26.22 59.47 -27.22
CA THR W 62 -27.46 58.74 -27.38
C THR W 62 -27.37 57.32 -26.86
N GLU W 63 -26.44 57.05 -25.95
CA GLU W 63 -26.31 55.73 -25.40
C GLU W 63 -27.46 55.43 -24.44
N LEU W 64 -27.72 54.15 -24.23
CA LEU W 64 -28.88 53.72 -23.48
C LEU W 64 -28.73 54.02 -22.00
N LEU W 65 -29.76 54.63 -21.43
CA LEU W 65 -29.73 55.04 -20.04
C LEU W 65 -29.93 53.88 -19.06
N ILE W 66 -30.99 53.11 -19.21
CA ILE W 66 -31.18 51.96 -18.34
C ILE W 66 -30.22 50.86 -18.76
N ARG W 67 -29.38 50.38 -17.85
CA ARG W 67 -28.46 49.33 -18.26
C ARG W 67 -29.15 47.97 -18.21
N LYS W 68 -28.43 46.98 -18.73
CA LYS W 68 -29.06 45.92 -19.50
C LYS W 68 -29.79 44.91 -18.63
N LEU W 69 -29.05 44.20 -17.78
CA LEU W 69 -29.50 43.09 -16.94
C LEU W 69 -30.79 43.32 -16.16
N PRO W 70 -31.00 44.45 -15.46
CA PRO W 70 -32.28 44.58 -14.75
C PRO W 70 -33.44 44.81 -15.68
N PHE W 71 -33.20 45.57 -16.76
CA PHE W 71 -34.21 45.78 -17.78
C PHE W 71 -34.60 44.47 -18.43
N GLN W 72 -33.61 43.63 -18.69
CA GLN W 72 -33.85 42.32 -19.26
C GLN W 72 -34.67 41.46 -18.34
N ARG W 73 -34.36 41.50 -17.04
CA ARG W 73 -35.13 40.73 -16.07
C ARG W 73 -36.57 41.20 -16.01
N LEU W 74 -36.79 42.51 -16.09
CA LEU W 74 -38.15 43.03 -16.02
C LEU W 74 -38.95 42.62 -17.25
N VAL W 75 -38.33 42.73 -18.41
CA VAL W 75 -38.99 42.32 -19.64
C VAL W 75 -39.29 40.83 -19.63
N ARG W 76 -38.34 40.02 -19.15
CA ARG W 76 -38.57 38.58 -19.07
C ARG W 76 -39.68 38.24 -18.11
N GLU W 77 -39.77 38.96 -16.99
CA GLU W 77 -40.79 38.65 -15.99
C GLU W 77 -42.17 38.98 -16.50
N ILE W 78 -42.31 40.07 -17.25
CA ILE W 78 -43.62 40.37 -17.83
C ILE W 78 -43.92 39.39 -18.95
N ALA W 79 -42.89 38.97 -19.66
CA ALA W 79 -43.08 38.02 -20.74
C ALA W 79 -43.39 36.62 -20.24
N GLN W 80 -43.17 36.38 -18.95
CA GLN W 80 -43.40 35.05 -18.39
C GLN W 80 -44.86 34.64 -18.46
N ASP W 81 -45.77 35.60 -18.36
CA ASP W 81 -47.17 35.27 -18.13
C ASP W 81 -48.00 35.27 -19.42
N PHE W 82 -47.42 34.87 -20.53
CA PHE W 82 -48.21 34.66 -21.73
C PHE W 82 -48.08 33.26 -22.29
N LYS W 83 -46.85 32.78 -22.46
CA LYS W 83 -46.59 31.36 -22.65
C LYS W 83 -45.21 31.12 -22.08
N THR W 84 -45.00 29.92 -21.56
CA THR W 84 -43.92 29.69 -20.62
C THR W 84 -42.55 29.68 -21.31
N ASP W 85 -41.67 30.55 -20.82
CA ASP W 85 -40.21 30.49 -21.03
C ASP W 85 -39.84 30.57 -22.51
N LEU W 86 -40.07 31.73 -23.10
CA LEU W 86 -39.72 31.96 -24.48
C LEU W 86 -38.31 32.51 -24.57
N ARG W 87 -37.50 31.97 -25.48
CA ARG W 87 -36.16 32.49 -25.70
C ARG W 87 -36.22 33.84 -26.39
N PHE W 88 -35.11 34.56 -26.37
CA PHE W 88 -35.06 35.92 -26.87
C PHE W 88 -33.81 36.22 -27.67
N GLN W 89 -34.00 36.99 -28.73
CA GLN W 89 -32.91 37.60 -29.44
C GLN W 89 -32.44 38.85 -28.69
N SER W 90 -31.14 38.94 -28.47
CA SER W 90 -30.58 40.08 -27.75
C SER W 90 -30.73 41.38 -28.51
N ALA W 91 -30.71 41.33 -29.84
CA ALA W 91 -30.95 42.51 -30.64
C ALA W 91 -32.37 43.01 -30.46
N ALA W 92 -33.32 42.08 -30.30
CA ALA W 92 -34.70 42.45 -30.02
C ALA W 92 -34.80 43.13 -28.65
N ILE W 93 -33.98 42.67 -27.70
CA ILE W 93 -33.95 43.29 -26.38
C ILE W 93 -33.43 44.71 -26.47
N GLY W 94 -32.39 44.92 -27.28
CA GLY W 94 -31.92 46.28 -27.51
C GLY W 94 -32.94 47.15 -28.20
N ALA W 95 -33.75 46.56 -29.08
CA ALA W 95 -34.82 47.30 -29.75
C ALA W 95 -35.87 47.77 -28.76
N LEU W 96 -36.34 46.85 -27.90
CA LEU W 96 -37.25 47.19 -26.83
C LEU W 96 -36.69 48.28 -25.94
N GLN W 97 -35.41 48.21 -25.62
CA GLN W 97 -34.77 49.18 -24.75
C GLN W 97 -34.74 50.56 -25.38
N GLU W 98 -34.32 50.62 -26.65
CA GLU W 98 -34.30 51.87 -27.39
C GLU W 98 -35.67 52.52 -27.46
N ALA W 99 -36.67 51.73 -27.89
CA ALA W 99 -38.02 52.27 -28.10
C ALA W 99 -38.62 52.74 -26.80
N SER W 100 -38.37 52.00 -25.72
CA SER W 100 -38.89 52.37 -24.42
C SER W 100 -38.28 53.67 -23.93
N GLU W 101 -36.94 53.81 -24.08
CA GLU W 101 -36.30 55.00 -23.55
C GLU W 101 -36.68 56.24 -24.33
N ALA W 102 -36.74 56.15 -25.66
CA ALA W 102 -37.14 57.33 -26.45
C ALA W 102 -38.59 57.72 -26.18
N TYR W 103 -39.46 56.71 -26.06
CA TYR W 103 -40.86 56.90 -25.69
C TYR W 103 -41.01 57.69 -24.41
N LEU W 104 -40.35 57.22 -23.36
CA LEU W 104 -40.45 57.90 -22.08
C LEU W 104 -39.83 59.28 -22.10
N VAL W 105 -38.76 59.50 -22.89
CA VAL W 105 -38.14 60.82 -22.95
C VAL W 105 -39.09 61.82 -23.59
N GLY W 106 -39.74 61.42 -24.68
CA GLY W 106 -40.67 62.34 -25.34
C GLY W 106 -41.89 62.63 -24.48
N LEU W 107 -42.39 61.61 -23.77
CA LEU W 107 -43.52 61.84 -22.90
C LEU W 107 -43.13 62.74 -21.74
N PHE W 108 -41.89 62.63 -21.27
CA PHE W 108 -41.38 63.59 -20.32
C PHE W 108 -41.33 65.00 -20.87
N GLU W 109 -40.98 65.15 -22.15
CA GLU W 109 -40.89 66.49 -22.71
C GLU W 109 -42.25 67.16 -22.72
N ASP W 110 -43.28 66.43 -23.14
CA ASP W 110 -44.63 67.00 -23.10
C ASP W 110 -45.08 67.27 -21.67
N THR W 111 -44.73 66.40 -20.73
CA THR W 111 -45.13 66.60 -19.34
C THR W 111 -44.44 67.83 -18.75
N ASN W 112 -43.17 68.01 -19.10
CA ASN W 112 -42.41 69.15 -18.65
C ASN W 112 -43.00 70.43 -19.20
N LEU W 113 -43.41 70.44 -20.46
CA LEU W 113 -44.01 71.64 -21.02
C LEU W 113 -45.38 71.91 -20.40
N CYS W 114 -46.09 70.85 -20.01
CA CYS W 114 -47.33 71.03 -19.26
C CYS W 114 -47.08 71.76 -17.95
N ALA W 115 -46.04 71.33 -17.22
CA ALA W 115 -45.76 71.96 -15.94
C ALA W 115 -45.27 73.40 -16.10
N ILE W 116 -44.51 73.67 -17.16
CA ILE W 116 -44.08 75.02 -17.47
C ILE W 116 -45.27 75.90 -17.74
N HIS W 117 -46.27 75.36 -18.44
CA HIS W 117 -47.53 76.06 -18.59
C HIS W 117 -48.26 76.23 -17.28
N ALA W 118 -48.06 75.30 -16.35
CA ALA W 118 -48.78 75.30 -15.09
C ALA W 118 -48.19 76.26 -14.06
N LYS W 119 -47.38 77.23 -14.51
CA LYS W 119 -46.83 78.31 -13.68
C LYS W 119 -45.94 77.76 -12.57
N ARG W 120 -45.32 76.61 -12.85
CA ARG W 120 -44.48 75.92 -11.89
C ARG W 120 -43.24 75.42 -12.59
N VAL W 121 -42.33 74.84 -11.82
CA VAL W 121 -41.13 74.26 -12.36
C VAL W 121 -41.06 72.75 -12.10
N THR W 122 -41.61 72.28 -11.00
CA THR W 122 -41.47 70.89 -10.61
C THR W 122 -42.59 70.07 -11.23
N ILE W 123 -42.28 68.83 -11.58
CA ILE W 123 -43.28 67.93 -12.13
C ILE W 123 -44.24 67.48 -11.04
N MET W 124 -45.39 66.97 -11.48
CA MET W 124 -46.40 66.36 -10.63
C MET W 124 -46.90 65.12 -11.35
N PRO W 125 -47.43 64.14 -10.63
CA PRO W 125 -48.05 63.00 -11.31
C PRO W 125 -49.29 63.37 -12.08
N LYS W 126 -50.04 64.36 -11.59
CA LYS W 126 -51.20 64.86 -12.31
C LYS W 126 -50.84 65.43 -13.66
N ASP W 127 -49.59 65.89 -13.82
CA ASP W 127 -49.13 66.37 -15.11
C ASP W 127 -49.03 65.23 -16.10
N ILE W 128 -48.53 64.08 -15.64
CA ILE W 128 -48.46 62.90 -16.47
C ILE W 128 -49.85 62.45 -16.85
N GLN W 129 -50.79 62.55 -15.90
CA GLN W 129 -52.17 62.22 -16.17
C GLN W 129 -52.77 63.13 -17.22
N LEU W 130 -52.43 64.41 -17.17
CA LEU W 130 -52.94 65.38 -18.14
C LEU W 130 -52.39 65.08 -19.53
N ALA W 131 -51.10 64.81 -19.62
CA ALA W 131 -50.49 64.54 -20.91
C ALA W 131 -51.02 63.24 -21.52
N ARG W 132 -51.18 62.23 -20.69
CA ARG W 132 -51.73 60.96 -21.16
C ARG W 132 -53.19 61.12 -21.57
N ARG W 133 -53.93 61.97 -20.85
CA ARG W 133 -55.31 62.23 -21.19
C ARG W 133 -55.43 62.97 -22.51
N ILE W 134 -54.43 63.76 -22.85
CA ILE W 134 -54.42 64.39 -24.16
C ILE W 134 -54.08 63.36 -25.24
N ARG W 135 -53.06 62.52 -24.99
CA ARG W 135 -52.71 61.54 -26.02
C ARG W 135 -53.74 60.43 -26.16
N GLY W 136 -54.35 59.98 -25.07
CA GLY W 136 -55.41 59.01 -25.16
C GLY W 136 -55.03 57.57 -24.91
N GLU W 137 -54.06 57.33 -24.03
CA GLU W 137 -53.79 55.95 -23.63
C GLU W 137 -54.92 55.41 -22.78
N ARG W 138 -55.08 55.97 -21.59
CA ARG W 138 -56.20 55.64 -20.72
C ARG W 138 -57.46 56.26 -21.31
N ALA W 139 -58.60 55.65 -21.04
CA ALA W 139 -59.88 56.27 -21.30
C ALA W 139 -60.06 57.48 -20.39
N ASN X 29 -38.63 43.15 -8.96
CA ASN X 29 -39.58 42.98 -10.05
C ASN X 29 -39.61 44.25 -10.87
N ILE X 30 -40.72 44.99 -10.75
CA ILE X 30 -40.82 46.32 -11.34
C ILE X 30 -39.91 47.30 -10.61
N GLN X 31 -39.50 46.97 -9.39
CA GLN X 31 -38.64 47.83 -8.59
C GLN X 31 -37.18 47.75 -8.99
N GLY X 32 -36.87 47.08 -10.10
CA GLY X 32 -35.54 47.15 -10.66
C GLY X 32 -35.25 48.45 -11.37
N ILE X 33 -36.26 49.32 -11.50
CA ILE X 33 -36.08 50.63 -12.08
C ILE X 33 -35.54 51.55 -10.99
N THR X 34 -34.32 52.05 -11.15
CA THR X 34 -33.76 52.90 -10.13
C THR X 34 -34.28 54.33 -10.27
N LYS X 35 -34.31 55.04 -9.15
CA LYS X 35 -34.55 56.48 -9.15
C LYS X 35 -33.65 57.28 -10.08
N PRO X 36 -32.31 57.13 -10.08
CA PRO X 36 -31.52 57.94 -11.02
C PRO X 36 -31.70 57.54 -12.47
N ALA X 37 -32.28 56.39 -12.76
CA ALA X 37 -32.62 56.07 -14.14
C ALA X 37 -33.72 56.98 -14.66
N ILE X 38 -34.82 57.10 -13.91
CA ILE X 38 -35.89 57.99 -14.33
C ILE X 38 -35.44 59.44 -14.23
N ARG X 39 -34.49 59.73 -13.34
CA ARG X 39 -33.87 61.05 -13.34
C ARG X 39 -33.10 61.32 -14.63
N ARG X 40 -32.33 60.33 -15.10
CA ARG X 40 -31.64 60.47 -16.37
C ARG X 40 -32.62 60.59 -17.52
N LEU X 41 -33.78 59.94 -17.40
CA LEU X 41 -34.86 60.12 -18.37
C LEU X 41 -35.38 61.54 -18.36
N ALA X 42 -35.43 62.17 -17.19
CA ALA X 42 -35.78 63.58 -17.15
C ALA X 42 -34.68 64.43 -17.75
N ARG X 43 -33.44 64.00 -17.60
CA ARG X 43 -32.31 64.81 -18.07
C ARG X 43 -32.23 64.81 -19.59
N ARG X 44 -32.38 63.64 -20.22
CA ARG X 44 -32.41 63.63 -21.69
C ARG X 44 -33.70 64.26 -22.20
N GLY X 45 -34.78 64.14 -21.44
CA GLY X 45 -35.92 64.99 -21.69
C GLY X 45 -35.65 66.45 -21.42
N GLY X 46 -34.73 66.74 -20.52
CA GLY X 46 -34.41 68.10 -20.17
C GLY X 46 -35.26 68.67 -19.07
N VAL X 47 -35.57 67.88 -18.05
CA VAL X 47 -36.51 68.31 -17.02
C VAL X 47 -35.70 68.61 -15.76
N LYS X 48 -36.05 69.70 -15.09
CA LYS X 48 -35.19 70.20 -14.03
C LYS X 48 -35.54 69.59 -12.67
N ARG X 49 -36.75 69.81 -12.19
CA ARG X 49 -37.05 69.59 -10.78
C ARG X 49 -38.12 68.52 -10.61
N ILE X 50 -37.90 67.63 -9.65
CA ILE X 50 -38.54 66.31 -9.61
C ILE X 50 -39.33 66.18 -8.32
N SER X 51 -40.56 65.65 -8.42
CA SER X 51 -41.38 65.36 -7.24
C SER X 51 -41.21 63.94 -6.74
N GLY X 52 -42.13 63.49 -5.88
CA GLY X 52 -42.01 62.19 -5.24
C GLY X 52 -42.69 61.01 -5.93
N LEU X 53 -44.00 61.09 -6.15
CA LEU X 53 -44.81 59.95 -6.61
C LEU X 53 -44.58 59.61 -8.08
N ILE X 54 -43.83 60.50 -8.75
CA ILE X 54 -43.33 60.37 -10.12
C ILE X 54 -42.77 59.00 -10.41
N TYR X 55 -42.05 58.43 -9.45
CA TYR X 55 -41.28 57.21 -9.68
C TYR X 55 -42.21 56.03 -9.92
N GLU X 56 -43.16 55.84 -9.01
CA GLU X 56 -44.06 54.71 -9.11
C GLU X 56 -45.03 54.90 -10.26
N GLU X 57 -45.42 56.16 -10.51
CA GLU X 57 -46.28 56.43 -11.65
C GLU X 57 -45.57 56.09 -12.97
N THR X 58 -44.27 56.39 -13.02
CA THR X 58 -43.46 56.11 -14.20
C THR X 58 -43.37 54.62 -14.45
N ARG X 59 -43.09 53.87 -13.38
CA ARG X 59 -42.99 52.42 -13.50
C ARG X 59 -44.31 51.81 -13.98
N GLY X 60 -45.43 52.38 -13.53
CA GLY X 60 -46.72 51.88 -13.96
C GLY X 60 -46.98 52.09 -15.44
N VAL X 61 -46.70 53.30 -15.93
CA VAL X 61 -47.00 53.58 -17.33
C VAL X 61 -46.07 52.81 -18.24
N LEU X 62 -44.80 52.69 -17.83
CA LEU X 62 -43.84 51.86 -18.55
C LEU X 62 -44.29 50.42 -18.61
N LYS X 63 -44.89 49.93 -17.52
CA LYS X 63 -45.36 48.57 -17.46
C LYS X 63 -46.47 48.33 -18.48
N VAL X 64 -47.47 49.21 -18.52
CA VAL X 64 -48.60 49.03 -19.43
C VAL X 64 -48.15 49.11 -20.89
N PHE X 65 -47.20 50.01 -21.15
CA PHE X 65 -46.57 50.14 -22.46
C PHE X 65 -45.95 48.82 -22.91
N LEU X 66 -45.06 48.26 -22.08
CA LEU X 66 -44.41 47.01 -22.41
C LEU X 66 -45.41 45.86 -22.46
N GLU X 67 -46.49 45.95 -21.69
CA GLU X 67 -47.53 44.92 -21.70
C GLU X 67 -48.16 44.78 -23.07
N ASN X 68 -48.63 45.89 -23.63
CA ASN X 68 -49.25 45.81 -24.96
C ASN X 68 -48.25 45.40 -26.02
N VAL X 69 -47.02 45.96 -25.92
CA VAL X 69 -45.99 45.68 -26.92
C VAL X 69 -45.63 44.20 -26.95
N ILE X 70 -45.29 43.65 -25.79
CA ILE X 70 -44.81 42.29 -25.76
C ILE X 70 -45.96 41.30 -25.93
N ARG X 71 -47.19 41.71 -25.59
CA ARG X 71 -48.36 40.86 -25.87
C ARG X 71 -48.52 40.60 -27.35
N ASP X 72 -48.58 41.66 -28.15
CA ASP X 72 -48.74 41.40 -29.58
C ASP X 72 -47.46 40.88 -30.22
N ALA X 73 -46.31 41.10 -29.59
CA ALA X 73 -45.07 40.48 -30.08
C ALA X 73 -45.13 38.97 -29.93
N VAL X 74 -45.57 38.50 -28.77
CA VAL X 74 -45.70 37.08 -28.57
C VAL X 74 -46.85 36.54 -29.40
N THR X 75 -47.83 37.37 -29.75
CA THR X 75 -48.84 36.94 -30.71
C THR X 75 -48.24 36.66 -32.08
N TYR X 76 -47.36 37.56 -32.54
CA TYR X 76 -46.60 37.32 -33.76
C TYR X 76 -45.81 36.03 -33.69
N THR X 77 -45.16 35.79 -32.56
CA THR X 77 -44.32 34.59 -32.48
C THR X 77 -45.16 33.33 -32.34
N GLU X 78 -46.36 33.46 -31.76
CA GLU X 78 -47.34 32.39 -31.77
C GLU X 78 -47.71 32.00 -33.18
N HIS X 79 -47.93 32.97 -34.04
CA HIS X 79 -48.17 32.60 -35.43
C HIS X 79 -46.92 32.06 -36.10
N ALA X 80 -45.75 32.47 -35.63
CA ALA X 80 -44.49 31.97 -36.19
C ALA X 80 -44.23 30.51 -35.90
N LYS X 81 -44.95 29.91 -34.94
CA LYS X 81 -44.80 28.52 -34.50
C LYS X 81 -43.38 28.22 -34.02
N ARG X 82 -42.71 29.25 -33.51
CA ARG X 82 -41.31 29.13 -33.13
C ARG X 82 -41.16 29.67 -31.72
N LYS X 83 -40.08 29.27 -31.08
CA LYS X 83 -39.95 29.45 -29.64
C LYS X 83 -39.09 30.63 -29.26
N THR X 84 -38.75 31.49 -30.21
CA THR X 84 -38.01 32.71 -29.95
C THR X 84 -38.69 33.85 -30.67
N VAL X 85 -38.96 34.94 -29.95
CA VAL X 85 -39.54 36.11 -30.59
C VAL X 85 -38.47 36.76 -31.45
N THR X 86 -38.80 37.03 -32.70
CA THR X 86 -37.84 37.65 -33.59
C THR X 86 -37.78 39.14 -33.31
N ALA X 87 -36.63 39.73 -33.61
CA ALA X 87 -36.55 41.18 -33.63
C ALA X 87 -37.46 41.77 -34.68
N MET X 88 -37.64 41.04 -35.80
CA MET X 88 -38.57 41.45 -36.84
C MET X 88 -39.97 41.62 -36.30
N ASP X 89 -40.44 40.64 -35.50
CA ASP X 89 -41.78 40.71 -34.94
C ASP X 89 -41.94 41.87 -33.97
N VAL X 90 -40.87 42.18 -33.23
CA VAL X 90 -40.86 43.36 -32.37
C VAL X 90 -41.06 44.61 -33.22
N VAL X 91 -40.34 44.69 -34.32
CA VAL X 91 -40.44 45.84 -35.20
C VAL X 91 -41.84 45.94 -35.79
N TYR X 92 -42.39 44.82 -36.23
CA TYR X 92 -43.71 44.86 -36.84
C TYR X 92 -44.80 45.16 -35.83
N ALA X 93 -44.61 44.76 -34.58
CA ALA X 93 -45.56 45.09 -33.54
C ALA X 93 -45.50 46.57 -33.23
N LEU X 94 -44.30 47.15 -33.26
CA LEU X 94 -44.19 48.59 -33.13
C LEU X 94 -44.88 49.31 -34.28
N LYS X 95 -44.79 48.77 -35.49
CA LYS X 95 -45.55 49.31 -36.60
C LYS X 95 -47.04 49.19 -36.36
N ARG X 96 -47.45 48.09 -35.73
CA ARG X 96 -48.86 47.87 -35.48
C ARG X 96 -49.40 48.84 -34.45
N GLN X 97 -48.57 49.29 -33.53
CA GLN X 97 -48.98 50.39 -32.68
C GLN X 97 -48.60 51.74 -33.24
N GLY X 98 -48.21 51.81 -34.51
CA GLY X 98 -47.88 53.09 -35.10
C GLY X 98 -46.64 53.72 -34.52
N ARG X 99 -45.67 52.91 -34.14
CA ARG X 99 -44.49 53.35 -33.42
C ARG X 99 -43.25 52.94 -34.17
N THR X 100 -43.23 53.30 -35.45
CA THR X 100 -42.23 52.79 -36.37
C THR X 100 -40.82 53.23 -36.00
N LEU X 101 -39.96 52.24 -35.82
CA LEU X 101 -38.58 52.44 -35.42
C LEU X 101 -37.67 51.83 -36.48
N TYR X 102 -36.73 52.62 -36.95
CA TYR X 102 -35.76 52.16 -37.92
C TYR X 102 -34.62 51.44 -37.22
N GLY X 103 -33.52 51.25 -37.93
CA GLY X 103 -32.28 50.89 -37.31
C GLY X 103 -31.98 49.42 -37.28
N PHE X 104 -32.95 48.58 -36.96
CA PHE X 104 -32.65 47.19 -36.70
C PHE X 104 -33.27 46.28 -37.75
N GLY X 105 -33.26 46.70 -39.01
CA GLY X 105 -33.80 45.89 -40.07
C GLY X 105 -35.31 45.77 -40.02
N GLY X 106 -36.01 46.83 -40.39
CA GLY X 106 -37.47 46.80 -40.39
C GLY X 106 -38.10 47.28 -41.69
N ALA Y 18 -78.10 21.35 -47.30
CA ALA Y 18 -77.99 22.79 -47.48
C ALA Y 18 -77.15 23.13 -48.70
N LYS Y 19 -77.76 23.80 -49.68
CA LYS Y 19 -77.04 24.17 -50.90
C LYS Y 19 -76.06 25.30 -50.60
N THR Y 20 -76.53 26.37 -49.96
CA THR Y 20 -75.69 27.53 -49.73
C THR Y 20 -74.76 27.31 -48.55
N ARG Y 21 -73.54 27.82 -48.69
CA ARG Y 21 -72.54 27.71 -47.63
C ARG Y 21 -72.93 28.50 -46.39
N SER Y 22 -73.75 29.54 -46.56
CA SER Y 22 -74.27 30.26 -45.41
C SER Y 22 -75.17 29.38 -44.58
N SER Y 23 -76.01 28.58 -45.24
CA SER Y 23 -76.79 27.58 -44.51
C SER Y 23 -75.90 26.45 -44.02
N ARG Y 24 -74.81 26.17 -44.74
CA ARG Y 24 -73.86 25.18 -44.27
C ARG Y 24 -73.02 25.69 -43.11
N ALA Y 25 -73.01 27.00 -42.90
CA ALA Y 25 -72.37 27.56 -41.71
C ALA Y 25 -73.37 27.97 -40.65
N GLY Y 26 -74.66 28.04 -40.99
CA GLY Y 26 -75.65 28.45 -40.02
C GLY Y 26 -75.53 29.90 -39.62
N LEU Y 27 -75.02 30.74 -40.50
CA LEU Y 27 -74.70 32.12 -40.20
C LEU Y 27 -75.56 33.04 -41.06
N GLN Y 28 -75.23 34.33 -41.06
CA GLN Y 28 -76.04 35.30 -41.75
C GLN Y 28 -75.30 36.10 -42.81
N PHE Y 29 -74.02 35.85 -43.02
CA PHE Y 29 -73.27 36.63 -44.00
C PHE Y 29 -72.96 35.80 -45.23
N PRO Y 30 -72.81 36.40 -46.41
CA PRO Y 30 -72.42 35.62 -47.59
C PRO Y 30 -70.92 35.39 -47.62
N VAL Y 31 -70.53 34.13 -47.63
CA VAL Y 31 -69.11 33.82 -47.53
C VAL Y 31 -68.42 34.01 -48.87
N GLY Y 32 -69.06 33.57 -49.96
CA GLY Y 32 -68.44 33.67 -51.27
C GLY Y 32 -68.29 35.10 -51.72
N ARG Y 33 -69.16 35.99 -51.23
CA ARG Y 33 -68.91 37.42 -51.23
C ARG Y 33 -67.53 37.73 -50.70
N VAL Y 34 -67.23 37.25 -49.50
CA VAL Y 34 -65.97 37.59 -48.84
C VAL Y 34 -64.80 36.97 -49.58
N HIS Y 35 -65.01 35.77 -50.11
CA HIS Y 35 -63.94 35.10 -50.85
C HIS Y 35 -63.64 35.85 -52.15
N ARG Y 36 -64.68 36.40 -52.79
CA ARG Y 36 -64.44 37.19 -53.99
C ARG Y 36 -63.80 38.51 -53.63
N LEU Y 37 -64.17 39.07 -52.49
CA LEU Y 37 -63.52 40.27 -51.96
C LEU Y 37 -62.05 40.04 -51.73
N LEU Y 38 -61.71 38.89 -51.19
CA LEU Y 38 -60.31 38.52 -51.02
C LEU Y 38 -59.64 38.32 -52.37
N ARG Y 39 -60.34 37.71 -53.32
CA ARG Y 39 -59.77 37.55 -54.66
C ARG Y 39 -59.68 38.88 -55.37
N LYS Y 40 -60.76 39.65 -55.39
CA LYS Y 40 -60.71 41.02 -55.91
C LYS Y 40 -60.24 41.99 -54.83
N GLY Y 41 -59.11 41.66 -54.22
CA GLY Y 41 -58.56 42.52 -53.20
C GLY Y 41 -57.11 42.82 -53.48
N ASN Y 42 -56.49 41.98 -54.30
CA ASN Y 42 -55.03 41.86 -54.38
C ASN Y 42 -54.45 41.68 -52.99
N TYR Y 43 -55.03 40.77 -52.25
CA TYR Y 43 -54.64 40.52 -50.87
C TYR Y 43 -53.61 39.42 -50.77
N SER Y 44 -53.97 38.20 -51.16
CA SER Y 44 -53.02 37.12 -51.33
C SER Y 44 -53.09 36.66 -52.78
N GLU Y 45 -52.34 35.63 -53.12
CA GLU Y 45 -52.53 35.04 -54.42
C GLU Y 45 -53.60 33.97 -54.38
N ARG Y 46 -53.55 33.10 -53.40
CA ARG Y 46 -54.61 32.11 -53.23
C ARG Y 46 -55.24 32.30 -51.86
N VAL Y 47 -56.48 31.85 -51.74
CA VAL Y 47 -57.26 31.95 -50.51
C VAL Y 47 -57.88 30.59 -50.23
N GLY Y 48 -57.63 30.08 -49.03
CA GLY Y 48 -58.18 28.80 -48.62
C GLY Y 48 -59.67 28.85 -48.34
N ALA Y 49 -60.16 27.73 -47.82
CA ALA Y 49 -61.59 27.53 -47.63
C ALA Y 49 -62.07 27.92 -46.24
N GLY Y 50 -61.21 27.94 -45.24
CA GLY Y 50 -61.68 28.15 -43.88
C GLY Y 50 -61.55 29.57 -43.40
N ALA Y 51 -60.52 30.27 -43.91
CA ALA Y 51 -60.34 31.68 -43.61
C ALA Y 51 -61.56 32.58 -43.90
N PRO Y 52 -62.27 32.50 -45.04
CA PRO Y 52 -63.41 33.43 -45.22
C PRO Y 52 -64.55 33.15 -44.29
N VAL Y 53 -64.80 31.88 -44.01
CA VAL Y 53 -65.80 31.50 -43.03
C VAL Y 53 -65.42 32.03 -41.65
N TYR Y 54 -64.13 31.92 -41.32
CA TYR Y 54 -63.63 32.32 -40.01
C TYR Y 54 -63.79 33.82 -39.81
N LEU Y 55 -63.40 34.58 -40.82
CA LEU Y 55 -63.48 36.03 -40.74
C LEU Y 55 -64.91 36.51 -40.72
N ALA Y 56 -65.79 35.87 -41.50
CA ALA Y 56 -67.19 36.25 -41.51
C ALA Y 56 -67.84 35.97 -40.15
N ALA Y 57 -67.45 34.88 -39.50
CA ALA Y 57 -67.95 34.59 -38.16
C ALA Y 57 -67.48 35.65 -37.17
N VAL Y 58 -66.23 36.10 -37.31
CA VAL Y 58 -65.73 37.16 -36.43
C VAL Y 58 -66.54 38.44 -36.63
N LEU Y 59 -66.83 38.76 -37.89
CA LEU Y 59 -67.64 39.92 -38.23
C LEU Y 59 -69.02 39.84 -37.61
N GLU Y 60 -69.62 38.66 -37.70
CA GLU Y 60 -70.97 38.46 -37.19
C GLU Y 60 -71.00 38.59 -35.67
N TYR Y 61 -69.95 38.08 -35.01
CA TYR Y 61 -69.85 38.27 -33.57
C TYR Y 61 -69.69 39.74 -33.20
N LEU Y 62 -68.90 40.47 -33.97
CA LEU Y 62 -68.68 41.89 -33.67
C LEU Y 62 -69.96 42.69 -33.83
N THR Y 63 -70.73 42.37 -34.88
CA THR Y 63 -72.01 43.02 -35.08
C THR Y 63 -72.95 42.76 -33.91
N ALA Y 64 -73.11 41.49 -33.52
CA ALA Y 64 -74.04 41.17 -32.45
C ALA Y 64 -73.60 41.78 -31.12
N GLU Y 65 -72.29 41.78 -30.88
CA GLU Y 65 -71.75 42.30 -29.63
C GLU Y 65 -71.99 43.79 -29.51
N ILE Y 66 -71.73 44.56 -30.56
CA ILE Y 66 -71.90 46.00 -30.43
C ILE Y 66 -73.37 46.37 -30.51
N LEU Y 67 -74.16 45.62 -31.27
CA LEU Y 67 -75.58 45.87 -31.29
C LEU Y 67 -76.28 45.55 -29.98
N GLU Y 68 -75.66 44.73 -29.13
CA GLU Y 68 -76.17 44.60 -27.77
C GLU Y 68 -76.14 45.94 -27.03
N LEU Y 69 -74.97 46.60 -27.04
CA LEU Y 69 -74.85 47.89 -26.39
C LEU Y 69 -75.69 48.94 -27.07
N ALA Y 70 -75.88 48.79 -28.38
CA ALA Y 70 -76.79 49.66 -29.12
C ALA Y 70 -78.23 49.49 -28.65
N GLY Y 71 -78.65 48.24 -28.43
CA GLY Y 71 -80.02 47.99 -27.99
C GLY Y 71 -80.29 48.55 -26.62
N ASN Y 72 -79.36 48.35 -25.68
CA ASN Y 72 -79.55 48.92 -24.35
C ASN Y 72 -79.48 50.44 -24.36
N ALA Y 73 -78.57 51.01 -25.16
CA ALA Y 73 -78.43 52.46 -25.18
C ALA Y 73 -79.63 53.13 -25.85
N ALA Y 74 -80.22 52.48 -26.84
CA ALA Y 74 -81.43 53.04 -27.44
C ALA Y 74 -82.62 52.85 -26.53
N ARG Y 75 -82.65 51.75 -25.77
CA ARG Y 75 -83.74 51.50 -24.84
C ARG Y 75 -83.68 52.44 -23.64
N ASP Y 76 -82.53 53.09 -23.43
CA ASP Y 76 -82.40 54.08 -22.36
C ASP Y 76 -83.33 55.29 -22.55
N ASN Y 77 -83.83 55.52 -23.76
CA ASN Y 77 -84.60 56.73 -24.02
C ASN Y 77 -85.97 56.48 -24.63
N LYS Y 78 -86.50 55.25 -24.48
CA LYS Y 78 -87.86 54.87 -24.89
C LYS Y 78 -88.08 55.08 -26.38
N LYS Y 79 -87.06 54.78 -27.16
CA LYS Y 79 -87.12 54.97 -28.61
C LYS Y 79 -86.77 53.66 -29.29
N THR Y 80 -87.62 53.26 -30.23
CA THR Y 80 -87.47 51.97 -30.86
C THR Y 80 -86.29 51.99 -31.84
N ARG Y 81 -85.95 53.17 -32.35
CA ARG Y 81 -84.96 53.29 -33.41
C ARG Y 81 -83.62 53.71 -32.86
N ILE Y 82 -82.55 53.11 -33.38
CA ILE Y 82 -81.19 53.48 -32.97
C ILE Y 82 -80.81 54.76 -33.71
N ILE Y 83 -80.29 55.73 -32.97
CA ILE Y 83 -79.83 56.96 -33.59
C ILE Y 83 -78.31 56.93 -33.50
N PRO Y 84 -77.58 57.76 -34.25
CA PRO Y 84 -76.12 57.79 -34.11
C PRO Y 84 -75.63 58.18 -32.73
N ARG Y 85 -76.36 59.06 -32.03
CA ARG Y 85 -75.99 59.44 -30.67
C ARG Y 85 -75.99 58.25 -29.74
N HIS Y 86 -76.96 57.34 -29.95
CA HIS Y 86 -76.98 56.08 -29.22
C HIS Y 86 -75.72 55.29 -29.45
N LEU Y 87 -75.27 55.23 -30.70
CA LEU Y 87 -74.11 54.42 -31.03
C LEU Y 87 -72.85 54.99 -30.40
N GLN Y 88 -72.71 56.31 -30.44
CA GLN Y 88 -71.55 56.94 -29.83
C GLN Y 88 -71.56 56.78 -28.31
N LEU Y 89 -72.75 56.88 -27.71
CA LEU Y 89 -72.89 56.64 -26.27
C LEU Y 89 -72.52 55.22 -25.91
N ALA Y 90 -72.99 54.25 -26.70
CA ALA Y 90 -72.71 52.86 -26.39
C ALA Y 90 -71.24 52.53 -26.60
N ILE Y 91 -70.60 53.19 -27.54
CA ILE Y 91 -69.17 52.99 -27.70
C ILE Y 91 -68.41 53.56 -26.53
N ARG Y 92 -68.66 54.83 -26.20
CA ARG Y 92 -67.92 55.47 -25.14
C ARG Y 92 -68.22 54.90 -23.77
N ASN Y 93 -69.36 54.26 -23.60
CA ASN Y 93 -69.64 53.59 -22.36
C ASN Y 93 -68.98 52.23 -22.28
N ASP Y 94 -68.49 51.72 -23.41
CA ASP Y 94 -67.68 50.52 -23.39
C ASP Y 94 -66.22 50.92 -23.13
N GLU Y 95 -65.43 49.95 -22.66
CA GLU Y 95 -64.00 50.16 -22.56
C GLU Y 95 -63.24 49.62 -23.77
N GLU Y 96 -63.47 48.35 -24.12
CA GLU Y 96 -62.74 47.76 -25.24
C GLU Y 96 -63.09 48.42 -26.56
N LEU Y 97 -64.37 48.75 -26.76
CA LEU Y 97 -64.76 49.41 -27.99
C LEU Y 97 -64.26 50.84 -28.06
N ASN Y 98 -64.07 51.50 -26.92
CA ASN Y 98 -63.58 52.87 -26.95
C ASN Y 98 -62.11 52.91 -27.28
N LYS Y 99 -61.34 51.99 -26.72
CA LYS Y 99 -59.93 51.90 -27.10
C LYS Y 99 -59.79 51.31 -28.50
N LEU Y 100 -60.80 50.56 -28.96
CA LEU Y 100 -60.87 50.19 -30.37
C LEU Y 100 -61.04 51.43 -31.24
N LEU Y 101 -62.03 52.24 -30.93
CA LEU Y 101 -62.43 53.33 -31.82
C LEU Y 101 -61.82 54.67 -31.42
N GLY Y 102 -60.55 54.66 -30.98
CA GLY Y 102 -59.95 55.86 -30.43
C GLY Y 102 -59.69 56.93 -31.47
N ARG Y 103 -59.23 56.56 -32.64
CA ARG Y 103 -59.04 57.49 -33.73
C ARG Y 103 -60.31 57.68 -34.54
N VAL Y 104 -61.45 57.23 -34.03
CA VAL Y 104 -62.65 57.06 -34.84
C VAL Y 104 -63.70 58.06 -34.39
N THR Y 105 -64.42 58.62 -35.36
CA THR Y 105 -65.46 59.59 -35.09
C THR Y 105 -66.70 59.16 -35.84
N ILE Y 106 -67.85 59.30 -35.22
CA ILE Y 106 -69.13 58.97 -35.81
C ILE Y 106 -69.79 60.26 -36.28
N ALA Y 107 -70.39 60.23 -37.46
CA ALA Y 107 -71.24 61.34 -37.86
C ALA Y 107 -72.45 61.43 -36.95
N GLN Y 108 -72.86 62.67 -36.67
CA GLN Y 108 -73.90 63.02 -35.72
C GLN Y 108 -73.64 62.44 -34.34
N GLY Y 109 -72.39 62.44 -33.91
CA GLY Y 109 -72.02 61.82 -32.64
C GLY Y 109 -72.07 62.70 -31.41
N GLY Y 110 -71.29 63.77 -31.38
CA GLY Y 110 -71.08 64.49 -30.15
C GLY Y 110 -70.18 63.68 -29.21
N VAL Y 111 -70.16 64.07 -27.93
CA VAL Y 111 -69.39 63.39 -26.92
C VAL Y 111 -70.23 63.24 -25.65
N LEU Y 112 -69.60 62.67 -24.62
CA LEU Y 112 -70.27 62.32 -23.39
C LEU Y 112 -70.61 63.55 -22.57
N PRO Y 113 -71.52 63.43 -21.61
CA PRO Y 113 -71.64 64.50 -20.61
C PRO Y 113 -70.42 64.53 -19.72
N ASN Y 114 -69.59 65.54 -19.90
CA ASN Y 114 -68.43 65.74 -19.06
C ASN Y 114 -68.62 67.06 -18.33
N ILE Y 115 -69.36 67.02 -17.24
CA ILE Y 115 -69.55 68.17 -16.37
C ILE Y 115 -68.53 68.04 -15.24
N GLN Y 116 -67.60 68.97 -15.18
CA GLN Y 116 -66.59 68.91 -14.14
C GLN Y 116 -67.18 69.34 -12.81
N ALA Y 117 -66.60 68.83 -11.72
CA ALA Y 117 -67.14 69.05 -10.39
C ALA Y 117 -66.93 70.48 -9.92
N VAL Y 118 -66.00 71.19 -10.55
CA VAL Y 118 -65.76 72.60 -10.26
C VAL Y 118 -66.83 73.52 -10.83
N LEU Y 119 -67.88 72.98 -11.44
CA LEU Y 119 -68.80 73.78 -12.21
C LEU Y 119 -70.19 73.86 -11.61
N LEU Y 120 -70.59 72.87 -10.84
CA LEU Y 120 -71.93 72.85 -10.29
C LEU Y 120 -72.06 73.90 -9.18
N PRO Y 121 -73.20 74.58 -9.08
CA PRO Y 121 -73.38 75.59 -8.03
C PRO Y 121 -73.52 74.94 -6.65
N LYS Y 122 -72.48 75.11 -5.84
CA LYS Y 122 -72.39 74.44 -4.55
C LYS Y 122 -72.72 75.39 -3.40
N LYS Z 38 -75.19 47.87 -55.84
CA LYS Z 38 -73.98 48.02 -55.05
C LYS Z 38 -74.36 47.76 -53.59
N GLU Z 39 -74.10 46.54 -53.12
CA GLU Z 39 -74.86 46.01 -52.00
C GLU Z 39 -74.37 46.57 -50.67
N SER Z 40 -75.32 46.90 -49.80
CA SER Z 40 -75.04 47.16 -48.39
C SER Z 40 -75.47 45.94 -47.59
N TYR Z 41 -75.37 46.00 -46.27
CA TYR Z 41 -75.50 44.80 -45.47
C TYR Z 41 -76.76 44.84 -44.62
N SER Z 42 -77.84 45.38 -45.20
CA SER Z 42 -78.96 45.90 -44.39
C SER Z 42 -79.76 44.79 -43.74
N ILE Z 43 -80.18 43.80 -44.52
CA ILE Z 43 -81.00 42.75 -43.96
C ILE Z 43 -80.18 41.83 -43.08
N TYR Z 44 -78.86 41.80 -43.29
CA TYR Z 44 -77.97 41.10 -42.38
C TYR Z 44 -78.04 41.73 -41.00
N VAL Z 45 -78.00 43.06 -40.97
CA VAL Z 45 -78.19 43.81 -39.75
C VAL Z 45 -79.56 43.57 -39.15
N TYR Z 46 -80.61 43.50 -40.00
CA TYR Z 46 -81.95 43.23 -39.51
C TYR Z 46 -82.05 41.87 -38.83
N LYS Z 47 -81.38 40.87 -39.40
CA LYS Z 47 -81.47 39.54 -38.83
C LYS Z 47 -80.64 39.42 -37.55
N VAL Z 48 -79.48 40.09 -37.49
CA VAL Z 48 -78.71 40.14 -36.25
C VAL Z 48 -79.52 40.85 -35.16
N LEU Z 49 -80.18 41.93 -35.54
CA LEU Z 49 -80.98 42.71 -34.61
C LEU Z 49 -82.16 41.93 -34.09
N LYS Z 50 -82.84 41.19 -34.97
CA LYS Z 50 -83.94 40.35 -34.51
C LYS Z 50 -83.44 39.16 -33.71
N GLN Z 51 -82.19 38.74 -33.91
CA GLN Z 51 -81.60 37.75 -33.03
C GLN Z 51 -81.16 38.34 -31.69
N VAL Z 52 -81.09 39.66 -31.54
CA VAL Z 52 -80.62 40.17 -30.26
C VAL Z 52 -81.69 40.97 -29.55
N HIS Z 53 -82.10 42.11 -30.12
CA HIS Z 53 -83.18 42.89 -29.54
C HIS Z 53 -84.31 42.89 -30.57
N PRO Z 54 -85.19 41.90 -30.56
CA PRO Z 54 -86.09 41.70 -31.71
C PRO Z 54 -87.25 42.68 -31.80
N ASP Z 55 -87.29 43.74 -31.01
CA ASP Z 55 -88.34 44.74 -31.07
C ASP Z 55 -87.73 46.12 -31.23
N THR Z 56 -86.81 46.26 -32.16
CA THR Z 56 -85.97 47.44 -32.25
C THR Z 56 -85.89 47.92 -33.68
N GLY Z 57 -86.21 49.20 -33.90
CA GLY Z 57 -86.05 49.80 -35.20
C GLY Z 57 -84.68 50.42 -35.35
N ILE Z 58 -84.51 51.13 -36.47
CA ILE Z 58 -83.22 51.71 -36.82
C ILE Z 58 -83.49 52.80 -37.86
N SER Z 59 -82.63 53.81 -37.87
CA SER Z 59 -82.69 54.84 -38.90
C SER Z 59 -81.84 54.43 -40.08
N SER Z 60 -81.94 55.21 -41.15
CA SER Z 60 -81.14 54.96 -42.34
C SER Z 60 -79.67 55.21 -42.07
N LYS Z 61 -79.37 56.38 -41.51
CA LYS Z 61 -77.97 56.76 -41.38
C LYS Z 61 -77.27 55.95 -40.29
N ALA Z 62 -78.03 55.40 -39.36
CA ALA Z 62 -77.47 54.44 -38.42
C ALA Z 62 -76.94 53.21 -39.15
N MET Z 63 -77.73 52.70 -40.09
CA MET Z 63 -77.28 51.61 -40.95
C MET Z 63 -76.06 52.00 -41.76
N GLY Z 64 -76.03 53.26 -42.22
CA GLY Z 64 -74.88 53.72 -42.98
C GLY Z 64 -73.60 53.73 -42.15
N ILE Z 65 -73.69 54.19 -40.91
CA ILE Z 65 -72.53 54.20 -40.04
C ILE Z 65 -72.11 52.78 -39.70
N MET Z 66 -73.09 51.88 -39.54
CA MET Z 66 -72.77 50.48 -39.28
C MET Z 66 -72.02 49.85 -40.43
N ASN Z 67 -72.41 50.17 -41.67
CA ASN Z 67 -71.75 49.53 -42.79
C ASN Z 67 -70.37 50.15 -43.01
N SER Z 68 -70.24 51.44 -42.69
CA SER Z 68 -68.95 52.09 -42.63
C SER Z 68 -68.03 51.36 -41.67
N PHE Z 69 -68.56 51.08 -40.49
CA PHE Z 69 -67.85 50.33 -39.46
C PHE Z 69 -67.40 48.97 -39.94
N VAL Z 70 -68.33 48.23 -40.55
CA VAL Z 70 -68.04 46.86 -40.98
C VAL Z 70 -66.96 46.84 -42.04
N ASN Z 71 -67.04 47.79 -42.98
CA ASN Z 71 -66.04 47.86 -44.03
C ASN Z 71 -64.68 48.22 -43.48
N ASP Z 72 -64.63 49.15 -42.52
CA ASP Z 72 -63.36 49.50 -41.88
C ASP Z 72 -62.73 48.30 -41.21
N ILE Z 73 -63.53 47.56 -40.45
CA ILE Z 73 -63.01 46.41 -39.72
C ILE Z 73 -62.51 45.35 -40.66
N PHE Z 74 -63.28 45.09 -41.72
CA PHE Z 74 -62.90 44.10 -42.72
C PHE Z 74 -61.59 44.47 -43.40
N GLU Z 75 -61.45 45.76 -43.74
CA GLU Z 75 -60.24 46.21 -44.41
C GLU Z 75 -59.03 46.11 -43.48
N ARG Z 76 -59.22 46.46 -42.20
CA ARG Z 76 -58.08 46.44 -41.27
C ARG Z 76 -57.60 45.02 -41.04
N ILE Z 77 -58.53 44.09 -40.86
CA ILE Z 77 -58.15 42.71 -40.63
C ILE Z 77 -57.49 42.12 -41.86
N ALA Z 78 -58.06 42.38 -43.02
CA ALA Z 78 -57.56 41.79 -44.25
C ALA Z 78 -56.17 42.31 -44.58
N GLY Z 79 -55.95 43.60 -44.41
CA GLY Z 79 -54.63 44.13 -44.64
C GLY Z 79 -53.63 43.62 -43.63
N GLU Z 80 -54.07 43.41 -42.39
CA GLU Z 80 -53.16 42.85 -41.41
C GLU Z 80 -52.82 41.41 -41.74
N ALA Z 81 -53.77 40.68 -42.32
CA ALA Z 81 -53.50 39.32 -42.75
C ALA Z 81 -52.54 39.30 -43.93
N SER Z 82 -52.66 40.29 -44.81
CA SER Z 82 -51.72 40.40 -45.91
C SER Z 82 -50.33 40.71 -45.41
N ARG Z 83 -50.25 41.52 -44.34
CA ARG Z 83 -48.98 41.72 -43.67
C ARG Z 83 -48.47 40.43 -43.06
N LEU Z 84 -49.36 39.59 -42.55
CA LEU Z 84 -48.93 38.30 -42.02
C LEU Z 84 -48.30 37.45 -43.10
N ALA Z 85 -48.92 37.44 -44.27
CA ALA Z 85 -48.39 36.68 -45.40
C ALA Z 85 -47.02 37.18 -45.80
N HIS Z 86 -46.90 38.48 -46.07
CA HIS Z 86 -45.64 39.01 -46.57
C HIS Z 86 -44.57 39.07 -45.49
N TYR Z 87 -44.95 39.16 -44.23
CA TYR Z 87 -43.95 39.06 -43.17
C TYR Z 87 -43.61 37.61 -42.89
N ASN Z 88 -44.38 36.67 -43.45
CA ASN Z 88 -44.14 35.27 -43.16
C ASN Z 88 -43.96 34.41 -44.41
N LYS Z 89 -43.98 35.02 -45.60
CA LYS Z 89 -43.65 34.38 -46.88
C LYS Z 89 -44.57 33.20 -47.17
N ARG Z 90 -45.81 33.29 -46.70
CA ARG Z 90 -46.78 32.23 -46.90
C ARG Z 90 -47.69 32.67 -48.04
N SER Z 91 -47.74 31.89 -49.09
CA SER Z 91 -48.34 32.31 -50.34
C SER Z 91 -49.86 32.30 -50.31
N THR Z 92 -50.46 31.81 -49.25
CA THR Z 92 -51.89 31.95 -49.07
C THR Z 92 -52.20 32.19 -47.60
N ILE Z 93 -53.49 32.26 -47.31
CA ILE Z 93 -53.96 32.56 -45.97
C ILE Z 93 -55.04 31.54 -45.60
N THR Z 94 -54.84 30.87 -44.47
CA THR Z 94 -55.84 29.99 -43.88
C THR Z 94 -56.49 30.69 -42.70
N SER Z 95 -57.28 29.94 -41.95
CA SER Z 95 -57.98 30.51 -40.80
C SER Z 95 -57.06 30.85 -39.64
N ARG Z 96 -55.89 30.19 -39.53
CA ARG Z 96 -54.99 30.44 -38.40
C ARG Z 96 -54.43 31.85 -38.44
N GLU Z 97 -54.14 32.34 -39.63
CA GLU Z 97 -53.73 33.71 -39.84
C GLU Z 97 -54.84 34.67 -39.41
N ILE Z 98 -56.09 34.30 -39.66
CA ILE Z 98 -57.18 35.17 -39.29
C ILE Z 98 -57.35 35.23 -37.80
N GLN Z 99 -57.13 34.08 -37.14
CA GLN Z 99 -57.19 34.03 -35.68
C GLN Z 99 -56.11 34.91 -35.06
N THR Z 100 -54.87 34.78 -35.54
CA THR Z 100 -53.83 35.59 -34.94
C THR Z 100 -53.98 37.07 -35.28
N ALA Z 101 -54.61 37.40 -36.43
CA ALA Z 101 -54.82 38.80 -36.75
C ALA Z 101 -55.91 39.41 -35.86
N VAL Z 102 -56.97 38.65 -35.60
CA VAL Z 102 -58.00 39.11 -34.68
C VAL Z 102 -57.44 39.29 -33.29
N ARG Z 103 -56.49 38.44 -32.89
CA ARG Z 103 -55.73 38.70 -31.67
C ARG Z 103 -54.96 40.01 -31.75
N LEU Z 104 -54.38 40.30 -32.91
CA LEU Z 104 -53.53 41.48 -33.02
C LEU Z 104 -54.33 42.77 -33.02
N LEU Z 105 -55.61 42.71 -33.40
CA LEU Z 105 -56.39 43.94 -33.44
C LEU Z 105 -57.21 44.13 -32.18
N LEU Z 106 -58.05 43.20 -31.88
CA LEU Z 106 -58.94 43.47 -30.77
C LEU Z 106 -58.30 43.08 -29.45
N PRO Z 107 -58.55 43.82 -28.38
CA PRO Z 107 -58.05 43.43 -27.06
C PRO Z 107 -58.78 42.26 -26.44
N GLY Z 108 -58.35 41.86 -25.24
CA GLY Z 108 -58.57 40.56 -24.62
C GLY Z 108 -59.92 39.85 -24.64
N GLU Z 109 -60.94 40.44 -24.02
CA GLU Z 109 -62.22 39.75 -23.85
C GLU Z 109 -62.91 39.55 -25.19
N LEU Z 110 -62.98 40.62 -25.98
CA LEU Z 110 -63.47 40.56 -27.34
C LEU Z 110 -62.71 39.55 -28.16
N ALA Z 111 -61.39 39.50 -28.00
CA ALA Z 111 -60.55 38.60 -28.77
C ALA Z 111 -60.85 37.15 -28.43
N LYS Z 112 -61.00 36.85 -27.15
CA LYS Z 112 -61.19 35.46 -26.75
C LYS Z 112 -62.57 34.98 -27.16
N HIS Z 113 -63.60 35.83 -26.98
CA HIS Z 113 -64.94 35.45 -27.40
C HIS Z 113 -65.04 35.33 -28.91
N ALA Z 114 -64.29 36.15 -29.64
CA ALA Z 114 -64.30 36.06 -31.09
C ALA Z 114 -63.62 34.79 -31.57
N VAL Z 115 -62.51 34.42 -30.92
CA VAL Z 115 -61.82 33.17 -31.26
C VAL Z 115 -62.74 31.99 -31.00
N SER Z 116 -63.50 32.06 -29.91
CA SER Z 116 -64.45 31.00 -29.58
C SER Z 116 -65.54 30.88 -30.65
N GLU Z 117 -66.12 32.01 -31.05
CA GLU Z 117 -67.18 31.99 -32.04
C GLU Z 117 -66.66 31.51 -33.39
N GLY Z 118 -65.45 31.93 -33.75
CA GLY Z 118 -64.90 31.52 -35.03
C GLY Z 118 -64.61 30.04 -35.08
N THR Z 119 -64.03 29.49 -34.00
CA THR Z 119 -63.76 28.06 -33.99
C THR Z 119 -65.04 27.25 -33.93
N LYS Z 120 -66.08 27.77 -33.29
CA LYS Z 120 -67.37 27.07 -33.28
C LYS Z 120 -67.99 27.04 -34.67
N ALA Z 121 -67.86 28.14 -35.41
CA ALA Z 121 -68.32 28.15 -36.79
C ALA Z 121 -67.53 27.22 -37.67
N VAL Z 122 -66.21 27.17 -37.47
CA VAL Z 122 -65.34 26.22 -38.17
C VAL Z 122 -65.77 24.80 -37.89
N THR Z 123 -66.13 24.53 -36.63
CA THR Z 123 -66.55 23.21 -36.22
C THR Z 123 -67.85 22.80 -36.90
N LYS Z 124 -68.85 23.68 -36.86
CA LYS Z 124 -70.15 23.28 -37.39
C LYS Z 124 -70.14 23.24 -38.91
N TYR Z 125 -69.35 24.10 -39.55
CA TYR Z 125 -69.22 23.99 -41.00
C TYR Z 125 -68.40 22.78 -41.40
N THR Z 126 -67.45 22.36 -40.57
CA THR Z 126 -66.58 21.25 -40.92
C THR Z 126 -67.33 19.93 -40.72
N SER Z 127 -68.24 19.90 -39.75
CA SER Z 127 -69.03 18.70 -39.51
C SER Z 127 -69.99 18.41 -40.66
N ALA Z 128 -70.45 19.47 -41.34
CA ALA Z 128 -71.33 19.32 -42.48
C ALA Z 128 -71.20 20.52 -43.42
#